data_7U39
#
_entry.id   7U39
#
_cell.length_a   181.496
_cell.length_b   204.856
_cell.length_c   195.719
_cell.angle_alpha   90.000
_cell.angle_beta   90.430
_cell.angle_gamma   90.000
#
_symmetry.space_group_name_H-M   'P 1 21 1'
#
loop_
_entity.id
_entity.type
_entity.pdbx_description
1 polymer 'Glycogen debranching enzyme GlgX'
2 water water
#
_entity_poly.entity_id   1
_entity_poly.type   'polypeptide(L)'
_entity_poly.pdbx_seq_one_letter_code
;GSHMQVWPGQAYPLGATYDGAGTNFAVFSEAAHRIELCLLHDDGSETAVELRETDAFVRHAYLPGVMPGQRYGFRVHGPY
APERGLRCNAAKLLLDPYARAVSGRVRWGEAVYGYPFGRPDARNDLDSAPDTMTSVVVNPYFDWGDDRRPRTEYHHTVIY
EAHVKGLTMLHPDLPEELRGTYAGLAHPSVIGHLRELGVTALELMPVHQFVNDHRLVDAGLSNYWGYNTIGFFAPHNAYA
SWGDRGQQVLEFKSAVRALHQAGIEVILDVVYNHTAEGNHLGPTLSMRGLDNPSYYRLADDPRYYMDTTGTGNSLLMRSP
HVLQLIMDSLRYWVTEMHVDGFRFDLAATLARQFHEVDRLSSFFDLVQQDPVVSQVKLIAEPWDVGEGGYQVGNFPPLWT
EWNGKYRDCVRDLWRGEPRTLAEFASRLTGSSDLYQDDGRRPLASVNFVTCHDGFTLRDLVSYNEKRNEANGEGNRDGEN
YNRSWNCGEEGETEDVGITELRARQMRNFLATLMLSQGVPMLSHGDEFGRTQGGNNNAYCQDNEVSWVRWPKENSEAEAT
LLRFTRSMVRLRREHPVFRRRRFFHGRPVEGTHDELTDIAWFTPEGEEMTSRDWQAAHAQALTVFLNGNAISEPGTQGER
IADDSFLLMFNASAKELEFVVPDSHGRYWRMVVDTSDPEGMPPQQGPELAGGERVTLAPLSLTVLRRPA
;
_entity_poly.pdbx_strand_id   A,B,C,D,E,F,G,H,I,J,K,L
#
# COMPACT_ATOMS: atom_id res chain seq x y z
N MET A 4 38.14 48.83 33.91
CA MET A 4 37.11 48.50 32.94
C MET A 4 37.67 48.59 31.55
N GLN A 5 36.88 49.14 30.63
CA GLN A 5 37.38 49.54 29.31
C GLN A 5 36.38 50.47 28.64
N VAL A 6 36.82 51.69 28.34
CA VAL A 6 35.96 52.82 28.04
C VAL A 6 36.21 53.22 26.60
N TRP A 7 35.16 53.23 25.80
CA TRP A 7 35.17 53.71 24.42
C TRP A 7 34.28 54.94 24.29
N PRO A 8 34.45 55.74 23.25
CA PRO A 8 33.66 56.98 23.13
C PRO A 8 32.16 56.78 23.05
N GLY A 9 31.68 56.10 22.02
CA GLY A 9 30.24 55.96 21.81
C GLY A 9 29.60 57.08 21.01
N GLN A 10 28.29 57.22 21.18
CA GLN A 10 27.53 58.26 20.52
C GLN A 10 26.71 59.04 21.55
N ALA A 11 25.84 59.93 21.08
CA ALA A 11 24.93 60.67 21.95
C ALA A 11 23.46 60.33 21.70
N TYR A 12 23.09 60.00 20.47
CA TYR A 12 21.86 59.35 20.05
C TYR A 12 22.08 57.83 19.96
N PRO A 13 21.15 57.02 20.45
CA PRO A 13 19.91 57.44 21.10
C PRO A 13 20.10 57.58 22.61
N LEU A 14 19.38 58.51 23.23
CA LEU A 14 19.48 58.65 24.67
C LEU A 14 19.00 57.38 25.36
N GLY A 15 19.75 56.94 26.35
CA GLY A 15 19.42 55.74 27.10
C GLY A 15 20.40 54.62 26.81
N ALA A 16 20.13 53.47 27.43
CA ALA A 16 20.99 52.29 27.33
C ALA A 16 20.55 51.43 26.15
N THR A 17 21.46 51.19 25.22
CA THR A 17 21.18 50.44 24.01
C THR A 17 22.22 49.36 23.79
N TYR A 18 21.77 48.12 23.68
CA TYR A 18 22.68 46.98 23.52
C TYR A 18 23.04 46.77 22.06
N ASP A 19 24.34 46.65 21.81
CA ASP A 19 24.95 46.74 20.49
C ASP A 19 25.30 45.38 19.89
N GLY A 20 24.82 44.31 20.49
CA GLY A 20 25.34 42.98 20.13
C GLY A 20 26.58 42.63 20.91
N ALA A 21 27.54 43.56 21.00
CA ALA A 21 28.74 43.37 21.79
C ALA A 21 29.01 44.49 22.78
N GLY A 22 28.21 45.56 22.77
CA GLY A 22 28.43 46.66 23.68
C GLY A 22 27.17 47.29 24.22
N THR A 23 27.31 48.41 24.94
CA THR A 23 26.17 49.20 25.40
C THR A 23 26.57 50.67 25.40
N ASN A 24 25.75 51.49 24.75
CA ASN A 24 26.05 52.90 24.49
C ASN A 24 25.12 53.76 25.35
N PHE A 25 25.64 54.26 26.45
CA PHE A 25 24.87 55.10 27.38
C PHE A 25 24.91 56.56 26.97
N ALA A 26 23.83 57.28 27.26
CA ALA A 26 23.78 58.73 27.07
C ALA A 26 22.70 59.31 27.96
N VAL A 27 23.00 60.46 28.57
CA VAL A 27 22.10 61.12 29.52
C VAL A 27 22.13 62.62 29.28
N PHE A 28 20.95 63.23 29.17
CA PHE A 28 20.82 64.67 28.97
C PHE A 28 20.83 65.36 30.33
N SER A 29 21.82 66.21 30.56
CA SER A 29 21.78 67.05 31.76
C SER A 29 22.54 68.34 31.45
N GLU A 30 21.80 69.37 31.03
CA GLU A 30 22.42 70.62 30.63
C GLU A 30 22.82 71.49 31.81
N ALA A 31 22.81 70.96 33.03
CA ALA A 31 23.36 71.67 34.18
C ALA A 31 24.25 70.82 35.07
N ALA A 32 24.39 69.53 34.81
CA ALA A 32 25.36 68.74 35.54
C ALA A 32 26.77 69.25 35.29
N HIS A 33 27.64 69.07 36.28
CA HIS A 33 29.03 69.49 36.13
C HIS A 33 29.97 68.34 35.78
N ARG A 34 29.68 67.12 36.23
CA ARG A 34 30.32 65.92 35.73
C ARG A 34 29.43 64.74 36.10
N ILE A 35 29.32 63.77 35.19
CA ILE A 35 28.40 62.66 35.34
C ILE A 35 29.19 61.35 35.40
N GLU A 36 28.95 60.58 36.45
CA GLU A 36 29.48 59.23 36.59
C GLU A 36 28.42 58.23 36.18
N LEU A 37 28.83 57.18 35.49
CA LEU A 37 27.97 56.02 35.28
C LEU A 37 28.39 54.94 36.28
N CYS A 38 27.41 54.23 36.81
CA CYS A 38 27.63 53.25 37.86
C CYS A 38 27.10 51.90 37.40
N LEU A 39 28.01 51.02 36.98
CA LEU A 39 27.64 49.64 36.69
C LEU A 39 27.54 48.89 38.02
N LEU A 40 26.33 48.45 38.35
CA LEU A 40 26.07 47.75 39.60
C LEU A 40 26.14 46.24 39.39
N HIS A 41 26.92 45.57 40.22
CA HIS A 41 26.91 44.12 40.24
C HIS A 41 25.82 43.67 41.21
N ASP A 42 25.80 42.38 41.56
CA ASP A 42 24.79 41.88 42.48
C ASP A 42 25.18 42.15 43.93
N ASP A 43 26.47 42.04 44.23
CA ASP A 43 26.99 42.34 45.57
C ASP A 43 27.19 43.84 45.75
N GLY A 44 26.17 44.62 45.40
CA GLY A 44 26.15 46.07 45.54
C GLY A 44 27.45 46.82 45.27
N SER A 45 28.12 46.51 44.17
CA SER A 45 29.40 47.13 43.85
C SER A 45 29.22 48.11 42.70
N GLU A 46 29.51 49.38 42.98
CA GLU A 46 29.42 50.42 41.97
C GLU A 46 30.79 50.62 41.33
N THR A 47 30.85 50.38 40.01
CA THR A 47 32.04 50.63 39.21
C THR A 47 31.84 51.99 38.54
N ALA A 48 32.43 53.03 39.10
CA ALA A 48 32.29 54.36 38.55
C ALA A 48 33.06 54.48 37.23
N VAL A 49 32.38 55.01 36.22
CA VAL A 49 32.96 55.27 34.91
C VAL A 49 32.56 56.69 34.52
N GLU A 50 33.53 57.60 34.54
CA GLU A 50 33.24 59.03 34.38
C GLU A 50 32.99 59.34 32.91
N LEU A 51 31.70 59.45 32.53
CA LEU A 51 31.29 59.88 31.20
C LEU A 51 31.77 61.30 30.95
N ARG A 52 32.68 61.50 29.99
CA ARG A 52 33.27 62.82 29.79
C ARG A 52 32.89 63.48 28.47
N GLU A 53 32.58 62.70 27.43
CA GLU A 53 32.23 63.26 26.13
C GLU A 53 30.97 64.12 26.22
N THR A 54 31.03 65.32 25.64
CA THR A 54 29.95 66.31 25.79
C THR A 54 29.61 66.89 24.42
N ASP A 55 28.56 66.36 23.79
CA ASP A 55 27.93 66.98 22.63
C ASP A 55 26.52 67.41 23.05
N ALA A 56 26.24 68.71 22.91
CA ALA A 56 24.90 69.25 23.17
C ALA A 56 24.43 68.94 24.59
N PHE A 57 25.35 68.99 25.54
CA PHE A 57 25.06 68.76 26.96
C PHE A 57 24.53 67.36 27.21
N VAL A 58 24.98 66.38 26.42
CA VAL A 58 24.70 64.96 26.66
C VAL A 58 26.01 64.27 26.99
N ARG A 59 26.11 63.76 28.22
CA ARG A 59 27.30 63.04 28.64
C ARG A 59 27.12 61.56 28.35
N HIS A 60 28.07 60.98 27.62
CA HIS A 60 27.88 59.69 26.99
C HIS A 60 29.19 58.94 26.83
N ALA A 61 29.11 57.61 26.94
CA ALA A 61 30.26 56.73 26.75
C ALA A 61 29.78 55.36 26.31
N TYR A 62 30.66 54.61 25.67
CA TYR A 62 30.37 53.28 25.16
C TYR A 62 31.16 52.25 25.94
N LEU A 63 30.46 51.24 26.46
CA LEU A 63 31.09 50.22 27.29
C LEU A 63 30.97 48.87 26.61
N PRO A 64 32.01 48.40 25.94
CA PRO A 64 31.93 47.08 25.30
C PRO A 64 31.91 45.96 26.33
N GLY A 65 31.27 44.85 25.96
CA GLY A 65 31.11 43.72 26.84
C GLY A 65 29.98 43.84 27.85
N VAL A 66 29.42 45.03 28.04
CA VAL A 66 28.27 45.19 28.91
C VAL A 66 27.04 44.60 28.24
N MET A 67 26.31 43.76 28.97
CA MET A 67 25.28 42.91 28.40
C MET A 67 23.91 43.22 28.98
N PRO A 68 22.83 42.91 28.24
CA PRO A 68 21.49 43.21 28.75
C PRO A 68 21.18 42.40 30.01
N GLY A 69 20.59 43.08 30.99
CA GLY A 69 20.48 42.56 32.34
C GLY A 69 21.45 43.19 33.31
N GLN A 70 22.50 43.86 32.83
CA GLN A 70 23.44 44.55 33.70
C GLN A 70 22.81 45.84 34.22
N ARG A 71 22.85 46.01 35.53
CA ARG A 71 22.17 47.10 36.21
C ARG A 71 23.04 48.35 36.19
N TYR A 72 22.45 49.48 35.78
CA TYR A 72 23.16 50.75 35.72
C TYR A 72 22.34 51.83 36.40
N GLY A 73 22.99 52.97 36.62
CA GLY A 73 22.36 54.16 37.13
C GLY A 73 23.29 55.33 36.92
N PHE A 74 22.78 56.53 37.16
CA PHE A 74 23.58 57.73 36.99
C PHE A 74 23.82 58.40 38.34
N ARG A 75 24.96 59.07 38.45
CA ARG A 75 25.31 59.91 39.60
C ARG A 75 25.79 61.25 39.09
N VAL A 76 25.21 62.33 39.61
CA VAL A 76 25.33 63.66 39.03
C VAL A 76 25.94 64.61 40.04
N HIS A 77 27.04 65.24 39.67
CA HIS A 77 27.75 66.20 40.52
C HIS A 77 27.37 67.62 40.05
N GLY A 78 26.34 68.18 40.69
CA GLY A 78 25.89 69.52 40.39
C GLY A 78 25.54 70.29 41.66
N PRO A 79 25.48 71.62 41.55
CA PRO A 79 25.31 72.45 42.76
C PRO A 79 23.95 72.24 43.40
N TYR A 80 23.94 72.12 44.73
CA TYR A 80 22.69 72.09 45.48
C TYR A 80 22.34 73.49 45.98
N ALA A 81 21.66 74.23 45.12
CA ALA A 81 21.16 75.57 45.45
C ALA A 81 19.70 75.66 45.03
N PRO A 82 18.77 75.32 45.93
CA PRO A 82 17.34 75.49 45.60
C PRO A 82 16.88 76.93 45.58
N GLU A 83 17.65 77.90 46.10
CA GLU A 83 17.32 79.29 45.83
C GLU A 83 17.57 79.63 44.37
N ARG A 84 18.43 78.85 43.70
CA ARG A 84 18.62 78.91 42.26
C ARG A 84 17.84 77.84 41.52
N GLY A 85 17.40 76.80 42.21
CA GLY A 85 16.56 75.76 41.63
C GLY A 85 17.24 74.45 41.34
N LEU A 86 18.54 74.34 41.57
CA LEU A 86 19.29 73.12 41.29
C LEU A 86 19.25 72.20 42.51
N ARG A 87 18.75 70.99 42.35
CA ARG A 87 18.65 70.04 43.43
C ARG A 87 19.47 68.78 43.13
N CYS A 88 20.66 68.95 42.57
CA CYS A 88 21.55 67.84 42.29
C CYS A 88 22.14 67.27 43.57
N ASN A 89 22.55 66.00 43.51
CA ASN A 89 23.27 65.38 44.64
C ASN A 89 24.01 64.16 44.13
N ALA A 90 25.33 64.17 44.25
CA ALA A 90 26.18 63.07 43.79
C ALA A 90 25.92 61.76 44.52
N ALA A 91 25.16 61.78 45.61
CA ALA A 91 25.02 60.61 46.48
C ALA A 91 23.75 59.81 46.24
N LYS A 92 22.88 60.24 45.32
CA LYS A 92 21.61 59.57 45.05
C LYS A 92 21.71 58.89 43.68
N LEU A 93 21.68 57.56 43.67
CA LEU A 93 21.87 56.79 42.43
C LEU A 93 20.67 56.99 41.53
N LEU A 94 20.80 57.86 40.54
CA LEU A 94 19.69 58.21 39.67
C LEU A 94 19.34 57.05 38.73
N LEU A 95 18.29 57.25 37.93
CA LEU A 95 17.86 56.29 36.92
C LEU A 95 17.83 56.95 35.54
N ASP A 96 18.06 56.15 34.52
CA ASP A 96 18.05 56.68 33.17
C ASP A 96 16.60 56.87 32.74
N PRO A 97 16.19 58.07 32.34
CA PRO A 97 14.79 58.29 31.96
C PRO A 97 14.36 57.46 30.76
N TYR A 98 15.31 56.97 29.97
CA TYR A 98 15.03 56.15 28.80
C TYR A 98 15.15 54.65 29.06
N ALA A 99 15.49 54.24 30.28
CA ALA A 99 15.67 52.81 30.58
C ALA A 99 14.44 52.03 30.15
N ARG A 100 14.64 51.08 29.24
CA ARG A 100 13.55 50.35 28.62
C ARG A 100 13.13 49.11 29.40
N ALA A 101 13.63 48.96 30.63
CA ALA A 101 13.13 47.98 31.59
C ALA A 101 13.78 48.25 32.93
N VAL A 102 12.98 48.29 34.00
CA VAL A 102 13.48 48.66 35.31
C VAL A 102 13.19 47.54 36.30
N SER A 103 14.10 47.38 37.26
CA SER A 103 14.04 46.30 38.25
C SER A 103 14.01 46.90 39.65
N GLY A 104 13.23 46.28 40.52
CA GLY A 104 13.22 46.63 41.92
C GLY A 104 11.96 47.33 42.36
N ARG A 105 12.10 48.11 43.43
CA ARG A 105 10.98 48.76 44.09
C ARG A 105 11.53 49.80 45.05
N VAL A 106 10.79 50.88 45.22
CA VAL A 106 11.07 51.86 46.26
C VAL A 106 11.17 51.16 47.60
N ARG A 107 12.33 51.27 48.26
CA ARG A 107 12.48 50.81 49.64
C ARG A 107 12.55 52.09 50.47
N TRP A 108 11.38 52.57 50.89
CA TRP A 108 11.26 53.92 51.44
C TRP A 108 12.04 54.06 52.75
N GLY A 109 12.77 55.17 52.84
CA GLY A 109 13.52 55.48 54.03
C GLY A 109 13.90 56.94 54.00
N GLU A 110 14.96 57.27 54.74
CA GLU A 110 15.50 58.62 54.70
C GLU A 110 16.37 58.87 53.48
N ALA A 111 16.74 57.83 52.74
CA ALA A 111 17.84 57.94 51.78
C ALA A 111 17.41 58.37 50.39
N VAL A 112 16.15 58.13 49.99
CA VAL A 112 15.75 58.40 48.60
C VAL A 112 15.23 59.82 48.41
N TYR A 113 15.09 60.61 49.46
CA TYR A 113 14.35 61.86 49.36
C TYR A 113 15.22 63.05 48.97
N GLY A 114 16.53 63.00 49.22
CA GLY A 114 17.42 64.01 48.73
C GLY A 114 17.55 65.26 49.58
N TYR A 115 16.97 65.26 50.78
CA TYR A 115 17.10 66.35 51.73
C TYR A 115 17.13 65.74 53.12
N PRO A 116 17.65 66.45 54.12
CA PRO A 116 17.65 65.91 55.47
C PRO A 116 16.27 66.09 56.10
N PHE A 117 15.81 65.04 56.78
CA PHE A 117 14.43 65.09 57.27
C PHE A 117 14.21 66.16 58.36
N GLY A 118 15.19 67.01 58.66
CA GLY A 118 14.95 68.21 59.43
C GLY A 118 14.57 69.41 58.58
N ARG A 119 15.47 69.80 57.65
CA ARG A 119 15.28 71.00 56.84
C ARG A 119 15.00 70.61 55.39
N PRO A 120 14.01 71.24 54.75
CA PRO A 120 13.76 70.96 53.33
C PRO A 120 14.73 71.67 52.38
N ASP A 121 15.42 72.70 52.84
CA ASP A 121 16.29 73.49 51.97
C ASP A 121 17.75 73.05 52.05
N ALA A 122 18.07 72.07 52.90
CA ALA A 122 19.44 71.68 53.14
C ALA A 122 19.83 70.49 52.25
N ARG A 123 21.00 69.91 52.50
CA ARG A 123 21.59 68.88 51.65
C ARG A 123 21.74 67.58 52.41
N ASN A 124 21.22 66.50 51.83
CA ASN A 124 21.33 65.15 52.36
C ASN A 124 22.51 64.45 51.70
N ASP A 125 23.10 63.50 52.44
CA ASP A 125 24.26 62.78 51.95
C ASP A 125 24.11 61.27 52.16
N LEU A 126 22.89 60.77 52.04
CA LEU A 126 22.60 59.37 52.27
C LEU A 126 22.63 58.61 50.95
N ASP A 127 23.33 57.47 50.94
CA ASP A 127 23.47 56.66 49.75
C ASP A 127 22.12 56.06 49.39
N SER A 128 21.54 56.48 48.27
CA SER A 128 20.24 55.99 47.83
C SER A 128 20.36 54.84 46.84
N ALA A 129 21.49 54.13 46.82
CA ALA A 129 21.70 53.02 45.90
C ALA A 129 20.97 51.75 46.32
N PRO A 130 20.96 51.36 47.60
CA PRO A 130 20.25 50.14 47.99
C PRO A 130 18.78 50.33 48.35
N ASP A 131 18.24 51.54 48.19
CA ASP A 131 16.83 51.80 48.47
C ASP A 131 16.03 52.23 47.25
N THR A 132 16.67 52.56 46.13
CA THR A 132 16.00 53.00 44.92
C THR A 132 15.86 51.85 43.94
N MET A 133 15.07 52.08 42.89
CA MET A 133 15.07 51.21 41.73
C MET A 133 16.39 51.35 40.97
N THR A 134 16.58 50.48 39.98
CA THR A 134 17.79 50.50 39.18
C THR A 134 17.46 50.22 37.72
N SER A 135 17.84 51.16 36.85
CA SER A 135 17.68 50.97 35.41
C SER A 135 18.47 49.76 34.92
N VAL A 136 18.02 49.17 33.81
CA VAL A 136 18.60 47.93 33.30
C VAL A 136 18.68 47.97 31.78
N VAL A 137 19.85 47.59 31.24
CA VAL A 137 20.03 47.51 29.79
C VAL A 137 19.19 46.37 29.25
N VAL A 138 18.60 46.57 28.07
CA VAL A 138 17.63 45.62 27.51
C VAL A 138 18.05 45.23 26.09
N ASN A 139 17.84 43.95 25.77
CA ASN A 139 18.01 43.46 24.40
C ASN A 139 16.76 43.80 23.59
N PRO A 140 16.87 44.55 22.51
CA PRO A 140 15.68 44.93 21.72
C PRO A 140 15.30 43.97 20.60
N TYR A 141 16.09 42.91 20.38
CA TYR A 141 15.67 41.86 19.47
C TYR A 141 14.38 41.21 19.95
N PHE A 142 13.49 40.93 19.01
CA PHE A 142 12.29 40.14 19.26
C PHE A 142 11.77 39.65 17.92
N ASP A 143 11.06 38.53 17.94
CA ASP A 143 10.58 37.93 16.71
C ASP A 143 9.07 38.18 16.59
N TRP A 144 8.73 39.27 15.92
CA TRP A 144 7.38 39.50 15.42
C TRP A 144 7.27 38.79 14.08
N GLY A 145 6.91 37.51 14.12
CA GLY A 145 6.86 36.73 12.89
C GLY A 145 6.01 37.39 11.82
N ASP A 146 4.70 37.47 12.05
CA ASP A 146 3.78 38.16 11.15
C ASP A 146 2.92 39.04 12.05
N ASP A 147 3.39 40.25 12.35
CA ASP A 147 2.63 41.11 13.26
C ASP A 147 1.56 41.80 12.42
N ARG A 148 0.44 41.10 12.24
CA ARG A 148 -0.73 41.67 11.58
C ARG A 148 -1.36 42.70 12.52
N ARG A 149 -0.74 43.89 12.56
CA ARG A 149 -1.24 45.02 13.33
C ARG A 149 -2.71 45.22 13.01
N PRO A 150 -3.62 44.94 13.93
CA PRO A 150 -5.05 45.00 13.59
C PRO A 150 -5.51 46.43 13.46
N ARG A 151 -5.31 47.03 12.30
CA ARG A 151 -5.63 48.45 12.13
C ARG A 151 -7.13 48.64 11.87
N THR A 152 -7.88 48.24 12.90
CA THR A 152 -9.34 48.38 12.89
C THR A 152 -9.72 49.84 12.89
N GLU A 153 -10.65 50.22 12.02
CA GLU A 153 -11.03 51.61 11.92
C GLU A 153 -11.98 52.00 13.03
N TYR A 154 -12.11 53.32 13.24
CA TYR A 154 -12.80 53.85 14.41
C TYR A 154 -14.25 53.39 14.50
N HIS A 155 -14.89 53.14 13.36
CA HIS A 155 -16.28 52.72 13.41
C HIS A 155 -16.43 51.26 13.86
N HIS A 156 -15.43 50.42 13.57
CA HIS A 156 -15.42 49.04 14.05
C HIS A 156 -14.89 48.88 15.47
N THR A 157 -14.25 49.90 16.03
CA THR A 157 -13.50 49.72 17.28
C THR A 157 -14.44 49.51 18.47
N VAL A 158 -14.23 48.42 19.18
CA VAL A 158 -14.92 48.11 20.43
C VAL A 158 -13.84 48.07 21.51
N ILE A 159 -13.69 49.18 22.24
CA ILE A 159 -12.56 49.35 23.15
C ILE A 159 -12.91 48.80 24.52
N TYR A 160 -11.91 48.17 25.16
CA TYR A 160 -12.10 47.46 26.41
C TYR A 160 -11.04 47.96 27.40
N GLU A 161 -11.47 48.71 28.41
CA GLU A 161 -10.55 49.25 29.40
C GLU A 161 -10.37 48.23 30.51
N ALA A 162 -9.22 47.56 30.53
CA ALA A 162 -8.88 46.59 31.56
C ALA A 162 -7.68 47.07 32.35
N HIS A 163 -7.46 46.43 33.50
CA HIS A 163 -6.24 46.62 34.28
C HIS A 163 -5.49 45.31 34.28
N VAL A 164 -4.17 45.37 34.12
CA VAL A 164 -3.37 44.17 33.89
C VAL A 164 -3.53 43.19 35.05
N LYS A 165 -3.21 43.62 36.26
CA LYS A 165 -3.45 42.79 37.44
C LYS A 165 -4.95 42.52 37.61
N GLY A 166 -5.75 43.58 37.54
CA GLY A 166 -7.18 43.53 37.74
C GLY A 166 -7.97 42.80 36.69
N LEU A 167 -7.33 42.22 35.67
CA LEU A 167 -8.06 41.39 34.73
C LEU A 167 -7.87 39.90 35.02
N THR A 168 -6.66 39.49 35.37
CA THR A 168 -6.31 38.07 35.36
C THR A 168 -5.77 37.61 36.71
N MET A 169 -6.27 38.18 37.80
CA MET A 169 -5.79 37.81 39.12
C MET A 169 -6.57 36.67 39.74
N LEU A 170 -7.87 36.57 39.48
CA LEU A 170 -8.77 35.61 40.09
C LEU A 170 -9.43 34.72 39.05
N HIS A 171 -8.64 34.31 38.04
CA HIS A 171 -9.14 33.47 36.96
C HIS A 171 -8.84 32.02 37.25
N PRO A 172 -9.85 31.16 37.40
CA PRO A 172 -9.56 29.73 37.58
C PRO A 172 -9.26 29.02 36.27
N ASP A 173 -8.46 29.63 35.41
CA ASP A 173 -8.02 28.97 34.19
C ASP A 173 -6.52 29.12 34.02
N LEU A 174 -5.98 30.28 34.44
CA LEU A 174 -4.56 30.57 34.39
C LEU A 174 -3.83 29.84 35.53
N PRO A 175 -2.63 29.32 35.27
CA PRO A 175 -1.78 28.87 36.37
C PRO A 175 -1.50 30.02 37.33
N GLU A 176 -1.16 29.64 38.56
CA GLU A 176 -0.81 30.63 39.58
C GLU A 176 0.34 31.52 39.11
N GLU A 177 1.22 30.98 38.26
CA GLU A 177 2.35 31.74 37.72
C GLU A 177 1.88 33.02 37.04
N LEU A 178 0.87 32.91 36.20
CA LEU A 178 0.46 33.95 35.27
C LEU A 178 -0.74 34.74 35.75
N ARG A 179 -1.13 34.59 37.01
CA ARG A 179 -2.31 35.30 37.50
C ARG A 179 -1.96 36.76 37.76
N GLY A 180 -2.64 37.66 37.04
CA GLY A 180 -2.41 39.08 37.21
C GLY A 180 -1.10 39.58 36.61
N THR A 181 -0.74 39.09 35.43
CA THR A 181 0.54 39.45 34.81
C THR A 181 0.36 39.82 33.35
N TYR A 182 1.46 39.95 32.62
CA TYR A 182 1.43 40.18 31.18
C TYR A 182 1.31 38.87 30.39
N ALA A 183 2.07 37.85 30.80
CA ALA A 183 1.98 36.56 30.12
C ALA A 183 0.63 35.92 30.37
N GLY A 184 0.03 36.17 31.53
CA GLY A 184 -1.34 35.73 31.78
C GLY A 184 -2.35 36.48 30.93
N LEU A 185 -2.01 37.69 30.49
CA LEU A 185 -2.85 38.39 29.53
C LEU A 185 -2.88 37.67 28.20
N ALA A 186 -1.83 36.92 27.88
CA ALA A 186 -1.69 36.21 26.61
C ALA A 186 -2.29 34.81 26.65
N HIS A 187 -3.16 34.53 27.62
CA HIS A 187 -3.72 33.19 27.74
C HIS A 187 -4.81 32.97 26.69
N PRO A 188 -4.92 31.75 26.17
CA PRO A 188 -6.04 31.45 25.26
C PRO A 188 -7.40 31.65 25.92
N SER A 189 -7.46 31.54 27.25
CA SER A 189 -8.71 31.76 27.97
C SER A 189 -9.15 33.21 27.88
N VAL A 190 -8.36 34.13 28.42
CA VAL A 190 -8.74 35.53 28.45
C VAL A 190 -8.88 36.08 27.03
N ILE A 191 -7.94 35.73 26.14
CA ILE A 191 -8.08 36.10 24.74
C ILE A 191 -9.35 35.48 24.15
N GLY A 192 -9.73 34.30 24.62
CA GLY A 192 -11.01 33.74 24.28
C GLY A 192 -12.14 34.65 24.70
N HIS A 193 -12.17 35.02 25.98
CA HIS A 193 -13.24 35.86 26.50
C HIS A 193 -13.19 37.26 25.91
N LEU A 194 -12.01 37.72 25.47
CA LEU A 194 -11.92 39.01 24.78
C LEU A 194 -12.49 38.92 23.37
N ARG A 195 -12.25 37.80 22.69
CA ARG A 195 -12.84 37.60 21.37
C ARG A 195 -14.34 37.35 21.46
N GLU A 196 -14.74 36.36 22.28
CA GLU A 196 -16.16 36.04 22.44
C GLU A 196 -16.98 37.29 22.71
N LEU A 197 -16.49 38.14 23.63
CA LEU A 197 -17.14 39.42 23.86
C LEU A 197 -17.18 40.25 22.57
N GLY A 198 -16.08 40.27 21.84
CA GLY A 198 -16.03 41.03 20.60
C GLY A 198 -15.31 42.35 20.74
N VAL A 199 -14.30 42.41 21.59
CA VAL A 199 -13.54 43.64 21.75
C VAL A 199 -12.52 43.73 20.64
N THR A 200 -12.36 44.92 20.07
CA THR A 200 -11.44 45.13 18.96
C THR A 200 -10.21 45.94 19.36
N ALA A 201 -10.11 46.32 20.63
CA ALA A 201 -8.94 47.01 21.15
C ALA A 201 -8.97 46.93 22.67
N LEU A 202 -7.93 46.38 23.27
CA LEU A 202 -7.84 46.33 24.71
C LEU A 202 -7.06 47.55 25.19
N GLU A 203 -7.62 48.26 26.16
CA GLU A 203 -6.99 49.43 26.75
C GLU A 203 -6.31 49.03 28.05
N LEU A 204 -5.01 49.27 28.15
CA LEU A 204 -4.22 48.89 29.31
C LEU A 204 -4.06 50.07 30.25
N MET A 205 -4.53 49.91 31.49
CA MET A 205 -4.27 50.87 32.55
C MET A 205 -2.76 51.01 32.73
N PRO A 206 -2.29 52.14 33.32
CA PRO A 206 -0.88 52.51 33.25
C PRO A 206 0.12 51.37 33.24
N VAL A 207 0.95 51.34 32.20
CA VAL A 207 1.95 50.29 32.00
C VAL A 207 3.37 50.83 32.06
N HIS A 208 3.56 52.14 31.93
CA HIS A 208 4.86 52.74 32.22
C HIS A 208 5.14 52.56 33.70
N GLN A 209 6.39 52.19 34.03
CA GLN A 209 6.70 51.88 35.42
C GLN A 209 6.38 53.07 36.31
N PHE A 210 5.70 52.79 37.43
CA PHE A 210 5.25 53.81 38.36
C PHE A 210 5.70 53.50 39.79
N VAL A 211 5.77 54.56 40.59
CA VAL A 211 6.29 54.51 41.94
C VAL A 211 5.12 54.49 42.91
N ASN A 212 5.03 53.43 43.71
CA ASN A 212 4.09 53.39 44.81
C ASN A 212 4.38 54.52 45.79
N ASP A 213 3.47 55.48 45.88
CA ASP A 213 3.67 56.64 46.73
C ASP A 213 3.96 56.22 48.18
N HIS A 214 4.96 56.87 48.79
CA HIS A 214 5.27 56.59 50.19
C HIS A 214 4.07 56.87 51.09
N ARG A 215 3.24 57.85 50.72
CA ARG A 215 2.03 58.16 51.48
C ARG A 215 1.08 56.96 51.56
N LEU A 216 1.19 56.01 50.63
CA LEU A 216 0.36 54.81 50.62
C LEU A 216 1.07 53.60 51.22
N VAL A 217 2.38 53.46 51.00
CA VAL A 217 3.06 52.25 51.44
C VAL A 217 3.19 52.23 52.96
N ASP A 218 3.37 53.38 53.58
CA ASP A 218 3.16 53.48 55.03
C ASP A 218 1.70 53.76 55.35
N ALA A 219 0.77 53.06 54.68
CA ALA A 219 -0.64 53.23 54.98
C ALA A 219 -1.45 51.95 54.82
N GLY A 220 -0.81 50.78 54.63
CA GLY A 220 -1.50 49.55 54.33
C GLY A 220 -1.95 49.41 52.89
N LEU A 221 -1.81 50.45 52.08
CA LEU A 221 -2.38 50.53 50.75
C LEU A 221 -1.25 50.57 49.71
N SER A 222 -1.63 50.73 48.44
CA SER A 222 -0.65 50.87 47.36
C SER A 222 -1.36 51.39 46.11
N ASN A 223 -0.57 51.91 45.18
CA ASN A 223 -1.10 52.50 43.95
C ASN A 223 -1.43 51.38 42.96
N TYR A 224 -2.71 50.98 42.98
CA TYR A 224 -3.15 49.84 42.17
C TYR A 224 -3.32 50.23 40.71
N TRP A 225 -3.83 51.43 40.44
CA TRP A 225 -3.98 51.88 39.06
C TRP A 225 -2.63 52.15 38.42
N GLY A 226 -1.88 53.09 38.96
CA GLY A 226 -0.57 53.42 38.44
C GLY A 226 -0.43 54.77 37.78
N TYR A 227 -1.34 55.72 38.04
CA TYR A 227 -1.17 57.09 37.55
C TYR A 227 -0.19 57.84 38.45
N ASN A 228 1.02 57.29 38.56
CA ASN A 228 2.15 58.07 39.06
C ASN A 228 3.44 57.46 38.51
N THR A 229 3.85 57.84 37.30
CA THR A 229 4.86 57.11 36.53
C THR A 229 6.24 57.75 36.68
N ILE A 230 7.31 56.96 36.41
CA ILE A 230 8.68 57.45 36.47
C ILE A 230 9.42 57.25 35.15
N GLY A 231 9.48 56.02 34.65
CA GLY A 231 10.19 55.79 33.40
C GLY A 231 9.26 55.44 32.27
N PHE A 232 9.06 56.37 31.34
CA PHE A 232 8.02 56.19 30.34
C PHE A 232 8.41 55.20 29.25
N PHE A 233 9.44 54.39 29.48
CA PHE A 233 9.93 53.48 28.46
C PHE A 233 9.96 52.02 28.91
N ALA A 234 9.53 51.74 30.14
CA ALA A 234 9.68 50.40 30.66
C ALA A 234 8.33 49.78 31.00
N PRO A 235 8.14 48.50 30.74
CA PRO A 235 7.01 47.79 31.35
C PRO A 235 7.16 47.82 32.86
N HIS A 236 6.06 48.14 33.54
CA HIS A 236 6.03 48.09 34.99
C HIS A 236 6.51 46.72 35.47
N ASN A 237 7.57 46.71 36.28
CA ASN A 237 8.20 45.44 36.62
C ASN A 237 7.26 44.53 37.41
N ALA A 238 6.40 45.12 38.24
CA ALA A 238 5.54 44.35 39.13
C ALA A 238 4.45 43.59 38.39
N TYR A 239 4.36 43.71 37.08
CA TYR A 239 3.37 42.97 36.30
C TYR A 239 3.98 41.78 35.57
N ALA A 240 5.29 41.56 35.68
CA ALA A 240 5.96 40.51 34.93
C ALA A 240 6.16 39.28 35.80
N SER A 241 5.82 38.11 35.26
CA SER A 241 6.04 36.84 35.92
C SER A 241 7.25 36.10 35.38
N TRP A 242 8.06 36.77 34.56
CA TRP A 242 9.26 36.16 33.98
C TRP A 242 10.55 36.68 34.59
N GLY A 243 10.61 37.98 34.89
CA GLY A 243 11.75 38.58 35.53
C GLY A 243 11.79 40.09 35.41
N ASP A 244 12.60 40.74 36.25
CA ASP A 244 12.66 42.20 36.28
C ASP A 244 13.96 42.77 35.73
N ARG A 245 14.98 41.95 35.50
CA ARG A 245 16.18 42.39 34.82
C ARG A 245 15.94 42.27 33.31
N GLY A 246 15.18 43.22 32.78
CA GLY A 246 14.99 43.39 31.36
C GLY A 246 13.92 42.55 30.71
N GLN A 247 13.70 41.34 31.23
CA GLN A 247 12.87 40.35 30.56
C GLN A 247 11.43 40.80 30.38
N GLN A 248 10.99 41.82 31.12
CA GLN A 248 9.61 42.29 31.01
C GLN A 248 9.33 42.85 29.63
N VAL A 249 10.37 43.30 28.91
CA VAL A 249 10.17 43.68 27.53
C VAL A 249 9.80 42.46 26.70
N LEU A 250 10.29 41.28 27.10
CA LEU A 250 10.05 40.08 26.31
C LEU A 250 8.68 39.48 26.58
N GLU A 251 8.13 39.68 27.79
CA GLU A 251 6.71 39.41 27.96
C GLU A 251 5.87 40.29 27.06
N PHE A 252 5.96 41.61 27.27
CA PHE A 252 5.07 42.56 26.63
C PHE A 252 4.97 42.30 25.14
N LYS A 253 6.12 42.16 24.49
CA LYS A 253 6.13 41.94 23.04
C LYS A 253 5.43 40.64 22.68
N SER A 254 5.78 39.55 23.37
CA SER A 254 5.07 38.29 23.15
C SER A 254 3.62 38.37 23.56
N ALA A 255 3.23 39.42 24.27
CA ALA A 255 1.84 39.59 24.70
C ALA A 255 1.02 40.36 23.66
N VAL A 256 1.52 41.51 23.21
CA VAL A 256 0.93 42.16 22.05
C VAL A 256 0.93 41.20 20.87
N ARG A 257 1.98 40.38 20.78
CA ARG A 257 2.05 39.35 19.74
C ARG A 257 0.82 38.46 19.77
N ALA A 258 0.49 37.91 20.93
CA ALA A 258 -0.64 36.97 21.03
C ALA A 258 -1.97 37.68 20.85
N LEU A 259 -2.07 38.93 21.30
CA LEU A 259 -3.31 39.69 21.14
C LEU A 259 -3.55 40.01 19.66
N HIS A 260 -2.53 40.54 18.98
CA HIS A 260 -2.68 40.95 17.58
C HIS A 260 -3.07 39.78 16.68
N GLN A 261 -2.49 38.61 16.92
CA GLN A 261 -2.91 37.41 16.19
C GLN A 261 -4.42 37.18 16.31
N ALA A 262 -5.01 37.62 17.41
CA ALA A 262 -6.46 37.49 17.59
C ALA A 262 -7.25 38.61 16.92
N GLY A 263 -6.58 39.63 16.40
CA GLY A 263 -7.25 40.78 15.84
C GLY A 263 -7.59 41.87 16.82
N ILE A 264 -6.92 41.91 17.97
CA ILE A 264 -7.22 42.83 19.06
C ILE A 264 -6.10 43.86 19.16
N GLU A 265 -6.45 45.13 19.02
CA GLU A 265 -5.49 46.22 19.16
C GLU A 265 -5.00 46.32 20.60
N VAL A 266 -3.93 47.11 20.78
CA VAL A 266 -3.42 47.45 22.10
C VAL A 266 -3.33 48.97 22.16
N ILE A 267 -4.20 49.59 22.95
CA ILE A 267 -4.17 51.02 23.23
C ILE A 267 -3.75 51.17 24.69
N LEU A 268 -2.58 51.74 24.95
CA LEU A 268 -2.08 51.83 26.31
C LEU A 268 -2.25 53.23 26.89
N ASP A 269 -2.52 53.26 28.19
CA ASP A 269 -2.76 54.50 28.93
C ASP A 269 -1.43 55.08 29.38
N VAL A 270 -1.28 56.39 29.22
CA VAL A 270 -0.01 57.06 29.50
C VAL A 270 -0.25 58.19 30.49
N VAL A 271 0.69 58.33 31.44
CA VAL A 271 0.56 59.28 32.54
C VAL A 271 1.58 60.39 32.39
N TYR A 272 1.22 61.48 31.71
CA TYR A 272 2.21 62.49 31.33
C TYR A 272 2.12 63.81 32.08
N ASN A 273 0.97 64.13 32.68
CA ASN A 273 0.77 65.44 33.28
C ASN A 273 1.67 65.70 34.49
N HIS A 274 2.33 64.67 35.02
CA HIS A 274 3.07 64.76 36.27
C HIS A 274 4.10 63.65 36.33
N THR A 275 5.15 63.87 37.12
CA THR A 275 6.20 62.87 37.32
C THR A 275 6.26 62.48 38.79
N ALA A 276 6.60 61.21 39.04
CA ALA A 276 6.43 60.64 40.36
C ALA A 276 7.36 61.23 41.41
N GLU A 277 8.45 61.87 41.00
CA GLU A 277 9.22 62.64 41.98
C GLU A 277 8.37 63.75 42.59
N GLY A 278 7.36 64.21 41.86
CA GLY A 278 6.36 65.15 42.31
C GLY A 278 6.97 66.47 42.74
N ASN A 279 6.27 67.16 43.62
CA ASN A 279 6.76 68.42 44.15
C ASN A 279 7.92 68.19 45.10
N HIS A 280 8.55 69.29 45.53
CA HIS A 280 9.62 69.20 46.50
C HIS A 280 9.09 68.56 47.79
N LEU A 281 10.01 68.23 48.69
CA LEU A 281 9.75 67.28 49.76
C LEU A 281 9.42 65.89 49.20
N GLY A 282 9.69 65.68 47.92
CA GLY A 282 9.44 64.41 47.28
C GLY A 282 10.72 63.68 47.02
N PRO A 283 10.62 62.36 46.82
CA PRO A 283 11.83 61.55 46.63
C PRO A 283 12.55 61.92 45.35
N THR A 284 13.87 62.03 45.44
CA THR A 284 14.70 62.36 44.30
C THR A 284 15.11 61.04 43.64
N LEU A 285 14.44 60.72 42.53
CA LEU A 285 14.51 59.40 41.92
C LEU A 285 15.17 59.42 40.54
N SER A 286 14.65 60.19 39.60
CA SER A 286 15.16 60.18 38.23
C SER A 286 15.64 61.55 37.76
N MET A 287 14.79 62.58 37.81
CA MET A 287 15.01 63.81 37.06
C MET A 287 15.45 64.99 37.92
N ARG A 288 14.91 65.11 39.14
CA ARG A 288 15.28 66.20 40.03
C ARG A 288 16.79 66.35 40.13
N GLY A 289 17.51 65.24 40.26
CA GLY A 289 18.95 65.24 40.40
C GLY A 289 19.73 65.47 39.12
N LEU A 290 19.29 64.89 38.01
CA LEU A 290 19.93 65.11 36.72
C LEU A 290 19.90 66.58 36.35
N ASP A 291 18.70 67.11 36.11
CA ASP A 291 18.56 68.50 35.69
C ASP A 291 17.16 68.96 36.08
N ASN A 292 17.06 69.62 37.23
CA ASN A 292 15.75 70.09 37.70
C ASN A 292 15.18 71.21 36.83
N PRO A 293 15.99 72.18 36.37
CA PRO A 293 15.42 73.25 35.52
C PRO A 293 14.76 72.76 34.24
N SER A 294 15.42 71.90 33.47
CA SER A 294 14.90 71.49 32.17
C SER A 294 14.18 70.16 32.22
N TYR A 295 13.51 69.85 33.32
CA TYR A 295 12.46 68.85 33.22
C TYR A 295 11.14 69.33 33.81
N TYR A 296 11.18 70.04 34.93
CA TYR A 296 9.98 70.42 35.63
C TYR A 296 9.70 71.89 35.41
N ARG A 297 8.44 72.27 35.65
CA ARG A 297 8.00 73.66 35.50
C ARG A 297 8.14 74.34 36.86
N LEU A 298 9.35 74.78 37.16
CA LEU A 298 9.56 75.71 38.26
C LEU A 298 9.10 77.10 37.82
N ALA A 299 8.61 77.89 38.78
CA ALA A 299 8.27 79.26 38.46
C ALA A 299 8.15 80.10 39.72
N ASP A 300 8.29 81.40 39.49
CA ASP A 300 8.21 82.49 40.49
C ASP A 300 9.31 82.32 41.52
N ASP A 301 9.58 81.09 41.97
CA ASP A 301 10.60 80.95 43.04
C ASP A 301 11.01 79.64 42.38
N PRO A 302 12.29 79.41 42.06
CA PRO A 302 12.98 78.15 41.82
C PRO A 302 12.75 76.86 42.62
N ARG A 303 12.70 76.91 43.93
CA ARG A 303 12.47 75.69 44.71
C ARG A 303 11.11 75.07 44.44
N TYR A 304 10.05 75.81 44.09
CA TYR A 304 8.75 75.18 44.10
C TYR A 304 8.16 75.07 42.71
N TYR A 305 7.28 74.07 42.54
CA TYR A 305 6.82 73.59 41.23
C TYR A 305 5.40 74.07 40.96
N MET A 306 5.22 74.79 39.86
CA MET A 306 3.89 75.27 39.48
C MET A 306 2.89 74.12 39.50
N ASP A 307 1.94 74.17 40.43
CA ASP A 307 1.04 73.06 40.68
C ASP A 307 -0.33 73.38 40.06
N THR A 308 -0.42 73.14 38.76
CA THR A 308 -1.70 73.08 38.08
C THR A 308 -2.22 71.65 37.98
N THR A 309 -1.29 70.69 37.86
CA THR A 309 -1.65 69.28 37.76
C THR A 309 -2.43 68.78 38.97
N GLY A 310 -2.32 69.44 40.12
CA GLY A 310 -2.96 68.95 41.33
C GLY A 310 -2.37 67.67 41.89
N THR A 311 -1.45 67.02 41.17
CA THR A 311 -0.75 65.84 41.64
C THR A 311 0.74 66.10 41.85
N GLY A 312 1.12 67.36 42.00
CA GLY A 312 2.49 67.69 42.31
C GLY A 312 3.24 68.41 41.18
N ASN A 313 4.26 67.76 40.63
CA ASN A 313 5.12 68.39 39.64
C ASN A 313 4.47 68.37 38.26
N SER A 314 4.58 69.48 37.54
CA SER A 314 4.31 69.51 36.11
C SER A 314 5.67 69.41 35.37
N LEU A 315 5.63 69.43 34.02
CA LEU A 315 6.77 68.93 33.25
C LEU A 315 7.29 69.89 32.19
N LEU A 316 7.03 71.19 32.31
CA LEU A 316 7.68 72.22 31.48
C LEU A 316 7.58 71.90 29.98
N MET A 317 6.37 72.01 29.45
CA MET A 317 6.09 71.60 28.08
C MET A 317 6.84 72.36 26.99
N ARG A 318 7.60 73.41 27.32
CA ARG A 318 8.40 74.08 26.31
C ARG A 318 9.85 73.60 26.28
N SER A 319 10.28 72.86 27.30
CA SER A 319 11.67 72.42 27.38
C SER A 319 12.03 71.59 26.15
N PRO A 320 13.20 71.81 25.55
CA PRO A 320 13.50 71.13 24.29
C PRO A 320 13.64 69.64 24.42
N HIS A 321 14.16 69.15 25.54
CA HIS A 321 14.31 67.71 25.74
C HIS A 321 13.15 67.13 26.54
N VAL A 322 12.19 67.96 26.96
CA VAL A 322 10.93 67.42 27.43
C VAL A 322 10.02 67.07 26.26
N LEU A 323 10.06 67.88 25.19
CA LEU A 323 9.39 67.49 23.96
C LEU A 323 9.99 66.22 23.36
N GLN A 324 11.32 66.10 23.42
CA GLN A 324 11.98 64.92 22.88
C GLN A 324 11.66 63.68 23.69
N LEU A 325 11.63 63.79 25.03
CA LEU A 325 11.35 62.62 25.87
C LEU A 325 9.94 62.09 25.64
N ILE A 326 8.95 62.98 25.57
CA ILE A 326 7.57 62.55 25.35
C ILE A 326 7.44 61.89 23.98
N MET A 327 7.83 62.59 22.92
CA MET A 327 7.70 62.06 21.57
C MET A 327 8.51 60.79 21.38
N ASP A 328 9.73 60.74 21.91
CA ASP A 328 10.50 59.51 21.82
C ASP A 328 9.87 58.40 22.63
N SER A 329 9.08 58.74 23.66
CA SER A 329 8.42 57.74 24.48
C SER A 329 7.12 57.24 23.85
N LEU A 330 6.40 58.13 23.18
CA LEU A 330 5.19 57.71 22.47
C LEU A 330 5.52 56.66 21.42
N ARG A 331 6.48 56.96 20.53
CA ARG A 331 6.72 56.11 19.37
C ARG A 331 7.64 54.94 19.65
N TYR A 332 8.34 54.90 20.79
CA TYR A 332 9.02 53.66 21.17
C TYR A 332 8.01 52.54 21.41
N TRP A 333 6.78 52.89 21.78
CA TRP A 333 5.77 51.86 21.95
C TRP A 333 5.06 51.49 20.65
N VAL A 334 5.07 52.38 19.65
CA VAL A 334 4.39 52.08 18.38
C VAL A 334 5.31 51.36 17.39
N THR A 335 6.61 51.62 17.43
CA THR A 335 7.55 50.99 16.51
C THR A 335 8.59 50.12 17.20
N GLU A 336 8.47 49.88 18.48
CA GLU A 336 9.32 48.90 19.13
C GLU A 336 8.53 47.90 19.93
N MET A 337 7.41 48.33 20.53
CA MET A 337 6.46 47.45 21.23
C MET A 337 5.18 47.21 20.43
N HIS A 338 5.09 47.73 19.21
CA HIS A 338 4.02 47.42 18.25
C HIS A 338 2.64 47.86 18.73
N VAL A 339 2.59 48.85 19.62
CA VAL A 339 1.31 49.37 20.09
C VAL A 339 0.55 50.06 18.97
N ASP A 340 -0.79 50.03 19.06
CA ASP A 340 -1.64 50.62 18.03
C ASP A 340 -2.35 51.91 18.46
N GLY A 341 -2.17 52.37 19.70
CA GLY A 341 -2.89 53.56 20.12
C GLY A 341 -2.58 53.91 21.56
N PHE A 342 -3.12 55.06 21.97
CA PHE A 342 -2.78 55.66 23.25
C PHE A 342 -4.04 56.18 23.94
N ARG A 343 -3.92 56.40 25.25
CA ARG A 343 -4.94 57.10 26.01
C ARG A 343 -4.28 58.06 27.00
N PHE A 344 -4.71 59.31 26.98
CA PHE A 344 -4.09 60.39 27.74
C PHE A 344 -4.87 60.68 29.02
N ASP A 345 -4.36 60.15 30.14
CA ASP A 345 -4.92 60.48 31.43
C ASP A 345 -4.71 61.95 31.75
N LEU A 346 -5.79 62.60 32.20
CA LEU A 346 -5.76 64.00 32.54
C LEU A 346 -5.22 64.82 31.39
N ALA A 347 -5.83 64.62 30.22
CA ALA A 347 -5.46 65.44 29.07
C ALA A 347 -5.89 66.89 29.25
N ALA A 348 -6.94 67.12 30.03
CA ALA A 348 -7.36 68.47 30.37
C ALA A 348 -6.21 69.23 31.04
N THR A 349 -5.66 68.66 32.11
CA THR A 349 -4.60 69.34 32.85
C THR A 349 -3.33 69.47 32.01
N LEU A 350 -2.94 68.39 31.33
CA LEU A 350 -1.76 68.43 30.47
C LEU A 350 -1.85 69.57 29.47
N ALA A 351 -3.05 69.84 28.95
CA ALA A 351 -3.24 70.98 28.05
C ALA A 351 -3.16 72.31 28.77
N ARG A 352 -3.33 72.32 30.10
CA ARG A 352 -3.14 73.55 30.86
C ARG A 352 -1.67 73.75 31.22
N GLN A 353 -0.85 72.69 31.19
CA GLN A 353 0.59 72.84 31.31
C GLN A 353 1.24 73.18 29.98
N PHE A 354 0.69 72.67 28.88
CA PHE A 354 1.31 72.89 27.58
C PHE A 354 1.03 74.29 27.05
N HIS A 355 -0.02 74.94 27.56
CA HIS A 355 -0.45 76.23 27.05
C HIS A 355 0.06 77.39 27.88
N GLU A 356 0.28 77.22 29.18
CA GLU A 356 0.96 78.26 29.94
C GLU A 356 2.48 78.17 29.79
N VAL A 357 2.93 77.88 28.58
CA VAL A 357 4.30 78.11 28.11
C VAL A 357 4.20 78.59 26.65
N ASP A 358 2.99 78.54 26.10
CA ASP A 358 2.72 78.80 24.68
C ASP A 358 3.46 77.83 23.77
N ARG A 359 3.62 76.60 24.22
CA ARG A 359 4.06 75.50 23.36
C ARG A 359 2.89 74.63 22.91
N LEU A 360 1.67 74.94 23.36
CA LEU A 360 0.51 74.08 23.14
C LEU A 360 0.25 73.86 21.66
N SER A 361 -0.03 74.94 20.91
CA SER A 361 -0.25 74.82 19.48
C SER A 361 0.93 74.16 18.80
N SER A 362 2.16 74.48 19.25
CA SER A 362 3.37 73.90 18.68
C SER A 362 3.40 72.37 18.80
N PHE A 363 2.59 71.79 19.68
CA PHE A 363 2.56 70.35 19.90
C PHE A 363 1.59 69.64 18.96
N PHE A 364 0.37 70.17 18.83
CA PHE A 364 -0.60 69.57 17.93
C PHE A 364 -0.20 69.71 16.47
N ASP A 365 0.82 70.54 16.18
CA ASP A 365 1.51 70.48 14.90
C ASP A 365 2.62 69.44 14.91
N LEU A 366 3.24 69.22 16.06
CA LEU A 366 4.33 68.25 16.18
C LEU A 366 3.78 66.83 16.08
N VAL A 367 2.58 66.59 16.59
CA VAL A 367 1.92 65.30 16.38
C VAL A 367 1.38 65.18 14.97
N GLN A 368 1.05 66.30 14.33
CA GLN A 368 0.38 66.27 13.04
C GLN A 368 1.29 65.75 11.93
N GLN A 369 2.58 66.15 11.95
CA GLN A 369 3.45 65.73 10.86
C GLN A 369 4.02 64.33 11.11
N ASP A 370 4.36 64.02 12.35
CA ASP A 370 5.10 62.82 12.71
C ASP A 370 4.38 61.57 12.22
N PRO A 371 5.02 60.73 11.41
CA PRO A 371 4.29 59.59 10.81
C PRO A 371 3.91 58.50 11.80
N VAL A 372 4.57 58.41 12.95
CA VAL A 372 4.27 57.33 13.88
C VAL A 372 3.20 57.75 14.89
N VAL A 373 3.29 58.97 15.43
CA VAL A 373 2.35 59.38 16.46
C VAL A 373 1.03 59.83 15.84
N SER A 374 1.06 60.38 14.61
CA SER A 374 -0.18 60.83 13.96
C SER A 374 -1.11 59.67 13.68
N GLN A 375 -0.63 58.70 12.90
CA GLN A 375 -1.39 57.61 12.28
C GLN A 375 -1.91 56.57 13.26
N VAL A 376 -1.86 56.78 14.58
CA VAL A 376 -2.35 55.83 15.55
C VAL A 376 -3.48 56.47 16.36
N LYS A 377 -4.24 55.62 17.06
CA LYS A 377 -5.41 56.08 17.79
C LYS A 377 -5.00 56.93 18.99
N LEU A 378 -5.55 58.15 19.07
CA LEU A 378 -5.19 59.12 20.09
C LEU A 378 -6.44 59.46 20.91
N ILE A 379 -6.48 58.97 22.16
CA ILE A 379 -7.64 59.10 23.03
C ILE A 379 -7.26 59.93 24.25
N ALA A 380 -8.16 60.82 24.66
CA ALA A 380 -7.84 61.89 25.60
C ALA A 380 -9.14 62.49 26.13
N GLU A 381 -9.02 63.65 26.80
CA GLU A 381 -10.03 64.43 27.51
C GLU A 381 -10.34 65.73 26.75
N PRO A 382 -11.57 66.22 26.85
CA PRO A 382 -11.84 67.61 26.47
C PRO A 382 -11.27 68.56 27.52
N TRP A 383 -11.23 69.85 27.16
CA TRP A 383 -10.68 70.83 28.08
C TRP A 383 -11.22 72.22 27.75
N ASP A 384 -10.87 73.16 28.62
CA ASP A 384 -11.24 74.57 28.51
C ASP A 384 -10.02 75.35 29.00
N VAL A 385 -9.15 75.74 28.07
CA VAL A 385 -7.82 76.24 28.38
C VAL A 385 -7.86 77.75 28.53
N GLY A 386 -7.32 78.25 29.65
CA GLY A 386 -7.06 79.67 29.79
C GLY A 386 -8.25 80.53 29.43
N GLU A 387 -8.14 81.19 28.29
CA GLU A 387 -9.25 81.92 27.67
C GLU A 387 -9.55 81.28 26.33
N GLY A 388 -10.62 80.48 26.26
CA GLY A 388 -11.12 80.09 24.96
C GLY A 388 -11.39 78.63 24.69
N GLY A 389 -11.25 77.76 25.68
CA GLY A 389 -11.60 76.36 25.49
C GLY A 389 -10.50 75.55 24.81
N TYR A 390 -10.80 75.03 23.61
CA TYR A 390 -9.82 74.24 22.88
C TYR A 390 -8.57 75.07 22.58
N GLN A 391 -8.74 76.16 21.83
CA GLN A 391 -7.66 77.06 21.43
C GLN A 391 -6.52 76.32 20.74
N VAL A 392 -6.84 75.28 19.99
CA VAL A 392 -5.89 74.66 19.09
C VAL A 392 -6.53 74.61 17.70
N GLY A 393 -5.71 74.77 16.68
CA GLY A 393 -6.24 74.86 15.33
C GLY A 393 -6.79 73.56 14.77
N ASN A 394 -5.90 72.62 14.47
CA ASN A 394 -6.26 71.42 13.72
C ASN A 394 -5.77 70.18 14.44
N PHE A 395 -6.71 69.33 14.84
CA PHE A 395 -6.37 68.17 15.64
C PHE A 395 -5.73 67.08 14.78
N PRO A 396 -4.89 66.24 15.37
CA PRO A 396 -4.50 64.99 14.70
C PRO A 396 -5.74 64.20 14.33
N PRO A 397 -6.03 64.01 13.04
CA PRO A 397 -7.37 63.54 12.66
C PRO A 397 -7.58 62.06 12.97
N LEU A 398 -7.10 61.66 14.15
CA LEU A 398 -7.46 60.44 14.83
C LEU A 398 -7.73 60.71 16.30
N TRP A 399 -7.89 61.99 16.66
CA TRP A 399 -7.97 62.45 18.04
C TRP A 399 -9.40 62.29 18.54
N THR A 400 -9.55 61.67 19.70
CA THR A 400 -10.86 61.42 20.28
C THR A 400 -10.85 61.83 21.75
N GLU A 401 -12.06 61.97 22.31
CA GLU A 401 -12.25 62.34 23.70
C GLU A 401 -13.09 61.31 24.43
N TRP A 402 -13.03 61.35 25.76
CA TRP A 402 -13.91 60.56 26.61
C TRP A 402 -15.19 61.36 26.84
N ASN A 403 -16.27 60.96 26.18
CA ASN A 403 -17.47 61.78 26.04
C ASN A 403 -18.17 61.87 27.39
N GLY A 404 -17.67 62.78 28.24
CA GLY A 404 -18.24 62.94 29.57
C GLY A 404 -19.63 63.54 29.57
N LYS A 405 -19.93 64.39 28.59
CA LYS A 405 -21.31 64.84 28.41
C LYS A 405 -22.20 63.78 27.79
N TYR A 406 -21.68 62.59 27.54
CA TYR A 406 -22.51 61.43 27.24
C TYR A 406 -22.95 60.70 28.50
N ARG A 407 -21.99 60.27 29.33
CA ARG A 407 -22.33 59.53 30.54
C ARG A 407 -23.15 60.37 31.50
N ASP A 408 -22.78 61.65 31.68
CA ASP A 408 -23.58 62.51 32.56
C ASP A 408 -24.97 62.73 32.00
N CYS A 409 -25.18 62.45 30.72
CA CYS A 409 -26.47 62.61 30.07
C CYS A 409 -27.29 61.32 30.03
N VAL A 410 -26.65 60.16 30.01
CA VAL A 410 -27.40 58.91 30.09
C VAL A 410 -27.60 58.46 31.53
N ARG A 411 -26.65 58.74 32.43
CA ARG A 411 -26.87 58.49 33.84
C ARG A 411 -28.09 59.28 34.34
N ASP A 412 -28.14 60.57 34.01
CA ASP A 412 -29.28 61.42 34.33
C ASP A 412 -30.60 60.90 33.75
N LEU A 413 -30.54 59.96 32.80
CA LEU A 413 -31.71 59.50 32.07
C LEU A 413 -32.38 58.29 32.72
N TRP A 414 -31.66 57.17 32.82
CA TRP A 414 -32.18 55.99 33.50
C TRP A 414 -32.25 56.16 35.02
N ARG A 415 -31.81 57.31 35.54
CA ARG A 415 -32.08 57.68 36.91
C ARG A 415 -33.34 58.54 37.02
N GLY A 416 -33.67 59.29 35.97
CA GLY A 416 -34.97 59.94 35.88
C GLY A 416 -34.99 61.46 35.77
N GLU A 417 -33.88 62.06 35.37
CA GLU A 417 -33.78 63.51 35.30
C GLU A 417 -33.90 64.00 33.86
N PRO A 418 -34.35 65.26 33.65
CA PRO A 418 -34.83 65.68 32.32
C PRO A 418 -33.78 66.27 31.39
N ARG A 419 -32.83 65.45 30.95
CA ARG A 419 -31.83 65.92 30.00
C ARG A 419 -32.51 66.24 28.67
N THR A 420 -32.31 67.48 28.19
CA THR A 420 -33.06 68.05 27.07
C THR A 420 -33.19 67.07 25.90
N LEU A 421 -34.38 67.05 25.29
CA LEU A 421 -34.60 66.13 24.17
C LEU A 421 -33.72 66.45 22.98
N ALA A 422 -32.99 67.56 23.01
CA ALA A 422 -31.89 67.79 22.08
C ALA A 422 -30.56 67.32 22.64
N GLU A 423 -30.32 67.55 23.94
CA GLU A 423 -29.12 67.06 24.60
C GLU A 423 -28.97 65.54 24.54
N PHE A 424 -30.08 64.82 24.38
CA PHE A 424 -30.03 63.37 24.23
C PHE A 424 -30.16 62.93 22.78
N ALA A 425 -30.74 63.79 21.93
CA ALA A 425 -30.74 63.51 20.50
C ALA A 425 -29.32 63.37 19.98
N SER A 426 -28.50 64.41 20.19
CA SER A 426 -27.16 64.41 19.64
C SER A 426 -26.26 63.34 20.26
N ARG A 427 -26.57 62.88 21.48
CA ARG A 427 -25.69 61.92 22.13
C ARG A 427 -25.76 60.55 21.47
N LEU A 428 -26.97 60.07 21.19
CA LEU A 428 -27.11 58.85 20.38
C LEU A 428 -26.56 59.06 18.98
N THR A 429 -26.63 60.29 18.49
CA THR A 429 -26.54 60.58 17.07
C THR A 429 -25.12 60.47 16.53
N GLY A 430 -24.11 60.56 17.38
CA GLY A 430 -22.73 60.60 16.93
C GLY A 430 -22.07 61.86 17.46
N SER A 431 -22.74 62.45 18.45
CA SER A 431 -22.30 63.66 19.13
C SER A 431 -21.77 64.69 18.13
N SER A 432 -22.57 64.91 17.08
CA SER A 432 -22.19 65.84 16.02
C SER A 432 -21.79 67.19 16.55
N ASP A 433 -22.44 67.64 17.62
CA ASP A 433 -22.31 69.03 18.04
C ASP A 433 -20.93 69.33 18.62
N LEU A 434 -20.37 68.40 19.39
CA LEU A 434 -19.08 68.63 20.01
C LEU A 434 -17.92 68.03 19.24
N TYR A 435 -18.19 67.14 18.27
CA TYR A 435 -17.13 66.42 17.58
C TYR A 435 -17.44 66.41 16.08
N GLN A 436 -16.71 67.24 15.33
CA GLN A 436 -16.79 67.28 13.87
C GLN A 436 -15.73 66.37 13.27
N ASP A 437 -15.50 66.46 11.96
CA ASP A 437 -14.47 65.67 11.32
C ASP A 437 -13.55 66.49 10.42
N ASP A 438 -13.76 67.80 10.29
CA ASP A 438 -12.89 68.64 9.47
C ASP A 438 -11.44 68.40 9.80
N GLY A 439 -11.13 68.40 11.08
CA GLY A 439 -9.77 68.42 11.57
C GLY A 439 -9.66 69.53 12.60
N ARG A 440 -10.69 70.37 12.66
CA ARG A 440 -10.76 71.48 13.61
C ARG A 440 -11.34 71.06 14.96
N ARG A 441 -11.54 69.77 15.18
CA ARG A 441 -12.18 69.18 16.36
C ARG A 441 -12.05 67.66 16.30
N PRO A 442 -12.10 66.95 17.43
CA PRO A 442 -11.87 65.50 17.44
C PRO A 442 -12.84 64.75 16.54
N LEU A 443 -12.28 63.91 15.66
CA LEU A 443 -13.03 63.18 14.64
C LEU A 443 -13.65 61.91 15.21
N ALA A 444 -14.29 61.98 16.38
CA ALA A 444 -14.98 60.82 16.97
C ALA A 444 -15.69 61.23 18.25
N SER A 445 -16.40 60.30 18.88
CA SER A 445 -17.21 60.62 20.05
C SER A 445 -17.18 59.51 21.11
N VAL A 446 -15.98 59.06 21.51
CA VAL A 446 -15.85 57.87 22.35
C VAL A 446 -16.79 57.93 23.56
N ASN A 447 -17.74 56.99 23.59
CA ASN A 447 -18.83 56.93 24.55
C ASN A 447 -18.51 55.91 25.63
N PHE A 448 -19.11 56.10 26.81
CA PHE A 448 -18.91 55.13 27.87
C PHE A 448 -19.93 55.40 28.97
N VAL A 449 -20.49 54.33 29.52
CA VAL A 449 -21.44 54.46 30.62
C VAL A 449 -20.73 54.52 31.96
N THR A 450 -19.52 53.99 32.06
CA THR A 450 -18.79 53.92 33.33
C THR A 450 -17.35 53.52 33.01
N CYS A 451 -16.47 53.67 34.00
CA CYS A 451 -15.05 53.37 33.83
C CYS A 451 -14.40 53.36 35.21
N HIS A 452 -13.07 53.20 35.24
CA HIS A 452 -12.33 53.19 36.50
C HIS A 452 -12.58 54.46 37.31
N ASP A 453 -12.79 55.58 36.64
CA ASP A 453 -13.29 56.78 37.31
C ASP A 453 -14.78 56.63 37.56
N GLY A 454 -15.21 56.94 38.79
CA GLY A 454 -16.61 56.76 39.15
C GLY A 454 -16.93 55.34 39.58
N PHE A 455 -18.22 55.02 39.54
CA PHE A 455 -18.72 53.73 40.02
C PHE A 455 -18.30 52.61 39.07
N THR A 456 -18.79 51.41 39.36
CA THR A 456 -18.88 50.31 38.41
C THR A 456 -20.35 50.10 38.06
N LEU A 457 -20.59 49.28 37.03
CA LEU A 457 -21.95 49.21 36.48
C LEU A 457 -22.93 48.51 37.42
N ARG A 458 -22.49 47.53 38.21
CA ARG A 458 -23.42 47.03 39.21
C ARG A 458 -23.46 47.96 40.44
N ASP A 459 -22.41 48.75 40.66
CA ASP A 459 -22.48 49.77 41.70
C ASP A 459 -23.29 50.98 41.26
N LEU A 460 -23.23 51.34 39.97
CA LEU A 460 -24.00 52.47 39.47
C LEU A 460 -25.49 52.33 39.72
N VAL A 461 -25.98 51.10 39.89
CA VAL A 461 -27.40 50.83 40.06
C VAL A 461 -27.74 50.36 41.47
N SER A 462 -26.84 50.56 42.43
CA SER A 462 -27.08 50.09 43.78
C SER A 462 -26.72 51.07 44.88
N TYR A 463 -25.97 52.13 44.59
CA TYR A 463 -25.56 53.09 45.61
C TYR A 463 -25.80 54.51 45.14
N ASN A 464 -26.26 55.35 46.07
CA ASN A 464 -26.50 56.76 45.77
C ASN A 464 -25.32 57.65 46.13
N GLU A 465 -24.50 57.23 47.09
CA GLU A 465 -23.32 57.98 47.49
C GLU A 465 -22.10 57.07 47.53
N LYS A 466 -20.94 57.66 47.32
CA LYS A 466 -19.67 56.94 47.33
C LYS A 466 -19.46 56.25 48.68
N ARG A 467 -18.63 55.21 48.65
CA ARG A 467 -18.24 54.47 49.86
C ARG A 467 -16.74 54.19 49.87
N ASN A 468 -15.94 55.23 49.64
CA ASN A 468 -14.48 55.10 49.58
C ASN A 468 -13.83 55.21 50.95
N GLU A 469 -14.53 54.80 52.01
CA GLU A 469 -13.96 54.85 53.36
C GLU A 469 -12.67 54.06 53.43
N ALA A 470 -12.61 52.91 52.75
CA ALA A 470 -11.43 52.06 52.77
C ALA A 470 -10.20 52.74 52.19
N ASN A 471 -10.36 53.87 51.51
CA ASN A 471 -9.22 54.61 50.98
C ASN A 471 -8.45 55.34 52.08
N GLY A 472 -9.02 55.49 53.27
CA GLY A 472 -8.35 56.23 54.31
C GLY A 472 -8.18 57.72 54.03
N GLU A 473 -8.86 58.25 53.01
CA GLU A 473 -8.88 59.68 52.77
C GLU A 473 -10.16 60.32 53.31
N GLY A 474 -10.82 59.66 54.25
CA GLY A 474 -12.00 60.22 54.89
C GLY A 474 -13.17 60.48 53.96
N ASN A 475 -13.34 59.63 52.95
CA ASN A 475 -14.55 59.60 52.12
C ASN A 475 -14.86 60.93 51.44
N ARG A 476 -13.96 61.90 51.52
CA ARG A 476 -14.12 63.15 50.79
C ARG A 476 -13.61 63.07 49.37
N ASP A 477 -13.13 61.89 48.96
CA ASP A 477 -12.57 61.66 47.63
C ASP A 477 -13.54 60.84 46.78
N GLY A 478 -13.54 61.13 45.48
CA GLY A 478 -14.41 60.47 44.54
C GLY A 478 -15.45 61.43 43.98
N GLU A 479 -16.01 61.03 42.84
CA GLU A 479 -17.15 61.76 42.26
C GLU A 479 -18.26 61.89 43.29
N ASN A 480 -18.67 63.12 43.56
CA ASN A 480 -19.62 63.33 44.64
C ASN A 480 -21.01 62.89 44.25
N TYR A 481 -21.61 63.51 43.24
CA TYR A 481 -22.82 62.97 42.64
C TYR A 481 -22.45 62.27 41.34
N ASN A 482 -22.52 60.94 41.38
CA ASN A 482 -22.33 60.05 40.24
C ASN A 482 -23.58 59.93 39.37
N ARG A 483 -24.54 60.85 39.56
CA ARG A 483 -25.76 60.93 38.76
C ARG A 483 -26.48 59.57 38.69
N SER A 484 -26.46 58.84 39.81
CA SER A 484 -26.95 57.47 39.86
C SER A 484 -28.11 57.33 40.84
N TRP A 485 -28.66 56.10 40.90
CA TRP A 485 -29.80 55.77 41.75
C TRP A 485 -29.71 54.31 42.16
N ASN A 486 -30.00 54.05 43.43
CA ASN A 486 -29.75 52.77 44.09
C ASN A 486 -30.86 51.73 43.88
N CYS A 487 -31.97 52.10 43.24
CA CYS A 487 -33.01 51.15 42.82
C CYS A 487 -33.74 50.52 44.01
N GLY A 488 -33.98 51.32 45.06
CA GLY A 488 -34.88 50.88 46.11
C GLY A 488 -34.29 50.76 47.50
N GLU A 489 -33.07 50.21 47.60
CA GLU A 489 -32.38 50.10 48.88
C GLU A 489 -30.90 50.17 48.61
N GLU A 490 -30.22 51.15 49.21
CA GLU A 490 -28.82 51.38 48.90
C GLU A 490 -27.97 50.27 49.51
N GLY A 491 -27.24 49.55 48.66
CA GLY A 491 -26.46 48.42 49.07
C GLY A 491 -26.97 47.15 48.43
N GLU A 492 -26.61 46.01 49.00
CA GLU A 492 -27.14 44.72 48.53
C GLU A 492 -28.43 44.42 49.29
N THR A 493 -29.52 44.22 48.55
CA THR A 493 -30.82 43.94 49.13
C THR A 493 -31.22 42.50 48.81
N GLU A 494 -32.14 41.98 49.61
CA GLU A 494 -32.78 40.70 49.34
C GLU A 494 -34.02 40.83 48.47
N ASP A 495 -34.67 42.01 48.49
CA ASP A 495 -35.90 42.22 47.73
C ASP A 495 -35.70 41.89 46.27
N VAL A 496 -36.43 40.87 45.79
CA VAL A 496 -36.29 40.43 44.41
C VAL A 496 -36.77 41.51 43.45
N GLY A 497 -37.83 42.23 43.83
CA GLY A 497 -38.28 43.36 43.03
C GLY A 497 -37.18 44.36 42.78
N ILE A 498 -36.26 44.52 43.73
CA ILE A 498 -35.09 45.37 43.54
C ILE A 498 -34.00 44.63 42.75
N THR A 499 -33.74 43.37 43.10
CA THR A 499 -32.58 42.67 42.55
C THR A 499 -32.67 42.50 41.04
N GLU A 500 -33.91 42.39 40.52
CA GLU A 500 -34.09 42.30 39.07
C GLU A 500 -34.08 43.68 38.41
N LEU A 501 -34.55 44.70 39.13
CA LEU A 501 -34.51 46.08 38.60
C LEU A 501 -33.09 46.47 38.21
N ARG A 502 -32.11 46.11 39.05
CA ARG A 502 -30.71 46.47 38.79
C ARG A 502 -30.18 45.75 37.55
N ALA A 503 -30.18 44.42 37.58
CA ALA A 503 -29.62 43.62 36.49
C ALA A 503 -30.43 43.80 35.22
N ARG A 504 -31.53 44.55 35.30
CA ARG A 504 -32.28 44.98 34.14
C ARG A 504 -32.08 46.44 33.80
N GLN A 505 -31.76 47.29 34.79
CA GLN A 505 -31.19 48.60 34.49
C GLN A 505 -29.83 48.44 33.83
N MET A 506 -28.99 47.54 34.38
CA MET A 506 -27.68 47.28 33.78
C MET A 506 -27.81 46.83 32.32
N ARG A 507 -28.92 46.17 31.97
CA ARG A 507 -29.14 45.84 30.56
C ARG A 507 -29.50 47.07 29.75
N ASN A 508 -30.18 48.05 30.34
CA ASN A 508 -30.42 49.30 29.63
C ASN A 508 -29.10 50.01 29.35
N PHE A 509 -28.26 50.15 30.37
CA PHE A 509 -27.02 50.90 30.21
C PHE A 509 -26.11 50.26 29.16
N LEU A 510 -25.99 48.93 29.18
CA LEU A 510 -25.11 48.29 28.21
C LEU A 510 -25.67 48.40 26.79
N ALA A 511 -27.00 48.28 26.62
CA ALA A 511 -27.58 48.26 25.29
C ALA A 511 -27.60 49.64 24.65
N THR A 512 -27.96 50.68 25.41
CA THR A 512 -27.88 52.05 24.90
C THR A 512 -26.49 52.33 24.33
N LEU A 513 -25.47 52.02 25.12
CA LEU A 513 -24.08 52.20 24.71
C LEU A 513 -23.81 51.58 23.34
N MET A 514 -24.23 50.33 23.15
CA MET A 514 -23.84 49.58 21.96
C MET A 514 -24.60 49.99 20.72
N LEU A 515 -25.60 50.87 20.83
CA LEU A 515 -26.27 51.40 19.65
C LEU A 515 -25.91 52.86 19.36
N SER A 516 -25.32 53.56 20.32
CA SER A 516 -25.01 54.98 20.17
C SER A 516 -23.82 55.17 19.23
N GLN A 517 -23.97 56.09 18.28
CA GLN A 517 -22.98 56.32 17.25
C GLN A 517 -21.65 56.76 17.84
N GLY A 518 -20.61 56.73 17.02
CA GLY A 518 -19.27 56.99 17.49
C GLY A 518 -18.50 55.75 17.86
N VAL A 519 -17.78 55.81 18.98
CA VAL A 519 -16.86 54.74 19.38
C VAL A 519 -17.15 54.32 20.83
N PRO A 520 -17.60 53.10 21.08
CA PRO A 520 -18.00 52.70 22.44
C PRO A 520 -16.79 52.29 23.30
N MET A 521 -17.06 51.95 24.56
CA MET A 521 -16.01 51.49 25.47
C MET A 521 -16.62 50.92 26.74
N LEU A 522 -16.07 49.80 27.21
CA LEU A 522 -16.41 49.15 28.48
C LEU A 522 -15.19 49.09 29.39
N SER A 523 -15.42 48.84 30.69
CA SER A 523 -14.37 48.68 31.67
C SER A 523 -14.44 47.29 32.30
N HIS A 524 -13.28 46.77 32.74
CA HIS A 524 -13.14 45.34 33.02
C HIS A 524 -14.01 44.95 34.21
N GLY A 525 -15.08 44.21 33.94
CA GLY A 525 -15.93 43.68 35.00
C GLY A 525 -17.41 43.76 34.71
N ASP A 526 -17.80 44.63 33.78
CA ASP A 526 -19.22 44.90 33.59
C ASP A 526 -19.95 43.78 32.88
N GLU A 527 -19.23 42.92 32.14
CA GLU A 527 -19.89 41.79 31.51
C GLU A 527 -20.41 40.81 32.56
N PHE A 528 -19.73 40.72 33.70
CA PHE A 528 -20.19 39.92 34.83
C PHE A 528 -20.92 40.76 35.86
N GLY A 529 -20.67 42.06 35.89
CA GLY A 529 -21.24 42.94 36.89
C GLY A 529 -20.45 42.97 38.19
N ARG A 530 -19.19 43.40 38.12
CA ARG A 530 -18.31 43.41 39.27
C ARG A 530 -18.68 44.56 40.20
N THR A 531 -18.70 44.27 41.50
CA THR A 531 -19.01 45.23 42.54
C THR A 531 -17.73 45.59 43.27
N GLN A 532 -17.62 46.87 43.65
CA GLN A 532 -16.51 47.34 44.48
C GLN A 532 -16.95 47.65 45.90
N GLY A 533 -18.24 47.54 46.19
CA GLY A 533 -18.75 47.99 47.48
C GLY A 533 -18.99 49.47 47.54
N GLY A 534 -19.42 50.09 46.45
CA GLY A 534 -19.62 51.52 46.43
C GLY A 534 -18.36 52.35 46.45
N ASN A 535 -17.21 51.74 46.19
CA ASN A 535 -15.92 52.44 46.12
C ASN A 535 -15.73 52.95 44.70
N ASN A 536 -15.82 54.26 44.50
CA ASN A 536 -15.78 54.80 43.15
C ASN A 536 -14.44 55.42 42.77
N ASN A 537 -13.51 55.56 43.71
CA ASN A 537 -12.11 55.85 43.40
C ASN A 537 -11.28 54.83 44.15
N ALA A 538 -11.05 53.67 43.52
CA ALA A 538 -10.30 52.57 44.11
C ALA A 538 -8.85 52.53 43.66
N TYR A 539 -8.24 53.70 43.47
CA TYR A 539 -6.82 53.78 43.14
C TYR A 539 -5.92 53.10 44.17
N CYS A 540 -6.36 52.97 45.42
CA CYS A 540 -5.51 52.41 46.47
C CYS A 540 -5.93 51.03 46.91
N GLN A 541 -6.86 50.39 46.20
CA GLN A 541 -7.33 49.06 46.57
C GLN A 541 -6.67 48.04 45.66
N ASP A 542 -5.50 47.57 46.08
CA ASP A 542 -4.84 46.44 45.44
C ASP A 542 -5.17 45.14 46.19
N ASN A 543 -6.46 44.83 46.16
CA ASN A 543 -7.01 43.69 46.89
C ASN A 543 -8.34 43.33 46.24
N GLU A 544 -9.13 42.54 46.97
CA GLU A 544 -10.34 41.93 46.41
C GLU A 544 -11.35 42.95 45.89
N VAL A 545 -11.14 44.24 46.15
CA VAL A 545 -12.16 45.23 45.81
C VAL A 545 -12.32 45.36 44.31
N SER A 546 -11.21 45.30 43.55
CA SER A 546 -11.28 45.49 42.10
C SER A 546 -10.65 44.37 41.28
N TRP A 547 -10.35 43.21 41.87
CA TRP A 547 -10.11 42.05 41.02
C TRP A 547 -11.40 41.64 40.34
N VAL A 548 -11.28 41.07 39.14
CA VAL A 548 -12.43 40.55 38.43
C VAL A 548 -12.75 39.15 38.95
N ARG A 549 -13.99 38.94 39.36
CA ARG A 549 -14.44 37.63 39.79
C ARG A 549 -14.87 36.80 38.59
N TRP A 550 -14.30 35.60 38.47
CA TRP A 550 -14.79 35.04 37.22
C TRP A 550 -15.96 34.10 37.48
N PRO A 551 -17.02 34.18 36.67
CA PRO A 551 -18.24 33.41 36.96
C PRO A 551 -17.97 31.91 36.83
N LYS A 552 -18.62 31.11 37.68
CA LYS A 552 -18.10 29.76 37.81
C LYS A 552 -18.53 28.84 36.67
N GLU A 553 -19.68 28.17 36.82
CA GLU A 553 -20.44 27.61 35.71
C GLU A 553 -21.91 27.53 36.12
N ASN A 554 -22.12 27.36 37.43
CA ASN A 554 -23.43 27.28 38.05
C ASN A 554 -23.85 28.62 38.63
N SER A 555 -23.20 29.69 38.18
CA SER A 555 -23.52 31.06 38.60
C SER A 555 -24.56 31.59 37.62
N GLU A 556 -25.83 31.40 37.99
CA GLU A 556 -26.94 31.63 37.06
C GLU A 556 -26.94 33.05 36.52
N ALA A 557 -27.06 34.04 37.41
CA ALA A 557 -27.35 35.41 36.97
C ALA A 557 -26.18 36.02 36.22
N GLU A 558 -24.97 35.91 36.79
CA GLU A 558 -23.81 36.56 36.18
C GLU A 558 -23.54 36.05 34.78
N ALA A 559 -23.77 34.75 34.54
CA ALA A 559 -23.58 34.20 33.20
C ALA A 559 -24.58 34.76 32.20
N THR A 560 -25.73 35.24 32.68
CA THR A 560 -26.75 35.79 31.78
C THR A 560 -26.36 37.18 31.29
N LEU A 561 -25.87 38.04 32.21
CA LEU A 561 -25.35 39.33 31.79
C LEU A 561 -24.24 39.16 30.76
N LEU A 562 -23.36 38.18 30.98
CA LEU A 562 -22.30 37.92 30.01
C LEU A 562 -22.87 37.49 28.67
N ARG A 563 -23.92 36.65 28.67
CA ARG A 563 -24.49 36.25 27.39
C ARG A 563 -25.39 37.34 26.81
N PHE A 564 -25.83 38.30 27.63
CA PHE A 564 -26.46 39.50 27.10
C PHE A 564 -25.44 40.40 26.42
N THR A 565 -24.26 40.56 27.04
CA THR A 565 -23.26 41.47 26.51
C THR A 565 -22.59 40.91 25.26
N ARG A 566 -22.32 39.60 25.24
CA ARG A 566 -21.65 38.97 24.11
C ARG A 566 -22.48 38.99 22.83
N SER A 567 -23.76 39.38 22.90
CA SER A 567 -24.61 39.43 21.71
C SER A 567 -25.11 40.83 21.39
N MET A 568 -24.91 41.82 22.26
CA MET A 568 -25.09 43.20 21.85
C MET A 568 -23.95 43.67 20.95
N VAL A 569 -22.73 43.26 21.26
CA VAL A 569 -21.61 43.49 20.34
C VAL A 569 -21.87 42.78 19.01
N ARG A 570 -22.39 41.55 19.08
CA ARG A 570 -22.84 40.87 17.87
C ARG A 570 -23.78 41.76 17.06
N LEU A 571 -24.90 42.15 17.68
CA LEU A 571 -25.88 43.00 17.01
C LEU A 571 -25.26 44.25 16.40
N ARG A 572 -24.16 44.74 16.98
CA ARG A 572 -23.50 45.90 16.42
C ARG A 572 -22.47 45.52 15.36
N ARG A 573 -21.61 44.53 15.64
CA ARG A 573 -20.68 44.07 14.62
C ARG A 573 -21.39 43.50 13.40
N GLU A 574 -22.70 43.28 13.48
CA GLU A 574 -23.45 42.62 12.40
C GLU A 574 -24.39 43.55 11.65
N HIS A 575 -24.68 44.74 12.16
CA HIS A 575 -25.56 45.69 11.48
C HIS A 575 -24.91 47.07 11.39
N PRO A 576 -24.57 47.55 10.20
CA PRO A 576 -23.86 48.84 10.08
C PRO A 576 -24.61 50.04 10.64
N VAL A 577 -25.95 50.03 10.60
CA VAL A 577 -26.70 51.25 10.90
C VAL A 577 -26.36 51.84 12.25
N PHE A 578 -25.82 51.05 13.17
CA PHE A 578 -25.45 51.54 14.49
C PHE A 578 -24.02 52.06 14.57
N ARG A 579 -23.34 52.21 13.44
CA ARG A 579 -21.99 52.80 13.41
C ARG A 579 -21.73 53.32 12.00
N ARG A 580 -21.88 54.63 11.82
CA ARG A 580 -21.80 55.24 10.50
C ARG A 580 -20.40 55.82 10.30
N ARG A 581 -19.72 55.39 9.23
CA ARG A 581 -18.29 55.70 9.03
C ARG A 581 -17.98 57.14 9.34
N ARG A 582 -18.56 58.05 8.56
CA ARG A 582 -18.81 59.39 9.02
C ARG A 582 -20.07 59.32 9.86
N PHE A 583 -19.94 59.56 11.16
CA PHE A 583 -21.08 59.53 12.06
C PHE A 583 -22.05 60.64 11.65
N PHE A 584 -23.15 60.82 12.38
CA PHE A 584 -24.05 61.88 11.94
C PHE A 584 -23.30 63.19 12.16
N HIS A 585 -22.64 63.66 11.10
CA HIS A 585 -21.69 64.75 11.19
C HIS A 585 -22.01 65.84 10.18
N GLY A 586 -22.57 65.46 9.03
CA GLY A 586 -23.07 66.44 8.10
C GLY A 586 -24.56 66.62 8.22
N ARG A 587 -25.27 65.50 8.26
CA ARG A 587 -26.73 65.47 8.26
C ARG A 587 -27.30 66.04 9.54
N PRO A 588 -28.61 66.24 9.64
CA PRO A 588 -29.21 66.64 10.92
C PRO A 588 -29.59 65.44 11.77
N VAL A 589 -29.97 65.74 13.02
CA VAL A 589 -30.32 64.70 13.98
C VAL A 589 -31.75 64.27 13.72
N GLU A 590 -32.33 64.74 12.61
CA GLU A 590 -33.70 64.40 12.25
C GLU A 590 -33.81 63.82 10.86
N GLY A 591 -32.92 64.24 9.95
CA GLY A 591 -33.07 63.92 8.55
C GLY A 591 -34.25 64.64 7.92
N THR A 592 -34.26 64.74 6.59
CA THR A 592 -35.38 65.36 5.87
C THR A 592 -36.66 64.56 6.03
N HIS A 593 -37.65 65.09 6.76
CA HIS A 593 -38.74 64.25 7.27
C HIS A 593 -39.64 63.74 6.15
N ASP A 594 -39.13 62.80 5.38
CA ASP A 594 -39.83 62.31 4.19
C ASP A 594 -39.58 60.81 4.05
N GLU A 595 -39.81 60.29 2.84
CA GLU A 595 -39.76 58.84 2.62
C GLU A 595 -38.38 58.26 2.87
N LEU A 596 -37.32 59.03 2.65
CA LEU A 596 -35.95 58.49 2.69
C LEU A 596 -35.09 59.30 3.66
N THR A 597 -34.88 58.76 4.86
CA THR A 597 -33.93 59.34 5.79
C THR A 597 -33.26 58.25 6.60
N ASP A 598 -31.95 58.41 6.80
CA ASP A 598 -31.20 57.54 7.71
C ASP A 598 -31.86 57.45 9.08
N ILE A 599 -32.59 58.49 9.49
CA ILE A 599 -33.14 58.54 10.84
C ILE A 599 -34.48 59.26 10.81
N ALA A 600 -35.28 59.03 11.85
CA ALA A 600 -36.56 59.70 12.08
C ALA A 600 -37.01 59.43 13.51
N TRP A 601 -37.46 60.45 14.21
CA TRP A 601 -37.78 60.33 15.63
C TRP A 601 -39.30 60.43 15.83
N PHE A 602 -39.88 59.37 16.39
CA PHE A 602 -41.31 59.28 16.65
C PHE A 602 -41.58 59.32 18.15
N THR A 603 -42.87 59.27 18.51
CA THR A 603 -43.48 59.38 19.81
C THR A 603 -43.79 57.99 20.37
N PRO A 604 -43.83 57.84 21.70
CA PRO A 604 -44.58 56.69 22.26
C PRO A 604 -45.93 56.54 21.61
N GLU A 605 -46.67 57.65 21.49
CA GLU A 605 -47.98 57.69 20.88
C GLU A 605 -47.96 57.51 19.37
N GLY A 606 -46.79 57.63 18.74
CA GLY A 606 -46.58 57.18 17.38
C GLY A 606 -46.47 58.23 16.29
N GLU A 607 -46.21 59.49 16.62
CA GLU A 607 -46.12 60.53 15.61
C GLU A 607 -44.72 61.13 15.58
N GLU A 608 -44.39 61.72 14.44
CA GLU A 608 -43.13 62.42 14.26
C GLU A 608 -43.08 63.65 15.16
N MET A 609 -41.97 63.82 15.87
CA MET A 609 -41.85 64.95 16.79
C MET A 609 -41.64 66.26 16.02
N THR A 610 -42.30 67.31 16.48
CA THR A 610 -42.25 68.64 15.87
C THR A 610 -41.09 69.44 16.43
N SER A 611 -40.87 70.62 15.85
CA SER A 611 -39.70 71.44 16.22
C SER A 611 -39.84 71.99 17.64
N ARG A 612 -41.04 72.45 18.01
CA ARG A 612 -41.26 72.77 19.42
C ARG A 612 -41.20 71.51 20.27
N ASP A 613 -41.61 70.38 19.70
CA ASP A 613 -41.45 69.09 20.36
C ASP A 613 -40.00 68.63 20.43
N TRP A 614 -39.06 69.41 19.88
CA TRP A 614 -37.63 69.20 20.09
C TRP A 614 -37.10 69.99 21.27
N GLN A 615 -37.97 70.37 22.20
CA GLN A 615 -37.64 71.16 23.38
C GLN A 615 -38.29 70.56 24.61
N ALA A 616 -38.16 69.24 24.78
CA ALA A 616 -38.89 68.50 25.79
C ALA A 616 -38.03 68.30 27.04
N ALA A 617 -38.35 69.03 28.11
CA ALA A 617 -37.72 68.82 29.40
C ALA A 617 -38.00 67.41 29.89
N HIS A 618 -39.26 67.09 30.16
CA HIS A 618 -39.61 65.72 30.53
C HIS A 618 -39.51 64.79 29.32
N ALA A 619 -38.27 64.54 28.88
CA ALA A 619 -38.02 63.70 27.70
C ALA A 619 -37.77 62.27 28.15
N GLN A 620 -38.87 61.57 28.44
CA GLN A 620 -38.85 60.23 29.01
C GLN A 620 -39.02 59.12 27.98
N ALA A 621 -39.94 59.30 27.02
CA ALA A 621 -40.32 58.24 26.09
C ALA A 621 -39.98 58.64 24.66
N LEU A 622 -39.57 57.66 23.86
CA LEU A 622 -38.95 57.94 22.56
C LEU A 622 -39.06 56.72 21.65
N THR A 623 -38.96 56.98 20.34
CA THR A 623 -38.87 55.92 19.36
C THR A 623 -38.09 56.42 18.15
N VAL A 624 -36.86 55.95 17.99
CA VAL A 624 -35.97 56.33 16.90
C VAL A 624 -36.05 55.28 15.81
N PHE A 625 -36.44 55.70 14.60
CA PHE A 625 -36.40 54.85 13.42
C PHE A 625 -35.07 55.12 12.71
N LEU A 626 -34.37 54.06 12.34
CA LEU A 626 -33.21 54.14 11.47
C LEU A 626 -33.51 53.36 10.19
N ASN A 627 -33.39 54.03 9.04
CA ASN A 627 -33.62 53.38 7.75
C ASN A 627 -32.37 52.59 7.37
N GLY A 628 -32.51 51.28 7.21
CA GLY A 628 -31.44 50.41 6.82
C GLY A 628 -31.08 50.44 5.35
N ASN A 629 -31.76 51.25 4.56
CA ASN A 629 -31.43 51.43 3.15
C ASN A 629 -30.85 52.81 2.85
N ALA A 630 -30.89 53.73 3.81
CA ALA A 630 -30.46 55.11 3.60
C ALA A 630 -29.02 55.36 4.05
N ILE A 631 -28.17 54.33 4.00
CA ILE A 631 -26.79 54.48 4.44
C ILE A 631 -26.00 55.02 3.25
N SER A 632 -25.80 56.33 3.24
CA SER A 632 -25.03 57.00 2.18
C SER A 632 -23.58 57.17 2.63
N GLU A 633 -22.87 56.05 2.64
CA GLU A 633 -21.45 56.00 2.94
C GLU A 633 -20.90 54.85 2.11
N PRO A 634 -19.72 55.00 1.53
CA PRO A 634 -19.21 53.98 0.60
C PRO A 634 -18.57 52.84 1.37
N GLY A 635 -18.36 51.74 0.66
CA GLY A 635 -17.70 50.58 1.22
C GLY A 635 -16.19 50.71 1.21
N THR A 636 -15.54 49.62 1.61
CA THR A 636 -14.09 49.55 1.45
C THR A 636 -13.72 49.61 -0.03
N GLN A 637 -14.62 49.17 -0.90
CA GLN A 637 -14.38 49.15 -2.34
C GLN A 637 -15.40 49.95 -3.13
N GLY A 638 -16.30 50.67 -2.47
CA GLY A 638 -17.30 51.45 -3.16
C GLY A 638 -18.69 50.84 -3.22
N GLU A 639 -18.98 49.85 -2.39
CA GLU A 639 -20.31 49.25 -2.33
C GLU A 639 -21.27 50.16 -1.58
N ARG A 640 -22.54 50.12 -1.98
CA ARG A 640 -23.58 50.68 -1.13
C ARG A 640 -23.76 49.73 0.05
N ILE A 641 -23.56 50.24 1.27
CA ILE A 641 -23.75 49.42 2.46
C ILE A 641 -25.22 49.51 2.87
N ALA A 642 -25.92 48.39 2.77
CA ALA A 642 -27.36 48.33 3.00
C ALA A 642 -27.67 47.29 4.06
N ASP A 643 -28.78 47.50 4.77
CA ASP A 643 -29.03 46.83 6.03
C ASP A 643 -30.54 46.64 6.19
N ASP A 644 -30.89 45.82 7.18
CA ASP A 644 -32.25 45.81 7.69
C ASP A 644 -32.54 47.13 8.41
N SER A 645 -33.81 47.48 8.48
CA SER A 645 -34.23 48.66 9.22
C SER A 645 -34.47 48.30 10.68
N PHE A 646 -34.18 49.24 11.57
CA PHE A 646 -34.32 49.01 12.99
C PHE A 646 -35.27 50.04 13.61
N LEU A 647 -35.75 49.72 14.81
CA LEU A 647 -36.76 50.52 15.49
C LEU A 647 -36.45 50.54 16.99
N LEU A 648 -35.83 51.63 17.47
CA LEU A 648 -35.49 51.76 18.88
C LEU A 648 -36.66 52.39 19.62
N MET A 649 -37.08 51.76 20.72
CA MET A 649 -38.14 52.29 21.57
C MET A 649 -37.63 52.42 23.00
N PHE A 650 -37.64 53.65 23.52
CA PHE A 650 -37.15 53.96 24.86
C PHE A 650 -38.29 54.39 25.77
N ASN A 651 -38.15 54.06 27.05
CA ASN A 651 -39.10 54.52 28.06
C ASN A 651 -38.31 54.71 29.36
N ALA A 652 -37.85 55.95 29.57
CA ALA A 652 -37.21 56.32 30.83
C ALA A 652 -38.23 56.69 31.90
N SER A 653 -39.50 56.33 31.70
CA SER A 653 -40.59 56.71 32.60
C SER A 653 -40.61 55.77 33.80
N ALA A 654 -41.66 55.89 34.63
CA ALA A 654 -41.79 55.10 35.84
C ALA A 654 -43.11 54.33 35.92
N LYS A 655 -44.02 54.52 34.97
CA LYS A 655 -45.20 53.69 34.82
C LYS A 655 -45.12 52.97 33.48
N GLU A 656 -46.06 52.07 33.23
CA GLU A 656 -46.17 51.50 31.90
C GLU A 656 -46.59 52.57 30.91
N LEU A 657 -45.93 52.59 29.75
CA LEU A 657 -46.37 53.41 28.63
C LEU A 657 -46.57 52.52 27.42
N GLU A 658 -47.71 52.70 26.76
CA GLU A 658 -48.04 51.91 25.58
C GLU A 658 -47.46 52.61 24.35
N PHE A 659 -46.58 51.90 23.64
CA PHE A 659 -46.02 52.39 22.40
C PHE A 659 -46.75 51.79 21.21
N VAL A 660 -46.70 52.50 20.08
CA VAL A 660 -47.27 52.03 18.83
C VAL A 660 -46.16 51.99 17.79
N VAL A 661 -46.13 50.90 17.03
CA VAL A 661 -45.11 50.68 16.00
C VAL A 661 -45.42 51.61 14.83
N PRO A 662 -44.59 52.63 14.57
CA PRO A 662 -44.96 53.65 13.58
C PRO A 662 -45.18 53.08 12.18
N ASP A 663 -44.20 52.34 11.68
CA ASP A 663 -44.26 51.69 10.36
C ASP A 663 -45.54 50.89 10.14
N GLY A 666 -48.12 49.02 7.52
CA GLY A 666 -48.39 48.02 6.51
C GLY A 666 -47.56 46.75 6.64
N ARG A 667 -46.26 46.92 6.92
CA ARG A 667 -45.31 45.82 6.94
C ARG A 667 -45.24 45.20 8.34
N TYR A 668 -44.21 44.37 8.58
CA TYR A 668 -44.09 43.54 9.78
C TYR A 668 -42.76 43.83 10.47
N TRP A 669 -42.73 43.68 11.80
CA TRP A 669 -41.49 43.84 12.56
C TRP A 669 -41.25 42.64 13.47
N ARG A 670 -39.98 42.26 13.60
CA ARG A 670 -39.53 41.14 14.43
C ARG A 670 -38.66 41.67 15.57
N MET A 671 -39.23 41.71 16.76
CA MET A 671 -38.57 42.24 17.95
C MET A 671 -37.29 41.48 18.25
N VAL A 672 -36.16 42.19 18.31
CA VAL A 672 -34.87 41.55 18.50
C VAL A 672 -34.21 41.88 19.84
N VAL A 673 -34.58 42.98 20.49
CA VAL A 673 -34.05 43.30 21.82
C VAL A 673 -35.16 43.84 22.70
N ASP A 674 -35.32 43.23 23.87
CA ASP A 674 -36.16 43.74 24.95
C ASP A 674 -35.37 43.67 26.25
N THR A 675 -35.44 44.73 27.04
CA THR A 675 -34.64 44.80 28.25
C THR A 675 -35.36 44.22 29.47
N SER A 676 -36.68 44.37 29.54
CA SER A 676 -37.46 43.88 30.68
C SER A 676 -37.43 42.36 30.80
N ASP A 677 -37.12 41.65 29.71
CA ASP A 677 -37.01 40.20 29.74
C ASP A 677 -35.93 39.79 30.74
N PRO A 678 -36.23 38.86 31.67
CA PRO A 678 -35.22 38.47 32.68
C PRO A 678 -34.25 37.40 32.19
N GLU A 679 -34.60 36.69 31.12
CA GLU A 679 -33.66 35.73 30.53
C GLU A 679 -32.58 36.43 29.70
N GLY A 680 -32.81 37.68 29.30
CA GLY A 680 -31.91 38.39 28.42
C GLY A 680 -32.29 38.19 26.96
N MET A 681 -32.72 39.26 26.29
CA MET A 681 -33.32 39.14 24.96
C MET A 681 -32.33 39.03 23.80
N PRO A 682 -31.24 39.79 23.76
CA PRO A 682 -30.30 39.66 22.63
C PRO A 682 -29.85 38.23 22.41
N PRO A 683 -29.63 37.42 23.48
CA PRO A 683 -29.60 35.98 23.28
C PRO A 683 -30.95 35.29 23.53
N GLN A 684 -32.00 35.67 22.78
CA GLN A 684 -33.31 35.02 22.85
C GLN A 684 -34.02 35.20 21.51
N GLN A 685 -35.28 34.77 21.45
CA GLN A 685 -36.11 34.91 20.26
C GLN A 685 -37.00 36.15 20.42
N GLY A 686 -37.94 36.35 19.49
CA GLY A 686 -38.80 37.50 19.54
C GLY A 686 -40.12 37.33 18.83
N PRO A 687 -41.21 37.83 19.43
CA PRO A 687 -42.51 37.84 18.74
C PRO A 687 -42.52 38.76 17.53
N GLU A 688 -43.67 38.85 16.85
CA GLU A 688 -43.86 39.72 15.70
C GLU A 688 -44.82 40.83 16.08
N LEU A 689 -44.39 42.08 15.93
CA LEU A 689 -45.27 43.21 16.11
C LEU A 689 -45.90 43.57 14.76
N ALA A 690 -47.08 44.19 14.81
CA ALA A 690 -47.92 44.24 13.62
C ALA A 690 -47.45 45.24 12.58
N GLY A 691 -47.19 46.49 12.98
CA GLY A 691 -47.07 47.53 11.98
C GLY A 691 -48.09 48.64 12.15
N GLY A 692 -48.37 48.98 13.40
CA GLY A 692 -49.40 49.94 13.74
C GLY A 692 -50.07 49.56 15.05
N GLU A 693 -49.85 48.34 15.51
CA GLU A 693 -50.48 47.86 16.74
C GLU A 693 -49.78 48.44 17.96
N ARG A 694 -50.50 48.49 19.07
CA ARG A 694 -49.95 49.00 20.32
C ARG A 694 -49.10 47.92 20.99
N VAL A 695 -48.20 48.37 21.86
CA VAL A 695 -47.37 47.50 22.69
C VAL A 695 -47.34 48.09 24.10
N THR A 696 -47.46 47.24 25.11
CA THR A 696 -47.30 47.67 26.49
C THR A 696 -45.83 47.55 26.88
N LEU A 697 -45.31 48.60 27.49
CA LEU A 697 -43.88 48.68 27.77
C LEU A 697 -43.68 49.05 29.24
N ALA A 698 -43.12 48.10 30.00
CA ALA A 698 -42.86 48.27 31.42
C ALA A 698 -41.96 49.48 31.65
N PRO A 699 -41.98 50.05 32.85
CA PRO A 699 -41.16 51.25 33.09
C PRO A 699 -39.67 50.94 33.11
N LEU A 700 -38.90 51.90 32.60
CA LEU A 700 -37.44 51.79 32.48
C LEU A 700 -37.06 50.56 31.65
N SER A 701 -37.48 50.57 30.38
CA SER A 701 -37.26 49.41 29.53
C SER A 701 -37.09 49.87 28.08
N LEU A 702 -36.47 49.00 27.29
CA LEU A 702 -36.09 49.30 25.91
C LEU A 702 -36.58 48.19 24.99
N THR A 703 -36.79 48.54 23.71
CA THR A 703 -37.21 47.57 22.72
C THR A 703 -36.67 47.97 21.36
N VAL A 704 -35.97 47.04 20.70
CA VAL A 704 -35.48 47.21 19.34
C VAL A 704 -36.20 46.21 18.44
N LEU A 705 -36.67 46.67 17.28
CA LEU A 705 -37.30 45.82 16.30
C LEU A 705 -36.50 45.87 15.00
N ARG A 706 -36.60 44.78 14.23
CA ARG A 706 -35.76 44.58 13.06
C ARG A 706 -36.64 44.22 11.87
N ARG A 707 -36.22 44.68 10.68
CA ARG A 707 -36.93 44.33 9.46
C ARG A 707 -36.08 44.68 8.23
N PRO A 708 -36.00 43.79 7.23
CA PRO A 708 -35.29 44.10 5.99
C PRO A 708 -36.11 44.99 5.06
N MET B 4 5.38 -19.71 -34.71
CA MET B 4 4.37 -20.05 -35.71
C MET B 4 4.94 -19.89 -37.10
N GLN B 5 4.13 -19.26 -37.96
CA GLN B 5 4.55 -18.77 -39.26
C GLN B 5 3.44 -17.87 -39.80
N VAL B 6 3.78 -16.67 -40.25
CA VAL B 6 2.80 -15.62 -40.48
C VAL B 6 3.01 -15.02 -41.86
N TRP B 7 1.94 -14.92 -42.63
CA TRP B 7 1.91 -14.34 -43.96
C TRP B 7 1.13 -13.04 -43.98
N PRO B 8 1.37 -12.16 -44.97
CA PRO B 8 0.65 -10.87 -45.03
C PRO B 8 -0.88 -10.96 -44.99
N GLY B 9 -1.50 -11.65 -45.94
CA GLY B 9 -2.95 -11.79 -45.95
C GLY B 9 -3.65 -10.83 -46.90
N GLN B 10 -4.95 -10.70 -46.69
CA GLN B 10 -5.80 -9.80 -47.50
C GLN B 10 -6.91 -9.24 -46.62
N ALA B 11 -7.21 -7.95 -46.82
CA ALA B 11 -8.19 -7.27 -45.98
C ALA B 11 -9.63 -7.68 -46.29
N TYR B 12 -9.89 -8.25 -47.47
CA TYR B 12 -11.20 -8.78 -47.80
C TYR B 12 -11.16 -10.30 -47.82
N PRO B 13 -12.10 -10.97 -47.14
CA PRO B 13 -13.12 -10.31 -46.33
C PRO B 13 -12.91 -10.48 -44.81
N LEU B 14 -13.56 -9.61 -44.04
CA LEU B 14 -13.51 -9.70 -42.59
C LEU B 14 -14.09 -11.04 -42.12
N GLY B 15 -13.36 -11.73 -41.25
CA GLY B 15 -13.79 -13.01 -40.73
C GLY B 15 -12.77 -14.10 -41.04
N ALA B 16 -13.06 -15.28 -40.49
CA ALA B 16 -12.22 -16.47 -40.67
C ALA B 16 -12.49 -17.06 -42.04
N THR B 17 -11.70 -16.65 -43.03
CA THR B 17 -11.86 -17.08 -44.41
C THR B 17 -10.76 -18.09 -44.72
N TYR B 18 -11.12 -19.37 -44.69
CA TYR B 18 -10.15 -20.46 -44.82
C TYR B 18 -9.77 -20.62 -46.28
N ASP B 19 -8.49 -20.40 -46.58
CA ASP B 19 -7.98 -20.33 -47.95
C ASP B 19 -7.37 -21.66 -48.39
N GLY B 20 -8.16 -22.72 -48.26
CA GLY B 20 -7.74 -24.01 -48.80
C GLY B 20 -6.61 -24.68 -48.04
N ALA B 21 -5.51 -23.97 -47.85
CA ALA B 21 -4.37 -24.46 -47.08
C ALA B 21 -4.16 -23.73 -45.76
N GLY B 22 -4.55 -22.46 -45.67
CA GLY B 22 -4.46 -21.73 -44.42
C GLY B 22 -5.68 -20.85 -44.18
N THR B 23 -5.62 -20.00 -43.17
CA THR B 23 -6.69 -19.06 -42.87
C THR B 23 -6.21 -17.63 -43.06
N ASN B 24 -7.13 -16.78 -43.49
CA ASN B 24 -6.96 -15.34 -43.52
C ASN B 24 -7.80 -14.73 -42.41
N PHE B 25 -7.18 -13.90 -41.57
CA PHE B 25 -7.88 -13.22 -40.50
C PHE B 25 -7.85 -11.72 -40.74
N ALA B 26 -9.00 -11.07 -40.56
CA ALA B 26 -9.12 -9.64 -40.78
C ALA B 26 -10.18 -9.07 -39.86
N VAL B 27 -9.85 -7.94 -39.22
CA VAL B 27 -10.76 -7.28 -38.29
C VAL B 27 -10.45 -5.78 -38.35
N PHE B 28 -11.49 -4.96 -38.31
CA PHE B 28 -11.33 -3.52 -38.48
C PHE B 28 -11.44 -2.79 -37.16
N SER B 29 -10.59 -1.78 -36.95
CA SER B 29 -10.68 -0.92 -35.78
C SER B 29 -10.02 0.41 -36.12
N GLU B 30 -10.83 1.45 -36.32
CA GLU B 30 -10.31 2.78 -36.59
C GLU B 30 -9.85 3.51 -35.32
N ALA B 31 -9.94 2.85 -34.17
CA ALA B 31 -9.49 3.42 -32.89
C ALA B 31 -8.77 2.37 -32.07
N ALA B 32 -7.90 1.58 -32.70
CA ALA B 32 -7.04 0.63 -32.01
C ALA B 32 -5.60 1.15 -32.05
N HIS B 33 -4.73 0.45 -31.32
CA HIS B 33 -3.31 0.79 -31.33
C HIS B 33 -2.42 -0.35 -31.81
N ARG B 34 -2.64 -1.56 -31.31
CA ARG B 34 -2.01 -2.76 -31.86
C ARG B 34 -2.95 -3.91 -31.60
N ILE B 35 -3.03 -4.85 -32.55
CA ILE B 35 -4.06 -5.89 -32.54
C ILE B 35 -3.39 -7.26 -32.53
N GLU B 36 -3.89 -8.14 -31.68
CA GLU B 36 -3.37 -9.50 -31.50
C GLU B 36 -4.45 -10.52 -31.80
N LEU B 37 -4.18 -11.41 -32.75
CA LEU B 37 -5.01 -12.59 -32.97
C LEU B 37 -4.53 -13.70 -32.04
N CYS B 38 -5.47 -14.34 -31.35
CA CYS B 38 -5.16 -15.34 -30.33
C CYS B 38 -5.72 -16.69 -30.73
N LEU B 39 -4.83 -17.65 -30.94
CA LEU B 39 -5.21 -19.02 -31.29
C LEU B 39 -5.23 -19.85 -30.01
N LEU B 40 -6.44 -20.12 -29.52
CA LEU B 40 -6.61 -20.95 -28.34
C LEU B 40 -6.46 -22.42 -28.69
N HIS B 41 -5.56 -23.10 -27.99
CA HIS B 41 -5.41 -24.54 -28.15
C HIS B 41 -6.48 -25.24 -27.32
N ASP B 42 -6.38 -26.55 -27.16
CA ASP B 42 -7.41 -27.28 -26.43
C ASP B 42 -7.36 -27.01 -24.94
N ASP B 43 -6.17 -26.78 -24.39
CA ASP B 43 -6.02 -26.57 -22.95
C ASP B 43 -6.25 -25.12 -22.53
N GLY B 44 -6.70 -24.26 -23.44
CA GLY B 44 -6.82 -22.86 -23.13
C GLY B 44 -5.47 -22.18 -23.01
N SER B 45 -4.68 -22.22 -24.09
CA SER B 45 -3.41 -21.50 -24.16
C SER B 45 -3.37 -20.66 -25.43
N GLU B 46 -2.91 -19.42 -25.28
CA GLU B 46 -2.90 -18.45 -26.37
C GLU B 46 -1.63 -18.55 -27.19
N THR B 47 -1.75 -18.25 -28.48
CA THR B 47 -0.61 -18.17 -29.39
C THR B 47 -0.73 -16.83 -30.12
N ALA B 48 -0.20 -15.78 -29.51
CA ALA B 48 -0.43 -14.42 -30.00
C ALA B 48 0.29 -14.19 -31.31
N VAL B 49 -0.48 -13.89 -32.36
CA VAL B 49 0.06 -13.51 -33.65
C VAL B 49 -0.25 -12.02 -33.83
N GLU B 50 0.76 -11.17 -33.62
CA GLU B 50 0.57 -9.74 -33.78
C GLU B 50 0.10 -9.44 -35.19
N LEU B 51 -1.13 -8.97 -35.34
CA LEU B 51 -1.62 -8.53 -36.64
C LEU B 51 -1.03 -7.16 -36.92
N ARG B 52 -0.19 -7.07 -37.96
CA ARG B 52 0.56 -5.85 -38.23
C ARG B 52 0.14 -5.18 -39.52
N GLU B 53 -0.07 -5.93 -40.61
CA GLU B 53 -0.42 -5.31 -41.88
C GLU B 53 -1.84 -4.73 -41.82
N THR B 54 -1.97 -3.46 -42.23
CA THR B 54 -3.19 -2.68 -42.01
C THR B 54 -3.67 -2.04 -43.30
N ASP B 55 -4.97 -2.17 -43.58
CA ASP B 55 -5.62 -1.49 -44.69
C ASP B 55 -7.03 -1.13 -44.27
N ALA B 56 -7.47 0.09 -44.59
CA ALA B 56 -8.79 0.58 -44.18
C ALA B 56 -8.97 0.51 -42.67
N PHE B 57 -7.85 0.47 -41.92
CA PHE B 57 -7.79 0.11 -40.52
C PHE B 57 -8.23 -1.32 -40.27
N VAL B 58 -8.40 -2.11 -41.33
CA VAL B 58 -8.55 -3.55 -41.23
C VAL B 58 -7.16 -4.15 -41.11
N ARG B 59 -6.66 -4.28 -39.88
CA ARG B 59 -5.44 -5.05 -39.69
C ARG B 59 -5.72 -6.50 -40.06
N HIS B 60 -4.81 -7.11 -40.82
CA HIS B 60 -5.03 -8.49 -41.25
C HIS B 60 -3.71 -9.20 -41.48
N ALA B 61 -3.67 -10.48 -41.14
CA ALA B 61 -2.52 -11.33 -41.41
C ALA B 61 -2.97 -12.76 -41.68
N TYR B 62 -2.41 -13.36 -42.72
CA TYR B 62 -2.73 -14.73 -43.12
C TYR B 62 -1.87 -15.72 -42.35
N LEU B 63 -2.49 -16.75 -41.79
CA LEU B 63 -1.76 -17.79 -41.07
C LEU B 63 -1.83 -19.10 -41.85
N PRO B 64 -0.70 -19.65 -42.27
CA PRO B 64 -0.72 -20.89 -43.04
C PRO B 64 -0.91 -22.11 -42.16
N GLY B 65 -1.73 -23.05 -42.64
CA GLY B 65 -1.99 -24.27 -41.93
C GLY B 65 -3.02 -24.16 -40.83
N VAL B 66 -3.62 -22.99 -40.62
CA VAL B 66 -4.70 -22.83 -39.66
C VAL B 66 -5.98 -23.34 -40.32
N MET B 67 -6.53 -24.42 -39.78
CA MET B 67 -7.62 -25.16 -40.39
C MET B 67 -8.92 -24.93 -39.64
N PRO B 68 -10.07 -25.24 -40.26
CA PRO B 68 -11.35 -25.12 -39.57
C PRO B 68 -11.36 -25.92 -38.27
N GLY B 69 -11.99 -25.34 -37.25
CA GLY B 69 -12.03 -25.93 -35.94
C GLY B 69 -11.12 -25.24 -34.94
N GLN B 70 -10.09 -24.53 -35.40
CA GLN B 70 -9.26 -23.73 -34.52
C GLN B 70 -10.08 -22.55 -34.00
N ARG B 71 -10.07 -22.35 -32.69
CA ARG B 71 -10.69 -21.16 -32.15
C ARG B 71 -9.74 -19.97 -32.29
N TYR B 72 -10.34 -18.80 -32.50
CA TYR B 72 -9.56 -17.57 -32.53
C TYR B 72 -10.22 -16.55 -31.62
N GLY B 73 -9.55 -15.41 -31.52
CA GLY B 73 -10.04 -14.29 -30.76
C GLY B 73 -9.16 -13.12 -31.07
N PHE B 74 -9.56 -11.94 -30.60
CA PHE B 74 -8.74 -10.76 -30.78
C PHE B 74 -8.42 -10.14 -29.43
N ARG B 75 -7.27 -9.48 -29.38
CA ARG B 75 -6.92 -8.60 -28.27
C ARG B 75 -6.55 -7.25 -28.83
N VAL B 76 -7.15 -6.20 -28.26
CA VAL B 76 -7.06 -4.85 -28.78
C VAL B 76 -6.64 -3.94 -27.64
N HIS B 77 -5.60 -3.15 -27.87
CA HIS B 77 -5.07 -2.23 -26.86
C HIS B 77 -5.34 -0.81 -27.36
N GLY B 78 -6.51 -0.26 -27.01
CA GLY B 78 -6.80 1.10 -27.33
C GLY B 78 -6.89 1.92 -26.06
N PRO B 79 -7.10 3.22 -26.18
CA PRO B 79 -7.31 4.04 -24.98
C PRO B 79 -8.59 3.62 -24.28
N TYR B 80 -8.47 3.28 -22.99
CA TYR B 80 -9.65 3.17 -22.15
C TYR B 80 -10.08 4.58 -21.76
N ALA B 81 -11.28 4.97 -22.17
CA ALA B 81 -11.66 6.37 -22.06
C ALA B 81 -13.17 6.54 -22.15
N PRO B 82 -13.91 6.27 -21.07
CA PRO B 82 -15.38 6.38 -21.14
C PRO B 82 -15.89 7.81 -21.29
N GLU B 83 -15.04 8.82 -21.10
CA GLU B 83 -15.43 10.20 -21.38
C GLU B 83 -15.38 10.53 -22.86
N ARG B 84 -14.69 9.69 -23.63
CA ARG B 84 -14.70 9.73 -25.09
C ARG B 84 -15.53 8.61 -25.70
N GLY B 85 -16.03 7.68 -24.90
CA GLY B 85 -16.68 6.50 -25.43
C GLY B 85 -15.72 5.46 -25.95
N LEU B 86 -14.52 5.40 -25.39
CA LEU B 86 -13.42 4.55 -25.88
C LEU B 86 -13.15 3.46 -24.86
N ARG B 87 -13.85 2.34 -25.00
CA ARG B 87 -13.83 1.30 -23.99
C ARG B 87 -12.96 0.11 -24.40
N CYS B 88 -11.84 0.39 -25.07
CA CYS B 88 -10.93 -0.65 -25.51
C CYS B 88 -10.12 -1.18 -24.33
N ASN B 89 -10.04 -2.51 -24.22
CA ASN B 89 -9.25 -3.18 -23.21
C ASN B 89 -8.65 -4.45 -23.81
N ALA B 90 -7.48 -4.84 -23.29
CA ALA B 90 -6.76 -5.99 -23.81
C ALA B 90 -7.16 -7.31 -23.16
N ALA B 91 -7.65 -7.26 -21.92
CA ALA B 91 -7.81 -8.49 -21.13
C ALA B 91 -9.04 -9.30 -21.51
N LYS B 92 -9.99 -8.72 -22.22
CA LYS B 92 -11.17 -9.45 -22.65
C LYS B 92 -10.94 -10.01 -24.05
N LEU B 93 -11.32 -11.27 -24.25
CA LEU B 93 -11.08 -11.94 -25.53
C LEU B 93 -12.16 -11.54 -26.51
N LEU B 94 -11.83 -10.67 -27.45
CA LEU B 94 -12.81 -10.09 -28.36
C LEU B 94 -13.27 -11.12 -29.40
N LEU B 95 -14.57 -11.16 -29.65
CA LEU B 95 -15.11 -12.02 -30.70
C LEU B 95 -15.15 -11.30 -32.03
N ASP B 96 -14.61 -11.96 -33.04
CA ASP B 96 -14.66 -11.55 -34.44
C ASP B 96 -16.12 -11.38 -34.79
N PRO B 97 -16.59 -10.15 -35.00
CA PRO B 97 -18.02 -9.93 -35.29
C PRO B 97 -18.50 -10.74 -36.47
N TYR B 98 -17.63 -11.03 -37.43
CA TYR B 98 -17.96 -11.79 -38.63
C TYR B 98 -17.79 -13.29 -38.46
N ALA B 99 -17.59 -13.76 -37.24
CA ALA B 99 -17.27 -15.16 -37.00
C ALA B 99 -18.25 -16.07 -37.69
N ARG B 100 -17.74 -17.14 -38.29
CA ARG B 100 -18.56 -18.01 -39.11
C ARG B 100 -19.28 -19.09 -38.30
N ALA B 101 -18.84 -19.34 -37.06
CA ALA B 101 -19.49 -20.22 -36.10
C ALA B 101 -18.84 -20.03 -34.74
N VAL B 102 -19.64 -20.12 -33.68
CA VAL B 102 -19.19 -19.76 -32.35
C VAL B 102 -19.40 -20.94 -31.40
N SER B 103 -18.57 -21.00 -30.36
CA SER B 103 -18.63 -22.06 -29.36
C SER B 103 -18.93 -21.49 -27.97
N GLY B 104 -19.41 -22.36 -27.09
CA GLY B 104 -19.53 -22.06 -25.69
C GLY B 104 -20.74 -21.20 -25.32
N ARG B 105 -20.99 -21.12 -24.02
CA ARG B 105 -21.90 -20.17 -23.43
C ARG B 105 -21.11 -19.21 -22.54
N VAL B 106 -21.73 -18.10 -22.17
CA VAL B 106 -21.07 -17.12 -21.31
C VAL B 106 -21.18 -17.63 -19.87
N ARG B 107 -20.09 -18.20 -19.36
CA ARG B 107 -20.04 -18.60 -17.96
C ARG B 107 -19.93 -17.32 -17.13
N TRP B 108 -21.05 -16.91 -16.55
CA TRP B 108 -21.16 -15.55 -16.04
C TRP B 108 -20.35 -15.34 -14.78
N GLY B 109 -19.66 -14.20 -14.73
CA GLY B 109 -18.80 -13.89 -13.61
C GLY B 109 -18.19 -12.52 -13.77
N GLU B 110 -17.20 -12.24 -12.92
CA GLU B 110 -16.65 -10.89 -12.82
C GLU B 110 -15.85 -10.50 -14.06
N ALA B 111 -15.27 -11.47 -14.78
CA ALA B 111 -14.23 -11.15 -15.74
C ALA B 111 -14.77 -10.63 -17.07
N VAL B 112 -15.86 -11.21 -17.57
CA VAL B 112 -16.39 -10.92 -18.90
C VAL B 112 -16.70 -9.44 -19.08
N TYR B 113 -16.74 -8.69 -17.96
CA TYR B 113 -17.47 -7.42 -17.91
C TYR B 113 -16.65 -6.20 -18.28
N GLY B 114 -15.32 -6.27 -18.21
CA GLY B 114 -14.52 -5.16 -18.72
C GLY B 114 -14.57 -3.90 -17.92
N TYR B 115 -15.18 -3.92 -16.75
CA TYR B 115 -15.12 -2.83 -15.79
C TYR B 115 -15.22 -3.45 -14.41
N PRO B 116 -14.62 -2.82 -13.39
CA PRO B 116 -14.71 -3.39 -12.04
C PRO B 116 -16.08 -3.08 -11.44
N PHE B 117 -16.73 -4.13 -10.91
CA PHE B 117 -18.12 -4.02 -10.45
C PHE B 117 -18.36 -2.83 -9.53
N GLY B 118 -17.32 -2.31 -8.87
CA GLY B 118 -17.51 -1.19 -7.98
C GLY B 118 -17.71 0.13 -8.71
N ARG B 119 -16.84 0.43 -9.67
CA ARG B 119 -16.81 1.73 -10.35
C ARG B 119 -16.94 1.49 -11.84
N PRO B 120 -17.90 2.13 -12.52
CA PRO B 120 -18.03 1.87 -13.97
C PRO B 120 -16.93 2.53 -14.78
N ASP B 121 -16.57 3.77 -14.43
CA ASP B 121 -15.58 4.53 -15.20
C ASP B 121 -14.17 3.99 -15.04
N ALA B 122 -13.95 3.07 -14.11
CA ALA B 122 -12.66 2.42 -13.96
C ALA B 122 -12.49 1.38 -15.06
N ARG B 123 -11.33 0.72 -15.05
CA ARG B 123 -10.98 -0.29 -16.04
C ARG B 123 -10.70 -1.61 -15.36
N ASN B 124 -11.28 -2.69 -15.90
CA ASN B 124 -11.11 -4.02 -15.34
C ASN B 124 -9.97 -4.73 -16.05
N ASP B 125 -9.22 -5.54 -15.30
CA ASP B 125 -8.06 -6.23 -15.84
C ASP B 125 -8.10 -7.72 -15.53
N LEU B 126 -9.30 -8.30 -15.50
CA LEU B 126 -9.47 -9.74 -15.36
C LEU B 126 -9.56 -10.38 -16.74
N ASP B 127 -9.17 -11.65 -16.82
CA ASP B 127 -9.16 -12.36 -18.10
C ASP B 127 -10.53 -13.01 -18.32
N SER B 128 -11.22 -12.53 -19.34
CA SER B 128 -12.55 -13.03 -19.69
C SER B 128 -12.52 -14.27 -20.57
N ALA B 129 -11.35 -14.62 -21.10
CA ALA B 129 -11.26 -15.65 -22.13
C ALA B 129 -11.89 -16.99 -21.73
N PRO B 130 -11.58 -17.58 -20.58
CA PRO B 130 -12.16 -18.91 -20.29
C PRO B 130 -13.58 -18.85 -19.74
N ASP B 131 -14.27 -17.72 -19.91
CA ASP B 131 -15.69 -17.62 -19.60
C ASP B 131 -16.54 -17.17 -20.76
N THR B 132 -15.94 -16.63 -21.82
CA THR B 132 -16.65 -16.13 -22.99
C THR B 132 -16.85 -17.24 -24.02
N MET B 133 -17.70 -16.96 -25.00
CA MET B 133 -17.75 -17.73 -26.22
C MET B 133 -16.43 -17.56 -26.97
N THR B 134 -16.30 -18.27 -28.09
CA THR B 134 -15.09 -18.16 -28.89
C THR B 134 -15.42 -18.41 -30.36
N SER B 135 -14.92 -17.53 -31.23
CA SER B 135 -15.13 -17.68 -32.66
C SER B 135 -14.35 -18.87 -33.21
N VAL B 136 -14.77 -19.36 -34.37
CA VAL B 136 -14.23 -20.60 -34.93
C VAL B 136 -14.09 -20.48 -36.45
N VAL B 137 -12.98 -20.98 -36.98
CA VAL B 137 -12.76 -21.00 -38.41
C VAL B 137 -13.66 -22.05 -39.04
N VAL B 138 -14.35 -21.69 -40.11
CA VAL B 138 -15.37 -22.54 -40.70
C VAL B 138 -15.06 -22.81 -42.17
N ASN B 139 -15.26 -24.07 -42.57
CA ASN B 139 -15.23 -24.54 -43.94
C ASN B 139 -16.51 -24.13 -44.66
N PRO B 140 -16.45 -23.19 -45.60
CA PRO B 140 -17.65 -22.84 -46.38
C PRO B 140 -17.92 -23.76 -47.55
N TYR B 141 -17.03 -24.72 -47.81
CA TYR B 141 -17.32 -25.79 -48.77
C TYR B 141 -18.60 -26.50 -48.35
N PHE B 142 -19.49 -26.70 -49.32
CA PHE B 142 -20.69 -27.50 -49.11
C PHE B 142 -21.20 -27.94 -50.47
N ASP B 143 -21.71 -29.17 -50.53
CA ASP B 143 -22.14 -29.77 -51.78
C ASP B 143 -23.66 -29.64 -51.86
N TRP B 144 -24.11 -28.49 -52.34
CA TRP B 144 -25.55 -28.25 -52.55
C TRP B 144 -25.91 -28.94 -53.86
N GLY B 145 -26.13 -30.25 -53.77
CA GLY B 145 -26.25 -31.08 -54.96
C GLY B 145 -27.20 -30.54 -56.01
N ASP B 146 -28.49 -30.53 -55.71
CA ASP B 146 -29.50 -29.94 -56.59
C ASP B 146 -30.28 -28.96 -55.73
N ASP B 147 -29.75 -27.74 -55.58
CA ASP B 147 -30.37 -26.76 -54.69
C ASP B 147 -31.14 -25.79 -55.55
N ARG B 148 -32.36 -26.17 -55.89
CA ARG B 148 -33.30 -25.28 -56.57
C ARG B 148 -34.01 -24.47 -55.50
N ARG B 149 -33.65 -23.19 -55.40
CA ARG B 149 -34.28 -22.31 -54.43
C ARG B 149 -35.74 -22.13 -54.78
N PRO B 150 -36.68 -22.58 -53.95
CA PRO B 150 -38.09 -22.50 -54.32
C PRO B 150 -38.61 -21.08 -54.25
N ARG B 151 -38.43 -20.31 -55.31
CA ARG B 151 -38.97 -18.95 -55.31
C ARG B 151 -40.47 -19.00 -55.45
N THR B 152 -41.14 -19.52 -54.43
CA THR B 152 -42.59 -19.42 -54.32
C THR B 152 -42.98 -17.95 -54.18
N GLU B 153 -43.87 -17.48 -55.04
CA GLU B 153 -44.26 -16.08 -54.98
C GLU B 153 -45.14 -15.85 -53.75
N TYR B 154 -45.51 -14.59 -53.54
CA TYR B 154 -46.14 -14.19 -52.28
C TYR B 154 -47.57 -14.70 -52.14
N HIS B 155 -48.30 -14.87 -53.25
CA HIS B 155 -49.69 -15.28 -53.12
C HIS B 155 -49.83 -16.78 -52.88
N HIS B 156 -48.80 -17.57 -53.19
CA HIS B 156 -48.76 -18.98 -52.83
C HIS B 156 -47.95 -19.20 -51.57
N THR B 157 -48.01 -18.27 -50.62
CA THR B 157 -47.25 -18.38 -49.39
C THR B 157 -48.16 -18.83 -48.26
N VAL B 158 -47.66 -19.74 -47.43
CA VAL B 158 -48.29 -20.07 -46.15
C VAL B 158 -47.19 -20.11 -45.10
N ILE B 159 -46.98 -18.99 -44.40
CA ILE B 159 -45.84 -18.88 -43.51
C ILE B 159 -46.10 -19.67 -42.24
N TYR B 160 -45.06 -20.27 -41.68
CA TYR B 160 -45.18 -21.05 -40.46
C TYR B 160 -44.01 -20.67 -39.55
N GLU B 161 -44.32 -20.06 -38.41
CA GLU B 161 -43.30 -19.53 -37.52
C GLU B 161 -42.97 -20.57 -36.45
N ALA B 162 -41.75 -21.09 -36.48
CA ALA B 162 -41.33 -22.15 -35.58
C ALA B 162 -40.07 -21.74 -34.87
N HIS B 163 -39.95 -22.14 -33.60
CA HIS B 163 -38.70 -22.04 -32.87
C HIS B 163 -37.97 -23.37 -33.03
N VAL B 164 -36.69 -23.31 -33.42
CA VAL B 164 -35.97 -24.51 -33.84
C VAL B 164 -35.96 -25.56 -32.74
N LYS B 165 -35.86 -25.12 -31.50
CA LYS B 165 -35.95 -26.05 -30.37
C LYS B 165 -37.40 -26.35 -30.01
N GLY B 166 -38.30 -25.39 -30.15
CA GLY B 166 -39.67 -25.60 -29.72
C GLY B 166 -40.41 -26.61 -30.58
N LEU B 167 -40.31 -26.46 -31.91
CA LEU B 167 -40.87 -27.44 -32.84
C LEU B 167 -40.60 -28.86 -32.40
N THR B 168 -39.33 -29.17 -32.22
CA THR B 168 -38.84 -30.54 -32.23
C THR B 168 -38.36 -31.02 -30.86
N MET B 169 -38.44 -30.19 -29.83
CA MET B 169 -38.02 -30.64 -28.50
C MET B 169 -38.84 -31.81 -28.01
N LEU B 170 -40.14 -31.79 -28.25
CA LEU B 170 -41.04 -32.80 -27.70
C LEU B 170 -41.65 -33.69 -28.78
N HIS B 171 -41.00 -33.80 -29.93
CA HIS B 171 -41.53 -34.63 -31.00
C HIS B 171 -41.11 -36.07 -30.76
N PRO B 172 -42.05 -36.99 -30.49
CA PRO B 172 -41.65 -38.36 -30.19
C PRO B 172 -41.44 -39.19 -31.45
N ASP B 173 -40.83 -38.60 -32.46
CA ASP B 173 -40.56 -39.28 -33.71
C ASP B 173 -39.12 -39.07 -34.14
N LEU B 174 -38.38 -38.30 -33.39
CA LEU B 174 -36.95 -38.06 -33.46
C LEU B 174 -36.26 -38.88 -32.40
N PRO B 175 -35.00 -39.25 -32.63
CA PRO B 175 -34.18 -39.73 -31.52
C PRO B 175 -33.86 -38.60 -30.55
N GLU B 176 -33.42 -39.00 -29.35
CA GLU B 176 -33.09 -38.02 -28.32
C GLU B 176 -32.01 -37.05 -28.79
N GLU B 177 -31.11 -37.50 -29.67
CA GLU B 177 -30.04 -36.63 -30.15
C GLU B 177 -30.59 -35.41 -30.88
N LEU B 178 -31.67 -35.58 -31.64
CA LEU B 178 -32.14 -34.54 -32.55
C LEU B 178 -33.28 -33.70 -32.00
N ARG B 179 -33.83 -34.06 -30.83
CA ARG B 179 -35.00 -33.36 -30.33
C ARG B 179 -34.67 -31.90 -30.00
N GLY B 180 -35.17 -30.97 -30.82
CA GLY B 180 -35.00 -29.55 -30.59
C GLY B 180 -33.73 -28.99 -31.17
N THR B 181 -33.39 -29.37 -32.40
CA THR B 181 -32.17 -28.93 -33.06
C THR B 181 -32.43 -28.71 -34.55
N TYR B 182 -31.41 -28.20 -35.25
CA TYR B 182 -31.56 -27.90 -36.67
C TYR B 182 -31.77 -29.17 -37.48
N ALA B 183 -30.94 -30.19 -37.24
CA ALA B 183 -31.08 -31.45 -37.95
C ALA B 183 -32.44 -32.07 -37.67
N GLY B 184 -32.94 -31.93 -36.44
CA GLY B 184 -34.29 -32.34 -36.16
C GLY B 184 -35.32 -31.59 -36.96
N LEU B 185 -35.06 -30.32 -37.26
CA LEU B 185 -35.92 -29.55 -38.14
C LEU B 185 -35.97 -30.16 -39.53
N ALA B 186 -34.99 -30.98 -39.88
CA ALA B 186 -34.90 -31.63 -41.17
C ALA B 186 -35.39 -33.06 -41.14
N HIS B 187 -36.04 -33.49 -40.06
CA HIS B 187 -36.58 -34.83 -39.98
C HIS B 187 -37.81 -34.95 -40.87
N PRO B 188 -37.98 -36.06 -41.59
CA PRO B 188 -39.08 -36.14 -42.55
C PRO B 188 -40.46 -36.10 -41.92
N SER B 189 -40.60 -36.45 -40.63
CA SER B 189 -41.88 -36.28 -39.97
C SER B 189 -42.16 -34.80 -39.73
N VAL B 190 -41.13 -34.03 -39.34
CA VAL B 190 -41.27 -32.58 -39.28
C VAL B 190 -41.49 -32.02 -40.69
N ILE B 191 -40.69 -32.48 -41.65
CA ILE B 191 -40.93 -32.12 -43.05
C ILE B 191 -42.35 -32.50 -43.45
N GLY B 192 -42.70 -33.77 -43.28
CA GLY B 192 -44.00 -34.30 -43.65
C GLY B 192 -45.16 -33.52 -43.06
N HIS B 193 -45.26 -33.51 -41.72
CA HIS B 193 -46.28 -32.72 -41.05
C HIS B 193 -46.36 -31.30 -41.60
N LEU B 194 -45.20 -30.65 -41.78
CA LEU B 194 -45.20 -29.32 -42.36
C LEU B 194 -45.68 -29.36 -43.80
N ARG B 195 -45.30 -30.39 -44.55
CA ARG B 195 -45.74 -30.49 -45.94
C ARG B 195 -47.25 -30.75 -46.02
N GLU B 196 -47.76 -31.63 -45.16
CA GLU B 196 -49.19 -31.95 -45.18
C GLU B 196 -50.02 -30.79 -44.65
N LEU B 197 -49.53 -30.11 -43.62
CA LEU B 197 -50.16 -28.87 -43.17
C LEU B 197 -50.21 -27.83 -44.29
N GLY B 198 -49.25 -27.86 -45.20
CA GLY B 198 -49.24 -26.96 -46.33
C GLY B 198 -48.39 -25.73 -46.16
N VAL B 199 -47.28 -25.82 -45.44
CA VAL B 199 -46.42 -24.65 -45.26
C VAL B 199 -45.55 -24.47 -46.50
N THR B 200 -45.59 -23.28 -47.08
CA THR B 200 -44.72 -22.94 -48.17
C THR B 200 -43.47 -22.21 -47.71
N ALA B 201 -43.43 -21.81 -46.44
CA ALA B 201 -42.31 -21.04 -45.91
C ALA B 201 -42.24 -21.28 -44.41
N LEU B 202 -41.13 -21.85 -43.97
CA LEU B 202 -40.87 -22.03 -42.55
C LEU B 202 -40.17 -20.78 -42.05
N GLU B 203 -40.79 -20.02 -41.16
CA GLU B 203 -40.11 -18.90 -40.53
C GLU B 203 -39.39 -19.39 -39.28
N LEU B 204 -38.09 -19.11 -39.21
CA LEU B 204 -37.27 -19.50 -38.07
C LEU B 204 -37.11 -18.33 -37.11
N MET B 205 -37.22 -18.63 -35.83
CA MET B 205 -36.95 -17.66 -34.78
C MET B 205 -35.45 -17.49 -34.61
N PRO B 206 -34.98 -16.32 -34.09
CA PRO B 206 -33.58 -15.93 -34.28
C PRO B 206 -32.56 -17.05 -34.17
N VAL B 207 -31.67 -17.12 -35.15
CA VAL B 207 -30.73 -18.22 -35.26
C VAL B 207 -29.33 -17.66 -35.41
N HIS B 208 -29.22 -16.36 -35.65
CA HIS B 208 -27.99 -15.65 -35.32
C HIS B 208 -27.68 -15.90 -33.86
N GLN B 209 -26.41 -16.11 -33.54
CA GLN B 209 -26.08 -16.53 -32.18
C GLN B 209 -26.38 -15.42 -31.18
N PHE B 210 -27.05 -15.79 -30.09
CA PHE B 210 -27.46 -14.87 -29.04
C PHE B 210 -26.95 -15.34 -27.68
N VAL B 211 -27.01 -14.43 -26.71
CA VAL B 211 -26.47 -14.64 -25.38
C VAL B 211 -27.60 -14.73 -24.38
N ASN B 212 -27.49 -15.67 -23.43
CA ASN B 212 -28.42 -15.74 -22.31
C ASN B 212 -28.02 -14.70 -21.26
N ASP B 213 -28.97 -13.83 -20.92
CA ASP B 213 -28.68 -12.62 -20.14
C ASP B 213 -28.15 -12.97 -18.76
N HIS B 214 -27.20 -12.15 -18.28
CA HIS B 214 -26.75 -12.30 -16.89
C HIS B 214 -27.89 -12.11 -15.92
N ARG B 215 -28.79 -11.19 -16.23
CA ARG B 215 -30.04 -11.06 -15.48
C ARG B 215 -30.77 -12.41 -15.42
N LEU B 216 -31.10 -12.95 -16.59
CA LEU B 216 -31.92 -14.15 -16.68
C LEU B 216 -31.21 -15.37 -16.13
N VAL B 217 -29.93 -15.55 -16.48
CA VAL B 217 -29.22 -16.77 -16.08
C VAL B 217 -29.24 -16.96 -14.58
N ASP B 218 -29.09 -15.88 -13.82
CA ASP B 218 -29.21 -16.03 -12.37
C ASP B 218 -30.67 -16.03 -11.91
N ALA B 219 -31.56 -16.70 -12.66
CA ALA B 219 -32.97 -16.74 -12.27
C ALA B 219 -33.66 -18.03 -12.66
N GLY B 220 -32.92 -19.11 -12.94
CA GLY B 220 -33.53 -20.35 -13.36
C GLY B 220 -34.20 -20.29 -14.72
N LEU B 221 -34.03 -19.18 -15.43
CA LEU B 221 -34.58 -18.98 -16.77
C LEU B 221 -33.46 -18.61 -17.74
N SER B 222 -33.81 -18.53 -19.01
CA SER B 222 -32.86 -18.14 -20.04
C SER B 222 -33.61 -17.55 -21.22
N ASN B 223 -32.94 -16.65 -21.94
CA ASN B 223 -33.50 -16.05 -23.13
C ASN B 223 -33.88 -17.14 -24.12
N TYR B 224 -35.17 -17.37 -24.31
CA TYR B 224 -35.64 -18.50 -25.10
C TYR B 224 -35.98 -18.15 -26.54
N TRP B 225 -36.50 -16.95 -26.79
CA TRP B 225 -36.68 -16.52 -28.17
C TRP B 225 -35.35 -16.18 -28.82
N GLY B 226 -34.46 -15.55 -28.07
CA GLY B 226 -33.14 -15.26 -28.57
C GLY B 226 -32.97 -13.92 -29.24
N TYR B 227 -33.84 -12.96 -28.94
CA TYR B 227 -33.75 -11.63 -29.56
C TYR B 227 -32.73 -10.77 -28.82
N ASN B 228 -31.51 -11.31 -28.70
CA ASN B 228 -30.38 -10.52 -28.21
C ASN B 228 -29.07 -11.20 -28.65
N THR B 229 -28.53 -10.74 -29.78
CA THR B 229 -27.49 -11.46 -30.54
C THR B 229 -26.11 -10.83 -30.38
N ILE B 230 -25.07 -11.62 -30.72
CA ILE B 230 -23.68 -11.18 -30.61
C ILE B 230 -22.98 -11.15 -31.97
N GLY B 231 -23.26 -12.12 -32.83
CA GLY B 231 -22.59 -12.25 -34.11
C GLY B 231 -23.52 -12.85 -35.13
N PHE B 232 -23.61 -12.23 -36.30
CA PHE B 232 -24.72 -12.47 -37.22
C PHE B 232 -24.36 -13.42 -38.35
N PHE B 233 -23.19 -14.05 -38.28
CA PHE B 233 -22.71 -14.89 -39.36
C PHE B 233 -22.68 -16.37 -38.96
N ALA B 234 -23.29 -16.71 -37.82
CA ALA B 234 -23.16 -18.02 -37.21
C ALA B 234 -24.47 -18.51 -36.60
N PRO B 235 -24.87 -19.76 -36.86
CA PRO B 235 -26.03 -20.31 -36.16
C PRO B 235 -25.78 -20.44 -34.67
N HIS B 236 -26.87 -20.52 -33.91
CA HIS B 236 -26.76 -20.64 -32.46
C HIS B 236 -26.20 -22.01 -32.11
N ASN B 237 -25.08 -22.03 -31.38
CA ASN B 237 -24.42 -23.28 -31.03
C ASN B 237 -25.28 -24.15 -30.12
N ALA B 238 -26.29 -23.57 -29.47
CA ALA B 238 -27.17 -24.36 -28.63
C ALA B 238 -28.18 -25.15 -29.43
N TYR B 239 -28.61 -24.62 -30.58
CA TYR B 239 -29.58 -25.33 -31.40
C TYR B 239 -28.94 -26.41 -32.25
N ALA B 240 -27.62 -26.58 -32.17
CA ALA B 240 -26.91 -27.55 -33.00
C ALA B 240 -26.49 -28.74 -32.14
N SER B 241 -26.97 -29.93 -32.49
CA SER B 241 -26.57 -31.16 -31.83
C SER B 241 -25.46 -31.89 -32.56
N TRP B 242 -24.83 -31.27 -33.56
CA TRP B 242 -23.66 -31.85 -34.22
C TRP B 242 -22.34 -31.39 -33.58
N GLY B 243 -22.37 -30.32 -32.79
CA GLY B 243 -21.17 -29.76 -32.19
C GLY B 243 -21.11 -28.24 -32.29
N ASP B 244 -20.02 -27.61 -31.84
CA ASP B 244 -19.96 -26.16 -31.97
C ASP B 244 -18.58 -25.65 -32.41
N ARG B 245 -17.71 -26.50 -32.94
CA ARG B 245 -16.52 -26.05 -33.67
C ARG B 245 -16.75 -26.24 -35.17
N GLY B 246 -17.57 -25.36 -35.74
CA GLY B 246 -17.82 -25.39 -37.17
C GLY B 246 -18.81 -26.43 -37.64
N GLN B 247 -19.33 -27.27 -36.74
CA GLN B 247 -20.29 -28.30 -37.12
C GLN B 247 -21.69 -27.75 -37.29
N GLN B 248 -21.97 -26.56 -36.76
CA GLN B 248 -23.31 -26.00 -36.85
C GLN B 248 -23.57 -25.35 -38.21
N VAL B 249 -22.53 -24.88 -38.89
CA VAL B 249 -22.73 -24.38 -40.24
C VAL B 249 -23.06 -25.51 -41.20
N LEU B 250 -22.70 -26.75 -40.83
CA LEU B 250 -23.07 -27.90 -41.64
C LEU B 250 -24.50 -28.35 -41.34
N GLU B 251 -24.89 -28.38 -40.06
CA GLU B 251 -26.29 -28.63 -39.73
C GLU B 251 -27.21 -27.71 -40.50
N PHE B 252 -27.03 -26.40 -40.34
CA PHE B 252 -27.99 -25.45 -40.90
C PHE B 252 -28.12 -25.65 -42.40
N LYS B 253 -26.98 -25.68 -43.10
CA LYS B 253 -27.04 -25.84 -44.55
C LYS B 253 -27.70 -27.16 -44.94
N SER B 254 -27.60 -28.19 -44.10
CA SER B 254 -28.26 -29.45 -44.41
C SER B 254 -29.76 -29.35 -44.17
N ALA B 255 -30.16 -28.72 -43.07
CA ALA B 255 -31.57 -28.46 -42.83
C ALA B 255 -32.18 -27.70 -44.00
N VAL B 256 -31.45 -26.69 -44.50
CA VAL B 256 -31.97 -25.85 -45.57
C VAL B 256 -32.11 -26.64 -46.87
N ARG B 257 -31.06 -27.38 -47.25
CA ARG B 257 -31.16 -28.19 -48.46
C ARG B 257 -32.25 -29.24 -48.33
N ALA B 258 -32.46 -29.78 -47.13
CA ALA B 258 -33.56 -30.70 -46.92
C ALA B 258 -34.90 -30.05 -47.24
N LEU B 259 -35.07 -28.79 -46.84
CA LEU B 259 -36.33 -28.08 -47.08
C LEU B 259 -36.47 -27.65 -48.53
N HIS B 260 -35.41 -27.11 -49.13
CA HIS B 260 -35.45 -26.76 -50.54
C HIS B 260 -35.70 -27.97 -51.41
N GLN B 261 -35.45 -29.18 -50.89
CA GLN B 261 -35.90 -30.39 -51.56
C GLN B 261 -37.35 -30.71 -51.28
N ALA B 262 -37.83 -30.39 -50.09
CA ALA B 262 -39.27 -30.45 -49.81
C ALA B 262 -40.02 -29.25 -50.36
N GLY B 263 -39.31 -28.27 -50.90
CA GLY B 263 -39.95 -27.08 -51.43
C GLY B 263 -40.53 -26.17 -50.38
N ILE B 264 -39.82 -25.94 -49.28
CA ILE B 264 -40.29 -25.10 -48.20
C ILE B 264 -39.20 -24.06 -47.94
N GLU B 265 -39.47 -22.81 -48.30
CA GLU B 265 -38.54 -21.73 -48.09
C GLU B 265 -38.19 -21.57 -46.61
N VAL B 266 -37.03 -20.99 -46.35
CA VAL B 266 -36.59 -20.65 -44.99
C VAL B 266 -36.50 -19.14 -44.88
N ILE B 267 -37.35 -18.57 -44.01
CA ILE B 267 -37.34 -17.13 -43.73
C ILE B 267 -36.93 -16.95 -42.28
N LEU B 268 -35.66 -16.69 -42.01
CA LEU B 268 -35.28 -16.62 -40.60
C LEU B 268 -35.35 -15.19 -40.09
N ASP B 269 -35.49 -15.07 -38.77
CA ASP B 269 -35.70 -13.81 -38.07
C ASP B 269 -34.36 -13.15 -37.78
N VAL B 270 -34.37 -11.82 -37.64
CA VAL B 270 -33.12 -11.06 -37.50
C VAL B 270 -33.24 -10.01 -36.40
N VAL B 271 -32.24 -9.99 -35.53
CA VAL B 271 -32.14 -9.00 -34.45
C VAL B 271 -31.07 -8.02 -34.87
N TYR B 272 -31.45 -6.94 -35.56
CA TYR B 272 -30.47 -5.94 -35.97
C TYR B 272 -30.56 -4.66 -35.16
N ASN B 273 -31.41 -4.61 -34.14
CA ASN B 273 -31.64 -3.39 -33.39
C ASN B 273 -30.84 -3.30 -32.10
N HIS B 274 -29.95 -4.26 -31.83
CA HIS B 274 -29.10 -4.18 -30.65
C HIS B 274 -28.12 -5.35 -30.58
N THR B 275 -27.12 -5.20 -29.70
CA THR B 275 -26.11 -6.21 -29.43
C THR B 275 -26.27 -6.76 -28.02
N ALA B 276 -25.87 -8.03 -27.85
CA ALA B 276 -25.92 -8.66 -26.53
C ALA B 276 -25.07 -7.91 -25.51
N GLU B 277 -24.00 -7.23 -25.96
CA GLU B 277 -23.19 -6.45 -25.04
C GLU B 277 -24.04 -5.43 -24.29
N GLY B 278 -25.17 -5.02 -24.87
CA GLY B 278 -26.09 -4.11 -24.21
C GLY B 278 -25.53 -2.70 -24.13
N ASN B 279 -26.16 -1.90 -23.27
CA ASN B 279 -25.61 -0.59 -22.95
C ASN B 279 -24.40 -0.77 -22.02
N HIS B 280 -23.84 0.34 -21.56
CA HIS B 280 -22.71 0.26 -20.65
C HIS B 280 -23.13 -0.51 -19.40
N LEU B 281 -22.13 -0.94 -18.63
CA LEU B 281 -22.25 -1.95 -17.58
C LEU B 281 -22.47 -3.34 -18.14
N GLY B 282 -22.59 -3.48 -19.46
CA GLY B 282 -22.65 -4.79 -20.09
C GLY B 282 -21.28 -5.42 -20.16
N PRO B 283 -21.23 -6.62 -20.73
CA PRO B 283 -19.96 -7.34 -20.81
C PRO B 283 -19.06 -6.68 -21.85
N THR B 284 -17.91 -7.29 -22.13
CA THR B 284 -17.12 -6.93 -23.30
C THR B 284 -16.81 -8.22 -24.04
N LEU B 285 -17.56 -8.47 -25.11
CA LEU B 285 -17.44 -9.71 -25.88
C LEU B 285 -17.01 -9.45 -27.31
N SER B 286 -17.76 -8.63 -28.05
CA SER B 286 -17.73 -8.65 -29.50
C SER B 286 -17.14 -7.38 -30.12
N MET B 287 -17.71 -6.21 -29.79
CA MET B 287 -17.35 -4.98 -30.48
C MET B 287 -16.91 -3.86 -29.56
N ARG B 288 -17.42 -3.81 -28.33
CA ARG B 288 -17.04 -2.79 -27.36
C ARG B 288 -15.53 -2.68 -27.22
N GLY B 289 -14.88 -3.79 -26.87
CA GLY B 289 -13.43 -3.82 -26.81
C GLY B 289 -12.75 -3.87 -28.16
N LEU B 290 -13.53 -4.02 -29.24
CA LEU B 290 -12.94 -3.94 -30.58
C LEU B 290 -12.81 -2.48 -31.02
N ASP B 291 -13.95 -1.81 -31.21
CA ASP B 291 -13.93 -0.37 -31.52
C ASP B 291 -15.27 0.19 -31.05
N ASN B 292 -15.28 0.72 -29.83
CA ASN B 292 -16.55 1.19 -29.28
C ASN B 292 -17.10 2.42 -30.00
N PRO B 293 -16.28 3.42 -30.40
CA PRO B 293 -16.89 4.65 -30.94
C PRO B 293 -17.56 4.48 -32.30
N SER B 294 -17.04 3.63 -33.19
CA SER B 294 -17.54 3.59 -34.57
C SER B 294 -18.55 2.48 -34.83
N TYR B 295 -18.90 1.68 -33.83
CA TYR B 295 -19.91 0.63 -34.01
C TYR B 295 -21.27 1.02 -33.44
N TYR B 296 -21.31 1.45 -32.17
CA TYR B 296 -22.57 1.67 -31.45
C TYR B 296 -22.96 3.13 -31.52
N ARG B 297 -24.24 3.38 -31.82
CA ARG B 297 -24.77 4.74 -31.80
C ARG B 297 -24.63 5.35 -30.41
N LEU B 298 -24.08 6.55 -30.35
CA LEU B 298 -23.74 7.19 -29.08
C LEU B 298 -24.64 8.40 -28.83
N ALA B 299 -24.73 8.77 -27.56
CA ALA B 299 -25.54 9.90 -27.12
C ALA B 299 -24.78 11.20 -27.30
N ASP B 300 -25.37 12.30 -26.83
CA ASP B 300 -24.62 13.55 -26.74
C ASP B 300 -23.61 13.52 -25.61
N ASP B 301 -23.75 12.59 -24.66
CA ASP B 301 -22.68 12.28 -23.73
C ASP B 301 -22.02 10.98 -24.18
N PRO B 302 -20.71 10.98 -24.45
CA PRO B 302 -20.08 9.80 -25.04
C PRO B 302 -20.03 8.59 -24.12
N ARG B 303 -20.43 8.74 -22.86
CA ARG B 303 -20.22 7.68 -21.87
C ARG B 303 -21.28 6.59 -21.94
N TYR B 304 -22.48 6.90 -22.43
CA TYR B 304 -23.63 6.00 -22.39
C TYR B 304 -24.18 5.84 -23.81
N TYR B 305 -25.20 4.98 -23.95
CA TYR B 305 -25.70 4.55 -25.24
C TYR B 305 -27.18 4.91 -25.38
N MET B 306 -27.55 5.57 -26.47
CA MET B 306 -28.95 5.87 -26.71
C MET B 306 -29.74 4.58 -26.91
N ASP B 307 -30.96 4.56 -26.39
CA ASP B 307 -31.81 3.36 -26.45
C ASP B 307 -33.25 3.79 -26.68
N THR B 308 -33.66 3.89 -27.96
CA THR B 308 -35.08 4.04 -28.27
C THR B 308 -35.84 2.78 -27.85
N THR B 309 -35.34 1.62 -28.28
CA THR B 309 -36.04 0.35 -28.12
C THR B 309 -36.30 -0.05 -26.66
N GLY B 310 -35.26 -0.37 -25.90
CA GLY B 310 -35.49 -0.88 -24.56
C GLY B 310 -34.57 -2.02 -24.19
N THR B 311 -33.71 -2.41 -25.12
CA THR B 311 -32.74 -3.48 -24.93
C THR B 311 -31.39 -2.96 -24.51
N GLY B 312 -31.28 -1.68 -24.17
CA GLY B 312 -30.00 -1.09 -23.83
C GLY B 312 -29.25 -0.34 -24.92
N ASN B 313 -28.72 -1.02 -25.94
CA ASN B 313 -27.87 -0.34 -26.89
C ASN B 313 -28.59 -0.13 -28.22
N SER B 314 -27.89 0.52 -29.15
CA SER B 314 -28.31 0.63 -30.54
C SER B 314 -27.06 0.64 -31.41
N LEU B 315 -27.28 0.41 -32.71
CA LEU B 315 -26.17 0.35 -33.66
C LEU B 315 -26.10 1.65 -34.47
N LEU B 316 -24.88 2.04 -34.82
CA LEU B 316 -24.63 3.28 -35.56
C LEU B 316 -24.98 3.07 -37.02
N MET B 317 -26.17 3.53 -37.43
CA MET B 317 -26.61 3.27 -38.79
C MET B 317 -25.84 4.06 -39.85
N ARG B 318 -25.06 5.06 -39.46
CA ARG B 318 -24.34 5.87 -40.44
C ARG B 318 -22.91 5.41 -40.65
N SER B 319 -22.31 4.77 -39.67
CA SER B 319 -20.89 4.43 -39.74
C SER B 319 -20.62 3.42 -40.84
N PRO B 320 -19.57 3.63 -41.65
CA PRO B 320 -19.42 2.85 -42.89
C PRO B 320 -19.21 1.36 -42.67
N HIS B 321 -18.66 0.95 -41.52
CA HIS B 321 -18.42 -0.47 -41.30
C HIS B 321 -19.60 -1.15 -40.59
N VAL B 322 -20.55 -0.39 -40.05
CA VAL B 322 -21.78 -0.99 -39.55
C VAL B 322 -22.70 -1.35 -40.72
N LEU B 323 -23.01 -0.36 -41.57
CA LEU B 323 -23.81 -0.63 -42.77
C LEU B 323 -23.26 -1.83 -43.53
N GLN B 324 -21.93 -1.92 -43.59
CA GLN B 324 -21.27 -3.05 -44.24
C GLN B 324 -21.64 -4.36 -43.58
N LEU B 325 -21.55 -4.43 -42.25
CA LEU B 325 -21.90 -5.66 -41.54
C LEU B 325 -23.31 -6.13 -41.90
N ILE B 326 -24.28 -5.21 -41.86
CA ILE B 326 -25.67 -5.59 -42.07
C ILE B 326 -25.95 -5.98 -43.52
N MET B 327 -25.21 -5.43 -44.47
CA MET B 327 -25.33 -5.95 -45.83
C MET B 327 -24.48 -7.20 -46.02
N ASP B 328 -23.30 -7.26 -45.38
CA ASP B 328 -22.53 -8.50 -45.41
C ASP B 328 -23.20 -9.59 -44.57
N SER B 329 -23.92 -9.20 -43.52
CA SER B 329 -24.72 -10.17 -42.77
C SER B 329 -25.86 -10.72 -43.63
N LEU B 330 -26.69 -9.83 -44.17
CA LEU B 330 -27.82 -10.24 -45.00
C LEU B 330 -27.37 -11.14 -46.13
N ARG B 331 -26.30 -10.75 -46.82
CA ARG B 331 -25.82 -11.49 -47.99
C ARG B 331 -25.25 -12.85 -47.62
N TYR B 332 -24.64 -12.99 -46.44
CA TYR B 332 -24.03 -14.27 -46.09
C TYR B 332 -25.06 -15.39 -46.07
N TRP B 333 -26.22 -15.14 -45.46
CA TRP B 333 -27.22 -16.19 -45.35
C TRP B 333 -27.91 -16.50 -46.67
N VAL B 334 -28.07 -15.53 -47.57
CA VAL B 334 -28.77 -15.79 -48.82
C VAL B 334 -27.88 -16.59 -49.77
N THR B 335 -26.58 -16.26 -49.84
CA THR B 335 -25.71 -16.81 -50.87
C THR B 335 -24.72 -17.85 -50.37
N GLU B 336 -24.58 -18.04 -49.06
CA GLU B 336 -23.85 -19.19 -48.53
C GLU B 336 -24.70 -20.14 -47.70
N MET B 337 -25.82 -19.68 -47.15
CA MET B 337 -26.77 -20.52 -46.43
C MET B 337 -28.07 -20.73 -47.19
N HIS B 338 -28.23 -20.11 -48.37
CA HIS B 338 -29.40 -20.32 -49.24
C HIS B 338 -30.72 -20.09 -48.49
N VAL B 339 -30.81 -18.98 -47.79
CA VAL B 339 -32.07 -18.58 -47.18
C VAL B 339 -32.88 -17.79 -48.20
N ASP B 340 -34.21 -17.94 -48.14
CA ASP B 340 -35.10 -17.36 -49.14
C ASP B 340 -35.69 -16.01 -48.75
N GLY B 341 -35.46 -15.56 -47.52
CA GLY B 341 -36.01 -14.29 -47.09
C GLY B 341 -35.81 -14.07 -45.61
N PHE B 342 -36.03 -12.83 -45.19
CA PHE B 342 -35.83 -12.43 -43.81
C PHE B 342 -37.06 -11.71 -43.29
N ARG B 343 -37.31 -11.82 -41.99
CA ARG B 343 -38.28 -10.99 -41.30
C ARG B 343 -37.53 -10.16 -40.27
N PHE B 344 -37.66 -8.84 -40.39
CA PHE B 344 -36.89 -7.92 -39.55
C PHE B 344 -37.53 -7.58 -38.21
N ASP B 345 -36.84 -7.94 -37.13
CA ASP B 345 -37.40 -7.77 -35.80
C ASP B 345 -37.38 -6.39 -35.18
N LEU B 346 -38.51 -5.97 -34.62
CA LEU B 346 -38.73 -4.60 -34.17
C LEU B 346 -38.24 -3.64 -35.24
N ALA B 347 -38.80 -3.81 -36.44
CA ALA B 347 -38.44 -2.96 -37.57
C ALA B 347 -38.78 -1.50 -37.31
N ALA B 348 -39.77 -1.25 -36.44
CA ALA B 348 -40.13 0.12 -36.09
C ALA B 348 -38.93 0.86 -35.52
N THR B 349 -38.29 0.28 -34.50
CA THR B 349 -37.14 0.93 -33.88
C THR B 349 -35.94 0.93 -34.82
N LEU B 350 -35.65 -0.21 -35.44
CA LEU B 350 -34.48 -0.33 -36.31
C LEU B 350 -34.49 0.76 -37.38
N ALA B 351 -35.67 1.05 -37.95
CA ALA B 351 -35.80 2.19 -38.85
C ALA B 351 -35.83 3.51 -38.10
N ARG B 352 -36.26 3.50 -36.83
CA ARG B 352 -36.30 4.73 -36.06
C ARG B 352 -34.84 4.99 -35.73
N GLN B 353 -34.03 3.94 -35.58
CA GLN B 353 -32.57 4.11 -35.62
C GLN B 353 -31.72 4.58 -36.93
N PHE B 354 -32.36 4.19 -38.03
CA PHE B 354 -32.02 4.76 -39.33
C PHE B 354 -32.34 6.19 -39.78
N HIS B 355 -33.43 6.75 -39.26
CA HIS B 355 -33.83 8.12 -39.53
C HIS B 355 -33.16 9.11 -38.59
N GLU B 356 -32.67 8.64 -37.45
CA GLU B 356 -31.92 9.48 -36.53
C GLU B 356 -30.47 9.65 -36.96
N VAL B 357 -30.16 9.32 -38.21
CA VAL B 357 -28.87 9.64 -38.82
C VAL B 357 -29.13 10.20 -40.21
N ASP B 358 -30.42 10.38 -40.55
CA ASP B 358 -30.85 10.65 -41.93
C ASP B 358 -30.21 9.69 -42.93
N ARG B 359 -29.83 8.51 -42.45
CA ARG B 359 -29.38 7.42 -43.31
C ARG B 359 -30.55 6.51 -43.65
N LEU B 360 -31.78 6.97 -43.42
CA LEU B 360 -32.96 6.18 -43.72
C LEU B 360 -33.31 6.23 -45.19
N SER B 361 -33.51 7.44 -45.74
CA SER B 361 -33.80 7.57 -47.16
C SER B 361 -32.66 7.06 -48.02
N SER B 362 -31.46 6.93 -47.45
CA SER B 362 -30.34 6.36 -48.19
C SER B 362 -30.35 4.83 -48.16
N PHE B 363 -30.85 4.23 -47.08
CA PHE B 363 -30.85 2.78 -46.96
C PHE B 363 -31.66 2.13 -48.07
N PHE B 364 -32.93 2.51 -48.18
CA PHE B 364 -33.83 1.88 -49.16
C PHE B 364 -33.34 2.06 -50.59
N ASP B 365 -32.42 2.98 -50.83
CA ASP B 365 -31.72 3.01 -52.10
C ASP B 365 -30.68 1.90 -52.15
N LEU B 366 -29.94 1.71 -51.04
CA LEU B 366 -28.91 0.68 -50.97
C LEU B 366 -29.49 -0.72 -51.19
N VAL B 367 -30.62 -1.02 -50.54
CA VAL B 367 -31.17 -2.36 -50.60
C VAL B 367 -31.99 -2.58 -51.87
N GLN B 368 -32.71 -1.55 -52.34
CA GLN B 368 -33.37 -1.65 -53.64
C GLN B 368 -32.40 -2.08 -54.73
N GLN B 369 -31.14 -1.69 -54.64
CA GLN B 369 -30.18 -1.91 -55.71
C GLN B 369 -29.37 -3.20 -55.57
N ASP B 370 -29.24 -3.76 -54.36
CA ASP B 370 -28.36 -4.91 -54.19
C ASP B 370 -29.02 -6.17 -54.72
N PRO B 371 -28.45 -6.80 -55.76
CA PRO B 371 -29.13 -7.92 -56.42
C PRO B 371 -29.31 -9.16 -55.54
N VAL B 372 -28.54 -9.32 -54.47
CA VAL B 372 -28.78 -10.40 -53.53
C VAL B 372 -29.93 -10.06 -52.61
N VAL B 373 -29.92 -8.86 -52.04
CA VAL B 373 -30.92 -8.46 -51.06
C VAL B 373 -32.25 -8.13 -51.72
N SER B 374 -32.21 -7.58 -52.94
CA SER B 374 -33.43 -7.11 -53.57
C SER B 374 -34.47 -8.22 -53.72
N GLN B 375 -34.07 -9.34 -54.34
CA GLN B 375 -35.00 -10.37 -54.79
C GLN B 375 -35.37 -11.37 -53.70
N VAL B 376 -34.86 -11.24 -52.49
CA VAL B 376 -35.28 -12.11 -51.41
C VAL B 376 -36.41 -11.42 -50.65
N LYS B 377 -37.28 -12.24 -50.06
CA LYS B 377 -38.41 -11.72 -49.30
C LYS B 377 -37.92 -11.03 -48.04
N LEU B 378 -38.54 -9.89 -47.73
CA LEU B 378 -38.13 -9.08 -46.58
C LEU B 378 -39.37 -8.64 -45.83
N ILE B 379 -39.52 -9.09 -44.59
CA ILE B 379 -40.73 -8.84 -43.80
C ILE B 379 -40.38 -7.95 -42.62
N ALA B 380 -41.23 -6.97 -42.36
CA ALA B 380 -40.97 -5.98 -41.32
C ALA B 380 -42.29 -5.55 -40.71
N GLU B 381 -42.22 -4.63 -39.75
CA GLU B 381 -43.35 -4.00 -39.08
C GLU B 381 -43.49 -2.56 -39.54
N PRO B 382 -44.72 -2.08 -39.76
CA PRO B 382 -44.92 -0.65 -40.04
C PRO B 382 -44.44 0.22 -38.89
N TRP B 383 -44.18 1.48 -39.20
CA TRP B 383 -43.58 2.40 -38.26
C TRP B 383 -44.02 3.83 -38.56
N ASP B 384 -43.47 4.77 -37.80
CA ASP B 384 -43.52 6.20 -38.09
C ASP B 384 -42.50 6.90 -37.21
N VAL B 385 -41.68 7.77 -37.80
CA VAL B 385 -40.50 8.32 -37.13
C VAL B 385 -40.48 9.82 -37.34
N GLY B 386 -40.15 10.56 -36.27
CA GLY B 386 -40.09 12.01 -36.36
C GLY B 386 -41.36 12.58 -36.94
N GLU B 387 -41.24 13.41 -37.95
CA GLU B 387 -42.38 13.94 -38.69
C GLU B 387 -42.40 13.33 -40.08
N GLY B 388 -43.48 12.60 -40.39
CA GLY B 388 -43.69 12.17 -41.76
C GLY B 388 -44.09 10.73 -42.00
N GLY B 389 -44.22 9.93 -40.94
CA GLY B 389 -44.60 8.53 -41.12
C GLY B 389 -43.46 7.66 -41.64
N TYR B 390 -43.69 7.02 -42.79
CA TYR B 390 -42.62 6.22 -43.41
C TYR B 390 -41.44 7.10 -43.78
N GLN B 391 -41.69 8.20 -44.49
CA GLN B 391 -40.66 9.13 -44.96
C GLN B 391 -39.55 8.43 -45.73
N VAL B 392 -39.96 7.52 -46.64
CA VAL B 392 -39.08 6.96 -47.65
C VAL B 392 -39.88 6.88 -48.94
N GLY B 393 -39.25 7.23 -50.06
CA GLY B 393 -39.94 7.26 -51.33
C GLY B 393 -40.30 5.89 -51.85
N ASN B 394 -39.29 5.07 -52.10
CA ASN B 394 -39.49 3.78 -52.73
C ASN B 394 -39.29 2.66 -51.71
N PHE B 395 -40.12 1.63 -51.82
CA PHE B 395 -39.87 0.40 -51.10
C PHE B 395 -39.28 -0.64 -52.05
N PRO B 396 -38.41 -1.52 -51.56
CA PRO B 396 -37.98 -2.68 -52.37
C PRO B 396 -39.13 -3.65 -52.55
N PRO B 397 -39.43 -4.08 -53.77
CA PRO B 397 -40.74 -4.68 -54.03
C PRO B 397 -40.85 -6.14 -53.64
N LEU B 398 -40.27 -6.50 -52.49
CA LEU B 398 -40.59 -7.70 -51.75
C LEU B 398 -40.75 -7.37 -50.26
N TRP B 399 -40.82 -6.09 -49.92
CA TRP B 399 -40.96 -5.62 -48.55
C TRP B 399 -42.42 -5.78 -48.15
N THR B 400 -42.67 -6.56 -47.09
CA THR B 400 -44.01 -6.91 -46.66
C THR B 400 -44.14 -6.70 -45.16
N GLU B 401 -45.28 -6.17 -44.73
CA GLU B 401 -45.46 -5.78 -43.33
C GLU B 401 -46.25 -6.81 -42.54
N TRP B 402 -45.92 -6.91 -41.26
CA TRP B 402 -46.69 -7.67 -40.28
C TRP B 402 -47.92 -6.83 -39.91
N ASN B 403 -49.07 -7.20 -40.46
CA ASN B 403 -50.30 -6.40 -40.37
C ASN B 403 -50.98 -6.61 -39.03
N GLY B 404 -50.52 -5.86 -38.02
CA GLY B 404 -51.20 -5.86 -36.74
C GLY B 404 -52.58 -5.23 -36.82
N LYS B 405 -52.78 -4.30 -37.75
CA LYS B 405 -54.10 -3.70 -37.96
C LYS B 405 -55.13 -4.73 -38.38
N TYR B 406 -54.68 -5.87 -38.92
CA TYR B 406 -55.57 -6.99 -39.22
C TYR B 406 -55.87 -7.79 -37.96
N ARG B 407 -54.81 -8.23 -37.26
CA ARG B 407 -55.00 -8.94 -36.00
C ARG B 407 -55.86 -8.14 -35.03
N ASP B 408 -55.69 -6.81 -35.02
CA ASP B 408 -56.53 -5.96 -34.17
C ASP B 408 -57.93 -5.73 -34.73
N CYS B 409 -58.17 -6.05 -36.01
CA CYS B 409 -59.50 -5.91 -36.60
C CYS B 409 -60.17 -7.24 -36.90
N VAL B 410 -59.64 -8.35 -36.37
CA VAL B 410 -60.28 -9.66 -36.50
C VAL B 410 -60.53 -10.24 -35.12
N ARG B 411 -59.52 -10.18 -34.24
CA ARG B 411 -59.74 -10.56 -32.85
C ARG B 411 -60.95 -9.83 -32.29
N ASP B 412 -61.11 -8.56 -32.65
CA ASP B 412 -62.25 -7.76 -32.20
C ASP B 412 -63.56 -8.25 -32.82
N LEU B 413 -63.50 -8.84 -34.02
CA LEU B 413 -64.73 -9.25 -34.68
C LEU B 413 -65.45 -10.34 -33.89
N TRP B 414 -64.74 -11.42 -33.55
CA TRP B 414 -65.32 -12.46 -32.71
C TRP B 414 -65.24 -12.17 -31.23
N ARG B 415 -64.40 -11.20 -30.83
CA ARG B 415 -64.50 -10.67 -29.48
C ARG B 415 -65.91 -10.15 -29.21
N GLY B 416 -66.55 -9.62 -30.25
CA GLY B 416 -67.86 -9.03 -30.13
C GLY B 416 -67.85 -7.53 -30.03
N GLU B 417 -66.69 -6.91 -29.88
CA GLU B 417 -66.71 -5.45 -29.86
C GLU B 417 -66.70 -4.90 -31.27
N PRO B 418 -67.36 -3.77 -31.50
CA PRO B 418 -67.59 -3.27 -32.86
C PRO B 418 -66.40 -2.48 -33.40
N ARG B 419 -65.76 -3.02 -34.43
CA ARG B 419 -64.88 -2.24 -35.29
C ARG B 419 -65.57 -2.07 -36.64
N THR B 420 -65.34 -0.91 -37.26
CA THR B 420 -66.20 -0.42 -38.33
C THR B 420 -66.30 -1.42 -39.48
N LEU B 421 -67.44 -1.37 -40.18
CA LEU B 421 -67.66 -2.26 -41.31
C LEU B 421 -66.67 -1.98 -42.43
N ALA B 422 -66.64 -0.74 -42.91
CA ALA B 422 -65.69 -0.40 -43.97
C ALA B 422 -64.25 -0.60 -43.53
N GLU B 423 -63.99 -0.52 -42.22
CA GLU B 423 -62.69 -0.88 -41.68
C GLU B 423 -62.40 -2.36 -41.91
N PHE B 424 -63.33 -3.22 -41.50
CA PHE B 424 -63.20 -4.66 -41.68
C PHE B 424 -63.20 -5.06 -43.16
N ALA B 425 -63.85 -4.27 -44.01
CA ALA B 425 -63.93 -4.58 -45.43
C ALA B 425 -62.55 -4.85 -46.02
N SER B 426 -61.64 -3.89 -45.87
CA SER B 426 -60.31 -4.01 -46.47
C SER B 426 -59.48 -5.13 -45.89
N ARG B 427 -59.86 -5.69 -44.73
CA ARG B 427 -58.97 -6.63 -44.05
C ARG B 427 -59.05 -8.03 -44.65
N LEU B 428 -60.25 -8.55 -44.89
CA LEU B 428 -60.34 -9.75 -45.72
C LEU B 428 -59.88 -9.46 -47.14
N THR B 429 -59.88 -8.20 -47.53
CA THR B 429 -59.58 -7.76 -48.88
C THR B 429 -58.09 -7.76 -49.18
N GLY B 430 -57.24 -7.61 -48.16
CA GLY B 430 -55.82 -7.54 -48.37
C GLY B 430 -55.25 -6.19 -48.03
N SER B 431 -55.93 -5.48 -47.14
CA SER B 431 -55.46 -4.21 -46.57
C SER B 431 -54.89 -3.29 -47.65
N SER B 432 -55.74 -2.92 -48.60
CA SER B 432 -55.33 -2.19 -49.79
C SER B 432 -55.34 -0.67 -49.61
N ASP B 433 -55.65 -0.18 -48.41
CA ASP B 433 -55.50 1.24 -48.10
C ASP B 433 -54.23 1.53 -47.34
N LEU B 434 -53.60 0.52 -46.73
CA LEU B 434 -52.27 0.63 -46.15
C LEU B 434 -51.17 0.16 -47.09
N TYR B 435 -51.43 -0.90 -47.86
CA TYR B 435 -50.41 -1.51 -48.70
C TYR B 435 -50.89 -1.52 -50.15
N GLN B 436 -50.07 -0.96 -51.04
CA GLN B 436 -50.35 -0.94 -52.47
C GLN B 436 -49.11 -1.40 -53.23
N ASP B 437 -49.32 -2.11 -54.35
CA ASP B 437 -48.16 -2.60 -55.12
C ASP B 437 -47.41 -1.48 -55.82
N ASP B 438 -47.88 -0.24 -55.69
CA ASP B 438 -47.31 0.93 -56.37
C ASP B 438 -45.78 0.87 -56.44
N GLY B 439 -45.15 0.61 -55.30
CA GLY B 439 -43.74 0.89 -55.11
C GLY B 439 -43.50 2.03 -54.16
N ARG B 440 -44.52 2.85 -53.90
CA ARG B 440 -44.47 3.84 -52.84
C ARG B 440 -44.83 3.27 -51.48
N ARG B 441 -45.40 2.05 -51.43
CA ARG B 441 -45.85 1.41 -50.21
C ARG B 441 -45.44 -0.06 -50.22
N PRO B 442 -45.62 -0.80 -49.13
CA PRO B 442 -45.29 -2.23 -49.14
C PRO B 442 -46.19 -3.01 -50.09
N LEU B 443 -45.83 -4.28 -50.30
CA LEU B 443 -46.46 -5.09 -51.34
C LEU B 443 -47.70 -5.83 -50.87
N ALA B 444 -47.67 -6.45 -49.69
CA ALA B 444 -48.76 -7.28 -49.20
C ALA B 444 -48.97 -7.00 -47.71
N SER B 445 -49.99 -7.63 -47.15
CA SER B 445 -50.22 -7.60 -45.70
C SER B 445 -50.14 -9.03 -45.19
N VAL B 446 -49.14 -9.30 -44.35
CA VAL B 446 -48.97 -10.61 -43.74
C VAL B 446 -49.97 -10.69 -42.59
N ASN B 447 -51.11 -11.33 -42.84
CA ASN B 447 -52.16 -11.43 -41.83
C ASN B 447 -51.82 -12.52 -40.82
N PHE B 448 -52.32 -12.33 -39.60
CA PHE B 448 -52.18 -13.35 -38.57
C PHE B 448 -53.16 -13.04 -37.46
N VAL B 449 -53.74 -14.09 -36.87
CA VAL B 449 -54.52 -13.92 -35.65
C VAL B 449 -53.64 -13.96 -34.41
N THR B 450 -52.43 -14.51 -34.51
CA THR B 450 -51.50 -14.58 -33.40
C THR B 450 -50.13 -14.95 -33.94
N CYS B 451 -49.13 -14.80 -33.08
CA CYS B 451 -47.74 -15.17 -33.36
C CYS B 451 -47.03 -15.35 -32.01
N HIS B 452 -45.69 -15.39 -32.03
CA HIS B 452 -44.96 -15.62 -30.80
C HIS B 452 -45.22 -14.51 -29.78
N ASP B 453 -45.39 -13.28 -30.24
CA ASP B 453 -45.91 -12.22 -29.37
C ASP B 453 -47.42 -12.38 -29.23
N GLY B 454 -47.91 -12.33 -27.99
CA GLY B 454 -49.33 -12.49 -27.69
C GLY B 454 -49.63 -13.89 -27.18
N PHE B 455 -50.93 -14.12 -26.94
CA PHE B 455 -51.35 -15.48 -26.62
C PHE B 455 -51.09 -16.39 -27.82
N THR B 456 -51.17 -17.69 -27.56
CA THR B 456 -51.40 -18.62 -28.66
C THR B 456 -52.88 -18.58 -29.01
N LEU B 457 -53.27 -19.35 -30.03
CA LEU B 457 -54.67 -19.35 -30.43
C LEU B 457 -55.54 -20.03 -29.37
N ARG B 458 -55.03 -21.08 -28.73
CA ARG B 458 -55.77 -21.70 -27.64
C ARG B 458 -55.91 -20.74 -26.47
N ASP B 459 -54.81 -20.10 -26.08
CA ASP B 459 -54.88 -19.07 -25.05
C ASP B 459 -55.62 -17.82 -25.54
N LEU B 460 -55.77 -17.64 -26.86
CA LEU B 460 -56.46 -16.46 -27.36
C LEU B 460 -57.90 -16.41 -26.90
N VAL B 461 -58.54 -17.57 -26.75
CA VAL B 461 -59.95 -17.65 -26.39
C VAL B 461 -60.16 -18.03 -24.94
N SER B 462 -59.10 -18.10 -24.14
CA SER B 462 -59.18 -18.70 -22.83
C SER B 462 -58.73 -17.82 -21.68
N TYR B 463 -58.36 -16.56 -21.92
CA TYR B 463 -57.92 -15.69 -20.84
C TYR B 463 -58.25 -14.25 -21.22
N ASN B 464 -59.09 -13.59 -20.41
CA ASN B 464 -59.29 -12.15 -20.63
C ASN B 464 -58.03 -11.37 -20.30
N GLU B 465 -57.18 -11.90 -19.41
CA GLU B 465 -55.99 -11.20 -18.98
C GLU B 465 -54.84 -12.19 -18.87
N LYS B 466 -53.63 -11.67 -19.03
CA LYS B 466 -52.43 -12.48 -19.15
C LYS B 466 -52.04 -13.10 -17.82
N ARG B 467 -51.11 -14.06 -17.88
CA ARG B 467 -50.68 -14.86 -16.75
C ARG B 467 -49.16 -15.01 -16.77
N ASN B 468 -48.46 -13.89 -16.99
CA ASN B 468 -47.01 -13.91 -17.20
C ASN B 468 -46.21 -13.85 -15.90
N GLU B 469 -46.79 -14.28 -14.78
CA GLU B 469 -46.08 -14.22 -13.51
C GLU B 469 -44.86 -15.12 -13.47
N ALA B 470 -44.80 -16.13 -14.35
CA ALA B 470 -43.61 -16.97 -14.43
C ALA B 470 -42.39 -16.16 -14.85
N ASN B 471 -42.60 -15.07 -15.60
CA ASN B 471 -41.53 -14.19 -16.05
C ASN B 471 -40.87 -13.43 -14.92
N GLY B 472 -41.45 -13.44 -13.72
CA GLY B 472 -40.87 -12.73 -12.59
C GLY B 472 -40.68 -11.25 -12.82
N GLU B 473 -41.54 -10.65 -13.63
CA GLU B 473 -41.51 -9.22 -13.91
C GLU B 473 -42.77 -8.53 -13.41
N GLY B 474 -43.25 -8.93 -12.22
CA GLY B 474 -44.41 -8.34 -11.58
C GLY B 474 -45.71 -8.52 -12.33
N ASN B 475 -45.65 -9.24 -13.46
CA ASN B 475 -46.73 -9.37 -14.44
C ASN B 475 -46.99 -8.03 -15.14
N ARG B 476 -45.90 -7.33 -15.48
CA ARG B 476 -45.95 -6.06 -16.19
C ARG B 476 -45.66 -6.19 -17.68
N ASP B 477 -44.98 -7.26 -18.08
CA ASP B 477 -44.33 -7.35 -19.39
C ASP B 477 -45.33 -7.62 -20.52
N GLY B 478 -44.82 -7.49 -21.74
CA GLY B 478 -45.52 -7.86 -22.96
C GLY B 478 -46.75 -7.01 -23.23
N GLU B 479 -47.70 -7.59 -23.96
CA GLU B 479 -49.01 -6.98 -24.12
C GLU B 479 -49.68 -6.81 -22.77
N ASN B 480 -50.70 -5.96 -22.73
CA ASN B 480 -51.50 -5.78 -21.53
C ASN B 480 -52.97 -6.13 -21.72
N TYR B 481 -53.52 -5.98 -22.92
CA TYR B 481 -54.88 -6.41 -23.23
C TYR B 481 -54.88 -6.99 -24.63
N ASN B 482 -55.28 -8.26 -24.76
CA ASN B 482 -55.12 -8.98 -26.00
C ASN B 482 -56.38 -9.01 -26.85
N ARG B 483 -57.40 -8.22 -26.48
CA ARG B 483 -58.66 -8.17 -27.22
C ARG B 483 -59.28 -9.56 -27.34
N SER B 484 -59.35 -10.25 -26.20
CA SER B 484 -59.81 -11.62 -26.13
C SER B 484 -61.00 -11.71 -25.16
N TRP B 485 -61.52 -12.94 -25.02
CA TRP B 485 -62.63 -13.20 -24.12
C TRP B 485 -62.61 -14.68 -23.76
N ASN B 486 -62.64 -14.97 -22.46
CA ASN B 486 -62.38 -16.33 -21.97
C ASN B 486 -63.45 -17.33 -22.41
N CYS B 487 -64.59 -16.85 -22.88
CA CYS B 487 -65.72 -17.69 -23.32
C CYS B 487 -66.44 -18.36 -22.14
N GLY B 488 -66.49 -17.70 -20.98
CA GLY B 488 -67.35 -18.15 -19.91
C GLY B 488 -66.66 -18.38 -18.58
N GLU B 489 -65.46 -18.95 -18.62
CA GLU B 489 -64.63 -19.16 -17.45
C GLU B 489 -63.18 -19.10 -17.90
N GLU B 490 -62.30 -18.58 -17.06
CA GLU B 490 -60.97 -18.17 -17.49
C GLU B 490 -59.92 -19.14 -16.93
N GLY B 491 -59.57 -20.14 -17.74
CA GLY B 491 -58.73 -21.26 -17.40
C GLY B 491 -59.32 -22.55 -17.93
N GLU B 492 -58.73 -23.68 -17.55
CA GLU B 492 -59.22 -24.98 -17.97
C GLU B 492 -60.47 -25.32 -17.17
N THR B 493 -61.63 -25.31 -17.83
CA THR B 493 -62.90 -25.66 -17.20
C THR B 493 -63.44 -26.96 -17.78
N GLU B 494 -64.00 -27.79 -16.91
CA GLU B 494 -64.68 -29.00 -17.35
C GLU B 494 -65.96 -28.68 -18.11
N ASP B 495 -66.48 -27.47 -17.98
CA ASP B 495 -67.76 -27.08 -18.59
C ASP B 495 -67.75 -27.37 -20.08
N VAL B 496 -68.61 -28.30 -20.50
CA VAL B 496 -68.65 -28.69 -21.90
C VAL B 496 -69.17 -27.57 -22.79
N GLY B 497 -70.12 -26.78 -22.28
CA GLY B 497 -70.64 -25.67 -23.06
C GLY B 497 -69.60 -24.60 -23.34
N ILE B 498 -68.62 -24.46 -22.46
CA ILE B 498 -67.52 -23.52 -22.69
C ILE B 498 -66.43 -24.14 -23.54
N THR B 499 -66.12 -25.42 -23.33
CA THR B 499 -65.01 -26.05 -24.03
C THR B 499 -65.24 -26.05 -25.54
N GLU B 500 -66.45 -26.39 -26.00
CA GLU B 500 -66.73 -26.41 -27.43
C GLU B 500 -66.71 -25.00 -28.03
N LEU B 501 -67.36 -24.04 -27.35
CA LEU B 501 -67.35 -22.65 -27.82
C LEU B 501 -65.93 -22.20 -28.12
N ARG B 502 -64.99 -22.53 -27.22
CA ARG B 502 -63.59 -22.19 -27.44
C ARG B 502 -63.02 -22.97 -28.61
N ALA B 503 -63.20 -24.29 -28.60
CA ALA B 503 -62.80 -25.12 -29.74
C ALA B 503 -63.33 -24.56 -31.04
N ARG B 504 -64.46 -23.83 -30.99
CA ARG B 504 -65.15 -23.27 -32.13
C ARG B 504 -64.61 -21.90 -32.52
N GLN B 505 -64.47 -20.99 -31.54
CA GLN B 505 -63.92 -19.68 -31.84
C GLN B 505 -62.59 -19.79 -32.55
N MET B 506 -61.78 -20.78 -32.17
CA MET B 506 -60.57 -21.08 -32.95
C MET B 506 -60.93 -21.36 -34.40
N ARG B 507 -61.94 -22.21 -34.62
CA ARG B 507 -62.32 -22.52 -35.99
C ARG B 507 -62.77 -21.28 -36.75
N ASN B 508 -63.20 -20.24 -36.03
CA ASN B 508 -63.46 -18.97 -36.69
C ASN B 508 -62.17 -18.24 -37.04
N PHE B 509 -61.20 -18.25 -36.12
CA PHE B 509 -59.93 -17.56 -36.36
C PHE B 509 -59.17 -18.22 -37.51
N LEU B 510 -59.03 -19.54 -37.49
CA LEU B 510 -58.27 -20.22 -38.53
C LEU B 510 -58.97 -20.16 -39.89
N ALA B 511 -60.30 -20.26 -39.91
CA ALA B 511 -61.00 -20.17 -41.18
C ALA B 511 -61.10 -18.74 -41.70
N THR B 512 -60.98 -17.74 -40.82
CA THR B 512 -60.92 -16.37 -41.27
C THR B 512 -59.51 -16.01 -41.76
N LEU B 513 -58.48 -16.53 -41.10
CA LEU B 513 -57.10 -16.29 -41.49
C LEU B 513 -56.78 -16.86 -42.86
N MET B 514 -57.53 -17.85 -43.32
CA MET B 514 -57.16 -18.53 -44.55
C MET B 514 -58.04 -18.19 -45.74
N LEU B 515 -59.24 -17.67 -45.53
CA LEU B 515 -60.03 -17.13 -46.63
C LEU B 515 -59.78 -15.64 -46.84
N SER B 516 -58.71 -15.11 -46.27
CA SER B 516 -58.33 -13.71 -46.43
C SER B 516 -57.49 -13.53 -47.68
N GLN B 517 -57.24 -12.27 -48.04
CA GLN B 517 -56.37 -11.91 -49.14
C GLN B 517 -55.06 -11.38 -48.57
N GLY B 518 -53.94 -11.87 -49.09
CA GLY B 518 -52.64 -11.43 -48.61
C GLY B 518 -51.62 -12.54 -48.49
N VAL B 519 -51.00 -12.63 -47.31
CA VAL B 519 -49.99 -13.65 -46.99
C VAL B 519 -50.25 -14.16 -45.58
N PRO B 520 -50.84 -15.34 -45.41
CA PRO B 520 -51.16 -15.83 -44.07
C PRO B 520 -49.94 -16.42 -43.35
N MET B 521 -49.95 -16.30 -42.02
CA MET B 521 -48.88 -16.79 -41.16
C MET B 521 -49.46 -17.53 -39.96
N LEU B 522 -48.93 -18.73 -39.70
CA LEU B 522 -49.30 -19.57 -38.57
C LEU B 522 -48.13 -19.63 -37.59
N SER B 523 -48.44 -19.82 -36.32
CA SER B 523 -47.44 -19.94 -35.26
C SER B 523 -47.35 -21.38 -34.78
N HIS B 524 -46.13 -21.87 -34.58
CA HIS B 524 -45.90 -23.30 -34.40
C HIS B 524 -46.62 -23.78 -33.14
N GLY B 525 -47.57 -24.68 -33.32
CA GLY B 525 -48.32 -25.26 -32.23
C GLY B 525 -49.80 -24.92 -32.24
N ASP B 526 -50.21 -23.88 -32.97
CA ASP B 526 -51.64 -23.54 -33.01
C ASP B 526 -52.48 -24.63 -33.67
N GLU B 527 -51.86 -25.56 -34.39
CA GLU B 527 -52.62 -26.66 -34.98
C GLU B 527 -53.03 -27.70 -33.94
N PHE B 528 -52.19 -27.93 -32.94
CA PHE B 528 -52.49 -28.88 -31.88
C PHE B 528 -53.04 -28.22 -30.63
N GLY B 529 -53.55 -27.00 -30.76
CA GLY B 529 -53.97 -26.24 -29.59
C GLY B 529 -52.87 -26.12 -28.57
N ARG B 530 -51.78 -25.46 -28.95
CA ARG B 530 -50.67 -25.24 -28.03
C ARG B 530 -51.08 -24.20 -26.98
N THR B 531 -50.56 -24.38 -25.77
CA THR B 531 -50.89 -23.46 -24.68
C THR B 531 -49.67 -23.15 -23.84
N GLN B 532 -49.47 -21.86 -23.59
CA GLN B 532 -48.36 -21.34 -22.81
C GLN B 532 -48.78 -20.95 -21.40
N GLY B 533 -49.73 -21.70 -20.83
CA GLY B 533 -50.17 -21.46 -19.46
C GLY B 533 -50.88 -20.14 -19.27
N GLY B 534 -51.29 -19.52 -20.38
CA GLY B 534 -51.85 -18.18 -20.32
C GLY B 534 -50.84 -17.08 -20.47
N ASN B 535 -49.57 -17.41 -20.67
CA ASN B 535 -48.50 -16.43 -20.81
C ASN B 535 -48.42 -16.00 -22.27
N ASN B 536 -48.59 -14.70 -22.52
CA ASN B 536 -48.46 -14.17 -23.87
C ASN B 536 -47.02 -13.90 -24.26
N ASN B 537 -46.12 -13.80 -23.28
CA ASN B 537 -44.74 -13.39 -23.49
C ASN B 537 -43.83 -14.52 -23.02
N ALA B 538 -43.45 -15.39 -23.96
CA ALA B 538 -42.77 -16.65 -23.67
C ALA B 538 -41.28 -16.59 -23.98
N TYR B 539 -40.61 -15.48 -23.66
CA TYR B 539 -39.23 -15.28 -24.07
C TYR B 539 -38.21 -15.87 -23.10
N CYS B 540 -38.58 -16.16 -21.85
CA CYS B 540 -37.62 -16.71 -20.90
C CYS B 540 -38.03 -18.09 -20.40
N GLN B 541 -39.09 -18.66 -20.98
CA GLN B 541 -39.57 -19.99 -20.63
C GLN B 541 -39.05 -20.96 -21.68
N ASP B 542 -37.86 -21.50 -21.42
CA ASP B 542 -37.25 -22.57 -22.21
C ASP B 542 -37.65 -23.92 -21.62
N ASN B 543 -38.95 -24.18 -21.63
CA ASN B 543 -39.53 -25.25 -20.83
C ASN B 543 -40.87 -25.64 -21.41
N GLU B 544 -41.59 -26.52 -20.68
CA GLU B 544 -42.83 -27.13 -21.16
C GLU B 544 -43.81 -26.12 -21.71
N VAL B 545 -43.64 -24.84 -21.37
CA VAL B 545 -44.59 -23.80 -21.78
C VAL B 545 -44.57 -23.61 -23.29
N SER B 546 -43.43 -23.17 -23.84
CA SER B 546 -43.33 -22.88 -25.26
C SER B 546 -42.69 -24.03 -26.04
N TRP B 547 -42.86 -25.26 -25.56
CA TRP B 547 -42.63 -26.40 -26.43
C TRP B 547 -43.89 -26.69 -27.22
N VAL B 548 -43.74 -27.49 -28.26
CA VAL B 548 -44.88 -28.00 -29.02
C VAL B 548 -45.07 -29.45 -28.62
N ARG B 549 -46.22 -29.75 -28.03
CA ARG B 549 -46.58 -31.12 -27.66
C ARG B 549 -47.32 -31.78 -28.82
N TRP B 550 -46.97 -33.03 -29.08
CA TRP B 550 -47.42 -33.65 -30.31
C TRP B 550 -48.49 -34.70 -30.00
N PRO B 551 -49.64 -34.63 -30.68
CA PRO B 551 -50.76 -35.53 -30.34
C PRO B 551 -50.37 -36.99 -30.49
N LYS B 552 -50.99 -37.86 -29.67
CA LYS B 552 -50.42 -39.22 -29.61
C LYS B 552 -50.92 -40.15 -30.72
N GLU B 553 -52.09 -40.76 -30.54
CA GLU B 553 -52.94 -41.23 -31.64
C GLU B 553 -54.39 -41.26 -31.19
N ASN B 554 -54.58 -41.52 -29.89
CA ASN B 554 -55.89 -41.60 -29.24
C ASN B 554 -56.32 -40.23 -28.73
N SER B 555 -55.74 -39.17 -29.26
CA SER B 555 -56.04 -37.80 -28.88
C SER B 555 -57.16 -37.31 -29.80
N GLU B 556 -58.40 -37.37 -29.29
CA GLU B 556 -59.57 -37.14 -30.13
C GLU B 556 -59.61 -35.72 -30.68
N ALA B 557 -59.73 -34.73 -29.80
CA ALA B 557 -60.06 -33.38 -30.24
C ALA B 557 -58.92 -32.72 -31.00
N GLU B 558 -57.67 -33.10 -30.69
CA GLU B 558 -56.52 -32.41 -31.24
C GLU B 558 -56.29 -32.77 -32.70
N ALA B 559 -56.55 -34.04 -33.07
CA ALA B 559 -56.42 -34.44 -34.46
C ALA B 559 -57.50 -33.80 -35.33
N THR B 560 -58.65 -33.47 -34.73
CA THR B 560 -59.67 -32.71 -35.46
C THR B 560 -59.16 -31.31 -35.79
N LEU B 561 -58.70 -30.57 -34.77
CA LEU B 561 -58.17 -29.23 -35.01
C LEU B 561 -57.04 -29.24 -36.02
N LEU B 562 -56.19 -30.28 -35.97
CA LEU B 562 -55.13 -30.38 -36.98
C LEU B 562 -55.70 -30.74 -38.36
N ARG B 563 -56.82 -31.47 -38.40
CA ARG B 563 -57.44 -31.83 -39.66
C ARG B 563 -58.48 -30.82 -40.12
N PHE B 564 -58.92 -29.91 -39.24
CA PHE B 564 -59.56 -28.69 -39.70
C PHE B 564 -58.54 -27.81 -40.43
N THR B 565 -57.39 -27.55 -39.80
CA THR B 565 -56.36 -26.71 -40.40
C THR B 565 -55.86 -27.31 -41.70
N ARG B 566 -55.53 -28.60 -41.69
CA ARG B 566 -54.91 -29.22 -42.85
C ARG B 566 -55.83 -29.20 -44.06
N SER B 567 -57.14 -29.35 -43.84
CA SER B 567 -58.12 -29.20 -44.92
C SER B 567 -58.55 -27.75 -45.14
N MET B 568 -58.26 -26.85 -44.20
CA MET B 568 -58.41 -25.41 -44.45
C MET B 568 -57.24 -24.84 -45.23
N VAL B 569 -56.15 -25.58 -45.37
CA VAL B 569 -55.07 -25.17 -46.26
C VAL B 569 -55.31 -25.72 -47.67
N ARG B 570 -55.84 -26.94 -47.76
CA ARG B 570 -56.24 -27.50 -49.04
C ARG B 570 -57.16 -26.57 -49.81
N LEU B 571 -57.91 -25.72 -49.11
CA LEU B 571 -58.82 -24.80 -49.77
C LEU B 571 -58.08 -23.61 -50.37
N ARG B 572 -56.94 -23.24 -49.80
CA ARG B 572 -56.20 -22.10 -50.33
C ARG B 572 -55.61 -22.41 -51.70
N ARG B 573 -54.90 -23.54 -51.82
CA ARG B 573 -54.33 -23.92 -53.11
C ARG B 573 -55.43 -24.24 -54.13
N GLU B 574 -56.44 -25.02 -53.74
CA GLU B 574 -57.39 -25.58 -54.69
C GLU B 574 -58.20 -24.52 -55.42
N HIS B 575 -58.33 -23.32 -54.86
CA HIS B 575 -59.29 -22.34 -55.35
C HIS B 575 -58.64 -20.95 -55.47
N PRO B 576 -58.30 -20.52 -56.69
CA PRO B 576 -57.55 -19.28 -56.86
C PRO B 576 -58.30 -18.00 -56.50
N VAL B 577 -59.56 -18.05 -56.07
CA VAL B 577 -60.27 -16.80 -55.80
C VAL B 577 -59.81 -16.17 -54.49
N PHE B 578 -59.28 -16.96 -53.56
CA PHE B 578 -58.86 -16.42 -52.27
C PHE B 578 -57.48 -15.78 -52.30
N ARG B 579 -56.70 -15.96 -53.39
CA ARG B 579 -55.30 -15.49 -53.45
C ARG B 579 -55.03 -14.78 -54.78
N ARG B 580 -55.29 -13.47 -54.80
CA ARG B 580 -55.13 -12.66 -56.00
C ARG B 580 -53.70 -12.13 -56.10
N ARG B 581 -53.04 -12.39 -57.24
CA ARG B 581 -51.65 -11.97 -57.39
C ARG B 581 -51.53 -10.46 -57.34
N ARG B 582 -52.48 -9.76 -57.94
CA ARG B 582 -52.75 -8.37 -57.60
C ARG B 582 -53.95 -8.42 -56.66
N PHE B 583 -53.73 -8.20 -55.36
CA PHE B 583 -54.84 -8.21 -54.43
C PHE B 583 -55.77 -7.07 -54.78
N PHE B 584 -56.82 -6.87 -53.98
CA PHE B 584 -57.75 -5.83 -54.37
C PHE B 584 -57.14 -4.46 -54.12
N HIS B 585 -55.93 -4.24 -54.67
CA HIS B 585 -55.27 -2.95 -54.66
C HIS B 585 -55.84 -2.04 -55.73
N GLY B 586 -55.69 -2.45 -57.00
CA GLY B 586 -56.09 -1.59 -58.10
C GLY B 586 -57.57 -1.29 -58.10
N ARG B 587 -58.39 -2.31 -57.86
CA ARG B 587 -59.83 -2.18 -57.98
C ARG B 587 -60.46 -1.92 -56.61
N PRO B 588 -61.70 -1.42 -56.57
CA PRO B 588 -62.30 -1.07 -55.29
C PRO B 588 -62.93 -2.26 -54.59
N VAL B 589 -63.16 -2.09 -53.28
CA VAL B 589 -63.78 -3.17 -52.52
C VAL B 589 -65.29 -3.00 -52.48
N GLU B 590 -65.92 -3.10 -53.65
CA GLU B 590 -67.29 -3.57 -53.79
C GLU B 590 -67.37 -4.34 -55.11
N GLY B 591 -66.47 -3.98 -56.03
CA GLY B 591 -66.72 -4.15 -57.44
C GLY B 591 -67.72 -3.11 -57.90
N THR B 592 -67.61 -2.63 -59.15
CA THR B 592 -68.64 -1.74 -59.68
C THR B 592 -69.93 -2.53 -59.83
N HIS B 593 -70.93 -2.22 -58.99
CA HIS B 593 -72.07 -3.10 -58.81
C HIS B 593 -72.78 -3.37 -60.14
N ASP B 594 -72.67 -4.60 -60.64
CA ASP B 594 -73.29 -5.03 -61.89
C ASP B 594 -73.09 -6.54 -62.02
N GLU B 595 -73.44 -7.08 -63.19
CA GLU B 595 -73.36 -8.52 -63.41
C GLU B 595 -71.94 -9.05 -63.24
N LEU B 596 -70.93 -8.24 -63.54
CA LEU B 596 -69.55 -8.71 -63.58
C LEU B 596 -68.72 -7.97 -62.54
N THR B 597 -68.65 -8.53 -61.33
CA THR B 597 -67.76 -8.04 -60.29
C THR B 597 -67.00 -9.22 -59.69
N ASP B 598 -65.79 -8.91 -59.21
CA ASP B 598 -64.99 -9.93 -58.53
C ASP B 598 -65.60 -10.30 -57.18
N ILE B 599 -66.21 -9.32 -56.50
CA ILE B 599 -66.72 -9.47 -55.15
C ILE B 599 -68.07 -8.76 -55.06
N ALA B 600 -68.85 -9.15 -54.05
CA ALA B 600 -70.13 -8.48 -53.79
C ALA B 600 -70.52 -8.77 -52.35
N TRP B 601 -70.56 -7.74 -51.52
CA TRP B 601 -70.93 -7.90 -50.12
C TRP B 601 -72.45 -7.94 -50.00
N PHE B 602 -72.94 -8.74 -49.04
CA PHE B 602 -74.38 -8.81 -48.84
C PHE B 602 -74.76 -8.62 -47.39
N THR B 603 -76.05 -8.82 -47.09
CA THR B 603 -76.66 -8.60 -45.80
C THR B 603 -77.53 -9.81 -45.46
N PRO B 604 -77.49 -10.30 -44.20
CA PRO B 604 -78.22 -11.53 -43.86
C PRO B 604 -79.72 -11.47 -44.15
N GLU B 605 -80.18 -10.31 -44.64
CA GLU B 605 -81.50 -10.22 -45.24
C GLU B 605 -81.50 -10.55 -46.73
N GLY B 606 -80.34 -10.52 -47.38
CA GLY B 606 -80.21 -10.90 -48.77
C GLY B 606 -79.93 -9.76 -49.75
N GLU B 607 -79.75 -8.54 -49.28
CA GLU B 607 -79.61 -7.36 -50.12
C GLU B 607 -78.14 -6.93 -50.18
N GLU B 608 -77.84 -5.96 -51.04
CA GLU B 608 -76.49 -5.45 -51.20
C GLU B 608 -76.34 -4.13 -50.44
N MET B 609 -75.31 -4.06 -49.58
CA MET B 609 -75.10 -2.92 -48.70
C MET B 609 -74.94 -1.64 -49.52
N THR B 610 -75.17 -0.50 -48.86
CA THR B 610 -75.18 0.80 -49.54
C THR B 610 -74.41 1.83 -48.71
N SER B 611 -74.31 3.03 -49.29
CA SER B 611 -73.40 4.08 -48.81
C SER B 611 -73.52 4.30 -47.30
N ARG B 612 -74.74 4.49 -46.82
CA ARG B 612 -74.97 4.59 -45.38
C ARG B 612 -74.48 3.34 -44.67
N ASP B 613 -74.97 2.17 -45.11
CA ASP B 613 -74.74 0.94 -44.38
C ASP B 613 -73.27 0.55 -44.30
N TRP B 614 -72.38 1.26 -44.99
CA TRP B 614 -70.95 1.06 -44.76
C TRP B 614 -70.52 1.61 -43.40
N GLN B 615 -71.00 2.80 -43.06
CA GLN B 615 -70.78 3.37 -41.72
C GLN B 615 -71.68 2.61 -40.76
N ALA B 616 -71.25 1.40 -40.41
CA ALA B 616 -72.06 0.44 -39.65
C ALA B 616 -71.24 -0.11 -38.50
N ALA B 617 -71.48 0.42 -37.30
CA ALA B 617 -70.76 -0.01 -36.11
C ALA B 617 -70.99 -1.49 -35.81
N HIS B 618 -72.23 -1.87 -35.49
CA HIS B 618 -72.56 -3.26 -35.15
C HIS B 618 -72.67 -4.08 -36.44
N ALA B 619 -71.51 -4.25 -37.09
CA ALA B 619 -71.40 -5.00 -38.35
C ALA B 619 -70.89 -6.40 -38.03
N GLN B 620 -71.84 -7.27 -37.64
CA GLN B 620 -71.53 -8.59 -37.12
C GLN B 620 -72.00 -9.73 -38.01
N ALA B 621 -72.90 -9.48 -38.95
CA ALA B 621 -73.29 -10.45 -39.96
C ALA B 621 -72.96 -9.91 -41.33
N LEU B 622 -72.58 -10.82 -42.24
CA LEU B 622 -72.20 -10.42 -43.59
C LEU B 622 -72.40 -11.61 -44.50
N THR B 623 -72.49 -11.33 -45.79
CA THR B 623 -72.46 -12.37 -46.82
C THR B 623 -71.55 -11.87 -47.93
N VAL B 624 -70.33 -12.41 -47.99
CA VAL B 624 -69.35 -12.01 -48.99
C VAL B 624 -69.39 -13.03 -50.13
N PHE B 625 -69.80 -12.56 -51.30
CA PHE B 625 -69.86 -13.35 -52.51
C PHE B 625 -68.65 -13.04 -53.36
N LEU B 626 -67.80 -14.04 -53.58
CA LEU B 626 -66.63 -13.90 -54.43
C LEU B 626 -66.89 -14.61 -55.75
N ASN B 627 -66.65 -13.93 -56.86
CA ASN B 627 -66.88 -14.50 -58.19
C ASN B 627 -65.60 -15.13 -58.69
N GLY B 628 -65.72 -16.30 -59.30
CA GLY B 628 -64.57 -17.01 -59.80
C GLY B 628 -64.20 -16.64 -61.22
N ASN B 629 -65.21 -16.34 -62.05
CA ASN B 629 -65.01 -16.10 -63.47
C ASN B 629 -64.83 -14.62 -63.82
N ALA B 630 -64.28 -13.83 -62.89
CA ALA B 630 -63.99 -12.42 -63.12
C ALA B 630 -62.61 -12.04 -62.59
N ILE B 631 -61.70 -13.01 -62.51
CA ILE B 631 -60.34 -12.81 -62.02
C ILE B 631 -59.53 -12.14 -63.14
N SER B 632 -59.38 -10.82 -63.06
CA SER B 632 -58.71 -10.04 -64.11
C SER B 632 -57.20 -10.04 -63.89
N GLU B 633 -56.62 -11.22 -63.98
CA GLU B 633 -55.17 -11.41 -63.95
C GLU B 633 -54.83 -12.57 -64.87
N PRO B 634 -53.66 -12.57 -65.47
CA PRO B 634 -53.20 -13.78 -66.17
C PRO B 634 -52.56 -14.76 -65.20
N GLY B 635 -52.19 -15.93 -65.70
CA GLY B 635 -51.42 -16.88 -64.95
C GLY B 635 -49.96 -16.84 -65.34
N THR B 636 -49.23 -17.90 -64.99
CA THR B 636 -47.80 -17.96 -65.29
C THR B 636 -47.55 -17.87 -66.78
N GLN B 637 -48.26 -18.67 -67.57
CA GLN B 637 -48.01 -18.78 -69.00
C GLN B 637 -49.22 -18.34 -69.83
N GLY B 638 -49.87 -17.26 -69.40
CA GLY B 638 -50.86 -16.59 -70.24
C GLY B 638 -52.26 -17.15 -70.20
N GLU B 639 -52.54 -18.08 -69.29
CA GLU B 639 -53.89 -18.61 -69.15
C GLU B 639 -54.82 -17.55 -68.56
N ARG B 640 -56.12 -17.81 -68.64
CA ARG B 640 -57.12 -16.99 -67.94
C ARG B 640 -57.57 -17.79 -66.72
N ILE B 641 -57.06 -17.40 -65.55
CA ILE B 641 -57.40 -18.10 -64.32
C ILE B 641 -58.91 -18.07 -64.09
N ALA B 642 -59.45 -19.20 -63.64
CA ALA B 642 -60.87 -19.29 -63.33
C ALA B 642 -61.05 -20.31 -62.22
N ASP B 643 -62.20 -20.25 -61.57
CA ASP B 643 -62.45 -21.01 -60.35
C ASP B 643 -63.93 -20.93 -60.01
N ASP B 644 -64.38 -21.86 -59.17
CA ASP B 644 -65.74 -21.85 -58.66
C ASP B 644 -66.02 -20.52 -57.96
N SER B 645 -67.28 -20.12 -57.95
CA SER B 645 -67.68 -18.97 -57.16
C SER B 645 -67.94 -19.39 -55.73
N PHE B 646 -67.73 -18.46 -54.79
CA PHE B 646 -67.87 -18.75 -53.38
C PHE B 646 -68.71 -17.70 -52.67
N LEU B 647 -69.26 -18.12 -51.52
CA LEU B 647 -70.16 -17.33 -50.68
C LEU B 647 -69.67 -17.44 -49.24
N LEU B 648 -69.34 -16.33 -48.61
CA LEU B 648 -68.93 -16.32 -47.21
C LEU B 648 -70.04 -15.76 -46.33
N MET B 649 -70.23 -16.38 -45.15
CA MET B 649 -71.25 -15.97 -44.21
C MET B 649 -70.65 -15.89 -42.81
N PHE B 650 -70.41 -14.67 -42.33
CA PHE B 650 -69.93 -14.41 -40.98
C PHE B 650 -71.10 -14.08 -40.05
N ASN B 651 -71.02 -14.55 -38.81
CA ASN B 651 -71.96 -14.14 -37.77
C ASN B 651 -71.19 -13.96 -36.47
N ALA B 652 -70.72 -12.74 -36.23
CA ALA B 652 -70.02 -12.39 -35.00
C ALA B 652 -70.98 -12.02 -33.88
N SER B 653 -72.22 -12.45 -33.99
CA SER B 653 -73.31 -12.11 -33.07
C SER B 653 -73.55 -13.23 -32.08
N ALA B 654 -74.20 -12.89 -30.97
CA ALA B 654 -74.32 -13.79 -29.83
C ALA B 654 -75.61 -14.61 -29.83
N LYS B 655 -76.54 -14.34 -30.74
CA LYS B 655 -77.72 -15.16 -30.92
C LYS B 655 -77.67 -15.84 -32.28
N GLU B 656 -78.63 -16.74 -32.52
CA GLU B 656 -78.72 -17.33 -33.86
C GLU B 656 -79.26 -16.29 -34.83
N LEU B 657 -78.81 -16.40 -36.09
CA LEU B 657 -79.32 -15.59 -37.18
C LEU B 657 -79.66 -16.50 -38.36
N GLU B 658 -80.66 -16.09 -39.12
CA GLU B 658 -81.04 -16.79 -40.35
C GLU B 658 -80.54 -15.97 -41.53
N PHE B 659 -79.75 -16.62 -42.40
CA PHE B 659 -79.11 -15.97 -43.54
C PHE B 659 -79.81 -16.36 -44.83
N VAL B 660 -79.96 -15.38 -45.71
CA VAL B 660 -80.53 -15.57 -47.04
C VAL B 660 -79.42 -15.90 -48.02
N VAL B 661 -79.46 -17.09 -48.60
CA VAL B 661 -78.57 -17.45 -49.68
C VAL B 661 -78.87 -16.54 -50.88
N PRO B 662 -78.06 -15.53 -51.15
CA PRO B 662 -78.35 -14.63 -52.27
C PRO B 662 -77.73 -15.13 -53.57
N ASP B 663 -78.56 -15.59 -54.51
CA ASP B 663 -78.14 -16.02 -55.84
C ASP B 663 -79.40 -16.35 -56.62
N SER B 664 -79.38 -16.07 -57.92
CA SER B 664 -80.54 -16.16 -58.78
C SER B 664 -81.33 -17.41 -58.44
N HIS B 665 -82.59 -17.20 -58.05
CA HIS B 665 -83.35 -18.00 -57.10
C HIS B 665 -83.06 -19.49 -57.21
N GLY B 666 -83.19 -20.05 -58.41
CA GLY B 666 -82.96 -21.48 -58.62
C GLY B 666 -81.52 -21.90 -58.93
N ARG B 667 -80.55 -21.15 -58.41
CA ARG B 667 -79.15 -21.57 -58.48
C ARG B 667 -78.80 -22.41 -57.26
N TYR B 668 -77.93 -23.40 -57.46
CA TYR B 668 -77.60 -24.37 -56.42
C TYR B 668 -76.15 -24.20 -55.97
N TRP B 669 -75.96 -24.01 -54.67
CA TRP B 669 -74.66 -23.88 -54.03
C TRP B 669 -74.40 -25.12 -53.17
N ARG B 670 -73.15 -25.27 -52.72
CA ARG B 670 -72.80 -26.35 -51.80
C ARG B 670 -72.03 -25.79 -50.62
N MET B 671 -72.39 -26.28 -49.43
CA MET B 671 -71.72 -25.88 -48.21
C MET B 671 -70.41 -26.65 -48.08
N VAL B 672 -69.31 -25.93 -47.88
CA VAL B 672 -68.01 -26.57 -47.90
C VAL B 672 -67.24 -26.30 -46.61
N VAL B 673 -67.55 -25.21 -45.91
CA VAL B 673 -66.91 -24.88 -44.64
C VAL B 673 -67.97 -24.54 -43.61
N ASP B 674 -67.82 -25.11 -42.41
CA ASP B 674 -68.78 -24.89 -41.33
C ASP B 674 -67.99 -24.87 -40.03
N THR B 675 -67.75 -23.67 -39.50
CA THR B 675 -67.08 -23.54 -38.22
C THR B 675 -67.83 -24.27 -37.11
N SER B 676 -69.17 -24.24 -37.17
CA SER B 676 -69.99 -24.55 -36.00
C SER B 676 -70.03 -26.04 -35.68
N ASP B 677 -70.04 -26.93 -36.75
CA ASP B 677 -70.26 -28.25 -36.18
C ASP B 677 -68.94 -28.91 -35.78
N PRO B 678 -68.94 -29.69 -34.70
CA PRO B 678 -67.67 -30.17 -34.13
C PRO B 678 -67.10 -31.42 -34.79
N GLU B 679 -67.74 -31.97 -35.81
CA GLU B 679 -67.04 -32.95 -36.63
C GLU B 679 -65.84 -32.33 -37.33
N GLY B 680 -65.90 -31.03 -37.61
CA GLY B 680 -64.89 -30.34 -38.37
C GLY B 680 -65.28 -30.29 -39.84
N MET B 681 -65.69 -29.12 -40.34
CA MET B 681 -66.24 -29.20 -41.69
C MET B 681 -65.51 -28.33 -42.70
N PRO B 682 -64.19 -28.28 -42.67
CA PRO B 682 -63.43 -28.29 -43.92
C PRO B 682 -63.22 -29.71 -44.43
N PRO B 683 -63.08 -30.75 -43.53
CA PRO B 683 -63.01 -32.12 -44.05
C PRO B 683 -64.28 -32.61 -44.74
N GLN B 684 -65.40 -32.62 -44.05
CA GLN B 684 -66.55 -33.41 -44.49
C GLN B 684 -67.44 -32.60 -45.43
N GLN B 685 -68.02 -33.30 -46.40
CA GLN B 685 -68.91 -32.66 -47.36
C GLN B 685 -70.20 -32.23 -46.67
N GLY B 686 -70.85 -31.23 -47.25
CA GLY B 686 -72.11 -30.76 -46.72
C GLY B 686 -73.24 -30.93 -47.71
N PRO B 687 -74.47 -30.74 -47.24
CA PRO B 687 -75.62 -30.70 -48.15
C PRO B 687 -75.60 -29.46 -49.03
N GLU B 688 -76.61 -29.31 -49.87
CA GLU B 688 -76.71 -28.18 -50.78
C GLU B 688 -77.89 -27.30 -50.39
N LEU B 689 -77.79 -26.02 -50.70
CA LEU B 689 -78.84 -25.06 -50.38
C LEU B 689 -79.66 -24.72 -51.62
N ALA B 690 -80.78 -24.03 -51.40
CA ALA B 690 -81.72 -23.76 -52.49
C ALA B 690 -81.29 -22.58 -53.34
N GLY B 691 -80.76 -21.52 -52.72
CA GLY B 691 -80.45 -20.30 -53.43
C GLY B 691 -81.49 -19.21 -53.25
N GLY B 692 -82.63 -19.54 -52.66
CA GLY B 692 -83.64 -18.55 -52.32
C GLY B 692 -84.30 -18.88 -51.00
N GLU B 693 -83.56 -19.59 -50.15
CA GLU B 693 -84.05 -20.04 -48.85
C GLU B 693 -83.21 -19.42 -47.75
N ARG B 694 -83.84 -19.17 -46.61
CA ARG B 694 -83.09 -18.86 -45.41
C ARG B 694 -82.36 -20.12 -44.95
N VAL B 695 -81.33 -19.92 -44.13
CA VAL B 695 -80.66 -21.01 -43.42
C VAL B 695 -80.16 -20.48 -42.09
N THR B 696 -80.39 -21.25 -41.04
CA THR B 696 -79.95 -20.84 -39.70
C THR B 696 -78.46 -21.09 -39.56
N LEU B 697 -77.77 -20.12 -38.96
CA LEU B 697 -76.35 -20.18 -38.65
C LEU B 697 -76.17 -20.01 -37.15
N ALA B 698 -75.22 -20.72 -36.57
CA ALA B 698 -75.02 -20.66 -35.13
C ALA B 698 -74.43 -19.31 -34.72
N PRO B 699 -74.56 -18.94 -33.44
CA PRO B 699 -73.91 -17.70 -32.96
C PRO B 699 -72.41 -17.90 -32.78
N LEU B 700 -71.62 -16.97 -33.33
CA LEU B 700 -70.16 -17.08 -33.42
C LEU B 700 -69.74 -18.30 -34.25
N SER B 701 -70.07 -18.22 -35.55
CA SER B 701 -69.78 -19.30 -36.48
C SER B 701 -69.57 -18.75 -37.89
N LEU B 702 -69.15 -19.63 -38.80
CA LEU B 702 -68.84 -19.28 -40.18
C LEU B 702 -69.45 -20.30 -41.14
N THR B 703 -69.70 -19.87 -42.37
CA THR B 703 -70.29 -20.70 -43.41
C THR B 703 -69.73 -20.28 -44.78
N VAL B 704 -69.37 -21.27 -45.60
CA VAL B 704 -68.79 -21.03 -46.93
C VAL B 704 -69.53 -21.89 -47.95
N LEU B 705 -69.95 -21.28 -49.04
CA LEU B 705 -70.75 -21.97 -50.05
C LEU B 705 -70.01 -21.99 -51.38
N ARG B 706 -69.93 -23.18 -51.99
CA ARG B 706 -69.21 -23.41 -53.23
C ARG B 706 -70.22 -23.62 -54.36
N ARG B 707 -69.91 -23.08 -55.53
CA ARG B 707 -70.79 -23.27 -56.68
C ARG B 707 -70.03 -23.13 -57.99
N PRO B 708 -70.17 -24.09 -58.92
CA PRO B 708 -69.56 -23.98 -60.25
C PRO B 708 -70.16 -22.87 -61.10
N MET C 4 -34.55 -20.93 35.01
CA MET C 4 -33.51 -20.07 35.56
C MET C 4 -32.39 -20.00 34.52
N GLN C 5 -32.74 -19.63 33.28
CA GLN C 5 -31.72 -19.19 32.34
C GLN C 5 -32.00 -17.80 31.78
N VAL C 6 -33.22 -17.60 31.26
CA VAL C 6 -33.60 -16.41 30.51
C VAL C 6 -35.10 -16.19 30.72
N TRP C 7 -35.49 -14.89 30.91
CA TRP C 7 -36.80 -14.55 31.47
C TRP C 7 -37.86 -14.42 30.38
N PRO C 8 -39.14 -14.74 30.71
CA PRO C 8 -40.19 -14.80 29.68
C PRO C 8 -40.72 -13.46 29.20
N GLY C 9 -40.89 -12.50 30.11
CA GLY C 9 -41.34 -11.17 29.71
C GLY C 9 -42.72 -11.12 29.04
N GLN C 10 -42.96 -9.98 28.38
CA GLN C 10 -44.22 -9.70 27.71
C GLN C 10 -44.11 -9.99 26.21
N ALA C 11 -45.16 -9.59 25.47
CA ALA C 11 -45.17 -9.67 24.02
C ALA C 11 -45.56 -8.37 23.34
N TYR C 12 -46.10 -7.38 24.08
CA TYR C 12 -46.21 -5.99 23.66
C TYR C 12 -45.20 -5.16 24.44
N PRO C 13 -44.50 -4.22 23.81
CA PRO C 13 -44.61 -3.97 22.37
C PRO C 13 -43.53 -4.73 21.59
N LEU C 14 -43.83 -5.02 20.32
CA LEU C 14 -42.93 -5.87 19.53
C LEU C 14 -41.55 -5.24 19.41
N GLY C 15 -40.53 -6.08 19.40
CA GLY C 15 -39.18 -5.61 19.17
C GLY C 15 -38.37 -5.48 20.44
N ALA C 16 -37.26 -4.75 20.32
CA ALA C 16 -36.42 -4.44 21.47
C ALA C 16 -37.07 -3.38 22.34
N THR C 17 -37.03 -3.57 23.65
CA THR C 17 -37.50 -2.59 24.64
C THR C 17 -36.61 -2.67 25.87
N TYR C 18 -36.01 -1.55 26.25
CA TYR C 18 -35.04 -1.49 27.34
C TYR C 18 -35.73 -1.11 28.64
N ASP C 19 -35.56 -1.94 29.67
CA ASP C 19 -36.15 -1.73 30.99
C ASP C 19 -35.27 -0.90 31.92
N GLY C 20 -34.00 -0.69 31.58
CA GLY C 20 -33.00 -0.25 32.53
C GLY C 20 -32.27 -1.40 33.19
N ALA C 21 -32.94 -2.54 33.35
CA ALA C 21 -32.34 -3.74 33.92
C ALA C 21 -32.22 -4.88 32.91
N GLY C 22 -32.78 -4.73 31.72
CA GLY C 22 -32.64 -5.73 30.66
C GLY C 22 -33.27 -5.27 29.37
N THR C 23 -33.88 -6.19 28.63
CA THR C 23 -34.45 -5.86 27.34
C THR C 23 -35.45 -6.96 26.97
N ASN C 24 -36.62 -6.55 26.48
CA ASN C 24 -37.72 -7.47 26.20
C ASN C 24 -37.86 -7.62 24.68
N PHE C 25 -37.44 -8.76 24.16
CA PHE C 25 -37.46 -9.03 22.72
C PHE C 25 -38.80 -9.68 22.37
N ALA C 26 -39.50 -9.09 21.40
CA ALA C 26 -40.73 -9.67 20.91
C ALA C 26 -40.79 -9.55 19.40
N VAL C 27 -41.23 -10.63 18.74
CA VAL C 27 -41.38 -10.67 17.29
C VAL C 27 -42.64 -11.47 16.97
N PHE C 28 -43.05 -11.42 15.70
CA PHE C 28 -44.28 -12.07 15.26
C PHE C 28 -43.99 -13.00 14.09
N SER C 29 -44.58 -14.19 14.11
CA SER C 29 -44.50 -15.08 12.96
C SER C 29 -45.62 -16.11 13.04
N GLU C 30 -46.62 -15.97 12.17
CA GLU C 30 -47.67 -16.98 12.08
C GLU C 30 -47.13 -18.32 11.62
N ALA C 31 -46.15 -18.30 10.71
CA ALA C 31 -45.73 -19.51 10.02
C ALA C 31 -44.32 -19.95 10.38
N ALA C 32 -43.81 -19.56 11.55
CA ALA C 32 -42.53 -20.06 12.01
C ALA C 32 -42.71 -21.37 12.77
N HIS C 33 -41.81 -22.32 12.51
CA HIS C 33 -41.71 -23.51 13.33
C HIS C 33 -40.95 -23.25 14.62
N ARG C 34 -39.89 -22.46 14.53
CA ARG C 34 -39.01 -22.19 15.66
C ARG C 34 -38.31 -20.87 15.40
N ILE C 35 -38.24 -20.01 16.42
CA ILE C 35 -37.60 -18.71 16.33
C ILE C 35 -36.45 -18.65 17.33
N GLU C 36 -35.34 -18.03 16.93
CA GLU C 36 -34.17 -17.88 17.78
C GLU C 36 -33.70 -16.43 17.76
N LEU C 37 -33.03 -16.03 18.85
CA LEU C 37 -32.51 -14.68 19.04
C LEU C 37 -31.00 -14.73 19.00
N CYS C 38 -30.40 -14.14 17.96
CA CYS C 38 -28.97 -14.20 17.70
C CYS C 38 -28.32 -12.90 18.15
N LEU C 39 -27.46 -12.99 19.18
CA LEU C 39 -26.75 -11.83 19.71
C LEU C 39 -25.35 -11.80 19.14
N LEU C 40 -25.10 -10.83 18.25
CA LEU C 40 -23.80 -10.65 17.60
C LEU C 40 -22.91 -9.81 18.50
N HIS C 41 -21.93 -10.46 19.11
CA HIS C 41 -21.03 -9.79 20.04
C HIS C 41 -20.00 -9.01 19.25
N ASP C 42 -18.95 -8.56 19.91
CA ASP C 42 -17.95 -7.73 19.27
C ASP C 42 -16.78 -8.54 18.70
N ASP C 43 -16.79 -9.87 18.87
CA ASP C 43 -15.82 -10.76 18.25
C ASP C 43 -16.42 -11.57 17.11
N GLY C 44 -17.43 -11.01 16.44
CA GLY C 44 -18.09 -11.65 15.32
C GLY C 44 -18.64 -13.04 15.64
N SER C 45 -18.83 -13.32 16.92
CA SER C 45 -19.41 -14.57 17.36
C SER C 45 -20.93 -14.44 17.43
N GLU C 46 -21.61 -15.59 17.37
CA GLU C 46 -23.06 -15.63 17.42
C GLU C 46 -23.55 -16.42 18.63
N THR C 47 -24.64 -15.93 19.22
CA THR C 47 -25.24 -16.53 20.41
C THR C 47 -26.72 -16.79 20.15
N ALA C 48 -27.10 -18.07 20.08
CA ALA C 48 -28.48 -18.44 19.84
C ALA C 48 -29.21 -18.59 21.18
N VAL C 49 -30.25 -17.79 21.38
CA VAL C 49 -31.10 -17.87 22.57
C VAL C 49 -32.53 -18.07 22.09
N GLU C 50 -33.03 -19.29 22.19
CA GLU C 50 -34.31 -19.66 21.61
C GLU C 50 -35.46 -19.05 22.38
N LEU C 51 -36.27 -18.23 21.71
CA LEU C 51 -37.51 -17.74 22.29
C LEU C 51 -38.53 -18.87 22.35
N ARG C 52 -39.02 -19.16 23.56
CA ARG C 52 -40.02 -20.20 23.78
C ARG C 52 -41.42 -19.66 24.04
N GLU C 53 -41.53 -18.56 24.79
CA GLU C 53 -42.83 -18.07 25.22
C GLU C 53 -43.62 -17.60 24.00
N THR C 54 -44.60 -18.40 23.59
CA THR C 54 -45.46 -18.09 22.45
C THR C 54 -46.75 -17.47 22.98
N ASP C 55 -47.03 -16.24 22.57
CA ASP C 55 -48.24 -15.55 23.00
C ASP C 55 -48.97 -15.03 21.77
N ALA C 56 -50.05 -15.70 21.40
CA ALA C 56 -50.87 -15.35 20.24
C ALA C 56 -49.99 -15.08 19.03
N PHE C 57 -49.23 -16.11 18.63
CA PHE C 57 -48.37 -16.09 17.46
C PHE C 57 -47.18 -15.13 17.59
N VAL C 58 -46.89 -14.68 18.81
CA VAL C 58 -45.73 -13.81 19.07
C VAL C 58 -44.79 -14.53 20.03
N ARG C 59 -43.55 -14.72 19.59
CA ARG C 59 -42.51 -15.32 20.43
C ARG C 59 -41.70 -14.22 21.10
N HIS C 60 -41.32 -14.48 22.34
CA HIS C 60 -40.73 -13.43 23.16
C HIS C 60 -40.02 -14.03 24.37
N ALA C 61 -38.93 -13.38 24.76
CA ALA C 61 -38.28 -13.63 26.03
C ALA C 61 -37.56 -12.35 26.43
N TYR C 62 -37.34 -12.19 27.74
CA TYR C 62 -36.69 -11.00 28.28
C TYR C 62 -35.29 -11.38 28.73
N LEU C 63 -34.30 -10.94 27.98
CA LEU C 63 -32.91 -11.12 28.37
C LEU C 63 -32.58 -10.11 29.46
N PRO C 64 -32.13 -10.56 30.64
CA PRO C 64 -31.82 -9.59 31.71
C PRO C 64 -30.42 -9.02 31.59
N GLY C 65 -30.32 -7.70 31.53
CA GLY C 65 -29.05 -7.01 31.60
C GLY C 65 -28.56 -6.40 30.30
N VAL C 66 -29.36 -6.43 29.23
CA VAL C 66 -28.90 -5.90 27.95
C VAL C 66 -28.94 -4.37 27.99
N MET C 67 -27.76 -3.76 27.90
CA MET C 67 -27.67 -2.32 27.80
C MET C 67 -28.02 -1.92 26.36
N PRO C 68 -28.14 -0.62 26.07
CA PRO C 68 -28.32 -0.20 24.68
C PRO C 68 -27.11 -0.59 23.84
N GLY C 69 -27.28 -0.48 22.53
CA GLY C 69 -26.17 -0.67 21.62
C GLY C 69 -25.80 -2.11 21.32
N GLN C 70 -26.42 -3.08 21.98
CA GLN C 70 -26.18 -4.46 21.58
C GLN C 70 -26.71 -4.68 20.18
N ARG C 71 -25.99 -5.47 19.40
CA ARG C 71 -26.44 -5.89 18.08
C ARG C 71 -27.28 -7.14 18.25
N TYR C 72 -28.47 -7.17 17.65
CA TYR C 72 -29.36 -8.31 17.81
C TYR C 72 -30.01 -8.67 16.48
N GLY C 73 -30.35 -9.96 16.36
CA GLY C 73 -30.98 -10.46 15.15
C GLY C 73 -31.88 -11.64 15.45
N PHE C 74 -32.73 -11.95 14.48
CA PHE C 74 -33.70 -13.03 14.56
C PHE C 74 -33.39 -14.08 13.50
N ARG C 75 -33.55 -15.35 13.87
CA ARG C 75 -33.50 -16.45 12.91
C ARG C 75 -34.77 -17.27 13.05
N VAL C 76 -35.34 -17.68 11.92
CA VAL C 76 -36.58 -18.43 11.90
C VAL C 76 -36.34 -19.77 11.25
N HIS C 77 -36.72 -20.84 11.94
CA HIS C 77 -36.85 -22.15 11.32
C HIS C 77 -38.30 -22.33 10.90
N GLY C 78 -38.52 -22.49 9.59
CA GLY C 78 -39.83 -22.68 9.04
C GLY C 78 -39.73 -23.40 7.72
N PRO C 79 -40.87 -23.80 7.16
CA PRO C 79 -40.83 -24.58 5.92
C PRO C 79 -40.39 -23.72 4.76
N TYR C 80 -39.55 -24.28 3.89
CA TYR C 80 -39.18 -23.63 2.64
C TYR C 80 -39.92 -24.37 1.53
N ALA C 81 -40.99 -23.75 1.04
CA ALA C 81 -41.77 -24.30 -0.06
C ALA C 81 -42.25 -23.14 -0.92
N PRO C 82 -41.55 -22.83 -2.01
CA PRO C 82 -41.95 -21.65 -2.80
C PRO C 82 -43.27 -21.82 -3.51
N GLU C 83 -43.61 -23.05 -3.94
CA GLU C 83 -44.92 -23.29 -4.53
C GLU C 83 -46.03 -22.83 -3.59
N ARG C 84 -45.77 -22.84 -2.28
CA ARG C 84 -46.72 -22.45 -1.27
C ARG C 84 -46.44 -21.07 -0.70
N GLY C 85 -45.37 -20.41 -1.12
CA GLY C 85 -45.10 -19.09 -0.62
C GLY C 85 -44.58 -19.01 0.79
N LEU C 86 -44.25 -20.16 1.40
CA LEU C 86 -43.48 -20.17 2.64
C LEU C 86 -42.01 -20.14 2.24
N ARG C 87 -41.29 -19.11 2.70
CA ARG C 87 -39.91 -18.92 2.26
C ARG C 87 -38.95 -18.79 3.44
N CYS C 88 -39.30 -19.36 4.59
CA CYS C 88 -38.44 -19.27 5.76
C CYS C 88 -37.14 -20.06 5.54
N ASN C 89 -36.06 -19.52 6.10
CA ASN C 89 -34.71 -20.01 5.81
C ASN C 89 -33.87 -19.67 7.04
N ALA C 90 -33.49 -20.69 7.80
CA ALA C 90 -32.87 -20.46 9.10
C ALA C 90 -31.56 -19.70 8.98
N ALA C 91 -30.78 -19.96 7.92
CA ALA C 91 -29.44 -19.38 7.82
C ALA C 91 -29.49 -17.87 7.75
N LYS C 92 -30.44 -17.32 7.01
CA LYS C 92 -30.50 -15.87 6.81
C LYS C 92 -30.79 -15.16 8.12
N LEU C 93 -29.87 -14.30 8.55
CA LEU C 93 -30.06 -13.55 9.80
C LEU C 93 -31.02 -12.39 9.54
N LEU C 94 -32.20 -12.47 10.14
CA LEU C 94 -33.29 -11.56 9.80
C LEU C 94 -33.13 -10.24 10.53
N LEU C 95 -34.11 -9.36 10.34
CA LEU C 95 -34.06 -8.00 10.88
C LEU C 95 -35.33 -7.73 11.68
N ASP C 96 -35.16 -7.26 12.91
CA ASP C 96 -36.28 -6.83 13.72
C ASP C 96 -37.02 -5.74 12.97
N PRO C 97 -38.28 -5.96 12.56
CA PRO C 97 -38.98 -4.89 11.83
C PRO C 97 -39.30 -3.69 12.70
N TYR C 98 -39.44 -3.89 14.01
CA TYR C 98 -39.62 -2.79 14.96
C TYR C 98 -38.29 -2.24 15.49
N ALA C 99 -37.19 -2.45 14.77
CA ALA C 99 -35.86 -2.06 15.26
C ALA C 99 -35.73 -0.55 15.19
N ARG C 100 -35.61 0.08 16.36
CA ARG C 100 -35.59 1.54 16.45
C ARG C 100 -34.25 2.13 16.04
N ALA C 101 -33.25 1.29 15.76
CA ALA C 101 -31.99 1.73 15.18
C ALA C 101 -31.29 0.55 14.52
N VAL C 102 -30.73 0.78 13.34
CA VAL C 102 -30.12 -0.28 12.55
C VAL C 102 -28.70 0.13 12.18
N SER C 103 -27.73 -0.75 12.48
CA SER C 103 -26.33 -0.51 12.19
C SER C 103 -25.98 -1.04 10.81
N GLY C 104 -24.74 -0.80 10.41
CA GLY C 104 -24.17 -1.43 9.23
C GLY C 104 -24.87 -1.13 7.94
N ARG C 105 -24.36 -1.67 6.84
CA ARG C 105 -24.97 -1.52 5.53
C ARG C 105 -25.00 -2.89 4.88
N VAL C 106 -25.31 -2.94 3.61
CA VAL C 106 -25.37 -4.20 2.87
C VAL C 106 -24.07 -4.37 2.10
N ARG C 107 -23.40 -5.49 2.32
CA ARG C 107 -22.21 -5.89 1.59
C ARG C 107 -22.63 -7.07 0.73
N TRP C 108 -23.19 -6.74 -0.44
CA TRP C 108 -24.00 -7.69 -1.20
C TRP C 108 -23.20 -8.89 -1.65
N GLY C 109 -23.88 -10.03 -1.73
CA GLY C 109 -23.29 -11.27 -2.18
C GLY C 109 -24.33 -12.35 -2.19
N GLU C 110 -23.94 -13.51 -2.72
CA GLU C 110 -24.86 -14.65 -2.83
C GLU C 110 -25.30 -15.12 -1.45
N ALA C 111 -24.76 -14.48 -0.41
CA ALA C 111 -25.09 -14.83 0.97
C ALA C 111 -26.43 -14.23 1.40
N VAL C 112 -26.75 -13.01 0.95
CA VAL C 112 -27.88 -12.26 1.51
C VAL C 112 -29.20 -12.59 0.82
N TYR C 113 -29.23 -13.53 -0.12
CA TYR C 113 -30.39 -13.74 -0.98
C TYR C 113 -31.32 -14.87 -0.53
N GLY C 114 -30.79 -15.99 -0.05
CA GLY C 114 -31.65 -17.01 0.51
C GLY C 114 -32.17 -18.04 -0.47
N TYR C 115 -31.85 -17.91 -1.75
CA TYR C 115 -32.00 -18.91 -2.78
C TYR C 115 -30.69 -18.92 -3.58
N PRO C 116 -30.30 -20.07 -4.14
CA PRO C 116 -29.05 -20.13 -4.89
C PRO C 116 -29.17 -19.39 -6.22
N PHE C 117 -28.05 -18.81 -6.66
CA PHE C 117 -28.10 -17.87 -7.78
C PHE C 117 -28.64 -18.51 -9.05
N GLY C 118 -28.52 -19.83 -9.19
CA GLY C 118 -29.05 -20.49 -10.37
C GLY C 118 -30.49 -20.93 -10.27
N ARG C 119 -30.97 -21.21 -9.07
CA ARG C 119 -32.27 -21.87 -8.86
C ARG C 119 -33.14 -21.07 -7.91
N PRO C 120 -34.19 -20.39 -8.39
CA PRO C 120 -34.92 -19.44 -7.55
C PRO C 120 -35.99 -20.05 -6.67
N ASP C 121 -36.33 -21.33 -6.86
CA ASP C 121 -37.22 -22.02 -5.94
C ASP C 121 -36.48 -23.03 -5.08
N ALA C 122 -35.19 -23.22 -5.30
CA ALA C 122 -34.36 -24.00 -4.40
C ALA C 122 -34.03 -23.16 -3.19
N ARG C 123 -33.08 -23.61 -2.38
CA ARG C 123 -32.93 -23.09 -1.02
C ARG C 123 -31.45 -22.80 -0.77
N ASN C 124 -31.09 -21.53 -0.67
CA ASN C 124 -29.73 -21.16 -0.31
C ASN C 124 -29.50 -21.42 1.18
N ASP C 125 -28.26 -21.73 1.51
CA ASP C 125 -27.91 -22.19 2.84
C ASP C 125 -26.65 -21.49 3.32
N LEU C 126 -26.56 -20.19 3.05
CA LEU C 126 -25.40 -19.38 3.42
C LEU C 126 -25.70 -18.56 4.66
N ASP C 127 -24.70 -18.39 5.51
CA ASP C 127 -24.86 -17.54 6.67
C ASP C 127 -24.88 -16.09 6.20
N SER C 128 -26.05 -15.48 6.19
CA SER C 128 -26.26 -14.09 5.83
C SER C 128 -25.68 -13.12 6.85
N ALA C 129 -24.99 -13.63 7.89
CA ALA C 129 -24.72 -12.80 9.06
C ALA C 129 -23.72 -11.69 8.80
N PRO C 130 -22.47 -11.95 8.41
CA PRO C 130 -21.49 -10.87 8.34
C PRO C 130 -21.59 -10.02 7.08
N ASP C 131 -22.64 -10.18 6.29
CA ASP C 131 -22.91 -9.33 5.14
C ASP C 131 -24.13 -8.44 5.33
N THR C 132 -25.00 -8.75 6.29
CA THR C 132 -26.28 -8.08 6.45
C THR C 132 -26.21 -6.96 7.48
N MET C 133 -27.23 -6.10 7.46
CA MET C 133 -27.41 -5.05 8.43
C MET C 133 -27.66 -5.66 9.81
N THR C 134 -27.81 -4.81 10.82
CA THR C 134 -27.96 -5.28 12.19
C THR C 134 -28.93 -4.39 12.95
N SER C 135 -29.98 -4.98 13.49
CA SER C 135 -30.83 -4.30 14.45
C SER C 135 -30.06 -4.07 15.75
N VAL C 136 -30.30 -2.92 16.38
CA VAL C 136 -29.56 -2.51 17.56
C VAL C 136 -30.54 -2.06 18.64
N VAL C 137 -30.18 -2.31 19.90
CA VAL C 137 -31.00 -1.90 21.04
C VAL C 137 -30.75 -0.42 21.32
N VAL C 138 -31.84 0.31 21.55
CA VAL C 138 -31.86 1.76 21.50
C VAL C 138 -32.07 2.31 22.90
N ASN C 139 -31.43 3.42 23.22
CA ASN C 139 -31.80 4.14 24.44
C ASN C 139 -33.03 4.98 24.16
N PRO C 140 -34.17 4.69 24.79
CA PRO C 140 -35.37 5.50 24.54
C PRO C 140 -35.38 6.82 25.28
N TYR C 141 -34.59 6.93 26.34
CA TYR C 141 -34.51 8.18 27.08
C TYR C 141 -34.09 9.32 26.16
N PHE C 142 -34.79 10.44 26.28
CA PHE C 142 -34.33 11.69 25.69
C PHE C 142 -34.87 12.86 26.50
N ASP C 143 -34.04 13.88 26.67
CA ASP C 143 -34.37 15.06 27.46
C ASP C 143 -34.83 16.15 26.49
N TRP C 144 -36.14 16.27 26.32
CA TRP C 144 -36.74 17.32 25.48
C TRP C 144 -37.09 18.45 26.44
N GLY C 145 -36.23 19.46 26.55
CA GLY C 145 -36.46 20.42 27.61
C GLY C 145 -37.66 21.33 27.43
N ASP C 146 -37.57 22.32 26.55
CA ASP C 146 -38.70 23.21 26.29
C ASP C 146 -39.41 22.82 25.01
N ASP C 147 -39.76 21.55 24.82
CA ASP C 147 -40.16 21.15 23.47
C ASP C 147 -41.62 21.49 23.26
N ARG C 148 -41.83 22.73 22.83
CA ARG C 148 -43.09 23.14 22.23
C ARG C 148 -43.15 22.60 20.81
N ARG C 149 -44.22 21.90 20.48
CA ARG C 149 -44.41 21.49 19.10
C ARG C 149 -44.99 22.68 18.34
N PRO C 150 -44.24 23.29 17.44
CA PRO C 150 -44.75 24.49 16.76
C PRO C 150 -45.93 24.15 15.88
N ARG C 151 -47.11 23.97 16.49
CA ARG C 151 -48.28 23.53 15.76
C ARG C 151 -48.79 24.65 14.86
N THR C 152 -48.00 24.98 13.84
CA THR C 152 -48.41 25.93 12.82
C THR C 152 -49.67 25.43 12.12
N GLU C 153 -50.54 26.36 11.74
CA GLU C 153 -51.76 26.00 11.04
C GLU C 153 -51.48 25.83 9.54
N TYR C 154 -52.49 25.33 8.83
CA TYR C 154 -52.32 25.04 7.42
C TYR C 154 -52.18 26.33 6.62
N HIS C 155 -53.09 27.29 6.79
CA HIS C 155 -53.06 28.53 6.03
C HIS C 155 -51.83 29.37 6.36
N HIS C 156 -51.02 28.90 7.30
CA HIS C 156 -49.81 29.59 7.73
C HIS C 156 -48.54 28.86 7.33
N THR C 157 -48.64 27.85 6.46
CA THR C 157 -47.59 26.87 6.26
C THR C 157 -46.88 27.09 4.93
N VAL C 158 -45.55 27.10 4.96
CA VAL C 158 -44.71 27.12 3.77
C VAL C 158 -43.81 25.90 3.85
N ILE C 159 -44.20 24.80 3.19
CA ILE C 159 -43.39 23.59 3.27
C ILE C 159 -42.10 23.76 2.47
N TYR C 160 -41.06 23.05 2.88
CA TYR C 160 -39.75 23.09 2.23
C TYR C 160 -39.26 21.66 2.05
N GLU C 161 -39.39 21.11 0.84
CA GLU C 161 -38.90 19.77 0.60
C GLU C 161 -37.38 19.78 0.54
N ALA C 162 -36.75 18.99 1.39
CA ALA C 162 -35.29 18.93 1.42
C ALA C 162 -34.83 17.51 1.74
N HIS C 163 -33.66 17.16 1.21
CA HIS C 163 -33.03 15.88 1.48
C HIS C 163 -31.92 16.06 2.52
N VAL C 164 -31.74 15.07 3.39
CA VAL C 164 -30.89 15.24 4.55
C VAL C 164 -29.41 15.34 4.16
N LYS C 165 -28.99 14.66 3.09
CA LYS C 165 -27.59 14.75 2.68
C LYS C 165 -27.35 15.99 1.85
N GLY C 166 -28.09 16.15 0.75
CA GLY C 166 -27.83 17.21 -0.19
C GLY C 166 -27.98 18.60 0.40
N LEU C 167 -28.74 18.73 1.49
CA LEU C 167 -28.94 20.04 2.10
C LEU C 167 -27.62 20.63 2.61
N THR C 168 -26.77 19.81 3.19
CA THR C 168 -25.68 20.32 4.01
C THR C 168 -24.31 19.75 3.64
N MET C 169 -24.21 18.96 2.57
CA MET C 169 -22.94 18.30 2.28
C MET C 169 -21.88 19.28 1.80
N LEU C 170 -22.29 20.39 1.16
CA LEU C 170 -21.35 21.31 0.54
C LEU C 170 -21.45 22.72 1.12
N HIS C 171 -22.06 22.87 2.29
CA HIS C 171 -22.17 24.18 2.92
C HIS C 171 -20.80 24.62 3.42
N PRO C 172 -20.28 25.79 3.02
CA PRO C 172 -18.95 26.20 3.49
C PRO C 172 -19.00 26.87 4.86
N ASP C 173 -19.79 26.30 5.75
CA ASP C 173 -20.04 26.91 7.05
C ASP C 173 -20.04 25.91 8.19
N LEU C 174 -20.09 24.61 7.91
CA LEU C 174 -20.23 23.59 8.93
C LEU C 174 -18.95 22.75 8.97
N PRO C 175 -18.63 22.16 10.12
CA PRO C 175 -17.51 21.22 10.15
C PRO C 175 -17.73 20.09 9.14
N GLU C 176 -16.65 19.68 8.49
CA GLU C 176 -16.72 18.55 7.57
C GLU C 176 -17.26 17.30 8.26
N GLU C 177 -17.26 17.27 9.59
CA GLU C 177 -17.79 16.15 10.33
C GLU C 177 -19.32 16.13 10.27
N LEU C 178 -19.95 17.30 10.09
CA LEU C 178 -21.40 17.43 10.08
C LEU C 178 -21.98 17.56 8.67
N ARG C 179 -21.15 17.67 7.64
CA ARG C 179 -21.62 17.96 6.29
C ARG C 179 -22.46 16.80 5.76
N GLY C 180 -23.76 17.01 5.62
CA GLY C 180 -24.66 15.98 5.14
C GLY C 180 -25.26 15.11 6.23
N THR C 181 -25.45 15.66 7.43
CA THR C 181 -25.78 14.88 8.62
C THR C 181 -26.99 15.47 9.33
N TYR C 182 -27.55 14.68 10.27
CA TYR C 182 -28.64 15.19 11.09
C TYR C 182 -28.19 16.34 11.98
N ALA C 183 -27.02 16.22 12.60
CA ALA C 183 -26.54 17.27 13.47
C ALA C 183 -26.21 18.54 12.69
N GLY C 184 -25.70 18.38 11.47
CA GLY C 184 -25.53 19.50 10.57
C GLY C 184 -26.84 20.10 10.06
N LEU C 185 -27.97 19.46 10.37
CA LEU C 185 -29.26 20.11 10.15
C LEU C 185 -29.62 21.01 11.32
N ALA C 186 -29.26 20.59 12.53
CA ALA C 186 -29.41 21.37 13.76
C ALA C 186 -28.39 22.47 13.88
N HIS C 187 -27.65 22.70 12.80
CA HIS C 187 -26.69 23.79 12.77
C HIS C 187 -27.42 25.12 12.71
N PRO C 188 -26.94 26.13 13.45
CA PRO C 188 -27.68 27.42 13.49
C PRO C 188 -27.58 28.23 12.21
N SER C 189 -26.54 28.04 11.39
CA SER C 189 -26.49 28.76 10.13
C SER C 189 -27.45 28.17 9.11
N VAL C 190 -27.76 26.89 9.22
CA VAL C 190 -28.81 26.28 8.40
C VAL C 190 -30.17 26.77 8.84
N ILE C 191 -30.54 26.50 10.09
CA ILE C 191 -31.85 26.95 10.59
C ILE C 191 -31.98 28.46 10.55
N GLY C 192 -30.86 29.19 10.46
CA GLY C 192 -30.95 30.60 10.10
C GLY C 192 -31.50 30.80 8.70
N HIS C 193 -31.12 29.93 7.77
CA HIS C 193 -31.57 30.04 6.38
C HIS C 193 -33.07 29.81 6.23
N LEU C 194 -33.66 28.99 7.10
CA LEU C 194 -35.10 28.73 7.01
C LEU C 194 -35.90 29.88 7.60
N ARG C 195 -35.48 30.39 8.76
CA ARG C 195 -36.14 31.56 9.34
C ARG C 195 -36.10 32.74 8.37
N GLU C 196 -34.90 33.04 7.84
CA GLU C 196 -34.77 34.14 6.88
C GLU C 196 -35.66 33.93 5.67
N LEU C 197 -35.97 32.67 5.34
CA LEU C 197 -36.80 32.34 4.19
C LEU C 197 -38.27 32.21 4.56
N GLY C 198 -38.57 31.85 5.81
CA GLY C 198 -39.94 31.77 6.25
C GLY C 198 -40.63 30.45 6.04
N VAL C 199 -39.88 29.35 5.93
CA VAL C 199 -40.52 28.04 5.96
C VAL C 199 -41.08 27.85 7.36
N THR C 200 -42.22 27.17 7.44
CA THR C 200 -42.76 26.72 8.71
C THR C 200 -42.75 25.22 8.84
N ALA C 201 -42.51 24.51 7.73
CA ALA C 201 -42.39 23.07 7.71
C ALA C 201 -41.08 22.70 7.00
N LEU C 202 -40.50 21.58 7.41
CA LEU C 202 -39.41 20.95 6.67
C LEU C 202 -39.84 19.55 6.28
N GLU C 203 -40.17 19.36 5.02
CA GLU C 203 -40.43 18.03 4.52
C GLU C 203 -39.10 17.36 4.18
N LEU C 204 -38.87 16.18 4.75
CA LEU C 204 -37.60 15.48 4.63
C LEU C 204 -37.82 14.21 3.83
N MET C 205 -37.02 14.04 2.77
CA MET C 205 -37.04 12.83 1.98
C MET C 205 -36.67 11.64 2.86
N PRO C 206 -37.11 10.41 2.50
CA PRO C 206 -37.15 9.29 3.45
C PRO C 206 -36.00 9.20 4.45
N VAL C 207 -36.35 9.08 5.72
CA VAL C 207 -35.38 8.84 6.78
C VAL C 207 -35.51 7.44 7.38
N HIS C 208 -36.62 6.74 7.14
CA HIS C 208 -36.70 5.32 7.46
C HIS C 208 -35.51 4.61 6.83
N GLN C 209 -34.83 3.79 7.62
CA GLN C 209 -33.59 3.21 7.12
C GLN C 209 -33.86 2.26 5.97
N PHE C 210 -33.04 2.38 4.93
CA PHE C 210 -33.31 1.81 3.61
C PHE C 210 -32.04 1.21 3.03
N VAL C 211 -32.19 0.53 1.89
CA VAL C 211 -31.18 -0.36 1.34
C VAL C 211 -30.72 0.16 -0.02
N ASN C 212 -29.44 -0.07 -0.31
CA ASN C 212 -28.86 0.24 -1.62
C ASN C 212 -28.96 -0.98 -2.53
N ASP C 213 -29.62 -0.80 -3.67
CA ASP C 213 -29.85 -1.89 -4.62
C ASP C 213 -28.54 -2.50 -5.12
N HIS C 214 -28.42 -3.82 -5.03
CA HIS C 214 -27.33 -4.54 -5.69
C HIS C 214 -27.22 -4.11 -7.15
N ARG C 215 -28.36 -3.89 -7.80
CA ARG C 215 -28.36 -3.39 -9.17
C ARG C 215 -27.62 -2.06 -9.26
N LEU C 216 -27.83 -1.18 -8.28
CA LEU C 216 -27.29 0.17 -8.35
C LEU C 216 -25.83 0.22 -7.92
N VAL C 217 -25.50 -0.43 -6.81
CA VAL C 217 -24.13 -0.34 -6.29
C VAL C 217 -23.15 -1.05 -7.22
N ASP C 218 -23.60 -2.10 -7.93
CA ASP C 218 -22.76 -2.64 -8.98
C ASP C 218 -22.90 -1.80 -10.26
N ALA C 219 -22.90 -0.49 -10.11
CA ALA C 219 -22.86 0.43 -11.25
C ALA C 219 -22.08 1.69 -10.93
N GLY C 220 -21.48 1.80 -9.73
CA GLY C 220 -20.88 3.03 -9.26
C GLY C 220 -21.80 3.94 -8.49
N LEU C 221 -23.10 3.64 -8.46
CA LEU C 221 -24.10 4.50 -7.84
C LEU C 221 -24.68 3.83 -6.60
N SER C 222 -25.70 4.48 -6.04
CA SER C 222 -26.48 3.92 -4.94
C SER C 222 -27.79 4.69 -4.87
N ASN C 223 -28.78 4.07 -4.21
CA ASN C 223 -30.07 4.71 -4.01
C ASN C 223 -29.85 6.02 -3.24
N TYR C 224 -30.07 7.16 -3.90
CA TYR C 224 -29.83 8.44 -3.29
C TYR C 224 -31.07 9.10 -2.71
N TRP C 225 -32.24 8.89 -3.32
CA TRP C 225 -33.47 9.33 -2.67
C TRP C 225 -33.83 8.42 -1.50
N GLY C 226 -33.60 7.12 -1.63
CA GLY C 226 -33.89 6.21 -0.54
C GLY C 226 -35.35 5.84 -0.44
N TYR C 227 -36.06 5.83 -1.57
CA TYR C 227 -37.49 5.52 -1.55
C TYR C 227 -37.66 4.00 -1.58
N ASN C 228 -36.91 3.31 -0.73
CA ASN C 228 -36.91 1.85 -0.70
C ASN C 228 -36.55 1.37 0.71
N THR C 229 -37.53 1.25 1.60
CA THR C 229 -37.25 1.13 3.02
C THR C 229 -37.46 -0.29 3.53
N ILE C 230 -36.65 -0.70 4.51
CA ILE C 230 -36.83 -1.96 5.24
C ILE C 230 -37.33 -1.72 6.65
N GLY C 231 -36.66 -0.83 7.38
CA GLY C 231 -36.87 -0.67 8.80
C GLY C 231 -37.62 0.60 9.09
N PHE C 232 -38.89 0.45 9.46
CA PHE C 232 -39.80 1.57 9.57
C PHE C 232 -39.69 2.30 10.89
N PHE C 233 -38.66 2.01 11.68
CA PHE C 233 -38.55 2.57 13.02
C PHE C 233 -37.18 3.19 13.29
N ALA C 234 -36.27 3.18 12.31
CA ALA C 234 -34.93 3.72 12.39
C ALA C 234 -34.81 5.01 11.57
N PRO C 235 -33.98 5.95 12.02
CA PRO C 235 -33.44 6.94 11.08
C PRO C 235 -32.32 6.30 10.27
N HIS C 236 -32.26 6.65 8.99
CA HIS C 236 -31.32 5.98 8.09
C HIS C 236 -29.89 6.18 8.59
N ASN C 237 -29.17 5.06 8.74
CA ASN C 237 -27.91 5.09 9.47
C ASN C 237 -26.84 5.93 8.77
N ALA C 238 -26.88 5.99 7.43
CA ALA C 238 -25.90 6.77 6.70
C ALA C 238 -26.02 8.26 6.98
N TYR C 239 -27.15 8.72 7.49
CA TYR C 239 -27.41 10.13 7.69
C TYR C 239 -27.00 10.63 9.07
N ALA C 240 -26.42 9.78 9.91
CA ALA C 240 -26.09 10.15 11.28
C ALA C 240 -24.58 10.21 11.44
N SER C 241 -24.10 11.27 12.08
CA SER C 241 -22.67 11.44 12.31
C SER C 241 -22.22 10.98 13.69
N TRP C 242 -23.15 10.63 14.58
CA TRP C 242 -22.78 10.24 15.94
C TRP C 242 -22.61 8.74 16.12
N GLY C 243 -23.04 7.92 15.16
CA GLY C 243 -22.81 6.48 15.17
C GLY C 243 -24.03 5.68 14.76
N ASP C 244 -23.79 4.37 14.58
CA ASP C 244 -24.86 3.45 14.20
C ASP C 244 -25.26 2.49 15.31
N ARG C 245 -24.58 2.48 16.46
CA ARG C 245 -25.01 1.72 17.62
C ARG C 245 -26.03 2.55 18.39
N GLY C 246 -27.27 2.51 17.90
CA GLY C 246 -28.35 3.24 18.54
C GLY C 246 -28.18 4.74 18.55
N GLN C 247 -27.04 5.25 18.08
CA GLN C 247 -26.82 6.69 18.10
C GLN C 247 -27.77 7.44 17.17
N GLN C 248 -28.27 6.78 16.12
CA GLN C 248 -29.08 7.47 15.13
C GLN C 248 -30.32 8.07 15.76
N VAL C 249 -30.96 7.34 16.67
CA VAL C 249 -32.16 7.86 17.30
C VAL C 249 -31.85 9.16 18.03
N LEU C 250 -30.73 9.21 18.75
CA LEU C 250 -30.42 10.37 19.58
C LEU C 250 -30.08 11.59 18.73
N GLU C 251 -29.49 11.37 17.55
CA GLU C 251 -29.30 12.44 16.59
C GLU C 251 -30.63 13.07 16.22
N PHE C 252 -31.53 12.26 15.64
CA PHE C 252 -32.79 12.76 15.10
C PHE C 252 -33.60 13.48 16.17
N LYS C 253 -33.64 12.92 17.38
CA LYS C 253 -34.39 13.56 18.46
C LYS C 253 -33.79 14.92 18.79
N SER C 254 -32.46 15.03 18.75
CA SER C 254 -31.78 16.26 19.15
C SER C 254 -31.77 17.32 18.06
N ALA C 255 -32.08 16.95 16.82
CA ALA C 255 -32.23 17.95 15.77
C ALA C 255 -33.66 18.48 15.69
N VAL C 256 -34.65 17.60 15.84
CA VAL C 256 -36.04 18.03 15.96
C VAL C 256 -36.21 18.93 17.18
N ARG C 257 -35.47 18.64 18.25
CA ARG C 257 -35.50 19.48 19.44
C ARG C 257 -35.09 20.91 19.12
N ALA C 258 -34.06 21.07 18.27
CA ALA C 258 -33.56 22.40 17.95
C ALA C 258 -34.39 23.07 16.88
N LEU C 259 -34.77 22.33 15.83
CA LEU C 259 -35.74 22.82 14.85
C LEU C 259 -36.96 23.42 15.54
N HIS C 260 -37.62 22.61 16.37
CA HIS C 260 -38.84 23.05 17.05
C HIS C 260 -38.60 24.27 17.93
N GLN C 261 -37.40 24.40 18.49
CA GLN C 261 -37.04 25.63 19.20
C GLN C 261 -37.22 26.86 18.31
N ALA C 262 -36.94 26.71 17.02
CA ALA C 262 -37.02 27.83 16.08
C ALA C 262 -38.34 27.83 15.28
N GLY C 263 -39.42 27.35 15.87
CA GLY C 263 -40.74 27.44 15.25
C GLY C 263 -40.89 26.74 13.93
N ILE C 264 -40.18 25.63 13.71
CA ILE C 264 -40.19 24.91 12.46
C ILE C 264 -40.65 23.47 12.71
N GLU C 265 -41.36 22.91 11.75
CA GLU C 265 -41.92 21.56 11.85
C GLU C 265 -41.16 20.59 10.96
N VAL C 266 -41.03 19.35 11.44
CA VAL C 266 -40.56 18.24 10.61
C VAL C 266 -41.77 17.55 10.00
N ILE C 267 -41.73 17.34 8.68
CA ILE C 267 -42.74 16.59 7.96
C ILE C 267 -41.97 15.55 7.14
N LEU C 268 -41.79 14.37 7.69
CA LEU C 268 -40.91 13.46 6.96
C LEU C 268 -41.68 12.60 5.98
N ASP C 269 -40.98 12.12 4.96
CA ASP C 269 -41.56 11.32 3.89
C ASP C 269 -41.44 9.85 4.24
N VAL C 270 -42.49 9.09 3.93
CA VAL C 270 -42.61 7.69 4.33
C VAL C 270 -42.93 6.83 3.10
N VAL C 271 -42.17 5.76 2.91
CA VAL C 271 -42.36 4.84 1.80
C VAL C 271 -42.97 3.56 2.38
N TYR C 272 -44.30 3.53 2.46
CA TYR C 272 -45.00 2.33 2.91
C TYR C 272 -45.61 1.55 1.77
N ASN C 273 -45.45 2.01 0.53
CA ASN C 273 -46.02 1.28 -0.59
C ASN C 273 -45.20 0.07 -0.99
N HIS C 274 -43.98 -0.09 -0.45
CA HIS C 274 -43.17 -1.26 -0.74
C HIS C 274 -42.07 -1.40 0.31
N THR C 275 -41.41 -2.55 0.29
CA THR C 275 -40.33 -2.89 1.21
C THR C 275 -39.14 -3.37 0.39
N ALA C 276 -37.93 -3.02 0.83
CA ALA C 276 -36.75 -3.16 -0.02
C ALA C 276 -36.44 -4.59 -0.43
N GLU C 277 -37.11 -5.59 0.14
CA GLU C 277 -36.81 -6.96 -0.26
C GLU C 277 -37.23 -7.27 -1.68
N GLY C 278 -38.05 -6.43 -2.30
CA GLY C 278 -38.42 -6.64 -3.69
C GLY C 278 -39.29 -7.87 -3.90
N ASN C 279 -39.30 -8.34 -5.14
CA ASN C 279 -39.99 -9.59 -5.47
C ASN C 279 -39.06 -10.75 -5.11
N HIS C 280 -39.40 -11.96 -5.56
CA HIS C 280 -38.48 -13.09 -5.38
C HIS C 280 -37.27 -12.75 -6.22
N LEU C 281 -36.24 -13.59 -6.20
CA LEU C 281 -34.93 -13.25 -6.76
C LEU C 281 -34.29 -12.12 -5.97
N GLY C 282 -34.99 -11.57 -4.98
CA GLY C 282 -34.47 -10.51 -4.16
C GLY C 282 -33.80 -11.09 -2.94
N PRO C 283 -33.47 -10.24 -1.97
CA PRO C 283 -32.75 -10.71 -0.81
C PRO C 283 -33.67 -11.29 0.25
N THR C 284 -33.11 -11.72 1.38
CA THR C 284 -33.89 -12.21 2.51
C THR C 284 -33.36 -11.45 3.73
N LEU C 285 -34.06 -10.39 4.10
CA LEU C 285 -33.62 -9.56 5.23
C LEU C 285 -34.61 -9.56 6.38
N SER C 286 -35.85 -9.09 6.18
CA SER C 286 -36.77 -8.96 7.32
C SER C 286 -38.05 -9.77 7.14
N MET C 287 -38.90 -9.43 6.18
CA MET C 287 -40.26 -9.94 6.21
C MET C 287 -40.43 -11.24 5.45
N ARG C 288 -39.43 -11.63 4.67
CA ARG C 288 -39.49 -12.86 3.90
C ARG C 288 -39.29 -14.08 4.79
N GLY C 289 -38.15 -14.13 5.48
CA GLY C 289 -37.84 -15.19 6.40
C GLY C 289 -38.50 -15.09 7.75
N LEU C 290 -39.36 -14.10 7.96
CA LEU C 290 -40.18 -14.03 9.17
C LEU C 290 -41.55 -14.64 8.94
N ASP C 291 -42.34 -14.04 8.04
CA ASP C 291 -43.62 -14.60 7.62
C ASP C 291 -43.85 -14.11 6.19
N ASN C 292 -43.37 -14.88 5.22
CA ASN C 292 -43.66 -14.50 3.83
C ASN C 292 -45.15 -14.49 3.52
N PRO C 293 -45.95 -15.46 3.95
CA PRO C 293 -47.36 -15.48 3.52
C PRO C 293 -48.18 -14.25 3.92
N SER C 294 -48.10 -13.81 5.18
CA SER C 294 -49.05 -12.79 5.64
C SER C 294 -48.47 -11.38 5.72
N TYR C 295 -47.24 -11.16 5.26
CA TYR C 295 -46.76 -9.79 5.12
C TYR C 295 -46.96 -9.27 3.71
N TYR C 296 -46.77 -10.11 2.71
CA TYR C 296 -46.68 -9.70 1.32
C TYR C 296 -47.89 -10.20 0.55
N ARG C 297 -48.54 -9.29 -0.18
CA ARG C 297 -49.65 -9.67 -1.05
C ARG C 297 -49.15 -10.60 -2.14
N LEU C 298 -49.50 -11.88 -2.04
CA LEU C 298 -49.04 -12.88 -3.00
C LEU C 298 -50.07 -13.06 -4.11
N ALA C 299 -49.57 -13.37 -5.31
CA ALA C 299 -50.42 -13.57 -6.47
C ALA C 299 -51.29 -14.81 -6.29
N ASP C 300 -52.09 -15.16 -7.29
CA ASP C 300 -52.68 -16.49 -7.26
C ASP C 300 -51.69 -17.54 -7.75
N ASP C 301 -50.46 -17.38 -7.28
CA ASP C 301 -49.44 -18.42 -7.25
C ASP C 301 -48.49 -17.92 -6.16
N PRO C 302 -48.52 -18.53 -4.99
CA PRO C 302 -47.82 -17.95 -3.83
C PRO C 302 -46.31 -17.88 -4.00
N ARG C 303 -45.80 -18.37 -5.14
CA ARG C 303 -44.39 -18.18 -5.45
C ARG C 303 -44.05 -16.70 -5.59
N TYR C 304 -44.82 -15.98 -6.39
CA TYR C 304 -44.46 -14.64 -6.85
C TYR C 304 -45.29 -13.57 -6.15
N TYR C 305 -44.84 -12.33 -6.31
CA TYR C 305 -45.33 -11.17 -5.56
C TYR C 305 -46.02 -10.19 -6.51
N MET C 306 -47.26 -9.81 -6.18
CA MET C 306 -47.98 -8.83 -6.99
C MET C 306 -47.31 -7.46 -6.91
N ASP C 307 -47.13 -6.81 -8.06
CA ASP C 307 -46.56 -5.46 -8.07
C ASP C 307 -46.84 -4.75 -9.39
N THR C 308 -47.73 -3.76 -9.39
CA THR C 308 -47.81 -2.82 -10.52
C THR C 308 -47.21 -1.45 -10.17
N THR C 309 -45.92 -1.43 -9.84
CA THR C 309 -45.21 -0.16 -9.74
C THR C 309 -43.80 -0.18 -10.31
N GLY C 310 -43.21 -1.34 -10.58
CA GLY C 310 -41.79 -1.42 -10.79
C GLY C 310 -40.99 -1.53 -9.51
N THR C 311 -41.63 -1.42 -8.35
CA THR C 311 -40.92 -1.52 -7.07
C THR C 311 -40.62 -2.98 -6.70
N GLY C 312 -41.61 -3.86 -6.80
CA GLY C 312 -41.35 -5.28 -6.69
C GLY C 312 -42.25 -6.06 -5.75
N ASN C 313 -42.63 -5.47 -4.63
CA ASN C 313 -43.44 -6.15 -3.64
C ASN C 313 -44.52 -5.21 -3.12
N SER C 314 -45.51 -5.80 -2.45
CA SER C 314 -46.54 -5.02 -1.78
C SER C 314 -46.90 -5.68 -0.47
N LEU C 315 -47.17 -4.87 0.55
CA LEU C 315 -47.58 -5.40 1.85
C LEU C 315 -49.01 -5.93 1.76
N LEU C 316 -49.28 -7.03 2.47
CA LEU C 316 -50.60 -7.65 2.48
C LEU C 316 -51.47 -6.86 3.48
N MET C 317 -52.02 -5.75 2.99
CA MET C 317 -52.60 -4.71 3.84
C MET C 317 -53.85 -5.13 4.59
N ARG C 318 -54.33 -6.36 4.47
CA ARG C 318 -55.44 -6.78 5.31
C ARG C 318 -54.98 -7.53 6.55
N SER C 319 -53.99 -8.41 6.42
CA SER C 319 -53.57 -9.25 7.54
C SER C 319 -53.17 -8.37 8.72
N PRO C 320 -53.71 -8.60 9.91
CA PRO C 320 -53.71 -7.55 10.95
C PRO C 320 -52.36 -6.95 11.28
N HIS C 321 -51.28 -7.74 11.26
CA HIS C 321 -50.02 -7.22 11.75
C HIS C 321 -49.40 -6.21 10.80
N VAL C 322 -49.70 -6.31 9.50
CA VAL C 322 -49.22 -5.29 8.57
C VAL C 322 -49.93 -3.96 8.84
N LEU C 323 -51.23 -4.02 9.17
CA LEU C 323 -51.96 -2.83 9.59
C LEU C 323 -51.36 -2.25 10.86
N GLN C 324 -51.13 -3.10 11.86
CA GLN C 324 -50.44 -2.66 13.07
C GLN C 324 -49.09 -2.04 12.75
N LEU C 325 -48.33 -2.67 11.85
CA LEU C 325 -47.00 -2.16 11.52
C LEU C 325 -47.06 -0.76 10.94
N ILE C 326 -48.13 -0.43 10.22
CA ILE C 326 -48.29 0.94 9.75
C ILE C 326 -48.71 1.85 10.89
N MET C 327 -49.77 1.47 11.62
CA MET C 327 -50.24 2.33 12.70
C MET C 327 -49.28 2.37 13.88
N ASP C 328 -48.30 1.46 13.96
CA ASP C 328 -47.25 1.64 14.95
C ASP C 328 -46.19 2.62 14.46
N SER C 329 -45.63 2.37 13.26
CA SER C 329 -44.61 3.27 12.72
C SER C 329 -45.17 4.65 12.40
N LEU C 330 -46.49 4.79 12.36
CA LEU C 330 -47.08 6.13 12.35
C LEU C 330 -46.98 6.77 13.72
N ARG C 331 -47.47 6.08 14.76
CA ARG C 331 -47.50 6.63 16.10
C ARG C 331 -46.11 6.84 16.67
N TYR C 332 -45.16 5.97 16.31
CA TYR C 332 -43.83 6.05 16.93
C TYR C 332 -43.18 7.39 16.64
N TRP C 333 -43.20 7.82 15.38
CA TRP C 333 -42.52 9.04 14.97
C TRP C 333 -43.29 10.31 15.33
N VAL C 334 -44.43 10.20 16.00
CA VAL C 334 -45.12 11.37 16.55
C VAL C 334 -44.81 11.54 18.03
N THR C 335 -44.96 10.48 18.80
CA THR C 335 -44.81 10.55 20.26
C THR C 335 -43.36 10.33 20.70
N GLU C 336 -42.64 9.44 20.03
CA GLU C 336 -41.26 9.16 20.41
C GLU C 336 -40.24 9.90 19.55
N MET C 337 -40.61 10.38 18.36
CA MET C 337 -39.72 11.16 17.53
C MET C 337 -40.18 12.61 17.38
N HIS C 338 -41.41 12.93 17.80
CA HIS C 338 -41.93 14.30 17.90
C HIS C 338 -42.14 14.97 16.55
N VAL C 339 -42.18 14.20 15.47
CA VAL C 339 -42.41 14.78 14.14
C VAL C 339 -43.85 15.30 14.04
N ASP C 340 -44.02 16.37 13.25
CA ASP C 340 -45.30 17.06 13.22
C ASP C 340 -46.19 16.65 12.06
N GLY C 341 -45.62 16.20 10.94
CA GLY C 341 -46.41 15.87 9.77
C GLY C 341 -45.85 14.66 9.04
N PHE C 342 -46.72 14.04 8.24
CA PHE C 342 -46.41 12.80 7.54
C PHE C 342 -46.86 12.92 6.09
N ARG C 343 -45.94 12.68 5.15
CA ARG C 343 -46.28 12.60 3.73
C ARG C 343 -46.09 11.16 3.25
N PHE C 344 -47.17 10.58 2.70
CA PHE C 344 -47.10 9.27 2.08
C PHE C 344 -46.69 9.43 0.62
N ASP C 345 -45.51 8.95 0.28
CA ASP C 345 -45.14 8.87 -1.13
C ASP C 345 -45.89 7.71 -1.78
N LEU C 346 -46.15 7.86 -3.08
CA LEU C 346 -46.90 6.88 -3.86
C LEU C 346 -48.26 6.62 -3.21
N ALA C 347 -48.89 7.68 -2.73
CA ALA C 347 -50.19 7.58 -2.09
C ALA C 347 -51.26 7.12 -3.07
N ALA C 348 -51.08 7.39 -4.37
CA ALA C 348 -52.00 6.85 -5.36
C ALA C 348 -51.73 5.39 -5.62
N THR C 349 -50.50 4.94 -5.43
CA THR C 349 -50.18 3.51 -5.44
C THR C 349 -50.67 2.83 -4.17
N LEU C 350 -50.51 3.48 -3.03
CA LEU C 350 -50.81 2.95 -1.70
C LEU C 350 -52.30 2.97 -1.38
N ALA C 351 -53.15 3.35 -2.33
CA ALA C 351 -54.58 3.26 -2.14
C ALA C 351 -55.21 2.11 -2.92
N ARG C 352 -54.55 1.64 -3.99
CA ARG C 352 -54.98 0.40 -4.63
C ARG C 352 -54.68 -0.79 -3.74
N GLN C 353 -53.46 -0.86 -3.21
CA GLN C 353 -53.07 -1.97 -2.34
C GLN C 353 -54.07 -2.18 -1.22
N PHE C 354 -54.63 -1.08 -0.72
CA PHE C 354 -55.63 -1.10 0.34
C PHE C 354 -57.00 -1.54 -0.16
N HIS C 355 -57.28 -1.34 -1.45
CA HIS C 355 -58.61 -1.51 -1.99
C HIS C 355 -58.83 -2.88 -2.61
N GLU C 356 -57.76 -3.56 -3.05
CA GLU C 356 -57.86 -4.94 -3.51
C GLU C 356 -57.80 -5.96 -2.35
N VAL C 357 -57.94 -5.52 -1.10
CA VAL C 357 -58.25 -6.42 0.01
C VAL C 357 -59.38 -5.82 0.85
N ASP C 358 -60.18 -4.95 0.23
CA ASP C 358 -61.38 -4.38 0.85
C ASP C 358 -61.08 -3.76 2.21
N ARG C 359 -59.94 -3.08 2.31
CA ARG C 359 -59.52 -2.41 3.54
C ARG C 359 -59.32 -0.91 3.36
N LEU C 360 -59.54 -0.37 2.16
CA LEU C 360 -59.16 1.02 1.90
C LEU C 360 -59.94 1.98 2.79
N SER C 361 -61.27 1.96 2.70
CA SER C 361 -62.04 2.93 3.48
C SER C 361 -61.98 2.61 4.97
N SER C 362 -61.83 1.34 5.33
CA SER C 362 -61.71 0.98 6.74
C SER C 362 -60.44 1.55 7.38
N PHE C 363 -59.40 1.77 6.56
CA PHE C 363 -58.23 2.51 7.02
C PHE C 363 -58.60 3.92 7.46
N PHE C 364 -59.31 4.66 6.61
CA PHE C 364 -59.57 6.07 6.88
C PHE C 364 -60.43 6.28 8.12
N ASP C 365 -61.23 5.29 8.50
CA ASP C 365 -61.91 5.34 9.79
C ASP C 365 -60.94 5.03 10.92
N LEU C 366 -60.15 3.96 10.76
CA LEU C 366 -59.12 3.61 11.73
C LEU C 366 -58.17 4.77 11.97
N VAL C 367 -57.92 5.60 10.96
CA VAL C 367 -56.97 6.71 11.13
C VAL C 367 -57.66 7.98 11.60
N GLN C 368 -58.83 8.30 11.04
CA GLN C 368 -59.59 9.47 11.48
C GLN C 368 -59.85 9.43 12.99
N GLN C 369 -59.84 8.23 13.58
CA GLN C 369 -60.15 8.02 14.99
C GLN C 369 -58.91 8.01 15.90
N ASP C 370 -57.77 7.52 15.39
CA ASP C 370 -56.59 7.34 16.23
C ASP C 370 -56.10 8.71 16.72
N PRO C 371 -56.15 8.97 18.02
CA PRO C 371 -55.91 10.35 18.50
C PRO C 371 -54.52 10.87 18.18
N VAL C 372 -53.56 10.00 17.94
CA VAL C 372 -52.21 10.44 17.60
C VAL C 372 -52.13 10.86 16.13
N VAL C 373 -52.43 9.93 15.22
CA VAL C 373 -52.17 10.14 13.80
C VAL C 373 -53.18 11.10 13.17
N SER C 374 -54.40 11.17 13.70
CA SER C 374 -55.44 11.96 13.03
C SER C 374 -55.17 13.46 13.11
N GLN C 375 -54.48 13.90 14.15
CA GLN C 375 -54.28 15.33 14.39
C GLN C 375 -52.87 15.81 14.04
N VAL C 376 -52.15 15.02 13.25
CA VAL C 376 -50.91 15.47 12.63
C VAL C 376 -51.21 15.69 11.15
N LYS C 377 -50.46 16.61 10.53
CA LYS C 377 -50.65 16.85 9.11
C LYS C 377 -50.33 15.59 8.32
N LEU C 378 -51.16 15.31 7.31
CA LEU C 378 -50.96 14.17 6.42
C LEU C 378 -51.10 14.66 4.99
N ILE C 379 -50.04 14.47 4.19
CA ILE C 379 -50.00 14.90 2.80
C ILE C 379 -49.91 13.67 1.90
N ALA C 380 -50.73 13.64 0.86
CA ALA C 380 -50.82 12.51 -0.04
C ALA C 380 -50.98 13.06 -1.45
N GLU C 381 -51.41 12.20 -2.38
CA GLU C 381 -51.69 12.64 -3.74
C GLU C 381 -53.04 12.10 -4.17
N PRO C 382 -53.69 12.75 -5.16
CA PRO C 382 -54.96 12.22 -5.65
C PRO C 382 -54.80 10.81 -6.21
N TRP C 383 -55.89 10.07 -6.18
CA TRP C 383 -55.94 8.74 -6.75
C TRP C 383 -57.34 8.47 -7.25
N ASP C 384 -57.48 7.35 -7.94
CA ASP C 384 -58.74 6.96 -8.57
C ASP C 384 -58.68 5.46 -8.76
N VAL C 385 -59.66 4.76 -8.19
CA VAL C 385 -59.50 3.35 -7.83
C VAL C 385 -60.76 2.58 -8.25
N GLY C 386 -60.56 1.33 -8.70
CA GLY C 386 -61.65 0.44 -9.06
C GLY C 386 -62.63 1.06 -10.02
N GLU C 387 -63.86 1.24 -9.57
CA GLU C 387 -64.85 2.08 -10.25
C GLU C 387 -65.33 3.13 -9.25
N GLY C 388 -64.99 4.39 -9.48
CA GLY C 388 -65.58 5.44 -8.67
C GLY C 388 -64.72 6.61 -8.23
N GLY C 389 -63.43 6.59 -8.52
CA GLY C 389 -62.56 7.70 -8.14
C GLY C 389 -61.95 7.47 -6.76
N TYR C 390 -62.29 8.33 -5.80
CA TYR C 390 -61.63 8.28 -4.50
C TYR C 390 -62.00 7.02 -3.73
N GLN C 391 -63.30 6.77 -3.59
CA GLN C 391 -63.82 5.61 -2.85
C GLN C 391 -63.47 5.68 -1.37
N VAL C 392 -63.61 6.87 -0.79
CA VAL C 392 -63.66 7.06 0.65
C VAL C 392 -64.75 8.09 0.95
N GLY C 393 -65.49 7.85 2.03
CA GLY C 393 -66.65 8.66 2.35
C GLY C 393 -66.32 9.90 3.14
N ASN C 394 -65.28 9.82 3.96
CA ASN C 394 -64.85 10.98 4.74
C ASN C 394 -63.33 10.95 4.86
N PHE C 395 -62.69 11.99 4.37
CA PHE C 395 -61.23 12.04 4.51
C PHE C 395 -60.87 12.42 5.93
N PRO C 396 -59.82 11.82 6.48
CA PRO C 396 -59.30 12.26 7.78
C PRO C 396 -58.94 13.73 7.68
N PRO C 397 -59.67 14.61 8.38
CA PRO C 397 -59.69 16.03 8.04
C PRO C 397 -58.39 16.76 8.38
N LEU C 398 -57.25 16.12 8.07
CA LEU C 398 -55.97 16.80 7.91
C LEU C 398 -55.26 16.27 6.67
N TRP C 399 -56.02 15.92 5.64
CA TRP C 399 -55.49 15.30 4.43
C TRP C 399 -55.35 16.33 3.32
N THR C 400 -54.22 16.28 2.64
CA THR C 400 -53.87 17.22 1.59
C THR C 400 -53.22 16.46 0.44
N GLU C 401 -53.54 16.84 -0.77
CA GLU C 401 -52.94 16.21 -1.94
C GLU C 401 -51.90 17.14 -2.55
N TRP C 402 -50.85 16.53 -3.10
CA TRP C 402 -49.93 17.27 -3.94
C TRP C 402 -50.67 17.62 -5.22
N ASN C 403 -51.08 18.87 -5.33
CA ASN C 403 -52.00 19.31 -6.38
C ASN C 403 -51.28 19.32 -7.74
N GLY C 404 -51.07 18.13 -8.31
CA GLY C 404 -50.41 18.05 -9.60
C GLY C 404 -51.14 18.82 -10.68
N LYS C 405 -52.47 18.90 -10.59
CA LYS C 405 -53.24 19.67 -11.56
C LYS C 405 -53.04 21.17 -11.41
N TYR C 406 -52.15 21.62 -10.51
CA TYR C 406 -51.73 23.02 -10.45
C TYR C 406 -50.35 23.21 -11.08
N ARG C 407 -49.37 22.47 -10.59
CA ARG C 407 -48.08 22.35 -11.27
C ARG C 407 -48.27 22.21 -12.77
N ASP C 408 -49.15 21.31 -13.19
CA ASP C 408 -49.41 21.10 -14.61
C ASP C 408 -50.19 22.26 -15.23
N CYS C 409 -50.78 23.16 -14.43
CA CYS C 409 -51.44 24.35 -14.95
C CYS C 409 -50.50 25.54 -15.08
N VAL C 410 -49.69 25.80 -14.05
CA VAL C 410 -48.78 26.95 -14.11
C VAL C 410 -47.62 26.67 -15.05
N ARG C 411 -47.07 25.45 -15.01
CA ARG C 411 -46.03 25.06 -15.96
C ARG C 411 -46.54 25.20 -17.38
N ASP C 412 -47.83 24.93 -17.59
CA ASP C 412 -48.44 25.13 -18.89
C ASP C 412 -48.75 26.60 -19.17
N LEU C 413 -48.86 27.43 -18.14
CA LEU C 413 -49.23 28.83 -18.34
C LEU C 413 -48.08 29.62 -18.95
N TRP C 414 -46.91 29.62 -18.31
CA TRP C 414 -45.80 30.44 -18.77
C TRP C 414 -45.07 29.84 -19.97
N ARG C 415 -45.29 28.57 -20.26
CA ARG C 415 -44.65 27.91 -21.39
C ARG C 415 -45.11 28.46 -22.74
N GLY C 416 -46.10 29.35 -22.76
CA GLY C 416 -46.71 29.67 -24.03
C GLY C 416 -47.64 28.57 -24.48
N GLU C 417 -48.36 27.97 -23.55
CA GLU C 417 -49.42 27.04 -23.85
C GLU C 417 -50.66 27.46 -23.09
N PRO C 418 -51.84 27.27 -23.67
CA PRO C 418 -53.05 27.78 -23.03
C PRO C 418 -53.71 26.78 -22.09
N ARG C 419 -53.97 27.19 -20.86
CA ARG C 419 -54.86 26.46 -19.96
C ARG C 419 -56.08 27.30 -19.68
N THR C 420 -57.21 26.62 -19.47
CA THR C 420 -58.51 27.28 -19.38
C THR C 420 -58.45 28.45 -18.40
N LEU C 421 -59.28 29.46 -18.67
CA LEU C 421 -59.36 30.55 -17.71
C LEU C 421 -60.07 30.07 -16.45
N ALA C 422 -61.01 29.12 -16.59
CA ALA C 422 -61.68 28.54 -15.43
C ALA C 422 -60.78 27.55 -14.69
N GLU C 423 -59.89 26.86 -15.39
CA GLU C 423 -58.91 26.01 -14.72
C GLU C 423 -57.72 26.79 -14.19
N PHE C 424 -57.40 27.94 -14.79
CA PHE C 424 -56.45 28.86 -14.16
C PHE C 424 -57.11 29.75 -13.12
N ALA C 425 -58.43 29.94 -13.20
CA ALA C 425 -59.13 30.64 -12.14
C ALA C 425 -58.99 29.89 -10.82
N SER C 426 -59.27 28.58 -10.83
CA SER C 426 -59.41 27.84 -9.58
C SER C 426 -58.06 27.52 -8.94
N ARG C 427 -57.00 27.35 -9.73
CA ARG C 427 -55.69 27.07 -9.14
C ARG C 427 -55.17 28.23 -8.31
N LEU C 428 -55.50 29.46 -8.71
CA LEU C 428 -55.24 30.63 -7.87
C LEU C 428 -56.33 30.80 -6.82
N THR C 429 -57.53 30.32 -7.14
CA THR C 429 -58.62 30.34 -6.18
C THR C 429 -58.42 29.30 -5.07
N GLY C 430 -57.73 28.20 -5.37
CA GLY C 430 -57.43 27.21 -4.36
C GLY C 430 -57.89 25.81 -4.69
N SER C 431 -58.12 25.55 -5.98
CA SER C 431 -58.65 24.26 -6.44
C SER C 431 -59.91 23.88 -5.67
N SER C 432 -60.87 24.81 -5.62
CA SER C 432 -62.14 24.54 -4.96
C SER C 432 -62.83 23.33 -5.56
N ASP C 433 -62.73 23.16 -6.88
CA ASP C 433 -63.46 22.09 -7.56
C ASP C 433 -63.05 20.71 -7.07
N LEU C 434 -61.75 20.50 -6.83
CA LEU C 434 -61.26 19.17 -6.46
C LEU C 434 -61.29 18.94 -4.94
N TYR C 435 -60.81 19.92 -4.17
CA TYR C 435 -60.65 19.79 -2.73
C TYR C 435 -61.66 20.70 -2.04
N GLN C 436 -62.45 20.12 -1.14
CA GLN C 436 -63.45 20.86 -0.39
C GLN C 436 -63.31 20.53 1.10
N ASP C 437 -63.56 21.53 1.95
CA ASP C 437 -63.32 21.34 3.37
C ASP C 437 -64.36 20.42 4.02
N ASP C 438 -65.38 19.99 3.28
CA ASP C 438 -66.50 19.19 3.80
C ASP C 438 -66.08 18.25 4.91
N GLY C 439 -65.02 17.51 4.66
CA GLY C 439 -64.77 16.26 5.34
C GLY C 439 -64.93 15.09 4.40
N ARG C 440 -65.43 15.34 3.19
CA ARG C 440 -65.63 14.33 2.16
C ARG C 440 -64.55 14.40 1.09
N ARG C 441 -63.54 15.24 1.30
CA ARG C 441 -62.47 15.45 0.32
C ARG C 441 -61.28 16.07 1.06
N PRO C 442 -60.08 15.97 0.49
CA PRO C 442 -58.92 16.61 1.13
C PRO C 442 -59.17 18.11 1.29
N LEU C 443 -58.83 18.65 2.45
CA LEU C 443 -59.16 20.05 2.72
C LEU C 443 -57.99 20.99 2.43
N ALA C 444 -57.31 20.83 1.29
CA ALA C 444 -56.28 21.76 0.83
C ALA C 444 -55.73 21.35 -0.52
N SER C 445 -54.77 22.11 -1.03
CA SER C 445 -54.04 21.74 -2.24
C SER C 445 -52.59 22.19 -2.06
N VAL C 446 -51.69 21.22 -1.88
CA VAL C 446 -50.27 21.55 -1.79
C VAL C 446 -49.86 22.14 -3.14
N ASN C 447 -49.58 23.43 -3.16
CA ASN C 447 -49.22 24.11 -4.39
C ASN C 447 -47.70 24.07 -4.53
N PHE C 448 -47.23 23.53 -5.65
CA PHE C 448 -45.82 23.52 -5.97
C PHE C 448 -45.66 23.80 -7.46
N VAL C 449 -44.51 24.35 -7.81
CA VAL C 449 -44.14 24.56 -9.20
C VAL C 449 -43.26 23.40 -9.62
N THR C 450 -42.51 22.86 -8.66
CA THR C 450 -41.56 21.81 -8.92
C THR C 450 -41.14 21.19 -7.60
N CYS C 451 -40.79 19.91 -7.66
CA CYS C 451 -40.62 19.06 -6.47
C CYS C 451 -39.47 18.10 -6.73
N HIS C 452 -39.38 17.05 -5.91
CA HIS C 452 -38.32 16.08 -6.14
C HIS C 452 -38.55 15.22 -7.38
N ASP C 453 -39.70 15.38 -8.05
CA ASP C 453 -39.98 14.68 -9.30
C ASP C 453 -40.14 15.69 -10.42
N GLY C 454 -39.38 15.51 -11.48
CA GLY C 454 -39.29 16.48 -12.55
C GLY C 454 -38.04 17.32 -12.41
N PHE C 455 -37.95 18.33 -13.26
CA PHE C 455 -36.81 19.23 -13.25
C PHE C 455 -36.80 20.04 -11.96
N THR C 456 -35.72 20.79 -11.78
CA THR C 456 -35.71 21.83 -10.76
C THR C 456 -36.18 23.13 -11.39
N LEU C 457 -36.37 24.15 -10.55
CA LEU C 457 -36.88 25.43 -11.06
C LEU C 457 -35.98 26.00 -12.15
N ARG C 458 -34.66 25.98 -11.93
CA ARG C 458 -33.74 26.41 -12.98
C ARG C 458 -33.80 25.49 -14.19
N ASP C 459 -33.89 24.18 -13.96
CA ASP C 459 -34.00 23.23 -15.07
C ASP C 459 -35.27 23.43 -15.87
N LEU C 460 -36.34 23.91 -15.24
CA LEU C 460 -37.64 24.00 -15.90
C LEU C 460 -37.63 25.05 -17.02
N VAL C 461 -36.85 26.10 -16.86
CA VAL C 461 -36.79 27.16 -17.86
C VAL C 461 -35.53 27.06 -18.72
N SER C 462 -34.89 25.88 -18.75
CA SER C 462 -33.62 25.73 -19.44
C SER C 462 -33.51 24.51 -20.33
N TYR C 463 -34.42 23.54 -20.23
CA TYR C 463 -34.38 22.34 -21.04
C TYR C 463 -35.81 21.97 -21.43
N ASN C 464 -35.98 21.51 -22.67
CA ASN C 464 -37.27 20.99 -23.13
C ASN C 464 -37.37 19.48 -22.96
N GLU C 465 -36.26 18.77 -23.16
CA GLU C 465 -36.19 17.33 -23.03
C GLU C 465 -35.20 16.97 -21.92
N LYS C 466 -35.53 15.94 -21.16
CA LYS C 466 -34.69 15.49 -20.06
C LYS C 466 -33.30 15.07 -20.56
N ARG C 467 -32.32 15.16 -19.67
CA ARG C 467 -30.95 14.72 -19.97
C ARG C 467 -30.51 13.61 -19.02
N ASN C 468 -31.37 12.61 -18.81
CA ASN C 468 -31.20 11.58 -17.79
C ASN C 468 -30.21 10.49 -18.19
N GLU C 469 -29.34 10.72 -19.17
CA GLU C 469 -28.50 9.66 -19.69
C GLU C 469 -27.61 9.04 -18.59
N ALA C 470 -27.13 9.87 -17.67
CA ALA C 470 -26.27 9.39 -16.58
C ALA C 470 -26.93 8.34 -15.71
N ASN C 471 -28.25 8.17 -15.78
CA ASN C 471 -28.96 7.26 -14.88
C ASN C 471 -28.71 5.80 -15.21
N GLY C 472 -28.20 5.50 -16.40
CA GLY C 472 -28.02 4.12 -16.80
C GLY C 472 -29.30 3.40 -17.16
N GLU C 473 -30.44 4.07 -17.13
CA GLU C 473 -31.69 3.52 -17.62
C GLU C 473 -32.07 4.08 -19.00
N GLY C 474 -31.06 4.38 -19.81
CA GLY C 474 -31.26 4.69 -21.22
C GLY C 474 -32.14 5.88 -21.52
N ASN C 475 -32.08 6.93 -20.69
CA ASN C 475 -32.82 8.18 -20.85
C ASN C 475 -34.33 8.00 -20.71
N ARG C 476 -34.79 6.78 -20.41
CA ARG C 476 -36.21 6.47 -20.45
C ARG C 476 -36.96 6.79 -19.17
N ASP C 477 -36.26 6.99 -18.06
CA ASP C 477 -36.92 7.14 -16.77
C ASP C 477 -37.48 8.56 -16.63
N GLY C 478 -37.96 8.89 -15.44
CA GLY C 478 -38.51 10.21 -15.18
C GLY C 478 -39.71 10.54 -16.04
N GLU C 479 -40.11 11.81 -15.95
CA GLU C 479 -41.20 12.29 -16.79
C GLU C 479 -40.78 12.27 -18.25
N ASN C 480 -41.75 12.03 -19.12
CA ASN C 480 -41.48 12.13 -20.55
C ASN C 480 -41.75 13.53 -21.09
N TYR C 481 -42.90 14.13 -20.75
CA TYR C 481 -43.07 15.56 -20.97
C TYR C 481 -43.28 16.25 -19.64
N ASN C 482 -42.30 17.06 -19.25
CA ASN C 482 -42.33 17.87 -18.04
C ASN C 482 -43.08 19.18 -18.23
N ARG C 483 -43.56 19.46 -19.44
CA ARG C 483 -44.21 20.73 -19.76
C ARG C 483 -43.28 21.90 -19.44
N SER C 484 -42.12 21.88 -20.10
CA SER C 484 -41.10 22.91 -19.93
C SER C 484 -40.81 23.57 -21.27
N TRP C 485 -40.38 24.82 -21.22
CA TRP C 485 -39.86 25.52 -22.40
C TRP C 485 -38.51 26.13 -22.03
N ASN C 486 -37.51 25.89 -22.88
CA ASN C 486 -36.12 26.23 -22.60
C ASN C 486 -35.80 27.71 -22.79
N CYS C 487 -36.69 28.47 -23.40
CA CYS C 487 -36.51 29.89 -23.68
C CYS C 487 -35.40 30.16 -24.70
N GLY C 488 -35.24 29.29 -25.71
CA GLY C 488 -34.43 29.68 -26.85
C GLY C 488 -33.23 28.82 -27.21
N GLU C 489 -32.42 28.44 -26.22
CA GLU C 489 -31.32 27.51 -26.43
C GLU C 489 -31.27 26.56 -25.24
N GLU C 490 -30.95 25.30 -25.49
CA GLU C 490 -31.21 24.21 -24.56
C GLU C 490 -29.94 23.82 -23.83
N GLY C 491 -29.84 24.25 -22.57
CA GLY C 491 -28.63 24.13 -21.77
C GLY C 491 -28.13 25.49 -21.35
N GLU C 492 -26.96 25.49 -20.73
CA GLU C 492 -26.34 26.76 -20.36
C GLU C 492 -25.91 27.50 -21.62
N THR C 493 -26.54 28.65 -21.87
CA THR C 493 -26.18 29.46 -23.02
C THR C 493 -25.51 30.75 -22.56
N GLU C 494 -24.61 31.24 -23.40
CA GLU C 494 -23.92 32.50 -23.15
C GLU C 494 -24.87 33.69 -23.30
N ASP C 495 -25.85 33.59 -24.19
CA ASP C 495 -26.71 34.71 -24.57
C ASP C 495 -27.48 35.29 -23.38
N VAL C 496 -27.12 36.50 -22.96
CA VAL C 496 -27.85 37.16 -21.89
C VAL C 496 -29.26 37.54 -22.33
N GLY C 497 -29.49 37.61 -23.64
CA GLY C 497 -30.85 37.71 -24.14
C GLY C 497 -31.75 36.70 -23.49
N ILE C 498 -31.32 35.45 -23.45
CA ILE C 498 -32.09 34.41 -22.78
C ILE C 498 -31.62 34.17 -21.35
N THR C 499 -30.38 34.50 -21.01
CA THR C 499 -29.95 34.38 -19.62
C THR C 499 -30.82 35.21 -18.69
N GLU C 500 -31.31 36.36 -19.17
CA GLU C 500 -32.28 37.10 -18.39
C GLU C 500 -33.67 36.51 -18.49
N LEU C 501 -34.17 36.27 -19.71
CA LEU C 501 -35.53 35.75 -19.81
C LEU C 501 -35.66 34.40 -19.10
N ARG C 502 -34.60 33.60 -19.10
CA ARG C 502 -34.57 32.43 -18.21
C ARG C 502 -34.63 32.87 -16.76
N ALA C 503 -33.89 33.91 -16.40
CA ALA C 503 -33.85 34.37 -15.00
C ALA C 503 -35.22 34.84 -14.53
N ARG C 504 -35.94 35.59 -15.36
CA ARG C 504 -37.22 36.14 -14.91
C ARG C 504 -38.40 35.25 -15.23
N GLN C 505 -38.25 34.27 -16.12
CA GLN C 505 -39.22 33.17 -16.16
C GLN C 505 -39.33 32.51 -14.79
N MET C 506 -38.18 32.29 -14.14
CA MET C 506 -38.14 31.74 -12.80
C MET C 506 -38.95 32.59 -11.82
N ARG C 507 -38.76 33.91 -11.86
CA ARG C 507 -39.44 34.80 -10.93
C ARG C 507 -40.95 34.74 -11.08
N ASN C 508 -41.45 34.35 -12.25
CA ASN C 508 -42.88 34.23 -12.43
C ASN C 508 -43.40 32.89 -11.90
N PHE C 509 -42.56 31.86 -11.90
CA PHE C 509 -42.97 30.60 -11.28
C PHE C 509 -42.96 30.70 -9.76
N LEU C 510 -42.05 31.49 -9.20
CA LEU C 510 -42.01 31.64 -7.75
C LEU C 510 -43.11 32.57 -7.27
N ALA C 511 -43.27 33.72 -7.94
CA ALA C 511 -44.36 34.64 -7.62
C ALA C 511 -45.71 33.94 -7.71
N THR C 512 -45.98 33.30 -8.85
CA THR C 512 -47.26 32.64 -9.07
C THR C 512 -47.52 31.50 -8.07
N LEU C 513 -46.49 31.00 -7.41
CA LEU C 513 -46.73 29.99 -6.38
C LEU C 513 -47.17 30.63 -5.07
N MET C 514 -46.56 31.76 -4.71
CA MET C 514 -46.62 32.26 -3.35
C MET C 514 -47.85 33.12 -3.06
N LEU C 515 -48.65 33.44 -4.06
CA LEU C 515 -49.86 34.22 -3.85
C LEU C 515 -51.13 33.44 -4.19
N SER C 516 -50.99 32.21 -4.66
CA SER C 516 -52.15 31.35 -4.85
C SER C 516 -52.73 30.96 -3.51
N GLN C 517 -53.98 30.52 -3.52
CA GLN C 517 -54.59 29.94 -2.34
C GLN C 517 -54.18 28.48 -2.22
N GLY C 518 -53.70 28.10 -1.05
CA GLY C 518 -53.22 26.77 -0.81
C GLY C 518 -51.98 26.81 0.06
N VAL C 519 -51.32 25.66 0.16
CA VAL C 519 -50.10 25.54 0.96
C VAL C 519 -48.92 25.47 0.00
N PRO C 520 -48.15 26.53 -0.17
CA PRO C 520 -47.01 26.48 -1.10
C PRO C 520 -45.98 25.47 -0.63
N MET C 521 -45.20 24.96 -1.58
CA MET C 521 -44.17 23.97 -1.29
C MET C 521 -43.06 24.08 -2.31
N LEU C 522 -41.85 24.38 -1.83
CA LEU C 522 -40.68 24.57 -2.68
C LEU C 522 -39.75 23.36 -2.61
N SER C 523 -39.21 22.99 -3.76
CA SER C 523 -38.10 22.05 -3.78
C SER C 523 -36.82 22.79 -3.45
N HIS C 524 -35.96 22.16 -2.65
CA HIS C 524 -34.80 22.85 -2.09
C HIS C 524 -33.86 23.29 -3.21
N GLY C 525 -33.06 24.31 -2.90
CA GLY C 525 -32.18 24.86 -3.90
C GLY C 525 -32.88 25.61 -5.01
N ASP C 526 -34.21 25.65 -5.00
CA ASP C 526 -34.93 26.47 -5.97
C ASP C 526 -34.62 27.94 -5.79
N GLU C 527 -34.17 28.34 -4.59
CA GLU C 527 -33.79 29.72 -4.33
C GLU C 527 -32.42 30.05 -4.92
N PHE C 528 -31.53 29.08 -4.98
CA PHE C 528 -30.22 29.29 -5.59
C PHE C 528 -30.25 29.00 -7.08
N GLY C 529 -31.42 28.70 -7.64
CA GLY C 529 -31.51 28.22 -9.00
C GLY C 529 -30.64 27.00 -9.20
N ARG C 530 -30.85 25.98 -8.37
CA ARG C 530 -30.04 24.78 -8.46
C ARG C 530 -30.43 24.00 -9.71
N THR C 531 -29.50 23.17 -10.18
CA THR C 531 -29.64 22.51 -11.47
C THR C 531 -28.93 21.16 -11.44
N GLN C 532 -29.51 20.18 -12.14
CA GLN C 532 -28.94 18.85 -12.27
C GLN C 532 -28.62 18.52 -13.73
N GLY C 533 -28.25 19.52 -14.52
CA GLY C 533 -27.88 19.27 -15.91
C GLY C 533 -28.92 18.52 -16.72
N GLY C 534 -30.19 18.65 -16.37
CA GLY C 534 -31.25 18.04 -17.13
C GLY C 534 -31.80 16.75 -16.58
N ASN C 535 -31.32 16.29 -15.43
CA ASN C 535 -31.82 15.05 -14.84
C ASN C 535 -33.10 15.37 -14.08
N ASN C 536 -34.24 14.90 -14.59
CA ASN C 536 -35.51 15.17 -13.95
C ASN C 536 -35.95 14.05 -13.02
N ASN C 537 -35.28 12.89 -13.05
CA ASN C 537 -35.43 11.81 -12.07
C ASN C 537 -34.02 11.36 -11.69
N ALA C 538 -33.43 12.05 -10.72
CA ALA C 538 -32.03 11.85 -10.37
C ALA C 538 -31.83 10.83 -9.26
N TYR C 539 -32.78 9.90 -9.10
CA TYR C 539 -32.95 9.11 -7.88
C TYR C 539 -31.67 8.41 -7.41
N CYS C 540 -30.67 8.35 -8.28
CA CYS C 540 -29.44 7.61 -8.02
C CYS C 540 -28.18 8.47 -8.12
N GLN C 541 -28.33 9.77 -8.38
CA GLN C 541 -27.18 10.68 -8.47
C GLN C 541 -26.81 11.12 -7.05
N ASP C 542 -25.88 10.38 -6.45
CA ASP C 542 -25.34 10.70 -5.13
C ASP C 542 -24.01 11.46 -5.30
N ASN C 543 -24.07 12.59 -6.00
CA ASN C 543 -22.86 13.35 -6.34
C ASN C 543 -23.27 14.76 -6.76
N GLU C 544 -22.30 15.51 -7.33
CA GLU C 544 -22.42 16.95 -7.58
C GLU C 544 -23.75 17.34 -8.21
N VAL C 545 -24.41 16.38 -8.86
CA VAL C 545 -25.65 16.61 -9.57
C VAL C 545 -26.70 17.24 -8.65
N SER C 546 -27.09 16.50 -7.62
CA SER C 546 -28.12 16.98 -6.72
C SER C 546 -27.56 17.76 -5.53
N TRP C 547 -26.24 17.78 -5.32
CA TRP C 547 -25.70 18.65 -4.27
C TRP C 547 -26.25 20.06 -4.40
N VAL C 548 -26.42 20.73 -3.27
CA VAL C 548 -26.83 22.13 -3.27
C VAL C 548 -25.59 22.99 -3.26
N ARG C 549 -25.47 23.89 -4.23
CA ARG C 549 -24.38 24.84 -4.26
C ARG C 549 -24.76 26.09 -3.49
N TRP C 550 -23.87 26.51 -2.60
CA TRP C 550 -24.19 27.57 -1.68
C TRP C 550 -23.55 28.88 -2.11
N PRO C 551 -24.32 29.95 -2.23
CA PRO C 551 -23.79 31.20 -2.79
C PRO C 551 -22.66 31.72 -1.94
N LYS C 552 -21.67 32.36 -2.58
CA LYS C 552 -20.49 32.65 -1.79
C LYS C 552 -20.63 33.92 -0.97
N GLU C 553 -20.29 35.08 -1.57
CA GLU C 553 -20.81 36.39 -1.21
C GLU C 553 -20.75 37.22 -2.48
N ASN C 554 -19.84 36.81 -3.37
CA ASN C 554 -19.55 37.46 -4.64
C ASN C 554 -20.11 36.63 -5.80
N SER C 555 -21.30 36.07 -5.59
CA SER C 555 -22.08 35.41 -6.63
C SER C 555 -23.26 36.33 -6.91
N GLU C 556 -23.06 37.29 -7.82
CA GLU C 556 -24.06 38.33 -8.06
C GLU C 556 -25.41 37.72 -8.42
N ALA C 557 -25.42 36.81 -9.39
CA ALA C 557 -26.68 36.29 -9.93
C ALA C 557 -27.48 35.57 -8.86
N GLU C 558 -26.93 34.48 -8.32
CA GLU C 558 -27.68 33.68 -7.35
C GLU C 558 -28.03 34.46 -6.09
N ALA C 559 -27.29 35.52 -5.78
CA ALA C 559 -27.64 36.35 -4.63
C ALA C 559 -28.97 37.06 -4.86
N THR C 560 -29.12 37.72 -6.01
CA THR C 560 -30.35 38.42 -6.34
C THR C 560 -31.57 37.50 -6.23
N LEU C 561 -31.41 36.22 -6.59
CA LEU C 561 -32.54 35.31 -6.57
C LEU C 561 -32.89 34.90 -5.14
N LEU C 562 -31.88 34.58 -4.33
CA LEU C 562 -32.14 34.20 -2.94
C LEU C 562 -32.98 35.25 -2.20
N ARG C 563 -32.78 36.54 -2.51
CA ARG C 563 -33.55 37.56 -1.82
C ARG C 563 -34.91 37.81 -2.47
N PHE C 564 -35.11 37.45 -3.73
CA PHE C 564 -36.45 37.50 -4.30
C PHE C 564 -37.38 36.55 -3.53
N THR C 565 -37.02 35.26 -3.50
CA THR C 565 -37.76 34.31 -2.69
C THR C 565 -37.85 34.77 -1.24
N ARG C 566 -36.71 35.20 -0.66
CA ARG C 566 -36.68 35.55 0.74
C ARG C 566 -37.64 36.69 1.07
N SER C 567 -37.93 37.55 0.09
CA SER C 567 -38.92 38.60 0.30
C SER C 567 -40.29 38.24 -0.24
N MET C 568 -40.39 37.24 -1.11
CA MET C 568 -41.70 36.89 -1.64
C MET C 568 -42.53 36.03 -0.69
N VAL C 569 -41.93 35.45 0.35
CA VAL C 569 -42.72 34.83 1.40
C VAL C 569 -43.04 35.83 2.50
N ARG C 570 -42.25 36.89 2.64
CA ARG C 570 -42.67 38.04 3.43
C ARG C 570 -44.07 38.49 3.01
N LEU C 571 -44.28 38.63 1.71
CA LEU C 571 -45.58 39.05 1.21
C LEU C 571 -46.69 38.06 1.57
N ARG C 572 -46.36 36.78 1.68
CA ARG C 572 -47.35 35.82 2.18
C ARG C 572 -47.62 36.07 3.67
N ARG C 573 -46.58 36.04 4.50
CA ARG C 573 -46.76 36.23 5.92
C ARG C 573 -47.22 37.63 6.30
N GLU C 574 -47.21 38.59 5.38
CA GLU C 574 -47.57 39.96 5.70
C GLU C 574 -48.99 40.33 5.31
N HIS C 575 -49.65 39.55 4.45
CA HIS C 575 -50.95 39.96 3.93
C HIS C 575 -51.97 38.82 3.96
N PRO C 576 -52.97 38.90 4.84
CA PRO C 576 -53.93 37.78 4.98
C PRO C 576 -54.75 37.46 3.73
N VAL C 577 -54.84 38.36 2.74
CA VAL C 577 -55.66 38.05 1.57
C VAL C 577 -55.06 36.90 0.78
N PHE C 578 -53.74 36.73 0.82
CA PHE C 578 -53.10 35.60 0.16
C PHE C 578 -53.13 34.32 0.99
N ARG C 579 -53.68 34.36 2.20
CA ARG C 579 -53.78 33.19 3.06
C ARG C 579 -55.11 33.26 3.82
N ARG C 580 -56.15 32.69 3.23
CA ARG C 580 -57.49 32.66 3.82
C ARG C 580 -57.66 31.34 4.58
N ARG C 581 -58.11 31.41 5.84
CA ARG C 581 -58.21 30.20 6.65
C ARG C 581 -59.11 29.19 5.95
N ARG C 582 -60.36 29.55 5.73
CA ARG C 582 -61.22 28.83 4.81
C ARG C 582 -60.97 29.40 3.43
N PHE C 583 -60.37 28.60 2.56
CA PHE C 583 -59.98 29.07 1.24
C PHE C 583 -61.22 29.36 0.41
N PHE C 584 -61.02 29.71 -0.86
CA PHE C 584 -62.16 29.95 -1.74
C PHE C 584 -62.85 28.60 -1.96
N HIS C 585 -63.62 28.19 -0.96
CA HIS C 585 -64.28 26.89 -0.93
C HIS C 585 -65.79 27.01 -0.94
N GLY C 586 -66.36 27.79 -0.02
CA GLY C 586 -67.77 28.11 -0.16
C GLY C 586 -68.00 29.12 -1.26
N ARG C 587 -67.09 30.08 -1.41
CA ARG C 587 -67.29 31.19 -2.32
C ARG C 587 -67.00 30.77 -3.75
N PRO C 588 -67.50 31.53 -4.72
CA PRO C 588 -67.20 31.25 -6.13
C PRO C 588 -65.95 31.99 -6.61
N VAL C 589 -65.45 31.57 -7.76
CA VAL C 589 -64.22 32.11 -8.33
C VAL C 589 -64.39 33.58 -8.69
N GLU C 590 -65.59 34.11 -8.56
CA GLU C 590 -65.82 35.51 -8.90
C GLU C 590 -66.45 36.32 -7.78
N GLY C 591 -67.39 35.74 -7.04
CA GLY C 591 -68.17 36.51 -6.09
C GLY C 591 -69.22 37.32 -6.85
N THR C 592 -70.45 37.39 -6.33
CA THR C 592 -71.45 38.19 -7.04
C THR C 592 -70.90 39.60 -7.15
N HIS C 593 -70.54 40.02 -8.36
CA HIS C 593 -69.52 41.04 -8.53
C HIS C 593 -70.02 42.42 -8.12
N ASP C 594 -70.31 42.58 -6.82
CA ASP C 594 -70.95 43.78 -6.30
C ASP C 594 -69.94 44.65 -5.55
N GLU C 595 -70.45 45.71 -4.93
CA GLU C 595 -69.60 46.73 -4.30
C GLU C 595 -68.62 46.12 -3.29
N LEU C 596 -68.97 44.98 -2.70
CA LEU C 596 -68.16 44.37 -1.65
C LEU C 596 -68.12 42.85 -1.88
N THR C 597 -67.15 42.40 -2.66
CA THR C 597 -66.73 41.01 -2.60
C THR C 597 -65.22 40.94 -2.39
N ASP C 598 -64.68 39.73 -2.39
CA ASP C 598 -63.27 39.50 -2.08
C ASP C 598 -62.40 39.51 -3.32
N ILE C 599 -62.92 39.00 -4.44
CA ILE C 599 -62.16 38.86 -5.68
C ILE C 599 -62.99 39.45 -6.82
N ALA C 600 -62.30 39.79 -7.90
CA ALA C 600 -62.91 40.23 -9.15
C ALA C 600 -61.86 40.18 -10.24
N TRP C 601 -62.24 39.68 -11.41
CA TRP C 601 -61.30 39.40 -12.50
C TRP C 601 -61.51 40.43 -13.60
N PHE C 602 -60.40 41.01 -14.08
CA PHE C 602 -60.46 42.08 -15.06
C PHE C 602 -59.54 41.80 -16.24
N THR C 603 -60.08 42.04 -17.44
CA THR C 603 -59.44 41.95 -18.75
C THR C 603 -58.42 43.07 -18.89
N PRO C 604 -57.21 42.78 -19.47
CA PRO C 604 -56.14 43.80 -19.54
C PRO C 604 -56.63 45.21 -19.84
N GLU C 605 -57.64 45.30 -20.71
CA GLU C 605 -58.26 46.57 -21.03
C GLU C 605 -59.07 47.17 -19.87
N GLY C 606 -59.24 46.43 -18.78
CA GLY C 606 -59.89 46.98 -17.61
C GLY C 606 -61.38 46.76 -17.53
N GLU C 607 -61.86 45.61 -17.98
CA GLU C 607 -63.27 45.26 -17.88
C GLU C 607 -63.42 43.90 -17.22
N GLU C 608 -64.54 43.72 -16.51
CA GLU C 608 -64.78 42.48 -15.78
C GLU C 608 -65.26 41.39 -16.73
N MET C 609 -64.66 40.20 -16.63
CA MET C 609 -64.94 39.13 -17.55
C MET C 609 -66.36 38.59 -17.38
N THR C 610 -66.88 37.98 -18.44
CA THR C 610 -68.24 37.46 -18.48
C THR C 610 -68.22 35.96 -18.69
N SER C 611 -69.41 35.35 -18.54
CA SER C 611 -69.53 33.90 -18.65
C SER C 611 -68.94 33.38 -19.96
N ARG C 612 -69.17 34.08 -21.06
CA ARG C 612 -68.58 33.65 -22.34
C ARG C 612 -67.06 33.79 -22.32
N ASP C 613 -66.55 34.88 -21.71
CA ASP C 613 -65.11 35.09 -21.69
C ASP C 613 -64.40 34.26 -20.62
N TRP C 614 -65.13 33.78 -19.61
CA TRP C 614 -64.58 32.74 -18.75
C TRP C 614 -64.12 31.55 -19.59
N GLN C 615 -64.86 31.24 -20.65
CA GLN C 615 -64.58 30.15 -21.57
C GLN C 615 -63.53 30.50 -22.62
N ALA C 616 -62.74 31.56 -22.41
CA ALA C 616 -61.66 31.89 -23.34
C ALA C 616 -60.44 31.04 -22.99
N ALA C 617 -60.14 30.06 -23.87
CA ALA C 617 -59.14 29.04 -23.55
C ALA C 617 -57.81 29.67 -23.14
N HIS C 618 -57.27 30.56 -23.97
CA HIS C 618 -56.00 31.19 -23.65
C HIS C 618 -56.17 32.18 -22.52
N ALA C 619 -56.03 31.71 -21.29
CA ALA C 619 -55.98 32.59 -20.11
C ALA C 619 -54.59 33.22 -20.03
N GLN C 620 -54.32 34.08 -21.02
CA GLN C 620 -52.99 34.64 -21.26
C GLN C 620 -52.77 35.96 -20.51
N ALA C 621 -53.74 36.86 -20.56
CA ALA C 621 -53.60 38.19 -19.98
C ALA C 621 -54.63 38.37 -18.87
N LEU C 622 -54.15 38.67 -17.66
CA LEU C 622 -55.00 38.75 -16.49
C LEU C 622 -54.65 39.98 -15.66
N THR C 623 -55.68 40.65 -15.16
CA THR C 623 -55.58 41.53 -14.01
C THR C 623 -56.55 41.00 -12.96
N VAL C 624 -56.04 40.74 -11.76
CA VAL C 624 -56.83 40.16 -10.68
C VAL C 624 -56.86 41.14 -9.51
N PHE C 625 -58.07 41.50 -9.08
CA PHE C 625 -58.26 42.34 -7.91
C PHE C 625 -58.65 41.48 -6.73
N LEU C 626 -58.02 41.74 -5.58
CA LEU C 626 -58.36 41.09 -4.32
C LEU C 626 -58.68 42.17 -3.29
N ASN C 627 -59.84 42.05 -2.65
CA ASN C 627 -60.29 43.05 -1.69
C ASN C 627 -59.60 42.82 -0.34
N GLY C 628 -59.37 43.92 0.37
CA GLY C 628 -58.66 43.86 1.63
C GLY C 628 -59.55 43.87 2.85
N ASN C 629 -60.84 44.19 2.66
CA ASN C 629 -61.79 44.24 3.77
C ASN C 629 -62.86 43.17 3.72
N ALA C 630 -63.07 42.53 2.57
CA ALA C 630 -64.11 41.53 2.39
C ALA C 630 -63.71 40.15 2.89
N ILE C 631 -62.69 40.05 3.74
CA ILE C 631 -62.27 38.75 4.26
C ILE C 631 -63.37 38.24 5.19
N SER C 632 -64.15 37.28 4.70
CA SER C 632 -65.29 36.74 5.44
C SER C 632 -64.88 35.59 6.35
N GLU C 633 -63.87 35.82 7.18
CA GLU C 633 -63.31 34.82 8.10
C GLU C 633 -62.76 35.55 9.31
N PRO C 634 -63.10 35.12 10.53
CA PRO C 634 -62.58 35.78 11.72
C PRO C 634 -61.11 35.48 11.96
N GLY C 635 -60.57 36.00 13.06
CA GLY C 635 -59.19 35.79 13.43
C GLY C 635 -59.04 34.84 14.61
N THR C 636 -57.79 34.68 15.04
CA THR C 636 -57.46 33.69 16.06
C THR C 636 -58.26 33.91 17.34
N GLN C 637 -58.66 35.14 17.63
CA GLN C 637 -59.50 35.45 18.78
C GLN C 637 -60.72 36.28 18.36
N GLY C 638 -61.40 35.82 17.30
CA GLY C 638 -62.63 36.43 16.83
C GLY C 638 -62.45 37.71 16.04
N GLU C 639 -61.28 38.33 16.09
CA GLU C 639 -60.97 39.54 15.32
C GLU C 639 -61.35 39.36 13.85
N ARG C 640 -61.76 40.47 13.23
CA ARG C 640 -61.96 40.48 11.78
C ARG C 640 -60.63 40.86 11.14
N ILE C 641 -60.05 39.94 10.38
CA ILE C 641 -58.74 40.19 9.77
C ILE C 641 -58.94 41.16 8.61
N ALA C 642 -58.68 42.44 8.86
CA ALA C 642 -58.64 43.43 7.80
C ALA C 642 -57.29 43.40 7.09
N ASP C 643 -57.28 43.89 5.84
CA ASP C 643 -56.08 43.82 5.04
C ASP C 643 -56.10 44.96 4.03
N ASP C 644 -54.91 45.25 3.49
CA ASP C 644 -54.78 46.14 2.34
C ASP C 644 -55.38 45.48 1.10
N SER C 645 -55.63 46.30 0.08
CA SER C 645 -56.14 45.82 -1.20
C SER C 645 -54.99 45.64 -2.18
N PHE C 646 -55.07 44.59 -3.01
CA PHE C 646 -54.03 44.29 -3.98
C PHE C 646 -54.64 44.14 -5.37
N LEU C 647 -53.75 44.11 -6.38
CA LEU C 647 -54.13 44.10 -7.79
C LEU C 647 -53.03 43.40 -8.58
N LEU C 648 -53.29 42.15 -8.99
CA LEU C 648 -52.31 41.34 -9.69
C LEU C 648 -52.46 41.50 -11.20
N MET C 649 -51.38 41.25 -11.94
CA MET C 649 -51.40 41.46 -13.40
C MET C 649 -50.53 40.40 -14.07
N PHE C 650 -51.18 39.43 -14.71
CA PHE C 650 -50.49 38.32 -15.39
C PHE C 650 -50.40 38.63 -16.89
N ASN C 651 -49.18 38.59 -17.41
CA ASN C 651 -48.93 38.47 -18.85
C ASN C 651 -48.21 37.14 -19.10
N ALA C 652 -48.94 36.17 -19.62
CA ALA C 652 -48.34 34.96 -20.17
C ALA C 652 -48.21 35.02 -21.68
N SER C 653 -48.39 36.21 -22.26
CA SER C 653 -48.27 36.43 -23.69
C SER C 653 -46.85 36.84 -24.06
N ALA C 654 -46.42 36.41 -25.25
CA ALA C 654 -45.01 36.42 -25.62
C ALA C 654 -44.46 37.81 -25.93
N LYS C 655 -45.29 38.84 -26.02
CA LYS C 655 -44.83 40.20 -26.24
C LYS C 655 -45.52 41.14 -25.27
N GLU C 656 -45.01 42.37 -25.18
CA GLU C 656 -45.51 43.34 -24.22
C GLU C 656 -46.97 43.69 -24.50
N LEU C 657 -47.82 43.50 -23.49
CA LEU C 657 -49.20 43.98 -23.52
C LEU C 657 -49.31 45.27 -22.72
N GLU C 658 -50.54 45.76 -22.57
CA GLU C 658 -50.80 47.00 -21.84
C GLU C 658 -51.99 46.80 -20.95
N PHE C 659 -51.81 46.98 -19.65
CA PHE C 659 -52.86 46.80 -18.67
C PHE C 659 -53.35 48.16 -18.17
N VAL C 660 -54.62 48.19 -17.77
CA VAL C 660 -55.27 49.37 -17.22
C VAL C 660 -55.60 49.09 -15.77
N VAL C 661 -55.20 50.00 -14.88
CA VAL C 661 -55.64 49.94 -13.50
C VAL C 661 -57.16 50.19 -13.51
N PRO C 662 -57.97 49.26 -12.99
CA PRO C 662 -59.44 49.32 -13.06
C PRO C 662 -60.09 50.10 -11.93
N ARG C 667 -57.92 56.69 -6.26
CA ARG C 667 -57.03 56.18 -5.22
C ARG C 667 -55.70 55.77 -5.82
N TYR C 668 -54.61 56.24 -5.22
CA TYR C 668 -53.27 55.87 -5.68
C TYR C 668 -52.95 54.43 -5.31
N TRP C 669 -52.54 53.65 -6.31
CA TRP C 669 -51.94 52.35 -6.08
C TRP C 669 -50.43 52.53 -6.05
N ARG C 670 -49.74 51.58 -5.40
CA ARG C 670 -48.28 51.56 -5.36
C ARG C 670 -47.77 50.25 -5.95
N MET C 671 -46.83 50.35 -6.88
CA MET C 671 -46.31 49.15 -7.54
C MET C 671 -45.28 48.50 -6.62
N VAL C 672 -45.60 47.32 -6.12
CA VAL C 672 -44.74 46.61 -5.18
C VAL C 672 -44.04 45.41 -5.82
N VAL C 673 -44.52 44.94 -6.96
CA VAL C 673 -44.03 43.69 -7.57
C VAL C 673 -43.92 43.87 -9.07
N ASP C 674 -42.75 43.55 -9.62
CA ASP C 674 -42.53 43.57 -11.06
C ASP C 674 -41.45 42.55 -11.38
N THR C 675 -41.82 41.47 -12.06
CA THR C 675 -40.86 40.44 -12.42
C THR C 675 -39.73 40.99 -13.30
N SER C 676 -40.02 42.02 -14.10
CA SER C 676 -39.21 42.30 -15.28
C SER C 676 -37.79 42.73 -14.92
N ASP C 677 -37.65 43.69 -14.01
CA ASP C 677 -36.36 44.36 -13.86
C ASP C 677 -35.32 43.41 -13.25
N PRO C 678 -34.08 43.46 -13.73
CA PRO C 678 -33.06 42.50 -13.26
C PRO C 678 -32.43 42.84 -11.91
N GLU C 679 -32.73 44.01 -11.34
CA GLU C 679 -32.49 44.18 -9.92
C GLU C 679 -33.51 43.38 -9.11
N GLY C 680 -34.71 43.19 -9.67
CA GLY C 680 -35.77 42.46 -9.02
C GLY C 680 -36.67 43.37 -8.20
N MET C 681 -37.98 43.12 -8.36
CA MET C 681 -39.03 43.86 -7.62
C MET C 681 -39.68 42.92 -6.60
N GLN C 684 -37.14 45.84 -3.91
CA GLN C 684 -36.99 47.28 -4.28
C GLN C 684 -38.37 47.85 -4.58
N GLN C 685 -38.89 48.74 -3.75
CA GLN C 685 -40.21 49.29 -3.99
C GLN C 685 -40.17 50.21 -5.21
N GLY C 686 -41.31 50.34 -5.87
CA GLY C 686 -41.35 50.96 -7.18
C GLY C 686 -42.17 52.23 -7.27
N PRO C 687 -42.78 52.44 -8.44
CA PRO C 687 -43.54 53.68 -8.69
C PRO C 687 -44.95 53.60 -8.12
N GLU C 688 -45.72 54.66 -8.38
CA GLU C 688 -47.13 54.68 -8.06
C GLU C 688 -47.92 54.97 -9.34
N LEU C 689 -48.89 54.12 -9.62
CA LEU C 689 -49.73 54.26 -10.81
C LEU C 689 -51.05 54.92 -10.43
N ALA C 690 -51.65 55.62 -11.40
CA ALA C 690 -52.79 56.50 -11.11
C ALA C 690 -53.98 55.72 -10.58
N GLY C 691 -54.53 54.84 -11.39
CA GLY C 691 -55.76 54.14 -11.02
C GLY C 691 -56.67 53.96 -12.21
N GLY C 692 -56.35 54.65 -13.30
CA GLY C 692 -56.99 54.41 -14.58
C GLY C 692 -55.99 54.43 -15.72
N GLU C 693 -54.74 54.75 -15.40
CA GLU C 693 -53.73 54.87 -16.45
C GLU C 693 -53.34 53.51 -17.00
N ARG C 694 -52.69 53.54 -18.16
CA ARG C 694 -52.12 52.35 -18.75
C ARG C 694 -50.69 52.18 -18.26
N VAL C 695 -50.19 50.94 -18.29
CA VAL C 695 -48.78 50.67 -18.05
C VAL C 695 -48.33 49.61 -19.06
N THR C 696 -47.10 49.76 -19.53
CA THR C 696 -46.49 48.75 -20.38
C THR C 696 -45.98 47.62 -19.51
N LEU C 697 -46.47 46.40 -19.76
CA LEU C 697 -46.06 45.23 -19.02
C LEU C 697 -45.27 44.30 -19.92
N ALA C 698 -44.14 43.81 -19.42
CA ALA C 698 -43.19 43.05 -20.22
C ALA C 698 -43.79 41.72 -20.67
N PRO C 699 -43.20 41.10 -21.69
CA PRO C 699 -43.67 39.76 -22.10
C PRO C 699 -43.28 38.70 -21.09
N LEU C 700 -44.23 37.81 -20.79
CA LEU C 700 -44.09 36.78 -19.75
C LEU C 700 -43.65 37.43 -18.43
N SER C 701 -44.50 38.33 -17.92
CA SER C 701 -44.17 39.15 -16.77
C SER C 701 -45.41 39.34 -15.89
N LEU C 702 -45.16 39.78 -14.65
CA LEU C 702 -46.20 39.87 -13.63
C LEU C 702 -46.03 41.13 -12.80
N THR C 703 -47.15 41.74 -12.39
CA THR C 703 -47.13 42.96 -11.59
C THR C 703 -48.25 42.95 -10.55
N VAL C 704 -47.91 43.38 -9.33
CA VAL C 704 -48.84 43.47 -8.22
C VAL C 704 -48.77 44.88 -7.65
N LEU C 705 -49.93 45.46 -7.33
CA LEU C 705 -50.03 46.83 -6.84
C LEU C 705 -50.83 46.82 -5.54
N ARG C 706 -50.38 47.59 -4.55
CA ARG C 706 -51.07 47.67 -3.27
C ARG C 706 -51.88 48.95 -3.17
N ARG C 707 -52.96 48.89 -2.38
CA ARG C 707 -53.77 50.07 -2.11
C ARG C 707 -54.53 49.90 -0.80
N PRO C 708 -54.34 50.81 0.16
CA PRO C 708 -55.22 50.91 1.34
C PRO C 708 -56.68 51.18 0.95
N GLN D 5 -49.73 -13.88 -78.27
CA GLN D 5 -49.85 -14.33 -76.89
C GLN D 5 -48.65 -13.84 -76.09
N VAL D 6 -48.88 -13.41 -74.85
CA VAL D 6 -47.87 -12.71 -74.05
C VAL D 6 -48.03 -13.14 -72.60
N TRP D 7 -46.89 -13.35 -71.93
CA TRP D 7 -46.85 -13.86 -70.56
C TRP D 7 -46.29 -12.82 -69.60
N PRO D 8 -46.74 -12.81 -68.34
CA PRO D 8 -46.28 -11.77 -67.40
C PRO D 8 -44.82 -11.82 -67.02
N GLY D 9 -44.35 -12.94 -66.46
CA GLY D 9 -42.96 -12.99 -66.04
C GLY D 9 -42.70 -12.22 -64.76
N GLN D 10 -41.51 -11.64 -64.68
CA GLN D 10 -41.06 -10.88 -63.52
C GLN D 10 -40.53 -9.53 -63.97
N ALA D 11 -40.29 -8.64 -63.00
CA ALA D 11 -39.76 -7.32 -63.28
C ALA D 11 -38.23 -7.29 -63.23
N TYR D 12 -37.65 -8.01 -62.30
CA TYR D 12 -36.20 -8.10 -62.22
C TYR D 12 -35.71 -9.29 -63.05
N PRO D 13 -34.66 -9.14 -63.85
CA PRO D 13 -33.89 -7.92 -64.03
C PRO D 13 -34.37 -6.99 -65.15
N LEU D 14 -34.20 -5.68 -64.94
CA LEU D 14 -34.46 -4.70 -65.98
C LEU D 14 -33.67 -5.02 -67.24
N GLY D 15 -34.23 -4.61 -68.39
CA GLY D 15 -33.58 -4.88 -69.66
C GLY D 15 -33.93 -6.24 -70.24
N ALA D 16 -33.21 -6.59 -71.31
CA ALA D 16 -33.51 -7.78 -72.08
C ALA D 16 -32.71 -8.97 -71.55
N THR D 17 -33.39 -10.13 -71.46
CA THR D 17 -32.84 -11.29 -70.77
C THR D 17 -33.34 -12.55 -71.45
N TYR D 18 -32.42 -13.31 -72.05
CA TYR D 18 -32.78 -14.54 -72.76
C TYR D 18 -32.91 -15.70 -71.78
N ASP D 19 -34.17 -16.04 -71.47
CA ASP D 19 -34.53 -17.02 -70.46
C ASP D 19 -34.54 -18.45 -71.01
N GLY D 20 -33.43 -18.89 -71.61
CA GLY D 20 -33.33 -20.24 -72.09
C GLY D 20 -34.13 -20.50 -73.36
N ALA D 21 -35.43 -20.20 -73.33
CA ALA D 21 -36.25 -20.22 -74.53
C ALA D 21 -37.25 -19.06 -74.49
N GLY D 22 -36.86 -17.95 -73.88
CA GLY D 22 -37.72 -16.79 -73.87
C GLY D 22 -36.95 -15.48 -73.77
N THR D 23 -37.67 -14.41 -73.43
CA THR D 23 -37.07 -13.10 -73.19
C THR D 23 -38.04 -12.33 -72.29
N ASN D 24 -37.51 -11.70 -71.24
CA ASN D 24 -38.33 -10.99 -70.26
C ASN D 24 -38.00 -9.52 -70.36
N PHE D 25 -38.88 -8.76 -71.02
CA PHE D 25 -38.66 -7.35 -71.30
C PHE D 25 -39.15 -6.53 -70.11
N ALA D 26 -38.22 -5.86 -69.42
CA ALA D 26 -38.57 -5.05 -68.26
C ALA D 26 -37.83 -3.72 -68.32
N VAL D 27 -38.57 -2.63 -68.14
CA VAL D 27 -38.02 -1.29 -68.20
C VAL D 27 -38.68 -0.45 -67.11
N PHE D 28 -38.01 0.64 -66.74
CA PHE D 28 -38.51 1.56 -65.73
C PHE D 28 -39.09 2.81 -66.37
N SER D 29 -40.21 3.27 -65.81
CA SER D 29 -40.69 4.63 -66.02
C SER D 29 -41.68 4.93 -64.90
N GLU D 30 -41.41 5.96 -64.11
CA GLU D 30 -42.32 6.32 -63.03
C GLU D 30 -43.22 7.50 -63.38
N ALA D 31 -43.24 7.91 -64.65
CA ALA D 31 -44.19 8.92 -65.08
C ALA D 31 -44.74 8.63 -66.48
N ALA D 32 -44.77 7.36 -66.89
CA ALA D 32 -45.30 6.97 -68.19
C ALA D 32 -46.75 6.50 -68.06
N HIS D 33 -47.58 6.87 -69.04
CA HIS D 33 -48.96 6.40 -69.06
C HIS D 33 -49.05 4.95 -69.49
N ARG D 34 -48.50 4.63 -70.67
CA ARG D 34 -48.41 3.24 -71.10
C ARG D 34 -47.15 3.05 -71.95
N ILE D 35 -46.68 1.80 -71.97
CA ILE D 35 -45.35 1.46 -72.49
C ILE D 35 -45.51 0.24 -73.39
N GLU D 36 -45.29 0.41 -74.68
CA GLU D 36 -45.33 -0.70 -75.63
C GLU D 36 -43.95 -1.31 -75.78
N LEU D 37 -43.91 -2.61 -76.05
CA LEU D 37 -42.68 -3.29 -76.41
C LEU D 37 -42.68 -3.52 -77.92
N CYS D 38 -41.87 -2.75 -78.64
CA CYS D 38 -41.77 -2.86 -80.08
C CYS D 38 -40.66 -3.83 -80.46
N LEU D 39 -40.95 -4.68 -81.45
CA LEU D 39 -40.01 -5.65 -81.97
C LEU D 39 -39.71 -5.34 -83.42
N LEU D 40 -38.43 -5.21 -83.76
CA LEU D 40 -38.00 -4.93 -85.13
C LEU D 40 -37.59 -6.23 -85.81
N HIS D 41 -38.39 -6.66 -86.77
CA HIS D 41 -38.18 -7.89 -87.51
C HIS D 41 -37.07 -7.67 -88.53
N ASP D 42 -36.94 -8.61 -89.47
CA ASP D 42 -36.02 -8.48 -90.58
C ASP D 42 -36.69 -7.96 -91.85
N ASP D 43 -37.77 -7.20 -91.73
CA ASP D 43 -38.32 -6.53 -92.92
C ASP D 43 -38.82 -5.13 -92.59
N GLY D 44 -38.22 -4.47 -91.60
CA GLY D 44 -38.63 -3.11 -91.28
C GLY D 44 -40.08 -2.99 -90.90
N SER D 45 -40.60 -3.96 -90.14
CA SER D 45 -41.98 -3.95 -89.67
C SER D 45 -42.00 -3.99 -88.16
N GLU D 46 -42.76 -3.09 -87.55
CA GLU D 46 -42.90 -3.05 -86.11
C GLU D 46 -44.09 -3.89 -85.67
N THR D 47 -43.88 -4.66 -84.61
CA THR D 47 -44.97 -5.35 -83.91
C THR D 47 -44.87 -4.99 -82.44
N ALA D 48 -45.83 -4.20 -81.96
CA ALA D 48 -45.80 -3.72 -80.59
C ALA D 48 -46.60 -4.65 -79.67
N VAL D 49 -46.20 -4.66 -78.40
CA VAL D 49 -46.81 -5.51 -77.39
C VAL D 49 -47.12 -4.65 -76.17
N GLU D 50 -48.32 -4.84 -75.62
CA GLU D 50 -48.77 -4.03 -74.48
C GLU D 50 -48.14 -4.56 -73.20
N LEU D 51 -47.07 -3.92 -72.75
CA LEU D 51 -46.49 -4.23 -71.44
C LEU D 51 -47.45 -3.74 -70.35
N ARG D 52 -48.00 -4.69 -69.57
CA ARG D 52 -49.10 -4.38 -68.67
C ARG D 52 -48.81 -4.63 -67.20
N GLU D 53 -48.05 -5.67 -66.85
CA GLU D 53 -47.79 -5.96 -65.44
C GLU D 53 -46.90 -4.87 -64.84
N THR D 54 -47.34 -4.25 -63.75
CA THR D 54 -46.69 -3.07 -63.19
C THR D 54 -46.21 -3.37 -61.78
N ASP D 55 -44.94 -3.07 -61.51
CA ASP D 55 -44.35 -3.23 -60.19
C ASP D 55 -43.30 -2.15 -59.97
N ALA D 56 -43.39 -1.44 -58.85
CA ALA D 56 -42.49 -0.33 -58.54
C ALA D 56 -42.44 0.70 -59.66
N PHE D 57 -43.49 0.72 -60.49
CA PHE D 57 -43.61 1.47 -61.74
C PHE D 57 -42.78 0.86 -62.88
N VAL D 58 -42.44 -0.43 -62.79
CA VAL D 58 -41.74 -1.14 -63.87
C VAL D 58 -42.76 -1.92 -64.68
N ARG D 59 -42.77 -1.72 -66.00
CA ARG D 59 -43.58 -2.53 -66.89
C ARG D 59 -42.75 -3.71 -67.38
N HIS D 60 -43.26 -4.92 -67.16
CA HIS D 60 -42.60 -6.12 -67.67
C HIS D 60 -43.60 -6.96 -68.44
N ALA D 61 -43.06 -7.93 -69.18
CA ALA D 61 -43.79 -9.00 -69.83
C ALA D 61 -42.76 -9.97 -70.38
N TYR D 62 -43.10 -11.26 -70.36
CA TYR D 62 -42.26 -12.31 -70.91
C TYR D 62 -42.77 -12.68 -72.29
N LEU D 63 -41.85 -12.90 -73.22
CA LEU D 63 -42.21 -13.29 -74.57
C LEU D 63 -41.65 -14.66 -74.87
N PRO D 64 -42.48 -15.66 -75.14
CA PRO D 64 -41.97 -17.03 -75.32
C PRO D 64 -41.31 -17.25 -76.67
N GLY D 65 -40.02 -17.52 -76.67
CA GLY D 65 -39.33 -17.91 -77.87
C GLY D 65 -38.55 -16.84 -78.60
N VAL D 66 -38.45 -15.64 -78.04
CA VAL D 66 -37.65 -14.58 -78.66
C VAL D 66 -36.17 -14.91 -78.44
N MET D 67 -35.51 -15.33 -79.50
CA MET D 67 -34.12 -15.74 -79.46
C MET D 67 -33.20 -14.54 -79.69
N PRO D 68 -31.89 -14.69 -79.45
CA PRO D 68 -31.00 -13.53 -79.60
C PRO D 68 -30.99 -13.02 -81.03
N GLY D 69 -30.33 -11.88 -81.22
CA GLY D 69 -30.39 -11.25 -82.52
C GLY D 69 -31.77 -10.77 -82.89
N GLN D 70 -32.67 -10.62 -81.92
CA GLN D 70 -33.92 -9.94 -82.13
C GLN D 70 -33.73 -8.47 -81.78
N ARG D 71 -34.23 -7.60 -82.64
CA ARG D 71 -34.20 -6.17 -82.39
C ARG D 71 -35.48 -5.72 -81.70
N TYR D 72 -35.33 -4.83 -80.72
CA TYR D 72 -36.47 -4.42 -79.91
C TYR D 72 -36.32 -2.96 -79.51
N GLY D 73 -37.45 -2.36 -79.15
CA GLY D 73 -37.44 -1.00 -78.64
C GLY D 73 -38.70 -0.76 -77.83
N PHE D 74 -38.64 0.26 -76.98
CA PHE D 74 -39.77 0.68 -76.18
C PHE D 74 -40.35 1.98 -76.72
N ARG D 75 -41.67 2.14 -76.56
CA ARG D 75 -42.36 3.39 -76.82
C ARG D 75 -43.17 3.78 -75.60
N VAL D 76 -42.98 5.01 -75.12
CA VAL D 76 -43.60 5.49 -73.90
C VAL D 76 -44.62 6.54 -74.27
N HIS D 77 -45.89 6.25 -74.01
CA HIS D 77 -46.97 7.20 -74.28
C HIS D 77 -47.13 8.06 -73.05
N GLY D 78 -46.64 9.29 -73.11
CA GLY D 78 -46.75 10.20 -71.98
C GLY D 78 -47.06 11.61 -72.41
N PRO D 79 -47.44 12.46 -71.46
CA PRO D 79 -47.76 13.85 -71.79
C PRO D 79 -46.52 14.59 -72.31
N TYR D 80 -46.74 15.55 -73.19
CA TYR D 80 -45.67 16.42 -73.67
C TYR D 80 -45.95 17.85 -73.21
N ALA D 81 -45.41 18.19 -72.05
CA ALA D 81 -45.36 19.56 -71.56
C ALA D 81 -44.00 19.73 -70.92
N PRO D 82 -43.03 20.31 -71.63
CA PRO D 82 -41.71 20.53 -71.03
C PRO D 82 -41.74 21.48 -69.85
N GLU D 83 -42.75 22.36 -69.78
CA GLU D 83 -42.84 23.30 -68.66
C GLU D 83 -42.98 22.58 -67.33
N ARG D 84 -43.77 21.50 -67.30
CA ARG D 84 -43.78 20.63 -66.14
C ARG D 84 -42.60 19.67 -66.12
N GLY D 85 -41.93 19.49 -67.25
CA GLY D 85 -40.77 18.62 -67.32
C GLY D 85 -41.02 17.24 -67.88
N LEU D 86 -42.15 17.03 -68.57
CA LEU D 86 -42.41 15.76 -69.24
C LEU D 86 -42.18 15.96 -70.73
N ARG D 87 -41.15 15.28 -71.24
CA ARG D 87 -40.86 15.25 -72.67
C ARG D 87 -41.14 13.86 -73.25
N CYS D 88 -42.23 13.26 -72.80
CA CYS D 88 -42.59 11.93 -73.27
C CYS D 88 -43.33 12.00 -74.60
N ASN D 89 -43.01 11.05 -75.49
CA ASN D 89 -43.63 10.96 -76.80
C ASN D 89 -43.61 9.52 -77.27
N ALA D 90 -44.70 9.10 -77.89
CA ALA D 90 -44.83 7.72 -78.37
C ALA D 90 -44.09 7.51 -79.68
N ALA D 91 -44.13 8.48 -80.58
CA ALA D 91 -43.67 8.27 -81.95
C ALA D 91 -42.20 7.92 -82.05
N LYS D 92 -41.40 8.24 -81.03
CA LYS D 92 -39.96 7.97 -81.07
C LYS D 92 -39.69 6.58 -80.53
N LEU D 93 -38.73 5.87 -81.15
CA LEU D 93 -38.44 4.48 -80.81
C LEU D 93 -37.26 4.44 -79.83
N LEU D 94 -37.57 4.21 -78.56
CA LEU D 94 -36.61 4.37 -77.47
C LEU D 94 -35.66 3.17 -77.37
N LEU D 95 -34.61 3.35 -76.59
CA LEU D 95 -33.59 2.32 -76.38
C LEU D 95 -33.65 1.80 -74.95
N ASP D 96 -33.38 0.52 -74.82
CA ASP D 96 -33.29 -0.13 -73.52
C ASP D 96 -32.04 0.36 -72.81
N PRO D 97 -32.16 1.12 -71.70
CA PRO D 97 -30.96 1.58 -71.00
C PRO D 97 -30.27 0.46 -70.24
N TYR D 98 -30.70 -0.78 -70.47
CA TYR D 98 -30.01 -1.96 -69.95
C TYR D 98 -29.68 -2.93 -71.09
N ALA D 99 -29.68 -2.46 -72.34
CA ALA D 99 -29.52 -3.34 -73.49
C ALA D 99 -28.06 -3.73 -73.67
N ARG D 100 -27.80 -5.04 -73.66
CA ARG D 100 -26.44 -5.56 -73.66
C ARG D 100 -25.81 -5.57 -75.04
N ALA D 101 -26.51 -5.07 -76.05
CA ALA D 101 -26.00 -4.97 -77.41
C ALA D 101 -26.91 -4.06 -78.21
N VAL D 102 -26.33 -3.18 -79.02
CA VAL D 102 -27.08 -2.24 -79.84
C VAL D 102 -26.55 -2.27 -81.27
N SER D 103 -27.46 -2.36 -82.23
CA SER D 103 -27.13 -2.49 -83.64
C SER D 103 -27.38 -1.16 -84.36
N GLY D 104 -26.38 -0.72 -85.13
CA GLY D 104 -26.58 0.40 -86.04
C GLY D 104 -26.06 1.71 -85.49
N ARG D 105 -26.19 2.74 -86.31
CA ARG D 105 -25.69 4.07 -86.01
C ARG D 105 -26.75 5.10 -86.40
N VAL D 106 -26.66 6.26 -85.75
CA VAL D 106 -27.70 7.28 -85.85
C VAL D 106 -27.74 7.85 -87.27
N ARG D 107 -28.94 7.92 -87.84
CA ARG D 107 -29.17 8.62 -89.10
C ARG D 107 -29.72 10.00 -88.75
N TRP D 108 -28.80 10.95 -88.56
CA TRP D 108 -29.16 12.28 -88.08
C TRP D 108 -30.21 12.96 -88.94
N GLY D 109 -31.39 13.19 -88.35
CA GLY D 109 -32.50 13.75 -89.10
C GLY D 109 -33.46 14.49 -88.21
N GLU D 110 -34.37 15.22 -88.87
CA GLU D 110 -35.40 15.99 -88.18
C GLU D 110 -36.39 15.12 -87.42
N ALA D 111 -36.41 13.81 -87.68
CA ALA D 111 -37.37 12.94 -87.01
C ALA D 111 -36.97 12.61 -85.58
N VAL D 112 -35.67 12.59 -85.29
CA VAL D 112 -35.16 11.90 -84.10
C VAL D 112 -34.96 12.85 -82.92
N TYR D 113 -35.54 14.05 -82.96
CA TYR D 113 -35.13 15.07 -81.99
C TYR D 113 -36.15 15.33 -80.88
N GLY D 114 -37.43 14.98 -81.07
CA GLY D 114 -38.41 15.02 -79.98
C GLY D 114 -39.34 16.22 -80.01
N TYR D 115 -38.90 17.32 -80.58
CA TYR D 115 -39.65 18.53 -80.86
C TYR D 115 -39.61 18.79 -82.36
N PRO D 116 -40.58 19.51 -82.91
CA PRO D 116 -40.50 19.84 -84.33
C PRO D 116 -39.48 20.95 -84.53
N PHE D 117 -38.94 21.01 -85.74
CA PHE D 117 -37.76 21.82 -85.97
C PHE D 117 -38.06 23.31 -86.06
N GLY D 118 -39.22 23.74 -85.55
CA GLY D 118 -39.49 25.14 -85.36
C GLY D 118 -39.34 25.63 -83.93
N ARG D 119 -39.92 24.93 -82.97
CA ARG D 119 -40.03 25.40 -81.60
C ARG D 119 -39.42 24.41 -80.63
N PRO D 120 -38.53 24.85 -79.73
CA PRO D 120 -38.01 23.95 -78.69
C PRO D 120 -39.08 23.43 -77.73
N ASP D 121 -40.23 24.08 -77.63
CA ASP D 121 -41.26 23.69 -76.69
C ASP D 121 -42.33 22.80 -77.30
N ALA D 122 -42.48 22.82 -78.62
CA ALA D 122 -43.60 22.17 -79.29
C ALA D 122 -43.42 20.65 -79.32
N ARG D 123 -44.35 19.96 -79.99
CA ARG D 123 -44.47 18.51 -79.92
C ARG D 123 -44.20 17.87 -81.27
N ASN D 124 -43.14 17.07 -81.34
CA ASN D 124 -42.78 16.37 -82.58
C ASN D 124 -43.57 15.07 -82.69
N ASP D 125 -44.06 14.80 -83.90
CA ASP D 125 -44.90 13.64 -84.17
C ASP D 125 -44.36 12.87 -85.37
N LEU D 126 -43.07 12.60 -85.36
CA LEU D 126 -42.41 11.83 -86.40
C LEU D 126 -42.04 10.45 -85.90
N ASP D 127 -42.30 9.43 -86.71
CA ASP D 127 -41.86 8.08 -86.39
C ASP D 127 -40.34 8.04 -86.51
N SER D 128 -39.66 8.15 -85.38
CA SER D 128 -38.20 8.15 -85.36
C SER D 128 -37.61 6.75 -85.55
N ALA D 129 -38.46 5.75 -85.78
CA ALA D 129 -37.99 4.36 -85.74
C ALA D 129 -36.97 3.98 -86.80
N PRO D 130 -36.97 4.49 -88.02
CA PRO D 130 -35.97 4.05 -89.01
C PRO D 130 -34.66 4.82 -89.02
N ASP D 131 -34.48 5.85 -88.19
CA ASP D 131 -33.23 6.58 -88.16
C ASP D 131 -32.40 6.31 -86.91
N THR D 132 -33.01 5.77 -85.85
CA THR D 132 -32.33 5.57 -84.58
C THR D 132 -31.52 4.28 -84.63
N MET D 133 -31.03 3.86 -83.46
CA MET D 133 -30.46 2.54 -83.24
C MET D 133 -31.53 1.62 -82.68
N THR D 134 -31.28 0.32 -82.76
CA THR D 134 -32.15 -0.66 -82.14
C THR D 134 -31.36 -1.49 -81.13
N SER D 135 -31.85 -1.54 -79.90
CA SER D 135 -31.30 -2.45 -78.91
C SER D 135 -31.50 -3.90 -79.37
N VAL D 136 -30.66 -4.81 -78.85
CA VAL D 136 -30.63 -6.18 -79.30
C VAL D 136 -30.70 -7.13 -78.10
N VAL D 137 -31.21 -8.34 -78.36
CA VAL D 137 -31.35 -9.38 -77.34
C VAL D 137 -30.07 -10.20 -77.33
N VAL D 138 -29.39 -10.21 -76.19
CA VAL D 138 -28.05 -10.80 -76.08
C VAL D 138 -28.14 -12.25 -75.63
N ASN D 139 -27.39 -13.12 -76.30
CA ASN D 139 -27.19 -14.49 -75.86
C ASN D 139 -26.13 -14.45 -74.77
N PRO D 140 -26.50 -14.52 -73.49
CA PRO D 140 -25.50 -14.35 -72.42
C PRO D 140 -24.49 -15.46 -72.37
N TYR D 141 -24.68 -16.53 -73.14
CA TYR D 141 -23.79 -17.68 -73.12
C TYR D 141 -22.35 -17.27 -73.35
N PHE D 142 -21.46 -17.77 -72.52
CA PHE D 142 -20.05 -17.73 -72.87
C PHE D 142 -19.31 -18.81 -72.10
N ASP D 143 -18.23 -19.30 -72.73
CA ASP D 143 -17.46 -20.44 -72.25
C ASP D 143 -16.04 -19.96 -72.02
N TRP D 144 -15.81 -19.38 -70.86
CA TRP D 144 -14.47 -18.98 -70.44
C TRP D 144 -13.78 -20.22 -69.92
N GLY D 145 -12.80 -20.74 -70.66
CA GLY D 145 -12.23 -22.02 -70.32
C GLY D 145 -11.70 -22.12 -68.91
N ASP D 146 -10.60 -21.42 -68.63
CA ASP D 146 -10.08 -21.24 -67.28
C ASP D 146 -9.68 -19.78 -67.19
N ASP D 147 -10.63 -18.92 -66.83
CA ASP D 147 -10.40 -17.48 -66.87
C ASP D 147 -9.93 -17.02 -65.48
N ARG D 148 -8.71 -17.43 -65.15
CA ARG D 148 -8.09 -16.98 -63.89
C ARG D 148 -7.76 -15.51 -64.04
N ARG D 149 -8.60 -14.68 -63.46
CA ARG D 149 -8.50 -13.23 -63.57
C ARG D 149 -7.13 -12.73 -63.13
N PRO D 150 -6.41 -11.99 -63.96
CA PRO D 150 -5.08 -11.53 -63.56
C PRO D 150 -5.21 -10.50 -62.46
N ARG D 151 -5.37 -10.97 -61.22
CA ARG D 151 -5.42 -10.04 -60.10
C ARG D 151 -4.02 -9.51 -59.84
N THR D 152 -3.45 -8.82 -60.83
CA THR D 152 -2.11 -8.27 -60.70
C THR D 152 -2.13 -7.19 -59.64
N GLU D 153 -1.26 -7.32 -58.64
CA GLU D 153 -1.35 -6.45 -57.48
C GLU D 153 -0.99 -5.02 -57.87
N TYR D 154 -1.38 -4.09 -57.00
CA TYR D 154 -1.37 -2.68 -57.37
C TYR D 154 0.03 -2.17 -57.64
N HIS D 155 1.03 -2.65 -56.89
CA HIS D 155 2.37 -2.09 -57.08
C HIS D 155 3.12 -2.74 -58.23
N HIS D 156 2.89 -4.04 -58.48
CA HIS D 156 3.44 -4.68 -59.69
C HIS D 156 2.83 -4.14 -60.96
N THR D 157 1.71 -3.41 -60.87
CA THR D 157 0.93 -3.03 -62.04
C THR D 157 1.68 -2.03 -62.92
N VAL D 158 1.36 -2.09 -64.23
CA VAL D 158 1.77 -1.09 -65.22
C VAL D 158 0.60 -0.91 -66.18
N ILE D 159 -0.04 0.27 -66.14
CA ILE D 159 -1.19 0.54 -67.01
C ILE D 159 -0.70 0.91 -68.41
N TYR D 160 -1.48 0.48 -69.41
CA TYR D 160 -1.29 0.89 -70.80
C TYR D 160 -2.63 1.37 -71.34
N GLU D 161 -2.75 2.68 -71.55
CA GLU D 161 -4.02 3.31 -71.91
C GLU D 161 -4.06 3.51 -73.42
N ALA D 162 -5.06 2.91 -74.07
CA ALA D 162 -5.15 2.91 -75.52
C ALA D 162 -6.60 3.06 -75.97
N HIS D 163 -6.78 3.52 -77.21
CA HIS D 163 -8.09 3.58 -77.84
C HIS D 163 -8.31 2.35 -78.70
N VAL D 164 -9.53 1.83 -78.68
CA VAL D 164 -9.79 0.50 -79.21
C VAL D 164 -9.58 0.43 -80.72
N LYS D 165 -10.08 1.42 -81.46
CA LYS D 165 -9.97 1.37 -82.91
C LYS D 165 -8.68 2.02 -83.41
N GLY D 166 -8.10 2.93 -82.65
CA GLY D 166 -6.91 3.64 -83.12
C GLY D 166 -5.66 2.81 -83.18
N LEU D 167 -5.61 1.69 -82.45
CA LEU D 167 -4.37 0.93 -82.33
C LEU D 167 -4.16 -0.01 -83.51
N THR D 168 -5.16 -0.84 -83.81
CA THR D 168 -5.03 -1.90 -84.79
C THR D 168 -5.44 -1.48 -86.21
N MET D 169 -5.92 -0.25 -86.39
CA MET D 169 -6.33 0.20 -87.71
C MET D 169 -5.22 0.11 -88.74
N LEU D 170 -3.95 0.09 -88.29
CA LEU D 170 -2.80 0.29 -89.17
C LEU D 170 -1.68 -0.71 -88.90
N HIS D 171 -1.99 -1.89 -88.36
CA HIS D 171 -0.95 -2.87 -88.08
C HIS D 171 -0.71 -3.75 -89.30
N PRO D 172 0.50 -3.75 -89.87
CA PRO D 172 0.76 -4.64 -91.01
C PRO D 172 1.06 -6.06 -90.57
N ASP D 173 0.27 -6.57 -89.64
CA ASP D 173 0.34 -7.95 -89.20
C ASP D 173 -1.05 -8.54 -89.07
N LEU D 174 -2.10 -7.76 -89.37
CA LEU D 174 -3.52 -8.02 -89.24
C LEU D 174 -4.18 -8.06 -90.61
N PRO D 175 -5.12 -8.99 -90.83
CA PRO D 175 -5.94 -8.92 -92.05
C PRO D 175 -6.74 -7.64 -92.06
N GLU D 176 -7.27 -7.30 -93.25
CA GLU D 176 -7.97 -6.03 -93.38
C GLU D 176 -9.20 -5.99 -92.48
N GLU D 177 -9.79 -7.16 -92.21
CA GLU D 177 -11.11 -7.20 -91.58
C GLU D 177 -11.02 -6.97 -90.07
N LEU D 178 -9.98 -7.52 -89.43
CA LEU D 178 -9.79 -7.29 -88.00
C LEU D 178 -9.22 -5.91 -87.67
N ARG D 179 -8.74 -5.17 -88.66
CA ARG D 179 -8.07 -3.90 -88.38
C ARG D 179 -9.04 -2.91 -87.75
N GLY D 180 -8.88 -2.67 -86.45
CA GLY D 180 -9.70 -1.75 -85.71
C GLY D 180 -10.79 -2.36 -84.86
N THR D 181 -10.63 -3.61 -84.40
CA THR D 181 -11.69 -4.33 -83.71
C THR D 181 -11.17 -4.98 -82.44
N TYR D 182 -12.12 -5.41 -81.60
CA TYR D 182 -11.78 -6.23 -80.44
C TYR D 182 -11.13 -7.53 -80.87
N ALA D 183 -11.58 -8.10 -81.98
CA ALA D 183 -11.01 -9.36 -82.44
C ALA D 183 -9.56 -9.19 -82.84
N GLY D 184 -9.24 -8.10 -83.56
CA GLY D 184 -7.84 -7.78 -83.81
C GLY D 184 -7.09 -7.44 -82.54
N LEU D 185 -7.77 -6.84 -81.56
CA LEU D 185 -7.18 -6.58 -80.26
C LEU D 185 -6.67 -7.86 -79.60
N ALA D 186 -7.21 -9.01 -79.98
CA ALA D 186 -6.77 -10.30 -79.47
C ALA D 186 -5.84 -11.02 -80.41
N HIS D 187 -5.44 -10.39 -81.51
CA HIS D 187 -4.47 -10.99 -82.41
C HIS D 187 -3.20 -11.34 -81.66
N PRO D 188 -2.64 -12.54 -81.85
CA PRO D 188 -1.47 -12.95 -81.07
C PRO D 188 -0.28 -12.00 -81.20
N SER D 189 -0.30 -11.16 -82.24
CA SER D 189 0.78 -10.19 -82.42
C SER D 189 0.63 -9.00 -81.48
N VAL D 190 -0.60 -8.47 -81.35
CA VAL D 190 -0.80 -7.27 -80.55
C VAL D 190 -0.55 -7.54 -79.08
N ILE D 191 -1.00 -8.69 -78.58
CA ILE D 191 -0.78 -9.04 -77.18
C ILE D 191 0.71 -9.25 -76.91
N GLY D 192 1.43 -9.85 -77.86
CA GLY D 192 2.86 -10.06 -77.72
C GLY D 192 3.67 -8.78 -77.69
N HIS D 193 3.09 -7.68 -78.16
CA HIS D 193 3.73 -6.38 -78.09
C HIS D 193 3.49 -5.70 -76.74
N LEU D 194 2.26 -5.82 -76.22
CA LEU D 194 1.98 -5.40 -74.86
C LEU D 194 2.83 -6.17 -73.86
N ARG D 195 2.97 -7.48 -74.06
CA ARG D 195 3.69 -8.30 -73.10
C ARG D 195 5.20 -8.04 -73.17
N GLU D 196 5.74 -7.88 -74.38
CA GLU D 196 7.17 -7.59 -74.51
C GLU D 196 7.48 -6.17 -74.07
N LEU D 197 6.52 -5.24 -74.25
CA LEU D 197 6.64 -3.93 -73.61
C LEU D 197 6.64 -4.07 -72.09
N GLY D 198 5.80 -4.97 -71.56
CA GLY D 198 5.71 -5.23 -70.14
C GLY D 198 4.60 -4.50 -69.44
N VAL D 199 3.40 -4.51 -70.01
CA VAL D 199 2.25 -3.83 -69.42
C VAL D 199 1.35 -4.86 -68.78
N THR D 200 0.83 -4.53 -67.59
CA THR D 200 0.01 -5.47 -66.83
C THR D 200 -1.48 -5.25 -67.00
N ALA D 201 -1.92 -4.01 -67.20
CA ALA D 201 -3.33 -3.68 -67.26
C ALA D 201 -3.58 -2.81 -68.48
N LEU D 202 -4.44 -3.28 -69.38
CA LEU D 202 -4.78 -2.52 -70.58
C LEU D 202 -6.04 -1.70 -70.27
N GLU D 203 -5.90 -0.38 -70.29
CA GLU D 203 -7.05 0.51 -70.11
C GLU D 203 -7.62 0.86 -71.49
N LEU D 204 -8.76 0.30 -71.82
CA LEU D 204 -9.44 0.67 -73.05
C LEU D 204 -10.13 2.02 -72.87
N MET D 205 -10.09 2.82 -73.91
CA MET D 205 -10.83 4.06 -73.92
C MET D 205 -12.29 3.74 -74.24
N PRO D 206 -13.25 4.65 -73.90
CA PRO D 206 -14.65 4.23 -73.72
C PRO D 206 -15.16 3.16 -74.68
N VAL D 207 -15.68 2.08 -74.10
CA VAL D 207 -16.29 1.00 -74.86
C VAL D 207 -17.78 0.91 -74.65
N HIS D 208 -18.33 1.62 -73.67
CA HIS D 208 -19.75 1.88 -73.62
C HIS D 208 -20.17 2.54 -74.92
N GLN D 209 -21.23 2.03 -75.54
CA GLN D 209 -21.62 2.52 -76.85
C GLN D 209 -21.93 4.00 -76.79
N PHE D 210 -21.35 4.75 -77.74
CA PHE D 210 -21.46 6.20 -77.82
C PHE D 210 -22.10 6.61 -79.15
N VAL D 211 -22.31 7.90 -79.32
CA VAL D 211 -23.06 8.44 -80.44
C VAL D 211 -22.22 9.55 -81.09
N ASN D 212 -22.13 9.52 -82.41
CA ASN D 212 -21.49 10.59 -83.15
C ASN D 212 -22.37 11.84 -83.08
N ASP D 213 -21.82 12.93 -82.55
CA ASP D 213 -22.57 14.15 -82.35
C ASP D 213 -22.98 14.77 -83.69
N HIS D 214 -24.18 15.37 -83.71
CA HIS D 214 -24.65 15.99 -84.94
C HIS D 214 -23.93 17.30 -85.21
N ARG D 215 -23.48 17.98 -84.16
CA ARG D 215 -22.58 19.12 -84.35
C ARG D 215 -21.31 18.68 -85.08
N LEU D 216 -20.87 17.45 -84.86
CA LEU D 216 -19.66 16.92 -85.50
C LEU D 216 -19.95 16.09 -86.74
N VAL D 217 -21.09 15.42 -86.82
CA VAL D 217 -21.39 14.60 -88.01
C VAL D 217 -21.63 15.48 -89.22
N ASP D 218 -22.52 16.48 -89.09
CA ASP D 218 -22.75 17.40 -90.20
C ASP D 218 -21.66 18.44 -90.31
N ALA D 219 -20.41 17.99 -90.17
CA ALA D 219 -19.24 18.83 -90.32
C ALA D 219 -18.06 18.05 -90.89
N GLY D 220 -18.26 16.78 -91.24
CA GLY D 220 -17.21 15.92 -91.75
C GLY D 220 -16.39 15.21 -90.70
N LEU D 221 -16.57 15.54 -89.43
CA LEU D 221 -15.80 14.92 -88.35
C LEU D 221 -16.65 13.88 -87.64
N SER D 222 -16.05 13.22 -86.65
CA SER D 222 -16.72 12.18 -85.90
C SER D 222 -16.32 12.30 -84.44
N ASN D 223 -17.12 11.69 -83.57
CA ASN D 223 -16.73 11.55 -82.17
C ASN D 223 -15.75 10.39 -82.11
N TYR D 224 -14.45 10.70 -82.11
CA TYR D 224 -13.42 9.67 -82.21
C TYR D 224 -13.17 9.01 -80.85
N TRP D 225 -12.83 9.81 -79.83
CA TRP D 225 -12.72 9.28 -78.47
C TRP D 225 -14.02 8.62 -78.04
N GLY D 226 -15.15 9.22 -78.39
CA GLY D 226 -16.41 8.69 -77.92
C GLY D 226 -16.69 9.01 -76.47
N TYR D 227 -16.32 10.21 -76.02
CA TYR D 227 -16.66 10.63 -74.68
C TYR D 227 -18.06 11.23 -74.67
N ASN D 228 -19.03 10.50 -75.25
CA ASN D 228 -20.43 10.89 -75.25
C ASN D 228 -21.26 9.60 -75.36
N THR D 229 -21.61 9.01 -74.22
CA THR D 229 -22.10 7.64 -74.17
C THR D 229 -23.61 7.55 -74.08
N ILE D 230 -24.18 6.47 -74.61
CA ILE D 230 -25.62 6.26 -74.62
C ILE D 230 -26.02 4.98 -73.88
N GLY D 231 -25.28 3.89 -74.06
CA GLY D 231 -25.60 2.66 -73.37
C GLY D 231 -24.40 2.01 -72.69
N PHE D 232 -24.51 1.76 -71.39
CA PHE D 232 -23.39 1.25 -70.60
C PHE D 232 -23.47 -0.24 -70.31
N PHE D 233 -24.12 -1.00 -71.20
CA PHE D 233 -24.18 -2.44 -71.05
C PHE D 233 -23.75 -3.18 -72.30
N ALA D 234 -23.33 -2.46 -73.34
CA ALA D 234 -22.99 -3.01 -74.63
C ALA D 234 -21.64 -2.47 -75.07
N PRO D 235 -20.97 -3.15 -75.99
CA PRO D 235 -19.78 -2.57 -76.62
C PRO D 235 -20.15 -1.68 -77.80
N HIS D 236 -19.28 -0.70 -78.07
CA HIS D 236 -19.51 0.17 -79.21
C HIS D 236 -19.45 -0.62 -80.50
N ASN D 237 -20.56 -0.60 -81.25
CA ASN D 237 -20.75 -1.59 -82.31
C ASN D 237 -19.76 -1.40 -83.44
N ALA D 238 -19.39 -0.15 -83.75
CA ALA D 238 -18.46 0.10 -84.86
C ALA D 238 -17.12 -0.57 -84.66
N TYR D 239 -16.79 -1.02 -83.44
CA TYR D 239 -15.55 -1.72 -83.14
C TYR D 239 -15.66 -3.24 -83.31
N ALA D 240 -16.71 -3.75 -83.94
CA ALA D 240 -16.89 -5.18 -84.13
C ALA D 240 -16.78 -5.53 -85.60
N SER D 241 -15.95 -6.52 -85.93
CA SER D 241 -15.93 -7.06 -87.28
C SER D 241 -17.01 -8.11 -87.50
N TRP D 242 -17.49 -8.75 -86.42
CA TRP D 242 -18.40 -9.87 -86.56
C TRP D 242 -19.81 -9.40 -86.89
N GLY D 243 -20.23 -8.27 -86.32
CA GLY D 243 -21.56 -7.75 -86.55
C GLY D 243 -22.12 -7.14 -85.28
N ASP D 244 -23.27 -6.47 -85.37
CA ASP D 244 -23.88 -5.85 -84.20
C ASP D 244 -25.22 -6.46 -83.81
N ARG D 245 -25.58 -7.62 -84.35
CA ARG D 245 -26.81 -8.28 -83.93
C ARG D 245 -26.58 -9.08 -82.66
N GLY D 246 -25.99 -8.41 -81.65
CA GLY D 246 -25.60 -9.05 -80.42
C GLY D 246 -24.21 -9.64 -80.41
N GLN D 247 -23.56 -9.77 -81.58
CA GLN D 247 -22.28 -10.43 -81.71
C GLN D 247 -21.13 -9.63 -81.12
N GLN D 248 -21.33 -8.33 -80.89
CA GLN D 248 -20.29 -7.48 -80.33
C GLN D 248 -20.03 -7.77 -78.87
N VAL D 249 -21.03 -8.29 -78.15
CA VAL D 249 -20.81 -8.78 -76.78
C VAL D 249 -20.24 -10.19 -76.77
N LEU D 250 -20.11 -10.82 -77.93
CA LEU D 250 -19.34 -12.04 -78.10
C LEU D 250 -17.86 -11.72 -78.31
N GLU D 251 -17.58 -10.77 -79.21
CA GLU D 251 -16.21 -10.33 -79.47
C GLU D 251 -15.53 -9.90 -78.19
N PHE D 252 -16.12 -8.92 -77.51
CA PHE D 252 -15.47 -8.29 -76.36
C PHE D 252 -15.13 -9.33 -75.30
N LYS D 253 -16.01 -10.32 -75.10
CA LYS D 253 -15.74 -11.39 -74.16
C LYS D 253 -14.55 -12.25 -74.60
N SER D 254 -14.40 -12.42 -75.92
CA SER D 254 -13.21 -13.12 -76.44
C SER D 254 -11.98 -12.22 -76.43
N ALA D 255 -12.18 -10.90 -76.49
CA ALA D 255 -11.07 -9.98 -76.32
C ALA D 255 -10.51 -10.06 -74.90
N VAL D 256 -11.39 -9.91 -73.90
CA VAL D 256 -10.96 -9.94 -72.51
C VAL D 256 -10.38 -11.30 -72.16
N ARG D 257 -10.93 -12.38 -72.72
CA ARG D 257 -10.35 -13.70 -72.47
C ARG D 257 -8.91 -13.77 -72.93
N ALA D 258 -8.64 -13.32 -74.16
CA ALA D 258 -7.31 -13.46 -74.74
C ALA D 258 -6.26 -12.68 -73.95
N LEU D 259 -6.62 -11.47 -73.50
CA LEU D 259 -5.72 -10.73 -72.64
C LEU D 259 -5.46 -11.47 -71.34
N HIS D 260 -6.50 -12.10 -70.78
CA HIS D 260 -6.38 -12.76 -69.48
C HIS D 260 -5.56 -14.04 -69.59
N GLN D 261 -5.45 -14.61 -70.79
CA GLN D 261 -4.53 -15.71 -71.02
C GLN D 261 -3.09 -15.24 -71.12
N ALA D 262 -2.87 -13.98 -71.52
CA ALA D 262 -1.55 -13.37 -71.46
C ALA D 262 -1.36 -12.56 -70.19
N GLY D 263 -2.24 -12.71 -69.21
CA GLY D 263 -2.06 -12.08 -67.91
C GLY D 263 -2.13 -10.57 -67.94
N ILE D 264 -2.98 -10.00 -68.78
CA ILE D 264 -3.14 -8.54 -68.86
C ILE D 264 -4.60 -8.21 -68.55
N GLU D 265 -4.81 -7.52 -67.43
CA GLU D 265 -6.13 -7.11 -67.02
C GLU D 265 -6.77 -6.19 -68.07
N VAL D 266 -8.08 -6.01 -67.94
CA VAL D 266 -8.82 -5.04 -68.72
C VAL D 266 -9.39 -4.04 -67.73
N ILE D 267 -8.99 -2.78 -67.86
CA ILE D 267 -9.48 -1.72 -66.98
C ILE D 267 -10.08 -0.67 -67.88
N LEU D 268 -11.37 -0.80 -68.19
CA LEU D 268 -11.91 0.09 -69.22
C LEU D 268 -12.51 1.34 -68.59
N ASP D 269 -12.67 2.36 -69.43
CA ASP D 269 -12.92 3.73 -69.00
C ASP D 269 -14.39 4.05 -69.22
N VAL D 270 -15.00 4.69 -68.24
CA VAL D 270 -16.44 4.90 -68.20
C VAL D 270 -16.76 6.39 -68.15
N VAL D 271 -17.80 6.77 -68.89
CA VAL D 271 -18.26 8.14 -68.96
C VAL D 271 -19.70 8.12 -68.43
N TYR D 272 -19.86 8.37 -67.14
CA TYR D 272 -21.18 8.47 -66.52
C TYR D 272 -21.62 9.92 -66.31
N ASN D 273 -20.75 10.88 -66.62
CA ASN D 273 -20.95 12.28 -66.26
C ASN D 273 -21.89 13.03 -67.21
N HIS D 274 -22.48 12.36 -68.19
CA HIS D 274 -23.33 13.03 -69.19
C HIS D 274 -23.90 11.99 -70.15
N THR D 275 -24.97 12.40 -70.85
CA THR D 275 -25.68 11.54 -71.79
C THR D 275 -25.40 11.93 -73.23
N ALA D 276 -25.65 10.97 -74.13
CA ALA D 276 -25.63 11.26 -75.55
C ALA D 276 -26.72 12.25 -75.92
N GLU D 277 -27.93 12.04 -75.38
CA GLU D 277 -29.11 12.82 -75.75
C GLU D 277 -28.90 14.32 -75.61
N GLY D 278 -27.85 14.74 -74.91
CA GLY D 278 -27.54 16.15 -74.77
C GLY D 278 -28.59 16.92 -74.01
N ASN D 279 -28.39 18.22 -73.91
CA ASN D 279 -29.38 19.12 -73.32
C ASN D 279 -30.64 19.14 -74.18
N HIS D 280 -31.63 19.94 -73.75
CA HIS D 280 -32.81 20.19 -74.56
C HIS D 280 -32.36 20.73 -75.91
N LEU D 281 -33.22 20.62 -76.93
CA LEU D 281 -32.85 20.76 -78.34
C LEU D 281 -32.07 19.54 -78.81
N GLY D 282 -31.74 18.65 -77.89
CA GLY D 282 -31.02 17.44 -78.23
C GLY D 282 -31.96 16.33 -78.61
N PRO D 283 -31.42 15.23 -79.13
CA PRO D 283 -32.27 14.13 -79.58
C PRO D 283 -32.97 13.44 -78.41
N THR D 284 -33.87 12.53 -78.76
CA THR D 284 -34.60 11.73 -77.80
C THR D 284 -34.38 10.27 -78.19
N LEU D 285 -33.42 9.62 -77.53
CA LEU D 285 -33.01 8.26 -77.87
C LEU D 285 -33.38 7.24 -76.81
N SER D 286 -33.01 7.46 -75.55
CA SER D 286 -33.22 6.46 -74.52
C SER D 286 -34.17 6.90 -73.41
N MET D 287 -33.87 8.00 -72.71
CA MET D 287 -34.46 8.24 -71.39
C MET D 287 -35.39 9.44 -71.35
N ARG D 288 -35.04 10.53 -72.04
CA ARG D 288 -35.95 11.65 -72.19
C ARG D 288 -37.36 11.17 -72.51
N GLY D 289 -37.47 10.24 -73.46
CA GLY D 289 -38.78 9.72 -73.83
C GLY D 289 -39.36 8.79 -72.77
N LEU D 290 -38.51 8.01 -72.09
CA LEU D 290 -38.98 7.14 -71.02
C LEU D 290 -39.58 7.96 -69.88
N ASP D 291 -38.72 8.70 -69.18
CA ASP D 291 -39.15 9.41 -67.98
C ASP D 291 -38.17 10.57 -67.79
N ASN D 292 -38.58 11.79 -68.15
CA ASN D 292 -37.69 12.93 -68.07
C ASN D 292 -37.34 13.32 -66.63
N PRO D 293 -38.29 13.49 -65.70
CA PRO D 293 -37.94 14.10 -64.40
C PRO D 293 -37.10 13.21 -63.49
N SER D 294 -36.93 11.93 -63.79
CA SER D 294 -36.24 11.02 -62.88
C SER D 294 -34.96 10.41 -63.42
N TYR D 295 -34.55 10.75 -64.65
CA TYR D 295 -33.26 10.31 -65.18
C TYR D 295 -32.21 11.40 -65.27
N TYR D 296 -32.61 12.67 -65.41
CA TYR D 296 -31.67 13.76 -65.64
C TYR D 296 -31.79 14.83 -64.56
N ARG D 297 -30.67 15.46 -64.25
CA ARG D 297 -30.63 16.54 -63.27
C ARG D 297 -31.29 17.78 -63.86
N LEU D 298 -32.52 18.06 -63.44
CA LEU D 298 -33.30 19.15 -64.00
C LEU D 298 -33.08 20.44 -63.22
N ALA D 299 -33.04 21.55 -63.95
CA ALA D 299 -32.90 22.86 -63.33
C ALA D 299 -34.14 23.20 -62.52
N ASP D 300 -34.10 24.36 -61.85
CA ASP D 300 -35.32 24.85 -61.21
C ASP D 300 -36.16 25.57 -62.26
N ASP D 301 -36.29 24.91 -63.42
CA ASP D 301 -37.15 25.17 -64.56
C ASP D 301 -37.23 23.83 -65.28
N PRO D 302 -38.29 23.05 -65.04
CA PRO D 302 -38.32 21.66 -65.52
C PRO D 302 -38.08 21.47 -67.02
N ARG D 303 -38.00 22.55 -67.79
CA ARG D 303 -37.71 22.42 -69.21
C ARG D 303 -36.26 22.01 -69.44
N TYR D 304 -35.31 22.85 -69.03
CA TYR D 304 -33.91 22.71 -69.43
C TYR D 304 -33.08 21.96 -68.37
N TYR D 305 -31.86 21.61 -68.77
CA TYR D 305 -30.97 20.76 -67.98
C TYR D 305 -29.75 21.53 -67.50
N MET D 306 -29.33 21.25 -66.26
CA MET D 306 -28.26 22.00 -65.59
C MET D 306 -26.90 21.60 -66.15
N ASP D 307 -26.35 22.44 -67.04
CA ASP D 307 -25.04 22.17 -67.61
C ASP D 307 -23.92 22.89 -66.84
N THR D 308 -23.90 22.70 -65.52
CA THR D 308 -22.98 23.37 -64.62
C THR D 308 -21.52 22.93 -64.80
N THR D 309 -21.26 22.04 -65.75
CA THR D 309 -19.91 21.51 -65.94
C THR D 309 -19.49 21.49 -67.41
N GLY D 310 -20.36 21.88 -68.32
CA GLY D 310 -20.04 21.82 -69.73
C GLY D 310 -20.20 20.46 -70.36
N THR D 311 -21.09 19.63 -69.83
CA THR D 311 -21.27 18.25 -70.29
C THR D 311 -22.59 18.01 -71.00
N GLY D 312 -23.39 19.04 -71.23
CA GLY D 312 -24.73 18.79 -71.75
C GLY D 312 -25.75 18.71 -70.63
N ASN D 313 -25.97 17.50 -70.15
CA ASN D 313 -26.96 17.17 -69.13
C ASN D 313 -26.35 16.16 -68.18
N SER D 314 -26.70 16.25 -66.91
CA SER D 314 -26.22 15.29 -65.93
C SER D 314 -27.39 14.64 -65.20
N LEU D 315 -27.10 13.55 -64.50
CA LEU D 315 -28.11 12.63 -64.00
C LEU D 315 -28.40 12.85 -62.51
N LEU D 316 -29.62 12.50 -62.10
CA LEU D 316 -30.10 12.68 -60.74
C LEU D 316 -29.51 11.59 -59.85
N MET D 317 -28.45 11.93 -59.12
CA MET D 317 -27.79 10.93 -58.26
C MET D 317 -28.59 10.61 -56.99
N ARG D 318 -29.86 11.02 -56.90
CA ARG D 318 -30.70 10.69 -55.76
C ARG D 318 -31.96 9.91 -56.11
N SER D 319 -32.37 9.89 -57.37
CA SER D 319 -33.45 8.99 -57.76
C SER D 319 -32.90 7.57 -57.84
N PRO D 320 -33.55 6.58 -57.20
CA PRO D 320 -32.85 5.32 -56.91
C PRO D 320 -32.41 4.56 -58.14
N HIS D 321 -33.21 4.57 -59.20
CA HIS D 321 -32.86 3.80 -60.40
C HIS D 321 -31.69 4.40 -61.16
N VAL D 322 -31.26 5.62 -60.81
CA VAL D 322 -30.03 6.17 -61.35
C VAL D 322 -28.84 5.43 -60.72
N LEU D 323 -28.68 5.54 -59.39
CA LEU D 323 -27.63 4.78 -58.73
C LEU D 323 -27.72 3.31 -59.06
N GLN D 324 -28.95 2.80 -59.17
CA GLN D 324 -29.13 1.39 -59.51
C GLN D 324 -28.45 1.07 -60.84
N LEU D 325 -28.74 1.86 -61.88
CA LEU D 325 -28.09 1.63 -63.17
C LEU D 325 -26.58 1.77 -63.05
N ILE D 326 -26.11 2.88 -62.46
CA ILE D 326 -24.67 3.10 -62.29
C ILE D 326 -24.01 1.87 -61.67
N MET D 327 -24.54 1.43 -60.52
CA MET D 327 -23.99 0.25 -59.85
C MET D 327 -24.23 -1.01 -60.69
N ASP D 328 -25.45 -1.17 -61.22
CA ASP D 328 -25.71 -2.30 -62.10
C ASP D 328 -24.82 -2.25 -63.34
N SER D 329 -24.52 -1.06 -63.83
CA SER D 329 -23.61 -0.92 -64.97
C SER D 329 -22.23 -1.45 -64.62
N LEU D 330 -21.68 -1.01 -63.49
CA LEU D 330 -20.35 -1.45 -63.08
C LEU D 330 -20.27 -2.95 -63.00
N ARG D 331 -21.18 -3.57 -62.24
CA ARG D 331 -21.13 -5.00 -61.99
C ARG D 331 -21.18 -5.80 -63.30
N TYR D 332 -22.05 -5.41 -64.23
CA TYR D 332 -22.18 -6.19 -65.46
C TYR D 332 -20.87 -6.23 -66.24
N TRP D 333 -20.14 -5.11 -66.25
CA TRP D 333 -18.83 -5.16 -66.89
C TRP D 333 -17.85 -6.00 -66.10
N VAL D 334 -18.12 -6.26 -64.83
CA VAL D 334 -17.23 -7.05 -63.98
C VAL D 334 -17.60 -8.51 -64.03
N THR D 335 -18.85 -8.85 -63.67
CA THR D 335 -19.21 -10.25 -63.45
C THR D 335 -19.73 -10.99 -64.68
N GLU D 336 -19.94 -10.28 -65.80
CA GLU D 336 -20.30 -10.93 -67.07
C GLU D 336 -19.29 -10.71 -68.18
N MET D 337 -18.61 -9.56 -68.20
CA MET D 337 -17.57 -9.30 -69.19
C MET D 337 -16.16 -9.47 -68.64
N HIS D 338 -16.03 -9.64 -67.32
CA HIS D 338 -14.75 -9.83 -66.63
C HIS D 338 -13.76 -8.70 -66.94
N VAL D 339 -14.21 -7.48 -66.70
CA VAL D 339 -13.33 -6.33 -66.69
C VAL D 339 -12.68 -6.25 -65.32
N ASP D 340 -11.45 -5.73 -65.26
CA ASP D 340 -10.67 -5.81 -64.04
C ASP D 340 -10.52 -4.47 -63.33
N GLY D 341 -11.05 -3.39 -63.88
CA GLY D 341 -10.95 -2.10 -63.22
C GLY D 341 -11.85 -1.09 -63.90
N PHE D 342 -11.79 0.14 -63.39
CA PHE D 342 -12.60 1.22 -63.94
C PHE D 342 -11.85 2.54 -63.82
N ARG D 343 -11.68 3.23 -64.94
CA ARG D 343 -11.22 4.61 -64.91
C ARG D 343 -12.43 5.49 -65.17
N PHE D 344 -12.61 6.50 -64.33
CA PHE D 344 -13.80 7.34 -64.37
C PHE D 344 -13.47 8.64 -65.08
N ASP D 345 -14.06 8.84 -66.26
CA ASP D 345 -13.80 10.07 -66.98
C ASP D 345 -14.43 11.24 -66.24
N LEU D 346 -13.69 12.33 -66.16
CA LEU D 346 -14.17 13.54 -65.52
C LEU D 346 -14.59 13.22 -64.09
N ALA D 347 -13.77 12.42 -63.40
CA ALA D 347 -14.02 12.12 -62.00
C ALA D 347 -14.18 13.40 -61.20
N ALA D 348 -13.45 14.46 -61.58
CA ALA D 348 -13.70 15.78 -61.03
C ALA D 348 -15.16 16.18 -61.18
N THR D 349 -15.64 16.26 -62.42
CA THR D 349 -17.00 16.72 -62.68
C THR D 349 -18.03 15.82 -62.00
N LEU D 350 -17.87 14.50 -62.15
CA LEU D 350 -18.78 13.54 -61.56
C LEU D 350 -18.98 13.79 -60.07
N ALA D 351 -17.89 14.12 -59.36
CA ALA D 351 -17.96 14.31 -57.92
C ALA D 351 -18.80 15.53 -57.55
N ARG D 352 -18.71 16.59 -58.35
CA ARG D 352 -19.47 17.80 -58.07
C ARG D 352 -20.96 17.60 -58.29
N GLN D 353 -21.37 16.62 -59.09
CA GLN D 353 -22.80 16.30 -59.20
C GLN D 353 -23.31 15.40 -58.08
N PHE D 354 -22.50 14.45 -57.62
CA PHE D 354 -22.90 13.63 -56.49
C PHE D 354 -23.07 14.45 -55.23
N HIS D 355 -22.52 15.67 -55.19
CA HIS D 355 -22.57 16.49 -54.00
C HIS D 355 -23.90 17.23 -53.88
N GLU D 356 -24.36 17.83 -54.98
CA GLU D 356 -25.57 18.65 -54.95
C GLU D 356 -26.84 17.81 -55.00
N VAL D 357 -26.76 16.57 -54.52
CA VAL D 357 -27.95 15.79 -54.18
C VAL D 357 -27.76 15.18 -52.79
N ASP D 358 -26.62 15.49 -52.15
CA ASP D 358 -26.23 14.92 -50.86
C ASP D 358 -26.00 13.43 -50.92
N ARG D 359 -25.73 12.90 -52.11
CA ARG D 359 -25.52 11.47 -52.31
C ARG D 359 -24.06 11.15 -52.63
N LEU D 360 -23.12 12.00 -52.24
CA LEU D 360 -21.71 11.68 -52.45
C LEU D 360 -21.16 10.78 -51.36
N SER D 361 -21.08 11.29 -50.12
CA SER D 361 -20.54 10.46 -49.04
C SER D 361 -21.46 9.31 -48.71
N SER D 362 -22.76 9.46 -48.98
CA SER D 362 -23.70 8.35 -48.90
C SER D 362 -23.63 7.43 -50.12
N PHE D 363 -22.81 7.77 -51.12
CA PHE D 363 -22.52 6.86 -52.23
C PHE D 363 -21.18 6.17 -52.07
N PHE D 364 -20.24 6.74 -51.33
CA PHE D 364 -18.98 6.07 -51.10
C PHE D 364 -19.13 4.87 -50.15
N ASP D 365 -20.25 4.79 -49.43
CA ASP D 365 -20.60 3.59 -48.70
C ASP D 365 -21.38 2.61 -49.56
N LEU D 366 -22.02 3.08 -50.63
CA LEU D 366 -22.62 2.16 -51.59
C LEU D 366 -21.56 1.29 -52.24
N VAL D 367 -20.43 1.89 -52.63
CA VAL D 367 -19.39 1.17 -53.35
C VAL D 367 -18.42 0.45 -52.42
N GLN D 368 -18.18 0.98 -51.21
CA GLN D 368 -17.29 0.29 -50.29
C GLN D 368 -17.91 -0.98 -49.71
N GLN D 369 -19.23 -1.13 -49.80
CA GLN D 369 -19.93 -2.33 -49.35
C GLN D 369 -20.17 -3.36 -50.45
N ASP D 370 -20.39 -2.92 -51.69
CA ASP D 370 -20.67 -3.81 -52.81
C ASP D 370 -19.45 -4.67 -53.12
N PRO D 371 -19.50 -5.98 -52.82
CA PRO D 371 -18.30 -6.82 -52.96
C PRO D 371 -17.79 -6.92 -54.39
N VAL D 372 -18.58 -6.52 -55.38
CA VAL D 372 -18.15 -6.59 -56.77
C VAL D 372 -17.40 -5.32 -57.13
N VAL D 373 -18.05 -4.18 -56.92
CA VAL D 373 -17.53 -2.90 -57.36
C VAL D 373 -16.35 -2.45 -56.51
N SER D 374 -16.32 -2.83 -55.23
CA SER D 374 -15.26 -2.38 -54.33
C SER D 374 -13.92 -3.05 -54.63
N GLN D 375 -13.95 -4.27 -55.16
CA GLN D 375 -12.76 -5.11 -55.24
C GLN D 375 -12.07 -5.04 -56.59
N VAL D 376 -12.46 -4.13 -57.47
CA VAL D 376 -11.74 -3.90 -58.70
C VAL D 376 -11.04 -2.55 -58.57
N LYS D 377 -9.91 -2.42 -59.25
CA LYS D 377 -9.22 -1.14 -59.33
C LYS D 377 -10.18 -0.06 -59.76
N LEU D 378 -10.39 0.93 -58.90
CA LEU D 378 -11.11 2.15 -59.26
C LEU D 378 -10.08 3.27 -59.40
N ILE D 379 -10.00 3.82 -60.61
CA ILE D 379 -8.98 4.80 -60.98
C ILE D 379 -9.69 6.04 -61.48
N ALA D 380 -9.32 7.19 -60.96
CA ALA D 380 -10.11 8.39 -61.16
C ALA D 380 -9.19 9.61 -61.10
N GLU D 381 -9.77 10.76 -60.83
CA GLU D 381 -9.17 12.08 -60.90
C GLU D 381 -9.52 12.87 -59.64
N PRO D 382 -8.60 13.69 -59.15
CA PRO D 382 -8.89 14.51 -57.96
C PRO D 382 -9.85 15.63 -58.28
N TRP D 383 -10.40 16.22 -57.22
CA TRP D 383 -11.43 17.23 -57.39
C TRP D 383 -11.50 18.12 -56.15
N ASP D 384 -12.43 19.07 -56.19
CA ASP D 384 -12.66 20.05 -55.14
C ASP D 384 -14.11 20.50 -55.28
N VAL D 385 -14.87 20.40 -54.19
CA VAL D 385 -16.32 20.56 -54.26
C VAL D 385 -16.76 21.60 -53.26
N GLY D 386 -17.43 22.65 -53.76
CA GLY D 386 -17.94 23.69 -52.89
C GLY D 386 -16.89 24.17 -51.93
N GLU D 387 -17.06 23.81 -50.66
CA GLU D 387 -16.07 23.99 -49.62
C GLU D 387 -15.55 22.64 -49.16
N GLY D 388 -14.26 22.56 -48.87
CA GLY D 388 -13.71 21.46 -48.11
C GLY D 388 -13.07 20.31 -48.87
N GLY D 389 -12.59 20.53 -50.10
CA GLY D 389 -11.80 19.52 -50.77
C GLY D 389 -12.60 18.24 -51.05
N TYR D 390 -12.04 17.11 -50.64
CA TYR D 390 -12.65 15.81 -50.93
C TYR D 390 -14.06 15.71 -50.35
N GLN D 391 -14.22 16.00 -49.05
CA GLN D 391 -15.51 15.97 -48.38
C GLN D 391 -16.10 14.57 -48.26
N VAL D 392 -15.30 13.53 -48.43
CA VAL D 392 -15.77 12.15 -48.23
C VAL D 392 -14.89 11.48 -47.19
N GLY D 393 -15.52 10.74 -46.28
CA GLY D 393 -14.85 10.26 -45.08
C GLY D 393 -14.02 9.01 -45.25
N ASN D 394 -14.29 8.23 -46.29
CA ASN D 394 -13.59 6.96 -46.47
C ASN D 394 -13.49 6.64 -47.96
N PHE D 395 -12.32 6.32 -48.40
CA PHE D 395 -12.29 5.98 -49.81
C PHE D 395 -12.29 4.48 -50.03
N PRO D 396 -12.88 4.05 -51.15
CA PRO D 396 -12.73 2.66 -51.59
C PRO D 396 -11.27 2.25 -51.54
N PRO D 397 -10.94 1.17 -50.82
CA PRO D 397 -9.52 0.79 -50.71
C PRO D 397 -8.99 0.13 -51.97
N LEU D 398 -9.35 0.69 -53.11
CA LEU D 398 -8.67 0.47 -54.38
C LEU D 398 -8.67 1.74 -55.21
N TRP D 399 -9.13 2.85 -54.61
CA TRP D 399 -9.45 4.08 -55.32
C TRP D 399 -8.21 4.96 -55.44
N THR D 400 -7.92 5.42 -56.65
CA THR D 400 -6.72 6.20 -56.92
C THR D 400 -7.02 7.34 -57.89
N GLU D 401 -6.06 8.24 -58.04
CA GLU D 401 -6.21 9.43 -58.86
C GLU D 401 -5.13 9.48 -59.94
N TRP D 402 -5.44 10.16 -61.04
CA TRP D 402 -4.42 10.59 -61.99
C TRP D 402 -3.68 11.78 -61.41
N ASN D 403 -2.40 11.58 -61.07
CA ASN D 403 -1.63 12.57 -60.32
C ASN D 403 -1.23 13.69 -61.28
N GLY D 404 -2.18 14.60 -61.51
CA GLY D 404 -1.91 15.73 -62.39
C GLY D 404 -0.77 16.60 -61.90
N LYS D 405 -0.57 16.65 -60.58
CA LYS D 405 0.55 17.36 -59.99
C LYS D 405 1.86 16.60 -60.11
N TYR D 406 1.88 15.48 -60.83
CA TYR D 406 3.10 14.83 -61.26
C TYR D 406 3.40 15.12 -62.73
N ARG D 407 2.36 15.07 -63.58
CA ARG D 407 2.51 15.54 -64.96
C ARG D 407 2.73 17.05 -65.00
N ASP D 408 2.13 17.80 -64.09
CA ASP D 408 2.49 19.21 -63.95
C ASP D 408 3.86 19.41 -63.32
N CYS D 409 4.41 18.38 -62.67
CA CYS D 409 5.64 18.53 -61.89
C CYS D 409 6.89 18.03 -62.59
N VAL D 410 6.79 17.02 -63.45
CA VAL D 410 7.96 16.62 -64.24
C VAL D 410 8.03 17.39 -65.56
N ARG D 411 6.88 17.68 -66.17
CA ARG D 411 6.83 18.60 -67.30
C ARG D 411 7.27 20.00 -66.93
N ASP D 412 7.47 20.27 -65.63
CA ASP D 412 8.14 21.47 -65.15
C ASP D 412 9.59 21.23 -64.74
N LEU D 413 10.16 20.08 -65.12
CA LEU D 413 11.53 19.75 -64.77
C LEU D 413 12.48 19.80 -65.96
N TRP D 414 12.13 19.16 -67.08
CA TRP D 414 12.96 19.26 -68.28
C TRP D 414 12.64 20.51 -69.08
N ARG D 415 11.46 21.10 -68.84
CA ARG D 415 11.11 22.48 -69.14
C ARG D 415 11.84 23.45 -68.20
N GLY D 416 12.77 22.86 -67.45
CA GLY D 416 13.74 23.55 -66.61
C GLY D 416 13.18 24.67 -65.76
N GLU D 417 11.95 24.53 -65.34
CA GLU D 417 11.34 25.69 -64.71
C GLU D 417 11.46 25.58 -63.19
N PRO D 418 11.33 26.71 -62.48
CA PRO D 418 11.44 26.67 -61.01
C PRO D 418 10.28 25.99 -60.30
N ARG D 419 10.34 24.66 -60.19
CA ARG D 419 9.48 23.91 -59.30
C ARG D 419 10.30 23.41 -58.12
N THR D 420 9.74 23.56 -56.91
CA THR D 420 10.48 23.31 -55.67
C THR D 420 11.03 21.90 -55.64
N LEU D 421 12.12 21.71 -54.88
CA LEU D 421 12.71 20.39 -54.72
C LEU D 421 12.01 19.54 -53.66
N ALA D 422 11.35 20.16 -52.70
CA ALA D 422 10.46 19.38 -51.84
C ALA D 422 9.26 18.87 -52.63
N GLU D 423 8.74 19.70 -53.55
CA GLU D 423 7.61 19.30 -54.39
C GLU D 423 7.97 18.11 -55.26
N PHE D 424 9.09 18.18 -55.98
CA PHE D 424 9.49 17.06 -56.83
C PHE D 424 9.85 15.84 -56.00
N ALA D 425 10.49 16.05 -54.85
CA ALA D 425 10.87 14.92 -54.00
C ALA D 425 9.68 14.04 -53.69
N SER D 426 8.60 14.64 -53.18
CA SER D 426 7.42 13.85 -52.84
C SER D 426 6.74 13.26 -54.07
N ARG D 427 7.00 13.81 -55.26
CA ARG D 427 6.50 13.19 -56.49
C ARG D 427 7.21 11.88 -56.76
N LEU D 428 8.55 11.89 -56.75
CA LEU D 428 9.33 10.66 -56.93
C LEU D 428 9.00 9.65 -55.85
N THR D 429 8.52 10.13 -54.69
CA THR D 429 8.24 9.31 -53.52
C THR D 429 7.03 8.40 -53.69
N GLY D 430 6.19 8.66 -54.70
CA GLY D 430 4.88 8.05 -54.72
C GLY D 430 3.92 8.88 -53.90
N SER D 431 4.03 10.20 -54.06
CA SER D 431 3.08 11.22 -53.60
C SER D 431 2.42 10.88 -52.26
N SER D 432 3.25 10.64 -51.24
CA SER D 432 2.78 10.42 -49.87
C SER D 432 1.90 11.54 -49.34
N ASP D 433 1.98 12.72 -49.93
CA ASP D 433 1.42 13.92 -49.34
C ASP D 433 -0.06 14.08 -49.64
N LEU D 434 -0.51 13.64 -50.82
CA LEU D 434 -1.90 13.76 -51.22
C LEU D 434 -2.65 12.44 -51.26
N TYR D 435 -1.92 11.33 -51.30
CA TYR D 435 -2.50 9.98 -51.32
C TYR D 435 -2.01 9.26 -50.08
N GLN D 436 -2.88 9.15 -49.09
CA GLN D 436 -2.54 8.49 -47.84
C GLN D 436 -3.14 7.10 -47.77
N ASP D 437 -2.50 6.25 -46.95
CA ASP D 437 -2.76 4.81 -46.96
C ASP D 437 -4.09 4.46 -46.30
N ASP D 438 -4.30 4.96 -45.09
CA ASP D 438 -5.28 4.45 -44.14
C ASP D 438 -6.62 4.07 -44.76
N GLY D 439 -7.10 4.92 -45.62
CA GLY D 439 -8.45 4.97 -46.14
C GLY D 439 -9.00 6.13 -45.38
N ARG D 440 -8.56 7.30 -45.84
CA ARG D 440 -9.18 8.58 -45.53
C ARG D 440 -8.93 9.49 -46.73
N ARG D 441 -8.35 8.92 -47.79
CA ARG D 441 -7.86 9.59 -48.98
C ARG D 441 -7.46 8.51 -49.98
N PRO D 442 -7.28 8.86 -51.26
CA PRO D 442 -6.89 7.86 -52.25
C PRO D 442 -5.60 7.13 -51.86
N LEU D 443 -5.48 5.89 -52.32
CA LEU D 443 -4.46 4.95 -51.85
C LEU D 443 -3.17 5.00 -52.67
N ALA D 444 -3.11 5.74 -53.77
CA ALA D 444 -1.92 5.77 -54.60
C ALA D 444 -2.00 6.86 -55.67
N SER D 445 -0.96 7.01 -56.48
CA SER D 445 -0.90 8.02 -57.53
C SER D 445 -0.58 7.37 -58.85
N VAL D 446 -1.47 7.54 -59.84
CA VAL D 446 -1.16 7.16 -61.20
C VAL D 446 -0.24 8.22 -61.79
N ASN D 447 1.02 7.87 -61.97
CA ASN D 447 1.98 8.81 -62.54
C ASN D 447 1.92 8.73 -64.06
N PHE D 448 2.06 9.89 -64.72
CA PHE D 448 2.03 9.92 -66.17
C PHE D 448 2.65 11.22 -66.66
N VAL D 449 3.53 11.12 -67.65
CA VAL D 449 4.11 12.29 -68.29
C VAL D 449 3.17 12.85 -69.34
N THR D 450 2.52 11.95 -70.09
CA THR D 450 1.53 12.34 -71.08
C THR D 450 0.39 11.33 -71.04
N CYS D 451 -0.66 11.63 -71.78
CA CYS D 451 -1.84 10.76 -71.91
C CYS D 451 -2.68 11.34 -73.04
N HIS D 452 -3.89 10.80 -73.20
CA HIS D 452 -4.78 11.30 -74.25
C HIS D 452 -5.21 12.74 -74.03
N ASP D 453 -4.96 13.33 -72.86
CA ASP D 453 -5.13 14.75 -72.62
C ASP D 453 -3.75 15.43 -72.65
N GLY D 454 -3.61 16.42 -73.53
CA GLY D 454 -2.33 17.07 -73.73
C GLY D 454 -1.67 16.57 -75.00
N PHE D 455 -0.34 16.60 -75.03
CA PHE D 455 0.40 16.16 -76.20
C PHE D 455 0.64 14.65 -76.11
N THR D 456 1.41 14.12 -77.05
CA THR D 456 2.01 12.80 -76.94
C THR D 456 3.42 12.99 -76.41
N LEU D 457 4.21 11.92 -76.37
CA LEU D 457 5.60 12.12 -75.96
C LEU D 457 6.41 12.81 -77.06
N ARG D 458 6.14 12.50 -78.33
CA ARG D 458 6.87 13.16 -79.41
C ARG D 458 6.36 14.58 -79.63
N ASP D 459 5.05 14.79 -79.55
CA ASP D 459 4.54 16.16 -79.60
C ASP D 459 5.02 16.99 -78.42
N LEU D 460 5.43 16.34 -77.32
CA LEU D 460 5.77 17.03 -76.07
C LEU D 460 7.09 17.78 -76.15
N VAL D 461 8.04 17.31 -76.95
CA VAL D 461 9.34 17.98 -77.03
C VAL D 461 9.50 18.52 -78.45
N SER D 462 8.36 18.90 -79.05
CA SER D 462 8.36 19.39 -80.43
C SER D 462 7.49 20.61 -80.65
N TYR D 463 6.72 21.05 -79.66
CA TYR D 463 5.78 22.16 -79.82
C TYR D 463 5.66 22.90 -78.51
N ASN D 464 5.65 24.24 -78.57
CA ASN D 464 5.34 25.02 -77.38
C ASN D 464 3.85 25.31 -77.23
N GLU D 465 3.12 25.36 -78.33
CA GLU D 465 1.70 25.67 -78.29
C GLU D 465 0.95 24.74 -79.24
N LYS D 466 -0.33 24.54 -78.93
CA LYS D 466 -1.13 23.52 -79.59
C LYS D 466 -1.37 23.86 -81.07
N ARG D 467 -1.83 22.86 -81.81
CA ARG D 467 -2.16 22.99 -83.23
C ARG D 467 -3.49 22.29 -83.51
N ASN D 468 -4.51 22.62 -82.71
CA ASN D 468 -5.82 21.99 -82.79
C ASN D 468 -6.71 22.59 -83.88
N GLU D 469 -6.11 23.20 -84.91
CA GLU D 469 -6.89 23.78 -86.00
C GLU D 469 -7.67 22.71 -86.77
N ALA D 470 -7.08 21.51 -86.92
CA ALA D 470 -7.70 20.42 -87.65
C ALA D 470 -9.06 20.02 -87.05
N ASN D 471 -9.36 20.50 -85.85
CA ASN D 471 -10.58 20.15 -85.16
C ASN D 471 -11.78 20.99 -85.60
N GLY D 472 -11.55 22.18 -86.12
CA GLY D 472 -12.65 23.04 -86.52
C GLY D 472 -13.29 23.81 -85.39
N GLU D 473 -12.77 23.70 -84.17
CA GLU D 473 -13.19 24.55 -83.07
C GLU D 473 -12.36 25.82 -82.97
N GLY D 474 -11.53 26.09 -83.98
CA GLY D 474 -10.77 27.33 -84.04
C GLY D 474 -9.59 27.43 -83.12
N ASN D 475 -8.93 26.30 -82.84
CA ASN D 475 -7.76 26.24 -81.96
C ASN D 475 -8.03 26.88 -80.60
N ARG D 476 -9.29 26.91 -80.21
CA ARG D 476 -9.70 27.35 -78.88
C ARG D 476 -9.80 26.21 -77.90
N ASP D 477 -9.99 24.99 -78.38
CA ASP D 477 -10.09 23.78 -77.58
C ASP D 477 -8.71 23.32 -77.11
N GLY D 478 -8.72 22.38 -76.17
CA GLY D 478 -7.50 21.78 -75.65
C GLY D 478 -6.78 22.63 -74.63
N GLU D 479 -6.06 21.98 -73.70
CA GLU D 479 -5.26 22.69 -72.71
C GLU D 479 -4.41 23.75 -73.37
N ASN D 480 -4.41 24.95 -72.77
CA ASN D 480 -3.80 26.10 -73.42
C ASN D 480 -2.30 26.14 -73.19
N TYR D 481 -1.83 25.81 -71.98
CA TYR D 481 -0.41 25.60 -71.75
C TYR D 481 -0.18 24.19 -71.23
N ASN D 482 0.62 23.43 -71.98
CA ASN D 482 0.89 22.03 -71.69
C ASN D 482 2.30 21.83 -71.15
N ARG D 483 2.85 22.86 -70.50
CA ARG D 483 4.16 22.84 -69.86
C ARG D 483 5.21 22.15 -70.72
N SER D 484 5.18 22.43 -72.03
CA SER D 484 5.99 21.73 -73.01
C SER D 484 6.93 22.70 -73.71
N TRP D 485 8.16 22.26 -73.95
CA TRP D 485 9.13 22.97 -74.75
C TRP D 485 9.22 22.32 -76.13
N ASN D 486 9.61 23.12 -77.13
CA ASN D 486 9.68 22.63 -78.50
C ASN D 486 11.04 22.08 -78.88
N CYS D 487 12.03 22.21 -77.99
CA CYS D 487 13.39 21.71 -78.18
C CYS D 487 14.16 22.50 -79.23
N GLY D 488 13.76 23.76 -79.47
CA GLY D 488 14.50 24.63 -80.36
C GLY D 488 13.70 25.14 -81.54
N GLU D 489 12.96 24.27 -82.21
CA GLU D 489 12.08 24.69 -83.29
C GLU D 489 10.77 23.91 -83.22
N GLU D 490 9.66 24.63 -83.40
CA GLU D 490 8.34 24.03 -83.38
C GLU D 490 8.09 23.29 -84.69
N GLY D 491 7.85 21.99 -84.60
CA GLY D 491 7.65 21.17 -85.78
C GLY D 491 8.88 20.36 -86.13
N GLU D 492 8.72 19.48 -87.11
CA GLU D 492 9.80 18.59 -87.50
C GLU D 492 10.96 19.39 -88.07
N THR D 493 12.03 19.52 -87.31
CA THR D 493 13.24 20.19 -87.75
C THR D 493 14.24 19.13 -88.19
N GLU D 494 14.82 19.34 -89.37
CA GLU D 494 15.92 18.51 -89.84
C GLU D 494 17.13 18.57 -88.90
N ASP D 495 17.17 19.55 -87.99
CA ASP D 495 18.34 19.77 -87.16
C ASP D 495 18.66 18.56 -86.30
N VAL D 496 19.90 18.09 -86.41
CA VAL D 496 20.34 16.90 -85.69
C VAL D 496 20.41 17.19 -84.20
N GLY D 497 21.11 18.25 -83.81
CA GLY D 497 21.20 18.63 -82.41
C GLY D 497 19.86 18.85 -81.76
N ILE D 498 18.83 19.17 -82.54
CA ILE D 498 17.48 19.23 -82.01
C ILE D 498 16.87 17.84 -81.95
N THR D 499 16.83 17.15 -83.10
CA THR D 499 16.08 15.90 -83.22
C THR D 499 16.65 14.81 -82.32
N GLU D 500 17.97 14.79 -82.10
CA GLU D 500 18.51 13.87 -81.11
C GLU D 500 18.26 14.35 -79.69
N LEU D 501 18.45 15.66 -79.43
CA LEU D 501 18.05 16.20 -78.14
C LEU D 501 16.57 15.94 -77.87
N ARG D 502 15.75 15.91 -78.92
CA ARG D 502 14.33 15.59 -78.79
C ARG D 502 14.14 14.16 -78.29
N ALA D 503 14.53 13.17 -79.11
CA ALA D 503 14.32 11.78 -78.73
C ALA D 503 15.19 11.36 -77.55
N ARG D 504 16.07 12.24 -77.08
CA ARG D 504 16.83 12.03 -75.86
C ARG D 504 16.14 12.63 -74.65
N GLN D 505 15.40 13.73 -74.85
CA GLN D 505 14.50 14.22 -73.82
C GLN D 505 13.39 13.20 -73.54
N MET D 506 12.95 12.51 -74.59
CA MET D 506 11.93 11.47 -74.44
C MET D 506 12.41 10.39 -73.49
N ARG D 507 13.61 9.85 -73.73
CA ARG D 507 14.26 8.89 -72.84
C ARG D 507 14.20 9.35 -71.39
N ASN D 508 14.29 10.67 -71.17
CA ASN D 508 14.30 11.20 -69.81
C ASN D 508 12.94 11.07 -69.15
N PHE D 509 11.86 11.38 -69.87
CA PHE D 509 10.53 11.23 -69.28
C PHE D 509 10.26 9.78 -68.93
N LEU D 510 10.50 8.85 -69.86
CA LEU D 510 10.17 7.46 -69.62
C LEU D 510 11.04 6.85 -68.51
N ALA D 511 12.27 7.33 -68.35
CA ALA D 511 13.06 6.88 -67.21
C ALA D 511 12.59 7.52 -65.90
N THR D 512 11.89 8.66 -65.98
CA THR D 512 11.36 9.28 -64.78
C THR D 512 10.12 8.55 -64.27
N LEU D 513 9.31 8.03 -65.18
CA LEU D 513 8.08 7.37 -64.78
C LEU D 513 8.38 6.02 -64.13
N MET D 514 9.14 5.17 -64.82
CA MET D 514 9.41 3.81 -64.38
C MET D 514 10.24 3.74 -63.10
N LEU D 515 10.81 4.86 -62.65
CA LEU D 515 11.52 4.88 -61.39
C LEU D 515 10.84 5.76 -60.33
N SER D 516 9.90 6.61 -60.72
CA SER D 516 9.00 7.19 -59.76
C SER D 516 8.21 6.09 -59.06
N GLN D 517 8.14 6.16 -57.74
CA GLN D 517 7.31 5.24 -56.99
C GLN D 517 5.85 5.46 -57.34
N GLY D 518 5.03 4.45 -57.09
CA GLY D 518 3.60 4.55 -57.37
C GLY D 518 3.15 3.62 -58.47
N VAL D 519 2.19 4.05 -59.29
CA VAL D 519 1.68 3.28 -60.41
C VAL D 519 1.87 4.09 -61.69
N PRO D 520 2.68 3.62 -62.65
CA PRO D 520 2.90 4.36 -63.89
C PRO D 520 1.93 3.99 -65.00
N MET D 521 1.53 5.00 -65.77
CA MET D 521 0.58 4.84 -66.87
C MET D 521 1.21 5.32 -68.16
N LEU D 522 1.24 4.43 -69.16
CA LEU D 522 1.78 4.73 -70.48
C LEU D 522 0.64 4.97 -71.47
N SER D 523 0.90 5.86 -72.45
CA SER D 523 -0.11 6.27 -73.42
C SER D 523 0.27 5.74 -74.79
N HIS D 524 -0.72 5.22 -75.52
CA HIS D 524 -0.43 4.37 -76.67
C HIS D 524 0.17 5.19 -77.82
N GLY D 525 1.28 4.67 -78.35
CA GLY D 525 2.00 5.30 -79.45
C GLY D 525 3.35 5.86 -79.07
N ASP D 526 3.70 5.87 -77.78
CA ASP D 526 4.90 6.60 -77.34
C ASP D 526 6.17 5.78 -77.46
N GLU D 527 6.08 4.44 -77.46
CA GLU D 527 7.25 3.63 -77.76
C GLU D 527 7.79 3.95 -79.15
N PHE D 528 6.90 4.20 -80.10
CA PHE D 528 7.25 4.56 -81.46
C PHE D 528 7.28 6.06 -81.67
N GLY D 529 7.07 6.85 -80.62
CA GLY D 529 6.97 8.28 -80.75
C GLY D 529 5.83 8.73 -81.66
N ARG D 530 4.61 8.40 -81.27
CA ARG D 530 3.44 8.84 -82.02
C ARG D 530 3.36 10.36 -81.96
N THR D 531 3.04 10.98 -83.10
CA THR D 531 2.90 12.42 -83.18
C THR D 531 1.55 12.76 -83.78
N GLN D 532 0.76 13.54 -83.04
CA GLN D 532 -0.52 14.05 -83.51
C GLN D 532 -0.38 15.42 -84.17
N GLY D 533 0.74 15.67 -84.82
CA GLY D 533 0.91 16.86 -85.63
C GLY D 533 0.73 18.16 -84.90
N GLY D 534 0.79 18.14 -83.56
CA GLY D 534 0.53 19.30 -82.75
C GLY D 534 -0.86 19.36 -82.15
N ASN D 535 -1.82 18.66 -82.75
CA ASN D 535 -3.17 18.62 -82.20
C ASN D 535 -3.13 18.00 -80.81
N ASN D 536 -3.62 18.74 -79.81
CA ASN D 536 -3.53 18.30 -78.42
C ASN D 536 -4.88 18.01 -77.79
N ASN D 537 -5.99 18.27 -78.50
CA ASN D 537 -7.31 17.78 -78.15
C ASN D 537 -7.88 17.15 -79.43
N ALA D 538 -7.52 15.89 -79.66
CA ALA D 538 -7.87 15.18 -80.89
C ALA D 538 -9.19 14.45 -80.79
N TYR D 539 -10.11 14.92 -79.93
CA TYR D 539 -11.34 14.21 -79.65
C TYR D 539 -12.23 14.04 -80.89
N CYS D 540 -11.90 14.64 -82.02
CA CYS D 540 -12.73 14.52 -83.21
C CYS D 540 -11.92 14.14 -84.45
N GLN D 541 -10.75 13.54 -84.28
CA GLN D 541 -9.92 13.15 -85.41
C GLN D 541 -9.86 11.64 -85.49
N ASP D 542 -10.74 11.06 -86.30
CA ASP D 542 -10.71 9.63 -86.63
C ASP D 542 -9.94 9.40 -87.93
N ASN D 543 -8.69 9.86 -87.93
CA ASN D 543 -7.84 9.78 -89.11
C ASN D 543 -6.40 9.71 -88.66
N GLU D 544 -5.47 9.78 -89.61
CA GLU D 544 -4.06 9.50 -89.34
C GLU D 544 -3.48 10.43 -88.28
N VAL D 545 -4.25 11.42 -87.84
CA VAL D 545 -3.84 12.25 -86.72
C VAL D 545 -3.71 11.41 -85.46
N SER D 546 -4.68 10.52 -85.21
CA SER D 546 -4.67 9.71 -84.01
C SER D 546 -4.68 8.21 -84.31
N TRP D 547 -4.13 7.81 -85.45
CA TRP D 547 -3.89 6.39 -85.69
C TRP D 547 -2.60 6.01 -84.98
N VAL D 548 -2.07 4.82 -85.28
CA VAL D 548 -0.79 4.37 -84.76
C VAL D 548 0.02 3.81 -85.91
N ARG D 549 1.11 4.50 -86.27
CA ARG D 549 1.97 4.13 -87.40
C ARG D 549 2.95 3.06 -86.94
N TRP D 550 2.71 1.83 -87.34
CA TRP D 550 3.52 0.71 -86.87
C TRP D 550 4.84 0.67 -87.63
N PRO D 551 5.98 0.60 -86.92
CA PRO D 551 7.30 0.90 -87.53
C PRO D 551 7.61 0.14 -88.80
N LYS D 552 7.87 0.88 -89.89
CA LYS D 552 8.06 0.28 -91.21
C LYS D 552 9.49 -0.22 -91.40
N GLU D 553 9.97 -1.02 -90.44
CA GLU D 553 11.24 -1.77 -90.54
C GLU D 553 12.43 -0.81 -90.56
N ASN D 554 12.14 0.47 -90.76
CA ASN D 554 13.04 1.59 -90.73
C ASN D 554 12.58 2.52 -89.61
N SER D 555 13.11 3.74 -89.60
CA SER D 555 13.03 4.63 -88.45
C SER D 555 13.73 3.96 -87.27
N GLU D 556 15.04 3.79 -87.44
CA GLU D 556 15.92 3.38 -86.36
C GLU D 556 15.56 4.09 -85.07
N ALA D 557 15.31 5.40 -85.16
CA ALA D 557 14.93 6.18 -83.99
C ALA D 557 13.69 5.60 -83.31
N GLU D 558 12.64 5.32 -84.09
CA GLU D 558 11.50 4.60 -83.55
C GLU D 558 11.93 3.26 -82.98
N ALA D 559 12.68 2.48 -83.76
CA ALA D 559 13.18 1.19 -83.29
C ALA D 559 13.91 1.33 -81.97
N THR D 560 14.81 2.31 -81.89
CA THR D 560 15.55 2.54 -80.64
C THR D 560 14.61 2.94 -79.51
N LEU D 561 13.58 3.71 -79.82
CA LEU D 561 12.72 4.27 -78.78
C LEU D 561 11.87 3.20 -78.13
N LEU D 562 11.37 2.24 -78.92
CA LEU D 562 10.63 1.12 -78.37
C LEU D 562 11.54 0.22 -77.53
N ARG D 563 12.62 -0.29 -78.14
CA ARG D 563 13.54 -1.17 -77.42
C ARG D 563 14.22 -0.46 -76.27
N PHE D 564 14.10 0.87 -76.19
CA PHE D 564 14.38 1.58 -74.96
C PHE D 564 13.32 1.25 -73.91
N THR D 565 12.06 1.56 -74.21
CA THR D 565 10.98 1.40 -73.23
C THR D 565 10.75 -0.06 -72.86
N ARG D 566 10.95 -0.98 -73.81
CA ARG D 566 10.82 -2.40 -73.50
C ARG D 566 11.70 -2.79 -72.32
N SER D 567 12.90 -2.23 -72.26
CA SER D 567 13.85 -2.50 -71.19
C SER D 567 13.83 -1.44 -70.10
N MET D 568 12.93 -0.44 -70.19
CA MET D 568 12.69 0.41 -69.03
C MET D 568 11.70 -0.21 -68.07
N VAL D 569 10.63 -0.82 -68.59
CA VAL D 569 9.73 -1.57 -67.72
C VAL D 569 10.45 -2.80 -67.17
N ARG D 570 11.29 -3.44 -68.00
CA ARG D 570 12.05 -4.60 -67.54
C ARG D 570 12.80 -4.30 -66.25
N LEU D 571 13.45 -3.13 -66.18
CA LEU D 571 14.21 -2.79 -64.98
C LEU D 571 13.29 -2.55 -63.79
N ARG D 572 12.13 -1.93 -64.00
CA ARG D 572 11.20 -1.75 -62.88
C ARG D 572 10.74 -3.09 -62.35
N ARG D 573 10.27 -3.97 -63.24
CA ARG D 573 9.82 -5.29 -62.84
C ARG D 573 11.00 -6.23 -62.57
N GLU D 574 12.21 -5.69 -62.44
CA GLU D 574 13.36 -6.49 -62.03
C GLU D 574 14.08 -5.94 -60.80
N HIS D 575 13.60 -4.86 -60.17
CA HIS D 575 14.26 -4.27 -59.02
C HIS D 575 13.22 -3.66 -58.10
N PRO D 576 12.87 -4.35 -57.01
CA PRO D 576 11.68 -3.94 -56.22
C PRO D 576 11.86 -2.67 -55.43
N VAL D 577 13.04 -2.05 -55.43
CA VAL D 577 13.19 -0.75 -54.77
C VAL D 577 12.24 0.26 -55.42
N PHE D 578 12.22 0.29 -56.74
CA PHE D 578 11.45 1.24 -57.51
C PHE D 578 9.94 1.04 -57.39
N ARG D 579 9.48 -0.02 -56.72
CA ARG D 579 8.05 -0.31 -56.61
C ARG D 579 7.67 -0.80 -55.21
N ARG D 580 8.06 -0.05 -54.18
CA ARG D 580 7.76 -0.42 -52.80
C ARG D 580 6.28 -0.75 -52.62
N ARG D 581 6.00 -1.84 -51.90
CA ARG D 581 4.66 -2.40 -51.72
C ARG D 581 3.68 -1.36 -51.21
N ARG D 582 3.89 -0.94 -49.97
CA ARG D 582 3.36 0.32 -49.47
C ARG D 582 4.37 1.38 -49.83
N PHE D 583 3.95 2.38 -50.60
CA PHE D 583 4.89 3.37 -51.07
C PHE D 583 5.36 4.16 -49.86
N PHE D 584 6.21 5.16 -50.10
CA PHE D 584 6.69 5.94 -48.96
C PHE D 584 5.51 6.75 -48.46
N HIS D 585 4.62 6.09 -47.72
CA HIS D 585 3.51 6.78 -47.08
C HIS D 585 3.82 7.04 -45.61
N GLY D 586 4.09 5.99 -44.83
CA GLY D 586 4.34 6.17 -43.41
C GLY D 586 5.56 7.03 -43.12
N ARG D 587 6.66 6.76 -43.83
CA ARG D 587 7.96 7.37 -43.53
C ARG D 587 8.31 8.52 -44.47
N PRO D 588 9.46 9.24 -44.29
CA PRO D 588 9.71 10.46 -45.08
C PRO D 588 10.49 10.27 -46.37
N VAL D 589 10.80 11.40 -47.03
CA VAL D 589 11.61 11.47 -48.24
C VAL D 589 13.09 11.58 -47.90
N GLU D 590 13.41 11.31 -46.65
CA GLU D 590 14.77 11.41 -46.15
C GLU D 590 15.23 10.18 -45.38
N GLY D 591 14.30 9.44 -44.77
CA GLY D 591 14.64 8.31 -43.95
C GLY D 591 15.45 8.70 -42.75
N THR D 592 15.72 7.75 -41.86
CA THR D 592 16.59 8.03 -40.73
C THR D 592 17.99 8.32 -41.25
N HIS D 593 18.52 9.50 -40.89
CA HIS D 593 19.83 9.87 -41.39
C HIS D 593 20.90 9.03 -40.71
N ASP D 594 21.18 7.87 -41.30
CA ASP D 594 22.11 6.87 -40.78
C ASP D 594 22.56 5.99 -41.95
N GLU D 595 23.09 4.81 -41.64
CA GLU D 595 23.45 3.83 -42.65
C GLU D 595 22.41 2.71 -42.79
N LEU D 596 21.14 3.02 -42.58
CA LEU D 596 20.06 2.05 -42.76
C LEU D 596 18.88 2.58 -43.57
N THR D 597 18.69 3.89 -43.67
CA THR D 597 17.54 4.46 -44.35
C THR D 597 17.34 3.84 -45.73
N ASP D 598 16.07 3.74 -46.13
CA ASP D 598 15.74 3.23 -47.45
C ASP D 598 16.08 4.23 -48.55
N ILE D 599 16.28 5.50 -48.21
CA ILE D 599 16.50 6.54 -49.20
C ILE D 599 17.34 7.64 -48.57
N ALA D 600 18.12 8.33 -49.40
CA ALA D 600 18.88 9.50 -48.99
C ALA D 600 19.24 10.29 -50.25
N TRP D 601 19.10 11.61 -50.17
CA TRP D 601 19.32 12.49 -51.30
C TRP D 601 20.63 13.26 -51.14
N PHE D 602 21.23 13.65 -52.27
CA PHE D 602 22.54 14.28 -52.32
C PHE D 602 22.58 15.37 -53.38
N THR D 603 23.54 16.30 -53.22
CA THR D 603 23.94 17.29 -54.19
C THR D 603 24.97 16.72 -55.15
N PRO D 604 25.10 17.27 -56.38
CA PRO D 604 26.10 16.75 -57.32
C PRO D 604 27.50 16.74 -56.74
N GLU D 605 27.69 17.45 -55.63
CA GLU D 605 28.92 17.33 -54.84
C GLU D 605 28.95 16.03 -54.04
N GLY D 606 27.79 15.57 -53.59
CA GLY D 606 27.70 14.30 -52.89
C GLY D 606 27.55 14.40 -51.38
N GLU D 607 26.91 15.45 -50.87
CA GLU D 607 26.64 15.59 -49.45
C GLU D 607 25.14 15.61 -49.23
N GLU D 608 24.66 14.84 -48.25
CA GLU D 608 23.23 14.70 -48.01
C GLU D 608 22.56 16.06 -47.90
N MET D 609 21.54 16.28 -48.72
CA MET D 609 20.84 17.56 -48.82
C MET D 609 20.62 18.16 -47.44
N THR D 610 21.10 19.38 -47.24
CA THR D 610 20.91 20.01 -45.94
C THR D 610 19.44 20.36 -45.76
N SER D 611 19.05 20.59 -44.50
CA SER D 611 17.64 20.83 -44.21
C SER D 611 17.12 22.01 -45.01
N ARG D 612 17.68 23.19 -44.80
CA ARG D 612 17.31 24.37 -45.59
C ARG D 612 17.53 24.14 -47.08
N ASP D 613 18.43 23.23 -47.44
CA ASP D 613 18.70 22.93 -48.85
C ASP D 613 17.49 22.35 -49.55
N TRP D 614 16.58 21.71 -48.80
CA TRP D 614 15.36 21.17 -49.40
C TRP D 614 14.50 22.29 -49.99
N GLN D 615 14.62 23.51 -49.46
CA GLN D 615 13.97 24.69 -50.03
C GLN D 615 14.89 25.28 -51.11
N ALA D 616 14.84 24.69 -52.30
CA ALA D 616 15.69 25.10 -53.41
C ALA D 616 14.80 25.37 -54.63
N ALA D 617 14.71 26.63 -55.04
CA ALA D 617 13.94 26.99 -56.21
C ALA D 617 14.53 26.38 -57.47
N HIS D 618 15.72 26.82 -57.87
CA HIS D 618 16.39 26.27 -59.03
C HIS D 618 16.89 24.86 -58.76
N ALA D 619 15.96 23.91 -58.67
CA ALA D 619 16.27 22.55 -58.22
C ALA D 619 16.48 21.67 -59.44
N GLN D 620 17.73 21.62 -59.91
CA GLN D 620 18.08 21.00 -61.18
C GLN D 620 18.83 19.69 -61.01
N ALA D 621 19.93 19.70 -60.25
CA ALA D 621 20.77 18.53 -60.08
C ALA D 621 20.42 17.84 -58.77
N LEU D 622 20.25 16.52 -58.84
CA LEU D 622 19.87 15.74 -57.66
C LEU D 622 20.43 14.33 -57.76
N THR D 623 20.59 13.70 -56.60
CA THR D 623 21.04 12.31 -56.53
C THR D 623 20.19 11.60 -55.50
N VAL D 624 19.37 10.65 -55.94
CA VAL D 624 18.59 9.81 -55.03
C VAL D 624 19.36 8.52 -54.81
N PHE D 625 19.70 8.25 -53.55
CA PHE D 625 20.25 6.96 -53.17
C PHE D 625 19.12 6.09 -52.65
N LEU D 626 18.81 5.02 -53.37
CA LEU D 626 17.81 4.06 -52.95
C LEU D 626 18.52 2.86 -52.34
N ASN D 627 18.23 2.58 -51.07
CA ASN D 627 18.86 1.49 -50.34
C ASN D 627 18.07 0.22 -50.56
N GLY D 628 18.69 -0.76 -51.21
CA GLY D 628 18.04 -2.01 -51.57
C GLY D 628 17.91 -3.02 -50.45
N ASN D 629 18.16 -2.64 -49.19
CA ASN D 629 17.99 -3.55 -48.09
C ASN D 629 17.13 -3.01 -46.95
N ALA D 630 16.79 -1.74 -46.94
CA ALA D 630 15.81 -1.22 -46.00
C ALA D 630 14.40 -1.44 -46.51
N ILE D 631 14.22 -2.40 -47.41
CA ILE D 631 12.89 -2.75 -47.91
C ILE D 631 12.11 -3.27 -46.70
N SER D 632 11.17 -2.46 -46.24
CA SER D 632 10.64 -2.54 -44.87
C SER D 632 9.44 -3.47 -44.74
N GLU D 633 9.04 -4.17 -45.80
CA GLU D 633 7.78 -4.90 -45.81
C GLU D 633 7.94 -6.25 -46.50
N PRO D 634 7.17 -7.26 -46.08
CA PRO D 634 7.30 -8.60 -46.66
C PRO D 634 6.35 -8.84 -47.84
N GLY D 635 6.69 -9.87 -48.61
CA GLY D 635 5.91 -10.30 -49.74
C GLY D 635 5.03 -11.50 -49.40
N THR D 636 4.50 -12.14 -50.46
CA THR D 636 3.37 -13.06 -50.39
C THR D 636 3.40 -13.97 -49.16
N GLN D 637 4.58 -14.49 -48.82
CA GLN D 637 4.70 -15.53 -47.81
C GLN D 637 5.56 -15.11 -46.62
N GLY D 638 5.64 -13.80 -46.35
CA GLY D 638 6.43 -13.29 -45.24
C GLY D 638 7.89 -13.03 -45.56
N GLU D 639 8.35 -13.47 -46.72
CA GLU D 639 9.68 -13.19 -47.22
C GLU D 639 10.00 -11.69 -47.17
N ARG D 640 11.24 -11.35 -46.83
CA ARG D 640 11.71 -9.97 -46.88
C ARG D 640 12.42 -9.75 -48.21
N ILE D 641 11.85 -8.89 -49.04
CA ILE D 641 12.37 -8.67 -50.39
C ILE D 641 13.69 -7.91 -50.32
N ALA D 642 14.68 -8.38 -51.07
CA ALA D 642 16.00 -7.77 -51.14
C ALA D 642 16.30 -7.28 -52.54
N ASP D 643 17.27 -6.37 -52.64
CA ASP D 643 17.60 -5.73 -53.90
C ASP D 643 18.99 -5.11 -53.80
N ASP D 644 19.50 -4.64 -54.95
CA ASP D 644 20.72 -3.87 -54.99
C ASP D 644 20.43 -2.40 -54.74
N SER D 645 21.29 -1.74 -53.96
CA SER D 645 21.15 -0.31 -53.76
C SER D 645 21.43 0.44 -55.07
N PHE D 646 20.68 1.51 -55.31
CA PHE D 646 20.74 2.26 -56.55
C PHE D 646 21.09 3.72 -56.28
N LEU D 647 21.37 4.44 -57.37
CA LEU D 647 21.79 5.83 -57.30
C LEU D 647 21.41 6.51 -58.60
N LEU D 648 20.52 7.49 -58.53
CA LEU D 648 20.03 8.22 -59.70
C LEU D 648 20.67 9.60 -59.77
N MET D 649 21.11 9.97 -60.97
CA MET D 649 21.74 11.28 -61.20
C MET D 649 20.89 12.07 -62.20
N PHE D 650 20.05 12.96 -61.66
CA PHE D 650 19.20 13.82 -62.48
C PHE D 650 19.95 15.10 -62.82
N ASN D 651 20.29 15.25 -64.10
CA ASN D 651 20.80 16.52 -64.61
C ASN D 651 19.65 17.17 -65.37
N ALA D 652 18.90 18.03 -64.69
CA ALA D 652 17.99 18.94 -65.38
C ALA D 652 18.72 20.16 -65.94
N SER D 653 20.05 20.19 -65.75
CA SER D 653 20.86 21.34 -66.11
C SER D 653 20.88 21.56 -67.62
N ALA D 654 20.89 22.84 -68.01
CA ALA D 654 20.99 23.21 -69.42
C ALA D 654 22.41 23.12 -69.96
N LYS D 655 23.41 23.00 -69.10
CA LYS D 655 24.80 22.82 -69.49
C LYS D 655 25.37 21.61 -68.77
N GLU D 656 26.56 21.19 -69.20
CA GLU D 656 27.19 20.02 -68.62
C GLU D 656 27.51 20.25 -67.15
N LEU D 657 27.07 19.33 -66.30
CA LEU D 657 27.48 19.28 -64.90
C LEU D 657 28.37 18.07 -64.67
N GLU D 658 28.91 17.99 -63.46
CA GLU D 658 29.61 16.80 -62.99
C GLU D 658 29.04 16.43 -61.64
N PHE D 659 28.63 15.17 -61.51
CA PHE D 659 28.14 14.63 -60.26
C PHE D 659 29.28 13.88 -59.55
N VAL D 660 29.13 13.70 -58.24
CA VAL D 660 30.10 12.95 -57.45
C VAL D 660 29.40 11.75 -56.84
N VAL D 661 30.08 10.62 -56.88
CA VAL D 661 29.50 9.32 -56.47
C VAL D 661 29.88 9.07 -55.03
N GLY D 666 35.79 3.28 -51.21
CA GLY D 666 36.18 1.94 -51.69
C GLY D 666 35.03 1.05 -52.11
N ARG D 667 33.83 1.57 -52.40
CA ARG D 667 32.85 0.63 -52.90
C ARG D 667 32.92 0.67 -54.43
N TYR D 668 32.03 -0.06 -55.08
CA TYR D 668 32.18 -0.30 -56.53
C TYR D 668 30.78 -0.34 -57.15
N TRP D 669 30.38 0.76 -57.78
CA TRP D 669 29.09 0.83 -58.46
C TRP D 669 29.25 0.43 -59.92
N ARG D 670 28.15 0.54 -60.68
CA ARG D 670 28.13 0.16 -62.09
C ARG D 670 26.97 0.90 -62.74
N MET D 671 27.16 1.32 -63.99
CA MET D 671 26.16 2.12 -64.68
C MET D 671 25.28 1.23 -65.56
N VAL D 672 23.99 1.16 -65.23
CA VAL D 672 23.05 0.35 -65.98
C VAL D 672 22.12 1.18 -66.85
N VAL D 673 21.90 2.46 -66.53
CA VAL D 673 20.97 3.30 -67.28
C VAL D 673 21.61 4.66 -67.53
N ASP D 674 21.62 5.08 -68.79
CA ASP D 674 22.11 6.39 -69.18
C ASP D 674 21.33 6.87 -70.40
N THR D 675 21.23 8.18 -70.54
CA THR D 675 20.47 8.82 -71.62
C THR D 675 21.32 9.27 -72.79
N SER D 676 22.51 9.84 -72.52
CA SER D 676 23.20 10.71 -73.48
C SER D 676 23.39 10.06 -74.84
N ASP D 677 23.60 8.74 -74.89
CA ASP D 677 23.95 8.06 -76.14
C ASP D 677 22.70 7.79 -76.97
N PRO D 678 22.79 7.92 -78.30
CA PRO D 678 21.60 7.74 -79.14
C PRO D 678 21.20 6.29 -79.35
N GLU D 679 22.02 5.32 -78.97
CA GLU D 679 21.60 3.93 -79.05
C GLU D 679 20.58 3.57 -77.97
N GLY D 680 20.59 4.29 -76.85
CA GLY D 680 19.74 3.97 -75.73
C GLY D 680 20.44 3.05 -74.75
N MET D 681 20.61 3.48 -73.49
CA MET D 681 21.36 2.62 -72.59
C MET D 681 20.53 2.15 -71.39
N PRO D 682 19.28 1.73 -71.60
CA PRO D 682 18.74 0.62 -70.79
C PRO D 682 19.16 -0.75 -71.30
N PRO D 683 19.28 -0.97 -72.65
CA PRO D 683 19.62 -2.34 -73.09
C PRO D 683 21.11 -2.65 -73.17
N GLN D 684 21.98 -1.65 -73.32
CA GLN D 684 23.42 -1.91 -73.41
C GLN D 684 24.14 -1.38 -72.17
N GLN D 685 25.38 -1.82 -72.02
CA GLN D 685 26.07 -1.81 -70.72
C GLN D 685 27.26 -0.87 -70.75
N GLY D 686 27.37 -0.02 -69.72
CA GLY D 686 28.35 1.04 -69.69
C GLY D 686 29.47 0.85 -68.69
N PRO D 687 30.15 1.94 -68.35
CA PRO D 687 31.35 1.85 -67.50
C PRO D 687 31.01 1.83 -66.02
N GLU D 688 31.55 0.82 -65.30
CA GLU D 688 31.50 0.85 -63.85
C GLU D 688 32.29 2.03 -63.32
N LEU D 689 31.75 2.69 -62.31
CA LEU D 689 32.36 3.88 -61.76
C LEU D 689 33.09 3.53 -60.47
N ALA D 690 33.85 4.50 -59.95
CA ALA D 690 34.76 4.21 -58.84
C ALA D 690 34.01 4.09 -57.52
N GLY D 691 33.39 5.16 -57.06
CA GLY D 691 32.79 5.16 -55.74
C GLY D 691 33.14 6.43 -54.99
N GLY D 692 34.08 7.19 -55.54
CA GLY D 692 34.37 8.53 -55.08
C GLY D 692 34.69 9.45 -56.25
N GLU D 693 34.62 8.90 -57.45
CA GLU D 693 35.08 9.63 -58.63
C GLU D 693 33.97 10.54 -59.17
N ARG D 694 34.37 11.74 -59.57
CA ARG D 694 33.51 12.58 -60.38
C ARG D 694 33.23 11.90 -61.72
N VAL D 695 32.04 12.16 -62.25
CA VAL D 695 31.65 11.65 -63.56
C VAL D 695 30.88 12.73 -64.29
N THR D 696 31.32 13.06 -65.51
CA THR D 696 30.72 14.15 -66.27
C THR D 696 29.36 13.70 -66.82
N LEU D 697 28.43 14.65 -66.86
CA LEU D 697 27.06 14.37 -67.27
C LEU D 697 26.58 15.39 -68.31
N ALA D 698 25.92 14.88 -69.35
CA ALA D 698 25.43 15.72 -70.43
C ALA D 698 24.26 16.58 -69.96
N PRO D 699 23.95 17.67 -70.67
CA PRO D 699 22.84 18.54 -70.26
C PRO D 699 21.49 17.87 -70.50
N LEU D 700 20.61 17.96 -69.50
CA LEU D 700 19.27 17.36 -69.51
C LEU D 700 19.34 15.83 -69.65
N SER D 701 19.98 15.20 -68.65
CA SER D 701 20.35 13.79 -68.74
C SER D 701 20.09 13.07 -67.42
N LEU D 702 20.19 11.74 -67.45
CA LEU D 702 19.90 10.87 -66.31
C LEU D 702 20.85 9.69 -66.30
N THR D 703 21.45 9.42 -65.14
CA THR D 703 22.39 8.32 -64.94
C THR D 703 22.01 7.49 -63.72
N VAL D 704 21.89 6.17 -63.89
CA VAL D 704 21.55 5.25 -62.81
C VAL D 704 22.71 4.28 -62.60
N LEU D 705 23.09 4.09 -61.34
CA LEU D 705 24.17 3.18 -60.96
C LEU D 705 23.61 2.08 -60.06
N ARG D 706 24.15 0.87 -60.23
CA ARG D 706 23.68 -0.30 -59.50
C ARG D 706 24.85 -0.95 -58.75
N ARG D 707 24.68 -1.14 -57.44
CA ARG D 707 25.69 -1.81 -56.63
C ARG D 707 25.02 -2.93 -55.84
N PRO D 708 25.55 -4.15 -55.91
CA PRO D 708 25.11 -5.21 -54.98
C PRO D 708 25.73 -5.06 -53.59
N MET E 4 -12.64 54.07 -14.11
CA MET E 4 -14.04 53.69 -14.13
C MET E 4 -14.40 52.90 -12.88
N GLN E 5 -13.40 52.73 -11.99
CA GLN E 5 -13.58 52.03 -10.72
C GLN E 5 -12.90 52.86 -9.63
N VAL E 6 -13.69 53.41 -8.72
CA VAL E 6 -13.23 54.37 -7.73
C VAL E 6 -13.58 53.86 -6.34
N TRP E 7 -12.51 53.56 -5.49
CA TRP E 7 -12.58 53.21 -4.08
C TRP E 7 -12.21 54.44 -3.24
N PRO E 8 -12.70 54.57 -2.00
CA PRO E 8 -12.39 55.79 -1.23
C PRO E 8 -10.94 55.86 -0.76
N GLY E 9 -10.37 54.75 -0.28
CA GLY E 9 -8.96 54.75 0.04
C GLY E 9 -8.56 55.42 1.34
N GLN E 10 -7.44 56.13 1.33
CA GLN E 10 -6.83 56.62 2.57
C GLN E 10 -6.41 58.07 2.41
N ALA E 11 -6.24 58.73 3.56
CA ALA E 11 -5.85 60.14 3.61
C ALA E 11 -4.34 60.32 3.75
N TYR E 12 -3.62 59.29 4.17
CA TYR E 12 -2.17 59.29 4.29
C TYR E 12 -1.63 58.10 3.52
N PRO E 13 -0.50 58.25 2.81
CA PRO E 13 0.28 59.49 2.70
C PRO E 13 -0.19 60.34 1.53
N LEU E 14 0.02 61.65 1.64
CA LEU E 14 -0.38 62.56 0.57
C LEU E 14 0.44 62.28 -0.69
N GLY E 15 -0.24 62.21 -1.83
CA GLY E 15 0.48 62.06 -3.08
C GLY E 15 0.25 60.78 -3.84
N ALA E 16 1.23 60.37 -4.65
CA ALA E 16 1.12 59.22 -5.55
C ALA E 16 1.75 58.00 -4.90
N THR E 17 0.91 57.05 -4.48
CA THR E 17 1.37 55.89 -3.72
C THR E 17 0.65 54.65 -4.21
N TYR E 18 1.42 53.72 -4.78
CA TYR E 18 0.93 52.59 -5.57
C TYR E 18 0.98 51.32 -4.72
N ASP E 19 -0.19 50.69 -4.51
CA ASP E 19 -0.29 49.48 -3.70
C ASP E 19 -0.30 48.21 -4.57
N GLY E 20 0.79 48.01 -5.32
CA GLY E 20 0.97 46.75 -6.03
C GLY E 20 0.03 46.54 -7.21
N ALA E 21 -1.26 46.76 -6.99
CA ALA E 21 -2.22 46.78 -8.10
C ALA E 21 -3.22 47.92 -7.95
N GLY E 22 -2.87 48.99 -7.26
CA GLY E 22 -3.75 50.14 -7.16
C GLY E 22 -2.96 51.43 -6.93
N THR E 23 -3.67 52.54 -6.69
CA THR E 23 -3.01 53.82 -6.48
C THR E 23 -3.88 54.67 -5.56
N ASN E 24 -3.26 55.28 -4.54
CA ASN E 24 -3.97 56.11 -3.57
C ASN E 24 -3.54 57.56 -3.74
N PHE E 25 -4.51 58.42 -4.06
CA PHE E 25 -4.27 59.83 -4.36
C PHE E 25 -4.78 60.68 -3.20
N ALA E 26 -3.98 61.64 -2.75
CA ALA E 26 -4.41 62.56 -1.70
C ALA E 26 -3.87 63.97 -1.94
N VAL E 27 -4.75 64.96 -1.84
CA VAL E 27 -4.42 66.35 -2.12
C VAL E 27 -5.04 67.24 -1.05
N PHE E 28 -4.24 68.14 -0.46
CA PHE E 28 -4.77 69.07 0.54
C PHE E 28 -5.34 70.31 -0.11
N SER E 29 -6.42 70.82 0.49
CA SER E 29 -6.91 72.17 0.28
C SER E 29 -7.95 72.50 1.33
N GLU E 30 -7.80 73.62 2.04
CA GLU E 30 -8.81 74.01 2.99
C GLU E 30 -9.70 75.14 2.49
N ALA E 31 -9.52 75.58 1.23
CA ALA E 31 -10.39 76.61 0.66
C ALA E 31 -10.81 76.30 -0.77
N ALA E 32 -10.75 75.05 -1.20
CA ALA E 32 -11.27 74.66 -2.51
C ALA E 32 -12.72 74.20 -2.39
N HIS E 33 -13.47 74.32 -3.48
CA HIS E 33 -14.85 73.84 -3.51
C HIS E 33 -14.90 72.36 -3.90
N ARG E 34 -14.36 72.01 -5.06
CA ARG E 34 -14.34 70.64 -5.54
C ARG E 34 -12.99 70.34 -6.19
N ILE E 35 -12.47 69.13 -5.96
CA ILE E 35 -11.20 68.70 -6.51
C ILE E 35 -11.45 67.58 -7.51
N GLU E 36 -10.91 67.74 -8.72
CA GLU E 36 -10.91 66.71 -9.75
C GLU E 36 -9.50 66.18 -9.92
N LEU E 37 -9.34 64.86 -9.92
CA LEU E 37 -8.07 64.23 -10.29
C LEU E 37 -8.17 63.80 -11.75
N CYS E 38 -7.41 64.48 -12.62
CA CYS E 38 -7.48 64.30 -14.06
C CYS E 38 -6.39 63.31 -14.49
N LEU E 39 -6.78 62.04 -14.65
CA LEU E 39 -5.84 61.02 -15.12
C LEU E 39 -5.53 61.25 -16.58
N LEU E 40 -4.32 61.72 -16.86
CA LEU E 40 -3.95 62.09 -18.21
C LEU E 40 -3.66 60.84 -19.06
N HIS E 41 -4.23 60.84 -20.27
CA HIS E 41 -3.97 59.81 -21.27
C HIS E 41 -2.89 60.29 -22.23
N ASP E 42 -2.27 59.33 -22.93
CA ASP E 42 -1.21 59.66 -23.87
C ASP E 42 -1.72 60.53 -25.02
N ASP E 43 -2.99 60.37 -25.38
CA ASP E 43 -3.61 61.16 -26.45
C ASP E 43 -4.10 62.52 -25.98
N GLY E 44 -3.77 62.93 -24.75
CA GLY E 44 -4.13 64.24 -24.28
C GLY E 44 -5.56 64.40 -23.81
N SER E 45 -6.15 63.35 -23.25
CA SER E 45 -7.52 63.40 -22.77
C SER E 45 -7.55 63.26 -21.26
N GLU E 46 -8.55 63.90 -20.65
CA GLU E 46 -8.68 63.95 -19.19
C GLU E 46 -9.76 62.99 -18.72
N THR E 47 -9.42 62.13 -17.77
CA THR E 47 -10.35 61.19 -17.17
C THR E 47 -10.57 61.66 -15.74
N ALA E 48 -11.51 62.60 -15.57
CA ALA E 48 -11.69 63.29 -14.31
C ALA E 48 -12.44 62.41 -13.32
N VAL E 49 -11.82 62.15 -12.17
CA VAL E 49 -12.43 61.42 -11.07
C VAL E 49 -12.58 62.41 -9.92
N GLU E 50 -13.81 62.79 -9.61
CA GLU E 50 -14.01 63.68 -8.48
C GLU E 50 -13.64 62.96 -7.19
N LEU E 51 -12.96 63.67 -6.29
CA LEU E 51 -12.48 63.13 -5.03
C LEU E 51 -13.37 63.65 -3.92
N ARG E 52 -14.06 62.73 -3.23
CA ARG E 52 -15.15 63.12 -2.35
C ARG E 52 -14.92 62.83 -0.87
N GLU E 53 -14.18 61.78 -0.53
CA GLU E 53 -13.92 61.52 0.89
C GLU E 53 -13.08 62.66 1.47
N THR E 54 -13.60 63.33 2.48
CA THR E 54 -12.97 64.49 3.08
C THR E 54 -12.46 64.14 4.47
N ASP E 55 -11.15 64.28 4.68
CA ASP E 55 -10.52 64.15 5.98
C ASP E 55 -9.39 65.16 6.05
N ALA E 56 -9.39 65.99 7.09
CA ALA E 56 -8.34 66.99 7.30
C ALA E 56 -8.20 67.89 6.09
N PHE E 57 -9.33 68.27 5.51
CA PHE E 57 -9.40 69.10 4.30
C PHE E 57 -8.58 68.52 3.17
N VAL E 58 -8.46 67.20 3.12
CA VAL E 58 -7.69 66.48 2.10
C VAL E 58 -8.65 65.54 1.38
N ARG E 59 -8.95 65.84 0.12
CA ARG E 59 -9.80 64.95 -0.67
C ARG E 59 -8.95 63.83 -1.25
N HIS E 60 -9.48 62.61 -1.22
CA HIS E 60 -8.68 61.45 -1.60
C HIS E 60 -9.56 60.32 -2.12
N ALA E 61 -9.04 59.59 -3.10
CA ALA E 61 -9.70 58.42 -3.67
C ALA E 61 -8.65 57.49 -4.26
N TYR E 62 -8.99 56.19 -4.31
CA TYR E 62 -8.07 55.13 -4.70
C TYR E 62 -8.57 54.50 -6.00
N LEU E 63 -7.69 54.35 -6.98
CA LEU E 63 -8.04 53.78 -8.27
C LEU E 63 -7.21 52.54 -8.55
N PRO E 64 -7.80 51.34 -8.51
CA PRO E 64 -7.03 50.15 -8.87
C PRO E 64 -6.60 50.17 -10.33
N GLY E 65 -5.75 49.22 -10.70
CA GLY E 65 -5.39 49.03 -12.09
C GLY E 65 -4.69 50.22 -12.72
N VAL E 66 -4.48 51.29 -11.95
CA VAL E 66 -3.78 52.47 -12.40
C VAL E 66 -2.33 52.30 -11.99
N MET E 67 -1.51 51.86 -12.93
CA MET E 67 -0.12 51.49 -12.65
C MET E 67 0.77 52.70 -12.84
N PRO E 68 2.07 52.60 -12.45
CA PRO E 68 2.96 53.77 -12.57
C PRO E 68 3.14 54.26 -13.99
N GLY E 69 3.88 55.37 -14.12
CA GLY E 69 4.00 56.07 -15.38
C GLY E 69 2.74 56.84 -15.70
N GLN E 70 1.67 56.52 -14.97
CA GLN E 70 0.40 57.22 -15.13
C GLN E 70 0.57 58.69 -14.79
N ARG E 71 0.21 59.53 -15.74
CA ARG E 71 0.30 60.97 -15.55
C ARG E 71 -0.96 61.48 -14.88
N TYR E 72 -0.79 62.30 -13.85
CA TYR E 72 -1.93 62.79 -13.09
C TYR E 72 -1.75 64.25 -12.72
N GLY E 73 -2.87 64.96 -12.68
CA GLY E 73 -2.89 66.33 -12.20
C GLY E 73 -4.09 66.56 -11.30
N PHE E 74 -4.28 67.80 -10.87
CA PHE E 74 -5.42 68.18 -10.04
C PHE E 74 -6.13 69.38 -10.66
N ARG E 75 -7.44 69.39 -10.57
CA ARG E 75 -8.24 70.57 -10.89
C ARG E 75 -9.08 70.94 -9.68
N VAL E 76 -8.92 72.17 -9.22
CA VAL E 76 -9.61 72.71 -8.07
C VAL E 76 -10.53 73.82 -8.53
N HIS E 77 -11.82 73.68 -8.24
CA HIS E 77 -12.74 74.81 -8.32
C HIS E 77 -12.73 75.50 -6.97
N GLY E 78 -12.42 76.79 -6.97
CA GLY E 78 -12.44 77.57 -5.75
C GLY E 78 -12.79 79.01 -6.06
N PRO E 79 -12.93 79.84 -5.02
CA PRO E 79 -13.25 81.24 -5.24
C PRO E 79 -12.08 81.95 -5.88
N TYR E 80 -12.35 82.72 -6.94
CA TYR E 80 -11.32 83.55 -7.55
C TYR E 80 -11.52 84.98 -7.06
N ALA E 81 -11.00 85.24 -5.86
CA ALA E 81 -11.05 86.58 -5.26
C ALA E 81 -9.63 86.95 -4.85
N PRO E 82 -8.89 87.63 -5.72
CA PRO E 82 -7.62 88.22 -5.28
C PRO E 82 -7.78 89.27 -4.20
N GLU E 83 -9.02 89.67 -3.87
CA GLU E 83 -9.22 90.50 -2.69
C GLU E 83 -9.09 89.69 -1.42
N ARG E 84 -9.41 88.39 -1.47
CA ARG E 84 -9.42 87.54 -0.29
C ARG E 84 -8.27 86.54 -0.29
N GLY E 85 -7.32 86.67 -1.22
CA GLY E 85 -6.27 85.68 -1.32
C GLY E 85 -6.75 84.37 -1.87
N LEU E 86 -7.86 84.38 -2.60
CA LEU E 86 -8.48 83.18 -3.15
C LEU E 86 -8.26 83.22 -4.66
N ARG E 87 -7.21 82.52 -5.10
CA ARG E 87 -6.82 82.53 -6.51
C ARG E 87 -6.94 81.14 -7.13
N CYS E 88 -7.90 80.35 -6.65
CA CYS E 88 -8.17 79.07 -7.27
C CYS E 88 -8.73 79.27 -8.68
N ASN E 89 -8.54 78.28 -9.54
CA ASN E 89 -9.09 78.34 -10.89
C ASN E 89 -9.20 76.93 -11.43
N ALA E 90 -10.36 76.62 -12.02
CA ALA E 90 -10.62 75.27 -12.51
C ALA E 90 -9.91 75.00 -13.83
N ALA E 91 -9.70 76.04 -14.63
CA ALA E 91 -9.08 75.82 -15.94
C ALA E 91 -7.67 75.27 -15.81
N LYS E 92 -6.88 75.84 -14.90
CA LYS E 92 -5.50 75.40 -14.72
C LYS E 92 -5.46 74.04 -14.03
N LEU E 93 -4.64 73.14 -14.57
CA LEU E 93 -4.53 71.78 -14.08
C LEU E 93 -3.36 71.74 -13.10
N LEU E 94 -3.65 71.68 -11.80
CA LEU E 94 -2.63 71.93 -10.79
C LEU E 94 -1.71 70.72 -10.62
N LEU E 95 -0.59 70.95 -9.92
CA LEU E 95 0.41 69.92 -9.70
C LEU E 95 0.40 69.44 -8.26
N ASP E 96 0.55 68.14 -8.09
CA ASP E 96 0.66 67.51 -6.79
C ASP E 96 1.95 67.98 -6.12
N PRO E 97 1.88 68.76 -5.04
CA PRO E 97 3.12 69.17 -4.37
C PRO E 97 3.91 67.99 -3.83
N TYR E 98 3.29 66.82 -3.73
CA TYR E 98 3.98 65.57 -3.42
C TYR E 98 4.23 64.73 -4.66
N ALA E 99 4.40 65.37 -5.82
CA ALA E 99 4.73 64.65 -7.03
C ALA E 99 6.07 63.96 -6.85
N ARG E 100 6.07 62.64 -6.96
CA ARG E 100 7.30 61.87 -6.82
C ARG E 100 8.15 61.91 -8.10
N ALA E 101 7.58 62.39 -9.21
CA ALA E 101 8.28 62.56 -10.48
C ALA E 101 7.40 63.43 -11.37
N VAL E 102 8.04 64.14 -12.30
CA VAL E 102 7.33 65.08 -13.18
C VAL E 102 7.86 64.94 -14.59
N SER E 103 6.95 64.93 -15.56
CA SER E 103 7.28 64.78 -16.97
C SER E 103 7.19 66.11 -17.70
N GLY E 104 8.12 66.32 -18.64
CA GLY E 104 8.05 67.48 -19.50
C GLY E 104 8.66 68.73 -18.91
N ARG E 105 8.57 69.82 -19.69
CA ARG E 105 9.11 71.11 -19.32
C ARG E 105 8.03 72.16 -19.45
N VAL E 106 8.22 73.29 -18.77
CA VAL E 106 7.29 74.41 -18.90
C VAL E 106 7.42 75.00 -20.30
N ARG E 107 6.34 74.93 -21.06
CA ARG E 107 6.26 75.53 -22.39
C ARG E 107 5.52 76.85 -22.23
N TRP E 108 6.27 77.95 -22.23
CA TRP E 108 5.76 79.24 -21.77
C TRP E 108 4.74 79.80 -22.75
N GLY E 109 3.54 80.05 -22.27
CA GLY E 109 2.51 80.67 -23.09
C GLY E 109 1.54 81.49 -22.28
N GLU E 110 0.46 81.93 -22.93
CA GLU E 110 -0.64 82.58 -22.20
C GLU E 110 -1.27 81.63 -21.21
N ALA E 111 -1.21 80.32 -21.49
CA ALA E 111 -2.08 79.37 -20.80
C ALA E 111 -1.67 79.13 -19.35
N VAL E 112 -0.37 79.17 -19.05
CA VAL E 112 0.10 78.74 -17.73
C VAL E 112 0.00 79.86 -16.71
N TYR E 113 -0.71 80.94 -17.04
CA TYR E 113 -0.62 82.12 -16.20
C TYR E 113 -1.81 82.33 -15.26
N GLY E 114 -3.01 81.86 -15.58
CA GLY E 114 -4.08 81.92 -14.59
C GLY E 114 -4.67 83.29 -14.33
N TYR E 115 -4.20 84.30 -15.04
CA TYR E 115 -4.86 85.59 -15.20
C TYR E 115 -4.64 86.03 -16.64
N PRO E 116 -5.56 86.79 -17.21
CA PRO E 116 -5.30 87.32 -18.56
C PRO E 116 -4.29 88.45 -18.48
N PHE E 117 -3.38 88.47 -19.44
CA PHE E 117 -2.21 89.36 -19.37
C PHE E 117 -2.61 90.81 -19.15
N GLY E 118 -3.82 91.19 -19.53
CA GLY E 118 -4.24 92.57 -19.36
C GLY E 118 -4.58 92.90 -17.92
N ARG E 119 -5.17 91.95 -17.20
CA ARG E 119 -5.77 92.22 -15.89
C ARG E 119 -5.28 91.21 -14.85
N PRO E 120 -4.64 91.67 -13.78
CA PRO E 120 -4.14 90.71 -12.76
C PRO E 120 -5.20 90.26 -11.77
N ASP E 121 -6.28 91.03 -11.60
CA ASP E 121 -7.37 90.65 -10.72
C ASP E 121 -8.54 90.02 -11.48
N ALA E 122 -8.41 89.86 -12.79
CA ALA E 122 -9.40 89.12 -13.55
C ALA E 122 -9.07 87.62 -13.50
N ARG E 123 -10.02 86.82 -13.97
CA ARG E 123 -9.90 85.38 -13.93
C ARG E 123 -9.56 84.87 -15.32
N ASN E 124 -8.52 84.06 -15.43
CA ASN E 124 -8.16 83.41 -16.68
C ASN E 124 -8.82 82.05 -16.75
N ASP E 125 -9.37 81.72 -17.91
CA ASP E 125 -10.03 80.43 -18.10
C ASP E 125 -9.49 79.71 -19.32
N LEU E 126 -8.20 79.91 -19.61
CA LEU E 126 -7.48 79.11 -20.59
C LEU E 126 -7.15 77.75 -20.00
N ASP E 127 -7.10 76.74 -20.86
CA ASP E 127 -6.63 75.43 -20.42
C ASP E 127 -5.11 75.46 -20.25
N SER E 128 -4.65 75.10 -19.06
CA SER E 128 -3.23 75.09 -18.71
C SER E 128 -2.56 73.75 -18.99
N ALA E 129 -3.25 72.83 -19.66
CA ALA E 129 -2.92 71.40 -19.62
C ALA E 129 -1.73 70.98 -20.48
N PRO E 130 -1.62 71.41 -21.75
CA PRO E 130 -0.50 70.89 -22.57
C PRO E 130 0.83 71.57 -22.29
N ASP E 131 0.76 72.83 -21.87
CA ASP E 131 1.98 73.61 -21.71
C ASP E 131 2.70 73.31 -20.40
N THR E 132 1.94 73.08 -19.32
CA THR E 132 2.49 72.83 -18.00
C THR E 132 3.23 71.50 -17.95
N MET E 133 3.86 71.22 -16.81
CA MET E 133 4.43 69.92 -16.53
C MET E 133 3.31 68.96 -16.11
N THR E 134 3.70 67.80 -15.56
CA THR E 134 2.73 66.74 -15.32
C THR E 134 3.27 65.80 -14.25
N SER E 135 2.58 65.73 -13.11
CA SER E 135 3.03 64.85 -12.02
C SER E 135 2.79 63.38 -12.37
N VAL E 136 3.58 62.50 -11.74
CA VAL E 136 3.72 61.11 -12.16
C VAL E 136 3.61 60.19 -10.95
N VAL E 137 2.99 59.02 -11.14
CA VAL E 137 2.80 58.03 -10.10
C VAL E 137 4.05 57.15 -10.06
N VAL E 138 4.93 57.39 -9.09
CA VAL E 138 6.23 56.70 -9.05
C VAL E 138 6.07 55.30 -8.47
N ASN E 139 6.61 54.33 -9.16
CA ASN E 139 6.80 52.99 -8.62
C ASN E 139 7.83 53.09 -7.50
N PRO E 140 7.45 52.78 -6.25
CA PRO E 140 8.36 53.01 -5.12
C PRO E 140 9.27 51.85 -4.77
N TYR E 141 9.34 50.82 -5.62
CA TYR E 141 10.25 49.71 -5.39
C TYR E 141 11.64 50.08 -5.89
N PHE E 142 12.65 49.72 -5.11
CA PHE E 142 14.02 49.84 -5.56
C PHE E 142 14.86 48.88 -4.76
N ASP E 143 15.86 48.29 -5.41
CA ASP E 143 16.73 47.32 -4.75
C ASP E 143 18.06 48.00 -4.48
N TRP E 144 18.14 48.64 -3.31
CA TRP E 144 19.41 49.02 -2.70
C TRP E 144 20.05 47.74 -2.21
N GLY E 145 20.98 47.18 -2.97
CA GLY E 145 21.41 45.83 -2.65
C GLY E 145 22.12 45.75 -1.31
N ASP E 146 23.38 46.19 -1.27
CA ASP E 146 24.10 46.27 0.00
C ASP E 146 24.21 47.71 0.49
N ASP E 147 23.11 48.44 0.61
CA ASP E 147 23.23 49.89 0.72
C ASP E 147 23.72 50.30 2.11
N ARG E 148 25.01 50.04 2.36
CA ARG E 148 25.64 50.47 3.59
C ARG E 148 25.65 51.99 3.66
N ARG E 149 24.93 52.54 4.63
CA ARG E 149 24.87 53.98 4.86
C ARG E 149 26.24 54.50 5.28
N PRO E 150 26.94 55.29 4.46
CA PRO E 150 28.23 55.80 4.90
C PRO E 150 28.03 56.81 6.02
N ARG E 151 28.28 56.40 7.25
CA ARG E 151 28.27 57.31 8.38
C ARG E 151 29.68 57.89 8.55
N THR E 152 30.11 58.62 7.54
CA THR E 152 31.40 59.28 7.66
C THR E 152 31.22 60.45 8.61
N GLU E 153 32.21 60.66 9.47
CA GLU E 153 32.10 61.68 10.50
C GLU E 153 32.37 63.06 9.90
N TYR E 154 32.06 64.10 10.67
CA TYR E 154 32.45 65.45 10.27
C TYR E 154 33.97 65.59 10.27
N HIS E 155 34.65 65.09 11.31
CA HIS E 155 36.08 65.23 11.42
C HIS E 155 36.84 64.25 10.55
N HIS E 156 36.16 63.68 9.54
CA HIS E 156 36.78 62.89 8.49
C HIS E 156 36.23 63.24 7.11
N THR E 157 35.61 64.41 6.97
CA THR E 157 34.82 64.75 5.79
C THR E 157 35.52 65.77 4.90
N VAL E 158 35.37 65.59 3.58
CA VAL E 158 35.89 66.50 2.56
C VAL E 158 34.79 66.73 1.53
N ILE E 159 34.09 67.86 1.63
CA ILE E 159 32.91 68.09 0.80
C ILE E 159 33.32 68.55 -0.59
N TYR E 160 32.43 68.34 -1.57
CA TYR E 160 32.68 68.70 -2.96
C TYR E 160 31.40 69.22 -3.59
N GLU E 161 31.37 70.52 -3.90
CA GLU E 161 30.19 71.18 -4.46
C GLU E 161 30.23 71.09 -5.98
N ALA E 162 29.33 70.27 -6.55
CA ALA E 162 29.32 70.00 -7.98
C ALA E 162 27.91 70.08 -8.54
N HIS E 163 27.81 70.51 -9.80
CA HIS E 163 26.53 70.62 -10.49
C HIS E 163 26.27 69.37 -11.31
N VAL E 164 24.99 68.99 -11.41
CA VAL E 164 24.64 67.71 -12.02
C VAL E 164 24.77 67.76 -13.54
N LYS E 165 24.44 68.90 -14.16
CA LYS E 165 24.63 69.00 -15.60
C LYS E 165 26.01 69.51 -15.97
N GLY E 166 26.49 70.54 -15.27
CA GLY E 166 27.79 71.11 -15.57
C GLY E 166 28.97 70.22 -15.30
N LEU E 167 28.79 69.11 -14.57
CA LEU E 167 29.89 68.22 -14.25
C LEU E 167 30.31 67.38 -15.45
N THR E 168 29.37 66.60 -15.99
CA THR E 168 29.68 65.53 -16.92
C THR E 168 29.37 65.87 -18.36
N MET E 169 29.06 67.13 -18.66
CA MET E 169 28.70 67.52 -20.01
C MET E 169 29.86 67.40 -20.99
N LEU E 170 31.11 67.31 -20.49
CA LEU E 170 32.28 67.36 -21.35
C LEU E 170 33.32 66.30 -20.99
N HIS E 171 32.95 65.29 -20.23
CA HIS E 171 33.89 64.20 -19.95
C HIS E 171 33.96 63.29 -21.17
N PRO E 172 35.11 63.19 -21.84
CA PRO E 172 35.18 62.33 -23.04
C PRO E 172 35.41 60.88 -22.69
N ASP E 173 34.70 60.42 -21.66
CA ASP E 173 34.84 59.06 -21.17
C ASP E 173 33.43 58.47 -21.06
N LEU E 174 32.45 59.34 -20.84
CA LEU E 174 31.05 58.94 -20.74
C LEU E 174 30.41 58.96 -22.12
N PRO E 175 29.53 58.01 -22.41
CA PRO E 175 28.71 58.13 -23.62
C PRO E 175 28.00 59.46 -23.64
N GLU E 176 27.90 60.06 -24.84
CA GLU E 176 27.13 61.28 -25.02
C GLU E 176 25.66 61.09 -24.64
N GLU E 177 25.21 59.84 -24.52
CA GLU E 177 23.90 59.57 -23.92
C GLU E 177 23.83 60.11 -22.51
N LEU E 178 24.77 59.69 -21.66
CA LEU E 178 24.77 60.02 -20.24
C LEU E 178 25.41 61.36 -19.91
N ARG E 179 25.91 62.11 -20.89
CA ARG E 179 26.56 63.37 -20.60
C ARG E 179 25.58 64.35 -19.96
N GLY E 180 25.93 64.86 -18.79
CA GLY E 180 25.12 65.84 -18.08
C GLY E 180 24.00 65.26 -17.23
N THR E 181 23.98 63.95 -17.02
CA THR E 181 22.83 63.28 -16.44
C THR E 181 23.21 62.58 -15.14
N TYR E 182 22.18 62.09 -14.44
CA TYR E 182 22.38 61.50 -13.11
C TYR E 182 23.21 60.23 -13.19
N ALA E 183 23.05 59.46 -14.27
CA ALA E 183 23.82 58.22 -14.39
C ALA E 183 25.27 58.51 -14.74
N GLY E 184 25.51 59.53 -15.57
CA GLY E 184 26.86 60.03 -15.79
C GLY E 184 27.52 60.52 -14.51
N LEU E 185 26.74 60.64 -13.45
CA LEU E 185 27.26 60.93 -12.12
C LEU E 185 27.82 59.67 -11.46
N ALA E 186 27.18 58.53 -11.68
CA ALA E 186 27.60 57.27 -11.06
C ALA E 186 28.46 56.43 -11.99
N HIS E 187 29.02 57.05 -13.03
CA HIS E 187 29.96 56.35 -13.90
C HIS E 187 31.25 56.05 -13.15
N PRO E 188 31.82 54.85 -13.30
CA PRO E 188 33.01 54.50 -12.51
C PRO E 188 34.16 55.47 -12.65
N SER E 189 34.40 55.98 -13.87
CA SER E 189 35.49 56.94 -14.07
C SER E 189 35.26 58.22 -13.26
N VAL E 190 34.01 58.64 -13.11
CA VAL E 190 33.70 59.86 -12.35
C VAL E 190 33.65 59.58 -10.86
N ILE E 191 32.94 58.53 -10.45
CA ILE E 191 33.00 58.06 -9.06
C ILE E 191 34.45 57.86 -8.65
N GLY E 192 35.32 57.53 -9.61
CA GLY E 192 36.73 57.33 -9.35
C GLY E 192 37.58 58.60 -9.36
N HIS E 193 37.10 59.66 -10.02
CA HIS E 193 37.83 60.92 -9.95
C HIS E 193 37.75 61.53 -8.56
N LEU E 194 36.67 61.28 -7.85
CA LEU E 194 36.55 61.77 -6.49
C LEU E 194 37.34 60.89 -5.52
N ARG E 195 37.26 59.57 -5.72
CA ARG E 195 38.01 58.63 -4.90
C ARG E 195 39.50 58.96 -4.91
N GLU E 196 40.03 59.35 -6.07
CA GLU E 196 41.43 59.76 -6.15
C GLU E 196 41.65 61.12 -5.48
N LEU E 197 40.67 62.03 -5.59
CA LEU E 197 40.75 63.26 -4.81
C LEU E 197 40.75 62.96 -3.32
N GLY E 198 39.76 62.20 -2.86
CA GLY E 198 39.67 61.87 -1.45
C GLY E 198 38.55 62.59 -0.73
N VAL E 199 37.40 62.72 -1.40
CA VAL E 199 36.25 63.42 -0.86
C VAL E 199 35.28 62.40 -0.27
N THR E 200 34.70 62.76 0.88
CA THR E 200 33.77 61.91 1.59
C THR E 200 32.33 62.38 1.44
N ALA E 201 32.13 63.56 0.88
CA ALA E 201 30.81 64.17 0.83
C ALA E 201 30.64 64.83 -0.52
N LEU E 202 29.70 64.34 -1.32
CA LEU E 202 29.30 65.01 -2.55
C LEU E 202 28.07 65.84 -2.22
N GLU E 203 28.21 67.15 -2.30
CA GLU E 203 27.09 68.07 -2.10
C GLU E 203 26.67 68.58 -3.49
N LEU E 204 25.60 67.98 -4.03
CA LEU E 204 25.06 68.39 -5.31
C LEU E 204 24.34 69.72 -5.15
N MET E 205 23.96 70.31 -6.28
CA MET E 205 23.18 71.53 -6.29
C MET E 205 21.72 71.10 -6.31
N PRO E 206 20.72 72.01 -6.30
CA PRO E 206 19.33 71.54 -6.24
C PRO E 206 18.96 70.50 -7.28
N VAL E 207 18.69 69.28 -6.83
CA VAL E 207 18.09 68.26 -7.68
C VAL E 207 16.57 68.30 -7.57
N HIS E 208 16.03 69.10 -6.65
CA HIS E 208 14.60 69.36 -6.61
C HIS E 208 14.20 69.99 -7.93
N GLN E 209 13.05 69.57 -8.46
CA GLN E 209 12.70 69.98 -9.82
C GLN E 209 12.27 71.45 -9.87
N PHE E 210 12.89 72.20 -10.79
CA PHE E 210 12.76 73.64 -10.89
C PHE E 210 12.21 74.06 -12.25
N VAL E 211 11.89 75.36 -12.34
CA VAL E 211 11.21 75.93 -13.49
C VAL E 211 12.13 76.95 -14.15
N ASN E 212 12.27 76.84 -15.47
CA ASN E 212 12.95 77.87 -16.26
C ASN E 212 12.15 79.16 -16.21
N ASP E 213 12.74 80.23 -15.68
CA ASP E 213 12.03 81.49 -15.56
C ASP E 213 11.52 81.96 -16.92
N HIS E 214 10.29 82.44 -16.95
CA HIS E 214 9.70 82.89 -18.21
C HIS E 214 10.54 84.01 -18.83
N ARG E 215 10.79 85.08 -18.05
CA ARG E 215 11.59 86.19 -18.54
C ARG E 215 13.05 85.80 -18.77
N LEU E 216 13.45 84.55 -18.52
CA LEU E 216 14.79 84.05 -18.79
C LEU E 216 14.90 83.30 -20.10
N VAL E 217 14.04 82.31 -20.33
CA VAL E 217 14.10 81.54 -21.58
C VAL E 217 13.78 82.45 -22.76
N ASP E 218 12.89 83.41 -22.56
CA ASP E 218 12.66 84.41 -23.60
C ASP E 218 13.85 85.36 -23.79
N ALA E 219 14.97 85.07 -23.12
CA ALA E 219 16.22 85.78 -23.32
C ALA E 219 17.31 84.83 -23.83
N GLY E 220 16.92 83.68 -24.37
CA GLY E 220 17.88 82.68 -24.79
C GLY E 220 18.59 81.95 -23.67
N LEU E 221 18.47 82.42 -22.44
CA LEU E 221 19.13 81.79 -21.30
C LEU E 221 18.20 80.75 -20.70
N SER E 222 18.61 80.19 -19.57
CA SER E 222 17.80 79.21 -18.84
C SER E 222 18.34 79.17 -17.43
N ASN E 223 17.46 78.98 -16.46
CA ASN E 223 17.93 78.83 -15.09
C ASN E 223 18.81 77.60 -15.02
N TYR E 224 20.09 77.82 -14.66
CA TYR E 224 21.08 76.76 -14.66
C TYR E 224 21.30 76.19 -13.27
N TRP E 225 21.57 77.05 -12.28
CA TRP E 225 21.63 76.58 -10.89
C TRP E 225 20.26 76.08 -10.44
N GLY E 226 19.25 76.95 -10.46
CA GLY E 226 17.88 76.50 -10.28
C GLY E 226 17.36 76.46 -8.86
N TYR E 227 17.70 77.46 -8.04
CA TYR E 227 17.20 77.53 -6.68
C TYR E 227 15.77 78.05 -6.70
N ASN E 228 14.94 77.49 -7.58
CA ASN E 228 13.59 78.03 -7.80
C ASN E 228 12.73 76.85 -8.28
N THR E 229 12.11 76.14 -7.33
CA THR E 229 11.58 74.80 -7.55
C THR E 229 10.06 74.78 -7.46
N ILE E 230 9.45 73.64 -7.82
CA ILE E 230 8.00 73.49 -7.67
C ILE E 230 7.58 72.20 -6.94
N GLY E 231 8.40 71.16 -7.04
CA GLY E 231 8.05 69.88 -6.46
C GLY E 231 9.25 69.26 -5.80
N PHE E 232 9.15 69.01 -4.49
CA PHE E 232 10.29 68.67 -3.67
C PHE E 232 10.41 67.18 -3.43
N PHE E 233 9.74 66.37 -4.24
CA PHE E 233 9.69 64.93 -4.04
C PHE E 233 10.16 64.18 -5.28
N ALA E 234 10.84 64.87 -6.20
CA ALA E 234 11.15 64.35 -7.54
C ALA E 234 12.52 64.80 -8.03
N PRO E 235 13.27 63.92 -8.70
CA PRO E 235 14.53 64.35 -9.33
C PRO E 235 14.26 65.23 -10.54
N HIS E 236 15.15 66.20 -10.75
CA HIS E 236 14.95 67.14 -11.84
C HIS E 236 15.12 66.43 -13.19
N ASN E 237 14.13 66.59 -14.07
CA ASN E 237 13.95 65.68 -15.20
C ASN E 237 14.86 65.98 -16.38
N ALA E 238 15.35 67.22 -16.52
CA ALA E 238 16.30 67.53 -17.58
C ALA E 238 17.70 67.06 -17.26
N TYR E 239 17.87 66.36 -16.13
CA TYR E 239 19.10 65.66 -15.79
C TYR E 239 18.92 64.15 -15.92
N ALA E 240 17.82 63.71 -16.51
CA ALA E 240 17.44 62.30 -16.60
C ALA E 240 17.62 61.83 -18.03
N SER E 241 18.69 61.07 -18.28
CA SER E 241 18.85 60.40 -19.56
C SER E 241 18.05 59.12 -19.66
N TRP E 242 17.38 58.68 -18.60
CA TRP E 242 16.48 57.54 -18.64
C TRP E 242 15.02 57.94 -18.82
N GLY E 243 14.75 59.16 -19.32
CA GLY E 243 13.39 59.61 -19.53
C GLY E 243 12.81 60.36 -18.34
N ASP E 244 11.58 60.85 -18.51
CA ASP E 244 10.93 61.65 -17.48
C ASP E 244 9.64 61.04 -16.95
N ARG E 245 9.20 59.89 -17.46
CA ARG E 245 7.95 59.26 -17.01
C ARG E 245 8.20 58.39 -15.78
N GLY E 246 8.71 59.02 -14.72
CA GLY E 246 9.01 58.34 -13.48
C GLY E 246 10.33 57.61 -13.44
N GLN E 247 11.00 57.44 -14.58
CA GLN E 247 12.22 56.66 -14.60
C GLN E 247 13.38 57.39 -13.93
N GLN E 248 13.31 58.72 -13.84
CA GLN E 248 14.39 59.47 -13.21
C GLN E 248 14.54 59.11 -11.74
N VAL E 249 13.46 58.65 -11.10
CA VAL E 249 13.56 58.30 -9.69
C VAL E 249 14.38 57.04 -9.54
N LEU E 250 14.30 56.13 -10.51
CA LEU E 250 15.22 55.01 -10.57
C LEU E 250 16.62 55.46 -10.99
N GLU E 251 16.74 56.63 -11.62
CA GLU E 251 18.05 57.18 -11.98
C GLU E 251 18.80 57.65 -10.75
N PHE E 252 18.26 58.66 -10.07
CA PHE E 252 18.94 59.22 -8.91
C PHE E 252 19.20 58.16 -7.85
N LYS E 253 18.27 57.20 -7.72
CA LYS E 253 18.47 56.09 -6.78
C LYS E 253 19.61 55.17 -7.21
N SER E 254 19.70 54.88 -8.52
CA SER E 254 20.80 54.07 -9.02
C SER E 254 22.13 54.79 -8.94
N ALA E 255 22.11 56.12 -8.82
CA ALA E 255 23.32 56.91 -8.69
C ALA E 255 23.76 57.11 -7.24
N VAL E 256 22.84 56.99 -6.28
CA VAL E 256 23.22 57.10 -4.88
C VAL E 256 23.83 55.80 -4.38
N ARG E 257 23.23 54.66 -4.75
CA ARG E 257 23.76 53.37 -4.33
C ARG E 257 25.16 53.15 -4.86
N ALA E 258 25.42 53.61 -6.08
CA ALA E 258 26.77 53.49 -6.65
C ALA E 258 27.75 54.42 -5.96
N LEU E 259 27.28 55.54 -5.40
CA LEU E 259 28.15 56.39 -4.62
C LEU E 259 28.50 55.75 -3.29
N HIS E 260 27.48 55.24 -2.58
CA HIS E 260 27.72 54.50 -1.35
C HIS E 260 28.51 53.22 -1.62
N GLN E 261 28.52 52.75 -2.88
CA GLN E 261 29.43 51.68 -3.26
C GLN E 261 30.87 52.09 -3.04
N ALA E 262 31.26 53.26 -3.56
CA ALA E 262 32.57 53.82 -3.30
C ALA E 262 32.58 54.70 -2.05
N GLY E 263 31.56 54.62 -1.21
CA GLY E 263 31.56 55.27 0.08
C GLY E 263 31.62 56.79 0.05
N ILE E 264 31.00 57.41 -0.96
CA ILE E 264 30.92 58.86 -1.06
C ILE E 264 29.50 59.26 -0.70
N GLU E 265 29.38 60.18 0.26
CA GLU E 265 28.06 60.61 0.70
C GLU E 265 27.40 61.47 -0.36
N VAL E 266 26.07 61.56 -0.26
CA VAL E 266 25.27 62.46 -1.07
C VAL E 266 24.72 63.54 -0.16
N ILE E 267 24.87 64.80 -0.56
CA ILE E 267 24.29 65.94 0.14
C ILE E 267 23.57 66.78 -0.90
N LEU E 268 22.30 66.49 -1.14
CA LEU E 268 21.59 67.30 -2.12
C LEU E 268 21.18 68.63 -1.50
N ASP E 269 21.17 69.66 -2.34
CA ASP E 269 20.90 71.02 -1.90
C ASP E 269 19.38 71.25 -1.90
N VAL E 270 18.92 72.05 -0.94
CA VAL E 270 17.48 72.20 -0.73
C VAL E 270 17.11 73.66 -0.54
N VAL E 271 16.11 74.09 -1.31
CA VAL E 271 15.54 75.43 -1.27
C VAL E 271 14.12 75.31 -0.75
N TYR E 272 13.82 75.98 0.37
CA TYR E 272 12.44 76.08 0.83
C TYR E 272 12.11 77.54 1.15
N ASN E 273 12.81 78.48 0.51
CA ASN E 273 12.61 79.90 0.78
C ASN E 273 11.79 80.63 -0.28
N HIS E 274 11.40 79.95 -1.35
CA HIS E 274 10.46 80.51 -2.31
C HIS E 274 10.07 79.41 -3.30
N THR E 275 8.99 79.68 -4.03
CA THR E 275 8.45 78.74 -5.01
C THR E 275 8.36 79.39 -6.39
N ALA E 276 8.53 78.55 -7.42
CA ALA E 276 8.65 79.03 -8.79
C ALA E 276 7.38 79.70 -9.29
N GLU E 277 6.24 79.47 -8.64
CA GLU E 277 5.04 80.24 -8.98
C GLU E 277 5.28 81.72 -8.78
N GLY E 278 6.28 82.10 -7.98
CA GLY E 278 6.66 83.48 -7.82
C GLY E 278 5.56 84.32 -7.22
N ASN E 279 5.76 85.63 -7.15
CA ASN E 279 4.69 86.51 -6.73
C ASN E 279 3.53 86.47 -7.73
N HIS E 280 2.42 87.12 -7.33
CA HIS E 280 1.32 87.40 -8.25
C HIS E 280 1.88 87.96 -9.55
N LEU E 281 1.18 87.70 -10.65
CA LEU E 281 1.61 87.92 -12.04
C LEU E 281 2.52 86.80 -12.50
N GLY E 282 2.89 85.85 -11.63
CA GLY E 282 3.63 84.69 -12.05
C GLY E 282 2.73 83.66 -12.70
N PRO E 283 3.19 82.42 -12.81
CA PRO E 283 2.32 81.34 -13.27
C PRO E 283 1.43 80.85 -12.14
N THR E 284 0.55 79.92 -12.49
CA THR E 284 -0.30 79.23 -11.51
C THR E 284 -0.17 77.74 -11.82
N LEU E 285 0.69 77.05 -11.08
CA LEU E 285 1.06 75.67 -11.43
C LEU E 285 0.62 74.65 -10.39
N SER E 286 1.03 74.79 -9.12
CA SER E 286 0.66 73.80 -8.11
C SER E 286 -0.04 74.38 -6.91
N MET E 287 0.56 75.36 -6.25
CA MET E 287 0.19 75.72 -4.89
C MET E 287 -0.87 76.82 -4.86
N ARG E 288 -0.60 77.93 -5.55
CA ARG E 288 -1.57 79.02 -5.66
C ARG E 288 -2.94 78.52 -6.08
N GLY E 289 -3.00 77.46 -6.88
CA GLY E 289 -4.26 76.91 -7.32
C GLY E 289 -4.95 76.02 -6.31
N LEU E 290 -4.22 75.09 -5.69
CA LEU E 290 -4.83 74.20 -4.72
C LEU E 290 -5.42 74.98 -3.55
N ASP E 291 -4.57 75.68 -2.79
CA ASP E 291 -5.06 76.51 -1.69
C ASP E 291 -4.08 77.66 -1.54
N ASN E 292 -4.41 78.82 -2.11
CA ASN E 292 -3.50 79.97 -2.03
C ASN E 292 -3.23 80.42 -0.60
N PRO E 293 -4.24 80.73 0.23
CA PRO E 293 -3.94 81.37 1.52
C PRO E 293 -3.32 80.47 2.59
N SER E 294 -2.98 79.21 2.32
CA SER E 294 -2.29 78.41 3.32
C SER E 294 -1.10 77.65 2.74
N TYR E 295 -0.56 78.11 1.61
CA TYR E 295 0.76 77.73 1.17
C TYR E 295 1.72 78.89 1.12
N TYR E 296 1.21 80.11 0.93
CA TYR E 296 2.04 81.30 0.76
C TYR E 296 1.67 82.35 1.79
N ARG E 297 2.69 82.99 2.35
CA ARG E 297 2.52 84.06 3.32
C ARG E 297 2.07 85.34 2.62
N LEU E 298 0.83 85.74 2.86
CA LEU E 298 0.21 86.87 2.18
C LEU E 298 0.32 88.15 3.01
N ALA E 299 0.43 89.28 2.31
CA ALA E 299 0.51 90.59 2.95
C ALA E 299 -0.81 90.92 3.63
N ASP E 300 -0.86 92.07 4.31
CA ASP E 300 -2.17 92.52 4.78
C ASP E 300 -2.87 93.32 3.69
N ASP E 301 -2.82 92.73 2.50
CA ASP E 301 -3.70 92.86 1.35
C ASP E 301 -3.51 91.52 0.63
N PRO E 302 -4.48 90.62 0.72
CA PRO E 302 -4.26 89.24 0.27
C PRO E 302 -3.86 89.07 -1.19
N ARG E 303 -3.83 90.17 -1.94
CA ARG E 303 -3.59 90.14 -3.37
C ARG E 303 -2.11 90.07 -3.74
N TYR E 304 -1.19 90.35 -2.81
CA TYR E 304 0.22 90.44 -3.13
C TYR E 304 1.06 89.64 -2.14
N TYR E 305 2.10 88.99 -2.67
CA TYR E 305 2.95 88.08 -1.92
C TYR E 305 4.22 88.80 -1.47
N MET E 306 4.60 88.60 -0.20
CA MET E 306 5.70 89.34 0.41
C MET E 306 7.02 88.65 0.09
N ASP E 307 7.71 89.19 -0.91
CA ASP E 307 9.09 88.82 -1.21
C ASP E 307 10.02 89.74 -0.43
N THR E 308 10.77 89.18 0.51
CA THR E 308 11.73 89.93 1.28
C THR E 308 13.09 90.04 0.60
N THR E 309 13.29 89.37 -0.55
CA THR E 309 14.62 89.20 -1.13
C THR E 309 14.73 89.56 -2.61
N GLY E 310 13.72 89.24 -3.41
CA GLY E 310 13.84 89.26 -4.85
C GLY E 310 13.25 87.99 -5.44
N THR E 311 13.04 87.02 -4.56
CA THR E 311 12.47 85.73 -4.94
C THR E 311 11.09 85.91 -5.57
N GLY E 312 10.17 86.52 -4.84
CA GLY E 312 8.83 86.75 -5.32
C GLY E 312 7.77 86.37 -4.30
N ASN E 313 7.98 85.25 -3.61
CA ASN E 313 7.02 84.77 -2.62
C ASN E 313 7.77 83.99 -1.55
N SER E 314 7.11 83.83 -0.40
CA SER E 314 7.63 82.99 0.67
C SER E 314 6.51 82.11 1.21
N LEU E 315 6.87 80.88 1.58
CA LEU E 315 5.91 79.96 2.15
C LEU E 315 5.42 80.50 3.50
N LEU E 316 4.23 80.02 3.91
CA LEU E 316 3.70 80.30 5.24
C LEU E 316 4.27 79.29 6.21
N MET E 317 5.16 79.72 7.09
CA MET E 317 5.82 78.80 7.99
C MET E 317 5.05 78.58 9.29
N ARG E 318 3.82 79.06 9.38
CA ARG E 318 2.96 78.77 10.52
C ARG E 318 1.82 77.82 10.20
N SER E 319 1.37 77.77 8.95
CA SER E 319 0.29 76.86 8.58
C SER E 319 0.80 75.43 8.67
N PRO E 320 0.29 74.61 9.60
CA PRO E 320 0.94 73.32 9.88
C PRO E 320 1.09 72.44 8.67
N HIS E 321 0.27 72.61 7.63
CA HIS E 321 0.41 71.76 6.46
C HIS E 321 1.61 72.16 5.62
N VAL E 322 2.15 73.36 5.83
CA VAL E 322 3.37 73.75 5.13
C VAL E 322 4.59 73.24 5.88
N LEU E 323 4.61 73.38 7.21
CA LEU E 323 5.61 72.69 8.03
C LEU E 323 5.68 71.23 7.64
N GLN E 324 4.53 70.66 7.27
CA GLN E 324 4.47 69.24 6.96
C GLN E 324 5.17 68.92 5.64
N LEU E 325 4.93 69.72 4.59
CA LEU E 325 5.56 69.45 3.31
C LEU E 325 7.08 69.50 3.42
N ILE E 326 7.61 70.29 4.36
CA ILE E 326 9.05 70.39 4.53
C ILE E 326 9.60 69.15 5.24
N MET E 327 9.04 68.80 6.40
CA MET E 327 9.53 67.62 7.10
C MET E 327 9.22 66.35 6.30
N ASP E 328 8.08 66.32 5.62
CA ASP E 328 7.79 65.19 4.73
C ASP E 328 8.72 65.18 3.53
N SER E 329 9.15 66.36 3.06
CA SER E 329 10.10 66.41 1.96
C SER E 329 11.47 65.92 2.41
N LEU E 330 11.98 66.45 3.51
CA LEU E 330 13.29 66.05 4.01
C LEU E 330 13.33 64.56 4.31
N ARG E 331 12.29 64.04 4.96
CA ARG E 331 12.27 62.64 5.32
C ARG E 331 12.29 61.74 4.10
N TYR E 332 11.58 62.13 3.04
CA TYR E 332 11.47 61.28 1.86
C TYR E 332 12.85 61.00 1.24
N TRP E 333 13.70 62.02 1.16
CA TRP E 333 15.03 61.82 0.56
C TRP E 333 15.92 60.97 1.46
N VAL E 334 16.03 61.35 2.74
CA VAL E 334 16.89 60.63 3.69
C VAL E 334 16.57 59.13 3.66
N THR E 335 15.29 58.79 3.72
CA THR E 335 14.85 57.41 3.87
C THR E 335 14.69 56.69 2.53
N GLU E 336 14.05 57.34 1.55
CA GLU E 336 13.69 56.65 0.32
C GLU E 336 14.69 56.85 -0.82
N MET E 337 15.34 58.00 -0.89
CA MET E 337 16.44 58.18 -1.83
C MET E 337 17.80 58.07 -1.16
N HIS E 338 17.83 57.79 0.15
CA HIS E 338 19.04 57.45 0.90
C HIS E 338 20.10 58.54 0.81
N VAL E 339 19.72 59.74 1.22
CA VAL E 339 20.62 60.90 1.16
C VAL E 339 21.19 61.14 2.55
N ASP E 340 22.42 61.66 2.60
CA ASP E 340 23.23 61.69 3.82
C ASP E 340 23.13 63.01 4.58
N GLY E 341 22.81 64.10 3.90
CA GLY E 341 22.67 65.39 4.55
C GLY E 341 22.04 66.38 3.60
N PHE E 342 21.74 67.57 4.12
CA PHE E 342 21.16 68.61 3.30
C PHE E 342 22.04 69.86 3.36
N ARG E 343 21.54 70.92 2.72
CA ARG E 343 22.12 72.25 2.90
C ARG E 343 21.04 73.24 2.47
N PHE E 344 20.67 74.15 3.37
CA PHE E 344 19.50 74.99 3.17
C PHE E 344 19.95 76.27 2.49
N ASP E 345 19.63 76.41 1.20
CA ASP E 345 20.01 77.63 0.51
C ASP E 345 19.25 78.79 1.12
N LEU E 346 19.97 79.89 1.34
CA LEU E 346 19.41 81.08 1.95
C LEU E 346 18.74 80.72 3.27
N ALA E 347 19.34 79.79 3.98
CA ALA E 347 18.92 79.51 5.35
C ALA E 347 18.90 80.78 6.19
N ALA E 348 19.61 81.82 5.75
CA ALA E 348 19.50 83.13 6.38
C ALA E 348 18.16 83.79 6.08
N THR E 349 17.73 83.76 4.82
CA THR E 349 16.39 84.21 4.50
C THR E 349 15.35 83.25 5.07
N LEU E 350 15.66 81.95 5.06
CA LEU E 350 14.78 80.93 5.63
C LEU E 350 14.58 81.16 7.13
N ALA E 351 15.68 81.19 7.91
CA ALA E 351 15.58 81.35 9.36
C ALA E 351 15.01 82.70 9.76
N ARG E 352 14.96 83.67 8.86
CA ARG E 352 14.32 84.94 9.17
C ARG E 352 12.82 84.79 9.16
N GLN E 353 12.29 84.14 8.10
CA GLN E 353 10.85 84.10 7.85
C GLN E 353 10.08 83.59 9.06
N PHE E 354 10.55 82.49 9.67
CA PHE E 354 9.89 81.97 10.87
C PHE E 354 9.71 83.04 11.92
N HIS E 355 10.75 83.86 12.14
CA HIS E 355 10.70 84.71 13.31
C HIS E 355 9.72 85.86 13.16
N GLU E 356 9.08 85.99 12.01
CA GLU E 356 7.90 86.84 11.91
C GLU E 356 6.60 86.07 12.17
N VAL E 357 6.67 84.82 12.67
CA VAL E 357 5.48 84.11 13.13
C VAL E 357 5.76 83.40 14.45
N ASP E 358 6.83 83.80 15.15
CA ASP E 358 7.19 83.27 16.48
C ASP E 358 7.69 81.83 16.38
N ARG E 359 7.62 81.24 15.20
CA ARG E 359 7.76 79.80 15.02
C ARG E 359 9.21 79.35 14.78
N LEU E 360 10.19 80.24 14.89
CA LEU E 360 11.58 79.83 14.67
C LEU E 360 12.08 78.81 15.68
N SER E 361 12.23 79.22 16.94
CA SER E 361 12.83 78.33 17.93
C SER E 361 11.97 77.10 18.19
N SER E 362 10.70 77.12 17.79
CA SER E 362 9.88 75.92 17.83
C SER E 362 10.13 75.00 16.65
N PHE E 363 10.86 75.46 15.63
CA PHE E 363 11.24 74.58 14.52
C PHE E 363 12.52 73.81 14.81
N PHE E 364 13.53 74.45 15.39
CA PHE E 364 14.71 73.70 15.78
C PHE E 364 14.40 72.67 16.86
N ASP E 365 13.21 72.74 17.47
CA ASP E 365 12.74 71.68 18.35
C ASP E 365 12.23 70.50 17.54
N LEU E 366 11.48 70.80 16.48
CA LEU E 366 11.04 69.77 15.53
C LEU E 366 12.23 69.03 14.92
N VAL E 367 13.23 69.80 14.45
CA VAL E 367 14.46 69.19 13.92
C VAL E 367 15.09 68.29 14.96
N GLN E 368 15.35 68.83 16.16
CA GLN E 368 16.13 68.10 17.16
C GLN E 368 15.39 66.89 17.74
N GLN E 369 14.08 66.81 17.56
CA GLN E 369 13.37 65.65 18.08
C GLN E 369 13.24 64.53 17.05
N ASP E 370 12.97 64.86 15.79
CA ASP E 370 12.69 63.86 14.78
C ASP E 370 13.90 62.94 14.60
N PRO E 371 13.68 61.61 14.52
CA PRO E 371 14.82 60.69 14.44
C PRO E 371 15.44 60.60 13.04
N VAL E 372 14.63 60.85 12.01
CA VAL E 372 15.13 60.73 10.63
C VAL E 372 16.00 61.91 10.27
N VAL E 373 15.51 63.13 10.50
CA VAL E 373 16.18 64.33 9.99
C VAL E 373 17.27 64.83 10.94
N SER E 374 17.19 64.51 12.23
CA SER E 374 18.22 64.98 13.16
C SER E 374 19.59 64.42 12.79
N GLN E 375 19.67 63.11 12.59
CA GLN E 375 20.94 62.41 12.48
C GLN E 375 21.52 62.41 11.06
N VAL E 376 21.14 63.39 10.26
CA VAL E 376 21.83 63.67 9.00
C VAL E 376 22.47 65.05 9.12
N LYS E 377 23.45 65.31 8.26
CA LYS E 377 24.11 66.62 8.24
C LYS E 377 23.14 67.69 7.76
N LEU E 378 23.03 68.76 8.53
CA LEU E 378 22.29 69.95 8.13
C LEU E 378 23.32 71.08 8.00
N ILE E 379 23.47 71.59 6.79
CA ILE E 379 24.48 72.60 6.48
C ILE E 379 23.75 73.87 6.08
N ALA E 380 24.15 74.99 6.65
CA ALA E 380 23.40 76.23 6.45
C ALA E 380 24.36 77.41 6.57
N GLU E 381 23.82 78.59 6.85
CA GLU E 381 24.59 79.82 6.90
C GLU E 381 24.12 80.69 8.06
N PRO E 382 25.04 81.39 8.73
CA PRO E 382 24.65 82.22 9.87
C PRO E 382 23.74 83.37 9.48
N TRP E 383 22.91 83.77 10.45
CA TRP E 383 21.92 84.83 10.27
C TRP E 383 21.83 85.68 11.54
N ASP E 384 20.93 86.65 11.51
CA ASP E 384 20.72 87.57 12.62
C ASP E 384 19.33 88.16 12.47
N VAL E 385 18.49 88.00 13.49
CA VAL E 385 17.05 88.07 13.35
C VAL E 385 16.46 89.00 14.40
N GLY E 386 15.50 89.83 13.99
CA GLY E 386 14.79 90.70 14.91
C GLY E 386 15.72 91.69 15.58
N GLU E 387 16.03 91.44 16.84
CA GLU E 387 17.17 92.08 17.49
C GLU E 387 17.86 91.04 18.36
N GLY E 388 19.19 90.98 18.29
CA GLY E 388 19.99 90.23 19.25
C GLY E 388 20.84 89.12 18.64
N GLY E 389 20.38 88.53 17.54
CA GLY E 389 21.12 87.43 16.96
C GLY E 389 20.21 86.27 16.62
N TYR E 390 20.81 85.09 16.45
CA TYR E 390 20.10 83.86 16.09
C TYR E 390 18.78 83.72 16.83
N GLN E 391 18.77 84.08 18.12
CA GLN E 391 17.57 84.06 18.97
C GLN E 391 16.96 82.64 18.98
N VAL E 392 17.83 81.66 19.25
CA VAL E 392 17.43 80.26 19.38
C VAL E 392 18.31 79.61 20.43
N GLY E 393 17.76 78.60 21.10
CA GLY E 393 18.43 78.02 22.24
C GLY E 393 19.26 76.78 21.94
N ASN E 394 18.72 75.87 21.13
CA ASN E 394 19.35 74.58 20.88
C ASN E 394 19.53 74.40 19.38
N PHE E 395 20.77 74.49 18.91
CA PHE E 395 21.06 74.04 17.55
C PHE E 395 21.23 72.53 17.52
N PRO E 396 20.48 71.82 16.68
CA PRO E 396 20.71 70.39 16.47
C PRO E 396 22.19 70.07 16.33
N PRO E 397 22.68 69.03 17.01
CA PRO E 397 24.12 68.80 17.07
C PRO E 397 24.69 68.13 15.82
N LEU E 398 24.17 68.53 14.67
CA LEU E 398 24.85 68.31 13.40
C LEU E 398 24.71 69.53 12.52
N TRP E 399 24.14 70.62 13.03
CA TRP E 399 23.74 71.76 12.24
C TRP E 399 24.94 72.69 12.09
N THR E 400 25.39 72.91 10.85
CA THR E 400 26.63 73.63 10.60
C THR E 400 26.41 74.76 9.61
N GLU E 401 27.35 75.71 9.62
CA GLU E 401 27.28 76.90 8.79
C GLU E 401 28.47 76.98 7.84
N TRP E 402 28.22 77.47 6.64
CA TRP E 402 29.29 77.93 5.77
C TRP E 402 29.99 79.13 6.42
N ASN E 403 31.27 78.98 6.74
CA ASN E 403 32.01 80.05 7.39
C ASN E 403 32.28 81.17 6.39
N GLY E 404 31.48 82.24 6.47
CA GLY E 404 31.69 83.40 5.61
C GLY E 404 32.81 84.31 6.04
N LYS E 405 33.23 84.23 7.30
CA LYS E 405 34.27 85.10 7.85
C LYS E 405 35.62 84.42 7.89
N TYR E 406 35.75 83.23 7.30
CA TYR E 406 37.03 82.58 7.08
C TYR E 406 37.54 82.83 5.66
N ARG E 407 36.73 82.51 4.66
CA ARG E 407 37.05 82.88 3.29
C ARG E 407 37.27 84.39 3.16
N ASP E 408 36.36 85.19 3.72
CA ASP E 408 36.59 86.63 3.74
C ASP E 408 37.84 87.00 4.53
N CYS E 409 38.34 86.10 5.38
CA CYS E 409 39.59 86.28 6.09
C CYS E 409 40.78 85.71 5.34
N VAL E 410 40.60 84.57 4.67
CA VAL E 410 41.67 84.02 3.83
C VAL E 410 41.83 84.85 2.57
N ARG E 411 40.73 85.06 1.83
CA ARG E 411 40.79 85.89 0.64
C ARG E 411 41.45 87.23 0.92
N ASP E 412 41.20 87.80 2.11
CA ASP E 412 41.79 89.07 2.52
C ASP E 412 43.14 88.88 3.18
N LEU E 413 43.87 87.82 2.83
CA LEU E 413 45.24 87.64 3.29
C LEU E 413 46.23 87.67 2.14
N TRP E 414 46.08 86.78 1.16
CA TRP E 414 46.96 86.78 -0.01
C TRP E 414 46.60 87.87 -1.00
N ARG E 415 45.48 88.55 -0.76
CA ARG E 415 45.12 89.72 -1.54
C ARG E 415 46.08 90.87 -1.26
N GLY E 416 46.30 91.17 0.02
CA GLY E 416 47.21 92.23 0.42
C GLY E 416 46.71 93.03 1.60
N GLU E 417 45.38 93.10 1.76
CA GLU E 417 44.81 93.83 2.88
C GLU E 417 44.98 93.05 4.18
N PRO E 418 44.80 93.70 5.34
CA PRO E 418 45.03 93.01 6.60
C PRO E 418 43.78 92.39 7.22
N ARG E 419 43.94 91.22 7.82
CA ARG E 419 43.09 90.76 8.90
C ARG E 419 43.95 90.70 10.16
N THR E 420 43.32 90.91 11.32
CA THR E 420 44.06 90.84 12.58
C THR E 420 44.69 89.46 12.74
N LEU E 421 45.77 89.41 13.51
CA LEU E 421 46.29 88.10 13.89
C LEU E 421 45.31 87.37 14.79
N ALA E 422 44.40 88.08 15.44
CA ALA E 422 43.31 87.45 16.18
C ALA E 422 42.26 86.87 15.23
N GLU E 423 41.83 87.67 14.25
CA GLU E 423 40.96 87.14 13.20
C GLU E 423 41.59 85.93 12.54
N PHE E 424 42.90 85.98 12.27
CA PHE E 424 43.55 84.88 11.57
C PHE E 424 43.79 83.69 12.49
N ALA E 425 44.08 83.93 13.78
CA ALA E 425 44.29 82.81 14.69
C ALA E 425 43.03 81.96 14.83
N SER E 426 41.89 82.60 15.05
CA SER E 426 40.64 81.88 15.25
C SER E 426 40.14 81.18 13.99
N ARG E 427 40.69 81.50 12.82
CA ARG E 427 40.15 80.91 11.59
C ARG E 427 40.81 79.58 11.25
N LEU E 428 42.14 79.51 11.26
CA LEU E 428 42.83 78.22 11.17
C LEU E 428 42.37 77.29 12.27
N THR E 429 42.01 77.86 13.41
CA THR E 429 41.63 77.11 14.59
C THR E 429 40.31 76.36 14.40
N GLY E 430 39.53 76.73 13.39
CA GLY E 430 38.22 76.13 13.17
C GLY E 430 37.11 76.97 13.74
N SER E 431 37.29 78.29 13.67
CA SER E 431 36.33 79.29 14.14
C SER E 431 35.68 78.88 15.46
N SER E 432 36.53 78.59 16.44
CA SER E 432 36.07 78.29 17.79
C SER E 432 35.30 79.46 18.41
N ASP E 433 35.45 80.67 17.88
CA ASP E 433 34.79 81.82 18.48
C ASP E 433 33.38 82.04 17.96
N LEU E 434 33.03 81.48 16.80
CA LEU E 434 31.68 81.63 16.28
C LEU E 434 30.84 80.37 16.38
N TYR E 435 31.46 79.20 16.29
CA TYR E 435 30.75 77.92 16.30
C TYR E 435 31.26 77.09 17.47
N GLN E 436 30.61 77.22 18.63
CA GLN E 436 30.95 76.41 19.79
C GLN E 436 30.15 75.12 19.78
N ASP E 437 30.81 74.01 20.16
CA ASP E 437 30.25 72.67 20.16
C ASP E 437 29.18 72.49 21.25
N ASP E 438 28.97 73.54 22.05
CA ASP E 438 28.14 73.51 23.25
C ASP E 438 26.88 72.67 23.10
N GLY E 439 26.09 72.96 22.07
CA GLY E 439 24.69 72.56 22.08
C GLY E 439 23.90 73.82 22.33
N ARG E 440 24.51 74.95 21.97
CA ARG E 440 23.84 76.25 21.90
C ARG E 440 24.28 77.03 20.66
N ARG E 441 25.09 76.43 19.79
CA ARG E 441 25.62 77.10 18.62
C ARG E 441 25.92 76.04 17.57
N PRO E 442 26.01 76.41 16.29
CA PRO E 442 26.47 75.44 15.28
C PRO E 442 27.83 74.89 15.67
N LEU E 443 28.07 73.61 15.36
CA LEU E 443 29.21 72.91 15.93
C LEU E 443 30.36 72.70 14.95
N ALA E 444 30.30 73.26 13.74
CA ALA E 444 31.42 73.13 12.84
C ALA E 444 31.63 74.45 12.11
N SER E 445 32.57 74.44 11.18
CA SER E 445 32.72 75.50 10.21
C SER E 445 33.01 74.81 8.88
N VAL E 446 32.17 75.07 7.89
CA VAL E 446 32.44 74.59 6.54
C VAL E 446 33.38 75.60 5.90
N ASN E 447 34.69 75.41 6.10
CA ASN E 447 35.67 76.29 5.49
C ASN E 447 35.62 76.11 3.97
N PHE E 448 35.55 77.23 3.26
CA PHE E 448 35.67 77.24 1.81
C PHE E 448 36.47 78.46 1.41
N VAL E 449 37.33 78.31 0.40
CA VAL E 449 37.95 79.48 -0.21
C VAL E 449 37.13 79.99 -1.38
N THR E 450 36.12 79.25 -1.81
CA THR E 450 35.35 79.55 -3.01
C THR E 450 34.17 78.59 -3.09
N CYS E 451 33.12 79.03 -3.77
CA CYS E 451 31.93 78.21 -4.00
C CYS E 451 31.36 78.61 -5.35
N HIS E 452 30.09 78.26 -5.59
CA HIS E 452 29.46 78.66 -6.84
C HIS E 452 29.23 80.17 -6.89
N ASP E 453 28.94 80.79 -5.75
CA ASP E 453 28.71 82.23 -5.68
C ASP E 453 30.02 82.96 -5.44
N GLY E 454 30.18 84.09 -6.13
CA GLY E 454 31.49 84.67 -6.23
C GLY E 454 32.29 83.89 -7.26
N PHE E 455 33.58 84.21 -7.33
CA PHE E 455 34.43 83.66 -8.38
C PHE E 455 34.69 82.17 -8.12
N THR E 456 35.35 81.56 -9.10
CA THR E 456 36.02 80.29 -8.91
C THR E 456 37.48 80.54 -8.60
N LEU E 457 38.16 79.53 -8.06
CA LEU E 457 39.55 79.69 -7.66
C LEU E 457 40.41 80.31 -8.76
N ARG E 458 40.20 79.87 -10.01
CA ARG E 458 40.93 80.46 -11.12
C ARG E 458 40.59 81.94 -11.28
N ASP E 459 39.29 82.25 -11.45
CA ASP E 459 38.87 83.65 -11.53
C ASP E 459 39.18 84.42 -10.26
N LEU E 460 39.42 83.73 -9.14
CA LEU E 460 39.59 84.43 -7.87
C LEU E 460 40.89 85.23 -7.85
N VAL E 461 41.87 84.81 -8.62
CA VAL E 461 43.15 85.51 -8.68
C VAL E 461 43.38 86.11 -10.07
N SER E 462 42.31 86.25 -10.86
CA SER E 462 42.41 86.79 -12.21
C SER E 462 41.58 88.03 -12.46
N TYR E 463 40.74 88.46 -11.51
CA TYR E 463 39.88 89.61 -11.72
C TYR E 463 39.73 90.40 -10.43
N ASN E 464 39.54 91.71 -10.58
CA ASN E 464 39.24 92.59 -9.46
C ASN E 464 37.82 93.13 -9.49
N GLU E 465 37.24 93.25 -10.67
CA GLU E 465 35.81 93.44 -10.83
C GLU E 465 35.23 92.23 -11.55
N LYS E 466 33.92 92.05 -11.41
CA LYS E 466 33.22 91.01 -12.13
C LYS E 466 33.16 91.35 -13.63
N ARG E 467 32.74 90.37 -14.42
CA ARG E 467 32.43 90.59 -15.83
C ARG E 467 31.10 89.91 -16.17
N ASN E 468 30.08 90.21 -15.36
CA ASN E 468 28.78 89.56 -15.46
C ASN E 468 27.85 90.22 -16.47
N GLU E 469 28.37 91.04 -17.37
CA GLU E 469 27.52 91.58 -18.42
C GLU E 469 26.82 90.49 -19.23
N ALA E 470 27.33 89.25 -19.15
CA ALA E 470 26.69 88.12 -19.82
C ALA E 470 25.41 87.67 -19.13
N ASN E 471 25.20 88.05 -17.86
CA ASN E 471 23.96 87.70 -17.18
C ASN E 471 22.79 88.52 -17.68
N GLY E 472 23.03 89.69 -18.27
CA GLY E 472 21.98 90.55 -18.77
C GLY E 472 21.29 91.39 -17.73
N GLU E 473 21.72 91.33 -16.47
CA GLU E 473 21.10 92.10 -15.40
C GLU E 473 21.76 93.47 -15.23
N GLY E 474 22.39 93.99 -16.28
CA GLY E 474 23.01 95.29 -16.21
C GLY E 474 24.33 95.36 -15.47
N ASN E 475 24.93 94.20 -15.16
CA ASN E 475 26.19 94.05 -14.43
C ASN E 475 26.04 94.41 -12.95
N ARG E 476 24.85 94.80 -12.50
CA ARG E 476 24.67 95.17 -11.11
C ARG E 476 24.50 93.97 -10.19
N ASP E 477 24.27 92.77 -10.74
CA ASP E 477 24.11 91.58 -9.92
C ASP E 477 25.45 91.13 -9.35
N GLY E 478 25.42 90.05 -8.57
CA GLY E 478 26.63 89.37 -8.15
C GLY E 478 27.44 90.06 -7.07
N GLU E 479 28.22 89.27 -6.33
CA GLU E 479 29.09 89.79 -5.28
C GLU E 479 30.02 90.86 -5.83
N ASN E 480 29.97 92.04 -5.25
CA ASN E 480 30.68 93.20 -5.79
C ASN E 480 32.13 93.24 -5.32
N TYR E 481 32.34 93.26 -4.00
CA TYR E 481 33.66 93.19 -3.40
C TYR E 481 33.98 91.72 -3.19
N ASN E 482 34.54 91.08 -4.20
CA ASN E 482 34.92 89.69 -4.04
C ASN E 482 36.16 89.52 -3.19
N ARG E 483 36.78 90.62 -2.75
CA ARG E 483 38.04 90.60 -2.00
C ARG E 483 39.10 89.81 -2.77
N SER E 484 39.20 90.11 -4.07
CA SER E 484 40.02 89.34 -5.01
C SER E 484 41.06 90.23 -5.66
N TRP E 485 42.30 89.74 -5.74
CA TRP E 485 43.38 90.45 -6.39
C TRP E 485 43.87 89.66 -7.60
N ASN E 486 43.98 90.35 -8.74
CA ASN E 486 44.14 89.75 -10.05
C ASN E 486 45.57 89.38 -10.40
N CYS E 487 46.54 89.66 -9.52
CA CYS E 487 47.93 89.24 -9.64
C CYS E 487 48.73 90.04 -10.67
N GLY E 488 48.19 91.15 -11.21
CA GLY E 488 48.96 91.97 -12.13
C GLY E 488 48.26 92.50 -13.36
N GLU E 489 47.35 91.73 -13.94
CA GLU E 489 46.56 92.20 -15.08
C GLU E 489 45.21 91.48 -15.08
N GLU E 490 44.20 92.15 -15.64
CA GLU E 490 42.84 91.62 -15.68
C GLU E 490 42.62 90.87 -16.98
N GLY E 491 41.97 89.70 -16.86
CA GLY E 491 41.89 88.75 -17.95
C GLY E 491 43.15 87.90 -18.01
N GLU E 492 43.17 86.98 -18.96
CA GLU E 492 44.41 86.28 -19.24
C GLU E 492 45.36 87.20 -19.98
N THR E 493 46.63 87.15 -19.60
CA THR E 493 47.69 87.77 -20.39
C THR E 493 48.80 86.74 -20.56
N GLU E 494 49.59 86.93 -21.60
CA GLU E 494 50.63 85.98 -21.94
C GLU E 494 51.76 85.98 -20.92
N ASP E 495 51.96 87.10 -20.21
CA ASP E 495 53.14 87.30 -19.40
C ASP E 495 53.37 86.14 -18.45
N VAL E 496 54.44 85.36 -18.70
CA VAL E 496 54.66 84.15 -17.91
C VAL E 496 54.99 84.51 -16.47
N GLY E 497 55.62 85.66 -16.24
CA GLY E 497 55.95 86.08 -14.88
C GLY E 497 54.75 86.08 -13.97
N ILE E 498 53.63 86.66 -14.42
CA ILE E 498 52.43 86.61 -13.60
C ILE E 498 51.64 85.32 -13.81
N THR E 499 51.82 84.63 -14.93
CA THR E 499 50.96 83.47 -15.15
C THR E 499 51.34 82.33 -14.22
N GLU E 500 52.62 82.23 -13.84
CA GLU E 500 53.02 81.30 -12.78
C GLU E 500 52.80 81.90 -11.41
N LEU E 501 52.66 83.22 -11.30
CA LEU E 501 52.26 83.79 -10.01
C LEU E 501 50.91 83.26 -9.58
N ARG E 502 49.90 83.38 -10.45
CA ARG E 502 48.58 82.84 -10.11
C ARG E 502 48.65 81.34 -9.83
N ALA E 503 49.41 80.60 -10.65
CA ALA E 503 49.42 79.15 -10.54
C ALA E 503 49.85 78.67 -9.15
N ARG E 504 50.55 79.50 -8.38
CA ARG E 504 50.88 79.18 -7.00
C ARG E 504 50.04 79.96 -5.99
N GLN E 505 49.37 81.03 -6.43
CA GLN E 505 48.34 81.65 -5.60
C GLN E 505 47.20 80.67 -5.32
N MET E 506 46.83 79.86 -6.32
CA MET E 506 45.86 78.80 -6.07
C MET E 506 46.48 77.64 -5.32
N ARG E 507 47.79 77.40 -5.50
CA ARG E 507 48.48 76.45 -4.64
C ARG E 507 48.50 76.91 -3.18
N ASN E 508 48.30 78.20 -2.93
CA ASN E 508 48.14 78.70 -1.57
C ASN E 508 46.68 78.63 -1.10
N PHE E 509 45.75 79.06 -1.96
CA PHE E 509 44.34 79.04 -1.59
C PHE E 509 43.89 77.63 -1.21
N LEU E 510 44.43 76.61 -1.90
CA LEU E 510 44.05 75.25 -1.59
C LEU E 510 44.73 74.73 -0.33
N ALA E 511 45.98 75.13 -0.08
CA ALA E 511 46.69 74.62 1.09
C ALA E 511 46.12 75.20 2.39
N THR E 512 45.74 76.48 2.36
CA THR E 512 45.08 77.10 3.51
C THR E 512 43.84 76.31 3.91
N LEU E 513 43.04 75.92 2.92
CA LEU E 513 41.76 75.26 3.18
C LEU E 513 41.95 73.91 3.83
N MET E 514 43.04 73.21 3.48
CA MET E 514 43.23 71.83 3.92
C MET E 514 43.86 71.71 5.30
N LEU E 515 44.68 72.68 5.71
CA LEU E 515 45.30 72.63 7.02
C LEU E 515 44.48 73.32 8.10
N SER E 516 43.49 74.12 7.72
CA SER E 516 42.61 74.76 8.68
C SER E 516 41.74 73.71 9.37
N GLN E 517 41.49 73.92 10.66
CA GLN E 517 40.57 73.05 11.39
C GLN E 517 39.16 73.16 10.85
N GLY E 518 38.49 72.03 10.74
CA GLY E 518 37.10 72.03 10.34
C GLY E 518 36.78 71.16 9.15
N VAL E 519 35.85 71.63 8.32
CA VAL E 519 35.34 70.86 7.20
C VAL E 519 35.70 71.59 5.91
N PRO E 520 36.67 71.13 5.13
CA PRO E 520 37.03 71.81 3.89
C PRO E 520 36.11 71.41 2.75
N MET E 521 35.72 72.40 1.96
CA MET E 521 34.80 72.21 0.84
C MET E 521 35.45 72.76 -0.41
N LEU E 522 35.39 71.98 -1.48
CA LEU E 522 35.91 72.35 -2.79
C LEU E 522 34.76 72.59 -3.74
N SER E 523 34.85 73.65 -4.54
CA SER E 523 33.90 73.84 -5.62
C SER E 523 34.40 73.09 -6.85
N HIS E 524 33.46 72.56 -7.63
CA HIS E 524 33.84 71.64 -8.69
C HIS E 524 34.49 72.41 -9.84
N GLY E 525 35.73 72.04 -10.16
CA GLY E 525 36.50 72.69 -11.20
C GLY E 525 37.71 73.44 -10.69
N ASP E 526 37.90 73.55 -9.38
CA ASP E 526 39.05 74.28 -8.89
C ASP E 526 40.30 73.40 -8.77
N GLU E 527 40.19 72.10 -9.05
CA GLU E 527 41.38 71.29 -9.25
C GLU E 527 41.96 71.54 -10.64
N PHE E 528 41.10 71.55 -11.66
CA PHE E 528 41.52 71.77 -13.03
C PHE E 528 41.70 73.25 -13.38
N GLY E 529 41.38 74.17 -12.46
CA GLY E 529 41.41 75.58 -12.82
C GLY E 529 40.27 75.95 -13.74
N ARG E 530 39.05 75.96 -13.22
CA ARG E 530 37.87 76.27 -14.03
C ARG E 530 37.61 77.78 -14.02
N THR E 531 37.22 78.30 -15.19
CA THR E 531 37.01 79.73 -15.38
C THR E 531 35.59 79.96 -15.85
N GLN E 532 34.91 80.91 -15.20
CA GLN E 532 33.60 81.37 -15.64
C GLN E 532 33.68 82.71 -16.37
N GLY E 533 34.79 82.98 -17.05
CA GLY E 533 34.97 84.23 -17.77
C GLY E 533 34.84 85.45 -16.90
N GLY E 534 35.36 85.40 -15.67
CA GLY E 534 35.17 86.48 -14.73
C GLY E 534 33.79 86.60 -14.15
N ASN E 535 32.84 85.77 -14.60
CA ASN E 535 31.48 85.83 -14.07
C ASN E 535 31.45 85.16 -12.70
N ASN E 536 30.99 85.88 -11.69
CA ASN E 536 30.93 85.34 -10.34
C ASN E 536 29.53 84.89 -9.94
N ASN E 537 28.51 85.24 -10.71
CA ASN E 537 27.15 84.71 -10.54
C ASN E 537 26.69 84.19 -11.90
N ALA E 538 26.96 82.92 -12.16
CA ALA E 538 26.69 82.26 -13.43
C ALA E 538 25.39 81.48 -13.42
N TYR E 539 24.34 82.02 -12.77
CA TYR E 539 23.14 81.23 -12.51
C TYR E 539 22.38 80.85 -13.78
N CYS E 540 22.47 81.67 -14.84
CA CYS E 540 21.73 81.41 -16.07
C CYS E 540 22.66 81.06 -17.23
N GLN E 541 23.92 80.75 -16.95
CA GLN E 541 24.89 80.39 -17.97
C GLN E 541 24.92 78.87 -18.05
N ASP E 542 24.03 78.31 -18.86
CA ASP E 542 23.98 76.87 -19.14
C ASP E 542 24.79 76.56 -20.39
N ASN E 543 26.08 76.87 -20.32
CA ASN E 543 26.95 76.82 -21.49
C ASN E 543 28.40 76.80 -21.03
N GLU E 544 29.32 77.02 -21.98
CA GLU E 544 30.76 76.85 -21.77
C GLU E 544 31.29 77.60 -20.56
N VAL E 545 30.52 78.55 -20.02
CA VAL E 545 30.95 79.29 -18.84
C VAL E 545 31.13 78.35 -17.66
N SER E 546 30.08 77.64 -17.28
CA SER E 546 30.12 76.74 -16.14
C SER E 546 30.05 75.27 -16.55
N TRP E 547 30.51 74.95 -17.75
CA TRP E 547 30.93 73.58 -18.02
C TRP E 547 32.35 73.35 -17.51
N VAL E 548 32.71 72.08 -17.37
CA VAL E 548 33.99 71.69 -16.79
C VAL E 548 34.87 71.11 -17.88
N ARG E 549 35.98 71.80 -18.18
CA ARG E 549 36.93 71.38 -19.19
C ARG E 549 37.83 70.28 -18.63
N TRP E 550 37.86 69.13 -19.30
CA TRP E 550 38.69 68.12 -18.68
C TRP E 550 40.09 68.11 -19.28
N PRO E 551 41.11 67.97 -18.44
CA PRO E 551 42.47 68.36 -18.83
C PRO E 551 43.06 67.45 -19.89
N LYS E 552 44.00 68.01 -20.65
CA LYS E 552 44.96 67.26 -21.46
C LYS E 552 46.25 68.08 -21.55
N GLU E 556 49.52 70.33 -19.22
CA GLU E 556 50.24 70.03 -17.98
C GLU E 556 49.85 70.99 -16.86
N ALA E 557 49.75 72.27 -17.21
CA ALA E 557 49.42 73.30 -16.23
C ALA E 557 48.19 72.92 -15.43
N GLU E 558 47.08 72.65 -16.12
CA GLU E 558 45.87 72.19 -15.47
C GLU E 558 46.04 70.84 -14.79
N ALA E 559 47.08 70.08 -15.14
CA ALA E 559 47.31 68.78 -14.55
C ALA E 559 48.19 68.84 -13.31
N THR E 560 49.07 69.85 -13.22
CA THR E 560 49.90 69.99 -12.03
C THR E 560 49.05 70.28 -10.79
N LEU E 561 47.99 71.06 -10.97
CA LEU E 561 47.13 71.42 -9.85
C LEU E 561 46.22 70.26 -9.45
N LEU E 562 45.80 69.44 -10.41
CA LEU E 562 45.02 68.25 -10.08
C LEU E 562 45.82 67.33 -9.16
N ARG E 563 47.04 67.00 -9.55
CA ARG E 563 47.90 66.20 -8.70
C ARG E 563 48.53 67.00 -7.56
N PHE E 564 48.31 68.31 -7.51
CA PHE E 564 48.56 69.04 -6.27
C PHE E 564 47.44 68.78 -5.28
N THR E 565 46.20 68.99 -5.69
CA THR E 565 45.07 68.80 -4.79
C THR E 565 44.98 67.35 -4.32
N ARG E 566 45.06 66.41 -5.27
CA ARG E 566 44.86 65.00 -4.93
C ARG E 566 45.92 64.50 -3.97
N SER E 567 47.15 65.02 -4.06
CA SER E 567 48.21 64.64 -3.12
C SER E 567 48.22 65.50 -1.88
N MET E 568 47.54 66.64 -1.88
CA MET E 568 47.31 67.40 -0.65
C MET E 568 46.24 66.76 0.21
N VAL E 569 45.12 66.35 -0.41
CA VAL E 569 44.04 65.75 0.36
C VAL E 569 44.51 64.49 1.04
N ARG E 570 45.43 63.74 0.40
CA ARG E 570 46.13 62.67 1.10
C ARG E 570 46.65 63.14 2.45
N LEU E 571 47.31 64.30 2.47
CA LEU E 571 47.90 64.80 3.72
C LEU E 571 46.84 65.02 4.79
N ARG E 572 45.68 65.58 4.42
CA ARG E 572 44.64 65.80 5.41
C ARG E 572 44.14 64.48 5.98
N ARG E 573 43.77 63.53 5.12
CA ARG E 573 43.29 62.23 5.61
C ARG E 573 44.33 61.50 6.44
N GLU E 574 45.62 61.79 6.26
CA GLU E 574 46.68 60.96 6.80
C GLU E 574 47.26 61.47 8.11
N HIS E 575 47.03 62.72 8.49
CA HIS E 575 47.65 63.30 9.68
C HIS E 575 46.60 63.91 10.60
N PRO E 576 46.35 63.30 11.77
CA PRO E 576 45.20 63.71 12.60
C PRO E 576 45.31 65.07 13.27
N VAL E 577 46.45 65.77 13.23
CA VAL E 577 46.49 67.08 13.90
C VAL E 577 45.74 68.14 13.11
N PHE E 578 45.44 67.88 11.84
CA PHE E 578 44.68 68.82 11.04
C PHE E 578 43.18 68.56 11.08
N ARG E 579 42.77 67.43 11.65
CA ARG E 579 41.37 67.03 11.77
C ARG E 579 41.12 66.51 13.19
N ARG E 580 40.89 67.42 14.12
CA ARG E 580 40.71 67.07 15.53
C ARG E 580 39.22 66.93 15.81
N ARG E 581 38.82 65.76 16.32
CA ARG E 581 37.39 65.44 16.46
C ARG E 581 36.64 66.54 17.20
N ARG E 582 37.15 66.91 18.38
CA ARG E 582 36.78 68.18 18.99
C ARG E 582 37.78 69.21 18.48
N PHE E 583 37.29 70.19 17.72
CA PHE E 583 38.17 71.23 17.23
C PHE E 583 38.72 72.01 18.42
N PHE E 584 39.49 73.04 18.14
CA PHE E 584 40.04 73.79 19.26
C PHE E 584 38.93 74.64 19.87
N HIS E 585 37.83 73.99 20.28
CA HIS E 585 36.74 74.67 20.96
C HIS E 585 37.05 74.87 22.43
N GLY E 586 37.75 73.90 23.02
CA GLY E 586 38.05 73.99 24.44
C GLY E 586 39.12 75.00 24.78
N ARG E 587 40.33 74.80 24.24
CA ARG E 587 41.50 75.43 24.82
C ARG E 587 42.09 76.48 23.88
N PRO E 588 43.01 77.33 24.34
CA PRO E 588 43.37 78.51 23.55
C PRO E 588 44.05 78.17 22.22
N VAL E 589 44.15 79.20 21.39
CA VAL E 589 44.80 79.07 20.10
C VAL E 589 46.32 79.05 20.25
N GLU E 590 46.84 79.70 21.29
CA GLU E 590 48.28 79.69 21.52
C GLU E 590 48.75 78.43 22.24
N GLY E 591 47.83 77.71 22.88
CA GLY E 591 48.20 76.64 23.77
C GLY E 591 48.73 77.20 25.07
N THR E 592 48.41 76.55 26.19
CA THR E 592 48.88 77.03 27.49
C THR E 592 50.39 76.82 27.52
N HIS E 593 51.13 77.91 27.31
CA HIS E 593 52.50 77.88 26.80
C HIS E 593 53.44 77.00 27.61
N ASP E 594 53.88 75.90 27.00
CA ASP E 594 54.91 75.00 27.53
C ASP E 594 55.29 74.04 26.40
N GLU E 595 56.01 72.98 26.76
CA GLU E 595 56.41 71.93 25.83
C GLU E 595 55.45 70.75 25.85
N LEU E 596 54.16 70.99 26.01
CA LEU E 596 53.16 69.95 25.80
C LEU E 596 52.01 70.37 24.90
N THR E 597 51.81 71.66 24.65
CA THR E 597 50.58 72.12 24.01
C THR E 597 50.43 71.57 22.59
N ASP E 598 49.17 71.48 22.16
CA ASP E 598 48.85 70.97 20.82
C ASP E 598 49.35 71.89 19.74
N ILE E 599 49.56 73.17 20.06
CA ILE E 599 49.87 74.19 19.07
C ILE E 599 50.54 75.35 19.77
N ALA E 600 51.39 76.07 19.04
CA ALA E 600 52.03 77.27 19.54
C ALA E 600 52.51 78.08 18.34
N TRP E 601 52.18 79.36 18.33
CA TRP E 601 52.48 80.22 17.20
C TRP E 601 53.82 80.91 17.39
N PHE E 602 54.50 81.17 16.28
CA PHE E 602 55.86 81.70 16.30
C PHE E 602 55.99 82.83 15.29
N THR E 603 56.92 83.74 15.59
CA THR E 603 57.35 84.77 14.67
C THR E 603 58.28 84.18 13.62
N PRO E 604 58.23 84.67 12.37
CA PRO E 604 59.32 84.35 11.44
C PRO E 604 60.70 84.62 12.02
N GLU E 605 60.80 85.60 12.92
CA GLU E 605 62.06 85.85 13.62
C GLU E 605 62.43 84.70 14.55
N GLY E 606 61.43 84.01 15.09
CA GLY E 606 61.69 82.82 15.88
C GLY E 606 60.93 82.68 17.17
N GLU E 607 60.66 83.78 17.86
CA GLU E 607 60.08 83.70 19.19
C GLU E 607 58.58 83.43 19.11
N GLU E 608 57.95 83.37 20.29
CA GLU E 608 56.51 83.17 20.40
C GLU E 608 55.81 84.52 20.41
N MET E 609 54.57 84.52 19.92
CA MET E 609 53.76 85.73 20.04
C MET E 609 53.45 85.96 21.52
N THR E 610 53.20 87.23 21.89
CA THR E 610 52.99 87.56 23.30
C THR E 610 51.78 88.47 23.44
N SER E 611 51.52 88.89 24.68
CA SER E 611 50.26 89.51 25.06
C SER E 611 49.87 90.66 24.14
N ARG E 612 50.73 91.67 24.03
CA ARG E 612 50.50 92.78 23.11
C ARG E 612 51.22 92.57 21.77
N ASP E 613 51.41 91.31 21.39
CA ASP E 613 51.84 90.94 20.05
C ASP E 613 50.70 90.37 19.21
N TRP E 614 49.62 89.93 19.84
CA TRP E 614 48.53 89.25 19.12
C TRP E 614 47.78 90.23 18.24
N GLN E 615 47.73 91.50 18.60
CA GLN E 615 47.12 92.53 17.76
C GLN E 615 48.21 93.09 16.85
N ALA E 616 48.54 92.31 15.82
CA ALA E 616 49.40 92.75 14.74
C ALA E 616 48.53 93.01 13.52
N ALA E 617 48.27 94.29 13.24
CA ALA E 617 47.40 94.66 12.12
C ALA E 617 47.90 94.02 10.83
N HIS E 618 49.16 94.27 10.49
CA HIS E 618 49.82 93.55 9.41
C HIS E 618 50.21 92.16 9.90
N ALA E 619 49.20 91.30 10.00
CA ALA E 619 49.41 89.90 10.36
C ALA E 619 49.79 89.10 9.13
N GLN E 620 50.82 89.58 8.41
CA GLN E 620 51.22 88.98 7.15
C GLN E 620 51.89 87.63 7.37
N ALA E 621 52.92 87.60 8.20
CA ALA E 621 53.74 86.41 8.42
C ALA E 621 53.34 85.69 9.69
N LEU E 622 53.63 84.39 9.73
CA LEU E 622 53.30 83.52 10.86
C LEU E 622 54.07 82.22 10.74
N THR E 623 54.30 81.58 11.89
CA THR E 623 54.89 80.25 11.97
C THR E 623 54.10 79.45 12.99
N VAL E 624 53.30 78.49 12.54
CA VAL E 624 52.38 77.76 13.39
C VAL E 624 52.92 76.34 13.58
N PHE E 625 53.19 75.98 14.84
CA PHE E 625 53.68 74.66 15.20
C PHE E 625 52.56 73.88 15.86
N LEU E 626 52.15 72.77 15.22
CA LEU E 626 51.19 71.83 15.79
C LEU E 626 51.92 70.59 16.25
N ASN E 627 51.66 70.18 17.49
CA ASN E 627 52.33 69.04 18.09
C ASN E 627 51.56 67.76 17.76
N GLY E 628 52.29 66.66 17.65
CA GLY E 628 51.73 65.39 17.30
C GLY E 628 51.42 64.45 18.45
N ASN E 629 51.69 64.87 19.69
CA ASN E 629 51.43 64.04 20.85
C ASN E 629 50.51 64.71 21.86
N ALA E 630 50.24 66.00 21.72
CA ALA E 630 49.26 66.68 22.54
C ALA E 630 47.84 66.45 22.08
N ILE E 631 47.63 65.46 21.22
CA ILE E 631 46.30 65.19 20.69
C ILE E 631 45.49 64.54 21.80
N SER E 632 44.68 65.35 22.48
CA SER E 632 43.90 64.91 23.64
C SER E 632 42.48 64.54 23.24
N GLU E 633 42.37 63.51 22.39
CA GLU E 633 41.09 62.94 22.03
C GLU E 633 41.29 61.43 21.92
N PRO E 634 40.44 60.63 22.55
CA PRO E 634 40.40 59.20 22.24
C PRO E 634 39.86 58.97 20.83
N GLY E 635 40.02 57.74 20.34
CA GLY E 635 39.76 57.41 18.96
C GLY E 635 38.41 56.76 18.76
N THR E 636 38.35 55.80 17.83
CA THR E 636 37.14 55.02 17.64
C THR E 636 36.90 54.06 18.80
N GLN E 637 37.97 53.64 19.46
CA GLN E 637 37.91 52.61 20.49
C GLN E 637 38.85 52.96 21.64
N GLY E 638 38.84 54.22 22.06
CA GLY E 638 39.65 54.66 23.18
C GLY E 638 41.12 54.70 22.92
N GLU E 639 41.54 54.47 21.68
CA GLU E 639 42.94 54.50 21.29
C GLU E 639 43.42 55.95 21.18
N ARG E 640 44.53 56.27 21.84
CA ARG E 640 45.07 57.62 21.71
C ARG E 640 45.56 57.84 20.29
N ILE E 641 44.92 58.75 19.57
CA ILE E 641 45.33 59.06 18.21
C ILE E 641 46.58 59.91 18.28
N ALA E 642 47.64 59.46 17.61
CA ALA E 642 48.93 60.12 17.61
C ALA E 642 49.39 60.30 16.17
N ASP E 643 50.41 61.14 16.01
CA ASP E 643 50.78 61.67 14.71
C ASP E 643 52.09 62.44 14.90
N ASP E 644 52.72 62.79 13.79
CA ASP E 644 53.94 63.58 13.86
C ASP E 644 53.60 65.03 14.19
N SER E 645 54.64 65.78 14.57
CA SER E 645 54.53 67.22 14.70
C SER E 645 54.79 67.87 13.35
N PHE E 646 54.09 68.96 13.08
CA PHE E 646 54.25 69.71 11.85
C PHE E 646 54.63 71.14 12.18
N LEU E 647 55.05 71.87 11.14
CA LEU E 647 55.47 73.27 11.29
C LEU E 647 55.05 74.03 10.04
N LEU E 648 54.11 74.96 10.21
CA LEU E 648 53.66 75.82 9.13
C LEU E 648 54.43 77.14 9.17
N MET E 649 54.60 77.74 7.99
CA MET E 649 55.29 79.03 7.88
C MET E 649 54.62 79.84 6.77
N PHE E 650 53.79 80.81 7.14
CA PHE E 650 53.03 81.60 6.19
C PHE E 650 53.76 82.88 5.83
N ASN E 651 53.73 83.23 4.55
CA ASN E 651 54.27 84.50 4.07
C ASN E 651 53.20 85.17 3.21
N ALA E 652 52.28 85.87 3.86
CA ALA E 652 51.33 86.74 3.17
C ALA E 652 51.90 88.15 3.02
N SER E 653 53.11 88.21 2.47
CA SER E 653 53.87 89.45 2.35
C SER E 653 54.82 89.29 1.19
N ALA E 654 54.85 90.28 0.29
CA ALA E 654 55.60 90.12 -0.95
C ALA E 654 57.08 89.85 -0.69
N LYS E 655 57.81 90.82 -0.15
CA LYS E 655 59.26 90.70 0.01
C LYS E 655 59.64 89.38 0.65
N GLU E 656 60.53 88.64 -0.03
CA GLU E 656 61.04 87.37 0.47
C GLU E 656 61.37 87.47 1.95
N LEU E 657 60.92 86.48 2.73
CA LEU E 657 61.18 86.44 4.15
C LEU E 657 62.06 85.24 4.48
N GLU E 658 62.96 85.43 5.45
CA GLU E 658 63.77 84.36 5.99
C GLU E 658 63.19 83.90 7.33
N PHE E 659 62.84 82.62 7.42
CA PHE E 659 62.28 82.03 8.62
C PHE E 659 63.34 81.23 9.36
N VAL E 660 63.06 80.88 10.61
CA VAL E 660 63.95 80.08 11.44
C VAL E 660 63.14 78.99 12.14
N VAL E 661 63.47 77.75 11.85
CA VAL E 661 62.84 76.56 12.42
C VAL E 661 63.35 76.35 13.84
N PRO E 662 62.54 76.48 14.87
CA PRO E 662 63.04 76.31 16.25
C PRO E 662 63.28 74.85 16.60
N ASP E 663 63.89 74.66 17.78
CA ASP E 663 64.15 73.45 18.59
C ASP E 663 65.43 72.69 18.22
N SER E 664 66.32 73.32 17.46
CA SER E 664 67.73 72.89 17.32
C SER E 664 67.93 71.51 16.68
N ARG E 667 66.69 67.82 16.62
CA ARG E 667 65.47 67.46 15.90
C ARG E 667 65.60 67.76 14.41
N TYR E 668 65.37 66.74 13.59
CA TYR E 668 65.54 66.79 12.14
C TYR E 668 64.16 66.91 11.49
N TRP E 669 63.91 68.04 10.82
CA TRP E 669 62.63 68.30 10.16
C TRP E 669 62.74 68.06 8.66
N ARG E 670 61.60 67.72 8.04
CA ARG E 670 61.53 67.37 6.63
C ARG E 670 60.45 68.21 5.95
N MET E 671 60.85 68.98 4.94
CA MET E 671 59.92 69.80 4.18
C MET E 671 59.03 68.92 3.31
N VAL E 672 57.73 68.87 3.62
CA VAL E 672 56.80 67.99 2.94
C VAL E 672 56.00 68.71 1.86
N VAL E 673 55.86 70.05 1.95
CA VAL E 673 55.12 70.83 0.96
C VAL E 673 55.81 72.17 0.73
N ASP E 674 55.85 72.60 -0.52
CA ASP E 674 56.38 73.92 -0.88
C ASP E 674 55.59 74.47 -2.06
N THR E 675 54.82 75.52 -1.81
CA THR E 675 54.03 76.15 -2.86
C THR E 675 54.90 76.64 -4.02
N SER E 676 56.09 77.16 -3.71
CA SER E 676 56.78 78.08 -4.61
C SER E 676 57.37 77.40 -5.84
N ASP E 677 57.76 76.13 -5.75
CA ASP E 677 58.35 75.54 -6.93
C ASP E 677 57.26 75.12 -7.91
N PRO E 678 57.49 75.25 -9.23
CA PRO E 678 56.39 75.10 -10.19
C PRO E 678 55.85 73.68 -10.30
N GLU E 679 56.69 72.66 -10.18
CA GLU E 679 56.25 71.28 -10.37
C GLU E 679 55.21 70.83 -9.35
N GLY E 680 54.92 71.65 -8.33
CA GLY E 680 53.92 71.29 -7.35
C GLY E 680 54.55 70.42 -6.29
N MET E 681 54.56 70.84 -5.02
CA MET E 681 55.38 70.03 -4.14
C MET E 681 54.69 69.51 -2.89
N PRO E 682 53.44 69.03 -2.97
CA PRO E 682 53.06 67.89 -2.14
C PRO E 682 53.72 66.61 -2.64
N PRO E 683 53.67 66.30 -3.98
CA PRO E 683 54.27 65.04 -4.44
C PRO E 683 55.78 65.08 -4.65
N GLN E 684 56.31 66.18 -5.19
CA GLN E 684 57.73 66.25 -5.50
C GLN E 684 58.55 66.15 -4.21
N GLN E 685 59.44 65.15 -4.15
CA GLN E 685 60.19 64.90 -2.93
C GLN E 685 61.04 66.10 -2.54
N GLY E 686 61.25 66.26 -1.23
CA GLY E 686 61.90 67.44 -0.71
C GLY E 686 63.10 67.13 0.16
N PRO E 687 63.86 68.17 0.52
CA PRO E 687 65.07 67.98 1.33
C PRO E 687 64.76 68.01 2.82
N GLU E 688 65.73 67.50 3.58
CA GLU E 688 65.69 67.63 5.03
C GLU E 688 66.23 68.99 5.46
N LEU E 689 65.82 69.40 6.65
CA LEU E 689 66.26 70.64 7.26
C LEU E 689 66.85 70.35 8.64
N ALA E 690 67.60 71.31 9.17
CA ALA E 690 68.25 71.10 10.47
C ALA E 690 67.41 71.58 11.64
N GLY E 691 66.69 72.69 11.49
CA GLY E 691 65.98 73.29 12.60
C GLY E 691 66.87 74.29 13.30
N GLY E 692 66.48 75.56 13.28
CA GLY E 692 67.32 76.66 13.70
C GLY E 692 67.97 77.39 12.54
N GLU E 693 68.01 76.78 11.36
CA GLU E 693 68.77 77.31 10.24
C GLU E 693 67.90 78.22 9.38
N ARG E 694 68.49 79.35 8.98
CA ARG E 694 67.77 80.37 8.23
C ARG E 694 67.43 79.84 6.85
N VAL E 695 66.13 79.85 6.54
CA VAL E 695 65.63 79.48 5.22
C VAL E 695 65.02 80.72 4.58
N THR E 696 65.07 80.77 3.26
CA THR E 696 64.35 81.80 2.54
C THR E 696 63.04 81.22 2.01
N LEU E 697 62.03 82.08 1.92
CA LEU E 697 60.71 81.70 1.46
C LEU E 697 60.27 82.68 0.37
N ALA E 698 59.72 82.15 -0.71
CA ALA E 698 59.28 82.98 -1.81
C ALA E 698 58.12 83.89 -1.37
N PRO E 699 57.93 85.01 -2.08
CA PRO E 699 56.73 85.84 -1.87
C PRO E 699 55.42 85.07 -1.99
N LEU E 700 54.46 85.44 -1.15
CA LEU E 700 53.08 84.95 -1.21
C LEU E 700 53.04 83.42 -1.32
N SER E 701 53.68 82.78 -0.33
CA SER E 701 53.99 81.36 -0.43
C SER E 701 54.03 80.73 0.96
N LEU E 702 53.84 79.41 0.99
CA LEU E 702 53.77 78.61 2.21
C LEU E 702 54.83 77.51 2.18
N THR E 703 55.16 76.99 3.37
CA THR E 703 56.07 75.87 3.53
C THR E 703 55.76 75.12 4.83
N VAL E 704 55.84 73.78 4.78
CA VAL E 704 55.41 72.94 5.90
C VAL E 704 56.44 71.83 6.15
N LEU E 705 56.83 71.67 7.41
CA LEU E 705 57.86 70.74 7.84
C LEU E 705 57.28 69.64 8.71
N ARG E 706 58.03 68.54 8.87
CA ARG E 706 57.51 67.31 9.47
C ARG E 706 58.55 66.63 10.35
N ARG E 707 58.10 66.11 11.51
CA ARG E 707 58.96 65.44 12.49
C ARG E 707 58.12 64.69 13.52
N PRO E 708 58.51 63.45 13.91
CA PRO E 708 57.84 62.74 15.00
C PRO E 708 58.48 63.03 16.36
N GLN F 5 31.12 43.95 16.14
CA GLN F 5 32.58 43.95 16.13
C GLN F 5 33.12 42.69 16.82
N VAL F 6 33.92 41.93 16.07
CA VAL F 6 34.44 40.64 16.54
C VAL F 6 35.87 40.50 16.02
N TRP F 7 36.85 40.45 16.94
CA TRP F 7 38.25 40.48 16.56
C TRP F 7 38.82 39.07 16.44
N PRO F 8 39.86 38.89 15.61
CA PRO F 8 40.33 37.52 15.33
C PRO F 8 40.86 36.79 16.55
N GLY F 9 41.70 37.44 17.36
CA GLY F 9 42.25 36.79 18.53
C GLY F 9 43.17 35.63 18.18
N GLN F 10 43.63 34.89 19.17
CA GLN F 10 44.60 33.82 18.96
C GLN F 10 43.92 32.46 18.89
N ALA F 11 44.72 31.44 18.59
CA ALA F 11 44.29 30.05 18.65
C ALA F 11 44.53 29.44 20.02
N TYR F 12 45.60 29.86 20.70
CA TYR F 12 45.93 29.36 22.03
C TYR F 12 45.38 30.32 23.10
N PRO F 13 44.86 29.78 24.21
CA PRO F 13 44.61 28.34 24.30
C PRO F 13 43.21 28.00 23.84
N LEU F 14 42.85 26.72 23.85
CA LEU F 14 41.45 26.35 23.68
C LEU F 14 40.69 26.66 24.96
N GLY F 15 39.53 27.27 24.81
CA GLY F 15 38.80 27.83 25.93
C GLY F 15 38.59 29.32 25.75
N ALA F 16 38.05 29.93 26.81
CA ALA F 16 37.70 31.36 26.80
C ALA F 16 38.43 32.05 27.95
N THR F 17 39.57 32.66 27.64
CA THR F 17 40.46 33.24 28.64
C THR F 17 40.30 34.76 28.67
N TYR F 18 40.28 35.32 29.88
CA TYR F 18 40.12 36.77 30.06
C TYR F 18 41.50 37.41 30.19
N ASP F 19 41.82 38.32 29.27
CA ASP F 19 43.12 38.98 29.25
C ASP F 19 43.06 40.41 29.75
N GLY F 20 42.06 40.74 30.56
CA GLY F 20 41.89 42.09 31.06
C GLY F 20 41.07 43.00 30.18
N ALA F 21 40.96 42.70 28.89
CA ALA F 21 40.21 43.53 27.95
C ALA F 21 38.95 42.83 27.44
N GLY F 22 39.06 41.63 26.90
CA GLY F 22 37.91 40.92 26.36
C GLY F 22 37.90 39.45 26.70
N THR F 23 37.80 38.58 25.70
CA THR F 23 37.84 37.15 25.93
C THR F 23 38.11 36.44 24.62
N ASN F 24 39.04 35.48 24.64
CA ASN F 24 39.53 34.82 23.43
C ASN F 24 38.92 33.42 23.36
N PHE F 25 37.71 33.33 22.83
CA PHE F 25 37.02 32.05 22.67
C PHE F 25 37.67 31.26 21.53
N ALA F 26 37.95 29.97 21.78
CA ALA F 26 38.59 29.12 20.77
C ALA F 26 38.35 27.65 21.10
N VAL F 27 37.82 26.91 20.12
CA VAL F 27 37.49 25.50 20.29
C VAL F 27 37.80 24.74 18.99
N PHE F 28 38.14 23.45 19.14
CA PHE F 28 38.53 22.60 18.02
C PHE F 28 37.38 21.71 17.55
N SER F 29 37.20 21.65 16.23
CA SER F 29 36.34 20.65 15.61
C SER F 29 36.67 20.60 14.12
N GLU F 30 37.15 19.46 13.64
CA GLU F 30 37.50 19.36 12.23
C GLU F 30 36.34 18.87 11.37
N ALA F 31 35.27 18.35 11.96
CA ALA F 31 34.07 18.01 11.20
C ALA F 31 32.92 18.97 11.51
N ALA F 32 33.24 20.23 11.76
CA ALA F 32 32.25 21.27 11.99
C ALA F 32 32.20 22.16 10.76
N HIS F 33 31.03 22.27 10.14
CA HIS F 33 30.91 23.13 8.96
C HIS F 33 30.82 24.59 9.36
N ARG F 34 29.98 24.93 10.34
CA ARG F 34 29.99 26.25 10.95
C ARG F 34 29.94 26.10 12.47
N ILE F 35 30.48 27.08 13.18
CA ILE F 35 30.55 27.07 14.64
C ILE F 35 30.09 28.43 15.14
N GLU F 36 28.83 28.55 15.54
CA GLU F 36 28.37 29.76 16.21
C GLU F 36 28.79 29.74 17.67
N LEU F 37 29.20 30.91 18.16
CA LEU F 37 29.39 31.14 19.59
C LEU F 37 28.16 31.89 20.10
N CYS F 38 27.61 31.43 21.23
CA CYS F 38 26.37 31.98 21.77
C CYS F 38 26.65 32.54 23.16
N LEU F 39 26.36 33.84 23.35
CA LEU F 39 26.54 34.51 24.63
C LEU F 39 25.18 34.64 25.32
N LEU F 40 25.00 33.95 26.44
CA LEU F 40 23.74 33.87 27.16
C LEU F 40 23.68 34.92 28.27
N HIS F 41 22.72 35.83 28.17
CA HIS F 41 22.63 36.97 29.07
C HIS F 41 21.73 36.67 30.26
N ASP F 42 21.39 37.71 31.01
CA ASP F 42 20.52 37.61 32.19
C ASP F 42 19.07 37.89 31.84
N ASP F 43 18.64 37.53 30.63
CA ASP F 43 17.22 37.51 30.32
C ASP F 43 16.82 36.24 29.57
N GLY F 44 17.72 35.24 29.51
CA GLY F 44 17.40 33.99 28.85
C GLY F 44 17.48 34.02 27.34
N SER F 45 18.26 34.93 26.77
CA SER F 45 18.39 35.04 25.33
C SER F 45 19.83 34.75 24.90
N GLU F 46 19.97 34.40 23.63
CA GLU F 46 21.27 34.18 23.01
C GLU F 46 21.78 35.45 22.33
N THR F 47 22.99 35.35 21.76
CA THR F 47 23.50 36.36 20.85
C THR F 47 24.53 35.67 19.96
N ALA F 48 24.12 35.34 18.74
CA ALA F 48 24.97 34.56 17.86
C ALA F 48 26.24 35.31 17.50
N VAL F 49 27.34 34.55 17.36
CA VAL F 49 28.64 35.08 16.98
C VAL F 49 29.29 34.05 16.06
N GLU F 50 29.42 34.38 14.79
CA GLU F 50 30.05 33.48 13.81
C GLU F 50 31.55 33.50 14.03
N LEU F 51 32.07 32.50 14.73
CA LEU F 51 33.52 32.31 14.81
C LEU F 51 34.06 32.02 13.42
N ARG F 52 34.82 32.95 12.84
CA ARG F 52 35.23 32.82 11.44
C ARG F 52 36.72 32.62 11.23
N GLU F 53 37.58 33.13 12.11
CA GLU F 53 39.01 32.89 11.96
C GLU F 53 39.31 31.44 12.32
N THR F 54 39.57 30.63 11.30
CA THR F 54 39.89 29.22 11.48
C THR F 54 41.40 29.01 11.50
N ASP F 55 41.85 28.21 12.45
CA ASP F 55 43.24 27.78 12.52
C ASP F 55 43.29 26.37 13.07
N ALA F 56 44.05 25.49 12.43
CA ALA F 56 44.18 24.09 12.84
C ALA F 56 42.82 23.40 12.95
N PHE F 57 41.82 23.94 12.26
CA PHE F 57 40.39 23.59 12.44
C PHE F 57 39.87 24.03 13.80
N VAL F 58 40.59 24.91 14.49
CA VAL F 58 40.11 25.56 15.71
C VAL F 58 39.55 26.91 15.30
N ARG F 59 38.25 26.96 15.05
CA ARG F 59 37.63 28.25 14.81
C ARG F 59 37.65 29.05 16.11
N HIS F 60 37.82 30.35 15.99
CA HIS F 60 37.98 31.20 17.16
C HIS F 60 37.62 32.63 16.81
N ALA F 61 37.44 33.41 17.87
CA ALA F 61 37.27 34.86 17.75
C ALA F 61 37.57 35.48 19.10
N TYR F 62 37.80 36.79 19.09
CA TYR F 62 38.02 37.56 20.30
C TYR F 62 36.98 38.67 20.37
N LEU F 63 36.51 38.93 21.59
CA LEU F 63 35.41 39.85 21.81
C LEU F 63 35.87 41.03 22.64
N PRO F 64 35.50 42.25 22.27
CA PRO F 64 35.90 43.42 23.07
C PRO F 64 35.01 43.59 24.29
N GLY F 65 35.57 43.31 25.46
CA GLY F 65 34.97 43.74 26.71
C GLY F 65 34.31 42.67 27.54
N VAL F 66 34.21 41.42 27.06
CA VAL F 66 33.42 40.42 27.75
C VAL F 66 34.12 40.02 29.04
N MET F 67 33.62 40.55 30.16
CA MET F 67 34.20 40.39 31.49
C MET F 67 34.16 38.91 31.90
N PRO F 68 34.78 38.53 33.01
CA PRO F 68 34.52 37.20 33.56
C PRO F 68 33.15 37.13 34.23
N GLY F 69 32.53 35.97 34.11
CA GLY F 69 31.19 35.75 34.60
C GLY F 69 30.17 35.50 33.50
N GLN F 70 30.54 35.68 32.24
CA GLN F 70 29.61 35.51 31.12
C GLN F 70 29.43 34.03 30.81
N ARG F 71 28.21 33.66 30.45
CA ARG F 71 27.87 32.29 30.13
C ARG F 71 27.89 32.11 28.63
N TYR F 72 28.52 31.02 28.17
CA TYR F 72 28.67 30.78 26.75
C TYR F 72 28.42 29.32 26.39
N GLY F 73 27.98 29.11 25.16
CA GLY F 73 27.89 27.78 24.59
C GLY F 73 28.21 27.83 23.12
N PHE F 74 28.50 26.66 22.56
CA PHE F 74 28.77 26.53 21.14
C PHE F 74 27.64 25.76 20.44
N ARG F 75 27.38 26.16 19.20
CA ARG F 75 26.42 25.46 18.34
C ARG F 75 27.12 25.20 17.00
N VAL F 76 27.54 23.96 16.80
CA VAL F 76 28.21 23.55 15.57
C VAL F 76 27.17 23.12 14.56
N HIS F 77 27.20 23.74 13.38
CA HIS F 77 26.37 23.30 12.26
C HIS F 77 27.16 22.28 11.45
N GLY F 78 26.63 21.07 11.34
CA GLY F 78 27.29 20.01 10.62
C GLY F 78 26.32 18.99 10.09
N PRO F 79 26.82 18.00 9.37
CA PRO F 79 25.96 16.93 8.88
C PRO F 79 25.63 15.95 10.00
N TYR F 80 24.33 15.71 10.20
CA TYR F 80 23.88 14.58 11.02
C TYR F 80 23.80 13.37 10.11
N ALA F 81 24.68 12.40 10.33
CA ALA F 81 24.76 11.22 9.47
C ALA F 81 25.35 10.06 10.26
N PRO F 82 24.52 9.22 10.88
CA PRO F 82 25.05 8.11 11.68
C PRO F 82 25.81 7.08 10.87
N GLU F 83 25.55 7.00 9.57
CA GLU F 83 26.24 6.03 8.72
C GLU F 83 27.74 6.25 8.73
N ARG F 84 28.16 7.51 8.86
CA ARG F 84 29.56 7.86 9.05
C ARG F 84 29.79 8.53 10.40
N GLY F 85 28.90 8.30 11.36
CA GLY F 85 29.14 8.69 12.73
C GLY F 85 29.23 10.18 12.99
N LEU F 86 28.78 11.01 12.05
CA LEU F 86 28.73 12.45 12.27
C LEU F 86 27.43 12.78 12.99
N ARG F 87 27.54 13.20 14.25
CA ARG F 87 26.38 13.64 15.03
C ARG F 87 26.45 15.12 15.34
N CYS F 88 27.01 15.92 14.43
CA CYS F 88 27.02 17.36 14.61
C CYS F 88 25.59 17.90 14.54
N ASN F 89 25.22 18.66 15.57
CA ASN F 89 23.86 19.16 15.72
C ASN F 89 23.91 20.65 15.99
N ALA F 90 23.33 21.43 15.08
CA ALA F 90 23.20 22.87 15.31
C ALA F 90 22.27 23.17 16.47
N ALA F 91 21.35 22.26 16.80
CA ALA F 91 20.31 22.59 17.75
C ALA F 91 20.83 22.61 19.17
N LYS F 92 21.67 21.65 19.55
CA LYS F 92 22.10 21.54 20.93
C LYS F 92 23.19 22.55 21.26
N LEU F 93 23.08 23.14 22.45
CA LEU F 93 24.01 24.16 22.93
C LEU F 93 25.19 23.43 23.56
N LEU F 94 26.28 23.28 22.80
CA LEU F 94 27.40 22.49 23.25
C LEU F 94 28.06 23.13 24.46
N LEU F 95 28.90 22.34 25.13
CA LEU F 95 29.75 22.83 26.20
C LEU F 95 31.20 22.82 25.75
N ASP F 96 31.91 23.87 26.10
CA ASP F 96 33.33 23.99 25.84
C ASP F 96 34.06 23.02 26.77
N PRO F 97 34.64 21.93 26.27
CA PRO F 97 35.30 20.98 27.18
C PRO F 97 36.48 21.60 27.92
N TYR F 98 37.01 22.71 27.42
CA TYR F 98 38.04 23.48 28.12
C TYR F 98 37.44 24.51 29.08
N ALA F 99 36.20 24.31 29.53
CA ALA F 99 35.50 25.31 30.34
C ALA F 99 36.00 25.28 31.77
N ARG F 100 36.39 26.44 32.28
CA ARG F 100 37.02 26.54 33.59
C ARG F 100 36.03 26.81 34.72
N ALA F 101 34.72 26.91 34.44
CA ALA F 101 33.66 26.90 35.45
C ALA F 101 32.28 26.82 34.81
N VAL F 102 31.43 25.90 35.27
CA VAL F 102 30.15 25.62 34.62
C VAL F 102 29.02 25.71 35.65
N SER F 103 27.91 26.33 35.24
CA SER F 103 26.77 26.60 36.10
C SER F 103 25.54 25.84 35.61
N GLY F 104 24.78 25.32 36.55
CA GLY F 104 23.50 24.68 36.26
C GLY F 104 23.58 23.17 36.28
N ARG F 105 22.44 22.54 36.61
CA ARG F 105 22.28 21.11 36.48
C ARG F 105 21.47 20.83 35.22
N VAL F 106 21.69 19.66 34.63
CA VAL F 106 20.98 19.29 33.40
C VAL F 106 19.56 18.90 33.79
N ARG F 107 18.65 19.87 33.71
CA ARG F 107 17.23 19.63 33.88
C ARG F 107 16.77 18.70 32.76
N TRP F 108 16.47 17.45 33.11
CA TRP F 108 16.37 16.39 32.11
C TRP F 108 15.04 16.45 31.35
N GLY F 109 15.01 15.72 30.25
CA GLY F 109 13.87 15.71 29.36
C GLY F 109 14.31 15.28 27.97
N GLU F 110 13.50 15.70 26.99
CA GLU F 110 13.67 15.27 25.61
C GLU F 110 14.58 16.15 24.79
N ALA F 111 14.84 17.38 25.23
CA ALA F 111 15.48 18.37 24.36
C ALA F 111 16.98 18.26 24.29
N VAL F 112 17.62 17.57 25.24
CA VAL F 112 19.08 17.51 25.32
C VAL F 112 19.64 16.26 24.65
N TYR F 113 18.81 15.53 23.90
CA TYR F 113 19.21 14.21 23.45
C TYR F 113 19.75 14.17 22.03
N GLY F 114 19.44 15.16 21.19
CA GLY F 114 20.03 15.25 19.86
C GLY F 114 19.37 14.39 18.81
N TYR F 115 18.74 13.30 19.23
CA TYR F 115 17.89 12.49 18.39
C TYR F 115 16.52 12.41 19.06
N PRO F 116 15.46 12.13 18.31
CA PRO F 116 14.15 11.96 18.94
C PRO F 116 13.98 10.56 19.51
N PHE F 117 13.24 10.48 20.62
CA PHE F 117 13.07 9.18 21.29
C PHE F 117 12.44 8.13 20.38
N GLY F 118 11.81 8.54 19.28
CA GLY F 118 11.27 7.58 18.35
C GLY F 118 12.37 6.81 17.62
N ARG F 119 13.36 7.53 17.10
CA ARG F 119 14.29 6.95 16.14
C ARG F 119 15.72 7.38 16.45
N PRO F 120 16.60 6.47 16.86
CA PRO F 120 18.00 6.88 17.10
C PRO F 120 18.71 7.29 15.82
N ASP F 121 18.40 6.62 14.71
CA ASP F 121 19.00 6.98 13.44
C ASP F 121 18.46 8.29 12.90
N ALA F 122 17.40 8.83 13.48
CA ALA F 122 16.90 10.14 13.09
C ALA F 122 17.65 11.22 13.86
N ARG F 123 17.32 12.47 13.55
CA ARG F 123 17.97 13.64 14.13
C ARG F 123 16.90 14.52 14.75
N ASN F 124 17.27 15.19 15.85
CA ASN F 124 16.34 16.01 16.61
C ASN F 124 16.74 17.47 16.51
N ASP F 125 15.74 18.33 16.36
CA ASP F 125 15.95 19.76 16.15
C ASP F 125 15.18 20.55 17.19
N LEU F 126 15.29 20.13 18.45
CA LEU F 126 14.80 20.89 19.59
C LEU F 126 15.89 21.85 20.06
N ASP F 127 15.46 22.92 20.72
CA ASP F 127 16.42 23.80 21.36
C ASP F 127 16.88 23.18 22.66
N SER F 128 18.19 23.28 22.92
CA SER F 128 18.79 22.63 24.07
C SER F 128 19.10 23.58 25.22
N ALA F 129 18.94 24.88 25.01
CA ALA F 129 19.50 25.86 25.95
C ALA F 129 18.83 25.80 27.32
N PRO F 130 17.49 25.91 27.45
CA PRO F 130 16.91 26.12 28.78
C PRO F 130 17.10 24.96 29.75
N ASP F 131 17.76 23.88 29.31
CA ASP F 131 17.91 22.69 30.16
C ASP F 131 19.37 22.28 30.34
N THR F 132 20.19 22.49 29.31
CA THR F 132 21.58 22.08 29.34
C THR F 132 22.36 22.94 30.33
N MET F 133 23.58 22.51 30.64
CA MET F 133 24.54 23.33 31.36
C MET F 133 25.04 24.46 30.45
N THR F 134 25.92 25.30 31.00
CA THR F 134 26.41 26.46 30.28
C THR F 134 27.82 26.77 30.74
N SER F 135 28.79 26.65 29.85
CA SER F 135 30.16 27.06 30.14
C SER F 135 30.21 28.54 30.50
N VAL F 136 31.12 28.91 31.41
CA VAL F 136 31.22 30.27 31.94
C VAL F 136 32.67 30.73 31.93
N VAL F 137 32.88 31.99 31.53
CA VAL F 137 34.21 32.59 31.43
C VAL F 137 34.73 32.90 32.83
N VAL F 138 36.04 32.70 33.03
CA VAL F 138 36.65 32.74 34.36
C VAL F 138 37.87 33.67 34.37
N ASN F 139 37.99 34.46 35.44
CA ASN F 139 39.16 35.26 35.76
C ASN F 139 40.21 34.39 36.45
N PRO F 140 41.36 34.15 35.80
CA PRO F 140 42.35 33.21 36.37
C PRO F 140 43.18 33.77 37.50
N TYR F 141 43.16 35.08 37.72
CA TYR F 141 43.87 35.70 38.83
C TYR F 141 43.48 35.03 40.14
N PHE F 142 44.49 34.78 40.98
CA PHE F 142 44.27 34.41 42.36
C PHE F 142 45.51 34.80 43.15
N ASP F 143 45.31 35.06 44.44
CA ASP F 143 46.39 35.51 45.31
C ASP F 143 46.72 34.37 46.27
N TRP F 144 47.60 33.48 45.84
CA TRP F 144 48.18 32.48 46.73
C TRP F 144 49.43 33.12 47.32
N GLY F 145 49.33 33.63 48.55
CA GLY F 145 50.47 34.31 49.13
C GLY F 145 51.59 33.37 49.51
N ASP F 146 51.42 32.61 50.58
CA ASP F 146 52.32 31.51 50.92
C ASP F 146 51.63 30.19 50.59
N ASP F 147 51.53 29.88 49.30
CA ASP F 147 51.12 28.54 48.90
C ASP F 147 52.36 27.70 48.58
N ARG F 148 53.25 27.65 49.56
CA ARG F 148 54.40 26.77 49.49
C ARG F 148 53.92 25.33 49.31
N ARG F 149 54.27 24.74 48.18
CA ARG F 149 53.72 23.43 47.84
C ARG F 149 54.23 22.37 48.81
N PRO F 150 53.35 21.62 49.45
CA PRO F 150 53.80 20.60 50.40
C PRO F 150 54.36 19.39 49.68
N ARG F 151 55.66 19.44 49.34
CA ARG F 151 56.27 18.31 48.64
C ARG F 151 56.54 17.18 49.62
N THR F 152 55.49 16.74 50.31
CA THR F 152 55.54 15.57 51.19
C THR F 152 56.18 14.39 50.48
N GLU F 153 57.18 13.80 51.10
CA GLU F 153 57.94 12.73 50.48
C GLU F 153 57.15 11.42 50.59
N TYR F 154 57.38 10.54 49.61
CA TYR F 154 56.43 9.47 49.34
C TYR F 154 56.32 8.52 50.52
N HIS F 155 57.44 8.27 51.21
CA HIS F 155 57.40 7.38 52.37
C HIS F 155 56.74 8.04 53.57
N HIS F 156 56.88 9.36 53.70
CA HIS F 156 56.16 10.14 54.73
C HIS F 156 54.68 10.30 54.42
N THR F 157 54.11 9.68 53.39
CA THR F 157 52.76 9.97 52.97
C THR F 157 51.76 9.10 53.73
N VAL F 158 50.63 9.72 54.08
CA VAL F 158 49.51 9.06 54.74
C VAL F 158 48.25 9.56 54.02
N ILE F 159 47.60 8.68 53.27
CA ILE F 159 46.56 9.08 52.32
C ILE F 159 45.20 9.03 52.99
N TYR F 160 44.36 10.05 52.74
CA TYR F 160 42.99 10.10 53.23
C TYR F 160 42.04 10.38 52.06
N GLU F 161 41.17 9.42 51.76
CA GLU F 161 40.20 9.54 50.67
C GLU F 161 38.83 9.91 51.21
N ALA F 162 38.24 10.97 50.66
CA ALA F 162 36.96 11.46 51.15
C ALA F 162 36.20 12.09 49.98
N HIS F 163 35.00 12.60 50.29
CA HIS F 163 34.20 13.34 49.33
C HIS F 163 33.86 14.73 49.86
N VAL F 164 33.68 15.66 48.92
CA VAL F 164 33.52 17.07 49.28
C VAL F 164 32.19 17.31 49.97
N LYS F 165 31.18 16.50 49.64
CA LYS F 165 29.86 16.62 50.27
C LYS F 165 29.67 15.62 51.39
N GLY F 166 30.27 14.43 51.31
CA GLY F 166 30.03 13.41 52.30
C GLY F 166 30.71 13.63 53.62
N LEU F 167 31.88 14.28 53.62
CA LEU F 167 32.56 14.64 54.85
C LEU F 167 31.73 15.60 55.69
N THR F 168 31.52 16.82 55.17
CA THR F 168 31.14 17.96 55.98
C THR F 168 29.67 18.31 55.89
N MET F 169 28.83 17.45 55.31
CA MET F 169 27.39 17.72 55.33
C MET F 169 26.79 17.50 56.70
N LEU F 170 27.44 16.71 57.55
CA LEU F 170 26.95 16.37 58.88
C LEU F 170 27.96 16.73 59.96
N HIS F 171 28.59 17.88 59.83
CA HIS F 171 29.52 18.35 60.84
C HIS F 171 28.80 19.33 61.74
N PRO F 172 28.60 19.03 63.03
CA PRO F 172 27.92 20.00 63.90
C PRO F 172 28.87 21.10 64.35
N ASP F 173 29.68 21.58 63.41
CA ASP F 173 30.66 22.62 63.67
C ASP F 173 30.71 23.70 62.60
N LEU F 174 30.23 23.41 61.34
CA LEU F 174 30.15 24.29 60.18
C LEU F 174 28.77 24.94 60.11
N PRO F 175 28.67 26.16 59.60
CA PRO F 175 27.35 26.68 59.24
C PRO F 175 26.78 25.93 58.05
N GLU F 176 25.45 25.96 57.94
CA GLU F 176 24.76 25.27 56.85
C GLU F 176 25.23 25.75 55.48
N GLU F 177 25.75 26.98 55.40
CA GLU F 177 26.31 27.48 54.14
C GLU F 177 27.39 26.54 53.63
N LEU F 178 28.35 26.22 54.48
CA LEU F 178 29.55 25.49 54.11
C LEU F 178 29.38 23.98 54.19
N ARG F 179 28.28 23.50 54.77
CA ARG F 179 28.11 22.07 55.06
C ARG F 179 28.07 21.27 53.76
N GLY F 180 29.10 20.48 53.52
CA GLY F 180 29.16 19.64 52.35
C GLY F 180 29.60 20.36 51.10
N THR F 181 30.60 21.23 51.20
CA THR F 181 31.04 22.06 50.09
C THR F 181 32.56 22.18 50.09
N TYR F 182 33.11 22.70 48.99
CA TYR F 182 34.56 22.91 48.90
C TYR F 182 35.08 23.73 50.07
N ALA F 183 34.50 24.91 50.28
CA ALA F 183 35.02 25.81 51.30
C ALA F 183 34.89 25.20 52.69
N GLY F 184 33.75 24.57 52.98
CA GLY F 184 33.58 23.91 54.27
C GLY F 184 34.60 22.82 54.49
N LEU F 185 35.00 22.13 53.41
CA LEU F 185 36.12 21.20 53.44
C LEU F 185 37.40 21.85 53.94
N ALA F 186 37.51 23.17 53.89
CA ALA F 186 38.68 23.90 54.35
C ALA F 186 38.45 24.62 55.67
N HIS F 187 37.40 24.27 56.40
CA HIS F 187 37.09 24.90 57.67
C HIS F 187 38.13 24.51 58.73
N PRO F 188 38.39 25.38 59.72
CA PRO F 188 39.45 25.10 60.70
C PRO F 188 39.35 23.78 61.45
N SER F 189 38.23 23.50 62.12
CA SER F 189 38.12 22.24 62.85
C SER F 189 38.21 21.03 61.94
N VAL F 190 37.93 21.22 60.64
CA VAL F 190 38.04 20.12 59.69
C VAL F 190 39.51 19.78 59.44
N ILE F 191 40.29 20.76 58.98
CA ILE F 191 41.72 20.55 58.78
C ILE F 191 42.41 20.13 60.07
N GLY F 192 41.82 20.47 61.22
CA GLY F 192 42.33 19.97 62.48
C GLY F 192 42.10 18.49 62.67
N HIS F 193 40.97 17.97 62.19
CA HIS F 193 40.74 16.53 62.22
C HIS F 193 41.80 15.79 61.41
N LEU F 194 42.26 16.39 60.31
CA LEU F 194 43.26 15.75 59.49
C LEU F 194 44.66 15.94 60.05
N ARG F 195 44.99 17.17 60.47
CA ARG F 195 46.28 17.46 61.07
C ARG F 195 46.57 16.52 62.24
N GLU F 196 45.62 16.41 63.17
CA GLU F 196 45.77 15.48 64.29
C GLU F 196 45.91 14.04 63.79
N LEU F 197 45.01 13.64 62.88
CA LEU F 197 45.12 12.33 62.27
C LEU F 197 46.38 12.21 61.42
N GLY F 198 47.12 13.30 61.24
CA GLY F 198 48.40 13.29 60.57
C GLY F 198 48.33 12.80 59.15
N VAL F 199 47.36 13.30 58.38
CA VAL F 199 47.22 12.89 56.98
C VAL F 199 48.00 13.89 56.14
N THR F 200 48.90 13.38 55.31
CA THR F 200 49.77 14.28 54.55
C THR F 200 49.20 14.60 53.19
N ALA F 201 48.19 13.88 52.73
CA ALA F 201 47.70 14.08 51.36
C ALA F 201 46.25 13.65 51.29
N LEU F 202 45.35 14.61 51.12
CA LEU F 202 43.93 14.33 50.98
C LEU F 202 43.65 13.93 49.54
N GLU F 203 43.02 12.78 49.34
CA GLU F 203 42.70 12.26 48.02
C GLU F 203 41.21 12.47 47.76
N LEU F 204 40.86 13.64 47.22
CA LEU F 204 39.47 13.97 46.98
C LEU F 204 38.86 13.03 45.94
N MET F 205 37.56 12.78 46.09
CA MET F 205 36.82 12.02 45.09
C MET F 205 36.58 12.93 43.89
N PRO F 206 36.13 12.38 42.75
CA PRO F 206 36.10 13.18 41.52
C PRO F 206 35.41 14.52 41.70
N VAL F 207 36.13 15.58 41.34
CA VAL F 207 35.64 16.94 41.52
C VAL F 207 35.41 17.66 40.20
N HIS F 208 35.86 17.12 39.08
CA HIS F 208 35.46 17.64 37.77
C HIS F 208 33.94 17.65 37.67
N GLN F 209 33.39 18.65 36.97
CA GLN F 209 31.94 18.71 36.83
C GLN F 209 31.38 17.49 36.11
N PHE F 210 30.68 16.66 36.86
CA PHE F 210 30.06 15.45 36.34
C PHE F 210 28.62 15.78 35.93
N VAL F 211 27.82 14.76 35.63
CA VAL F 211 26.40 14.95 35.35
C VAL F 211 25.60 13.85 36.02
N ASN F 212 24.42 14.22 36.55
CA ASN F 212 23.49 13.27 37.13
C ASN F 212 22.78 12.49 36.04
N ASP F 213 22.71 11.17 36.21
CA ASP F 213 22.21 10.30 35.14
C ASP F 213 20.69 10.43 35.02
N HIS F 214 20.20 10.52 33.78
CA HIS F 214 18.76 10.55 33.53
C HIS F 214 18.09 9.33 34.13
N ARG F 215 18.64 8.14 33.89
CA ARG F 215 18.04 6.92 34.40
C ARG F 215 18.08 6.87 35.92
N LEU F 216 18.91 7.69 36.56
CA LEU F 216 19.08 7.71 38.01
C LEU F 216 18.25 8.76 38.71
N VAL F 217 18.26 10.01 38.22
CA VAL F 217 17.47 11.05 38.87
C VAL F 217 15.99 10.69 38.79
N ASP F 218 15.58 10.08 37.70
CA ASP F 218 14.23 9.52 37.64
C ASP F 218 14.17 8.17 38.34
N ALA F 219 14.81 8.09 39.50
CA ALA F 219 14.74 6.91 40.35
C ALA F 219 14.80 7.27 41.83
N GLY F 220 14.62 8.53 42.19
CA GLY F 220 14.74 9.01 43.55
C GLY F 220 16.14 9.42 43.93
N LEU F 221 17.12 8.67 43.46
CA LEU F 221 18.51 8.87 43.83
C LEU F 221 19.16 9.84 42.85
N SER F 222 20.49 9.92 42.91
CA SER F 222 21.27 10.77 42.03
C SER F 222 22.61 10.10 41.81
N ASN F 223 23.48 10.75 41.04
CA ASN F 223 24.85 10.28 40.86
C ASN F 223 25.71 10.94 41.95
N TYR F 224 26.12 10.15 42.94
CA TYR F 224 26.76 10.75 44.12
C TYR F 224 28.27 10.74 44.05
N TRP F 225 28.90 9.60 43.73
CA TRP F 225 30.35 9.56 43.66
C TRP F 225 30.90 10.53 42.61
N GLY F 226 30.31 10.55 41.42
CA GLY F 226 30.70 11.49 40.41
C GLY F 226 31.72 10.99 39.41
N TYR F 227 31.72 9.71 39.08
CA TYR F 227 32.55 9.21 37.99
C TYR F 227 31.83 9.32 36.66
N ASN F 228 31.30 10.51 36.37
CA ASN F 228 30.65 10.70 35.08
C ASN F 228 30.76 12.17 34.68
N THR F 229 31.90 12.52 34.07
CA THR F 229 32.33 13.91 33.92
C THR F 229 32.24 14.39 32.48
N ILE F 230 31.92 15.68 32.31
CA ILE F 230 32.00 16.32 31.00
C ILE F 230 33.05 17.41 30.95
N GLY F 231 33.31 18.11 32.04
CA GLY F 231 34.36 19.12 32.02
C GLY F 231 35.49 18.80 32.96
N PHE F 232 36.61 18.38 32.40
CA PHE F 232 37.80 18.09 33.18
C PHE F 232 38.57 19.34 33.54
N PHE F 233 37.94 20.51 33.38
CA PHE F 233 38.60 21.78 33.58
C PHE F 233 37.84 22.66 34.57
N ALA F 234 36.76 22.16 35.16
CA ALA F 234 35.87 22.92 36.04
C ALA F 234 35.67 22.20 37.37
N PRO F 235 35.68 22.93 38.49
CA PRO F 235 35.16 22.36 39.73
C PRO F 235 33.65 22.22 39.69
N HIS F 236 33.15 21.15 40.30
CA HIS F 236 31.73 20.83 40.24
C HIS F 236 30.88 21.89 40.93
N ASN F 237 29.78 22.25 40.28
CA ASN F 237 29.01 23.42 40.69
C ASN F 237 28.27 23.19 42.02
N ALA F 238 27.95 21.94 42.36
CA ALA F 238 27.14 21.67 43.53
C ALA F 238 27.91 21.77 44.83
N TYR F 239 29.24 21.61 44.79
CA TYR F 239 30.05 21.60 46.01
C TYR F 239 30.56 22.99 46.38
N ALA F 240 30.02 24.04 45.76
CA ALA F 240 30.49 25.41 45.99
C ALA F 240 29.39 26.22 46.65
N SER F 241 29.63 26.69 47.86
CA SER F 241 28.64 27.47 48.58
C SER F 241 28.58 28.92 48.11
N TRP F 242 29.47 29.33 47.21
CA TRP F 242 29.58 30.74 46.85
C TRP F 242 28.87 31.06 45.55
N GLY F 243 28.05 30.15 45.04
CA GLY F 243 27.44 30.27 43.74
C GLY F 243 28.19 29.48 42.69
N ASP F 244 27.59 29.40 41.49
CA ASP F 244 28.14 28.57 40.43
C ASP F 244 28.53 29.32 39.16
N ARG F 245 28.48 30.65 39.16
CA ARG F 245 28.93 31.42 38.00
C ARG F 245 30.40 31.80 38.14
N GLY F 246 31.24 30.78 38.25
CA GLY F 246 32.66 30.98 38.41
C GLY F 246 33.11 31.05 39.85
N GLN F 247 32.21 31.36 40.78
CA GLN F 247 32.55 31.38 42.19
C GLN F 247 33.10 30.03 42.67
N GLN F 248 32.93 28.97 41.87
CA GLN F 248 33.39 27.64 42.24
C GLN F 248 34.91 27.53 42.13
N VAL F 249 35.50 28.09 41.07
CA VAL F 249 36.95 28.01 40.92
C VAL F 249 37.64 28.93 41.90
N LEU F 250 36.95 29.98 42.34
CA LEU F 250 37.49 30.80 43.42
C LEU F 250 37.34 30.10 44.76
N GLU F 251 36.30 29.27 44.92
CA GLU F 251 36.22 28.37 46.06
C GLU F 251 37.40 27.41 46.10
N PHE F 252 37.51 26.55 45.08
CA PHE F 252 38.46 25.45 45.12
C PHE F 252 39.88 25.94 45.37
N LYS F 253 40.28 27.01 44.68
CA LYS F 253 41.63 27.54 44.86
C LYS F 253 41.85 27.97 46.30
N SER F 254 40.89 28.70 46.88
CA SER F 254 41.02 29.11 48.28
C SER F 254 41.03 27.91 49.22
N ALA F 255 40.48 26.78 48.80
CA ALA F 255 40.52 25.58 49.63
C ALA F 255 41.89 24.94 49.61
N VAL F 256 42.48 24.80 48.42
CA VAL F 256 43.84 24.26 48.29
C VAL F 256 44.79 25.05 49.18
N ARG F 257 44.68 26.38 49.15
CA ARG F 257 45.56 27.22 49.98
C ARG F 257 45.28 27.07 51.47
N ALA F 258 44.07 26.65 51.86
CA ALA F 258 43.80 26.38 53.26
C ALA F 258 44.37 25.03 53.68
N LEU F 259 44.41 24.06 52.75
CA LEU F 259 44.99 22.75 53.05
C LEU F 259 46.51 22.78 52.97
N HIS F 260 47.07 23.56 52.04
CA HIS F 260 48.52 23.71 51.99
C HIS F 260 49.08 24.40 53.22
N GLN F 261 48.30 25.30 53.83
CA GLN F 261 48.79 25.99 55.02
C GLN F 261 48.84 25.09 56.24
N ALA F 262 48.17 23.93 56.18
CA ALA F 262 48.39 22.85 57.14
C ALA F 262 49.29 21.76 56.58
N GLY F 263 49.97 22.02 55.47
CA GLY F 263 50.91 21.07 54.91
C GLY F 263 50.29 19.87 54.23
N ILE F 264 49.03 19.98 53.82
CA ILE F 264 48.27 18.85 53.29
C ILE F 264 48.25 18.92 51.77
N GLU F 265 48.69 17.85 51.13
CA GLU F 265 48.62 17.74 49.69
C GLU F 265 47.19 17.49 49.24
N VAL F 266 46.87 17.93 48.02
CA VAL F 266 45.60 17.60 47.38
C VAL F 266 45.89 16.69 46.20
N ILE F 267 45.33 15.48 46.26
CA ILE F 267 45.33 14.53 45.17
C ILE F 267 43.88 14.30 44.82
N LEU F 268 43.51 14.44 43.55
CA LEU F 268 42.10 14.29 43.23
C LEU F 268 41.87 13.16 42.25
N ASP F 269 40.60 12.82 42.09
CA ASP F 269 40.17 11.66 41.33
C ASP F 269 39.75 12.11 39.93
N VAL F 270 40.46 11.62 38.93
CA VAL F 270 40.22 11.98 37.54
C VAL F 270 39.54 10.80 36.84
N VAL F 271 38.57 11.12 35.98
CA VAL F 271 37.76 10.10 35.31
C VAL F 271 37.89 10.35 33.81
N TYR F 272 38.89 9.73 33.18
CA TYR F 272 39.15 9.89 31.76
C TYR F 272 38.75 8.66 30.93
N ASN F 273 38.40 7.56 31.59
CA ASN F 273 38.09 6.32 30.90
C ASN F 273 36.70 6.31 30.27
N HIS F 274 35.86 7.28 30.60
CA HIS F 274 34.53 7.36 30.01
C HIS F 274 33.96 8.74 30.25
N THR F 275 33.12 9.19 29.32
CA THR F 275 32.56 10.53 29.34
C THR F 275 31.05 10.46 29.53
N ALA F 276 30.51 11.46 30.25
CA ALA F 276 29.11 11.47 30.67
C ALA F 276 28.11 11.37 29.52
N GLU F 277 28.55 11.47 28.28
CA GLU F 277 27.64 11.34 27.15
C GLU F 277 27.29 9.90 26.81
N GLY F 278 27.90 8.93 27.49
CA GLY F 278 27.64 7.51 27.34
C GLY F 278 27.75 7.07 25.90
N ASN F 279 26.95 6.08 25.52
CA ASN F 279 26.90 5.63 24.15
C ASN F 279 25.97 6.55 23.35
N HIS F 280 25.61 6.12 22.15
CA HIS F 280 24.53 6.78 21.43
C HIS F 280 23.24 6.51 22.18
N LEU F 281 22.13 7.07 21.72
CA LEU F 281 20.87 7.07 22.48
C LEU F 281 21.01 7.89 23.76
N GLY F 282 22.19 8.48 23.99
CA GLY F 282 22.42 9.33 25.13
C GLY F 282 22.40 10.79 24.74
N PRO F 283 22.69 11.67 25.70
CA PRO F 283 22.53 13.10 25.45
C PRO F 283 23.61 13.64 24.53
N THR F 284 23.41 14.89 24.11
CA THR F 284 24.39 15.64 23.32
C THR F 284 24.70 16.90 24.12
N LEU F 285 25.80 16.87 24.87
CA LEU F 285 26.16 17.96 25.77
C LEU F 285 27.44 18.67 25.35
N SER F 286 28.56 17.96 25.31
CA SER F 286 29.86 18.62 25.14
C SER F 286 30.59 18.18 23.87
N MET F 287 30.88 16.89 23.72
CA MET F 287 31.76 16.44 22.65
C MET F 287 31.02 15.80 21.49
N ARG F 288 29.72 15.53 21.64
CA ARG F 288 28.95 14.99 20.52
C ARG F 288 28.79 16.04 19.44
N GLY F 289 28.16 17.17 19.77
CA GLY F 289 27.91 18.21 18.81
C GLY F 289 29.15 18.94 18.32
N LEU F 290 30.30 18.76 18.96
CA LEU F 290 31.51 19.40 18.45
C LEU F 290 32.10 18.58 17.31
N ASP F 291 32.63 17.40 17.62
CA ASP F 291 33.24 16.56 16.59
C ASP F 291 33.07 15.11 17.08
N ASN F 292 31.98 14.48 16.67
CA ASN F 292 31.78 13.08 17.03
C ASN F 292 32.94 12.18 16.60
N PRO F 293 33.38 12.19 15.33
CA PRO F 293 34.30 11.13 14.88
C PRO F 293 35.65 11.15 15.57
N SER F 294 36.19 12.31 15.95
CA SER F 294 37.55 12.39 16.46
C SER F 294 37.62 12.73 17.94
N TYR F 295 36.49 12.71 18.66
CA TYR F 295 36.52 12.73 20.12
C TYR F 295 36.28 11.36 20.73
N TYR F 296 35.37 10.57 20.15
CA TYR F 296 35.06 9.23 20.64
C TYR F 296 35.49 8.17 19.64
N ARG F 297 35.94 7.03 20.17
CA ARG F 297 36.26 5.86 19.35
C ARG F 297 34.96 5.09 19.09
N LEU F 298 34.47 5.14 17.85
CA LEU F 298 33.22 4.51 17.50
C LEU F 298 33.45 3.09 16.97
N ALA F 299 32.39 2.28 17.01
CA ALA F 299 32.47 0.91 16.54
C ALA F 299 32.83 0.87 15.05
N ASP F 300 33.11 -0.33 14.55
CA ASP F 300 33.34 -0.49 13.11
C ASP F 300 32.04 -0.55 12.34
N ASP F 301 31.15 0.34 12.71
CA ASP F 301 29.96 0.87 12.08
C ASP F 301 29.77 2.18 12.82
N PRO F 302 30.06 3.30 12.20
CA PRO F 302 30.20 4.56 12.96
C PRO F 302 28.93 5.00 13.67
N ARG F 303 27.88 4.21 13.56
CA ARG F 303 26.64 4.51 14.28
C ARG F 303 26.80 4.35 15.78
N TYR F 304 27.65 3.42 16.23
CA TYR F 304 27.69 2.98 17.62
C TYR F 304 29.05 3.25 18.25
N TYR F 305 29.14 2.97 19.55
CA TYR F 305 30.32 3.22 20.37
C TYR F 305 30.75 1.94 21.06
N MET F 306 32.05 1.84 21.33
CA MET F 306 32.64 0.66 21.96
C MET F 306 32.81 0.89 23.46
N ASP F 307 32.63 -0.18 24.24
CA ASP F 307 32.61 -0.06 25.70
C ASP F 307 33.50 -1.12 26.34
N THR F 308 34.62 -0.68 26.92
CA THR F 308 35.45 -1.48 27.81
C THR F 308 35.16 -1.24 29.27
N THR F 309 34.67 -0.04 29.63
CA THR F 309 34.43 0.36 31.00
C THR F 309 33.06 -0.07 31.54
N GLY F 310 32.21 -0.66 30.70
CA GLY F 310 30.86 -0.96 31.12
C GLY F 310 29.94 0.23 31.25
N THR F 311 30.44 1.45 31.06
CA THR F 311 29.70 2.68 31.34
C THR F 311 29.54 3.55 30.10
N GLY F 312 29.10 2.96 28.99
CA GLY F 312 28.79 3.71 27.79
C GLY F 312 29.84 3.78 26.70
N ASN F 313 30.96 4.47 26.90
CA ASN F 313 31.85 4.71 25.76
C ASN F 313 33.30 4.91 26.23
N SER F 314 34.12 5.44 25.33
CA SER F 314 35.56 5.53 25.49
C SER F 314 36.08 6.61 24.56
N LEU F 315 37.06 7.38 25.02
CA LEU F 315 37.67 8.42 24.22
C LEU F 315 38.73 7.86 23.29
N LEU F 316 38.85 8.45 22.10
CA LEU F 316 39.89 8.06 21.15
C LEU F 316 41.23 8.58 21.66
N MET F 317 42.08 7.68 22.13
CA MET F 317 43.38 8.11 22.63
C MET F 317 44.35 8.51 21.52
N ARG F 318 44.00 8.28 20.26
CA ARG F 318 44.91 8.59 19.16
C ARG F 318 44.71 9.98 18.56
N SER F 319 43.55 10.61 18.78
CA SER F 319 43.26 11.89 18.14
C SER F 319 44.03 13.01 18.85
N PRO F 320 44.89 13.74 18.13
CA PRO F 320 45.88 14.61 18.81
C PRO F 320 45.28 15.70 19.69
N HIS F 321 43.99 15.98 19.57
CA HIS F 321 43.35 16.95 20.45
C HIS F 321 42.72 16.31 21.68
N VAL F 322 42.64 14.97 21.72
CA VAL F 322 42.27 14.29 22.95
C VAL F 322 43.45 14.26 23.90
N LEU F 323 44.66 13.93 23.41
CA LEU F 323 45.86 14.01 24.23
C LEU F 323 46.02 15.39 24.83
N GLN F 324 45.74 16.43 24.06
CA GLN F 324 45.74 17.78 24.60
C GLN F 324 44.81 17.86 25.80
N LEU F 325 43.52 17.56 25.60
CA LEU F 325 42.53 17.65 26.67
C LEU F 325 42.84 16.77 27.88
N ILE F 326 43.75 15.78 27.76
CA ILE F 326 44.14 15.02 28.95
C ILE F 326 45.38 15.67 29.57
N MET F 327 46.47 15.77 28.80
CA MET F 327 47.68 16.39 29.31
C MET F 327 47.46 17.85 29.66
N ASP F 328 46.61 18.56 28.92
CA ASP F 328 46.27 19.93 29.28
C ASP F 328 45.34 19.97 30.49
N SER F 329 44.50 18.95 30.67
CA SER F 329 43.68 18.87 31.87
C SER F 329 44.50 18.52 33.10
N LEU F 330 45.44 17.58 32.95
CA LEU F 330 46.35 17.27 34.03
C LEU F 330 47.14 18.50 34.44
N ARG F 331 47.68 19.22 33.46
CA ARG F 331 48.56 20.35 33.75
C ARG F 331 47.81 21.55 34.32
N TYR F 332 46.55 21.75 33.94
CA TYR F 332 45.78 22.87 34.49
C TYR F 332 45.58 22.72 35.99
N TRP F 333 45.28 21.50 36.45
CA TRP F 333 45.03 21.32 37.88
C TRP F 333 46.33 21.37 38.68
N VAL F 334 47.45 20.92 38.11
CA VAL F 334 48.70 20.96 38.87
C VAL F 334 49.25 22.38 38.97
N THR F 335 49.35 23.08 37.84
CA THR F 335 49.94 24.42 37.88
C THR F 335 48.92 25.47 38.34
N GLU F 336 47.77 25.55 37.69
CA GLU F 336 46.85 26.65 37.96
C GLU F 336 46.00 26.40 39.20
N MET F 337 45.76 25.13 39.55
CA MET F 337 44.96 24.79 40.72
C MET F 337 45.80 24.31 41.89
N HIS F 338 47.12 24.23 41.73
CA HIS F 338 48.06 23.89 42.79
C HIS F 338 47.85 22.49 43.34
N VAL F 339 47.11 21.64 42.61
CA VAL F 339 46.85 20.28 43.07
C VAL F 339 48.15 19.50 43.10
N ASP F 340 48.28 18.60 44.07
CA ASP F 340 49.54 17.92 44.33
C ASP F 340 49.62 16.53 43.71
N GLY F 341 48.53 16.04 43.12
CA GLY F 341 48.58 14.72 42.51
C GLY F 341 47.23 14.34 41.96
N PHE F 342 47.18 13.16 41.36
CA PHE F 342 45.95 12.62 40.79
C PHE F 342 45.74 11.19 41.23
N ARG F 343 44.48 10.76 41.15
CA ARG F 343 44.13 9.34 41.16
C ARG F 343 43.31 9.03 39.92
N PHE F 344 43.87 8.22 39.04
CA PHE F 344 43.25 7.86 37.78
C PHE F 344 42.24 6.75 38.02
N ASP F 345 40.96 7.05 37.84
CA ASP F 345 39.96 6.01 38.01
C ASP F 345 39.99 5.02 36.86
N LEU F 346 39.72 3.75 37.19
CA LEU F 346 39.78 2.66 36.24
C LEU F 346 41.02 2.77 35.36
N ALA F 347 42.15 3.05 36.01
CA ALA F 347 43.43 3.03 35.31
C ALA F 347 43.61 1.73 34.55
N ALA F 348 43.14 0.63 35.13
CA ALA F 348 43.19 -0.66 34.44
C ALA F 348 42.33 -0.65 33.18
N THR F 349 41.13 -0.07 33.25
CA THR F 349 40.28 -0.01 32.08
C THR F 349 40.78 1.02 31.07
N LEU F 350 41.42 2.09 31.56
CA LEU F 350 41.87 3.15 30.66
C LEU F 350 43.03 2.69 29.79
N ALA F 351 43.80 1.70 30.25
CA ALA F 351 44.93 1.21 29.47
C ALA F 351 44.48 0.37 28.27
N ARG F 352 43.38 -0.38 28.40
CA ARG F 352 42.94 -1.24 27.30
C ARG F 352 42.48 -0.42 26.12
N GLN F 353 41.79 0.69 26.36
CA GLN F 353 41.40 1.60 25.31
C GLN F 353 42.56 2.49 24.85
N PHE F 354 43.66 2.50 25.61
CA PHE F 354 44.85 3.24 25.23
C PHE F 354 45.81 2.38 24.41
N HIS F 355 45.74 1.06 24.59
CA HIS F 355 46.53 0.12 23.81
C HIS F 355 45.86 -0.27 22.50
N GLU F 356 44.53 -0.27 22.46
CA GLU F 356 43.87 -0.53 21.18
C GLU F 356 43.77 0.74 20.34
N VAL F 357 44.86 1.50 20.29
CA VAL F 357 45.18 2.42 19.20
C VAL F 357 46.67 2.27 18.93
N ASP F 358 47.32 1.38 19.69
CA ASP F 358 48.78 1.27 19.75
C ASP F 358 49.41 2.62 20.07
N ARG F 359 48.99 3.18 21.21
CA ARG F 359 49.54 4.44 21.70
C ARG F 359 49.94 4.37 23.16
N LEU F 360 50.09 3.18 23.73
CA LEU F 360 50.28 3.06 25.17
C LEU F 360 51.66 3.55 25.61
N SER F 361 52.73 2.89 25.18
CA SER F 361 54.06 3.33 25.60
C SER F 361 54.36 4.74 25.12
N SER F 362 53.58 5.25 24.16
CA SER F 362 53.74 6.63 23.71
C SER F 362 53.32 7.62 24.79
N PHE F 363 52.16 7.38 25.42
CA PHE F 363 51.70 8.25 26.50
C PHE F 363 52.68 8.26 27.67
N PHE F 364 53.23 7.10 28.02
CA PHE F 364 54.13 7.04 29.16
C PHE F 364 55.44 7.76 28.88
N ASP F 365 55.91 7.71 27.64
CA ASP F 365 56.98 8.64 27.25
C ASP F 365 56.47 10.06 27.24
N LEU F 366 55.21 10.26 26.82
CA LEU F 366 54.62 11.59 26.81
C LEU F 366 54.46 12.14 28.22
N VAL F 367 54.13 11.28 29.19
CA VAL F 367 54.03 11.75 30.57
C VAL F 367 55.42 11.95 31.17
N GLN F 368 56.27 10.92 31.12
CA GLN F 368 57.58 11.01 31.75
C GLN F 368 58.37 12.21 31.25
N GLN F 369 58.26 12.52 29.95
CA GLN F 369 58.97 13.69 29.43
C GLN F 369 58.36 14.99 29.94
N ASP F 370 57.03 15.05 30.07
CA ASP F 370 56.36 16.32 30.30
C ASP F 370 56.76 16.86 31.67
N PRO F 371 57.21 18.11 31.76
CA PRO F 371 57.74 18.59 33.03
C PRO F 371 56.70 18.62 34.15
N VAL F 372 55.46 19.01 33.83
CA VAL F 372 54.49 19.29 34.87
C VAL F 372 53.90 18.00 35.44
N VAL F 373 53.37 17.12 34.59
CA VAL F 373 52.56 16.02 35.11
C VAL F 373 53.41 14.93 35.74
N SER F 374 54.60 14.67 35.20
CA SER F 374 55.38 13.53 35.69
C SER F 374 55.85 13.73 37.12
N GLN F 375 56.18 14.97 37.49
CA GLN F 375 56.80 15.29 38.77
C GLN F 375 55.80 15.40 39.91
N VAL F 376 54.53 15.06 39.68
CA VAL F 376 53.53 15.03 40.74
C VAL F 376 53.04 13.60 40.88
N LYS F 377 52.49 13.32 42.06
CA LYS F 377 52.02 11.96 42.36
C LYS F 377 50.99 11.47 41.36
N LEU F 378 51.36 10.45 40.61
CA LEU F 378 50.44 9.73 39.73
C LEU F 378 50.06 8.41 40.41
N ILE F 379 48.76 8.20 40.62
CA ILE F 379 48.26 7.09 41.41
C ILE F 379 47.17 6.37 40.63
N ALA F 380 47.29 5.05 40.50
CA ALA F 380 46.53 4.28 39.53
C ALA F 380 46.24 2.87 40.01
N GLU F 381 45.89 1.98 39.09
CA GLU F 381 45.61 0.57 39.38
C GLU F 381 46.45 -0.33 38.49
N PRO F 382 46.73 -1.55 38.93
CA PRO F 382 47.39 -2.52 38.06
C PRO F 382 46.48 -3.01 36.95
N TRP F 383 47.10 -3.49 35.87
CA TRP F 383 46.35 -3.90 34.70
C TRP F 383 47.11 -5.00 33.93
N ASP F 384 46.48 -5.45 32.85
CA ASP F 384 46.97 -6.56 32.03
C ASP F 384 46.39 -6.38 30.64
N VAL F 385 47.25 -6.20 29.64
CA VAL F 385 46.85 -5.71 28.33
C VAL F 385 47.34 -6.66 27.24
N GLY F 386 46.42 -7.06 26.36
CA GLY F 386 46.71 -7.84 25.18
C GLY F 386 47.60 -9.04 25.42
N GLU F 387 48.76 -9.04 24.78
CA GLU F 387 49.74 -10.11 24.89
C GLU F 387 50.99 -9.55 25.56
N GLY F 388 51.04 -9.62 26.90
CA GLY F 388 52.26 -9.19 27.58
C GLY F 388 52.18 -8.55 28.95
N GLY F 389 50.99 -8.25 29.46
CA GLY F 389 50.89 -7.76 30.82
C GLY F 389 50.81 -6.25 30.96
N TYR F 390 51.91 -5.62 31.39
CA TYR F 390 51.94 -4.16 31.39
C TYR F 390 52.19 -3.62 29.99
N GLN F 391 53.25 -4.11 29.34
CA GLN F 391 53.62 -3.69 27.99
C GLN F 391 53.90 -2.19 27.91
N VAL F 392 54.64 -1.68 28.89
CA VAL F 392 55.20 -0.34 28.85
C VAL F 392 56.62 -0.39 29.36
N GLY F 393 57.51 0.39 28.74
CA GLY F 393 58.91 0.37 29.07
C GLY F 393 59.23 0.95 30.43
N ASN F 394 58.95 2.24 30.60
CA ASN F 394 59.30 2.97 31.80
C ASN F 394 58.08 3.70 32.35
N PHE F 395 57.77 3.42 33.62
CA PHE F 395 56.73 4.11 34.37
C PHE F 395 57.26 5.42 34.92
N PRO F 396 56.49 6.51 34.83
CA PRO F 396 56.91 7.78 35.43
C PRO F 396 57.37 7.57 36.85
N PRO F 397 58.57 8.03 37.21
CA PRO F 397 59.10 7.64 38.53
C PRO F 397 58.45 8.39 39.68
N LEU F 398 57.13 8.50 39.59
CA LEU F 398 56.25 8.81 40.72
C LEU F 398 54.94 8.05 40.58
N TRP F 399 54.84 7.16 39.58
CA TRP F 399 53.62 6.46 39.20
C TRP F 399 53.42 5.24 40.09
N THR F 400 52.24 5.12 40.69
CA THR F 400 52.01 4.16 41.76
C THR F 400 50.63 3.53 41.63
N GLU F 401 50.46 2.36 42.26
CA GLU F 401 49.29 1.51 42.09
C GLU F 401 48.55 1.29 43.40
N TRP F 402 47.26 0.98 43.28
CA TRP F 402 46.43 0.52 44.40
C TRP F 402 46.56 -0.99 44.53
N ASN F 403 47.07 -1.46 45.67
CA ASN F 403 47.50 -2.84 45.82
C ASN F 403 46.31 -3.78 45.95
N GLY F 404 45.81 -4.27 44.81
CA GLY F 404 44.73 -5.24 44.84
C GLY F 404 45.09 -6.50 45.60
N LYS F 405 46.33 -6.98 45.42
CA LYS F 405 46.80 -8.18 46.07
C LYS F 405 47.25 -7.95 47.51
N TYR F 406 46.80 -6.87 48.13
CA TYR F 406 47.05 -6.61 49.55
C TYR F 406 45.77 -6.60 50.36
N ARG F 407 44.78 -5.79 50.00
CA ARG F 407 43.48 -5.88 50.66
C ARG F 407 42.86 -7.25 50.43
N ASP F 408 43.11 -7.86 49.28
CA ASP F 408 42.59 -9.19 49.00
C ASP F 408 43.30 -10.27 49.80
N CYS F 409 44.42 -9.95 50.44
CA CYS F 409 45.22 -10.94 51.14
C CYS F 409 45.67 -10.45 52.53
N VAL F 410 45.05 -9.39 53.04
CA VAL F 410 45.13 -9.02 54.44
C VAL F 410 43.77 -9.14 55.12
N ARG F 411 42.70 -8.70 54.44
CA ARG F 411 41.36 -9.16 54.80
C ARG F 411 41.34 -10.67 54.94
N ASP F 412 42.09 -11.37 54.07
CA ASP F 412 42.16 -12.82 54.14
C ASP F 412 42.79 -13.31 55.44
N LEU F 413 43.68 -12.51 56.04
CA LEU F 413 44.33 -12.94 57.28
C LEU F 413 43.33 -13.12 58.40
N TRP F 414 42.64 -12.04 58.79
CA TRP F 414 41.72 -12.09 59.92
C TRP F 414 40.34 -12.60 59.56
N ARG F 415 40.09 -12.90 58.29
CA ARG F 415 38.89 -13.62 57.89
C ARG F 415 39.10 -15.12 58.02
N GLY F 416 40.16 -15.53 58.69
CA GLY F 416 40.43 -16.94 58.89
C GLY F 416 41.25 -17.55 57.77
N GLU F 417 40.63 -17.72 56.60
CA GLU F 417 41.24 -18.45 55.49
C GLU F 417 42.56 -17.78 55.10
N PRO F 418 43.71 -18.38 55.44
CA PRO F 418 45.00 -17.69 55.31
C PRO F 418 45.72 -17.92 53.99
N ARG F 419 46.78 -17.15 53.75
CA ARG F 419 47.52 -17.20 52.50
C ARG F 419 48.98 -17.59 52.75
N THR F 420 49.72 -17.75 51.65
CA THR F 420 51.13 -18.12 51.73
C THR F 420 51.90 -17.10 52.55
N LEU F 421 52.69 -17.59 53.51
CA LEU F 421 53.47 -16.66 54.32
C LEU F 421 54.49 -15.91 53.47
N ALA F 422 55.05 -16.56 52.45
CA ALA F 422 55.91 -15.85 51.51
C ALA F 422 55.17 -14.69 50.86
N GLU F 423 53.90 -14.90 50.51
CA GLU F 423 53.10 -13.81 49.96
C GLU F 423 52.83 -12.74 51.00
N PHE F 424 52.36 -13.13 52.18
CA PHE F 424 52.03 -12.13 53.18
C PHE F 424 53.28 -11.49 53.77
N ALA F 425 54.38 -12.24 53.88
CA ALA F 425 55.64 -11.61 54.25
C ALA F 425 56.03 -10.56 53.22
N SER F 426 55.74 -10.82 51.95
CA SER F 426 56.12 -9.87 50.90
C SER F 426 55.21 -8.66 50.83
N ARG F 427 53.99 -8.72 51.38
CA ARG F 427 53.13 -7.53 51.41
C ARG F 427 53.37 -6.67 52.65
N LEU F 428 53.83 -7.25 53.76
CA LEU F 428 54.35 -6.44 54.85
C LEU F 428 55.67 -5.79 54.45
N THR F 429 56.54 -6.55 53.79
CA THR F 429 57.73 -6.05 53.10
C THR F 429 57.42 -4.79 52.31
N GLY F 430 56.24 -4.74 51.69
CA GLY F 430 55.81 -3.60 50.91
C GLY F 430 55.41 -3.99 49.51
N SER F 431 55.28 -5.30 49.27
CA SER F 431 55.01 -5.85 47.93
C SER F 431 56.12 -5.47 46.94
N SER F 432 57.36 -5.75 47.34
CA SER F 432 58.49 -5.61 46.42
C SER F 432 58.39 -6.57 45.25
N ASP F 433 57.74 -7.73 45.45
CA ASP F 433 57.62 -8.70 44.38
C ASP F 433 56.93 -8.11 43.15
N LEU F 434 55.98 -7.20 43.37
CA LEU F 434 55.14 -6.67 42.30
C LEU F 434 55.49 -5.25 41.90
N TYR F 435 56.33 -4.56 42.67
CA TYR F 435 56.66 -3.16 42.42
C TYR F 435 58.14 -2.95 42.68
N GLN F 436 58.93 -2.75 41.62
CA GLN F 436 60.36 -2.47 41.74
C GLN F 436 60.64 -0.99 41.45
N ASP F 437 61.87 -0.57 41.71
CA ASP F 437 62.19 0.85 41.92
C ASP F 437 62.73 1.56 40.68
N ASP F 438 63.30 0.83 39.72
CA ASP F 438 63.85 1.50 38.54
C ASP F 438 62.73 1.89 37.57
N GLY F 439 63.09 2.19 36.32
CA GLY F 439 62.07 2.55 35.36
C GLY F 439 61.03 1.47 35.10
N ARG F 440 61.35 0.21 35.40
CA ARG F 440 60.64 -0.90 34.80
C ARG F 440 59.24 -1.10 35.36
N ARG F 441 59.00 -0.78 36.63
CA ARG F 441 57.70 -1.07 37.23
C ARG F 441 57.20 0.14 38.01
N PRO F 442 55.96 0.14 38.50
CA PRO F 442 55.52 1.23 39.37
C PRO F 442 56.35 1.26 40.65
N LEU F 443 56.40 2.44 41.26
CA LEU F 443 57.34 2.68 42.34
C LEU F 443 56.87 2.06 43.65
N ALA F 444 55.63 2.34 44.06
CA ALA F 444 55.17 2.02 45.40
C ALA F 444 53.87 1.23 45.33
N SER F 445 53.35 0.89 46.52
CA SER F 445 52.07 0.22 46.68
C SER F 445 51.21 1.04 47.60
N VAL F 446 50.11 1.57 47.07
CA VAL F 446 49.11 2.23 47.91
C VAL F 446 48.43 1.14 48.73
N ASN F 447 48.72 1.12 50.03
CA ASN F 447 48.24 0.06 50.90
C ASN F 447 46.90 0.46 51.48
N PHE F 448 45.91 -0.42 51.35
CA PHE F 448 44.61 -0.17 51.94
C PHE F 448 43.95 -1.48 52.33
N VAL F 449 43.20 -1.42 53.42
CA VAL F 449 42.28 -2.50 53.77
C VAL F 449 40.95 -2.30 53.06
N THR F 450 40.60 -1.06 52.75
CA THR F 450 39.27 -0.70 52.32
C THR F 450 39.29 0.71 51.75
N CYS F 451 38.36 0.98 50.85
CA CYS F 451 38.19 2.27 50.23
C CYS F 451 36.70 2.46 49.91
N HIS F 452 36.39 3.43 49.05
CA HIS F 452 35.00 3.64 48.67
C HIS F 452 34.44 2.45 47.92
N ASP F 453 35.30 1.72 47.18
CA ASP F 453 34.87 0.59 46.38
C ASP F 453 34.80 -0.64 47.28
N GLY F 454 33.59 -1.09 47.57
CA GLY F 454 33.38 -2.19 48.50
C GLY F 454 32.86 -1.70 49.84
N PHE F 455 32.86 -2.63 50.80
CA PHE F 455 32.46 -2.31 52.17
C PHE F 455 33.32 -1.18 52.72
N THR F 456 32.84 -0.57 53.81
CA THR F 456 33.67 0.32 54.61
C THR F 456 34.37 -0.53 55.66
N LEU F 457 34.99 0.11 56.66
CA LEU F 457 35.70 -0.67 57.67
C LEU F 457 34.73 -1.30 58.67
N ARG F 458 33.75 -0.53 59.17
CA ARG F 458 32.70 -1.16 59.96
C ARG F 458 31.98 -2.21 59.13
N ASP F 459 31.72 -1.91 57.85
CA ASP F 459 31.08 -2.88 56.96
C ASP F 459 32.02 -4.02 56.57
N LEU F 460 33.33 -3.85 56.71
CA LEU F 460 34.25 -4.95 56.45
C LEU F 460 34.07 -6.09 57.44
N VAL F 461 33.56 -5.80 58.63
CA VAL F 461 33.58 -6.77 59.71
C VAL F 461 32.18 -7.01 60.29
N SER F 462 31.14 -6.85 59.45
CA SER F 462 29.77 -7.01 59.95
C SER F 462 28.83 -7.66 58.95
N TYR F 463 29.32 -8.15 57.82
CA TYR F 463 28.46 -8.77 56.82
C TYR F 463 29.30 -9.78 56.04
N ASN F 464 28.70 -10.90 55.64
CA ASN F 464 29.38 -11.78 54.68
C ASN F 464 29.02 -11.46 53.25
N GLU F 465 27.76 -11.15 52.97
CA GLU F 465 27.30 -10.83 51.64
C GLU F 465 26.80 -9.39 51.59
N LYS F 466 26.79 -8.82 50.39
CA LYS F 466 26.42 -7.43 50.21
C LYS F 466 24.94 -7.21 50.50
N ARG F 467 24.58 -5.96 50.73
CA ARG F 467 23.20 -5.53 50.94
C ARG F 467 22.90 -4.29 50.09
N ASN F 468 23.20 -4.36 48.80
CA ASN F 468 23.06 -3.25 47.85
C ASN F 468 21.63 -3.11 47.34
N GLU F 469 20.64 -3.55 48.12
CA GLU F 469 19.29 -3.69 47.62
C GLU F 469 18.67 -2.34 47.24
N ALA F 470 18.96 -1.30 48.02
CA ALA F 470 18.39 0.03 47.75
C ALA F 470 18.96 0.68 46.49
N ASN F 471 19.97 0.09 45.86
CA ASN F 471 20.60 0.65 44.67
C ASN F 471 19.73 0.54 43.43
N GLY F 472 18.52 0.00 43.53
CA GLY F 472 17.70 -0.19 42.35
C GLY F 472 18.29 -1.15 41.34
N GLU F 473 19.20 -2.02 41.77
CA GLU F 473 19.89 -2.95 40.89
C GLU F 473 19.89 -4.36 41.48
N GLY F 474 18.80 -4.71 42.16
CA GLY F 474 18.50 -6.09 42.51
C GLY F 474 19.58 -6.85 43.26
N ASN F 475 20.58 -6.14 43.76
CA ASN F 475 21.72 -6.73 44.47
C ASN F 475 22.60 -7.56 43.53
N ARG F 476 22.94 -6.97 42.37
CA ARG F 476 23.94 -7.52 41.47
C ARG F 476 25.19 -6.64 41.35
N ASP F 477 25.11 -5.37 41.73
CA ASP F 477 26.22 -4.44 41.60
C ASP F 477 27.21 -4.60 42.74
N GLY F 478 28.31 -3.85 42.66
CA GLY F 478 29.36 -3.89 43.66
C GLY F 478 30.16 -5.17 43.59
N GLU F 479 31.17 -5.24 44.46
CA GLU F 479 31.97 -6.46 44.59
C GLU F 479 31.04 -7.66 44.85
N ASN F 480 31.46 -8.83 44.37
CA ASN F 480 30.57 -9.97 44.54
C ASN F 480 30.86 -10.73 45.83
N TYR F 481 32.10 -11.09 46.10
CA TYR F 481 32.54 -11.40 47.46
C TYR F 481 33.61 -10.41 47.86
N ASN F 482 33.42 -9.82 49.04
CA ASN F 482 34.29 -8.78 49.58
C ASN F 482 35.37 -9.34 50.51
N ARG F 483 35.53 -10.66 50.53
CA ARG F 483 36.49 -11.32 51.43
C ARG F 483 36.30 -10.85 52.87
N SER F 484 35.04 -10.68 53.27
CA SER F 484 34.67 -10.28 54.62
C SER F 484 34.13 -11.47 55.39
N TRP F 485 34.02 -11.30 56.70
CA TRP F 485 33.32 -12.26 57.53
C TRP F 485 32.51 -11.48 58.56
N ASN F 486 31.40 -12.08 59.00
CA ASN F 486 30.36 -11.35 59.73
C ASN F 486 30.62 -11.25 61.23
N CYS F 487 31.58 -12.00 61.78
CA CYS F 487 31.92 -12.04 63.21
C CYS F 487 30.84 -12.70 64.07
N GLY F 488 29.85 -13.35 63.45
CA GLY F 488 28.94 -14.18 64.22
C GLY F 488 27.46 -14.00 63.97
N GLU F 489 27.01 -12.77 63.77
CA GLU F 489 25.61 -12.51 63.47
C GLU F 489 25.53 -11.32 62.52
N GLU F 490 24.96 -11.56 61.33
CA GLU F 490 24.96 -10.57 60.27
C GLU F 490 23.90 -9.51 60.52
N GLY F 491 24.33 -8.27 60.77
CA GLY F 491 23.49 -7.17 61.16
C GLY F 491 24.00 -6.56 62.43
N GLU F 492 23.23 -5.62 62.97
CA GLU F 492 23.58 -4.97 64.24
C GLU F 492 23.16 -5.85 65.40
N THR F 493 24.02 -6.79 65.77
CA THR F 493 23.70 -7.70 66.85
C THR F 493 23.77 -6.98 68.19
N GLU F 494 22.92 -7.40 69.12
CA GLU F 494 22.96 -6.95 70.50
C GLU F 494 23.80 -7.85 71.38
N ASP F 495 24.13 -9.06 70.92
CA ASP F 495 25.11 -9.91 71.59
C ASP F 495 26.41 -9.14 71.78
N VAL F 496 26.86 -9.03 73.03
CA VAL F 496 28.05 -8.23 73.31
C VAL F 496 29.30 -8.89 72.74
N GLY F 497 29.34 -10.22 72.73
CA GLY F 497 30.51 -10.92 72.23
C GLY F 497 30.86 -10.52 70.81
N ILE F 498 29.84 -10.38 69.96
CA ILE F 498 30.08 -10.00 68.56
C ILE F 498 30.62 -8.58 68.47
N THR F 499 30.15 -7.67 69.34
CA THR F 499 30.49 -6.26 69.19
C THR F 499 31.96 -6.01 69.50
N GLU F 500 32.46 -6.54 70.61
CA GLU F 500 33.85 -6.30 71.00
C GLU F 500 34.82 -7.08 70.11
N LEU F 501 34.40 -8.25 69.62
CA LEU F 501 35.17 -8.92 68.57
C LEU F 501 35.32 -8.03 67.34
N ARG F 502 34.25 -7.33 66.96
CA ARG F 502 34.29 -6.44 65.80
C ARG F 502 35.19 -5.23 66.04
N ALA F 503 34.98 -4.53 67.15
CA ALA F 503 35.73 -3.30 67.40
C ALA F 503 37.19 -3.55 67.72
N ARG F 504 37.62 -4.80 67.75
CA ARG F 504 39.04 -5.13 67.86
C ARG F 504 39.57 -5.77 66.59
N GLN F 505 38.70 -6.13 65.65
CA GLN F 505 39.13 -6.48 64.30
C GLN F 505 39.47 -5.22 63.49
N MET F 506 38.74 -4.13 63.71
CA MET F 506 39.08 -2.86 63.05
C MET F 506 40.44 -2.37 63.50
N ARG F 507 40.69 -2.36 64.82
CA ARG F 507 42.03 -2.11 65.31
C ARG F 507 43.04 -3.05 64.66
N ASN F 508 42.69 -4.33 64.50
CA ASN F 508 43.58 -5.26 63.81
C ASN F 508 43.80 -4.86 62.37
N PHE F 509 42.74 -4.38 61.69
CA PHE F 509 42.92 -3.98 60.30
C PHE F 509 43.71 -2.69 60.19
N LEU F 510 43.48 -1.75 61.10
CA LEU F 510 44.20 -0.48 61.06
C LEU F 510 45.65 -0.65 61.50
N ALA F 511 45.90 -1.48 62.51
CA ALA F 511 47.27 -1.67 62.99
C ALA F 511 48.12 -2.47 62.00
N THR F 512 47.50 -3.20 61.07
CA THR F 512 48.25 -3.87 60.02
C THR F 512 48.62 -2.92 58.90
N LEU F 513 47.91 -1.81 58.76
CA LEU F 513 48.12 -0.88 57.66
C LEU F 513 49.25 0.10 57.97
N MET F 514 49.21 0.73 59.15
CA MET F 514 50.18 1.76 59.51
C MET F 514 51.54 1.18 59.87
N LEU F 515 51.68 -0.15 59.93
CA LEU F 515 52.98 -0.79 60.16
C LEU F 515 53.53 -1.49 58.94
N SER F 516 52.71 -1.71 57.91
CA SER F 516 53.21 -2.25 56.65
C SER F 516 54.04 -1.19 55.93
N GLN F 517 55.04 -1.65 55.20
CA GLN F 517 55.89 -0.74 54.44
C GLN F 517 55.11 -0.17 53.25
N GLY F 518 55.13 1.14 53.10
CA GLY F 518 54.58 1.75 51.90
C GLY F 518 53.81 3.05 52.08
N VAL F 519 52.83 3.26 51.21
CA VAL F 519 51.97 4.44 51.26
C VAL F 519 50.57 3.99 51.65
N PRO F 520 50.16 4.19 52.90
CA PRO F 520 48.86 3.68 53.35
C PRO F 520 47.71 4.66 53.09
N MET F 521 46.52 4.08 52.92
CA MET F 521 45.33 4.83 52.58
C MET F 521 44.16 4.47 53.50
N LEU F 522 43.45 5.49 53.97
CA LEU F 522 42.29 5.32 54.83
C LEU F 522 41.06 5.87 54.11
N SER F 523 40.02 5.05 53.99
CA SER F 523 38.76 5.53 53.48
C SER F 523 38.06 6.32 54.57
N HIS F 524 37.45 7.45 54.19
CA HIS F 524 36.93 8.39 55.17
C HIS F 524 35.82 7.73 55.99
N GLY F 525 35.80 8.02 57.27
CA GLY F 525 34.86 7.41 58.18
C GLY F 525 35.40 6.22 58.94
N ASP F 526 36.42 5.54 58.40
CA ASP F 526 37.07 4.45 59.14
C ASP F 526 37.59 4.89 60.50
N GLU F 527 37.81 6.20 60.69
CA GLU F 527 38.23 6.69 61.99
C GLU F 527 37.11 6.60 63.01
N PHE F 528 35.90 6.97 62.60
CA PHE F 528 34.73 6.84 63.44
C PHE F 528 34.02 5.50 63.26
N GLY F 529 34.46 4.67 62.31
CA GLY F 529 33.75 3.45 62.02
C GLY F 529 32.45 3.72 61.27
N ARG F 530 32.56 4.10 59.99
CA ARG F 530 31.40 4.47 59.19
C ARG F 530 30.73 3.23 58.61
N THR F 531 29.40 3.17 58.71
CA THR F 531 28.60 2.07 58.20
C THR F 531 27.74 2.53 57.03
N GLN F 532 27.66 1.70 55.99
CA GLN F 532 26.77 1.94 54.87
C GLN F 532 25.62 0.93 54.81
N GLY F 533 25.25 0.35 55.95
CA GLY F 533 24.13 -0.57 56.05
C GLY F 533 24.23 -1.76 55.10
N GLY F 534 25.40 -2.39 55.03
CA GLY F 534 25.61 -3.49 54.12
C GLY F 534 25.86 -3.09 52.69
N ASN F 535 25.52 -1.86 52.29
CA ASN F 535 25.87 -1.38 50.97
C ASN F 535 27.38 -1.31 50.83
N ASN F 536 27.89 -1.85 49.72
CA ASN F 536 29.31 -1.76 49.41
C ASN F 536 29.58 -0.97 48.15
N ASN F 537 28.55 -0.63 47.37
CA ASN F 537 28.68 0.16 46.16
C ASN F 537 27.63 1.26 46.24
N ALA F 538 27.98 2.36 46.93
CA ALA F 538 27.04 3.43 47.23
C ALA F 538 27.07 4.55 46.20
N TYR F 539 27.35 4.23 44.93
CA TYR F 539 27.62 5.26 43.92
C TYR F 539 26.48 6.26 43.80
N CYS F 540 25.25 5.88 44.15
CA CYS F 540 24.09 6.71 43.92
C CYS F 540 23.34 7.05 45.20
N GLN F 541 24.04 7.08 46.34
CA GLN F 541 23.43 7.37 47.63
C GLN F 541 23.90 8.74 48.13
N ASP F 542 23.17 9.79 47.75
CA ASP F 542 23.37 11.12 48.33
C ASP F 542 22.39 11.27 49.50
N ASN F 543 22.63 10.47 50.53
CA ASN F 543 21.71 10.35 51.65
C ASN F 543 22.44 9.70 52.81
N GLU F 544 21.71 9.44 53.90
CA GLU F 544 22.30 9.08 55.18
C GLU F 544 23.33 7.96 55.07
N VAL F 545 23.30 7.19 53.97
CA VAL F 545 24.15 6.01 53.85
C VAL F 545 25.62 6.39 53.76
N SER F 546 25.96 7.38 52.94
CA SER F 546 27.35 7.72 52.68
C SER F 546 27.71 9.12 53.19
N TRP F 547 27.05 9.58 54.25
CA TRP F 547 27.52 10.76 54.94
C TRP F 547 28.49 10.33 56.03
N VAL F 548 29.11 11.31 56.69
CA VAL F 548 29.98 11.04 57.83
C VAL F 548 29.27 11.52 59.10
N ARG F 549 28.96 10.59 59.99
CA ARG F 549 28.34 10.93 61.27
C ARG F 549 29.45 11.37 62.21
N TRP F 550 29.61 12.66 62.36
CA TRP F 550 30.64 13.19 63.27
C TRP F 550 30.21 12.92 64.70
N PRO F 551 30.99 12.16 65.47
CA PRO F 551 30.45 11.47 66.65
C PRO F 551 30.36 12.35 67.89
N LYS F 552 29.36 12.04 68.71
CA LYS F 552 29.23 12.61 70.04
C LYS F 552 29.46 11.51 71.07
N GLU F 556 31.28 7.56 72.85
CA GLU F 556 32.44 7.10 73.61
C GLU F 556 33.27 6.07 72.84
N ALA F 557 32.64 4.95 72.49
CA ALA F 557 33.32 3.96 71.67
C ALA F 557 33.60 4.48 70.28
N GLU F 558 32.65 5.27 69.73
CA GLU F 558 32.87 5.93 68.46
C GLU F 558 34.07 6.85 68.49
N ALA F 559 34.56 7.22 69.68
CA ALA F 559 35.80 7.95 69.83
C ALA F 559 36.92 7.12 70.43
N THR F 560 36.63 5.90 70.88
CA THR F 560 37.70 5.02 71.34
C THR F 560 38.40 4.34 70.16
N LEU F 561 37.70 4.18 69.05
CA LEU F 561 38.37 3.82 67.81
C LEU F 561 39.13 5.01 67.24
N LEU F 562 38.60 6.22 67.42
CA LEU F 562 39.23 7.40 66.83
C LEU F 562 40.55 7.73 67.52
N ARG F 563 40.58 7.67 68.86
CA ARG F 563 41.82 7.88 69.58
C ARG F 563 42.70 6.64 69.57
N PHE F 564 42.30 5.59 68.86
CA PHE F 564 43.19 4.51 68.44
C PHE F 564 43.88 4.89 67.14
N THR F 565 43.08 5.17 66.10
CA THR F 565 43.60 5.62 64.81
C THR F 565 44.59 6.77 65.00
N ARG F 566 44.15 7.82 65.70
CA ARG F 566 44.95 9.04 65.77
C ARG F 566 46.28 8.82 66.49
N SER F 567 46.39 7.80 67.33
CA SER F 567 47.65 7.47 67.97
C SER F 567 48.34 6.26 67.34
N MET F 568 47.76 5.66 66.31
CA MET F 568 48.54 4.75 65.47
C MET F 568 49.20 5.46 64.30
N VAL F 569 48.61 6.56 63.82
CA VAL F 569 49.32 7.39 62.84
C VAL F 569 50.53 8.03 63.50
N ARG F 570 50.42 8.40 64.78
CA ARG F 570 51.58 8.94 65.48
C ARG F 570 52.72 7.95 65.55
N LEU F 571 52.43 6.64 65.54
CA LEU F 571 53.49 5.65 65.68
C LEU F 571 54.28 5.46 64.40
N ARG F 572 53.64 5.62 63.23
CA ARG F 572 54.38 5.57 61.98
C ARG F 572 55.30 6.77 61.80
N ARG F 573 55.02 7.88 62.49
CA ARG F 573 55.84 9.08 62.33
C ARG F 573 57.14 8.99 63.14
N GLU F 574 57.04 8.63 64.42
CA GLU F 574 58.17 8.75 65.32
C GLU F 574 59.10 7.53 65.31
N HIS F 575 58.89 6.59 64.40
CA HIS F 575 59.68 5.36 64.37
C HIS F 575 59.89 4.93 62.93
N PRO F 576 61.04 5.24 62.33
CA PRO F 576 61.21 5.09 60.89
C PRO F 576 61.43 3.66 60.39
N VAL F 577 61.41 2.64 61.24
CA VAL F 577 61.53 1.28 60.73
C VAL F 577 60.28 0.86 59.96
N PHE F 578 59.23 1.69 59.97
CA PHE F 578 58.00 1.43 59.25
C PHE F 578 57.88 2.27 57.98
N ARG F 579 58.89 3.11 57.69
CA ARG F 579 58.94 3.87 56.44
C ARG F 579 60.39 3.86 56.00
N ARG F 580 60.70 3.01 55.03
CA ARG F 580 62.04 2.86 54.49
C ARG F 580 62.00 3.43 53.08
N ARG F 581 62.55 4.64 52.94
CA ARG F 581 62.47 5.44 51.72
C ARG F 581 62.72 4.59 50.47
N ARG F 582 63.75 3.75 50.52
CA ARG F 582 63.85 2.59 49.64
C ARG F 582 63.30 1.43 50.45
N PHE F 583 62.13 0.94 50.06
CA PHE F 583 61.47 -0.14 50.78
C PHE F 583 62.31 -1.41 50.64
N PHE F 584 61.80 -2.54 51.11
CA PHE F 584 62.63 -3.72 50.97
C PHE F 584 62.57 -4.17 49.51
N HIS F 585 62.82 -3.21 48.59
CA HIS F 585 62.75 -3.44 47.16
C HIS F 585 63.88 -4.31 46.65
N GLY F 586 65.11 -3.77 46.73
CA GLY F 586 66.27 -4.59 46.42
C GLY F 586 66.56 -5.57 47.53
N ARG F 587 66.49 -5.10 48.77
CA ARG F 587 66.81 -5.83 49.99
C ARG F 587 66.04 -7.15 50.04
N PRO F 588 66.65 -8.20 50.59
CA PRO F 588 65.95 -9.48 50.73
C PRO F 588 64.85 -9.40 51.78
N VAL F 589 63.89 -10.31 51.67
CA VAL F 589 62.73 -10.26 52.55
C VAL F 589 63.06 -10.76 53.94
N GLU F 590 64.11 -11.54 54.11
CA GLU F 590 64.52 -12.00 55.43
C GLU F 590 65.76 -11.29 55.95
N GLY F 591 66.57 -10.71 55.08
CA GLY F 591 67.88 -10.25 55.48
C GLY F 591 68.79 -11.44 55.78
N THR F 592 70.09 -11.24 55.68
CA THR F 592 71.04 -12.32 55.96
C THR F 592 70.93 -12.75 57.42
N HIS F 593 70.47 -13.98 57.67
CA HIS F 593 70.02 -14.31 59.02
C HIS F 593 71.20 -14.35 59.96
N ASP F 594 71.69 -13.16 60.31
CA ASP F 594 72.84 -12.99 61.18
C ASP F 594 72.54 -11.85 62.16
N GLU F 595 73.58 -11.40 62.86
CA GLU F 595 73.40 -10.43 63.93
C GLU F 595 72.98 -9.06 63.43
N LEU F 596 73.16 -8.76 62.15
CA LEU F 596 72.82 -7.43 61.63
C LEU F 596 71.89 -7.60 60.43
N THR F 597 70.59 -7.38 60.67
CA THR F 597 69.58 -7.34 59.64
C THR F 597 68.54 -6.33 60.04
N ASP F 598 67.89 -5.76 59.04
CA ASP F 598 66.75 -4.89 59.33
C ASP F 598 65.56 -5.71 59.80
N ILE F 599 65.50 -6.98 59.41
CA ILE F 599 64.31 -7.81 59.62
C ILE F 599 64.74 -9.26 59.84
N ALA F 600 63.88 -10.00 60.54
CA ALA F 600 63.98 -11.43 60.75
C ALA F 600 62.66 -11.92 61.34
N TRP F 601 62.16 -13.05 60.83
CA TRP F 601 60.81 -13.54 61.15
C TRP F 601 60.88 -14.78 62.04
N PHE F 602 59.99 -14.84 63.03
CA PHE F 602 60.12 -15.79 64.12
C PHE F 602 58.83 -16.60 64.34
N THR F 603 59.02 -17.89 64.64
CA THR F 603 57.91 -18.78 64.97
C THR F 603 57.40 -18.48 66.38
N PRO F 604 56.08 -18.43 66.59
CA PRO F 604 55.56 -18.09 67.93
C PRO F 604 56.23 -18.82 69.06
N GLU F 605 56.64 -20.08 68.83
CA GLU F 605 57.46 -20.80 69.81
C GLU F 605 58.75 -20.04 70.10
N GLY F 606 59.36 -19.43 69.08
CA GLY F 606 60.51 -18.59 69.33
C GLY F 606 61.69 -18.69 68.38
N GLU F 607 61.58 -19.48 67.32
CA GLU F 607 62.70 -19.69 66.41
C GLU F 607 62.46 -19.01 65.07
N GLU F 608 63.55 -18.71 64.37
CA GLU F 608 63.47 -18.15 63.04
C GLU F 608 63.00 -19.21 62.06
N MET F 609 62.38 -18.77 60.96
CA MET F 609 61.69 -19.67 60.05
C MET F 609 62.54 -19.97 58.82
N THR F 610 62.58 -21.24 58.41
CA THR F 610 63.45 -21.69 57.33
C THR F 610 62.63 -22.15 56.12
N SER F 611 63.36 -22.52 55.07
CA SER F 611 62.77 -22.74 53.75
C SER F 611 61.73 -23.85 53.78
N ARG F 612 62.06 -24.99 54.39
CA ARG F 612 61.13 -26.10 54.47
C ARG F 612 59.91 -25.78 55.33
N ASP F 613 59.90 -24.62 55.98
CA ASP F 613 58.70 -24.06 56.59
C ASP F 613 58.34 -22.70 56.02
N TRP F 614 59.12 -22.16 55.08
CA TRP F 614 58.82 -20.91 54.42
C TRP F 614 57.75 -21.06 53.33
N GLN F 615 57.01 -22.17 53.33
CA GLN F 615 55.84 -22.37 52.48
C GLN F 615 54.66 -22.88 53.31
N ALA F 616 54.55 -22.38 54.54
CA ALA F 616 53.42 -22.75 55.40
C ALA F 616 52.17 -22.01 54.97
N ALA F 617 51.17 -22.74 54.47
CA ALA F 617 49.93 -22.11 54.03
C ALA F 617 49.17 -21.49 55.19
N HIS F 618 49.22 -22.12 56.38
CA HIS F 618 48.62 -21.54 57.58
C HIS F 618 49.56 -20.47 58.16
N ALA F 619 49.58 -19.33 57.48
CA ALA F 619 50.35 -18.16 57.91
C ALA F 619 49.45 -17.26 58.73
N GLN F 620 49.35 -17.55 60.03
CA GLN F 620 48.54 -16.72 60.91
C GLN F 620 49.17 -16.43 62.26
N ALA F 621 50.27 -17.09 62.64
CA ALA F 621 50.92 -16.89 63.93
C ALA F 621 52.33 -16.37 63.68
N LEU F 622 52.51 -15.05 63.73
CA LEU F 622 53.75 -14.41 63.29
C LEU F 622 54.43 -13.65 64.42
N THR F 623 55.73 -13.45 64.24
CA THR F 623 56.52 -12.56 65.09
C THR F 623 57.56 -11.90 64.20
N VAL F 624 57.39 -10.60 63.94
CA VAL F 624 58.23 -9.86 63.01
C VAL F 624 59.17 -8.98 63.82
N PHE F 625 60.47 -9.20 63.67
CA PHE F 625 61.49 -8.38 64.30
C PHE F 625 62.03 -7.36 63.31
N LEU F 626 61.87 -6.08 63.64
CA LEU F 626 62.32 -4.97 62.81
C LEU F 626 63.41 -4.24 63.57
N ASN F 627 64.65 -4.37 63.14
CA ASN F 627 65.75 -3.73 63.84
C ASN F 627 65.76 -2.24 63.56
N GLY F 628 66.02 -1.46 64.62
CA GLY F 628 65.95 -0.02 64.57
C GLY F 628 67.26 0.69 64.29
N ASN F 629 68.35 -0.05 64.17
CA ASN F 629 69.63 0.55 63.79
C ASN F 629 69.99 0.29 62.34
N ALA F 630 69.69 -0.90 61.82
CA ALA F 630 70.09 -1.23 60.45
C ALA F 630 69.19 -0.54 59.44
N ILE F 631 69.03 0.77 59.58
CA ILE F 631 68.38 1.60 58.57
C ILE F 631 69.51 2.06 57.65
N SER F 632 69.84 1.24 56.66
CA SER F 632 70.99 1.50 55.81
C SER F 632 70.66 2.54 54.75
N GLU F 633 70.06 3.65 55.17
CA GLU F 633 69.54 4.65 54.27
C GLU F 633 69.92 5.99 54.88
N PRO F 634 70.53 6.89 54.12
CA PRO F 634 70.87 8.20 54.66
C PRO F 634 69.64 9.12 54.70
N GLY F 635 69.74 10.14 55.55
CA GLY F 635 68.70 11.12 55.67
C GLY F 635 68.83 12.20 54.62
N THR F 636 68.04 13.26 54.80
CA THR F 636 67.98 14.32 53.80
C THR F 636 69.33 15.03 53.63
N GLN F 637 70.14 15.06 54.68
CA GLN F 637 71.43 15.74 54.59
C GLN F 637 72.58 14.83 54.95
N GLY F 638 72.59 13.61 54.41
CA GLY F 638 73.63 12.65 54.68
C GLY F 638 73.57 12.01 56.04
N GLU F 639 72.66 12.47 56.91
CA GLU F 639 72.51 11.93 58.24
C GLU F 639 71.94 10.51 58.19
N ARG F 640 72.45 9.63 59.05
CA ARG F 640 71.90 8.29 59.11
C ARG F 640 70.67 8.29 60.01
N ILE F 641 69.59 7.66 59.54
CA ILE F 641 68.39 7.52 60.35
C ILE F 641 68.56 6.33 61.28
N ALA F 642 68.23 6.53 62.54
CA ALA F 642 68.22 5.46 63.53
C ALA F 642 66.89 5.46 64.25
N ASP F 643 66.58 4.34 64.91
CA ASP F 643 65.34 4.22 65.63
C ASP F 643 65.47 3.13 66.68
N ASP F 644 64.51 3.10 67.61
CA ASP F 644 64.34 1.93 68.45
C ASP F 644 64.03 0.72 67.56
N SER F 645 64.57 -0.43 67.94
CA SER F 645 64.14 -1.66 67.30
C SER F 645 62.74 -2.02 67.81
N PHE F 646 61.99 -2.72 66.97
CA PHE F 646 60.58 -2.98 67.24
C PHE F 646 60.32 -4.47 67.10
N LEU F 647 59.14 -4.90 67.58
CA LEU F 647 58.80 -6.33 67.66
C LEU F 647 57.30 -6.49 67.51
N LEU F 648 56.85 -7.06 66.38
CA LEU F 648 55.44 -7.32 66.14
C LEU F 648 55.12 -8.79 66.42
N MET F 649 53.86 -9.06 66.77
CA MET F 649 53.39 -10.44 67.03
C MET F 649 51.96 -10.60 66.52
N PHE F 650 51.81 -11.29 65.40
CA PHE F 650 50.53 -11.48 64.73
C PHE F 650 49.91 -12.81 65.12
N ASN F 651 48.61 -12.81 65.42
CA ASN F 651 47.84 -14.03 65.60
C ASN F 651 46.52 -13.89 64.86
N ALA F 652 46.51 -14.27 63.58
CA ALA F 652 45.26 -14.46 62.85
C ALA F 652 44.65 -15.84 63.12
N SER F 653 45.12 -16.51 64.17
CA SER F 653 44.69 -17.85 64.52
C SER F 653 43.41 -17.79 65.35
N ALA F 654 42.62 -18.85 65.24
CA ALA F 654 41.26 -18.83 65.78
C ALA F 654 41.23 -18.80 67.31
N LYS F 655 42.25 -19.32 67.97
CA LYS F 655 42.21 -19.50 69.41
C LYS F 655 43.41 -18.82 70.09
N GLU F 656 43.34 -18.74 71.42
CA GLU F 656 44.45 -18.23 72.22
C GLU F 656 45.73 -18.98 71.89
N LEU F 657 46.75 -18.26 71.49
CA LEU F 657 48.09 -18.80 71.33
C LEU F 657 49.05 -18.05 72.22
N GLU F 658 49.93 -18.78 72.91
CA GLU F 658 51.00 -18.12 73.63
C GLU F 658 52.09 -17.71 72.66
N PHE F 659 52.83 -16.67 73.05
CA PHE F 659 53.90 -16.15 72.21
C PHE F 659 55.12 -15.88 73.08
N VAL F 660 56.31 -16.08 72.49
CA VAL F 660 57.57 -15.98 73.21
C VAL F 660 58.37 -14.81 72.63
N VAL F 661 59.32 -14.34 73.42
CA VAL F 661 60.10 -13.14 73.13
C VAL F 661 61.52 -13.58 72.78
N PRO F 662 62.07 -13.22 71.62
CA PRO F 662 63.40 -13.67 71.23
C PRO F 662 64.50 -12.83 71.89
N ASP F 663 65.75 -13.20 71.60
CA ASP F 663 66.94 -12.49 72.07
C ASP F 663 66.93 -12.30 73.58
N ARG F 667 67.79 -9.33 76.90
CA ARG F 667 67.52 -7.90 77.03
C ARG F 667 66.09 -7.63 77.48
N TYR F 668 65.68 -6.37 77.47
CA TYR F 668 64.33 -5.95 77.86
C TYR F 668 63.56 -5.47 76.63
N TRP F 669 62.23 -5.55 76.72
CA TRP F 669 61.34 -5.02 75.70
C TRP F 669 60.09 -4.51 76.38
N ARG F 670 59.49 -3.45 75.83
CA ARG F 670 58.32 -2.80 76.44
C ARG F 670 57.16 -2.80 75.46
N MET F 671 56.00 -3.27 75.94
CA MET F 671 54.82 -3.42 75.09
C MET F 671 54.24 -2.05 74.73
N VAL F 672 53.97 -1.84 73.46
CA VAL F 672 53.59 -0.50 73.00
C VAL F 672 52.23 -0.49 72.31
N VAL F 673 51.80 -1.62 71.74
CA VAL F 673 50.47 -1.74 71.13
C VAL F 673 49.91 -3.12 71.40
N ASP F 674 48.71 -3.19 71.98
CA ASP F 674 48.02 -4.45 72.24
C ASP F 674 46.56 -4.33 71.85
N THR F 675 46.18 -5.03 70.77
CA THR F 675 44.84 -4.89 70.22
C THR F 675 43.78 -5.48 71.15
N SER F 676 44.15 -6.45 71.98
CA SER F 676 43.18 -7.17 72.79
C SER F 676 42.51 -6.29 73.83
N ASP F 677 43.11 -5.15 74.18
CA ASP F 677 42.38 -4.57 75.30
C ASP F 677 41.39 -3.52 74.81
N PRO F 678 40.19 -3.50 75.41
CA PRO F 678 39.13 -2.61 74.92
C PRO F 678 39.32 -1.15 75.27
N GLU F 679 40.30 -0.80 76.09
CA GLU F 679 40.65 0.60 76.23
C GLU F 679 41.17 1.18 74.92
N GLY F 680 41.88 0.35 74.15
CA GLY F 680 42.61 0.80 72.97
C GLY F 680 44.04 1.13 73.34
N MET F 681 45.02 0.42 72.78
CA MET F 681 46.35 0.60 73.34
C MET F 681 47.43 1.07 72.37
N PRO F 682 47.15 2.01 71.48
CA PRO F 682 48.18 2.97 71.08
C PRO F 682 48.17 4.24 71.93
N PRO F 683 47.03 4.60 72.64
CA PRO F 683 47.12 5.79 73.50
C PRO F 683 47.54 5.53 74.95
N GLN F 684 47.42 4.30 75.44
CA GLN F 684 47.77 3.99 76.82
C GLN F 684 48.90 2.96 76.83
N GLN F 685 49.69 2.98 77.91
CA GLN F 685 50.88 2.16 78.00
C GLN F 685 50.64 0.99 78.94
N GLY F 686 51.43 -0.06 78.75
CA GLY F 686 51.32 -1.26 79.54
C GLY F 686 52.67 -1.81 79.92
N PRO F 687 52.69 -3.03 80.46
CA PRO F 687 53.94 -3.61 80.97
C PRO F 687 55.01 -3.84 79.91
N GLU F 688 56.16 -4.33 80.38
CA GLU F 688 57.29 -4.69 79.55
C GLU F 688 57.48 -6.20 79.59
N LEU F 689 58.27 -6.72 78.66
CA LEU F 689 58.47 -8.16 78.59
C LEU F 689 59.90 -8.53 78.99
N ALA F 690 60.03 -9.78 79.46
CA ALA F 690 61.33 -10.26 79.93
C ALA F 690 62.29 -10.48 78.77
N GLY F 691 61.85 -11.22 77.75
CA GLY F 691 62.73 -11.65 76.70
C GLY F 691 63.02 -13.14 76.69
N GLY F 692 62.37 -13.90 77.58
CA GLY F 692 62.34 -15.34 77.53
C GLY F 692 60.99 -15.82 78.02
N GLU F 693 60.03 -14.92 77.98
CA GLU F 693 58.80 -15.02 78.76
C GLU F 693 57.64 -15.43 77.85
N ARG F 694 56.99 -16.54 78.19
CA ARG F 694 55.78 -16.94 77.49
C ARG F 694 54.66 -15.95 77.83
N VAL F 695 54.12 -15.30 76.80
CA VAL F 695 53.05 -14.33 76.96
C VAL F 695 51.75 -14.95 76.44
N THR F 696 50.64 -14.48 77.00
CA THR F 696 49.31 -14.92 76.56
C THR F 696 48.81 -13.90 75.54
N LEU F 697 48.71 -14.32 74.28
CA LEU F 697 48.27 -13.48 73.19
C LEU F 697 46.90 -13.96 72.71
N ALA F 698 45.96 -13.01 72.59
CA ALA F 698 44.54 -13.27 72.39
C ALA F 698 44.25 -13.95 71.06
N PRO F 699 42.99 -14.35 70.78
CA PRO F 699 42.64 -14.80 69.43
C PRO F 699 42.23 -13.65 68.53
N LEU F 700 42.84 -13.58 67.35
CA LEU F 700 42.72 -12.46 66.40
C LEU F 700 43.13 -11.14 67.06
N SER F 701 44.39 -11.12 67.52
CA SER F 701 44.98 -9.96 68.18
C SER F 701 46.33 -9.64 67.56
N LEU F 702 46.81 -8.45 67.88
CA LEU F 702 48.17 -8.02 67.59
C LEU F 702 48.91 -7.74 68.90
N THR F 703 50.22 -7.54 68.77
CA THR F 703 51.03 -7.07 69.89
C THR F 703 52.38 -6.58 69.34
N VAL F 704 52.83 -5.43 69.85
CA VAL F 704 54.04 -4.76 69.43
C VAL F 704 54.89 -4.45 70.65
N LEU F 705 56.21 -4.43 70.47
CA LEU F 705 57.13 -4.08 71.54
C LEU F 705 58.22 -3.16 71.01
N ARG F 706 58.77 -2.35 71.91
CA ARG F 706 59.83 -1.40 71.59
C ARG F 706 61.09 -1.72 72.40
N ARG F 707 62.25 -1.48 71.79
CA ARG F 707 63.53 -1.73 72.43
C ARG F 707 64.61 -0.91 71.75
N PRO F 708 65.36 -0.07 72.49
CA PRO F 708 66.50 0.64 71.87
C PRO F 708 67.68 -0.29 71.56
N GLN G 5 -2.59 -23.62 -52.94
CA GLN G 5 -1.13 -23.56 -52.91
C GLN G 5 -0.52 -24.89 -52.49
N VAL G 6 0.13 -25.57 -53.42
CA VAL G 6 0.79 -26.84 -53.17
C VAL G 6 2.25 -26.72 -53.61
N TRP G 7 3.15 -26.90 -52.67
CA TRP G 7 4.58 -26.93 -52.94
C TRP G 7 5.01 -28.33 -53.33
N PRO G 8 5.99 -28.50 -54.23
CA PRO G 8 6.33 -29.85 -54.69
C PRO G 8 6.87 -30.75 -53.57
N GLY G 9 7.89 -30.29 -52.85
CA GLY G 9 8.41 -31.07 -51.74
C GLY G 9 9.27 -32.24 -52.18
N GLN G 10 9.41 -33.19 -51.27
CA GLN G 10 10.35 -34.30 -51.40
C GLN G 10 9.58 -35.62 -51.49
N ALA G 11 10.31 -36.69 -51.79
CA ALA G 11 9.72 -38.03 -51.88
C ALA G 11 10.40 -39.05 -50.98
N TYR G 12 11.35 -38.64 -50.16
CA TYR G 12 11.90 -39.48 -49.10
C TYR G 12 11.93 -38.62 -47.85
N PRO G 13 11.48 -39.13 -46.70
CA PRO G 13 10.95 -40.49 -46.57
C PRO G 13 9.48 -40.50 -46.90
N LEU G 14 8.89 -41.68 -47.03
CA LEU G 14 7.45 -41.74 -47.16
C LEU G 14 6.82 -41.45 -45.82
N GLY G 15 5.73 -40.68 -45.83
CA GLY G 15 5.05 -40.40 -44.60
C GLY G 15 5.00 -38.93 -44.22
N ALA G 16 4.71 -38.66 -42.95
CA ALA G 16 4.48 -37.31 -42.46
C ALA G 16 5.74 -36.83 -41.75
N THR G 17 6.38 -35.83 -42.34
CA THR G 17 7.61 -35.26 -41.80
C THR G 17 7.40 -33.77 -41.61
N TYR G 18 7.38 -33.32 -40.35
CA TYR G 18 7.26 -31.91 -40.02
C TYR G 18 8.62 -31.25 -40.21
N ASP G 19 8.76 -30.44 -41.26
CA ASP G 19 9.99 -29.68 -41.51
C ASP G 19 9.99 -28.35 -40.79
N GLY G 20 9.60 -28.30 -39.52
CA GLY G 20 9.55 -27.01 -38.86
C GLY G 20 8.43 -26.12 -39.38
N ALA G 21 8.35 -26.00 -40.70
CA ALA G 21 7.52 -25.02 -41.39
C ALA G 21 6.21 -25.59 -41.92
N GLY G 22 6.21 -26.83 -42.40
CA GLY G 22 4.99 -27.48 -42.83
C GLY G 22 5.03 -28.97 -42.61
N THR G 23 4.49 -29.73 -43.55
CA THR G 23 4.65 -31.18 -43.54
C THR G 23 4.87 -31.65 -44.97
N ASN G 24 5.78 -32.59 -45.15
CA ASN G 24 6.04 -33.17 -46.45
C ASN G 24 5.34 -34.53 -46.52
N PHE G 25 4.36 -34.65 -47.41
CA PHE G 25 3.57 -35.87 -47.55
C PHE G 25 4.03 -36.62 -48.79
N ALA G 26 4.46 -37.86 -48.60
CA ALA G 26 4.88 -38.73 -49.70
C ALA G 26 4.33 -40.13 -49.46
N VAL G 27 3.76 -40.73 -50.50
CA VAL G 27 3.09 -42.02 -50.39
C VAL G 27 3.29 -42.79 -51.69
N PHE G 28 3.64 -44.07 -51.58
CA PHE G 28 3.89 -44.89 -52.76
C PHE G 28 2.61 -45.58 -53.21
N SER G 29 2.35 -45.54 -54.51
CA SER G 29 1.29 -46.32 -55.14
C SER G 29 1.58 -46.35 -56.63
N GLU G 30 1.93 -47.53 -57.16
CA GLU G 30 2.35 -47.63 -58.55
C GLU G 30 1.23 -48.06 -59.49
N ALA G 31 0.04 -48.34 -58.97
CA ALA G 31 -1.07 -48.80 -59.80
C ALA G 31 -2.32 -47.95 -59.58
N ALA G 32 -2.12 -46.67 -59.26
CA ALA G 32 -3.22 -45.76 -58.95
C ALA G 32 -3.29 -44.64 -59.99
N HIS G 33 -4.52 -44.25 -60.34
CA HIS G 33 -4.72 -43.15 -61.28
C HIS G 33 -4.41 -41.79 -60.64
N ARG G 34 -5.16 -41.43 -59.60
CA ARG G 34 -5.01 -40.15 -58.93
C ARG G 34 -4.94 -40.36 -57.43
N ILE G 35 -4.17 -39.49 -56.76
CA ILE G 35 -3.99 -39.53 -55.32
C ILE G 35 -4.45 -38.20 -54.75
N GLU G 36 -5.48 -38.24 -53.90
CA GLU G 36 -5.89 -37.12 -53.07
C GLU G 36 -5.28 -37.27 -51.69
N LEU G 37 -4.73 -36.19 -51.16
CA LEU G 37 -4.34 -36.15 -49.75
C LEU G 37 -5.44 -35.40 -49.01
N CYS G 38 -6.44 -36.14 -48.55
CA CYS G 38 -7.49 -35.55 -47.74
C CYS G 38 -6.97 -35.25 -46.34
N LEU G 39 -7.17 -34.01 -45.89
CA LEU G 39 -6.87 -33.63 -44.52
C LEU G 39 -8.17 -33.58 -43.72
N LEU G 40 -8.17 -34.20 -42.55
CA LEU G 40 -9.34 -34.28 -41.69
C LEU G 40 -9.22 -33.24 -40.58
N HIS G 41 -10.24 -32.39 -40.44
CA HIS G 41 -10.22 -31.30 -39.50
C HIS G 41 -10.98 -31.72 -38.24
N ASP G 42 -11.24 -30.75 -37.35
CA ASP G 42 -11.93 -31.04 -36.12
C ASP G 42 -13.44 -31.01 -36.26
N ASP G 43 -13.97 -30.60 -37.41
CA ASP G 43 -15.42 -30.56 -37.62
C ASP G 43 -15.90 -31.61 -38.62
N GLY G 44 -15.14 -32.67 -38.82
CA GLY G 44 -15.53 -33.72 -39.75
C GLY G 44 -15.79 -33.17 -41.15
N SER G 45 -14.86 -32.34 -41.63
CA SER G 45 -14.88 -31.85 -43.00
C SER G 45 -13.61 -32.32 -43.70
N GLU G 46 -13.74 -32.55 -45.01
CA GLU G 46 -12.61 -32.92 -45.83
C GLU G 46 -12.16 -31.77 -46.73
N THR G 47 -10.87 -31.76 -47.02
CA THR G 47 -10.32 -30.96 -48.09
C THR G 47 -9.22 -31.78 -48.74
N ALA G 48 -9.29 -31.91 -50.06
CA ALA G 48 -8.38 -32.76 -50.80
C ALA G 48 -7.32 -31.93 -51.48
N VAL G 49 -6.06 -32.29 -51.25
CA VAL G 49 -4.95 -31.78 -52.04
C VAL G 49 -4.55 -32.87 -53.01
N GLU G 50 -4.61 -32.57 -54.31
CA GLU G 50 -4.15 -33.50 -55.33
C GLU G 50 -2.64 -33.49 -55.34
N LEU G 51 -2.03 -34.58 -54.86
CA LEU G 51 -0.59 -34.76 -54.96
C LEU G 51 -0.25 -34.90 -56.44
N ARG G 52 0.32 -33.84 -57.02
CA ARG G 52 0.58 -33.86 -58.46
C ARG G 52 1.98 -34.37 -58.77
N GLU G 53 2.99 -33.93 -58.03
CA GLU G 53 4.36 -34.28 -58.34
C GLU G 53 4.59 -35.78 -58.18
N THR G 54 5.06 -36.43 -59.23
CA THR G 54 5.22 -37.88 -59.29
C THR G 54 6.69 -38.23 -59.48
N ASP G 55 7.19 -39.12 -58.62
CA ASP G 55 8.59 -39.51 -58.65
C ASP G 55 8.69 -40.95 -58.16
N ALA G 56 9.31 -41.83 -58.95
CA ALA G 56 9.46 -43.23 -58.58
C ALA G 56 8.10 -43.87 -58.26
N PHE G 57 7.07 -43.45 -59.00
CA PHE G 57 5.67 -43.81 -58.77
C PHE G 57 5.14 -43.28 -57.44
N VAL G 58 5.97 -42.57 -56.68
CA VAL G 58 5.63 -42.13 -55.33
C VAL G 58 5.14 -40.69 -55.42
N ARG G 59 3.85 -40.48 -55.20
CA ARG G 59 3.25 -39.16 -55.29
C ARG G 59 3.50 -38.37 -54.02
N HIS G 60 3.79 -37.08 -54.18
CA HIS G 60 4.22 -36.28 -53.04
C HIS G 60 3.87 -34.81 -53.26
N ALA G 61 3.65 -34.12 -52.15
CA ALA G 61 3.42 -32.67 -52.14
C ALA G 61 3.83 -32.14 -50.77
N TYR G 62 3.76 -30.82 -50.60
CA TYR G 62 4.15 -30.20 -49.35
C TYR G 62 3.13 -29.15 -48.99
N LEU G 63 2.84 -29.03 -47.70
CA LEU G 63 1.85 -28.09 -47.19
C LEU G 63 2.48 -27.25 -46.09
N PRO G 64 2.99 -26.06 -46.41
CA PRO G 64 3.61 -25.23 -45.37
C PRO G 64 2.57 -24.74 -44.38
N GLY G 65 2.85 -24.95 -43.09
CA GLY G 65 1.96 -24.48 -42.06
C GLY G 65 1.32 -25.59 -41.24
N VAL G 66 0.95 -26.69 -41.90
CA VAL G 66 0.36 -27.82 -41.21
C VAL G 66 1.28 -28.27 -40.09
N MET G 67 0.75 -28.40 -38.90
CA MET G 67 1.54 -28.60 -37.69
C MET G 67 1.59 -30.08 -37.31
N PRO G 68 2.34 -30.45 -36.27
CA PRO G 68 2.17 -31.78 -35.69
C PRO G 68 0.80 -31.94 -35.08
N GLY G 69 0.27 -33.16 -35.18
CA GLY G 69 -1.04 -33.50 -34.68
C GLY G 69 -2.09 -33.65 -35.76
N GLN G 70 -1.89 -33.04 -36.92
CA GLN G 70 -2.91 -33.03 -37.95
C GLN G 70 -3.27 -34.44 -38.38
N ARG G 71 -4.52 -34.61 -38.81
CA ARG G 71 -5.04 -35.89 -39.28
C ARG G 71 -5.07 -35.92 -40.81
N TYR G 72 -4.64 -37.04 -41.38
CA TYR G 72 -4.57 -37.13 -42.83
C TYR G 72 -4.84 -38.55 -43.29
N GLY G 73 -5.20 -38.67 -44.56
CA GLY G 73 -5.37 -39.94 -45.23
C GLY G 73 -5.31 -39.73 -46.73
N PHE G 74 -5.26 -40.85 -47.45
CA PHE G 74 -5.16 -40.83 -48.90
C PHE G 74 -6.40 -41.46 -49.52
N ARG G 75 -6.90 -40.84 -50.58
CA ARG G 75 -8.08 -41.31 -51.29
C ARG G 75 -7.62 -41.66 -52.69
N VAL G 76 -7.33 -42.94 -52.92
CA VAL G 76 -6.68 -43.39 -54.14
C VAL G 76 -7.71 -43.67 -55.23
N HIS G 77 -7.57 -42.98 -56.36
CA HIS G 77 -8.36 -43.25 -57.55
C HIS G 77 -7.68 -44.30 -58.42
N GLY G 78 -8.49 -44.98 -59.24
CA GLY G 78 -7.98 -46.02 -60.09
C GLY G 78 -9.04 -47.01 -60.49
N PRO G 79 -8.62 -48.17 -60.99
CA PRO G 79 -9.58 -49.19 -61.43
C PRO G 79 -9.93 -50.17 -60.34
N TYR G 80 -11.22 -50.48 -60.22
CA TYR G 80 -11.68 -51.55 -59.35
C TYR G 80 -11.89 -52.77 -60.23
N ALA G 81 -10.86 -53.61 -60.30
CA ALA G 81 -10.88 -54.79 -61.16
C ALA G 81 -10.34 -55.98 -60.39
N PRO G 82 -11.24 -56.73 -59.73
CA PRO G 82 -10.79 -57.93 -59.01
C PRO G 82 -10.38 -59.07 -59.92
N GLU G 83 -10.87 -59.10 -61.16
CA GLU G 83 -10.32 -60.03 -62.14
C GLU G 83 -8.87 -59.69 -62.48
N ARG G 84 -8.44 -58.47 -62.20
CA ARG G 84 -7.09 -58.01 -62.47
C ARG G 84 -6.28 -57.76 -61.20
N GLY G 85 -6.89 -57.89 -60.02
CA GLY G 85 -6.18 -57.59 -58.81
C GLY G 85 -6.02 -56.11 -58.54
N LEU G 86 -6.81 -55.28 -59.21
CA LEU G 86 -6.84 -53.85 -58.96
C LEU G 86 -8.06 -53.56 -58.09
N ARG G 87 -7.82 -53.40 -56.78
CA ARG G 87 -8.89 -53.08 -55.84
C ARG G 87 -8.75 -51.67 -55.28
N CYS G 88 -8.19 -50.75 -56.07
CA CYS G 88 -8.12 -49.35 -55.67
C CYS G 88 -9.50 -48.73 -55.74
N ASN G 89 -9.77 -47.79 -54.83
CA ASN G 89 -11.13 -47.30 -54.64
C ASN G 89 -11.06 -45.90 -54.04
N ALA G 90 -11.60 -44.91 -54.76
CA ALA G 90 -11.64 -43.55 -54.24
C ALA G 90 -12.58 -43.42 -53.06
N ALA G 91 -13.53 -44.35 -52.90
CA ALA G 91 -14.55 -44.22 -51.87
C ALA G 91 -13.96 -44.22 -50.47
N LYS G 92 -12.84 -44.90 -50.27
CA LYS G 92 -12.32 -45.13 -48.92
C LYS G 92 -11.26 -44.11 -48.54
N LEU G 93 -11.16 -43.86 -47.23
CA LEU G 93 -10.08 -43.04 -46.67
C LEU G 93 -8.99 -43.99 -46.20
N LEU G 94 -7.95 -44.12 -47.01
CA LEU G 94 -6.86 -45.04 -46.74
C LEU G 94 -5.95 -44.49 -45.63
N LEU G 95 -4.99 -45.32 -45.23
CA LEU G 95 -4.02 -44.96 -44.21
C LEU G 95 -2.64 -44.93 -44.82
N ASP G 96 -1.75 -44.19 -44.16
CA ASP G 96 -0.37 -44.02 -44.61
C ASP G 96 0.48 -45.09 -43.92
N PRO G 97 0.83 -46.19 -44.61
CA PRO G 97 1.55 -47.29 -43.95
C PRO G 97 2.83 -46.87 -43.25
N TYR G 98 3.27 -45.64 -43.46
CA TYR G 98 4.44 -45.11 -42.78
C TYR G 98 4.09 -44.22 -41.60
N ALA G 99 2.81 -43.91 -41.37
CA ALA G 99 2.42 -42.93 -40.37
C ALA G 99 2.92 -43.31 -38.99
N ARG G 100 3.47 -42.32 -38.28
CA ARG G 100 4.15 -42.53 -37.02
C ARG G 100 3.23 -42.47 -35.81
N ALA G 101 1.93 -42.27 -36.03
CA ALA G 101 0.92 -42.28 -34.97
C ALA G 101 -0.47 -42.34 -35.58
N VAL G 102 -1.29 -43.29 -35.13
CA VAL G 102 -2.63 -43.50 -35.66
C VAL G 102 -3.66 -43.34 -34.55
N SER G 103 -4.77 -42.68 -34.87
CA SER G 103 -5.75 -42.27 -33.88
C SER G 103 -7.08 -43.00 -34.10
N GLY G 104 -7.89 -43.00 -33.05
CA GLY G 104 -9.25 -43.51 -33.12
C GLY G 104 -9.33 -45.01 -33.37
N ARG G 105 -10.51 -45.58 -33.18
CA ARG G 105 -10.70 -47.00 -33.42
C ARG G 105 -11.53 -47.17 -34.68
N VAL G 106 -11.70 -48.44 -35.09
CA VAL G 106 -12.48 -48.77 -36.28
C VAL G 106 -13.94 -48.92 -35.90
N ARG G 107 -14.82 -48.39 -36.74
CA ARG G 107 -16.26 -48.45 -36.54
C ARG G 107 -16.81 -49.49 -37.50
N TRP G 108 -16.83 -50.74 -37.03
CA TRP G 108 -17.17 -51.86 -37.90
C TRP G 108 -18.59 -51.73 -38.44
N GLY G 109 -18.70 -51.63 -39.75
CA GLY G 109 -19.99 -51.62 -40.41
C GLY G 109 -19.84 -51.97 -41.87
N GLU G 110 -20.97 -51.95 -42.58
CA GLU G 110 -20.96 -52.02 -44.04
C GLU G 110 -19.97 -51.05 -44.66
N ALA G 111 -19.75 -49.90 -44.00
CA ALA G 111 -19.08 -48.77 -44.62
C ALA G 111 -17.62 -49.08 -44.95
N VAL G 112 -16.93 -49.84 -44.11
CA VAL G 112 -15.47 -49.90 -44.19
C VAL G 112 -14.95 -50.91 -45.22
N TYR G 113 -15.81 -51.65 -45.90
CA TYR G 113 -15.32 -52.85 -46.56
C TYR G 113 -14.77 -52.61 -47.97
N GLY G 114 -15.43 -51.83 -48.81
CA GLY G 114 -14.90 -51.55 -50.12
C GLY G 114 -15.49 -52.36 -51.25
N TYR G 115 -16.32 -53.36 -50.92
CA TYR G 115 -17.15 -54.10 -51.84
C TYR G 115 -18.55 -54.16 -51.27
N PRO G 116 -19.59 -54.09 -52.09
CA PRO G 116 -20.96 -54.20 -51.57
C PRO G 116 -21.16 -55.58 -50.96
N PHE G 117 -21.70 -55.60 -49.74
CA PHE G 117 -21.75 -56.84 -48.95
C PHE G 117 -22.48 -57.96 -49.69
N GLY G 118 -23.38 -57.63 -50.61
CA GLY G 118 -24.05 -58.66 -51.39
C GLY G 118 -23.33 -59.11 -52.63
N ARG G 119 -22.35 -58.33 -53.12
CA ARG G 119 -21.66 -58.65 -54.37
C ARG G 119 -20.18 -58.29 -54.27
N PRO G 120 -19.29 -59.29 -54.25
CA PRO G 120 -17.87 -59.02 -54.01
C PRO G 120 -17.08 -58.54 -55.22
N ASP G 121 -17.41 -59.06 -56.41
CA ASP G 121 -16.73 -58.55 -57.60
C ASP G 121 -17.19 -57.16 -57.99
N ALA G 122 -18.08 -56.55 -57.21
CA ALA G 122 -18.61 -55.22 -57.46
C ALA G 122 -17.88 -54.19 -56.62
N ARG G 123 -18.05 -52.92 -56.99
CA ARG G 123 -17.37 -51.80 -56.34
C ARG G 123 -18.29 -51.17 -55.31
N ASN G 124 -17.77 -50.93 -54.11
CA ASN G 124 -18.49 -50.19 -53.07
C ASN G 124 -18.27 -48.69 -53.28
N ASP G 125 -19.31 -47.92 -52.98
CA ASP G 125 -19.31 -46.47 -53.20
C ASP G 125 -19.77 -45.74 -51.94
N LEU G 126 -19.43 -46.26 -50.78
CA LEU G 126 -19.73 -45.63 -49.50
C LEU G 126 -18.52 -44.87 -49.02
N ASP G 127 -18.71 -43.63 -48.60
CA ASP G 127 -17.61 -42.91 -47.96
C ASP G 127 -17.23 -43.60 -46.66
N SER G 128 -15.93 -43.57 -46.36
CA SER G 128 -15.36 -44.40 -45.31
C SER G 128 -14.91 -43.63 -44.08
N ALA G 129 -14.65 -42.32 -44.20
CA ALA G 129 -13.92 -41.58 -43.19
C ALA G 129 -14.52 -41.64 -41.77
N PRO G 130 -15.83 -41.54 -41.56
CA PRO G 130 -16.34 -41.49 -40.17
C PRO G 130 -16.15 -42.79 -39.39
N ASP G 131 -15.67 -43.85 -40.03
CA ASP G 131 -15.52 -45.13 -39.35
C ASP G 131 -14.09 -45.59 -39.20
N THR G 132 -13.20 -45.23 -40.11
CA THR G 132 -11.84 -45.76 -40.15
C THR G 132 -10.95 -45.09 -39.10
N MET G 133 -9.82 -45.75 -38.81
CA MET G 133 -8.72 -45.11 -38.11
C MET G 133 -8.20 -43.95 -38.93
N THR G 134 -7.66 -42.93 -38.26
CA THR G 134 -7.14 -41.77 -38.96
C THR G 134 -5.70 -41.49 -38.51
N SER G 135 -4.81 -41.35 -39.49
CA SER G 135 -3.39 -41.16 -39.25
C SER G 135 -3.07 -39.70 -38.93
N VAL G 136 -2.00 -39.52 -38.16
CA VAL G 136 -1.65 -38.24 -37.55
C VAL G 136 -0.24 -37.84 -37.96
N VAL G 137 -0.01 -36.53 -38.08
CA VAL G 137 1.33 -35.99 -38.30
C VAL G 137 1.97 -35.79 -36.93
N VAL G 138 3.28 -36.06 -36.84
CA VAL G 138 3.97 -36.15 -35.56
C VAL G 138 5.13 -35.16 -35.49
N ASN G 139 5.49 -34.79 -34.26
CA ASN G 139 6.75 -34.10 -33.96
C ASN G 139 7.79 -35.14 -33.54
N PRO G 140 8.87 -35.31 -34.28
CA PRO G 140 9.82 -36.41 -33.98
C PRO G 140 10.86 -36.03 -32.94
N TYR G 141 10.99 -34.73 -32.68
CA TYR G 141 11.84 -34.24 -31.61
C TYR G 141 11.51 -34.96 -30.31
N PHE G 142 12.55 -35.24 -29.52
CA PHE G 142 12.37 -35.74 -28.17
C PHE G 142 13.64 -35.41 -27.40
N ASP G 143 13.52 -35.32 -26.09
CA ASP G 143 14.62 -34.81 -25.27
C ASP G 143 15.18 -35.96 -24.44
N TRP G 144 16.06 -36.74 -25.07
CA TRP G 144 16.72 -37.87 -24.42
C TRP G 144 17.92 -37.31 -23.67
N GLY G 145 17.80 -37.21 -22.35
CA GLY G 145 18.89 -36.64 -21.57
C GLY G 145 20.11 -37.53 -21.55
N ASP G 146 20.03 -38.67 -20.87
CA ASP G 146 21.09 -39.68 -20.85
C ASP G 146 20.43 -41.02 -21.14
N ASP G 147 20.24 -41.33 -22.41
CA ASP G 147 19.60 -42.57 -22.82
C ASP G 147 20.66 -43.63 -23.15
N ARG G 148 21.51 -43.89 -22.17
CA ARG G 148 22.55 -44.91 -22.33
C ARG G 148 21.89 -46.24 -22.64
N ARG G 149 22.03 -46.70 -23.89
CA ARG G 149 21.33 -47.90 -24.31
C ARG G 149 21.99 -49.15 -23.73
N PRO G 150 21.22 -50.10 -23.25
CA PRO G 150 21.82 -51.29 -22.63
C PRO G 150 22.25 -52.31 -23.67
N ARG G 151 23.54 -52.48 -23.83
CA ARG G 151 24.07 -53.46 -24.77
C ARG G 151 24.46 -54.74 -24.05
N THR G 152 23.45 -55.37 -23.46
CA THR G 152 23.65 -56.64 -22.78
C THR G 152 24.06 -57.69 -23.79
N GLU G 153 25.28 -58.21 -23.67
CA GLU G 153 25.71 -59.31 -24.49
C GLU G 153 24.82 -60.52 -24.23
N TYR G 154 24.75 -61.42 -25.23
CA TYR G 154 23.72 -62.44 -25.24
C TYR G 154 23.72 -63.30 -23.98
N HIS G 155 24.88 -63.50 -23.37
CA HIS G 155 24.98 -64.43 -22.25
C HIS G 155 24.62 -63.82 -20.90
N HIS G 156 24.38 -62.50 -20.82
CA HIS G 156 23.96 -61.86 -19.58
C HIS G 156 22.48 -61.47 -19.60
N THR G 157 21.69 -62.08 -20.48
CA THR G 157 20.34 -61.62 -20.80
C THR G 157 19.29 -62.58 -20.24
N VAL G 158 18.22 -62.02 -19.67
CA VAL G 158 17.05 -62.78 -19.26
C VAL G 158 15.81 -62.07 -19.82
N ILE G 159 15.20 -62.68 -20.84
CA ILE G 159 14.05 -62.09 -21.50
C ILE G 159 12.86 -62.02 -20.55
N TYR G 160 12.09 -60.95 -20.64
CA TYR G 160 10.78 -60.85 -20.00
C TYR G 160 9.74 -60.58 -21.07
N GLU G 161 8.98 -61.60 -21.45
CA GLU G 161 7.86 -61.42 -22.36
C GLU G 161 6.64 -60.96 -21.57
N ALA G 162 6.10 -59.80 -21.94
CA ALA G 162 4.95 -59.27 -21.24
C ALA G 162 4.09 -58.47 -22.22
N HIS G 163 2.78 -58.51 -21.99
CA HIS G 163 1.87 -57.61 -22.67
C HIS G 163 1.86 -56.24 -21.99
N VAL G 164 1.65 -55.20 -22.79
CA VAL G 164 1.66 -53.84 -22.28
C VAL G 164 0.44 -53.55 -21.42
N LYS G 165 -0.65 -54.31 -21.59
CA LYS G 165 -1.86 -54.12 -20.80
C LYS G 165 -1.93 -55.05 -19.59
N GLY G 166 -1.85 -56.36 -19.82
CA GLY G 166 -2.06 -57.33 -18.76
C GLY G 166 -1.19 -57.13 -17.55
N LEU G 167 -0.03 -56.51 -17.71
CA LEU G 167 0.87 -56.27 -16.59
C LEU G 167 0.26 -55.38 -15.52
N THR G 168 -0.02 -54.11 -15.86
CA THR G 168 -0.28 -53.09 -14.85
C THR G 168 -1.72 -52.60 -14.84
N MET G 169 -2.65 -53.35 -15.42
CA MET G 169 -4.05 -52.95 -15.30
C MET G 169 -4.56 -53.15 -13.88
N LEU G 170 -3.93 -54.03 -13.10
CA LEU G 170 -4.46 -54.46 -11.80
C LEU G 170 -3.48 -54.23 -10.66
N HIS G 171 -2.51 -53.34 -10.85
CA HIS G 171 -1.49 -53.07 -9.83
C HIS G 171 -2.10 -52.25 -8.70
N PRO G 172 -1.88 -52.62 -7.42
CA PRO G 172 -2.27 -51.71 -6.35
C PRO G 172 -1.26 -50.59 -6.16
N ASP G 173 -0.76 -50.05 -7.27
CA ASP G 173 0.23 -48.98 -7.20
C ASP G 173 0.03 -47.85 -8.18
N LEU G 174 -0.65 -48.06 -9.29
CA LEU G 174 -0.60 -46.91 -10.16
C LEU G 174 -1.91 -46.14 -10.09
N PRO G 175 -1.85 -44.83 -10.36
CA PRO G 175 -3.10 -44.07 -10.50
C PRO G 175 -4.03 -44.74 -11.49
N GLU G 176 -5.33 -44.53 -11.30
CA GLU G 176 -6.31 -45.03 -12.26
C GLU G 176 -6.01 -44.52 -13.67
N GLU G 177 -5.26 -43.42 -13.79
CA GLU G 177 -5.00 -42.80 -15.07
C GLU G 177 -3.95 -43.58 -15.87
N LEU G 178 -2.90 -44.07 -15.21
CA LEU G 178 -1.78 -44.70 -15.91
C LEU G 178 -1.81 -46.23 -15.86
N ARG G 179 -2.83 -46.83 -15.23
CA ARG G 179 -2.92 -48.28 -15.19
C ARG G 179 -3.17 -48.85 -16.58
N GLY G 180 -2.37 -49.83 -16.97
CA GLY G 180 -2.57 -50.53 -18.22
C GLY G 180 -2.16 -49.75 -19.46
N THR G 181 -1.38 -48.69 -19.31
CA THR G 181 -0.92 -47.87 -20.42
C THR G 181 0.58 -48.03 -20.60
N TYR G 182 1.13 -47.36 -21.62
CA TYR G 182 2.58 -47.27 -21.73
C TYR G 182 3.16 -46.53 -20.53
N ALA G 183 2.47 -45.49 -20.07
CA ALA G 183 3.02 -44.63 -19.04
C ALA G 183 3.25 -45.39 -17.74
N GLY G 184 2.28 -46.18 -17.31
CA GLY G 184 2.42 -46.97 -16.10
C GLY G 184 3.52 -48.00 -16.19
N LEU G 185 3.91 -48.39 -17.39
CA LEU G 185 5.08 -49.25 -17.60
C LEU G 185 6.36 -48.58 -17.10
N ALA G 186 6.33 -47.25 -16.89
CA ALA G 186 7.47 -46.49 -16.40
C ALA G 186 7.36 -46.11 -14.93
N HIS G 187 6.32 -46.58 -14.24
CA HIS G 187 6.22 -46.36 -12.81
C HIS G 187 7.35 -47.09 -12.09
N PRO G 188 8.00 -46.46 -11.11
CA PRO G 188 9.13 -47.12 -10.43
C PRO G 188 8.74 -48.43 -9.77
N SER G 189 7.46 -48.66 -9.53
CA SER G 189 7.01 -49.89 -8.90
C SER G 189 7.00 -51.07 -9.86
N VAL G 190 7.00 -50.81 -11.18
CA VAL G 190 7.03 -51.87 -12.17
C VAL G 190 8.48 -52.12 -12.56
N ILE G 191 9.16 -51.06 -13.01
CA ILE G 191 10.59 -51.15 -13.28
C ILE G 191 11.33 -51.64 -12.04
N GLY G 192 11.00 -51.07 -10.87
CA GLY G 192 11.57 -51.55 -9.63
C GLY G 192 11.23 -53.01 -9.38
N HIS G 193 10.06 -53.46 -9.80
CA HIS G 193 9.76 -54.89 -9.72
C HIS G 193 10.51 -55.67 -10.80
N LEU G 194 10.69 -55.09 -11.98
CA LEU G 194 11.47 -55.75 -13.01
C LEU G 194 12.94 -55.79 -12.62
N ARG G 195 13.45 -54.69 -12.05
CA ARG G 195 14.82 -54.68 -11.56
C ARG G 195 15.01 -55.69 -10.44
N GLU G 196 13.99 -55.87 -9.59
CA GLU G 196 14.09 -56.79 -8.47
C GLU G 196 14.23 -58.23 -8.95
N LEU G 197 13.69 -58.54 -10.12
CA LEU G 197 13.73 -59.91 -10.63
C LEU G 197 15.08 -60.25 -11.22
N GLY G 198 15.59 -59.39 -12.10
CA GLY G 198 16.88 -59.60 -12.73
C GLY G 198 16.84 -59.58 -14.24
N VAL G 199 15.77 -59.06 -14.81
CA VAL G 199 15.59 -59.05 -16.27
C VAL G 199 16.39 -57.92 -16.87
N THR G 200 17.26 -58.24 -17.82
CA THR G 200 17.94 -57.27 -18.66
C THR G 200 17.19 -57.03 -19.96
N ALA G 201 15.98 -57.57 -20.08
CA ALA G 201 15.28 -57.61 -21.37
C ALA G 201 13.79 -57.71 -21.12
N LEU G 202 13.06 -56.66 -21.48
CA LEU G 202 11.61 -56.69 -21.53
C LEU G 202 11.20 -56.90 -22.99
N GLU G 203 10.57 -58.03 -23.28
CA GLU G 203 10.05 -58.28 -24.64
C GLU G 203 8.59 -57.84 -24.68
N LEU G 204 8.33 -56.68 -25.28
CA LEU G 204 6.97 -56.14 -25.33
C LEU G 204 6.15 -56.91 -26.35
N MET G 205 5.00 -57.44 -25.92
CA MET G 205 4.04 -58.06 -26.83
C MET G 205 3.51 -57.00 -27.80
N PRO G 206 2.86 -57.41 -28.93
CA PRO G 206 2.70 -56.51 -30.09
C PRO G 206 2.43 -55.06 -29.75
N VAL G 207 3.27 -54.17 -30.31
CA VAL G 207 3.08 -52.73 -30.16
C VAL G 207 2.81 -52.04 -31.49
N HIS G 208 3.00 -52.72 -32.60
CA HIS G 208 2.55 -52.21 -33.89
C HIS G 208 1.04 -51.97 -33.83
N GLN G 209 0.61 -50.77 -34.20
CA GLN G 209 -0.80 -50.42 -34.05
C GLN G 209 -1.67 -51.37 -34.85
N PHE G 210 -2.57 -52.04 -34.16
CA PHE G 210 -3.34 -53.13 -34.73
C PHE G 210 -4.84 -52.82 -34.67
N VAL G 211 -5.62 -53.72 -35.25
CA VAL G 211 -7.05 -53.55 -35.42
C VAL G 211 -7.78 -54.63 -34.63
N ASN G 212 -8.91 -54.26 -34.04
CA ASN G 212 -9.83 -55.23 -33.48
C ASN G 212 -10.77 -55.71 -34.59
N ASP G 213 -11.18 -56.97 -34.49
CA ASP G 213 -11.75 -57.69 -35.62
C ASP G 213 -13.28 -57.69 -35.58
N HIS G 214 -13.87 -57.62 -36.79
CA HIS G 214 -15.33 -57.59 -36.92
C HIS G 214 -15.96 -58.88 -36.42
N ARG G 215 -15.29 -60.01 -36.67
CA ARG G 215 -15.72 -61.26 -36.06
C ARG G 215 -15.69 -61.16 -34.54
N LEU G 216 -14.66 -60.51 -33.99
CA LEU G 216 -14.42 -60.55 -32.55
C LEU G 216 -15.21 -59.49 -31.81
N VAL G 217 -15.24 -58.25 -32.33
CA VAL G 217 -15.93 -57.18 -31.62
C VAL G 217 -17.44 -57.37 -31.68
N ASP G 218 -17.95 -57.88 -32.81
CA ASP G 218 -19.35 -58.29 -32.90
C ASP G 218 -19.67 -59.51 -32.05
N ALA G 219 -18.68 -60.07 -31.35
CA ALA G 219 -18.83 -61.32 -30.61
C ALA G 219 -18.66 -61.15 -29.11
N GLY G 220 -18.61 -59.91 -28.62
CA GLY G 220 -18.34 -59.70 -27.22
C GLY G 220 -16.90 -59.95 -26.83
N LEU G 221 -15.99 -59.97 -27.81
CA LEU G 221 -14.57 -60.15 -27.52
C LEU G 221 -13.76 -59.09 -28.27
N SER G 222 -12.44 -59.22 -28.26
CA SER G 222 -11.58 -58.28 -28.93
C SER G 222 -10.21 -58.91 -29.09
N ASN G 223 -9.41 -58.35 -29.99
CA ASN G 223 -8.13 -58.95 -30.37
C ASN G 223 -7.07 -58.45 -29.40
N TYR G 224 -6.83 -59.23 -28.35
CA TYR G 224 -6.08 -58.78 -27.17
C TYR G 224 -4.57 -58.96 -27.34
N TRP G 225 -4.13 -60.15 -27.74
CA TRP G 225 -2.70 -60.31 -28.06
C TRP G 225 -2.29 -59.39 -29.20
N GLY G 226 -3.14 -59.26 -30.23
CA GLY G 226 -2.92 -58.25 -31.24
C GLY G 226 -1.83 -58.52 -32.25
N TYR G 227 -1.65 -59.78 -32.66
CA TYR G 227 -0.68 -60.10 -33.68
C TYR G 227 -1.29 -59.84 -35.05
N ASN G 228 -1.89 -58.67 -35.22
CA ASN G 228 -2.65 -58.39 -36.43
C ASN G 228 -2.67 -56.87 -36.63
N THR G 229 -1.66 -56.36 -37.32
CA THR G 229 -1.30 -54.94 -37.28
C THR G 229 -1.60 -54.25 -38.61
N ILE G 230 -1.73 -52.92 -38.55
CA ILE G 230 -2.04 -52.17 -39.77
C ILE G 230 -1.04 -51.04 -40.01
N GLY G 231 -0.49 -50.47 -38.94
CA GLY G 231 0.54 -49.47 -39.11
C GLY G 231 1.79 -49.92 -38.37
N PHE G 232 2.81 -50.30 -39.13
CA PHE G 232 4.02 -50.83 -38.52
C PHE G 232 4.88 -49.75 -37.91
N PHE G 233 4.53 -48.49 -38.11
CA PHE G 233 5.35 -47.36 -37.70
C PHE G 233 4.79 -46.66 -36.46
N ALA G 234 3.58 -46.99 -36.04
CA ALA G 234 2.93 -46.29 -34.96
C ALA G 234 2.84 -47.17 -33.71
N PRO G 235 3.02 -46.59 -32.52
CA PRO G 235 2.60 -47.28 -31.30
C PRO G 235 1.08 -47.30 -31.19
N HIS G 236 0.57 -48.37 -30.59
CA HIS G 236 -0.86 -48.65 -30.56
C HIS G 236 -1.56 -47.69 -29.59
N ASN G 237 -2.47 -46.86 -30.12
CA ASN G 237 -3.00 -45.74 -29.34
C ASN G 237 -3.75 -46.19 -28.10
N ALA G 238 -4.32 -47.40 -28.12
CA ALA G 238 -5.16 -47.88 -27.03
C ALA G 238 -4.35 -48.32 -25.81
N TYR G 239 -3.03 -48.13 -25.82
CA TYR G 239 -2.20 -48.32 -24.63
C TYR G 239 -1.53 -47.04 -24.16
N ALA G 240 -1.94 -45.88 -24.65
CA ALA G 240 -1.29 -44.63 -24.30
C ALA G 240 -2.33 -43.66 -23.75
N SER G 241 -2.12 -43.23 -22.50
CA SER G 241 -3.08 -42.33 -21.86
C SER G 241 -3.00 -40.90 -22.42
N TRP G 242 -1.85 -40.50 -22.96
CA TRP G 242 -1.63 -39.09 -23.28
C TRP G 242 -2.37 -38.63 -24.52
N GLY G 243 -3.04 -39.51 -25.24
CA GLY G 243 -3.93 -39.10 -26.31
C GLY G 243 -3.87 -40.07 -27.47
N ASP G 244 -4.33 -39.57 -28.63
CA ASP G 244 -4.23 -40.34 -29.87
C ASP G 244 -3.77 -39.51 -31.05
N ARG G 245 -3.51 -38.21 -30.89
CA ARG G 245 -2.94 -37.39 -31.97
C ARG G 245 -1.43 -37.24 -31.77
N GLY G 246 -0.71 -38.34 -31.96
CA GLY G 246 0.74 -38.30 -31.82
C GLY G 246 1.18 -38.16 -30.38
N GLN G 247 0.26 -37.73 -29.52
CA GLN G 247 0.45 -37.73 -28.08
C GLN G 247 1.02 -39.05 -27.59
N GLN G 248 0.72 -40.13 -28.33
CA GLN G 248 1.09 -41.49 -27.91
C GLN G 248 2.49 -41.90 -28.32
N VAL G 249 3.11 -41.22 -29.30
CA VAL G 249 4.48 -41.58 -29.64
C VAL G 249 5.44 -41.03 -28.60
N LEU G 250 5.20 -39.79 -28.14
CA LEU G 250 5.99 -39.21 -27.05
C LEU G 250 5.95 -40.08 -25.80
N GLU G 251 4.91 -40.90 -25.65
CA GLU G 251 4.79 -41.78 -24.49
C GLU G 251 5.72 -42.99 -24.61
N PHE G 252 5.81 -43.59 -25.80
CA PHE G 252 6.75 -44.69 -25.99
C PHE G 252 8.19 -44.22 -25.77
N LYS G 253 8.53 -43.06 -26.33
CA LYS G 253 9.87 -42.51 -26.16
C LYS G 253 10.16 -42.28 -24.67
N SER G 254 9.22 -41.68 -23.95
CA SER G 254 9.43 -41.44 -22.52
C SER G 254 9.37 -42.72 -21.71
N ALA G 255 8.65 -43.73 -22.20
CA ALA G 255 8.65 -45.02 -21.52
C ALA G 255 9.98 -45.75 -21.76
N VAL G 256 10.46 -45.72 -23.00
CA VAL G 256 11.72 -46.39 -23.31
C VAL G 256 12.88 -45.71 -22.59
N ARG G 257 12.98 -44.38 -22.69
CA ARG G 257 13.98 -43.64 -21.93
C ARG G 257 13.93 -44.01 -20.45
N ALA G 258 12.74 -44.31 -19.92
CA ALA G 258 12.62 -44.69 -18.53
C ALA G 258 13.11 -46.12 -18.30
N LEU G 259 12.82 -47.02 -19.25
CA LEU G 259 13.32 -48.39 -19.13
C LEU G 259 14.82 -48.45 -19.29
N HIS G 260 15.38 -47.66 -20.22
CA HIS G 260 16.82 -47.60 -20.39
C HIS G 260 17.50 -47.13 -19.12
N GLN G 261 16.96 -46.09 -18.49
CA GLN G 261 17.61 -45.46 -17.34
C GLN G 261 17.82 -46.42 -16.19
N ALA G 262 17.00 -47.47 -16.06
CA ALA G 262 17.16 -48.45 -15.01
C ALA G 262 17.83 -49.73 -15.48
N GLY G 263 18.38 -49.74 -16.70
CA GLY G 263 19.26 -50.80 -17.14
C GLY G 263 18.56 -52.03 -17.70
N ILE G 264 17.44 -51.83 -18.39
CA ILE G 264 16.65 -52.93 -18.96
C ILE G 264 16.42 -52.64 -20.43
N GLU G 265 16.56 -53.67 -21.27
CA GLU G 265 16.39 -53.53 -22.70
C GLU G 265 14.91 -53.57 -23.07
N VAL G 266 14.50 -52.64 -23.94
CA VAL G 266 13.19 -52.69 -24.57
C VAL G 266 13.27 -53.57 -25.81
N ILE G 267 12.30 -54.45 -25.99
CA ILE G 267 12.31 -55.38 -27.10
C ILE G 267 10.87 -55.63 -27.53
N LEU G 268 10.55 -55.32 -28.78
CA LEU G 268 9.16 -55.39 -29.22
C LEU G 268 8.96 -56.49 -30.26
N ASP G 269 7.74 -57.01 -30.27
CA ASP G 269 7.36 -58.18 -31.05
C ASP G 269 6.70 -57.70 -32.33
N VAL G 270 7.25 -58.11 -33.48
CA VAL G 270 6.88 -57.55 -34.77
C VAL G 270 6.09 -58.60 -35.56
N VAL G 271 4.93 -58.19 -36.08
CA VAL G 271 4.02 -59.05 -36.82
C VAL G 271 4.14 -58.66 -38.28
N TYR G 272 4.98 -59.38 -39.04
CA TYR G 272 5.25 -59.05 -40.43
C TYR G 272 4.77 -60.09 -41.42
N ASN G 273 4.12 -61.16 -40.96
CA ASN G 273 3.65 -62.19 -41.88
C ASN G 273 2.37 -61.79 -42.60
N HIS G 274 1.62 -60.83 -42.07
CA HIS G 274 0.29 -60.52 -42.60
C HIS G 274 -0.09 -59.10 -42.18
N THR G 275 -0.98 -58.51 -42.97
CA THR G 275 -1.52 -57.18 -42.72
C THR G 275 -3.00 -57.30 -42.41
N ALA G 276 -3.42 -56.64 -41.32
CA ALA G 276 -4.73 -56.83 -40.69
C ALA G 276 -5.91 -56.72 -41.65
N GLU G 277 -5.69 -56.19 -42.85
CA GLU G 277 -6.74 -56.19 -43.86
C GLU G 277 -7.19 -57.61 -44.20
N GLY G 278 -6.27 -58.57 -44.17
CA GLY G 278 -6.63 -59.95 -44.42
C GLY G 278 -6.84 -60.23 -45.89
N ASN G 279 -7.68 -61.24 -46.17
CA ASN G 279 -7.98 -61.62 -47.53
C ASN G 279 -9.22 -60.88 -48.02
N HIS G 280 -9.54 -61.08 -49.30
CA HIS G 280 -10.74 -60.48 -49.90
C HIS G 280 -11.94 -60.87 -49.06
N LEU G 281 -13.01 -60.08 -49.13
CA LEU G 281 -14.04 -59.95 -48.10
C LEU G 281 -13.48 -59.12 -46.95
N GLY G 282 -12.20 -58.78 -47.02
CA GLY G 282 -11.58 -57.97 -46.01
C GLY G 282 -11.78 -56.50 -46.26
N PRO G 283 -11.69 -55.70 -45.21
CA PRO G 283 -11.88 -54.25 -45.35
C PRO G 283 -10.80 -53.61 -46.21
N THR G 284 -10.92 -52.31 -46.46
CA THR G 284 -9.95 -51.57 -47.27
C THR G 284 -9.46 -50.40 -46.43
N LEU G 285 -8.42 -50.65 -45.63
CA LEU G 285 -7.93 -49.68 -44.67
C LEU G 285 -6.65 -48.97 -45.13
N SER G 286 -5.59 -49.73 -45.41
CA SER G 286 -4.30 -49.14 -45.70
C SER G 286 -3.82 -49.41 -47.13
N MET G 287 -3.65 -50.67 -47.50
CA MET G 287 -2.87 -51.00 -48.70
C MET G 287 -3.73 -51.41 -49.88
N ARG G 288 -4.68 -52.32 -49.67
CA ARG G 288 -5.54 -52.76 -50.76
C ARG G 288 -6.10 -51.58 -51.56
N GLY G 289 -6.43 -50.48 -50.87
CA GLY G 289 -6.82 -49.27 -51.56
C GLY G 289 -5.65 -48.61 -52.28
N LEU G 290 -4.50 -48.52 -51.61
CA LEU G 290 -3.32 -47.86 -52.16
C LEU G 290 -2.88 -48.49 -53.48
N ASP G 291 -2.40 -49.72 -53.42
CA ASP G 291 -1.82 -50.39 -54.58
C ASP G 291 -1.88 -51.90 -54.31
N ASN G 292 -2.91 -52.57 -54.85
CA ASN G 292 -3.07 -53.98 -54.52
C ASN G 292 -1.99 -54.85 -55.15
N PRO G 293 -1.80 -54.87 -56.49
CA PRO G 293 -0.90 -55.88 -57.08
C PRO G 293 0.52 -55.90 -56.53
N SER G 294 0.99 -54.80 -55.94
CA SER G 294 2.37 -54.69 -55.51
C SER G 294 2.57 -54.73 -54.00
N TYR G 295 1.50 -54.74 -53.20
CA TYR G 295 1.68 -54.96 -51.77
C TYR G 295 1.47 -56.44 -51.40
N TYR G 296 0.27 -56.96 -51.67
CA TYR G 296 -0.07 -58.34 -51.30
C TYR G 296 0.08 -59.24 -52.52
N ARG G 297 0.89 -60.27 -52.41
CA ARG G 297 0.89 -61.29 -53.45
C ARG G 297 -0.43 -62.05 -53.46
N LEU G 298 -1.07 -62.09 -54.62
CA LEU G 298 -2.34 -62.78 -54.78
C LEU G 298 -2.09 -64.17 -55.36
N ALA G 299 -3.16 -64.94 -55.48
CA ALA G 299 -3.06 -66.31 -55.95
C ALA G 299 -2.81 -66.31 -57.47
N ASP G 300 -2.90 -67.49 -58.09
CA ASP G 300 -2.79 -67.56 -59.54
C ASP G 300 -3.92 -66.79 -60.21
N ASP G 301 -5.13 -66.84 -59.64
CA ASP G 301 -6.18 -65.90 -60.02
C ASP G 301 -5.96 -64.61 -59.23
N PRO G 302 -5.80 -63.45 -59.89
CA PRO G 302 -5.52 -62.22 -59.13
C PRO G 302 -6.76 -61.66 -58.44
N ARG G 303 -7.47 -62.52 -57.71
CA ARG G 303 -8.67 -62.13 -57.00
C ARG G 303 -8.67 -62.78 -55.62
N TYR G 304 -7.60 -63.49 -55.26
CA TYR G 304 -7.57 -64.37 -54.11
C TYR G 304 -6.15 -64.33 -53.52
N TYR G 305 -6.06 -64.40 -52.20
CA TYR G 305 -4.80 -64.24 -51.48
C TYR G 305 -4.31 -65.57 -50.91
N MET G 306 -3.00 -65.76 -50.93
CA MET G 306 -2.40 -67.00 -50.41
C MET G 306 -2.37 -66.95 -48.90
N ASP G 307 -2.96 -67.96 -48.25
CA ASP G 307 -3.02 -68.03 -46.78
C ASP G 307 -2.17 -69.18 -46.26
N THR G 308 -0.89 -68.88 -46.03
CA THR G 308 -0.01 -69.73 -45.24
C THR G 308 0.03 -69.31 -43.78
N THR G 309 -0.42 -68.10 -43.45
CA THR G 309 -0.38 -67.58 -42.09
C THR G 309 -1.64 -67.87 -41.29
N GLY G 310 -2.70 -68.34 -41.93
CA GLY G 310 -3.95 -68.60 -41.23
C GLY G 310 -4.63 -67.36 -40.71
N THR G 311 -4.16 -66.19 -41.12
CA THR G 311 -4.77 -64.91 -40.77
C THR G 311 -5.03 -64.07 -42.02
N GLY G 312 -5.41 -64.76 -43.10
CA GLY G 312 -5.84 -64.13 -44.34
C GLY G 312 -4.83 -63.94 -45.45
N ASN G 313 -3.88 -63.01 -45.33
CA ASN G 313 -3.12 -62.55 -46.48
C ASN G 313 -1.61 -62.82 -46.33
N SER G 314 -0.83 -62.24 -47.24
CA SER G 314 0.63 -62.24 -47.11
C SER G 314 1.19 -61.12 -47.97
N LEU G 315 2.15 -60.37 -47.41
CA LEU G 315 2.84 -59.35 -48.20
C LEU G 315 3.68 -60.00 -49.30
N LEU G 316 4.06 -59.18 -50.28
CA LEU G 316 4.83 -59.62 -51.43
C LEU G 316 6.30 -59.30 -51.19
N MET G 317 7.13 -60.34 -51.11
CA MET G 317 8.49 -60.19 -50.61
C MET G 317 9.54 -59.99 -51.70
N ARG G 318 9.17 -60.09 -52.99
CA ARG G 318 10.08 -59.70 -54.04
C ARG G 318 9.81 -58.29 -54.56
N SER G 319 8.65 -57.72 -54.23
CA SER G 319 8.32 -56.36 -54.62
C SER G 319 9.04 -55.37 -53.73
N PRO G 320 9.77 -54.40 -54.28
CA PRO G 320 10.73 -53.63 -53.46
C PRO G 320 10.12 -52.89 -52.28
N HIS G 321 9.03 -52.15 -52.49
CA HIS G 321 8.55 -51.26 -51.44
C HIS G 321 8.05 -51.99 -50.22
N VAL G 322 7.94 -53.33 -50.29
CA VAL G 322 7.80 -54.11 -49.06
C VAL G 322 9.15 -54.31 -48.39
N LEU G 323 10.16 -54.74 -49.17
CA LEU G 323 11.53 -54.74 -48.67
C LEU G 323 11.92 -53.36 -48.15
N GLN G 324 11.42 -52.32 -48.82
CA GLN G 324 11.63 -50.96 -48.32
C GLN G 324 10.90 -50.75 -47.00
N LEU G 325 9.58 -50.96 -47.00
CA LEU G 325 8.78 -50.71 -45.79
C LEU G 325 9.32 -51.45 -44.58
N ILE G 326 9.52 -52.76 -44.73
CA ILE G 326 9.91 -53.59 -43.59
C ILE G 326 11.20 -53.06 -42.98
N MET G 327 12.26 -52.93 -43.79
CA MET G 327 13.49 -52.34 -43.28
C MET G 327 13.28 -50.90 -42.82
N ASP G 328 12.51 -50.11 -43.59
CA ASP G 328 12.21 -48.75 -43.16
C ASP G 328 11.54 -48.73 -41.79
N SER G 329 10.81 -49.79 -41.46
CA SER G 329 10.10 -49.89 -40.19
C SER G 329 11.00 -50.41 -39.07
N LEU G 330 11.74 -51.49 -39.33
CA LEU G 330 12.70 -51.99 -38.36
C LEU G 330 13.78 -50.97 -38.05
N ARG G 331 14.04 -50.04 -38.96
CA ARG G 331 15.02 -48.99 -38.71
C ARG G 331 14.43 -47.80 -37.96
N TYR G 332 13.16 -47.48 -38.18
CA TYR G 332 12.55 -46.36 -37.47
C TYR G 332 12.52 -46.62 -35.97
N TRP G 333 12.14 -47.84 -35.57
CA TRP G 333 11.98 -48.16 -34.16
C TRP G 333 13.29 -48.12 -33.40
N VAL G 334 14.41 -48.31 -34.09
CA VAL G 334 15.70 -48.37 -33.40
C VAL G 334 16.33 -46.99 -33.27
N THR G 335 16.35 -46.22 -34.36
CA THR G 335 17.02 -44.93 -34.34
C THR G 335 16.13 -43.81 -33.81
N GLU G 336 14.80 -43.93 -33.95
CA GLU G 336 13.91 -42.91 -33.44
C GLU G 336 13.16 -43.33 -32.17
N MET G 337 13.01 -44.64 -31.93
CA MET G 337 12.31 -45.13 -30.75
C MET G 337 13.23 -45.85 -29.78
N HIS G 338 14.53 -45.95 -30.07
CA HIS G 338 15.52 -46.42 -29.11
C HIS G 338 15.23 -47.82 -28.61
N VAL G 339 14.65 -48.65 -29.46
CA VAL G 339 14.38 -50.05 -29.15
C VAL G 339 15.63 -50.88 -29.41
N ASP G 340 15.81 -51.96 -28.65
CA ASP G 340 17.06 -52.71 -28.67
C ASP G 340 16.98 -54.02 -29.43
N GLY G 341 15.82 -54.40 -29.93
CA GLY G 341 15.71 -55.63 -30.69
C GLY G 341 14.29 -55.92 -31.07
N PHE G 342 14.14 -56.98 -31.86
CA PHE G 342 12.84 -57.41 -32.36
C PHE G 342 12.72 -58.90 -32.18
N ARG G 343 11.47 -59.37 -32.13
CA ARG G 343 11.16 -60.79 -32.18
C ARG G 343 10.23 -60.99 -33.35
N PHE G 344 10.76 -61.52 -34.44
CA PHE G 344 9.94 -61.73 -35.62
C PHE G 344 8.89 -62.79 -35.33
N ASP G 345 7.66 -62.33 -35.14
CA ASP G 345 6.56 -63.24 -34.83
C ASP G 345 6.35 -64.21 -35.98
N LEU G 346 6.10 -65.47 -35.63
CA LEU G 346 5.71 -66.47 -36.61
C LEU G 346 6.78 -66.69 -37.66
N ALA G 347 8.03 -66.35 -37.32
CA ALA G 347 9.13 -66.35 -38.30
C ALA G 347 9.18 -67.62 -39.12
N ALA G 348 8.80 -68.75 -38.53
CA ALA G 348 8.65 -69.99 -39.29
C ALA G 348 7.76 -69.77 -40.50
N THR G 349 6.61 -69.11 -40.31
CA THR G 349 5.71 -68.80 -41.42
C THR G 349 6.20 -67.57 -42.19
N LEU G 350 6.64 -66.54 -41.47
CA LEU G 350 7.16 -65.33 -42.11
C LEU G 350 8.31 -65.63 -43.06
N ALA G 351 9.04 -66.73 -42.82
CA ALA G 351 10.10 -67.15 -43.72
C ALA G 351 9.62 -68.10 -44.80
N ARG G 352 8.40 -68.66 -44.67
CA ARG G 352 7.83 -69.38 -45.81
C ARG G 352 7.50 -68.43 -46.94
N GLN G 353 7.09 -67.20 -46.61
CA GLN G 353 6.76 -66.24 -47.67
C GLN G 353 8.01 -65.77 -48.41
N PHE G 354 9.15 -65.69 -47.72
CA PHE G 354 10.37 -65.20 -48.37
C PHE G 354 10.91 -66.18 -49.39
N HIS G 355 10.73 -67.47 -49.16
CA HIS G 355 11.29 -68.49 -50.04
C HIS G 355 10.50 -68.64 -51.33
N GLU G 356 9.18 -68.55 -51.25
CA GLU G 356 8.37 -68.75 -52.43
C GLU G 356 8.49 -67.58 -53.43
N VAL G 357 9.48 -66.70 -53.23
CA VAL G 357 9.85 -65.68 -54.22
C VAL G 357 11.36 -65.73 -54.44
N ASP G 358 12.04 -66.71 -53.83
CA ASP G 358 13.50 -66.82 -53.88
C ASP G 358 14.19 -65.51 -53.52
N ARG G 359 13.56 -64.72 -52.67
CA ARG G 359 14.20 -63.54 -52.08
C ARG G 359 14.64 -63.83 -50.65
N LEU G 360 14.62 -65.10 -50.24
CA LEU G 360 14.92 -65.46 -48.86
C LEU G 360 16.41 -65.29 -48.57
N SER G 361 17.26 -66.01 -49.31
CA SER G 361 18.70 -65.93 -49.05
C SER G 361 19.27 -64.56 -49.40
N SER G 362 18.63 -63.83 -50.30
CA SER G 362 19.07 -62.47 -50.58
C SER G 362 18.65 -61.49 -49.51
N PHE G 363 17.83 -61.92 -48.54
CA PHE G 363 17.38 -61.05 -47.46
C PHE G 363 18.33 -61.03 -46.28
N PHE G 364 18.84 -62.19 -45.87
CA PHE G 364 19.75 -62.23 -44.73
C PHE G 364 21.00 -61.38 -45.00
N ASP G 365 21.47 -61.38 -46.25
CA ASP G 365 22.53 -60.47 -46.63
C ASP G 365 22.08 -59.02 -46.52
N LEU G 366 20.88 -58.74 -47.02
CA LEU G 366 20.30 -57.40 -46.90
C LEU G 366 20.26 -56.95 -45.44
N VAL G 367 20.08 -57.89 -44.52
CA VAL G 367 20.10 -57.58 -43.09
C VAL G 367 21.52 -57.51 -42.57
N GLN G 368 22.34 -58.50 -42.94
CA GLN G 368 23.68 -58.62 -42.38
C GLN G 368 24.53 -57.37 -42.62
N GLN G 369 24.24 -56.63 -43.70
CA GLN G 369 25.04 -55.48 -44.08
C GLN G 369 24.51 -54.18 -43.47
N ASP G 370 23.19 -54.02 -43.41
CA ASP G 370 22.55 -52.80 -42.95
C ASP G 370 23.06 -52.47 -41.55
N PRO G 371 23.79 -51.37 -41.38
CA PRO G 371 24.43 -51.13 -40.08
C PRO G 371 23.45 -50.97 -38.94
N VAL G 372 22.17 -50.78 -39.25
CA VAL G 372 21.17 -50.47 -38.24
C VAL G 372 20.48 -51.73 -37.73
N VAL G 373 20.16 -52.67 -38.62
CA VAL G 373 19.29 -53.78 -38.26
C VAL G 373 20.06 -55.04 -37.87
N SER G 374 21.22 -55.27 -38.48
CA SER G 374 22.02 -56.44 -38.11
C SER G 374 22.38 -56.41 -36.63
N GLN G 375 22.66 -55.22 -36.09
CA GLN G 375 23.22 -55.02 -34.76
C GLN G 375 22.21 -55.13 -33.62
N VAL G 376 20.92 -55.23 -33.88
CA VAL G 376 19.97 -55.41 -32.80
C VAL G 376 19.80 -56.91 -32.54
N LYS G 377 19.31 -57.23 -31.35
CA LYS G 377 18.94 -58.61 -31.06
C LYS G 377 17.76 -59.00 -31.94
N LEU G 378 17.96 -60.07 -32.73
CA LEU G 378 16.89 -60.61 -33.56
C LEU G 378 16.60 -62.03 -33.07
N ILE G 379 15.46 -62.19 -32.41
CA ILE G 379 14.96 -63.49 -32.00
C ILE G 379 13.85 -63.87 -32.96
N ALA G 380 13.80 -65.13 -33.34
CA ALA G 380 12.79 -65.57 -34.29
C ALA G 380 12.53 -67.05 -34.07
N GLU G 381 11.80 -67.62 -34.94
CA GLU G 381 11.44 -69.01 -34.90
C GLU G 381 12.24 -69.82 -35.91
N PRO G 382 12.45 -71.10 -35.65
CA PRO G 382 13.04 -71.98 -36.66
C PRO G 382 11.98 -72.49 -37.63
N TRP G 383 12.43 -72.83 -38.84
CA TRP G 383 11.51 -73.19 -39.90
C TRP G 383 12.08 -74.29 -40.77
N ASP G 384 11.15 -74.98 -41.43
CA ASP G 384 11.44 -75.95 -42.48
C ASP G 384 10.75 -75.45 -43.74
N VAL G 385 11.45 -75.47 -44.86
CA VAL G 385 11.06 -74.69 -46.04
C VAL G 385 11.23 -75.50 -47.32
N GLY G 386 10.19 -75.49 -48.16
CA GLY G 386 10.28 -76.00 -49.51
C GLY G 386 10.80 -77.42 -49.58
N GLU G 387 12.04 -77.55 -50.04
CA GLU G 387 12.81 -78.79 -49.91
C GLU G 387 14.04 -78.51 -49.05
N GLY G 388 14.08 -79.10 -47.86
CA GLY G 388 15.35 -79.19 -47.16
C GLY G 388 15.44 -78.66 -45.74
N GLY G 389 14.82 -77.53 -45.43
CA GLY G 389 14.95 -76.95 -44.11
C GLY G 389 15.25 -75.47 -44.11
N TYR G 390 16.35 -75.07 -43.46
CA TYR G 390 16.72 -73.66 -43.43
C TYR G 390 16.87 -73.09 -44.84
N GLN G 391 17.83 -73.63 -45.59
CA GLN G 391 18.11 -73.20 -46.96
C GLN G 391 18.61 -71.75 -47.02
N VAL G 392 19.38 -71.36 -46.01
CA VAL G 392 20.11 -70.10 -46.03
C VAL G 392 21.57 -70.38 -45.70
N GLY G 393 22.46 -69.60 -46.29
CA GLY G 393 23.88 -69.79 -46.06
C GLY G 393 24.31 -69.30 -44.70
N ASN G 394 23.96 -68.06 -44.38
CA ASN G 394 24.37 -67.45 -43.12
C ASN G 394 23.20 -66.71 -42.50
N PHE G 395 23.10 -66.79 -41.18
CA PHE G 395 22.26 -65.92 -40.37
C PHE G 395 23.04 -64.69 -39.94
N PRO G 396 22.38 -63.57 -39.66
CA PRO G 396 23.07 -62.43 -39.06
C PRO G 396 23.56 -62.80 -37.67
N PRO G 397 24.84 -62.50 -37.33
CA PRO G 397 25.42 -63.11 -36.12
C PRO G 397 24.86 -62.50 -34.85
N LEU G 398 23.55 -62.26 -34.87
CA LEU G 398 22.74 -61.95 -33.71
C LEU G 398 21.37 -62.60 -33.82
N TRP G 399 21.14 -63.38 -34.89
CA TRP G 399 19.85 -64.00 -35.16
C TRP G 399 19.70 -65.28 -34.36
N THR G 400 18.65 -65.35 -33.54
CA THR G 400 18.48 -66.42 -32.58
C THR G 400 17.05 -66.96 -32.65
N GLU G 401 16.83 -68.12 -32.03
CA GLU G 401 15.60 -68.86 -32.20
C GLU G 401 14.97 -69.27 -30.88
N TRP G 402 13.65 -69.14 -30.79
CA TRP G 402 12.87 -69.74 -29.71
C TRP G 402 13.00 -71.25 -29.82
N ASN G 403 13.66 -71.87 -28.84
CA ASN G 403 13.91 -73.31 -28.87
C ASN G 403 12.62 -74.03 -28.51
N GLY G 404 11.78 -74.25 -29.53
CA GLY G 404 10.60 -75.06 -29.33
C GLY G 404 10.92 -76.47 -28.87
N LYS G 405 12.03 -77.03 -29.35
CA LYS G 405 12.44 -78.38 -28.99
C LYS G 405 12.95 -78.48 -27.56
N TYR G 406 13.14 -77.34 -26.89
CA TYR G 406 13.53 -77.32 -25.48
C TYR G 406 12.32 -77.28 -24.56
N ARG G 407 11.38 -76.38 -24.83
CA ARG G 407 10.08 -76.43 -24.16
C ARG G 407 9.49 -77.83 -24.21
N ASP G 408 9.62 -78.51 -25.35
CA ASP G 408 8.98 -79.81 -25.50
C ASP G 408 9.71 -80.89 -24.70
N CYS G 409 11.03 -80.81 -24.59
CA CYS G 409 11.76 -81.85 -23.84
C CYS G 409 11.60 -81.65 -22.34
N VAL G 410 11.94 -80.46 -21.83
CA VAL G 410 11.86 -80.22 -20.40
C VAL G 410 10.44 -80.43 -19.89
N ARG G 411 9.43 -80.07 -20.70
CA ARG G 411 8.06 -80.40 -20.35
C ARG G 411 7.75 -81.87 -20.53
N ASP G 412 8.52 -82.58 -21.36
CA ASP G 412 8.40 -84.04 -21.47
C ASP G 412 9.27 -84.77 -20.47
N LEU G 413 9.98 -84.07 -19.58
CA LEU G 413 10.76 -84.71 -18.53
C LEU G 413 10.03 -84.70 -17.20
N TRP G 414 9.65 -83.52 -16.70
CA TRP G 414 8.92 -83.43 -15.44
C TRP G 414 7.53 -84.03 -15.54
N ARG G 415 6.92 -83.99 -16.73
CA ARG G 415 5.69 -84.70 -17.03
C ARG G 415 5.74 -86.14 -16.53
N GLY G 416 6.95 -86.69 -16.46
CA GLY G 416 7.12 -88.09 -16.14
C GLY G 416 7.10 -88.98 -17.36
N GLU G 417 7.45 -88.43 -18.51
CA GLU G 417 7.49 -89.15 -19.77
C GLU G 417 8.92 -89.26 -20.27
N PRO G 418 9.21 -90.18 -21.19
CA PRO G 418 10.62 -90.47 -21.50
C PRO G 418 11.21 -89.58 -22.58
N ARG G 419 12.36 -88.98 -22.29
CA ARG G 419 13.20 -88.34 -23.28
C ARG G 419 14.56 -89.04 -23.25
N THR G 420 15.12 -89.32 -24.42
CA THR G 420 16.49 -89.79 -24.50
C THR G 420 17.42 -88.85 -23.73
N LEU G 421 18.38 -89.43 -22.99
CA LEU G 421 19.32 -88.59 -22.24
C LEU G 421 20.09 -87.66 -23.16
N ALA G 422 20.63 -88.21 -24.27
CA ALA G 422 21.38 -87.39 -25.22
C ALA G 422 20.59 -86.18 -25.68
N GLU G 423 19.26 -86.32 -25.79
CA GLU G 423 18.42 -85.18 -26.14
C GLU G 423 18.43 -84.13 -25.03
N PHE G 424 18.13 -84.55 -23.80
CA PHE G 424 18.05 -83.62 -22.67
C PHE G 424 19.41 -83.10 -22.27
N ALA G 425 20.46 -83.89 -22.50
CA ALA G 425 21.83 -83.44 -22.22
C ALA G 425 22.12 -82.15 -22.97
N SER G 426 21.97 -82.18 -24.30
CA SER G 426 22.26 -81.00 -25.11
C SER G 426 21.42 -79.80 -24.67
N ARG G 427 20.14 -80.02 -24.34
CA ARG G 427 19.28 -78.92 -23.93
C ARG G 427 19.80 -78.25 -22.67
N LEU G 428 20.26 -79.04 -21.70
CA LEU G 428 20.93 -78.48 -20.54
C LEU G 428 22.30 -77.92 -20.90
N THR G 429 22.93 -78.49 -21.92
CA THR G 429 24.23 -78.06 -22.40
C THR G 429 24.16 -76.78 -23.23
N GLY G 430 22.95 -76.35 -23.61
CA GLY G 430 22.76 -75.17 -24.43
C GLY G 430 22.17 -75.43 -25.80
N SER G 431 21.86 -76.69 -26.13
CA SER G 431 21.29 -77.06 -27.42
C SER G 431 22.21 -76.66 -28.57
N SER G 432 23.38 -77.29 -28.61
CA SER G 432 24.34 -77.00 -29.66
C SER G 432 24.04 -77.73 -30.96
N ASP G 433 23.37 -78.89 -30.88
CA ASP G 433 23.03 -79.63 -32.09
C ASP G 433 22.16 -78.77 -33.01
N LEU G 434 21.31 -77.93 -32.44
CA LEU G 434 20.39 -77.12 -33.23
C LEU G 434 20.95 -75.75 -33.58
N TYR G 435 22.00 -75.29 -32.89
CA TYR G 435 22.51 -73.93 -33.08
C TYR G 435 24.01 -73.89 -32.84
N GLN G 436 24.81 -73.72 -33.90
CA GLN G 436 26.25 -73.47 -33.76
C GLN G 436 26.50 -71.96 -33.74
N ASP G 437 27.76 -71.53 -33.86
CA ASP G 437 28.09 -70.12 -33.75
C ASP G 437 28.96 -69.58 -34.89
N ASP G 438 29.31 -70.39 -35.88
CA ASP G 438 30.17 -69.91 -36.96
C ASP G 438 29.49 -68.89 -37.85
N GLY G 439 28.16 -68.88 -37.88
CA GLY G 439 27.41 -68.10 -38.83
C GLY G 439 26.71 -68.92 -39.89
N ARG G 440 26.44 -70.20 -39.61
CA ARG G 440 25.69 -71.07 -40.51
C ARG G 440 24.36 -71.51 -39.92
N ARG G 441 24.31 -71.71 -38.62
CA ARG G 441 23.10 -71.84 -37.83
C ARG G 441 22.92 -70.59 -36.95
N PRO G 442 21.77 -70.44 -36.28
CA PRO G 442 21.58 -69.27 -35.41
C PRO G 442 22.45 -69.37 -34.17
N LEU G 443 22.85 -68.19 -33.66
CA LEU G 443 23.95 -68.12 -32.72
C LEU G 443 23.55 -68.42 -31.27
N ALA G 444 22.28 -68.74 -30.98
CA ALA G 444 21.90 -69.07 -29.61
C ALA G 444 20.55 -69.77 -29.62
N SER G 445 20.08 -70.14 -28.43
CA SER G 445 18.78 -70.75 -28.24
C SER G 445 18.06 -70.03 -27.11
N VAL G 446 16.96 -69.36 -27.43
CA VAL G 446 16.11 -68.75 -26.42
C VAL G 446 15.44 -69.88 -25.64
N ASN G 447 15.82 -70.05 -24.38
CA ASN G 447 15.32 -71.13 -23.54
C ASN G 447 14.05 -70.66 -22.83
N PHE G 448 12.94 -71.34 -23.10
CA PHE G 448 11.69 -70.99 -22.47
C PHE G 448 10.89 -72.25 -22.17
N VAL G 449 10.23 -72.25 -21.01
CA VAL G 449 9.35 -73.35 -20.62
C VAL G 449 7.92 -73.08 -21.05
N THR G 450 7.50 -71.82 -20.94
CA THR G 450 6.13 -71.41 -21.18
C THR G 450 6.12 -69.96 -21.64
N CYS G 451 5.30 -69.66 -22.63
CA CYS G 451 5.25 -68.31 -23.19
C CYS G 451 3.81 -67.86 -23.34
N HIS G 452 3.58 -66.75 -24.06
CA HIS G 452 2.22 -66.24 -24.20
C HIS G 452 1.30 -67.27 -24.88
N ASP G 453 1.78 -67.87 -25.96
CA ASP G 453 1.06 -68.98 -26.58
C ASP G 453 1.13 -70.19 -25.66
N GLY G 454 -0.04 -70.70 -25.27
CA GLY G 454 -0.09 -71.86 -24.42
C GLY G 454 -0.24 -71.54 -22.95
N PHE G 455 -0.09 -72.59 -22.14
CA PHE G 455 -0.25 -72.49 -20.70
C PHE G 455 0.77 -71.51 -20.11
N THR G 456 0.42 -70.98 -18.95
CA THR G 456 1.38 -70.25 -18.12
C THR G 456 2.14 -71.29 -17.29
N LEU G 457 2.86 -70.87 -16.24
CA LEU G 457 3.52 -71.88 -15.41
C LEU G 457 2.55 -72.52 -14.43
N ARG G 458 1.65 -71.74 -13.83
CA ARG G 458 0.61 -72.31 -12.98
C ARG G 458 -0.29 -73.24 -13.77
N ASP G 459 -0.71 -72.82 -14.96
CA ASP G 459 -1.54 -73.68 -15.81
C ASP G 459 -0.79 -74.94 -16.24
N LEU G 460 0.54 -74.86 -16.38
CA LEU G 460 1.32 -75.95 -16.97
C LEU G 460 1.36 -77.18 -16.08
N VAL G 461 1.15 -77.04 -14.78
CA VAL G 461 1.12 -78.18 -13.88
C VAL G 461 -0.25 -78.26 -13.22
N SER G 462 -1.31 -77.92 -13.97
CA SER G 462 -2.65 -78.08 -13.43
C SER G 462 -3.70 -78.56 -14.42
N TYR G 463 -3.35 -78.87 -15.67
CA TYR G 463 -4.35 -79.33 -16.62
C TYR G 463 -3.72 -80.28 -17.63
N ASN G 464 -4.50 -81.25 -18.10
CA ASN G 464 -4.13 -82.04 -19.27
C ASN G 464 -4.91 -81.65 -20.51
N GLU G 465 -5.91 -80.79 -20.38
CA GLU G 465 -6.75 -80.41 -21.50
C GLU G 465 -7.08 -78.93 -21.42
N LYS G 466 -7.22 -78.32 -22.59
CA LYS G 466 -7.50 -76.89 -22.70
C LYS G 466 -8.93 -76.58 -22.27
N ARG G 467 -9.16 -75.31 -21.95
CA ARG G 467 -10.50 -74.79 -21.65
C ARG G 467 -10.69 -73.46 -22.37
N ASN G 468 -10.43 -73.47 -23.68
CA ASN G 468 -10.67 -72.32 -24.55
C ASN G 468 -12.13 -72.22 -24.97
N GLU G 469 -13.04 -72.81 -24.20
CA GLU G 469 -14.47 -72.61 -24.43
C GLU G 469 -14.82 -71.12 -24.45
N ALA G 470 -14.22 -70.34 -23.55
CA ALA G 470 -14.47 -68.91 -23.51
C ALA G 470 -14.08 -68.24 -24.84
N ASN G 471 -13.09 -68.79 -25.55
CA ASN G 471 -12.69 -68.23 -26.84
C ASN G 471 -13.75 -68.41 -27.91
N GLY G 472 -14.90 -69.03 -27.60
CA GLY G 472 -15.98 -69.14 -28.55
C GLY G 472 -15.65 -69.89 -29.82
N GLU G 473 -14.52 -70.58 -29.83
CA GLU G 473 -14.09 -71.36 -30.99
C GLU G 473 -14.36 -72.85 -30.78
N GLY G 474 -15.39 -73.18 -30.02
CA GLY G 474 -15.78 -74.56 -29.80
C GLY G 474 -14.75 -75.40 -29.09
N ASN G 475 -13.82 -74.78 -28.37
CA ASN G 475 -12.68 -75.47 -27.76
C ASN G 475 -11.91 -76.26 -28.83
N ARG G 476 -11.62 -75.57 -29.93
CA ARG G 476 -10.85 -76.12 -31.05
C ARG G 476 -9.49 -75.47 -31.22
N ASP G 477 -9.37 -74.16 -31.01
CA ASP G 477 -8.10 -73.47 -31.12
C ASP G 477 -7.14 -73.89 -30.02
N GLY G 478 -5.94 -73.32 -30.01
CA GLY G 478 -4.97 -73.63 -28.98
C GLY G 478 -4.17 -74.89 -29.27
N GLU G 479 -2.95 -74.94 -28.73
CA GLU G 479 -2.08 -76.10 -28.91
C GLU G 479 -2.73 -77.33 -28.31
N ASN G 480 -2.93 -78.37 -29.13
CA ASN G 480 -3.73 -79.51 -28.72
C ASN G 480 -3.15 -80.19 -27.48
N TYR G 481 -1.95 -80.76 -27.59
CA TYR G 481 -1.25 -81.24 -26.41
C TYR G 481 -0.08 -80.30 -26.16
N ASN G 482 -0.24 -79.43 -25.17
CA ASN G 482 0.86 -78.61 -24.67
C ASN G 482 1.86 -79.42 -23.86
N ARG G 483 1.68 -80.74 -23.80
CA ARG G 483 2.49 -81.65 -22.99
C ARG G 483 2.46 -81.25 -21.52
N SER G 484 1.25 -81.33 -20.94
CA SER G 484 0.97 -80.89 -19.59
C SER G 484 0.37 -82.03 -18.79
N TRP G 485 0.39 -81.87 -17.46
CA TRP G 485 -0.13 -82.89 -16.56
C TRP G 485 -0.75 -82.23 -15.33
N ASN G 486 -1.99 -82.61 -15.02
CA ASN G 486 -2.81 -81.93 -14.02
C ASN G 486 -2.27 -82.06 -12.61
N CYS G 487 -1.37 -83.03 -12.35
CA CYS G 487 -0.76 -83.30 -11.06
C CYS G 487 -1.69 -84.00 -10.08
N GLY G 488 -2.71 -84.72 -10.57
CA GLY G 488 -3.57 -85.52 -9.70
C GLY G 488 -5.05 -85.16 -9.78
N GLU G 489 -5.38 -83.96 -10.24
CA GLU G 489 -6.76 -83.53 -10.40
C GLU G 489 -6.74 -82.28 -11.27
N GLU G 490 -7.70 -82.17 -12.18
CA GLU G 490 -7.72 -81.08 -13.15
C GLU G 490 -8.59 -79.94 -12.63
N GLY G 491 -7.94 -78.99 -11.97
CA GLY G 491 -8.62 -77.81 -11.43
C GLY G 491 -8.07 -77.42 -10.08
N GLU G 492 -8.57 -76.34 -9.51
CA GLU G 492 -8.15 -75.93 -8.17
C GLU G 492 -8.74 -76.92 -7.17
N THR G 493 -7.97 -77.95 -6.83
CA THR G 493 -8.39 -78.87 -5.79
C THR G 493 -8.05 -78.28 -4.43
N GLU G 494 -8.67 -78.83 -3.39
CA GLU G 494 -8.33 -78.46 -2.04
C GLU G 494 -7.33 -79.41 -1.39
N ASP G 495 -7.21 -80.64 -1.90
CA ASP G 495 -6.32 -81.62 -1.31
C ASP G 495 -4.91 -81.02 -1.25
N VAL G 496 -4.47 -80.69 -0.04
CA VAL G 496 -3.21 -79.98 0.13
C VAL G 496 -2.02 -80.85 -0.20
N GLY G 497 -2.25 -82.14 -0.45
CA GLY G 497 -1.17 -83.01 -0.88
C GLY G 497 -0.79 -82.80 -2.33
N ILE G 498 -1.77 -82.49 -3.18
CA ILE G 498 -1.50 -82.16 -4.58
C ILE G 498 -1.43 -80.66 -4.83
N THR G 499 -1.88 -79.84 -3.87
CA THR G 499 -1.69 -78.40 -3.99
C THR G 499 -0.30 -77.96 -3.53
N GLU G 500 0.31 -78.71 -2.62
CA GLU G 500 1.74 -78.60 -2.37
C GLU G 500 2.58 -79.31 -3.42
N LEU G 501 1.98 -79.91 -4.44
CA LEU G 501 2.79 -80.48 -5.52
C LEU G 501 2.91 -79.52 -6.70
N ARG G 502 1.78 -79.00 -7.20
CA ARG G 502 1.83 -77.96 -8.24
C ARG G 502 2.86 -76.88 -7.90
N ALA G 503 2.83 -76.40 -6.65
CA ALA G 503 3.77 -75.37 -6.22
C ALA G 503 5.21 -75.84 -6.28
N ARG G 504 5.44 -77.14 -6.43
CA ARG G 504 6.78 -77.71 -6.50
C ARG G 504 7.18 -78.08 -7.92
N GLN G 505 6.23 -78.59 -8.70
CA GLN G 505 6.45 -78.74 -10.14
C GLN G 505 6.73 -77.41 -10.81
N MET G 506 6.22 -76.32 -10.23
CA MET G 506 6.58 -74.99 -10.71
C MET G 506 8.02 -74.63 -10.38
N ARG G 507 8.54 -75.14 -9.26
CA ARG G 507 9.91 -74.83 -8.89
C ARG G 507 10.91 -75.55 -9.77
N ASN G 508 10.56 -76.75 -10.27
CA ASN G 508 11.47 -77.48 -11.14
C ASN G 508 11.59 -76.83 -12.51
N PHE G 509 10.52 -76.19 -12.99
CA PHE G 509 10.59 -75.55 -14.29
C PHE G 509 11.42 -74.27 -14.24
N LEU G 510 11.30 -73.48 -13.17
CA LEU G 510 12.15 -72.30 -13.05
C LEU G 510 13.56 -72.63 -12.59
N ALA G 511 13.81 -73.86 -12.13
CA ALA G 511 15.18 -74.28 -11.89
C ALA G 511 15.82 -74.88 -13.14
N THR G 512 15.03 -75.54 -13.99
CA THR G 512 15.55 -76.05 -15.26
C THR G 512 15.85 -74.93 -16.24
N LEU G 513 15.22 -73.76 -16.08
CA LEU G 513 15.34 -72.68 -17.04
C LEU G 513 16.57 -71.81 -16.78
N MET G 514 16.75 -71.39 -15.53
CA MET G 514 17.83 -70.49 -15.19
C MET G 514 19.15 -71.18 -14.91
N LEU G 515 19.20 -72.51 -15.04
CA LEU G 515 20.46 -73.24 -14.96
C LEU G 515 20.94 -73.77 -16.30
N SER G 516 20.04 -73.94 -17.26
CA SER G 516 20.44 -74.43 -18.57
C SER G 516 21.36 -73.41 -19.25
N GLN G 517 22.16 -73.90 -20.19
CA GLN G 517 22.96 -73.00 -21.00
C GLN G 517 22.08 -72.36 -22.07
N GLY G 518 22.38 -71.11 -22.39
CA GLY G 518 21.55 -70.35 -23.32
C GLY G 518 20.93 -69.13 -22.67
N VAL G 519 19.87 -68.61 -23.27
CA VAL G 519 19.21 -67.40 -22.79
C VAL G 519 17.83 -67.80 -22.27
N PRO G 520 17.50 -67.50 -21.00
CA PRO G 520 16.18 -67.85 -20.47
C PRO G 520 15.12 -66.79 -20.72
N MET G 521 13.89 -67.25 -20.97
CA MET G 521 12.79 -66.38 -21.34
C MET G 521 11.60 -66.64 -20.43
N LEU G 522 10.91 -65.56 -20.04
CA LEU G 522 9.84 -65.60 -19.05
C LEU G 522 8.56 -65.02 -19.61
N SER G 523 7.43 -65.59 -19.20
CA SER G 523 6.10 -65.15 -19.64
C SER G 523 5.37 -64.52 -18.46
N HIS G 524 5.00 -63.24 -18.61
CA HIS G 524 4.47 -62.41 -17.53
C HIS G 524 3.43 -63.14 -16.69
N GLY G 525 3.59 -63.05 -15.38
CA GLY G 525 2.65 -63.59 -14.42
C GLY G 525 3.12 -64.80 -13.67
N ASP G 526 4.23 -65.42 -14.09
CA ASP G 526 4.60 -66.72 -13.55
C ASP G 526 5.39 -66.64 -12.25
N GLU G 527 5.91 -65.47 -11.87
CA GLU G 527 6.47 -65.33 -10.53
C GLU G 527 5.36 -65.32 -9.48
N PHE G 528 4.20 -64.77 -9.83
CA PHE G 528 3.03 -64.82 -8.96
C PHE G 528 2.16 -66.04 -9.25
N GLY G 529 2.53 -66.86 -10.23
CA GLY G 529 1.69 -67.96 -10.64
C GLY G 529 0.38 -67.50 -11.22
N ARG G 530 0.44 -66.85 -12.38
CA ARG G 530 -0.78 -66.40 -13.04
C ARG G 530 -1.43 -67.55 -13.78
N THR G 531 -2.77 -67.53 -13.80
CA THR G 531 -3.57 -68.53 -14.49
C THR G 531 -4.46 -67.85 -15.52
N GLN G 532 -4.56 -68.46 -16.70
CA GLN G 532 -5.52 -68.03 -17.71
C GLN G 532 -6.81 -68.83 -17.66
N GLY G 533 -6.99 -69.63 -16.61
CA GLY G 533 -8.22 -70.36 -16.40
C GLY G 533 -8.45 -71.48 -17.40
N GLY G 534 -7.59 -72.50 -17.36
CA GLY G 534 -7.69 -73.59 -18.30
C GLY G 534 -7.49 -73.20 -19.74
N ASN G 535 -7.24 -71.92 -20.03
CA ASN G 535 -7.10 -71.40 -21.39
C ASN G 535 -5.62 -71.25 -21.71
N ASN G 536 -5.27 -71.55 -22.95
CA ASN G 536 -3.88 -71.42 -23.38
C ASN G 536 -3.71 -70.54 -24.61
N ASN G 537 -4.67 -70.55 -25.53
CA ASN G 537 -4.69 -69.62 -26.66
C ASN G 537 -5.62 -68.45 -26.33
N ALA G 538 -5.16 -67.62 -25.39
CA ALA G 538 -6.01 -66.62 -24.75
C ALA G 538 -6.08 -65.32 -25.56
N TYR G 539 -5.86 -65.42 -26.88
CA TYR G 539 -5.68 -64.24 -27.72
C TYR G 539 -6.86 -63.29 -27.65
N CYS G 540 -8.06 -63.80 -27.46
CA CYS G 540 -9.26 -62.97 -27.47
C CYS G 540 -9.76 -62.62 -26.09
N GLN G 541 -9.06 -63.04 -25.03
CA GLN G 541 -9.52 -62.80 -23.67
C GLN G 541 -8.84 -61.55 -23.14
N ASP G 542 -9.51 -60.41 -23.34
CA ASP G 542 -9.15 -59.16 -22.66
C ASP G 542 -10.13 -58.98 -21.51
N ASN G 543 -9.84 -59.69 -20.43
CA ASN G 543 -10.62 -59.70 -19.20
C ASN G 543 -9.80 -60.46 -18.16
N GLU G 544 -10.42 -60.72 -17.00
CA GLU G 544 -9.70 -61.27 -15.84
C GLU G 544 -8.94 -62.54 -16.19
N VAL G 545 -9.25 -63.17 -17.32
CA VAL G 545 -8.60 -64.43 -17.72
C VAL G 545 -7.09 -64.26 -17.72
N SER G 546 -6.59 -63.26 -18.46
CA SER G 546 -5.16 -63.07 -18.60
C SER G 546 -4.72 -61.72 -18.05
N TRP G 547 -5.18 -61.39 -16.86
CA TRP G 547 -4.62 -60.27 -16.12
C TRP G 547 -3.53 -60.78 -15.19
N VAL G 548 -2.65 -59.86 -14.80
CA VAL G 548 -1.64 -60.11 -13.79
C VAL G 548 -2.20 -59.63 -12.46
N ARG G 549 -2.40 -60.55 -11.52
CA ARG G 549 -2.70 -60.17 -10.16
C ARG G 549 -1.44 -59.66 -9.48
N TRP G 550 -1.64 -58.99 -8.34
CA TRP G 550 -0.47 -58.61 -7.56
C TRP G 550 -0.61 -59.10 -6.13
N PRO G 551 0.47 -59.60 -5.54
CA PRO G 551 0.34 -60.58 -4.44
C PRO G 551 -0.02 -59.94 -3.12
N LYS G 552 -0.96 -60.55 -2.42
CA LYS G 552 -1.26 -60.21 -1.05
C LYS G 552 -1.30 -61.50 -0.24
N GLU G 556 0.30 -65.28 0.84
CA GLU G 556 1.59 -65.71 1.36
C GLU G 556 2.33 -66.59 0.36
N ALA G 557 1.67 -67.66 -0.10
CA ALA G 557 2.28 -68.55 -1.08
C ALA G 557 2.68 -67.80 -2.35
N GLU G 558 1.80 -66.90 -2.81
CA GLU G 558 2.15 -66.04 -3.94
C GLU G 558 3.29 -65.10 -3.58
N ALA G 559 3.39 -64.70 -2.31
CA ALA G 559 4.58 -64.00 -1.86
C ALA G 559 5.78 -64.95 -1.77
N THR G 560 5.54 -66.26 -1.72
CA THR G 560 6.63 -67.22 -1.59
C THR G 560 7.26 -67.56 -2.94
N LEU G 561 6.46 -67.72 -3.99
CA LEU G 561 7.04 -67.97 -5.31
C LEU G 561 7.74 -66.74 -5.87
N LEU G 562 7.29 -65.54 -5.49
CA LEU G 562 7.94 -64.33 -5.97
C LEU G 562 9.37 -64.26 -5.47
N ARG G 563 9.58 -64.51 -4.18
CA ARG G 563 10.93 -64.53 -3.62
C ARG G 563 11.73 -65.76 -4.04
N PHE G 564 11.08 -66.76 -4.65
CA PHE G 564 11.77 -67.92 -5.20
C PHE G 564 12.48 -67.57 -6.51
N THR G 565 11.72 -67.07 -7.49
CA THR G 565 12.31 -66.72 -8.78
C THR G 565 13.17 -65.47 -8.68
N ARG G 566 12.86 -64.57 -7.74
CA ARG G 566 13.68 -63.38 -7.55
C ARG G 566 15.13 -63.74 -7.25
N SER G 567 15.35 -64.87 -6.57
CA SER G 567 16.69 -65.29 -6.20
C SER G 567 17.34 -66.26 -7.20
N MET G 568 16.54 -67.03 -7.93
CA MET G 568 17.10 -67.88 -8.98
C MET G 568 17.91 -67.07 -9.98
N VAL G 569 17.43 -65.88 -10.33
CA VAL G 569 18.14 -65.04 -11.29
C VAL G 569 19.30 -64.28 -10.63
N ARG G 570 19.31 -64.15 -9.30
CA ARG G 570 20.53 -63.70 -8.63
C ARG G 570 21.65 -64.71 -8.85
N LEU G 571 21.32 -66.00 -8.82
CA LEU G 571 22.33 -67.05 -8.96
C LEU G 571 23.04 -66.98 -10.31
N ARG G 572 22.26 -66.92 -11.40
CA ARG G 572 22.84 -66.93 -12.73
C ARG G 572 23.84 -65.80 -12.94
N ARG G 573 23.54 -64.61 -12.42
CA ARG G 573 24.35 -63.42 -12.66
C ARG G 573 25.59 -63.34 -11.77
N GLU G 574 25.67 -64.16 -10.72
CA GLU G 574 26.84 -64.17 -9.85
C GLU G 574 27.82 -65.28 -10.19
N HIS G 575 27.33 -66.40 -10.72
CA HIS G 575 28.18 -67.53 -11.06
C HIS G 575 28.19 -67.76 -12.57
N PRO G 576 29.29 -67.47 -13.26
CA PRO G 576 29.31 -67.58 -14.73
C PRO G 576 29.45 -69.01 -15.25
N VAL G 577 29.20 -70.02 -14.40
CA VAL G 577 29.25 -71.38 -14.90
C VAL G 577 27.95 -71.74 -15.64
N PHE G 578 26.82 -71.15 -15.25
CA PHE G 578 25.57 -71.35 -15.98
C PHE G 578 25.44 -70.45 -17.20
N ARG G 579 26.41 -69.56 -17.43
CA ARG G 579 26.38 -68.61 -18.55
C ARG G 579 27.77 -68.53 -19.17
N ARG G 580 28.02 -69.40 -20.14
CA ARG G 580 29.28 -69.46 -20.87
C ARG G 580 29.17 -68.57 -22.11
N ARG G 581 30.22 -67.77 -22.37
CA ARG G 581 30.16 -66.81 -23.48
C ARG G 581 29.82 -67.50 -24.79
N ARG G 582 30.72 -68.34 -25.30
CA ARG G 582 30.32 -69.37 -26.24
C ARG G 582 29.75 -70.52 -25.43
N PHE G 583 28.47 -70.79 -25.61
CA PHE G 583 27.83 -71.93 -24.97
C PHE G 583 28.47 -73.21 -25.50
N PHE G 584 28.05 -74.36 -25.00
CA PHE G 584 28.78 -75.57 -25.35
C PHE G 584 28.59 -75.88 -26.82
N HIS G 585 29.49 -75.39 -27.67
CA HIS G 585 29.30 -75.48 -29.11
C HIS G 585 30.42 -76.24 -29.81
N GLY G 586 31.68 -75.88 -29.54
CA GLY G 586 32.77 -76.59 -30.18
C GLY G 586 33.23 -77.84 -29.45
N ARG G 587 32.92 -77.93 -28.16
CA ARG G 587 33.50 -78.89 -27.25
C ARG G 587 32.49 -79.96 -26.85
N PRO G 588 32.95 -81.08 -26.27
CA PRO G 588 32.11 -82.28 -26.22
C PRO G 588 30.86 -82.10 -25.37
N VAL G 589 29.80 -82.80 -25.80
CA VAL G 589 28.59 -82.90 -24.98
C VAL G 589 28.91 -83.64 -23.68
N GLU G 590 29.68 -84.72 -23.79
CA GLU G 590 30.00 -85.55 -22.62
C GLU G 590 30.96 -84.85 -21.68
N GLY G 591 32.15 -84.52 -22.17
CA GLY G 591 33.18 -83.88 -21.38
C GLY G 591 34.53 -84.47 -21.68
N THR G 592 35.48 -84.25 -20.77
CA THR G 592 36.83 -84.75 -20.93
C THR G 592 37.07 -86.02 -20.13
N HIS G 593 36.12 -86.42 -19.28
CA HIS G 593 36.17 -87.65 -18.48
C HIS G 593 37.17 -87.58 -17.33
N ASP G 594 37.96 -86.50 -17.25
CA ASP G 594 39.00 -86.37 -16.24
C ASP G 594 38.63 -85.28 -15.24
N GLU G 595 39.51 -85.09 -14.25
CA GLU G 595 39.23 -84.12 -13.19
C GLU G 595 39.05 -82.71 -13.74
N LEU G 596 39.72 -82.37 -14.85
CA LEU G 596 39.56 -81.08 -15.51
C LEU G 596 38.60 -81.27 -16.67
N THR G 597 37.34 -80.88 -16.44
CA THR G 597 36.34 -80.85 -17.49
C THR G 597 35.20 -79.98 -16.98
N ASP G 598 34.76 -79.02 -17.80
CA ASP G 598 33.74 -78.09 -17.34
C ASP G 598 32.38 -78.75 -17.13
N ILE G 599 32.23 -80.02 -17.50
CA ILE G 599 30.97 -80.74 -17.29
C ILE G 599 31.27 -82.20 -16.99
N ALA G 600 30.35 -82.84 -16.27
CA ALA G 600 30.46 -84.26 -15.97
C ALA G 600 29.07 -84.79 -15.64
N TRP G 601 28.75 -85.97 -16.17
CA TRP G 601 27.42 -86.56 -16.09
C TRP G 601 27.47 -87.83 -15.24
N PHE G 602 26.61 -87.89 -14.22
CA PHE G 602 26.64 -88.95 -13.21
C PHE G 602 25.25 -89.58 -13.04
N THR G 603 25.19 -90.59 -12.18
CA THR G 603 24.02 -91.42 -11.95
C THR G 603 23.53 -91.25 -10.52
N PRO G 604 22.38 -91.83 -10.15
CA PRO G 604 22.06 -91.90 -8.70
C PRO G 604 23.10 -92.67 -7.91
N GLU G 605 23.66 -93.75 -8.47
CA GLU G 605 24.62 -94.58 -7.75
C GLU G 605 26.01 -93.96 -7.66
N GLY G 606 26.28 -92.91 -8.41
CA GLY G 606 27.47 -92.09 -8.20
C GLY G 606 28.60 -92.25 -9.21
N GLU G 607 28.33 -92.83 -10.37
CA GLU G 607 29.34 -93.07 -11.39
C GLU G 607 28.97 -92.27 -12.63
N GLU G 608 29.85 -92.31 -13.63
CA GLU G 608 29.69 -91.53 -14.85
C GLU G 608 29.23 -92.45 -15.98
N MET G 609 28.23 -92.00 -16.73
CA MET G 609 27.58 -92.82 -17.75
C MET G 609 28.47 -92.92 -19.00
N THR G 610 28.19 -93.96 -19.80
CA THR G 610 29.03 -94.31 -20.96
C THR G 610 28.22 -94.29 -22.24
N SER G 611 28.88 -94.71 -23.33
CA SER G 611 28.29 -94.76 -24.66
C SER G 611 27.07 -95.68 -24.73
N ARG G 612 26.85 -96.52 -23.72
CA ARG G 612 25.65 -97.35 -23.67
C ARG G 612 24.51 -96.62 -22.95
N ASP G 613 24.76 -96.18 -21.72
CA ASP G 613 23.70 -95.58 -20.92
C ASP G 613 23.21 -94.25 -21.47
N TRP G 614 24.00 -93.61 -22.36
CA TRP G 614 23.59 -92.32 -22.93
C TRP G 614 22.22 -92.40 -23.62
N GLN G 615 21.90 -93.55 -24.23
CA GLN G 615 20.68 -93.69 -25.01
C GLN G 615 19.58 -94.43 -24.26
N ALA G 616 19.58 -94.37 -22.94
CA ALA G 616 18.50 -94.96 -22.15
C ALA G 616 17.25 -94.10 -22.28
N ALA G 617 16.18 -94.67 -22.83
CA ALA G 617 14.92 -93.93 -22.94
C ALA G 617 14.47 -93.44 -21.57
N HIS G 618 14.42 -94.34 -20.58
CA HIS G 618 14.13 -93.93 -19.22
C HIS G 618 15.25 -93.03 -18.70
N ALA G 619 14.95 -91.74 -18.56
CA ALA G 619 15.91 -90.70 -18.22
C ALA G 619 15.45 -89.92 -17.01
N GLN G 620 15.14 -90.64 -15.93
CA GLN G 620 14.47 -90.04 -14.79
C GLN G 620 15.43 -89.51 -13.73
N ALA G 621 16.72 -89.85 -13.79
CA ALA G 621 17.70 -89.37 -12.82
C ALA G 621 18.94 -88.87 -13.54
N LEU G 622 19.69 -88.01 -12.85
CA LEU G 622 20.94 -87.47 -13.36
C LEU G 622 21.65 -86.71 -12.25
N THR G 623 22.92 -86.39 -12.50
CA THR G 623 23.73 -85.60 -11.56
C THR G 623 24.84 -84.93 -12.37
N VAL G 624 24.66 -83.65 -12.69
CA VAL G 624 25.52 -82.96 -13.65
C VAL G 624 26.55 -82.13 -12.87
N PHE G 625 27.82 -82.51 -13.00
CA PHE G 625 28.92 -81.81 -12.36
C PHE G 625 29.38 -80.69 -13.28
N LEU G 626 29.48 -79.48 -12.74
CA LEU G 626 30.01 -78.34 -13.46
C LEU G 626 31.29 -77.86 -12.78
N ASN G 627 32.33 -77.63 -13.58
CA ASN G 627 33.63 -77.20 -13.08
C ASN G 627 33.71 -75.67 -13.13
N GLY G 628 34.25 -75.08 -12.05
CA GLY G 628 34.33 -73.63 -11.95
C GLY G 628 35.66 -73.09 -12.42
N ASN G 629 36.69 -73.92 -12.40
CA ASN G 629 38.00 -73.54 -12.89
C ASN G 629 38.24 -73.98 -14.32
N ALA G 630 37.32 -74.77 -14.89
CA ALA G 630 37.39 -75.18 -16.28
C ALA G 630 36.58 -74.29 -17.21
N ILE G 631 36.33 -73.03 -16.83
CA ILE G 631 35.76 -72.08 -17.77
C ILE G 631 36.92 -71.52 -18.59
N SER G 632 37.16 -72.10 -19.77
CA SER G 632 38.24 -71.68 -20.65
C SER G 632 37.81 -70.50 -21.53
N GLU G 633 37.33 -69.43 -20.92
CA GLU G 633 36.88 -68.26 -21.65
C GLU G 633 37.43 -66.99 -21.02
N PRO G 634 37.91 -66.04 -21.83
CA PRO G 634 38.26 -64.72 -21.32
C PRO G 634 37.08 -63.75 -21.36
N GLY G 635 37.18 -62.72 -20.54
CA GLY G 635 36.08 -61.81 -20.25
C GLY G 635 36.09 -60.54 -21.08
N THR G 636 35.62 -59.45 -20.47
CA THR G 636 35.62 -58.15 -21.14
C THR G 636 37.03 -57.64 -21.35
N GLN G 637 37.94 -57.96 -20.44
CA GLN G 637 39.31 -57.46 -20.45
C GLN G 637 40.31 -58.60 -20.26
N GLY G 638 40.10 -59.69 -21.00
CA GLY G 638 41.04 -60.79 -21.01
C GLY G 638 41.14 -61.57 -19.70
N GLU G 639 40.27 -61.24 -18.75
CA GLU G 639 40.22 -61.92 -17.48
C GLU G 639 39.78 -63.37 -17.68
N ARG G 640 40.37 -64.29 -16.89
CA ARG G 640 39.91 -65.67 -16.93
C ARG G 640 38.70 -65.81 -16.02
N ILE G 641 37.69 -66.54 -16.52
CA ILE G 641 36.43 -66.70 -15.79
C ILE G 641 36.63 -67.79 -14.75
N ALA G 642 36.89 -67.39 -13.50
CA ALA G 642 36.98 -68.30 -12.39
C ALA G 642 35.64 -68.34 -11.65
N ASP G 643 35.35 -69.48 -11.03
CA ASP G 643 34.10 -69.66 -10.31
C ASP G 643 34.22 -70.93 -9.46
N ASP G 644 33.24 -71.12 -8.59
CA ASP G 644 33.12 -72.37 -7.86
C ASP G 644 32.54 -73.45 -8.75
N SER G 645 32.96 -74.69 -8.52
CA SER G 645 32.38 -75.82 -9.22
C SER G 645 31.00 -76.14 -8.64
N PHE G 646 30.01 -76.30 -9.51
CA PHE G 646 28.64 -76.60 -9.12
C PHE G 646 28.28 -78.04 -9.47
N LEU G 647 27.12 -78.46 -8.97
CA LEU G 647 26.64 -79.83 -9.12
C LEU G 647 25.12 -79.82 -9.09
N LEU G 648 24.49 -80.40 -10.11
CA LEU G 648 23.04 -80.53 -10.17
C LEU G 648 22.64 -81.98 -9.90
N MET G 649 21.53 -82.15 -9.19
CA MET G 649 20.94 -83.47 -8.94
C MET G 649 19.48 -83.46 -9.39
N PHE G 650 19.27 -83.86 -10.64
CA PHE G 650 17.95 -83.99 -11.22
C PHE G 650 17.34 -85.34 -10.86
N ASN G 651 16.12 -85.32 -10.33
CA ASN G 651 15.39 -86.55 -9.97
C ASN G 651 13.95 -86.44 -10.49
N ALA G 652 13.75 -86.86 -11.73
CA ALA G 652 12.44 -86.85 -12.36
C ALA G 652 11.64 -88.12 -12.09
N SER G 653 12.11 -88.96 -11.18
CA SER G 653 11.46 -90.23 -10.90
C SER G 653 10.08 -90.01 -10.27
N ALA G 654 9.25 -91.05 -10.34
CA ALA G 654 7.95 -91.01 -9.68
C ALA G 654 8.07 -91.12 -8.16
N LYS G 655 9.20 -91.59 -7.65
CA LYS G 655 9.36 -91.85 -6.22
C LYS G 655 10.63 -91.24 -5.66
N GLU G 656 10.95 -91.58 -4.41
CA GLU G 656 12.14 -91.12 -3.74
C GLU G 656 13.38 -91.80 -4.32
N LEU G 657 14.53 -91.15 -4.14
CA LEU G 657 15.79 -91.73 -4.58
C LEU G 657 16.92 -91.32 -3.64
N GLU G 658 17.97 -92.12 -3.63
CA GLU G 658 19.17 -91.85 -2.85
C GLU G 658 20.31 -91.57 -3.82
N PHE G 659 20.77 -90.32 -3.83
CA PHE G 659 21.89 -89.88 -4.66
C PHE G 659 23.16 -89.77 -3.82
N VAL G 660 24.29 -90.06 -4.45
CA VAL G 660 25.63 -89.93 -3.86
C VAL G 660 26.33 -88.71 -4.44
N VAL G 661 26.75 -87.79 -3.58
CA VAL G 661 27.64 -86.71 -3.96
C VAL G 661 28.98 -87.31 -4.39
N PRO G 662 29.29 -87.38 -5.69
CA PRO G 662 30.51 -88.09 -6.10
C PRO G 662 31.78 -87.27 -6.08
N ASP G 663 32.62 -87.50 -5.07
CA ASP G 663 34.06 -87.18 -5.10
C ASP G 663 34.70 -87.74 -3.83
N ARG G 667 36.75 -82.91 -0.72
CA ARG G 667 35.82 -81.84 -1.04
C ARG G 667 34.61 -81.80 -0.12
N TYR G 668 34.28 -80.57 0.30
CA TYR G 668 33.15 -80.22 1.17
C TYR G 668 32.10 -79.58 0.28
N TRP G 669 31.13 -80.36 -0.19
CA TRP G 669 30.11 -79.77 -1.04
C TRP G 669 29.12 -78.94 -0.22
N ARG G 670 28.36 -78.10 -0.92
CA ARG G 670 27.33 -77.26 -0.33
C ARG G 670 26.06 -77.38 -1.17
N MET G 671 24.95 -77.72 -0.52
CA MET G 671 23.65 -77.75 -1.18
C MET G 671 23.06 -76.34 -1.21
N VAL G 672 22.77 -75.84 -2.40
CA VAL G 672 22.27 -74.47 -2.55
C VAL G 672 20.90 -74.40 -3.20
N VAL G 673 20.42 -75.46 -3.83
CA VAL G 673 19.10 -75.46 -4.46
C VAL G 673 18.39 -76.75 -4.08
N ASP G 674 17.21 -76.62 -3.47
CA ASP G 674 16.37 -77.78 -3.15
C ASP G 674 14.92 -77.42 -3.45
N THR G 675 14.40 -78.01 -4.53
CA THR G 675 12.99 -77.84 -4.87
C THR G 675 12.06 -78.42 -3.80
N SER G 676 12.55 -79.38 -3.02
CA SER G 676 11.68 -80.24 -2.22
C SER G 676 11.08 -79.56 -1.00
N ASP G 677 11.48 -78.32 -0.67
CA ASP G 677 10.85 -77.78 0.53
C ASP G 677 9.97 -76.58 0.22
N PRO G 678 8.77 -76.49 0.81
CA PRO G 678 7.86 -75.39 0.51
C PRO G 678 8.17 -74.10 1.25
N GLU G 679 9.22 -74.07 2.07
CA GLU G 679 9.69 -72.79 2.61
C GLU G 679 10.46 -72.00 1.55
N GLY G 680 11.05 -72.70 0.57
CA GLY G 680 11.76 -72.05 -0.52
C GLY G 680 13.25 -71.94 -0.26
N MET G 681 14.07 -72.71 -0.98
CA MET G 681 15.49 -72.75 -0.67
C MET G 681 16.40 -72.30 -1.82
N PRO G 682 16.08 -71.24 -2.54
CA PRO G 682 17.15 -70.38 -3.09
C PRO G 682 17.63 -69.31 -2.11
N PRO G 683 16.76 -68.76 -1.19
CA PRO G 683 17.28 -67.69 -0.32
C PRO G 683 17.91 -68.18 0.98
N GLN G 684 17.46 -69.32 1.50
CA GLN G 684 17.91 -69.81 2.79
C GLN G 684 18.90 -70.96 2.61
N GLN G 685 19.94 -70.97 3.42
CA GLN G 685 21.00 -71.96 3.31
C GLN G 685 20.56 -73.30 3.90
N GLY G 686 21.36 -74.33 3.68
CA GLY G 686 21.02 -75.67 4.11
C GLY G 686 22.21 -76.47 4.61
N PRO G 687 22.02 -77.78 4.74
CA PRO G 687 23.09 -78.65 5.25
C PRO G 687 24.16 -78.97 4.21
N GLU G 688 25.35 -79.29 4.71
CA GLU G 688 26.42 -79.74 3.85
C GLU G 688 26.30 -81.24 3.61
N LEU G 689 26.84 -81.68 2.48
CA LEU G 689 26.81 -83.09 2.11
C LEU G 689 28.22 -83.62 1.99
N ALA G 690 28.42 -84.84 2.50
CA ALA G 690 29.77 -85.36 2.75
C ALA G 690 30.62 -85.40 1.48
N GLY G 691 30.03 -85.81 0.37
CA GLY G 691 30.83 -86.16 -0.81
C GLY G 691 31.09 -87.64 -0.86
N GLY G 692 30.02 -88.44 -0.92
CA GLY G 692 30.14 -89.89 -0.90
C GLY G 692 29.09 -90.56 -0.02
N GLU G 693 28.16 -89.76 0.51
CA GLU G 693 27.10 -90.23 1.38
C GLU G 693 25.87 -90.62 0.55
N ARG G 694 24.72 -90.79 1.19
CA ARG G 694 23.52 -91.27 0.50
C ARG G 694 22.35 -90.29 0.67
N VAL G 695 22.60 -89.01 0.35
CA VAL G 695 21.57 -87.96 0.46
C VAL G 695 20.26 -88.44 -0.16
N THR G 696 19.19 -88.34 0.62
CA THR G 696 17.86 -88.77 0.19
C THR G 696 17.13 -87.60 -0.45
N LEU G 697 16.50 -87.82 -1.60
CA LEU G 697 15.83 -86.75 -2.32
C LEU G 697 14.46 -87.20 -2.80
N ALA G 698 13.51 -86.27 -2.70
CA ALA G 698 12.10 -86.53 -2.95
C ALA G 698 11.86 -86.75 -4.45
N PRO G 699 10.64 -87.13 -4.84
CA PRO G 699 10.35 -87.26 -6.28
C PRO G 699 10.05 -85.93 -6.96
N LEU G 700 10.44 -85.85 -8.23
CA LEU G 700 10.25 -84.65 -9.06
C LEU G 700 10.88 -83.43 -8.40
N SER G 701 12.09 -83.60 -7.85
CA SER G 701 12.74 -82.59 -7.04
C SER G 701 14.20 -82.43 -7.49
N LEU G 702 14.62 -81.20 -7.70
CA LEU G 702 15.94 -80.87 -8.22
C LEU G 702 16.83 -80.35 -7.10
N THR G 703 18.10 -80.76 -7.10
CA THR G 703 19.06 -80.31 -6.10
C THR G 703 20.37 -79.89 -6.76
N VAL G 704 20.88 -78.73 -6.38
CA VAL G 704 22.13 -78.20 -6.90
C VAL G 704 23.13 -78.09 -5.76
N LEU G 705 24.39 -78.38 -6.06
CA LEU G 705 25.48 -78.30 -5.09
C LEU G 705 26.56 -77.35 -5.60
N ARG G 706 27.41 -76.90 -4.66
CA ARG G 706 28.45 -75.92 -4.96
C ARG G 706 29.72 -76.24 -4.18
N ARG G 707 30.86 -75.86 -4.75
CA ARG G 707 32.16 -76.05 -4.13
C ARG G 707 33.24 -75.23 -4.84
N PRO G 708 34.15 -74.57 -4.10
CA PRO G 708 35.23 -73.81 -4.74
C PRO G 708 36.31 -74.71 -5.33
N MET H 4 85.12 15.27 51.18
CA MET H 4 83.97 16.04 50.69
C MET H 4 82.69 15.52 51.34
N GLN H 5 81.64 16.33 51.30
CA GLN H 5 80.43 16.11 52.08
C GLN H 5 79.25 15.96 51.12
N VAL H 6 78.67 14.77 51.06
CA VAL H 6 77.60 14.44 50.12
C VAL H 6 76.28 14.35 50.85
N TRP H 7 75.21 14.68 50.14
CA TRP H 7 73.82 14.49 50.58
C TRP H 7 73.12 13.65 49.51
N PRO H 8 71.88 13.16 49.74
CA PRO H 8 71.20 12.36 48.70
C PRO H 8 70.69 13.11 47.48
N GLY H 9 69.97 14.23 47.65
CA GLY H 9 69.50 15.01 46.52
C GLY H 9 68.19 14.56 45.87
N GLN H 10 68.03 14.85 44.58
CA GLN H 10 66.82 14.52 43.85
C GLN H 10 67.16 14.16 42.40
N ALA H 11 66.35 13.29 41.81
CA ALA H 11 66.65 12.78 40.47
C ALA H 11 66.31 13.79 39.38
N TYR H 12 65.30 14.64 39.61
CA TYR H 12 64.99 15.72 38.68
C TYR H 12 65.46 17.05 39.27
N PRO H 13 65.98 17.98 38.45
CA PRO H 13 66.20 17.86 37.00
C PRO H 13 67.57 17.29 36.67
N LEU H 14 67.63 16.48 35.61
CA LEU H 14 68.91 16.00 35.09
C LEU H 14 69.85 17.17 34.83
N GLY H 15 71.05 17.09 35.38
CA GLY H 15 72.06 18.10 35.23
C GLY H 15 72.52 18.62 36.56
N ALA H 16 73.25 19.72 36.54
CA ALA H 16 73.78 20.36 37.74
C ALA H 16 73.03 21.67 37.94
N THR H 17 72.18 21.70 38.96
CA THR H 17 71.32 22.83 39.22
C THR H 17 71.59 23.39 40.60
N TYR H 18 71.70 24.72 40.69
CA TYR H 18 72.21 25.42 41.87
C TYR H 18 71.05 25.70 42.82
N ASP H 19 70.92 24.86 43.85
CA ASP H 19 69.80 24.92 44.79
C ASP H 19 70.10 25.90 45.93
N GLY H 20 70.41 27.14 45.56
CA GLY H 20 70.59 28.19 46.53
C GLY H 20 71.91 28.18 47.29
N ALA H 21 72.21 27.11 48.02
CA ALA H 21 73.46 26.99 48.77
C ALA H 21 74.24 25.74 48.38
N GLY H 22 73.92 25.15 47.24
CA GLY H 22 74.65 23.99 46.75
C GLY H 22 74.30 23.66 45.32
N THR H 23 74.42 22.39 44.93
CA THR H 23 74.08 21.99 43.57
C THR H 23 73.65 20.53 43.58
N ASN H 24 72.55 20.24 42.90
CA ASN H 24 72.09 18.88 42.71
C ASN H 24 72.63 18.36 41.38
N PHE H 25 73.08 17.11 41.36
CA PHE H 25 73.68 16.51 40.18
C PHE H 25 72.88 15.28 39.82
N ALA H 26 72.69 15.04 38.52
CA ALA H 26 71.90 13.90 38.07
C ALA H 26 72.27 13.56 36.64
N VAL H 27 72.41 12.27 36.37
CA VAL H 27 72.78 11.77 35.05
C VAL H 27 72.15 10.40 34.87
N PHE H 28 71.46 10.20 33.74
CA PHE H 28 70.82 8.92 33.46
C PHE H 28 71.81 7.98 32.79
N SER H 29 71.75 6.70 33.15
CA SER H 29 72.55 5.68 32.48
C SER H 29 71.94 4.31 32.78
N GLU H 30 71.49 3.62 31.74
CA GLU H 30 70.92 2.29 31.91
C GLU H 30 72.00 1.21 32.04
N ALA H 31 73.17 1.42 31.46
CA ALA H 31 74.17 0.36 31.35
C ALA H 31 75.49 0.74 32.00
N ALA H 32 75.44 1.26 33.22
CA ALA H 32 76.63 1.67 33.95
C ALA H 32 76.65 0.98 35.31
N HIS H 33 77.86 0.65 35.76
CA HIS H 33 78.02 -0.08 37.02
C HIS H 33 78.10 0.85 38.22
N ARG H 34 78.94 1.87 38.12
CA ARG H 34 79.04 2.91 39.14
C ARG H 34 79.30 4.23 38.43
N ILE H 35 78.67 5.31 38.90
CA ILE H 35 78.88 6.62 38.31
C ILE H 35 79.52 7.52 39.36
N GLU H 36 80.67 8.08 39.03
CA GLU H 36 81.37 9.04 39.87
C GLU H 36 81.16 10.44 39.32
N LEU H 37 80.93 11.39 40.23
CA LEU H 37 80.94 12.81 39.90
C LEU H 37 82.27 13.38 40.39
N CYS H 38 82.99 14.05 39.49
CA CYS H 38 84.34 14.53 39.76
C CYS H 38 84.36 16.04 39.69
N LEU H 39 84.49 16.69 40.84
CA LEU H 39 84.68 18.13 40.89
C LEU H 39 86.13 18.46 40.56
N LEU H 40 86.33 19.37 39.61
CA LEU H 40 87.65 19.84 39.24
C LEU H 40 87.93 21.16 39.93
N HIS H 41 88.99 21.19 40.73
CA HIS H 41 89.48 22.42 41.37
C HIS H 41 90.30 23.23 40.38
N ASP H 42 91.07 24.22 40.86
CA ASP H 42 91.74 25.13 39.94
C ASP H 42 93.02 24.56 39.33
N ASP H 43 93.72 23.66 40.02
CA ASP H 43 95.01 23.19 39.57
C ASP H 43 94.92 21.86 38.83
N GLY H 44 93.72 21.41 38.50
CA GLY H 44 93.54 20.13 37.85
C GLY H 44 93.37 18.95 38.78
N SER H 45 93.13 19.20 40.06
CA SER H 45 92.93 18.12 41.02
C SER H 45 91.45 17.74 41.07
N GLU H 46 91.18 16.45 40.95
CA GLU H 46 89.84 15.92 41.14
C GLU H 46 89.55 15.68 42.62
N THR H 47 88.26 15.62 42.93
CA THR H 47 87.80 15.05 44.18
C THR H 47 86.72 14.02 43.84
N ALA H 48 86.71 12.92 44.57
CA ALA H 48 85.88 11.77 44.24
C ALA H 48 84.57 11.81 45.00
N VAL H 49 83.46 11.59 44.28
CA VAL H 49 82.13 11.53 44.85
C VAL H 49 81.35 10.48 44.06
N GLU H 50 80.99 9.38 44.71
CA GLU H 50 80.25 8.31 44.04
C GLU H 50 78.76 8.62 44.15
N LEU H 51 78.11 8.80 43.00
CA LEU H 51 76.66 9.00 42.93
C LEU H 51 75.97 7.67 43.22
N ARG H 52 75.39 7.54 44.42
CA ARG H 52 74.83 6.27 44.85
C ARG H 52 73.31 6.20 44.75
N GLU H 53 72.58 7.26 45.11
CA GLU H 53 71.13 7.24 45.00
C GLU H 53 70.73 7.15 43.53
N THR H 54 69.98 6.11 43.19
CA THR H 54 69.69 5.79 41.79
C THR H 54 68.19 5.64 41.61
N ASP H 55 67.64 6.31 40.59
CA ASP H 55 66.20 6.32 40.33
C ASP H 55 65.98 6.19 38.83
N ALA H 56 65.32 5.11 38.41
CA ALA H 56 65.11 4.85 36.99
C ALA H 56 66.42 5.00 36.23
N PHE H 57 67.50 4.53 36.85
CA PHE H 57 68.87 4.60 36.37
C PHE H 57 69.43 6.02 36.37
N VAL H 58 68.75 6.98 37.00
CA VAL H 58 69.29 8.33 37.20
C VAL H 58 70.11 8.29 38.49
N ARG H 59 71.44 8.25 38.34
CA ARG H 59 72.34 8.31 39.47
C ARG H 59 72.55 9.76 39.87
N HIS H 60 72.32 10.09 41.14
CA HIS H 60 72.25 11.48 41.55
C HIS H 60 72.68 11.65 43.01
N ALA H 61 73.27 12.81 43.29
CA ALA H 61 73.55 13.26 44.64
C ALA H 61 73.63 14.78 44.64
N TYR H 62 73.36 15.38 45.80
CA TYR H 62 73.43 16.84 45.97
C TYR H 62 74.58 17.14 46.92
N LEU H 63 75.64 17.74 46.40
CA LEU H 63 76.73 18.19 47.25
C LEU H 63 76.40 19.57 47.78
N PRO H 64 76.29 19.76 49.09
CA PRO H 64 76.08 21.11 49.64
C PRO H 64 77.36 21.92 49.57
N GLY H 65 77.30 23.09 48.96
CA GLY H 65 78.44 23.96 48.87
C GLY H 65 79.22 23.90 47.57
N VAL H 66 78.65 23.33 46.52
CA VAL H 66 79.24 23.36 45.19
C VAL H 66 78.54 24.48 44.42
N MET H 67 79.30 25.51 44.09
CA MET H 67 78.72 26.75 43.59
C MET H 67 78.69 26.77 42.05
N PRO H 68 78.10 27.81 41.45
CA PRO H 68 78.33 28.04 40.03
C PRO H 68 79.79 28.40 39.78
N GLY H 69 80.29 27.97 38.62
CA GLY H 69 81.69 28.11 38.31
C GLY H 69 82.56 26.98 38.79
N GLN H 70 81.97 25.96 39.40
CA GLN H 70 82.68 24.72 39.68
C GLN H 70 82.73 23.89 38.41
N ARG H 71 83.93 23.57 37.94
CA ARG H 71 84.06 22.66 36.81
C ARG H 71 83.91 21.23 37.28
N TYR H 72 82.91 20.54 36.76
CA TYR H 72 82.65 19.15 37.08
C TYR H 72 82.58 18.35 35.79
N GLY H 73 82.63 17.03 35.96
CA GLY H 73 82.46 16.10 34.86
C GLY H 73 81.83 14.83 35.37
N PHE H 74 81.92 13.76 34.58
CA PHE H 74 81.45 12.45 35.01
C PHE H 74 82.44 11.40 34.56
N ARG H 75 82.59 10.35 35.36
CA ARG H 75 83.43 9.21 35.03
C ARG H 75 82.64 7.94 35.30
N VAL H 76 82.36 7.18 34.25
CA VAL H 76 81.42 6.06 34.29
C VAL H 76 82.20 4.77 34.15
N HIS H 77 82.10 3.91 35.16
CA HIS H 77 82.74 2.60 35.17
C HIS H 77 81.74 1.58 34.67
N GLY H 78 81.86 1.20 33.39
CA GLY H 78 80.99 0.22 32.80
C GLY H 78 81.78 -0.84 32.06
N PRO H 79 81.08 -1.72 31.35
CA PRO H 79 81.76 -2.76 30.59
C PRO H 79 82.27 -2.21 29.26
N TYR H 80 83.46 -2.65 28.87
CA TYR H 80 84.03 -2.33 27.56
C TYR H 80 83.83 -3.53 26.64
N ALA H 81 82.79 -3.47 25.82
CA ALA H 81 82.52 -4.52 24.84
C ALA H 81 81.88 -3.88 23.63
N PRO H 82 82.68 -3.44 22.66
CA PRO H 82 82.11 -2.79 21.48
C PRO H 82 81.24 -3.71 20.63
N GLU H 83 81.48 -5.03 20.65
CA GLU H 83 80.58 -5.93 19.93
C GLU H 83 79.20 -5.90 20.56
N ARG H 84 79.14 -5.81 21.89
CA ARG H 84 77.89 -5.61 22.60
C ARG H 84 77.55 -4.14 22.76
N GLY H 85 78.21 -3.26 22.01
CA GLY H 85 77.84 -1.87 21.94
C GLY H 85 78.01 -1.07 23.22
N LEU H 86 78.41 -1.73 24.31
CA LEU H 86 78.71 -1.04 25.55
C LEU H 86 80.15 -0.55 25.49
N ARG H 87 80.33 0.78 25.36
CA ARG H 87 81.64 1.38 25.16
C ARG H 87 82.03 2.31 26.30
N CYS H 88 81.63 1.99 27.53
CA CYS H 88 81.92 2.87 28.65
C CYS H 88 83.38 2.78 29.06
N ASN H 89 84.00 3.94 29.29
CA ASN H 89 85.41 4.05 29.64
C ASN H 89 85.51 4.95 30.86
N ALA H 90 86.07 4.42 31.95
CA ALA H 90 86.20 5.19 33.19
C ALA H 90 87.31 6.22 33.11
N ALA H 91 87.95 6.42 31.96
CA ALA H 91 89.09 7.32 31.87
C ALA H 91 88.76 8.65 31.23
N LYS H 92 87.65 8.77 30.50
CA LYS H 92 87.33 10.00 29.80
C LYS H 92 86.48 10.89 30.70
N LEU H 93 86.88 12.16 30.82
CA LEU H 93 86.14 13.11 31.65
C LEU H 93 84.92 13.59 30.86
N LEU H 94 83.80 12.91 31.07
CA LEU H 94 82.65 13.12 30.21
C LEU H 94 82.02 14.49 30.44
N LEU H 95 81.16 14.89 29.50
CA LEU H 95 80.37 16.10 29.62
C LEU H 95 78.94 15.74 29.99
N ASP H 96 78.36 16.55 30.87
CA ASP H 96 76.99 16.39 31.32
C ASP H 96 76.08 16.89 30.20
N PRO H 97 75.32 16.02 29.54
CA PRO H 97 74.53 16.47 28.37
C PRO H 97 73.45 17.48 28.72
N TYR H 98 73.19 17.71 30.00
CA TYR H 98 72.30 18.76 30.45
C TYR H 98 73.07 19.94 31.04
N ALA H 99 74.30 20.14 30.58
CA ALA H 99 75.17 21.18 31.13
C ALA H 99 74.75 22.54 30.62
N ARG H 100 74.35 23.41 31.54
CA ARG H 100 73.92 24.76 31.18
C ARG H 100 75.08 25.66 30.73
N ALA H 101 76.33 25.18 30.79
CA ALA H 101 77.49 25.87 30.25
C ALA H 101 78.73 24.98 30.31
N VAL H 102 79.66 25.18 29.38
CA VAL H 102 80.90 24.42 29.32
C VAL H 102 82.07 25.35 29.02
N SER H 103 83.21 25.11 29.68
CA SER H 103 84.40 25.93 29.54
C SER H 103 85.43 25.25 28.63
N GLY H 104 86.32 26.07 28.09
CA GLY H 104 87.46 25.58 27.33
C GLY H 104 87.12 25.04 25.95
N ARG H 105 88.09 24.31 25.40
CA ARG H 105 87.97 23.69 24.09
C ARG H 105 88.82 22.43 24.06
N VAL H 106 88.62 21.61 23.03
CA VAL H 106 89.24 20.29 22.99
C VAL H 106 90.71 20.43 22.62
N ARG H 107 91.60 19.96 23.51
CA ARG H 107 93.02 19.83 23.24
C ARG H 107 93.23 18.49 22.52
N TRP H 108 93.02 18.52 21.21
CA TRP H 108 92.98 17.30 20.40
C TRP H 108 94.29 16.52 20.48
N GLY H 109 94.17 15.21 20.66
CA GLY H 109 95.33 14.34 20.64
C GLY H 109 94.91 12.90 20.85
N GLU H 110 95.91 12.05 21.06
CA GLU H 110 95.66 10.66 21.40
C GLU H 110 94.75 10.51 22.62
N ALA H 111 94.88 11.41 23.60
CA ALA H 111 94.37 11.15 24.95
C ALA H 111 92.85 11.13 25.03
N VAL H 112 92.15 11.83 24.13
CA VAL H 112 90.72 12.06 24.32
C VAL H 112 89.82 10.98 23.74
N TYR H 113 90.37 10.04 22.98
CA TYR H 113 89.55 9.33 21.99
C TYR H 113 88.66 8.25 22.62
N GLY H 114 89.25 7.31 23.36
CA GLY H 114 88.48 6.25 23.96
C GLY H 114 88.73 4.87 23.40
N TYR H 115 89.67 4.73 22.47
CA TYR H 115 90.26 3.48 22.04
C TYR H 115 91.76 3.75 21.94
N PRO H 116 92.58 2.71 21.92
CA PRO H 116 93.97 2.92 21.51
C PRO H 116 94.01 3.10 20.00
N PHE H 117 94.79 4.09 19.56
CA PHE H 117 94.84 4.43 18.13
C PHE H 117 95.14 3.22 17.25
N GLY H 118 95.63 2.13 17.81
CA GLY H 118 95.89 0.92 17.05
C GLY H 118 94.79 -0.13 17.13
N ARG H 119 94.12 -0.25 18.27
CA ARG H 119 93.08 -1.28 18.47
C ARG H 119 91.71 -0.63 18.63
N PRO H 120 90.92 -0.54 17.56
CA PRO H 120 89.60 0.10 17.68
C PRO H 120 88.55 -0.73 18.38
N ASP H 121 88.87 -1.94 18.86
CA ASP H 121 87.93 -2.75 19.64
C ASP H 121 88.48 -3.11 21.02
N ALA H 122 89.60 -2.51 21.43
CA ALA H 122 90.17 -2.69 22.75
C ALA H 122 89.93 -1.43 23.58
N ARG H 123 90.35 -1.49 24.84
CA ARG H 123 90.04 -0.46 25.82
C ARG H 123 91.14 0.59 25.86
N ASN H 124 90.75 1.84 26.08
CA ASN H 124 91.69 2.94 26.25
C ASN H 124 91.75 3.33 27.72
N ASP H 125 92.96 3.56 28.22
CA ASP H 125 93.20 3.78 29.65
C ASP H 125 93.99 5.06 29.87
N LEU H 126 93.58 6.16 29.22
CA LEU H 126 94.29 7.42 29.27
C LEU H 126 93.40 8.51 29.86
N ASP H 127 93.95 9.29 30.78
CA ASP H 127 93.18 10.37 31.40
C ASP H 127 92.80 11.40 30.34
N SER H 128 91.50 11.62 30.17
CA SER H 128 91.01 12.63 29.24
C SER H 128 91.01 14.02 29.85
N ALA H 129 90.96 14.10 31.19
CA ALA H 129 90.70 15.31 31.96
C ALA H 129 91.38 16.57 31.41
N PRO H 130 92.70 16.61 31.23
CA PRO H 130 93.34 17.87 30.82
C PRO H 130 93.25 18.17 29.34
N ASP H 131 92.50 17.39 28.56
CA ASP H 131 92.36 17.62 27.13
C ASP H 131 90.91 17.78 26.67
N THR H 132 89.95 17.65 27.57
CA THR H 132 88.54 17.72 27.23
C THR H 132 87.93 19.05 27.63
N MET H 133 86.75 19.32 27.09
CA MET H 133 85.88 20.35 27.64
C MET H 133 85.36 19.90 29.00
N THR H 134 85.11 20.87 29.87
CA THR H 134 84.63 20.57 31.21
C THR H 134 83.31 21.29 31.47
N SER H 135 82.39 20.59 32.13
CA SER H 135 81.05 21.11 32.37
C SER H 135 81.03 21.98 33.62
N VAL H 136 80.13 22.97 33.63
CA VAL H 136 80.14 24.00 34.65
C VAL H 136 78.71 24.23 35.16
N VAL H 137 78.54 24.17 36.49
CA VAL H 137 77.29 24.58 37.12
C VAL H 137 77.09 26.07 36.91
N VAL H 138 75.85 26.46 36.64
CA VAL H 138 75.51 27.85 36.32
C VAL H 138 74.54 28.39 37.36
N ASN H 139 74.72 29.67 37.72
CA ASN H 139 73.73 30.40 38.50
C ASN H 139 72.58 30.77 37.57
N PRO H 140 71.38 30.25 37.78
CA PRO H 140 70.30 30.44 36.81
C PRO H 140 69.59 31.78 36.89
N TYR H 141 70.04 32.69 37.75
CA TYR H 141 69.39 33.98 37.92
C TYR H 141 69.53 34.83 36.67
N PHE H 142 68.55 35.72 36.47
CA PHE H 142 68.68 36.84 35.54
C PHE H 142 67.53 37.79 35.77
N ASP H 143 67.80 39.08 35.61
CA ASP H 143 66.80 40.12 35.79
C ASP H 143 66.32 40.57 34.41
N TRP H 144 65.40 39.80 33.85
CA TRP H 144 64.69 40.22 32.64
C TRP H 144 63.63 41.21 33.08
N GLY H 145 63.88 42.50 32.87
CA GLY H 145 63.03 43.53 33.44
C GLY H 145 61.63 43.63 32.86
N ASP H 146 61.53 44.11 31.62
CA ASP H 146 60.26 44.13 30.90
C ASP H 146 60.28 43.12 29.77
N ASP H 147 60.86 41.94 29.98
CA ASP H 147 61.22 41.16 28.81
C ASP H 147 59.96 40.68 28.13
N ARG H 148 59.30 41.63 27.48
CA ARG H 148 58.13 41.36 26.67
C ARG H 148 58.59 40.74 25.36
N ARG H 149 58.11 39.54 25.10
CA ARG H 149 58.41 38.91 23.83
C ARG H 149 57.79 39.74 22.72
N PRO H 150 58.56 40.16 21.74
CA PRO H 150 57.94 40.67 20.52
C PRO H 150 57.28 39.51 19.80
N ARG H 151 56.13 39.07 20.33
CA ARG H 151 55.45 37.93 19.73
C ARG H 151 54.93 38.35 18.36
N THR H 152 55.75 38.10 17.34
CA THR H 152 55.52 38.57 15.99
C THR H 152 54.69 37.54 15.22
N GLU H 153 53.72 38.03 14.47
CA GLU H 153 52.99 37.14 13.58
C GLU H 153 53.79 36.90 12.31
N TYR H 154 53.54 35.74 11.68
CA TYR H 154 54.39 35.30 10.57
C TYR H 154 54.35 36.23 9.38
N HIS H 155 53.24 36.97 9.19
CA HIS H 155 53.15 37.81 7.99
C HIS H 155 54.11 38.99 8.07
N HIS H 156 54.42 39.48 9.27
CA HIS H 156 55.36 40.59 9.45
C HIS H 156 56.81 40.16 9.59
N THR H 157 57.09 38.87 9.68
CA THR H 157 58.44 38.44 10.04
C THR H 157 59.41 38.66 8.89
N VAL H 158 60.56 39.26 9.20
CA VAL H 158 61.68 39.35 8.27
C VAL H 158 62.86 38.67 8.96
N ILE H 159 63.05 37.38 8.68
CA ILE H 159 64.19 36.66 9.25
C ILE H 159 65.48 37.23 8.67
N TYR H 160 66.54 37.16 9.48
CA TYR H 160 67.88 37.57 9.05
C TYR H 160 68.85 36.51 9.55
N GLU H 161 69.46 35.75 8.64
CA GLU H 161 70.26 34.59 9.01
C GLU H 161 71.70 35.04 9.11
N ALA H 162 72.19 35.19 10.34
CA ALA H 162 73.49 35.79 10.60
C ALA H 162 74.30 34.90 11.52
N HIS H 163 75.62 35.09 11.47
CA HIS H 163 76.56 34.38 12.31
C HIS H 163 77.02 35.30 13.45
N VAL H 164 77.04 34.76 14.67
CA VAL H 164 77.45 35.58 15.81
C VAL H 164 78.87 36.08 15.65
N LYS H 165 79.74 35.29 15.01
CA LYS H 165 81.10 35.75 14.76
C LYS H 165 81.20 36.49 13.44
N GLY H 166 80.60 35.96 12.38
CA GLY H 166 80.70 36.61 11.07
C GLY H 166 80.16 38.03 11.08
N LEU H 167 79.02 38.23 11.73
CA LEU H 167 78.37 39.53 11.78
C LEU H 167 79.31 40.61 12.35
N THR H 168 79.70 40.44 13.61
CA THR H 168 80.32 41.54 14.34
C THR H 168 81.85 41.57 14.28
N MET H 169 82.51 40.53 13.75
CA MET H 169 83.95 40.42 13.91
C MET H 169 84.71 41.55 13.24
N LEU H 170 84.13 42.20 12.24
CA LEU H 170 84.81 43.29 11.56
C LEU H 170 84.19 44.65 11.81
N HIS H 171 83.05 44.71 12.50
CA HIS H 171 82.30 45.94 12.71
C HIS H 171 83.16 47.02 13.33
N PRO H 172 83.51 48.07 12.58
CA PRO H 172 84.41 49.09 13.10
C PRO H 172 83.69 50.07 13.99
N ASP H 173 82.84 49.57 14.88
CA ASP H 173 82.17 50.38 15.88
C ASP H 173 82.36 49.86 17.29
N LEU H 174 82.63 48.56 17.46
CA LEU H 174 82.65 47.81 18.68
C LEU H 174 84.06 47.72 19.26
N PRO H 175 84.18 47.59 20.57
CA PRO H 175 85.43 47.09 21.14
C PRO H 175 85.90 45.85 20.41
N GLU H 176 87.22 45.66 20.37
CA GLU H 176 87.74 44.39 19.89
C GLU H 176 87.26 43.24 20.76
N GLU H 177 86.99 43.51 22.05
CA GLU H 177 86.42 42.51 22.94
C GLU H 177 85.13 41.93 22.37
N LEU H 178 84.27 42.78 21.81
CA LEU H 178 82.93 42.36 21.43
C LEU H 178 82.84 41.80 20.02
N ARG H 179 83.85 42.05 19.17
CA ARG H 179 83.78 41.63 17.78
C ARG H 179 83.72 40.10 17.67
N GLY H 180 82.57 39.58 17.22
CA GLY H 180 82.40 38.16 17.09
C GLY H 180 81.85 37.48 18.32
N THR H 181 81.14 38.21 19.17
CA THR H 181 80.70 37.71 20.46
C THR H 181 79.23 38.00 20.69
N TYR H 182 78.66 37.35 21.71
CA TYR H 182 77.26 37.60 22.04
C TYR H 182 77.04 39.05 22.45
N ALA H 183 77.99 39.60 23.21
CA ALA H 183 77.87 40.99 23.64
C ALA H 183 77.79 41.93 22.46
N GLY H 184 78.71 41.78 21.50
CA GLY H 184 78.71 42.64 20.33
C GLY H 184 77.43 42.54 19.51
N LEU H 185 76.75 41.40 19.58
CA LEU H 185 75.45 41.28 18.93
C LEU H 185 74.41 42.19 19.57
N ALA H 186 74.69 42.72 20.77
CA ALA H 186 73.78 43.60 21.49
C ALA H 186 74.30 45.04 21.55
N HIS H 187 74.95 45.50 20.49
CA HIS H 187 75.60 46.81 20.44
C HIS H 187 74.82 47.75 19.53
N PRO H 188 74.41 48.93 20.03
CA PRO H 188 73.31 49.68 19.41
C PRO H 188 73.42 49.96 17.92
N SER H 189 74.63 50.03 17.36
CA SER H 189 74.72 50.18 15.92
C SER H 189 74.68 48.84 15.19
N VAL H 190 74.72 47.73 15.91
CA VAL H 190 74.38 46.44 15.30
C VAL H 190 72.86 46.28 15.27
N ILE H 191 72.21 46.37 16.43
CA ILE H 191 70.76 46.34 16.46
C ILE H 191 70.19 47.50 15.64
N GLY H 192 70.75 48.69 15.82
CA GLY H 192 70.34 49.83 15.02
C GLY H 192 70.34 49.53 13.54
N HIS H 193 71.45 48.99 13.03
CA HIS H 193 71.55 48.68 11.60
C HIS H 193 70.58 47.58 11.20
N LEU H 194 70.21 46.70 12.14
CA LEU H 194 69.21 45.68 11.84
C LEU H 194 67.80 46.28 11.79
N ARG H 195 67.47 47.16 12.72
CA ARG H 195 66.17 47.82 12.69
C ARG H 195 66.06 48.75 11.50
N GLU H 196 67.11 49.53 11.24
CA GLU H 196 67.23 50.30 9.99
C GLU H 196 66.92 49.38 8.82
N LEU H 197 67.44 48.14 8.88
CA LEU H 197 67.17 47.16 7.85
C LEU H 197 65.72 46.71 7.83
N GLY H 198 64.98 46.90 8.92
CA GLY H 198 63.61 46.45 8.96
C GLY H 198 63.44 44.98 9.25
N VAL H 199 64.37 44.36 9.95
CA VAL H 199 64.30 42.95 10.29
C VAL H 199 63.54 42.78 11.59
N THR H 200 62.82 41.66 11.70
CA THR H 200 61.98 41.38 12.86
C THR H 200 62.34 40.08 13.57
N ALA H 201 63.29 39.32 13.03
CA ALA H 201 63.78 38.11 13.65
C ALA H 201 65.22 37.90 13.20
N LEU H 202 66.03 37.33 14.09
CA LEU H 202 67.48 37.21 13.89
C LEU H 202 67.85 35.73 13.99
N GLU H 203 67.90 35.02 12.86
CA GLU H 203 68.29 33.62 12.94
C GLU H 203 69.78 33.52 13.25
N LEU H 204 70.14 32.59 14.13
CA LEU H 204 71.50 32.42 14.60
C LEU H 204 72.01 31.04 14.19
N MET H 205 72.91 31.01 13.20
CA MET H 205 73.68 29.80 12.92
C MET H 205 74.17 29.21 14.24
N PRO H 206 74.29 27.86 14.35
CA PRO H 206 74.25 27.20 15.67
C PRO H 206 74.99 27.91 16.79
N VAL H 207 74.27 28.16 17.88
CA VAL H 207 74.88 28.69 19.11
C VAL H 207 75.12 27.60 20.15
N HIS H 208 74.56 26.41 19.94
CA HIS H 208 74.83 25.28 20.83
C HIS H 208 76.31 24.91 20.75
N GLN H 209 76.92 24.67 21.92
CA GLN H 209 78.37 24.50 21.97
C GLN H 209 78.83 23.32 21.13
N PHE H 210 79.59 23.63 20.08
CA PHE H 210 80.04 22.67 19.07
C PHE H 210 81.49 22.26 19.31
N VAL H 211 81.92 21.28 18.52
CA VAL H 211 83.30 20.78 18.57
C VAL H 211 83.95 21.03 17.22
N ASN H 212 85.16 21.60 17.24
CA ASN H 212 85.97 21.70 16.05
C ASN H 212 86.55 20.33 15.73
N ASP H 213 86.22 19.79 14.56
CA ASP H 213 86.60 18.43 14.22
C ASP H 213 88.11 18.34 13.97
N HIS H 214 88.74 17.32 14.56
CA HIS H 214 90.18 17.10 14.44
C HIS H 214 90.61 16.86 13.00
N ARG H 215 89.67 16.59 12.10
CA ARG H 215 89.98 16.64 10.67
C ARG H 215 90.32 18.05 10.27
N LEU H 216 89.62 19.04 10.83
CA LEU H 216 89.81 20.44 10.45
C LEU H 216 91.05 21.04 11.11
N VAL H 217 91.32 20.68 12.36
CA VAL H 217 92.39 21.34 13.10
C VAL H 217 93.76 20.89 12.59
N ASP H 218 93.98 19.60 12.42
CA ASP H 218 95.21 19.19 11.73
C ASP H 218 95.06 19.33 10.24
N ALA H 219 94.45 20.46 9.81
CA ALA H 219 94.34 20.83 8.41
C ALA H 219 94.44 22.33 8.19
N GLY H 220 94.68 23.11 9.24
CA GLY H 220 94.77 24.55 9.11
C GLY H 220 93.47 25.31 9.13
N LEU H 221 92.36 24.65 9.43
CA LEU H 221 91.05 25.30 9.45
C LEU H 221 90.39 25.15 10.81
N SER H 222 89.12 25.52 10.90
CA SER H 222 88.36 25.37 12.13
C SER H 222 86.88 25.30 11.78
N ASN H 223 86.12 24.57 12.58
CA ASN H 223 84.68 24.54 12.40
C ASN H 223 84.12 25.93 12.70
N TYR H 224 83.49 26.55 11.70
CA TYR H 224 83.12 27.95 11.77
C TYR H 224 81.63 28.15 12.00
N TRP H 225 80.78 27.61 11.11
CA TRP H 225 79.35 27.64 11.35
C TRP H 225 78.99 27.03 12.70
N GLY H 226 79.33 25.76 12.89
CA GLY H 226 79.09 25.09 14.15
C GLY H 226 78.00 24.04 14.11
N TYR H 227 77.88 23.33 12.99
CA TYR H 227 76.84 22.30 12.86
C TYR H 227 77.35 20.92 13.29
N ASN H 228 78.03 20.86 14.44
CA ASN H 228 78.55 19.59 14.92
C ASN H 228 78.79 19.74 16.43
N THR H 229 77.78 19.38 17.24
CA THR H 229 77.70 19.84 18.63
C THR H 229 77.78 18.67 19.62
N ILE H 230 78.04 19.01 20.88
CA ILE H 230 77.89 18.08 22.01
C ILE H 230 77.01 18.65 23.11
N GLY H 231 76.98 19.97 23.24
CA GLY H 231 76.25 20.57 24.34
C GLY H 231 75.04 21.36 23.92
N PHE H 232 73.86 20.78 24.12
CA PHE H 232 72.63 21.40 23.64
C PHE H 232 72.13 22.49 24.57
N PHE H 233 72.79 22.68 25.71
CA PHE H 233 72.27 23.54 26.77
C PHE H 233 73.21 24.70 27.07
N ALA H 234 74.25 24.91 26.26
CA ALA H 234 75.29 25.87 26.55
C ALA H 234 75.56 26.72 25.31
N PRO H 235 75.53 28.05 25.43
CA PRO H 235 76.07 28.89 24.37
C PRO H 235 77.55 28.58 24.14
N HIS H 236 77.95 28.56 22.88
CA HIS H 236 79.34 28.24 22.54
C HIS H 236 80.30 29.22 23.19
N ASN H 237 81.35 28.67 23.80
CA ASN H 237 82.29 29.50 24.55
C ASN H 237 82.98 30.53 23.65
N ALA H 238 83.31 30.16 22.42
CA ALA H 238 84.07 31.03 21.52
C ALA H 238 83.23 32.15 20.91
N TYR H 239 82.02 32.37 21.41
CA TYR H 239 81.28 33.59 21.13
C TYR H 239 81.00 34.40 22.39
N ALA H 240 81.47 33.96 23.55
CA ALA H 240 81.21 34.66 24.81
C ALA H 240 82.45 35.44 25.23
N SER H 241 82.37 36.77 25.18
CA SER H 241 83.51 37.62 25.48
C SER H 241 83.79 37.78 26.96
N TRP H 242 82.86 37.41 27.85
CA TRP H 242 83.07 37.50 29.29
C TRP H 242 83.53 36.18 29.89
N GLY H 243 84.20 35.34 29.11
CA GLY H 243 84.75 34.12 29.64
C GLY H 243 83.87 32.91 29.41
N ASP H 244 84.28 31.79 30.02
CA ASP H 244 83.66 30.50 29.79
C ASP H 244 83.28 29.77 31.07
N ARG H 245 83.38 30.41 32.23
CA ARG H 245 82.99 29.79 33.50
C ARG H 245 81.54 30.09 33.85
N GLY H 246 80.63 29.83 32.92
CA GLY H 246 79.22 30.12 33.12
C GLY H 246 78.79 31.52 32.73
N GLN H 247 79.72 32.49 32.75
CA GLN H 247 79.39 33.84 32.34
C GLN H 247 78.86 33.90 30.91
N GLN H 248 79.07 32.85 30.11
CA GLN H 248 78.50 32.80 28.78
C GLN H 248 76.98 32.65 28.81
N VAL H 249 76.40 32.22 29.93
CA VAL H 249 74.94 32.19 29.99
C VAL H 249 74.40 33.61 30.09
N LEU H 250 75.09 34.49 30.82
CA LEU H 250 74.63 35.87 30.95
C LEU H 250 74.77 36.62 29.63
N GLU H 251 75.86 36.36 28.90
CA GLU H 251 76.05 36.97 27.59
C GLU H 251 74.85 36.73 26.69
N PHE H 252 74.49 35.47 26.51
CA PHE H 252 73.40 35.15 25.60
C PHE H 252 72.07 35.62 26.17
N LYS H 253 71.90 35.51 27.49
CA LYS H 253 70.65 35.93 28.11
C LYS H 253 70.47 37.43 28.03
N SER H 254 71.58 38.19 28.09
CA SER H 254 71.51 39.65 27.96
C SER H 254 71.54 40.12 26.51
N ALA H 255 72.07 39.32 25.59
CA ALA H 255 71.95 39.64 24.17
C ALA H 255 70.52 39.46 23.70
N VAL H 256 69.83 38.44 24.22
CA VAL H 256 68.40 38.27 23.92
C VAL H 256 67.58 39.31 24.64
N ARG H 257 67.98 39.66 25.87
CA ARG H 257 67.35 40.76 26.61
C ARG H 257 67.25 42.02 25.76
N ALA H 258 68.21 42.24 24.85
CA ALA H 258 68.36 43.47 24.09
C ALA H 258 67.68 43.42 22.73
N LEU H 259 67.81 42.31 22.00
CA LEU H 259 67.07 42.17 20.76
C LEU H 259 65.57 42.24 21.01
N HIS H 260 65.11 41.73 22.16
CA HIS H 260 63.74 41.93 22.60
C HIS H 260 63.43 43.39 22.90
N GLN H 261 64.45 44.19 23.20
CA GLN H 261 64.21 45.61 23.49
C GLN H 261 63.80 46.36 22.23
N ALA H 262 64.55 46.19 21.14
CA ALA H 262 64.27 46.84 19.88
C ALA H 262 63.27 46.06 19.02
N GLY H 263 62.57 45.09 19.61
CA GLY H 263 61.49 44.40 18.93
C GLY H 263 61.92 43.34 17.94
N ILE H 264 62.96 42.57 18.26
CA ILE H 264 63.54 41.60 17.34
C ILE H 264 63.55 40.23 18.01
N GLU H 265 63.00 39.23 17.33
CA GLU H 265 63.03 37.87 17.84
C GLU H 265 64.41 37.25 17.61
N VAL H 266 64.77 36.30 18.47
CA VAL H 266 65.97 35.51 18.31
C VAL H 266 65.55 34.10 17.92
N ILE H 267 65.95 33.66 16.74
CA ILE H 267 65.60 32.34 16.23
C ILE H 267 66.91 31.56 16.07
N LEU H 268 67.30 30.77 17.06
CA LEU H 268 68.60 30.14 16.93
C LEU H 268 68.50 28.84 16.15
N ASP H 269 69.66 28.36 15.71
CA ASP H 269 69.77 27.19 14.86
C ASP H 269 70.19 25.99 15.71
N VAL H 270 69.52 24.86 15.51
CA VAL H 270 69.78 23.67 16.29
C VAL H 270 70.31 22.57 15.38
N VAL H 271 71.20 21.75 15.91
CA VAL H 271 71.76 20.60 15.19
C VAL H 271 71.40 19.36 16.01
N TYR H 272 70.25 18.77 15.72
CA TYR H 272 69.74 17.62 16.45
C TYR H 272 69.95 16.31 15.71
N ASN H 273 70.62 16.32 14.56
CA ASN H 273 70.76 15.12 13.75
C ASN H 273 72.05 14.35 14.02
N HIS H 274 73.01 14.94 14.72
CA HIS H 274 74.24 14.23 15.03
C HIS H 274 74.92 14.89 16.22
N THR H 275 75.85 14.15 16.81
CA THR H 275 76.62 14.58 17.96
C THR H 275 78.07 14.70 17.53
N ALA H 276 78.83 15.53 18.22
CA ALA H 276 80.24 15.69 17.85
C ALA H 276 81.03 14.41 18.08
N GLU H 277 80.50 13.47 18.84
CA GLU H 277 81.17 12.18 18.99
C GLU H 277 81.22 11.40 17.69
N GLY H 278 80.38 11.76 16.71
CA GLY H 278 80.46 11.17 15.38
C GLY H 278 80.03 9.72 15.42
N ASN H 279 80.70 8.90 14.60
CA ASN H 279 80.61 7.45 14.72
C ASN H 279 81.71 7.00 15.69
N HIS H 280 82.01 5.70 15.72
CA HIS H 280 83.21 5.27 16.41
C HIS H 280 84.45 5.84 15.72
N LEU H 281 85.60 5.64 16.36
CA LEU H 281 86.86 6.26 15.97
C LEU H 281 86.85 7.77 16.18
N GLY H 282 85.90 8.26 16.98
CA GLY H 282 85.84 9.66 17.35
C GLY H 282 85.98 9.82 18.84
N PRO H 283 85.95 11.06 19.31
CA PRO H 283 86.20 11.30 20.74
C PRO H 283 85.09 10.71 21.61
N THR H 284 85.51 10.18 22.76
CA THR H 284 84.57 9.97 23.87
C THR H 284 84.50 11.27 24.64
N LEU H 285 83.42 12.04 24.43
CA LEU H 285 83.27 13.32 25.11
C LEU H 285 82.06 13.35 26.04
N SER H 286 80.86 13.10 25.54
CA SER H 286 79.65 13.35 26.31
C SER H 286 78.79 12.12 26.51
N MET H 287 78.50 11.38 25.44
CA MET H 287 77.47 10.33 25.49
C MET H 287 78.05 8.92 25.46
N ARG H 288 78.99 8.66 24.54
CA ARG H 288 79.54 7.32 24.38
C ARG H 288 79.92 6.71 25.71
N GLY H 289 80.53 7.50 26.59
CA GLY H 289 80.92 7.01 27.89
C GLY H 289 79.86 7.12 28.97
N LEU H 290 78.59 7.29 28.60
CA LEU H 290 77.50 7.22 29.58
C LEU H 290 76.56 6.07 29.30
N ASP H 291 75.93 6.05 28.13
CA ASP H 291 75.06 4.95 27.75
C ASP H 291 75.10 4.89 26.23
N ASN H 292 76.01 4.07 25.70
CA ASN H 292 76.12 3.95 24.24
C ASN H 292 74.84 3.43 23.60
N PRO H 293 74.22 2.33 24.05
CA PRO H 293 73.07 1.80 23.30
C PRO H 293 71.74 2.52 23.52
N SER H 294 71.65 3.50 24.43
CA SER H 294 70.40 4.22 24.61
C SER H 294 70.45 5.67 24.12
N TYR H 295 71.60 6.15 23.65
CA TYR H 295 71.64 7.45 22.98
C TYR H 295 71.77 7.33 21.46
N TYR H 296 72.52 6.36 20.97
CA TYR H 296 72.97 6.35 19.57
C TYR H 296 72.36 5.17 18.82
N ARG H 297 71.79 5.44 17.65
CA ARG H 297 71.33 4.35 16.79
C ARG H 297 72.52 3.63 16.21
N LEU H 298 72.74 2.39 16.68
CA LEU H 298 73.88 1.59 16.31
C LEU H 298 73.65 0.93 14.95
N ALA H 299 74.51 -0.03 14.58
CA ALA H 299 74.50 -0.62 13.26
C ALA H 299 73.61 -1.86 13.21
N ASP H 300 73.61 -2.51 12.04
CA ASP H 300 73.02 -3.85 11.93
C ASP H 300 73.61 -4.76 13.00
N ASP H 301 74.95 -4.85 13.04
CA ASP H 301 75.53 -5.49 14.20
C ASP H 301 76.07 -4.41 15.13
N PRO H 302 75.76 -4.50 16.44
CA PRO H 302 75.93 -3.34 17.33
C PRO H 302 77.38 -2.95 17.60
N ARG H 303 78.09 -2.54 16.55
CA ARG H 303 79.46 -2.07 16.68
C ARG H 303 79.69 -0.73 15.99
N TYR H 304 78.82 -0.34 15.06
CA TYR H 304 78.96 0.86 14.26
C TYR H 304 77.65 1.66 14.35
N TYR H 305 77.63 2.81 13.69
CA TYR H 305 76.54 3.78 13.85
C TYR H 305 75.85 4.00 12.51
N MET H 306 74.60 3.55 12.42
CA MET H 306 73.80 3.77 11.21
C MET H 306 73.79 5.25 10.83
N ASP H 307 74.20 5.55 9.60
CA ASP H 307 74.42 6.92 9.16
C ASP H 307 73.50 7.26 8.00
N THR H 308 72.72 8.34 8.17
CA THR H 308 71.99 8.98 7.08
C THR H 308 72.46 10.40 6.82
N THR H 309 72.85 11.14 7.86
CA THR H 309 73.35 12.51 7.68
C THR H 309 74.58 12.54 6.80
N GLY H 310 75.43 11.51 6.90
CA GLY H 310 76.76 11.59 6.34
C GLY H 310 77.74 12.33 7.22
N THR H 311 77.41 12.54 8.50
CA THR H 311 78.22 13.33 9.41
C THR H 311 78.47 12.59 10.72
N GLY H 312 78.58 11.26 10.67
CA GLY H 312 78.80 10.51 11.89
C GLY H 312 77.69 9.56 12.26
N ASN H 313 76.92 9.92 13.29
CA ASN H 313 75.95 9.03 13.94
C ASN H 313 74.52 9.43 13.62
N SER H 314 73.59 8.73 14.26
CA SER H 314 72.20 9.15 14.38
C SER H 314 71.74 8.80 15.79
N LEU H 315 70.94 9.67 16.39
CA LEU H 315 70.42 9.40 17.71
C LEU H 315 69.33 8.33 17.66
N LEU H 316 69.22 7.55 18.74
CA LEU H 316 68.15 6.54 18.84
C LEU H 316 66.89 7.25 19.25
N MET H 317 66.09 7.63 18.27
CA MET H 317 64.91 8.46 18.51
C MET H 317 63.80 7.73 19.25
N ARG H 318 63.95 6.44 19.57
CA ARG H 318 62.92 5.76 20.34
C ARG H 318 63.22 5.73 21.82
N SER H 319 64.49 5.52 22.21
CA SER H 319 64.82 5.33 23.61
C SER H 319 64.30 6.50 24.43
N PRO H 320 63.87 6.27 25.67
CA PRO H 320 63.16 7.32 26.41
C PRO H 320 63.94 8.62 26.49
N HIS H 321 65.17 8.56 27.00
CA HIS H 321 65.89 9.78 27.35
C HIS H 321 66.43 10.52 26.13
N VAL H 322 66.22 10.03 24.90
CA VAL H 322 66.54 10.85 23.73
C VAL H 322 65.45 11.89 23.50
N LEU H 323 64.21 11.45 23.26
CA LEU H 323 63.09 12.39 23.14
C LEU H 323 63.03 13.31 24.36
N GLN H 324 63.27 12.75 25.54
CA GLN H 324 63.32 13.56 26.74
C GLN H 324 64.48 14.55 26.71
N LEU H 325 65.57 14.22 26.00
CA LEU H 325 66.62 15.23 25.90
C LEU H 325 66.23 16.33 24.92
N ILE H 326 65.58 15.99 23.81
CA ILE H 326 65.16 17.01 22.87
C ILE H 326 64.12 17.93 23.49
N MET H 327 63.10 17.35 24.15
CA MET H 327 62.06 18.16 24.78
C MET H 327 62.58 18.95 25.97
N ASP H 328 63.42 18.33 26.82
CA ASP H 328 64.07 19.09 27.87
C ASP H 328 65.02 20.14 27.28
N SER H 329 65.53 19.91 26.08
CA SER H 329 66.42 20.88 25.45
C SER H 329 65.64 22.06 24.91
N LEU H 330 64.73 21.80 23.96
CA LEU H 330 63.97 22.88 23.33
C LEU H 330 63.29 23.79 24.35
N ARG H 331 62.64 23.19 25.35
CA ARG H 331 61.94 24.00 26.34
C ARG H 331 62.87 24.96 27.06
N TYR H 332 64.14 24.56 27.25
CA TYR H 332 65.06 25.40 28.03
C TYR H 332 65.41 26.69 27.29
N TRP H 333 65.71 26.62 26.00
CA TRP H 333 66.01 27.87 25.31
C TRP H 333 64.79 28.76 25.13
N VAL H 334 63.58 28.28 25.37
CA VAL H 334 62.40 29.15 25.37
C VAL H 334 62.12 29.72 26.76
N THR H 335 62.07 28.87 27.79
CA THR H 335 61.68 29.34 29.12
C THR H 335 62.85 29.75 29.99
N GLU H 336 64.07 29.74 29.47
CA GLU H 336 65.17 30.30 30.26
C GLU H 336 66.10 31.20 29.46
N MET H 337 66.19 31.05 28.14
CA MET H 337 66.92 31.99 27.30
C MET H 337 65.98 32.86 26.47
N HIS H 338 64.67 32.69 26.63
CA HIS H 338 63.66 33.56 26.03
C HIS H 338 63.87 33.70 24.52
N VAL H 339 64.20 32.59 23.88
CA VAL H 339 64.28 32.52 22.43
C VAL H 339 62.87 32.46 21.84
N ASP H 340 62.74 32.87 20.58
CA ASP H 340 61.46 32.95 19.93
C ASP H 340 61.25 31.89 18.86
N GLY H 341 62.19 30.98 18.67
CA GLY H 341 62.00 29.95 17.67
C GLY H 341 63.27 29.18 17.38
N PHE H 342 63.09 28.10 16.61
CA PHE H 342 64.17 27.18 16.29
C PHE H 342 64.16 26.84 14.81
N ARG H 343 65.35 26.55 14.28
CA ARG H 343 65.52 26.11 12.90
C ARG H 343 66.24 24.77 12.93
N PHE H 344 65.55 23.72 12.51
CA PHE H 344 66.07 22.36 12.55
C PHE H 344 66.94 22.12 11.31
N ASP H 345 68.25 22.13 11.49
CA ASP H 345 69.15 21.93 10.35
C ASP H 345 69.01 20.51 9.81
N LEU H 346 69.09 20.39 8.48
CA LEU H 346 68.91 19.11 7.81
C LEU H 346 67.62 18.44 8.27
N ALA H 347 66.56 19.24 8.39
CA ALA H 347 65.31 18.76 8.95
C ALA H 347 64.77 17.53 8.23
N ALA H 348 65.15 17.36 6.96
CA ALA H 348 64.73 16.16 6.24
C ALA H 348 65.40 14.91 6.80
N THR H 349 66.70 14.99 7.10
CA THR H 349 67.38 13.84 7.69
C THR H 349 66.80 13.49 9.05
N LEU H 350 66.48 14.51 9.85
CA LEU H 350 66.04 14.29 11.22
C LEU H 350 64.75 13.49 11.27
N ALA H 351 63.95 13.52 10.20
CA ALA H 351 62.72 12.74 10.15
C ALA H 351 62.99 11.28 9.80
N ARG H 352 63.94 11.02 8.89
CA ARG H 352 64.27 9.63 8.57
C ARG H 352 64.80 8.90 9.79
N GLN H 353 65.66 9.56 10.58
CA GLN H 353 66.03 9.01 11.88
C GLN H 353 64.79 8.78 12.74
N PHE H 354 63.81 9.68 12.64
CA PHE H 354 62.59 9.56 13.43
C PHE H 354 61.65 8.49 12.88
N HIS H 355 61.85 8.03 11.64
CA HIS H 355 60.96 7.06 11.02
C HIS H 355 61.41 5.62 11.26
N GLU H 356 62.69 5.32 11.03
CA GLU H 356 63.10 3.92 11.11
C GLU H 356 63.36 3.55 12.56
N VAL H 357 62.44 3.93 13.44
CA VAL H 357 62.28 3.33 14.76
C VAL H 357 60.78 3.15 14.97
N ASP H 358 59.99 3.75 14.08
CA ASP H 358 58.53 3.87 14.21
C ASP H 358 58.16 4.80 15.38
N ARG H 359 58.70 6.03 15.36
CA ARG H 359 58.31 7.02 16.36
C ARG H 359 58.15 8.43 15.78
N LEU H 360 58.01 8.56 14.45
CA LEU H 360 57.93 9.89 13.84
C LEU H 360 56.62 10.59 14.20
N SER H 361 55.49 9.98 13.84
CA SER H 361 54.20 10.61 14.07
C SER H 361 53.88 10.77 15.55
N SER H 362 54.58 10.06 16.43
CA SER H 362 54.44 10.30 17.86
C SER H 362 55.30 11.45 18.35
N PHE H 363 56.20 11.97 17.50
CA PHE H 363 56.92 13.21 17.81
C PHE H 363 56.12 14.44 17.47
N PHE H 364 55.32 14.40 16.40
CA PHE H 364 54.50 15.55 16.04
C PHE H 364 53.26 15.66 16.91
N ASP H 365 52.87 14.61 17.63
CA ASP H 365 51.88 14.73 18.69
C ASP H 365 52.52 15.20 19.99
N LEU H 366 53.76 14.73 20.24
CA LEU H 366 54.48 15.12 21.45
C LEU H 366 54.71 16.63 21.49
N VAL H 367 55.03 17.22 20.35
CA VAL H 367 55.29 18.66 20.29
C VAL H 367 54.00 19.44 20.34
N GLN H 368 53.11 19.21 19.37
CA GLN H 368 51.94 20.04 19.14
C GLN H 368 51.07 20.21 20.39
N GLN H 369 51.20 19.33 21.37
CA GLN H 369 50.49 19.51 22.63
C GLN H 369 51.31 20.30 23.66
N ASP H 370 52.62 20.03 23.75
CA ASP H 370 53.50 20.63 24.75
C ASP H 370 53.47 22.14 24.64
N PRO H 371 52.90 22.84 25.62
CA PRO H 371 52.57 24.25 25.44
C PRO H 371 53.76 25.19 25.33
N VAL H 372 54.98 24.72 25.63
CA VAL H 372 56.15 25.56 25.46
C VAL H 372 56.61 25.55 24.01
N VAL H 373 56.99 24.38 23.50
CA VAL H 373 57.54 24.25 22.15
C VAL H 373 56.50 24.54 21.08
N SER H 374 55.22 24.44 21.40
CA SER H 374 54.16 24.59 20.40
C SER H 374 53.66 26.02 20.27
N GLN H 375 54.45 27.00 20.68
CA GLN H 375 54.04 28.39 20.54
C GLN H 375 55.11 29.30 19.95
N VAL H 376 56.25 28.76 19.54
CA VAL H 376 57.32 29.57 18.99
C VAL H 376 57.55 29.16 17.54
N LYS H 377 58.16 30.06 16.78
CA LYS H 377 58.46 29.81 15.37
C LYS H 377 59.27 28.54 15.20
N LEU H 378 58.72 27.58 14.48
CA LEU H 378 59.37 26.29 14.26
C LEU H 378 59.60 26.14 12.76
N ILE H 379 60.87 26.29 12.35
CA ILE H 379 61.25 26.42 10.96
C ILE H 379 62.12 25.23 10.58
N ALA H 380 61.79 24.57 9.48
CA ALA H 380 62.47 23.33 9.10
C ALA H 380 62.49 23.22 7.59
N GLU H 381 62.73 22.01 7.09
CA GLU H 381 62.88 21.67 5.68
C GLU H 381 61.91 20.54 5.32
N PRO H 382 61.38 20.53 4.10
CA PRO H 382 60.49 19.44 3.69
C PRO H 382 61.29 18.18 3.41
N TRP H 383 60.58 17.05 3.34
CA TRP H 383 61.24 15.76 3.28
C TRP H 383 60.36 14.76 2.55
N ASP H 384 60.85 13.52 2.49
CA ASP H 384 60.10 12.37 2.00
C ASP H 384 60.56 11.16 2.78
N VAL H 385 59.62 10.53 3.48
CA VAL H 385 59.91 9.60 4.56
C VAL H 385 59.28 8.25 4.25
N GLY H 386 60.08 7.19 4.36
CA GLY H 386 59.57 5.85 4.20
C GLY H 386 58.90 5.62 2.88
N GLU H 387 57.56 5.54 2.89
CA GLU H 387 56.77 5.26 1.69
C GLU H 387 55.53 6.15 1.69
N GLY H 388 55.66 7.37 1.16
CA GLY H 388 54.52 8.26 1.12
C GLY H 388 54.75 9.74 1.35
N GLY H 389 55.99 10.17 1.55
CA GLY H 389 56.32 11.58 1.61
C GLY H 389 56.35 12.09 3.04
N TYR H 390 55.72 13.26 3.26
CA TYR H 390 55.64 13.84 4.60
C TYR H 390 55.22 12.81 5.63
N GLN H 391 54.06 12.18 5.41
CA GLN H 391 53.58 11.06 6.20
C GLN H 391 53.30 11.43 7.65
N VAL H 392 52.89 12.67 7.87
CA VAL H 392 52.29 13.07 9.13
C VAL H 392 50.96 13.73 8.81
N GLY H 393 49.93 13.42 9.61
CA GLY H 393 48.61 13.94 9.34
C GLY H 393 48.51 15.42 9.63
N ASN H 394 49.03 15.86 10.77
CA ASN H 394 48.95 17.25 11.19
C ASN H 394 50.31 17.73 11.69
N PHE H 395 50.67 18.95 11.30
CA PHE H 395 51.87 19.64 11.74
C PHE H 395 51.55 20.58 12.90
N PRO H 396 52.52 20.98 13.71
CA PRO H 396 52.27 21.93 14.77
C PRO H 396 51.98 23.30 14.20
N PRO H 397 51.13 24.13 14.83
CA PRO H 397 50.54 25.27 14.15
C PRO H 397 51.42 26.50 14.15
N LEU H 398 52.73 26.29 14.04
CA LEU H 398 53.67 27.34 13.66
C LEU H 398 54.81 26.77 12.83
N TRP H 399 54.61 25.62 12.18
CA TRP H 399 55.67 24.86 11.53
C TRP H 399 55.84 25.32 10.09
N THR H 400 57.03 25.79 9.74
CA THR H 400 57.28 26.36 8.43
C THR H 400 58.55 25.78 7.82
N GLU H 401 58.63 25.85 6.50
CA GLU H 401 59.74 25.26 5.77
C GLU H 401 60.50 26.32 4.98
N TRP H 402 61.82 26.28 5.08
CA TRP H 402 62.64 26.88 4.05
C TRP H 402 62.20 26.33 2.71
N ASN H 403 61.69 27.21 1.84
CA ASN H 403 61.17 26.75 0.55
C ASN H 403 62.28 26.80 -0.49
N GLY H 404 63.05 25.72 -0.54
CA GLY H 404 64.01 25.57 -1.63
C GLY H 404 63.35 25.45 -2.99
N LYS H 405 62.09 25.03 -3.03
CA LYS H 405 61.32 24.96 -4.27
C LYS H 405 61.02 26.37 -4.80
N TYR H 406 61.46 27.39 -4.05
CA TYR H 406 61.32 28.79 -4.43
C TYR H 406 62.64 29.47 -4.71
N ARG H 407 63.72 29.03 -4.06
CA ARG H 407 65.06 29.49 -4.43
C ARG H 407 65.50 28.92 -5.76
N ASP H 408 65.16 27.66 -6.05
CA ASP H 408 65.50 27.06 -7.33
C ASP H 408 64.66 27.58 -8.47
N CYS H 409 63.53 28.22 -8.18
CA CYS H 409 62.66 28.77 -9.22
C CYS H 409 63.01 30.20 -9.61
N VAL H 410 63.55 30.97 -8.68
CA VAL H 410 63.81 32.39 -8.91
C VAL H 410 65.24 32.64 -9.38
N ARG H 411 66.22 31.90 -8.84
CA ARG H 411 67.53 31.86 -9.48
C ARG H 411 67.38 31.53 -10.96
N ASP H 412 66.60 30.49 -11.27
CA ASP H 412 66.36 30.09 -12.66
C ASP H 412 65.53 31.10 -13.44
N LEU H 413 64.97 32.12 -12.79
CA LEU H 413 64.24 33.14 -13.53
C LEU H 413 65.21 34.09 -14.23
N TRP H 414 66.09 34.73 -13.46
CA TRP H 414 67.09 35.63 -14.01
C TRP H 414 68.37 34.91 -14.41
N ARG H 415 68.42 33.57 -14.27
CA ARG H 415 69.41 32.74 -14.92
C ARG H 415 68.98 32.34 -16.33
N GLY H 416 67.75 32.65 -16.71
CA GLY H 416 67.31 32.50 -18.07
C GLY H 416 66.33 31.36 -18.26
N GLU H 417 66.60 30.21 -17.64
CA GLU H 417 65.76 29.03 -17.84
C GLU H 417 64.30 29.39 -17.66
N PRO H 418 63.45 29.04 -18.59
CA PRO H 418 62.02 29.34 -18.42
C PRO H 418 61.37 28.33 -17.53
N ARG H 419 61.14 28.69 -16.27
CA ARG H 419 60.37 27.86 -15.37
C ARG H 419 58.89 28.07 -15.68
N THR H 420 58.13 26.97 -15.67
CA THR H 420 56.74 27.00 -16.13
C THR H 420 55.99 28.18 -15.55
N LEU H 421 55.30 28.91 -16.42
CA LEU H 421 54.63 30.14 -15.97
C LEU H 421 53.33 29.82 -15.27
N ALA H 422 53.39 28.85 -14.37
CA ALA H 422 52.39 28.60 -13.34
C ALA H 422 53.11 28.29 -12.04
N GLU H 423 54.35 27.79 -12.15
CA GLU H 423 55.17 27.55 -10.96
C GLU H 423 55.65 28.87 -10.38
N PHE H 424 56.29 29.70 -11.20
CA PHE H 424 56.64 31.04 -10.74
C PHE H 424 55.40 31.76 -10.25
N ALA H 425 54.25 31.48 -10.86
CA ALA H 425 52.99 32.06 -10.41
C ALA H 425 52.70 31.70 -8.95
N SER H 426 52.59 30.41 -8.66
CA SER H 426 52.27 29.98 -7.30
C SER H 426 53.43 30.16 -6.33
N ARG H 427 54.60 30.59 -6.81
CA ARG H 427 55.71 30.90 -5.92
C ARG H 427 55.64 32.32 -5.39
N LEU H 428 55.04 33.24 -6.15
CA LEU H 428 54.70 34.55 -5.60
C LEU H 428 53.40 34.49 -4.82
N THR H 429 52.51 33.56 -5.20
CA THR H 429 51.25 33.35 -4.48
C THR H 429 51.49 33.01 -3.01
N GLY H 430 52.62 32.41 -2.69
CA GLY H 430 52.89 31.92 -1.37
C GLY H 430 52.92 30.43 -1.23
N SER H 431 53.14 29.71 -2.34
CA SER H 431 53.15 28.25 -2.34
C SER H 431 51.84 27.69 -1.77
N SER H 432 50.73 28.24 -2.28
CA SER H 432 49.42 27.67 -1.98
C SER H 432 49.36 26.18 -2.25
N ASP H 433 50.11 25.73 -3.26
CA ASP H 433 49.97 24.36 -3.76
C ASP H 433 50.24 23.32 -2.68
N LEU H 434 51.40 23.41 -2.01
CA LEU H 434 51.83 22.32 -1.14
C LEU H 434 52.21 22.77 0.26
N TYR H 435 51.74 23.93 0.72
CA TYR H 435 51.92 24.44 2.08
C TYR H 435 50.59 24.90 2.68
N GLN H 436 49.55 24.06 2.61
CA GLN H 436 48.20 24.53 2.92
C GLN H 436 48.06 24.90 4.40
N ASP H 437 46.90 25.45 4.74
CA ASP H 437 46.73 26.31 5.90
C ASP H 437 46.36 25.57 7.19
N ASP H 438 45.56 24.51 7.14
CA ASP H 438 44.92 24.03 8.36
C ASP H 438 45.83 23.15 9.22
N GLY H 439 46.02 21.88 8.82
CA GLY H 439 47.00 21.03 9.48
C GLY H 439 47.68 20.03 8.57
N ARG H 440 47.09 19.76 7.40
CA ARG H 440 47.58 18.67 6.57
C ARG H 440 48.94 18.96 5.96
N ARG H 441 49.47 20.17 6.15
CA ARG H 441 50.74 20.58 5.58
C ARG H 441 51.28 21.74 6.40
N PRO H 442 52.54 22.13 6.19
CA PRO H 442 53.10 23.28 6.93
C PRO H 442 52.40 24.59 6.58
N LEU H 443 52.50 25.55 7.50
CA LEU H 443 51.59 26.69 7.51
C LEU H 443 51.87 27.66 6.37
N ALA H 444 53.14 27.90 6.06
CA ALA H 444 53.47 29.00 5.17
C ALA H 444 54.73 28.62 4.37
N SER H 445 55.39 29.64 3.83
CA SER H 445 56.61 29.44 3.05
C SER H 445 57.67 30.40 3.57
N VAL H 446 58.78 29.86 4.07
CA VAL H 446 59.97 30.68 4.25
C VAL H 446 60.57 30.93 2.89
N ASN H 447 60.70 32.20 2.53
CA ASN H 447 61.15 32.60 1.20
C ASN H 447 62.55 33.17 1.33
N PHE H 448 63.47 32.65 0.52
CA PHE H 448 64.84 33.10 0.56
C PHE H 448 65.45 32.94 -0.82
N VAL H 449 66.27 33.90 -1.23
CA VAL H 449 67.03 33.75 -2.47
C VAL H 449 68.39 33.12 -2.20
N THR H 450 68.83 33.07 -0.95
CA THR H 450 70.17 32.65 -0.61
C THR H 450 70.28 32.48 0.89
N CYS H 451 71.20 31.62 1.32
CA CYS H 451 71.39 31.34 2.74
C CYS H 451 72.83 30.87 2.95
N HIS H 452 73.11 30.40 4.17
CA HIS H 452 74.46 29.95 4.52
C HIS H 452 74.93 28.78 3.67
N ASP H 453 74.02 27.96 3.14
CA ASP H 453 74.39 26.93 2.18
C ASP H 453 74.22 27.52 0.78
N GLY H 454 75.27 27.47 -0.01
CA GLY H 454 75.26 28.01 -1.35
C GLY H 454 75.98 29.35 -1.45
N PHE H 455 75.86 29.96 -2.63
CA PHE H 455 76.48 31.25 -2.88
C PHE H 455 75.75 32.36 -2.12
N THR H 456 76.51 33.37 -1.72
CA THR H 456 75.93 34.61 -1.22
C THR H 456 75.42 35.44 -2.40
N LEU H 457 74.88 36.62 -2.11
CA LEU H 457 74.20 37.38 -3.16
C LEU H 457 75.17 37.93 -4.19
N ARG H 458 76.34 38.41 -3.76
CA ARG H 458 77.35 38.81 -4.73
C ARG H 458 77.75 37.63 -5.60
N ASP H 459 78.11 36.52 -4.95
CA ASP H 459 78.61 35.35 -5.67
C ASP H 459 77.53 34.58 -6.40
N LEU H 460 76.25 34.94 -6.23
CA LEU H 460 75.19 34.25 -6.96
C LEU H 460 75.07 34.73 -8.39
N VAL H 461 75.37 36.01 -8.65
CA VAL H 461 75.28 36.56 -10.00
C VAL H 461 76.64 36.58 -10.70
N SER H 462 77.66 35.92 -10.12
CA SER H 462 79.03 36.15 -10.59
C SER H 462 79.88 34.89 -10.70
N TYR H 463 79.30 33.70 -10.56
CA TYR H 463 80.06 32.45 -10.71
C TYR H 463 79.14 31.36 -11.25
N ASN H 464 79.66 30.54 -12.17
CA ASN H 464 78.89 29.41 -12.67
C ASN H 464 79.11 28.16 -11.85
N GLU H 465 80.34 27.89 -11.43
CA GLU H 465 80.66 26.74 -10.60
C GLU H 465 81.47 27.17 -9.40
N LYS H 466 81.49 26.31 -8.39
CA LYS H 466 82.07 26.60 -7.09
C LYS H 466 83.60 26.71 -7.17
N ARG H 467 84.16 27.36 -6.16
CA ARG H 467 85.60 27.54 -6.00
C ARG H 467 86.00 27.21 -4.55
N ASN H 468 85.56 26.04 -4.09
CA ASN H 468 85.75 25.64 -2.70
C ASN H 468 87.04 24.87 -2.46
N GLU H 469 88.09 25.18 -3.24
CA GLU H 469 89.39 24.55 -3.00
C GLU H 469 89.96 24.93 -1.63
N ALA H 470 89.49 26.03 -1.04
CA ALA H 470 89.97 26.44 0.28
C ALA H 470 89.78 25.34 1.32
N ASN H 471 88.64 24.66 1.27
CA ASN H 471 88.32 23.60 2.23
C ASN H 471 89.15 22.34 2.03
N GLY H 472 90.11 22.34 1.11
CA GLY H 472 90.96 21.17 0.91
C GLY H 472 90.22 19.93 0.46
N GLU H 473 88.92 20.02 0.22
CA GLU H 473 88.08 18.87 -0.08
C GLU H 473 88.02 18.57 -1.58
N GLY H 474 89.07 18.92 -2.32
CA GLY H 474 89.11 18.62 -3.74
C GLY H 474 87.99 19.23 -4.54
N ASN H 475 87.44 20.35 -4.06
CA ASN H 475 86.29 21.01 -4.69
C ASN H 475 85.14 20.03 -4.95
N ARG H 476 85.03 19.01 -4.09
CA ARG H 476 83.91 18.08 -4.16
C ARG H 476 82.74 18.47 -3.27
N ASP H 477 82.98 19.27 -2.23
CA ASP H 477 81.89 19.68 -1.35
C ASP H 477 81.02 20.75 -2.01
N GLY H 478 79.84 20.98 -1.41
CA GLY H 478 78.95 22.03 -1.87
C GLY H 478 77.99 21.59 -2.95
N GLU H 479 77.20 22.55 -3.42
CA GLU H 479 76.28 22.34 -4.53
C GLU H 479 77.06 22.19 -5.83
N ASN H 480 76.74 21.15 -6.61
CA ASN H 480 77.48 20.94 -7.85
C ASN H 480 76.97 21.83 -8.98
N TYR H 481 75.67 22.12 -9.05
CA TYR H 481 75.20 23.24 -9.84
C TYR H 481 74.31 24.12 -8.98
N ASN H 482 74.72 25.37 -8.81
CA ASN H 482 74.05 26.37 -8.00
C ASN H 482 73.01 27.17 -8.77
N ARG H 483 72.81 26.88 -10.06
CA ARG H 483 71.85 27.58 -10.91
C ARG H 483 72.12 29.09 -10.93
N SER H 484 73.32 29.44 -11.39
CA SER H 484 73.77 30.82 -11.44
C SER H 484 74.23 31.16 -12.85
N TRP H 485 74.57 32.43 -13.07
CA TRP H 485 75.17 32.86 -14.33
C TRP H 485 76.15 33.99 -14.06
N ASN H 486 77.39 33.80 -14.52
CA ASN H 486 78.49 34.71 -14.22
C ASN H 486 78.26 36.14 -14.72
N CYS H 487 77.27 36.35 -15.60
CA CYS H 487 76.86 37.66 -16.13
C CYS H 487 77.81 38.21 -17.19
N GLY H 488 78.73 37.41 -17.72
CA GLY H 488 79.58 37.84 -18.81
C GLY H 488 81.04 37.48 -18.63
N GLU H 489 81.46 37.35 -17.38
CA GLU H 489 82.80 36.89 -17.03
C GLU H 489 82.71 36.35 -15.61
N GLU H 490 83.44 35.28 -15.34
CA GLU H 490 83.38 34.61 -14.04
C GLU H 490 84.55 35.09 -13.19
N GLY H 491 84.27 36.00 -12.25
CA GLY H 491 85.24 36.58 -11.36
C GLY H 491 85.13 38.09 -11.34
N GLU H 492 86.13 38.73 -10.74
CA GLU H 492 86.17 40.19 -10.68
C GLU H 492 86.56 40.77 -12.03
N THR H 493 85.67 41.54 -12.63
CA THR H 493 85.93 42.18 -13.91
C THR H 493 85.97 43.69 -13.75
N GLU H 494 86.62 44.34 -14.72
CA GLU H 494 86.64 45.78 -14.85
C GLU H 494 85.52 46.30 -15.75
N ASP H 495 85.00 45.45 -16.64
CA ASP H 495 84.00 45.85 -17.63
C ASP H 495 82.74 46.34 -16.96
N VAL H 496 82.48 47.65 -17.05
CA VAL H 496 81.35 48.27 -16.35
C VAL H 496 80.02 47.69 -16.79
N GLY H 497 79.97 47.09 -17.98
CA GLY H 497 78.73 46.49 -18.45
C GLY H 497 78.24 45.40 -17.52
N ILE H 498 79.11 44.45 -17.19
CA ILE H 498 78.71 43.39 -16.28
C ILE H 498 78.87 43.79 -14.82
N THR H 499 79.65 44.84 -14.53
CA THR H 499 79.67 45.37 -13.18
C THR H 499 78.35 46.03 -12.81
N GLU H 500 77.70 46.64 -13.81
CA GLU H 500 76.33 47.10 -13.61
C GLU H 500 75.32 45.96 -13.77
N LEU H 501 75.57 45.04 -14.71
CA LEU H 501 74.67 43.90 -14.92
C LEU H 501 74.44 43.14 -13.62
N ARG H 502 75.53 42.81 -12.90
CA ARG H 502 75.36 42.09 -11.64
C ARG H 502 74.66 42.96 -10.59
N ALA H 503 75.19 44.15 -10.31
CA ALA H 503 74.64 44.98 -9.26
C ALA H 503 73.20 45.36 -9.53
N ARG H 504 72.78 45.33 -10.79
CA ARG H 504 71.35 45.42 -11.10
C ARG H 504 70.66 44.07 -10.97
N GLN H 505 71.33 42.99 -11.39
CA GLN H 505 70.78 41.65 -11.16
C GLN H 505 70.57 41.38 -9.68
N MET H 506 71.39 42.00 -8.82
CA MET H 506 71.17 41.90 -7.38
C MET H 506 69.80 42.43 -7.00
N ARG H 507 69.49 43.66 -7.42
CA ARG H 507 68.20 44.25 -7.06
C ARG H 507 67.05 43.40 -7.56
N ASN H 508 67.24 42.70 -8.68
CA ASN H 508 66.19 41.81 -9.16
C ASN H 508 65.86 40.74 -8.13
N PHE H 509 66.87 40.24 -7.42
CA PHE H 509 66.64 39.23 -6.40
C PHE H 509 65.97 39.84 -5.17
N LEU H 510 66.54 40.92 -4.64
CA LEU H 510 66.03 41.51 -3.41
C LEU H 510 64.65 42.07 -3.61
N ALA H 511 64.34 42.59 -4.80
CA ALA H 511 63.01 43.14 -5.03
C ALA H 511 61.97 42.05 -5.15
N THR H 512 62.33 40.90 -5.74
CA THR H 512 61.35 39.83 -5.87
C THR H 512 61.13 39.10 -4.55
N LEU H 513 62.20 38.84 -3.80
CA LEU H 513 62.06 38.16 -2.51
C LEU H 513 61.11 38.91 -1.59
N MET H 514 61.30 40.23 -1.47
CA MET H 514 60.54 41.01 -0.51
C MET H 514 59.09 41.19 -0.95
N LEU H 515 58.82 41.22 -2.26
CA LEU H 515 57.49 41.46 -2.78
C LEU H 515 56.67 40.18 -2.94
N SER H 516 57.07 39.08 -2.30
CA SER H 516 56.36 37.82 -2.41
C SER H 516 55.42 37.62 -1.23
N GLN H 517 54.47 36.70 -1.40
CA GLN H 517 53.60 36.29 -0.30
C GLN H 517 54.33 35.21 0.49
N GLY H 518 54.88 35.58 1.65
CA GLY H 518 55.60 34.63 2.46
C GLY H 518 56.45 35.32 3.50
N VAL H 519 57.34 34.53 4.10
CA VAL H 519 58.23 34.97 5.16
C VAL H 519 59.63 35.09 4.58
N PRO H 520 60.14 36.30 4.35
CA PRO H 520 61.44 36.45 3.70
C PRO H 520 62.59 36.20 4.68
N MET H 521 63.80 36.15 4.11
CA MET H 521 64.97 35.76 4.88
C MET H 521 66.23 36.24 4.17
N LEU H 522 67.04 37.02 4.87
CA LEU H 522 68.27 37.57 4.32
C LEU H 522 69.48 36.94 5.00
N SER H 523 70.54 36.77 4.21
CA SER H 523 71.81 36.25 4.69
C SER H 523 72.75 37.41 4.91
N HIS H 524 73.50 37.38 6.02
CA HIS H 524 74.19 38.57 6.46
C HIS H 524 75.21 39.02 5.42
N GLY H 525 75.54 40.30 5.47
CA GLY H 525 76.41 40.90 4.47
C GLY H 525 75.77 41.14 3.12
N ASP H 526 74.60 40.58 2.86
CA ASP H 526 73.98 40.75 1.54
C ASP H 526 73.42 42.15 1.33
N GLU H 527 73.26 42.93 2.38
CA GLU H 527 73.04 44.36 2.19
C GLU H 527 74.33 45.04 1.78
N PHE H 528 75.46 44.54 2.25
CA PHE H 528 76.78 45.08 1.98
C PHE H 528 77.42 44.43 0.75
N GLY H 529 76.71 43.54 0.07
CA GLY H 529 77.27 42.81 -1.05
C GLY H 529 78.39 41.87 -0.63
N ARG H 530 78.09 40.97 0.31
CA ARG H 530 79.10 40.11 0.90
C ARG H 530 79.63 39.13 -0.14
N THR H 531 80.95 38.89 -0.10
CA THR H 531 81.61 38.05 -1.09
C THR H 531 82.51 37.05 -0.38
N GLN H 532 82.33 35.77 -0.68
CA GLN H 532 83.20 34.71 -0.20
C GLN H 532 84.22 34.30 -1.24
N GLY H 533 84.24 34.97 -2.39
CA GLY H 533 85.19 34.67 -3.45
C GLY H 533 84.94 33.32 -4.09
N GLY H 534 83.70 33.04 -4.43
CA GLY H 534 83.36 31.80 -5.10
C GLY H 534 83.24 30.59 -4.20
N ASN H 535 83.20 30.77 -2.88
CA ASN H 535 83.00 29.65 -1.97
C ASN H 535 81.50 29.53 -1.68
N ASN H 536 80.94 28.37 -2.02
CA ASN H 536 79.55 28.07 -1.71
C ASN H 536 79.40 27.13 -0.52
N ASN H 537 80.50 26.62 0.03
CA ASN H 537 80.49 25.82 1.25
C ASN H 537 81.64 26.32 2.13
N ALA H 538 81.34 27.29 2.97
CA ALA H 538 82.33 27.96 3.82
C ALA H 538 82.25 27.49 5.26
N TYR H 539 82.04 26.19 5.48
CA TYR H 539 81.85 25.67 6.82
C TYR H 539 83.11 25.65 7.66
N CYS H 540 84.29 25.86 7.06
CA CYS H 540 85.54 25.72 7.78
C CYS H 540 86.39 26.98 7.79
N GLN H 541 85.91 28.09 7.22
CA GLN H 541 86.69 29.32 7.13
C GLN H 541 86.25 30.30 8.21
N ASP H 542 86.85 30.17 9.40
CA ASP H 542 86.68 31.20 10.40
C ASP H 542 87.66 32.34 10.09
N ASN H 543 87.60 32.85 8.86
CA ASN H 543 88.57 33.85 8.42
C ASN H 543 87.87 34.80 7.47
N GLU H 544 88.66 35.66 6.84
CA GLU H 544 88.14 36.79 6.08
C GLU H 544 87.17 36.36 4.97
N VAL H 545 87.18 35.07 4.62
CA VAL H 545 86.27 34.55 3.60
C VAL H 545 84.82 34.85 3.99
N SER H 546 84.44 34.48 5.22
CA SER H 546 83.05 34.56 5.67
C SER H 546 82.84 35.60 6.76
N TRP H 547 83.61 36.69 6.73
CA TRP H 547 83.32 37.82 7.59
C TRP H 547 82.38 38.79 6.87
N VAL H 548 81.97 39.84 7.58
CA VAL H 548 81.18 40.93 7.00
C VAL H 548 82.08 42.15 6.90
N ARG H 549 82.23 42.68 5.68
CA ARG H 549 82.92 43.95 5.51
C ARG H 549 81.94 45.07 5.81
N TRP H 550 82.31 45.94 6.74
CA TRP H 550 81.25 46.91 6.98
C TRP H 550 81.56 48.20 6.22
N PRO H 551 80.54 48.80 5.60
CA PRO H 551 80.79 49.70 4.46
C PRO H 551 81.28 51.08 4.85
N LYS H 552 82.11 51.64 3.98
CA LYS H 552 82.43 53.06 4.02
C LYS H 552 82.43 53.63 2.60
N GLU H 556 80.49 53.40 -1.55
CA GLU H 556 79.50 53.88 -2.51
C GLU H 556 78.60 52.78 -3.05
N ALA H 557 79.20 51.87 -3.82
CA ALA H 557 78.43 50.76 -4.38
C ALA H 557 77.81 49.89 -3.30
N GLU H 558 78.50 49.75 -2.17
CA GLU H 558 78.00 48.97 -1.04
C GLU H 558 77.08 49.77 -0.13
N ALA H 559 76.83 51.04 -0.44
CA ALA H 559 75.85 51.84 0.30
C ALA H 559 74.74 52.38 -0.60
N THR H 560 74.72 51.97 -1.87
CA THR H 560 73.49 52.06 -2.64
C THR H 560 72.60 50.87 -2.35
N LEU H 561 73.20 49.68 -2.34
CA LEU H 561 72.44 48.47 -2.06
C LEU H 561 71.82 48.53 -0.66
N LEU H 562 72.52 49.16 0.28
CA LEU H 562 72.02 49.22 1.65
C LEU H 562 70.77 50.08 1.72
N ARG H 563 70.78 51.25 1.09
CA ARG H 563 69.60 52.10 0.97
C ARG H 563 68.67 51.64 -0.13
N PHE H 564 68.98 50.51 -0.77
CA PHE H 564 67.99 49.78 -1.54
C PHE H 564 67.29 48.78 -0.65
N THR H 565 68.08 47.86 -0.05
CA THR H 565 67.51 46.82 0.79
C THR H 565 66.68 47.41 1.94
N ARG H 566 67.23 48.40 2.62
CA ARG H 566 66.50 49.03 3.72
C ARG H 566 65.19 49.62 3.25
N SER H 567 65.24 50.40 2.17
CA SER H 567 64.02 51.00 1.64
C SER H 567 63.12 49.97 0.98
N MET H 568 63.66 48.82 0.58
CA MET H 568 62.80 47.76 0.07
C MET H 568 62.04 47.06 1.18
N VAL H 569 62.69 46.84 2.32
CA VAL H 569 61.95 46.36 3.49
C VAL H 569 60.87 47.36 3.89
N ARG H 570 61.19 48.66 3.80
CA ARG H 570 60.19 49.70 3.98
C ARG H 570 58.92 49.38 3.22
N LEU H 571 59.06 49.11 1.92
CA LEU H 571 57.89 48.92 1.07
C LEU H 571 57.05 47.71 1.51
N ARG H 572 57.71 46.65 1.99
CA ARG H 572 56.94 45.53 2.53
C ARG H 572 56.22 45.92 3.80
N ARG H 573 56.95 46.53 4.75
CA ARG H 573 56.32 47.00 5.98
C ARG H 573 55.20 48.00 5.69
N GLU H 574 55.29 48.76 4.60
CA GLU H 574 54.42 49.90 4.36
C GLU H 574 53.35 49.64 3.30
N HIS H 575 53.10 48.37 2.95
CA HIS H 575 52.07 48.04 1.95
C HIS H 575 51.54 46.64 2.15
N PRO H 576 50.35 46.49 2.75
CA PRO H 576 49.87 45.15 3.15
C PRO H 576 49.69 44.17 2.01
N VAL H 577 49.44 44.62 0.78
CA VAL H 577 49.09 43.72 -0.32
C VAL H 577 50.17 42.65 -0.49
N PHE H 578 51.35 42.90 0.08
CA PHE H 578 52.49 42.00 -0.05
C PHE H 578 52.59 40.99 1.09
N ARG H 579 51.71 41.04 2.10
CA ARG H 579 51.81 40.14 3.25
C ARG H 579 50.39 39.81 3.74
N ARG H 580 49.85 38.71 3.23
CA ARG H 580 48.49 38.30 3.55
C ARG H 580 48.51 37.33 4.71
N ARG H 581 47.92 37.74 5.85
CA ARG H 581 47.91 36.91 7.04
C ARG H 581 47.45 35.49 6.72
N ARG H 582 46.36 35.38 5.99
CA ARG H 582 46.06 34.17 5.24
C ARG H 582 46.54 34.42 3.82
N PHE H 583 47.65 33.81 3.45
CA PHE H 583 48.19 33.99 2.11
C PHE H 583 47.23 33.41 1.09
N PHE H 584 47.61 33.46 -0.19
CA PHE H 584 46.69 32.96 -1.21
C PHE H 584 46.65 31.44 -1.13
N HIS H 585 46.36 30.93 0.07
CA HIS H 585 46.24 29.49 0.31
C HIS H 585 44.87 29.01 -0.13
N GLY H 586 43.83 29.51 0.53
CA GLY H 586 42.48 29.18 0.08
C GLY H 586 42.19 29.72 -1.30
N ARG H 587 42.58 30.97 -1.56
CA ARG H 587 42.24 31.63 -2.80
C ARG H 587 42.97 30.99 -3.98
N PRO H 588 42.40 31.10 -5.17
CA PRO H 588 43.09 30.68 -6.38
C PRO H 588 44.15 31.71 -6.79
N VAL H 589 44.89 31.38 -7.85
CA VAL H 589 46.05 32.17 -8.23
C VAL H 589 45.71 33.29 -9.22
N GLU H 590 44.46 33.41 -9.65
CA GLU H 590 44.01 34.58 -10.40
C GLU H 590 42.65 35.12 -9.99
N GLY H 591 41.82 34.37 -9.26
CA GLY H 591 40.46 34.81 -9.04
C GLY H 591 39.62 34.67 -10.30
N THR H 592 38.30 34.78 -10.19
CA THR H 592 37.46 34.64 -11.37
C THR H 592 37.38 35.99 -12.10
N HIS H 593 38.55 36.58 -12.30
CA HIS H 593 38.80 37.58 -13.34
C HIS H 593 37.75 38.68 -13.42
N ASP H 594 37.08 38.99 -12.31
CA ASP H 594 36.12 40.08 -12.33
C ASP H 594 36.78 41.35 -11.80
N GLU H 595 36.00 42.42 -11.59
CA GLU H 595 36.52 43.68 -11.10
C GLU H 595 36.77 43.68 -9.59
N LEU H 596 36.75 42.51 -8.96
CA LEU H 596 36.97 42.40 -7.52
C LEU H 596 38.06 41.43 -7.13
N THR H 597 38.54 40.57 -8.03
CA THR H 597 39.60 39.64 -7.68
C THR H 597 40.84 40.39 -7.26
N ASP H 598 41.46 39.94 -6.18
CA ASP H 598 42.59 40.62 -5.55
C ASP H 598 43.86 40.57 -6.38
N ILE H 599 43.87 39.89 -7.52
CA ILE H 599 45.06 39.80 -8.36
C ILE H 599 44.65 39.29 -9.74
N ALA H 600 45.37 39.72 -10.77
CA ALA H 600 45.33 39.10 -12.09
C ALA H 600 46.68 39.34 -12.75
N TRP H 601 46.88 38.71 -13.91
CA TRP H 601 48.18 38.69 -14.58
C TRP H 601 48.04 39.11 -16.04
N PHE H 602 49.08 39.78 -16.55
CA PHE H 602 49.02 40.40 -17.86
C PHE H 602 50.34 40.20 -18.61
N THR H 603 50.21 39.89 -19.90
CA THR H 603 51.32 39.78 -20.84
C THR H 603 52.07 41.11 -20.92
N PRO H 604 53.31 41.10 -21.44
CA PRO H 604 53.90 42.36 -21.91
C PRO H 604 52.97 43.17 -22.81
N GLU H 605 52.24 42.50 -23.72
CA GLU H 605 51.26 43.20 -24.54
C GLU H 605 50.20 43.87 -23.70
N GLY H 606 49.79 43.23 -22.60
CA GLY H 606 48.78 43.78 -21.72
C GLY H 606 47.42 43.11 -21.80
N GLU H 607 47.40 41.78 -21.89
CA GLU H 607 46.15 41.02 -21.91
C GLU H 607 46.08 40.11 -20.69
N GLU H 608 44.91 40.06 -20.05
CA GLU H 608 44.70 39.13 -18.95
C GLU H 608 44.97 37.72 -19.46
N MET H 609 45.98 37.08 -18.90
CA MET H 609 46.50 35.84 -19.46
C MET H 609 45.41 34.77 -19.51
N THR H 610 45.52 33.88 -20.48
CA THR H 610 44.52 32.85 -20.72
C THR H 610 45.02 31.48 -20.28
N SER H 611 44.07 30.54 -20.16
CA SER H 611 44.38 29.17 -19.81
C SER H 611 45.46 28.60 -20.73
N ARG H 612 45.28 28.73 -22.04
CA ARG H 612 46.30 28.26 -22.97
C ARG H 612 47.63 28.95 -22.75
N ASP H 613 47.61 30.22 -22.34
CA ASP H 613 48.85 30.94 -22.04
C ASP H 613 49.52 30.45 -20.77
N TRP H 614 48.80 29.76 -19.89
CA TRP H 614 49.41 29.26 -18.67
C TRP H 614 50.50 28.25 -18.98
N GLN H 615 50.17 27.23 -19.75
CA GLN H 615 51.16 26.24 -20.15
C GLN H 615 52.10 26.83 -21.19
N ALA H 616 52.92 27.79 -20.74
CA ALA H 616 53.89 28.51 -21.56
C ALA H 616 55.26 28.37 -20.89
N ALA H 617 56.01 27.36 -21.32
CA ALA H 617 57.31 27.02 -20.75
C ALA H 617 58.46 27.83 -21.35
N HIS H 618 58.19 29.01 -21.92
CA HIS H 618 59.23 29.97 -22.27
C HIS H 618 58.82 31.40 -21.89
N GLN H 620 59.18 34.34 -19.77
CA GLN H 620 60.15 35.36 -19.38
C GLN H 620 59.48 36.62 -18.85
N ALA H 621 58.63 37.22 -19.67
CA ALA H 621 58.05 38.53 -19.40
C ALA H 621 56.71 38.39 -18.67
N LEU H 622 56.34 39.44 -17.95
CA LEU H 622 55.22 39.32 -17.03
C LEU H 622 54.79 40.68 -16.50
N THR H 623 53.53 40.73 -16.06
CA THR H 623 52.98 41.86 -15.33
C THR H 623 51.94 41.32 -14.36
N VAL H 624 52.12 41.56 -13.07
CA VAL H 624 51.25 41.05 -12.02
C VAL H 624 50.65 42.23 -11.30
N PHE H 625 49.32 42.29 -11.26
CA PHE H 625 48.59 43.38 -10.63
C PHE H 625 47.89 42.86 -9.37
N LEU H 626 48.04 43.60 -8.29
CA LEU H 626 47.45 43.26 -6.99
C LEU H 626 46.38 44.30 -6.66
N ASN H 627 45.12 43.85 -6.61
CA ASN H 627 44.02 44.73 -6.23
C ASN H 627 44.24 45.26 -4.82
N GLY H 628 44.33 46.59 -4.70
CA GLY H 628 44.56 47.19 -3.40
C GLY H 628 43.38 47.11 -2.46
N ASN H 629 42.19 46.83 -2.98
CA ASN H 629 40.97 46.83 -2.18
C ASN H 629 40.57 45.44 -1.70
N ALA H 630 40.65 44.43 -2.56
CA ALA H 630 40.05 43.12 -2.28
C ALA H 630 40.87 42.39 -1.22
N ILE H 631 40.63 42.76 0.03
CA ILE H 631 41.32 42.19 1.18
C ILE H 631 40.25 41.47 2.00
N SER H 632 40.05 40.18 1.71
CA SER H 632 39.00 39.41 2.39
C SER H 632 39.52 38.88 3.72
N GLU H 633 40.14 39.75 4.51
CA GLU H 633 40.72 39.42 5.81
C GLU H 633 40.70 40.68 6.65
N PRO H 634 40.38 40.58 7.94
CA PRO H 634 40.51 41.75 8.82
C PRO H 634 41.91 41.90 9.37
N GLY H 635 42.10 42.86 10.28
CA GLY H 635 43.33 43.06 10.97
C GLY H 635 43.28 42.52 12.39
N THR H 636 44.19 43.02 13.23
CA THR H 636 44.28 42.56 14.61
C THR H 636 42.99 42.81 15.38
N GLN H 637 42.31 43.92 15.12
CA GLN H 637 41.16 44.32 15.93
C GLN H 637 39.98 44.74 15.07
N GLY H 638 39.58 43.89 14.14
CA GLY H 638 38.32 44.08 13.42
C GLY H 638 38.31 45.28 12.50
N GLU H 639 39.48 45.67 12.02
CA GLU H 639 39.67 46.78 11.11
C GLU H 639 39.68 46.26 9.68
N ARG H 640 39.38 47.16 8.74
CA ARG H 640 39.48 46.84 7.32
C ARG H 640 40.84 47.34 6.82
N ILE H 641 41.75 46.39 6.61
CA ILE H 641 43.05 46.71 6.01
C ILE H 641 42.86 46.90 4.51
N ALA H 642 43.22 48.08 4.01
CA ALA H 642 43.17 48.42 2.60
C ALA H 642 44.49 49.05 2.20
N ASP H 643 44.72 49.17 0.90
CA ASP H 643 46.01 49.64 0.41
C ASP H 643 45.85 50.22 -1.00
N ASP H 644 46.83 51.04 -1.38
CA ASP H 644 46.99 51.42 -2.77
C ASP H 644 47.26 50.18 -3.61
N SER H 645 46.73 50.17 -4.83
CA SER H 645 46.99 49.07 -5.75
C SER H 645 48.34 49.25 -6.41
N PHE H 646 49.12 48.17 -6.47
CA PHE H 646 50.42 48.20 -7.11
C PHE H 646 50.37 47.44 -8.43
N LEU H 647 51.34 47.74 -9.29
CA LEU H 647 51.53 47.04 -10.53
C LEU H 647 53.00 46.66 -10.65
N LEU H 648 53.25 45.43 -11.09
CA LEU H 648 54.59 44.94 -11.32
C LEU H 648 54.79 44.65 -12.80
N MET H 649 56.05 44.60 -13.22
CA MET H 649 56.38 44.26 -14.61
C MET H 649 57.71 43.49 -14.58
N PHE H 650 57.61 42.17 -14.50
CA PHE H 650 58.79 41.33 -14.60
C PHE H 650 59.25 41.27 -16.04
N ASN H 651 60.57 41.42 -16.25
CA ASN H 651 61.14 41.18 -17.58
C ASN H 651 62.42 40.36 -17.37
N ALA H 652 62.25 39.04 -17.35
CA ALA H 652 63.37 38.11 -17.31
C ALA H 652 63.89 37.77 -18.69
N SER H 653 63.57 38.62 -19.67
CA SER H 653 63.96 38.41 -21.05
C SER H 653 65.37 38.91 -21.29
N ALA H 654 66.01 38.33 -22.32
CA ALA H 654 67.41 38.63 -22.60
C ALA H 654 67.60 40.07 -23.09
N LYS H 655 66.58 40.63 -23.75
CA LYS H 655 66.68 41.97 -24.30
C LYS H 655 65.52 42.85 -23.85
N GLU H 656 65.37 44.01 -24.45
CA GLU H 656 64.29 44.93 -24.10
C GLU H 656 62.94 44.34 -24.46
N LEU H 657 61.90 44.78 -23.74
CA LEU H 657 60.53 44.52 -24.12
C LEU H 657 59.69 45.76 -23.83
N GLU H 658 58.56 45.87 -24.51
CA GLU H 658 57.63 46.99 -24.30
C GLU H 658 56.45 46.50 -23.48
N PHE H 659 56.22 47.15 -22.34
CA PHE H 659 55.18 46.78 -21.40
C PHE H 659 54.09 47.84 -21.41
N VAL H 660 52.83 47.41 -21.42
CA VAL H 660 51.69 48.31 -21.51
C VAL H 660 50.95 48.27 -20.19
N VAL H 661 50.56 49.44 -19.68
CA VAL H 661 49.91 49.58 -18.38
C VAL H 661 48.43 49.23 -18.49
N PRO H 662 48.00 48.05 -18.02
CA PRO H 662 46.59 47.64 -18.26
C PRO H 662 45.58 48.31 -17.33
N ASP H 663 45.17 49.53 -17.70
CA ASP H 663 44.15 50.26 -16.94
C ASP H 663 43.51 51.29 -17.85
N SER H 664 42.49 51.96 -17.32
CA SER H 664 41.84 53.04 -18.07
C SER H 664 42.74 54.26 -18.13
N HIS H 665 42.58 55.04 -19.21
CA HIS H 665 43.52 56.11 -19.53
C HIS H 665 43.61 57.15 -18.42
N GLY H 666 42.60 57.25 -17.56
CA GLY H 666 42.63 58.18 -16.44
C GLY H 666 43.41 57.72 -15.24
N ARG H 667 43.81 56.45 -15.20
CA ARG H 667 44.57 55.89 -14.08
C ARG H 667 46.01 56.39 -14.20
N TYR H 668 46.40 57.30 -13.31
CA TYR H 668 47.73 57.90 -13.34
C TYR H 668 48.58 57.22 -12.28
N TRP H 669 49.15 56.07 -12.65
CA TRP H 669 50.02 55.31 -11.77
C TRP H 669 51.32 56.06 -11.52
N ARG H 670 51.98 55.79 -10.40
CA ARG H 670 53.34 56.27 -10.15
C ARG H 670 54.33 55.11 -10.03
N MET H 671 55.49 55.28 -10.67
CA MET H 671 56.57 54.32 -10.61
C MET H 671 57.24 54.39 -9.24
N VAL H 672 57.30 53.27 -8.53
CA VAL H 672 57.72 53.30 -7.14
C VAL H 672 58.94 52.42 -6.89
N VAL H 673 59.19 51.44 -7.77
CA VAL H 673 60.43 50.66 -7.76
C VAL H 673 60.90 50.48 -9.19
N ASP H 674 62.17 50.80 -9.44
CA ASP H 674 62.83 50.54 -10.72
C ASP H 674 64.13 49.81 -10.45
N THR H 675 64.28 48.63 -11.04
CA THR H 675 65.51 47.86 -10.90
C THR H 675 66.61 48.41 -11.81
N SER H 676 66.23 49.01 -12.94
CA SER H 676 67.20 49.44 -13.94
C SER H 676 68.14 50.51 -13.39
N ASP H 677 67.59 51.68 -13.02
CA ASP H 677 68.44 52.84 -12.79
C ASP H 677 69.35 52.58 -11.60
N PRO H 678 70.67 52.79 -11.75
CA PRO H 678 71.65 52.28 -10.78
C PRO H 678 71.80 53.17 -9.55
N GLU H 679 70.83 54.06 -9.34
CA GLU H 679 70.70 54.74 -8.06
C GLU H 679 69.84 53.95 -7.07
N GLY H 680 69.03 53.00 -7.56
CA GLY H 680 68.16 52.23 -6.70
C GLY H 680 66.87 52.96 -6.48
N MET H 681 65.73 52.37 -6.84
CA MET H 681 64.55 53.23 -6.75
C MET H 681 63.42 52.68 -5.91
N PRO H 682 63.68 52.08 -4.75
CA PRO H 682 62.79 52.26 -3.60
C PRO H 682 63.06 53.56 -2.85
N PRO H 683 64.34 54.06 -2.80
CA PRO H 683 64.57 55.32 -2.08
C PRO H 683 64.27 56.61 -2.86
N GLN H 684 64.42 56.63 -4.18
CA GLN H 684 64.03 57.82 -4.93
C GLN H 684 62.77 57.55 -5.75
N GLN H 685 62.12 58.63 -6.18
CA GLN H 685 60.88 58.55 -6.95
C GLN H 685 61.14 58.97 -8.39
N GLY H 686 60.20 58.61 -9.27
CA GLY H 686 60.31 58.91 -10.67
C GLY H 686 59.02 59.47 -11.25
N PRO H 687 58.83 59.29 -12.57
CA PRO H 687 57.67 59.89 -13.24
C PRO H 687 56.37 59.21 -12.86
N GLU H 688 55.26 59.68 -13.44
CA GLU H 688 54.00 58.94 -13.43
C GLU H 688 53.66 58.51 -14.85
N LEU H 689 52.91 57.42 -14.98
CA LEU H 689 52.61 56.84 -16.28
C LEU H 689 51.14 57.04 -16.65
N ALA H 690 50.91 57.22 -17.96
CA ALA H 690 49.59 57.55 -18.47
C ALA H 690 48.56 56.44 -18.23
N GLY H 691 49.00 55.20 -18.00
CA GLY H 691 48.06 54.11 -17.85
C GLY H 691 47.49 53.61 -19.16
N GLY H 692 48.00 54.07 -20.29
CA GLY H 692 47.63 53.49 -21.57
C GLY H 692 48.84 53.27 -22.47
N GLU H 693 49.96 53.91 -22.13
CA GLU H 693 51.10 54.04 -23.01
C GLU H 693 51.98 52.78 -22.99
N ARG H 694 52.80 52.65 -24.03
CA ARG H 694 53.86 51.66 -24.10
C ARG H 694 55.11 52.23 -23.44
N VAL H 695 55.90 51.37 -22.78
CA VAL H 695 57.13 51.78 -22.13
C VAL H 695 58.20 50.71 -22.33
N THR H 696 59.41 51.15 -22.65
CA THR H 696 60.56 50.27 -22.82
C THR H 696 61.14 49.90 -21.45
N LEU H 697 61.23 48.60 -21.18
CA LEU H 697 61.80 48.09 -19.95
C LEU H 697 63.05 47.29 -20.29
N ALA H 698 64.18 47.63 -19.63
CA ALA H 698 65.48 47.05 -19.92
C ALA H 698 65.46 45.54 -19.72
N PRO H 699 66.44 44.80 -20.26
CA PRO H 699 66.49 43.36 -20.02
C PRO H 699 66.92 43.03 -18.59
N LEU H 700 66.44 41.88 -18.12
CA LEU H 700 66.73 41.42 -16.76
C LEU H 700 66.44 42.51 -15.74
N SER H 701 65.19 42.99 -15.74
CA SER H 701 64.80 44.12 -14.91
C SER H 701 63.37 43.92 -14.39
N LEU H 702 62.89 44.90 -13.63
CA LEU H 702 61.60 44.83 -12.97
C LEU H 702 61.19 46.25 -12.56
N THR H 703 59.88 46.51 -12.58
CA THR H 703 59.32 47.82 -12.30
C THR H 703 58.01 47.70 -11.54
N VAL H 704 57.83 48.54 -10.52
CA VAL H 704 56.63 48.56 -9.71
C VAL H 704 55.94 49.90 -9.83
N LEU H 705 54.61 49.87 -9.88
CA LEU H 705 53.79 51.07 -10.00
C LEU H 705 52.78 51.11 -8.86
N ARG H 706 52.43 52.32 -8.42
CA ARG H 706 51.58 52.51 -7.25
C ARG H 706 50.51 53.55 -7.57
N ARG H 707 49.28 53.11 -7.75
CA ARG H 707 48.16 54.02 -7.95
C ARG H 707 47.20 53.91 -6.78
N PRO H 708 47.04 54.96 -5.95
CA PRO H 708 46.03 54.94 -4.88
C PRO H 708 44.60 54.83 -5.41
N GLN I 5 -68.50 36.87 25.15
CA GLN I 5 -67.52 36.79 24.07
C GLN I 5 -67.37 35.38 23.49
N VAL I 6 -67.03 35.32 22.20
CA VAL I 6 -66.98 34.08 21.43
C VAL I 6 -65.67 34.02 20.66
N TRP I 7 -65.06 32.84 20.62
CA TRP I 7 -63.85 32.57 19.87
C TRP I 7 -64.06 31.33 19.01
N PRO I 8 -63.19 31.09 18.02
CA PRO I 8 -63.34 29.90 17.17
C PRO I 8 -62.86 28.58 17.78
N GLY I 9 -61.73 28.59 18.49
CA GLY I 9 -61.16 27.35 19.01
C GLY I 9 -60.95 26.26 17.98
N GLN I 10 -60.82 25.02 18.42
CA GLN I 10 -60.53 23.90 17.53
C GLN I 10 -61.66 22.87 17.56
N ALA I 11 -61.56 21.89 16.65
CA ALA I 11 -62.53 20.81 16.55
C ALA I 11 -62.15 19.58 17.36
N TYR I 12 -60.94 19.55 17.94
CA TYR I 12 -60.53 18.45 18.79
C TYR I 12 -60.19 18.97 20.18
N PRO I 13 -60.50 18.21 21.24
CA PRO I 13 -61.38 17.04 21.12
C PRO I 13 -62.84 17.45 21.18
N LEU I 14 -63.73 16.53 20.85
CA LEU I 14 -65.16 16.83 20.97
C LEU I 14 -65.51 17.09 22.43
N GLY I 15 -66.46 18.00 22.63
CA GLY I 15 -66.99 18.23 23.96
C GLY I 15 -66.22 19.29 24.72
N ALA I 16 -66.63 19.46 25.99
CA ALA I 16 -66.15 20.55 26.83
C ALA I 16 -64.79 20.19 27.41
N THR I 17 -63.77 20.91 26.98
CA THR I 17 -62.39 20.67 27.42
C THR I 17 -61.81 22.00 27.85
N TYR I 18 -61.44 22.09 29.13
CA TYR I 18 -61.13 23.36 29.77
C TYR I 18 -59.66 23.74 29.54
N ASP I 19 -59.44 24.72 28.65
CA ASP I 19 -58.10 25.16 28.28
C ASP I 19 -57.62 26.30 29.18
N GLY I 20 -57.74 26.15 30.49
CA GLY I 20 -57.24 27.16 31.39
C GLY I 20 -58.06 28.44 31.39
N ALA I 21 -58.00 29.21 30.31
CA ALA I 21 -58.66 30.51 30.23
C ALA I 21 -60.02 30.46 29.54
N GLY I 22 -60.41 29.32 28.99
CA GLY I 22 -61.73 29.15 28.42
C GLY I 22 -62.13 27.69 28.42
N THR I 23 -63.18 27.35 27.68
CA THR I 23 -63.54 25.97 27.43
C THR I 23 -63.82 25.81 25.94
N ASN I 24 -63.16 24.85 25.31
CA ASN I 24 -63.33 24.59 23.89
C ASN I 24 -64.46 23.58 23.71
N PHE I 25 -65.51 24.00 23.00
CA PHE I 25 -66.70 23.17 22.79
C PHE I 25 -66.70 22.63 21.37
N ALA I 26 -67.26 21.43 21.19
CA ALA I 26 -67.41 20.86 19.86
C ALA I 26 -68.36 19.66 19.93
N VAL I 27 -69.29 19.59 18.98
CA VAL I 27 -70.19 18.45 18.84
C VAL I 27 -70.44 18.21 17.36
N PHE I 28 -70.46 16.94 16.97
CA PHE I 28 -70.60 16.56 15.58
C PHE I 28 -72.08 16.36 15.22
N SER I 29 -72.47 16.86 14.05
CA SER I 29 -73.83 16.68 13.56
C SER I 29 -73.81 16.79 12.03
N GLU I 30 -73.77 15.65 11.36
CA GLU I 30 -73.65 15.63 9.90
C GLU I 30 -74.87 16.24 9.22
N ALA I 31 -76.02 16.21 9.87
CA ALA I 31 -77.27 16.69 9.29
C ALA I 31 -77.85 17.83 10.11
N ALA I 32 -77.00 18.76 10.54
CA ALA I 32 -77.44 19.96 11.23
C ALA I 32 -77.45 21.13 10.26
N HIS I 33 -78.54 21.89 10.25
CA HIS I 33 -78.51 23.18 9.57
C HIS I 33 -77.75 24.20 10.41
N ARG I 34 -78.18 24.39 11.66
CA ARG I 34 -77.56 25.33 12.58
C ARG I 34 -77.28 24.62 13.89
N ILE I 35 -76.26 25.09 14.62
CA ILE I 35 -75.95 24.56 15.95
C ILE I 35 -75.70 25.71 16.91
N GLU I 36 -76.51 25.78 17.96
CA GLU I 36 -76.39 26.76 19.02
C GLU I 36 -75.72 26.14 20.24
N LEU I 37 -75.00 26.96 21.00
CA LEU I 37 -74.43 26.57 22.28
C LEU I 37 -75.13 27.38 23.36
N CYS I 38 -75.93 26.71 24.19
CA CYS I 38 -76.63 27.35 25.30
C CYS I 38 -75.84 27.14 26.59
N LEU I 39 -75.53 28.23 27.28
CA LEU I 39 -74.92 28.16 28.60
C LEU I 39 -76.01 28.45 29.63
N LEU I 40 -76.24 27.48 30.52
CA LEU I 40 -77.28 27.62 31.52
C LEU I 40 -76.71 28.30 32.76
N HIS I 41 -77.49 29.19 33.34
CA HIS I 41 -77.17 29.83 34.62
C HIS I 41 -78.03 29.23 35.72
N ASP I 42 -77.62 29.48 36.97
CA ASP I 42 -78.24 28.84 38.13
C ASP I 42 -79.68 29.27 38.38
N ASP I 43 -80.27 30.10 37.51
CA ASP I 43 -81.70 30.41 37.57
C ASP I 43 -82.49 29.72 36.47
N GLY I 44 -81.82 28.98 35.58
CA GLY I 44 -82.48 28.34 34.47
C GLY I 44 -82.49 29.14 33.19
N SER I 45 -81.64 30.16 33.07
CA SER I 45 -81.62 31.01 31.90
C SER I 45 -80.60 30.54 30.88
N GLU I 46 -80.96 30.67 29.60
CA GLU I 46 -80.10 30.32 28.49
C GLU I 46 -79.42 31.56 27.92
N THR I 47 -78.20 31.38 27.43
CA THR I 47 -77.46 32.41 26.70
C THR I 47 -76.95 31.77 25.41
N ALA I 48 -77.47 32.22 24.28
CA ALA I 48 -77.22 31.54 23.01
C ALA I 48 -75.89 31.98 22.41
N VAL I 49 -75.07 31.00 22.05
CA VAL I 49 -73.80 31.23 21.38
C VAL I 49 -73.80 30.31 20.15
N GLU I 50 -74.22 30.85 19.01
CA GLU I 50 -74.29 30.01 17.81
C GLU I 50 -72.88 29.56 17.42
N LEU I 51 -72.73 28.24 17.29
CA LEU I 51 -71.50 27.65 16.77
C LEU I 51 -71.52 27.80 15.26
N ARG I 52 -70.61 28.60 14.71
CA ARG I 52 -70.53 28.75 13.26
C ARG I 52 -69.32 28.06 12.64
N GLU I 53 -68.17 28.09 13.31
CA GLU I 53 -66.96 27.47 12.77
C GLU I 53 -67.13 25.96 12.63
N THR I 54 -67.10 25.46 11.40
CA THR I 54 -67.52 24.10 11.07
C THR I 54 -66.41 23.33 10.37
N ASP I 55 -66.22 22.07 10.76
CA ASP I 55 -65.14 21.23 10.22
C ASP I 55 -65.59 19.78 10.18
N ALA I 56 -65.55 19.17 8.99
CA ALA I 56 -65.96 17.77 8.82
C ALA I 56 -67.35 17.53 9.43
N PHE I 57 -68.22 18.53 9.30
CA PHE I 57 -69.53 18.59 9.95
C PHE I 57 -69.45 18.66 11.48
N VAL I 58 -68.29 19.01 12.02
CA VAL I 58 -68.11 19.15 13.47
C VAL I 58 -68.06 20.65 13.76
N ARG I 59 -69.15 21.19 14.31
CA ARG I 59 -69.14 22.60 14.66
C ARG I 59 -68.53 22.82 16.05
N HIS I 60 -67.97 24.00 16.25
CA HIS I 60 -67.21 24.22 17.48
C HIS I 60 -66.98 25.72 17.69
N ALA I 61 -66.87 26.09 18.96
CA ALA I 61 -66.42 27.41 19.36
C ALA I 61 -65.82 27.32 20.75
N TYR I 62 -64.78 28.12 20.97
CA TYR I 62 -64.12 28.26 22.26
C TYR I 62 -64.63 29.53 22.92
N LEU I 63 -65.37 29.42 24.00
CA LEU I 63 -65.79 30.61 24.72
C LEU I 63 -64.76 30.92 25.79
N PRO I 64 -64.15 32.11 25.78
CA PRO I 64 -63.03 32.38 26.71
C PRO I 64 -63.55 32.82 28.07
N GLY I 65 -63.16 32.08 29.10
CA GLY I 65 -63.65 32.34 30.43
C GLY I 65 -64.70 31.38 30.94
N VAL I 66 -64.77 30.16 30.40
CA VAL I 66 -65.68 29.14 30.89
C VAL I 66 -64.95 28.26 31.89
N MET I 67 -65.65 27.90 32.96
CA MET I 67 -65.05 27.26 34.12
C MET I 67 -65.80 25.97 34.47
N PRO I 68 -65.09 24.97 35.00
CA PRO I 68 -65.75 23.72 35.37
C PRO I 68 -66.87 23.97 36.36
N GLY I 69 -68.03 23.38 36.08
CA GLY I 69 -69.24 23.63 36.83
C GLY I 69 -70.24 24.52 36.12
N GLN I 70 -69.87 25.08 34.97
CA GLN I 70 -70.83 25.75 34.10
C GLN I 70 -71.62 24.69 33.34
N ARG I 71 -72.94 24.78 33.45
CA ARG I 71 -73.82 23.90 32.68
C ARG I 71 -73.89 24.36 31.24
N TYR I 72 -73.95 23.41 30.31
CA TYR I 72 -74.09 23.74 28.90
C TYR I 72 -74.97 22.71 28.23
N GLY I 73 -75.46 23.06 27.05
CA GLY I 73 -76.30 22.19 26.25
C GLY I 73 -76.49 22.71 24.85
N PHE I 74 -76.52 21.81 23.87
CA PHE I 74 -76.69 22.18 22.47
C PHE I 74 -78.17 22.14 22.08
N ARG I 75 -78.50 22.87 21.02
CA ARG I 75 -79.86 22.89 20.44
C ARG I 75 -79.71 22.89 18.92
N VAL I 76 -79.76 21.71 18.32
CA VAL I 76 -79.60 21.58 16.88
C VAL I 76 -80.91 21.97 16.19
N HIS I 77 -80.87 23.02 15.40
CA HIS I 77 -81.96 23.33 14.48
C HIS I 77 -81.72 22.55 13.20
N GLY I 78 -82.69 21.71 12.82
CA GLY I 78 -82.54 20.89 11.65
C GLY I 78 -83.86 20.47 11.07
N PRO I 79 -83.83 19.71 9.98
CA PRO I 79 -85.07 19.23 9.37
C PRO I 79 -85.67 18.11 10.18
N TYR I 80 -86.98 18.20 10.40
CA TYR I 80 -87.73 17.16 11.11
C TYR I 80 -88.57 16.41 10.09
N ALA I 81 -88.11 15.22 9.70
CA ALA I 81 -88.76 14.41 8.69
C ALA I 81 -88.64 12.94 9.05
N PRO I 82 -89.48 12.44 9.95
CA PRO I 82 -89.47 11.01 10.28
C PRO I 82 -89.60 10.10 9.07
N GLU I 83 -90.27 10.54 8.01
CA GLU I 83 -90.33 9.75 6.79
C GLU I 83 -88.97 9.57 6.15
N ARG I 84 -87.98 10.37 6.54
CA ARG I 84 -86.61 10.22 6.09
C ARG I 84 -85.62 9.93 7.21
N GLY I 85 -86.05 9.98 8.46
CA GLY I 85 -85.19 9.61 9.57
C GLY I 85 -84.51 10.76 10.28
N LEU I 86 -84.96 12.00 10.05
CA LEU I 86 -84.38 13.17 10.69
C LEU I 86 -85.27 13.59 11.84
N ARG I 87 -84.76 13.47 13.07
CA ARG I 87 -85.51 13.88 14.24
C ARG I 87 -84.79 15.01 14.98
N CYS I 88 -83.88 15.70 14.29
CA CYS I 88 -83.31 16.94 14.79
C CYS I 88 -84.42 17.88 15.22
N ASN I 89 -84.27 18.45 16.41
CA ASN I 89 -85.33 19.31 16.93
C ASN I 89 -84.71 20.38 17.81
N ALA I 90 -85.15 21.63 17.59
CA ALA I 90 -84.64 22.76 18.34
C ALA I 90 -85.24 22.85 19.74
N ALA I 91 -86.36 22.16 19.99
CA ALA I 91 -87.06 22.33 21.26
C ALA I 91 -86.33 21.68 22.42
N LYS I 92 -85.37 20.81 22.17
CA LYS I 92 -84.74 20.03 23.23
C LYS I 92 -83.36 20.56 23.58
N LEU I 93 -83.03 20.48 24.86
CA LEU I 93 -81.68 20.76 25.35
C LEU I 93 -80.89 19.46 25.31
N LEU I 94 -80.14 19.26 24.23
CA LEU I 94 -79.39 18.03 24.00
C LEU I 94 -78.28 17.86 25.05
N LEU I 95 -77.56 16.75 24.92
CA LEU I 95 -76.40 16.46 25.75
C LEU I 95 -75.17 16.38 24.87
N ASP I 96 -74.01 16.73 25.44
CA ASP I 96 -72.75 16.57 24.73
C ASP I 96 -72.24 15.16 25.02
N PRO I 97 -72.32 14.23 24.06
CA PRO I 97 -71.93 12.85 24.35
C PRO I 97 -70.49 12.67 24.78
N TYR I 98 -69.68 13.73 24.76
CA TYR I 98 -68.33 13.68 25.31
C TYR I 98 -68.23 14.42 26.64
N ALA I 99 -69.37 14.73 27.26
CA ALA I 99 -69.37 15.38 28.56
C ALA I 99 -68.85 14.41 29.62
N ARG I 100 -67.88 14.87 30.40
CA ARG I 100 -67.28 14.06 31.46
C ARG I 100 -67.97 14.24 32.80
N ALA I 101 -69.13 14.89 32.81
CA ALA I 101 -69.95 15.07 34.02
C ALA I 101 -71.33 15.56 33.62
N VAL I 102 -72.37 14.97 34.22
CA VAL I 102 -73.75 15.32 33.91
C VAL I 102 -74.49 15.53 35.22
N SER I 103 -75.25 16.63 35.31
CA SER I 103 -75.90 17.03 36.55
C SER I 103 -77.33 16.52 36.58
N GLY I 104 -77.72 15.92 37.72
CA GLY I 104 -79.12 15.71 38.00
C GLY I 104 -79.75 14.51 37.30
N ARG I 105 -81.03 14.64 37.00
CA ARG I 105 -81.87 13.52 36.63
C ARG I 105 -82.98 14.01 35.73
N VAL I 106 -83.63 13.06 35.04
CA VAL I 106 -84.74 13.40 34.16
C VAL I 106 -86.03 13.50 34.97
N ARG I 107 -86.70 14.63 34.84
CA ARG I 107 -87.99 14.90 35.47
C ARG I 107 -89.07 14.57 34.45
N TRP I 108 -89.75 13.44 34.63
CA TRP I 108 -90.55 12.89 33.55
C TRP I 108 -91.79 13.74 33.26
N GLY I 109 -92.04 13.98 31.98
CA GLY I 109 -93.19 14.77 31.58
C GLY I 109 -93.39 14.71 30.08
N GLU I 110 -94.38 15.48 29.61
CA GLU I 110 -94.68 15.59 28.19
C GLU I 110 -93.54 16.22 27.39
N ALA I 111 -92.56 16.83 28.04
CA ALA I 111 -91.60 17.69 27.35
C ALA I 111 -90.45 16.89 26.74
N VAL I 112 -89.73 16.14 27.58
CA VAL I 112 -88.44 15.56 27.24
C VAL I 112 -88.49 14.75 25.93
N TYR I 113 -89.69 14.38 25.49
CA TYR I 113 -89.82 13.42 24.41
C TYR I 113 -89.48 14.05 23.06
N GLY I 114 -90.22 15.07 22.65
CA GLY I 114 -89.95 15.70 21.37
C GLY I 114 -90.79 15.23 20.22
N TYR I 115 -92.00 14.73 20.49
CA TYR I 115 -93.03 14.44 19.52
C TYR I 115 -94.25 14.62 20.40
N PRO I 116 -95.26 15.37 19.96
CA PRO I 116 -96.42 15.59 20.82
C PRO I 116 -97.18 14.30 21.03
N PHE I 117 -97.62 14.07 22.26
CA PHE I 117 -98.14 12.77 22.67
C PHE I 117 -99.26 12.24 21.77
N GLY I 118 -99.74 13.03 20.82
CA GLY I 118 -100.73 12.56 19.89
C GLY I 118 -100.19 11.97 18.61
N ARG I 119 -99.03 12.46 18.13
CA ARG I 119 -98.55 12.08 16.81
C ARG I 119 -97.04 11.90 16.76
N PRO I 120 -96.55 10.68 16.53
CA PRO I 120 -95.10 10.47 16.40
C PRO I 120 -94.55 10.80 15.01
N ASP I 121 -95.40 11.13 14.05
CA ASP I 121 -94.99 11.74 12.79
C ASP I 121 -95.16 13.25 12.80
N ALA I 122 -95.48 13.82 13.96
CA ALA I 122 -95.53 15.26 14.17
C ALA I 122 -94.28 15.71 14.91
N ARG I 123 -94.26 16.96 15.35
CA ARG I 123 -93.10 17.54 16.02
C ARG I 123 -93.54 18.34 17.24
N ASN I 124 -92.77 18.26 18.30
CA ASN I 124 -93.09 18.85 19.60
C ASN I 124 -92.19 20.04 19.86
N ASP I 125 -92.77 21.10 20.42
CA ASP I 125 -92.09 22.37 20.64
C ASP I 125 -92.13 22.78 22.11
N LEU I 126 -91.87 21.84 23.01
CA LEU I 126 -91.81 22.12 24.45
C LEU I 126 -90.37 22.23 24.88
N ASP I 127 -90.04 23.31 25.60
CA ASP I 127 -88.66 23.50 26.04
C ASP I 127 -88.25 22.37 26.98
N SER I 128 -87.21 21.65 26.58
CA SER I 128 -86.75 20.49 27.34
C SER I 128 -85.89 20.85 28.54
N ALA I 129 -85.38 22.08 28.59
CA ALA I 129 -84.37 22.51 29.54
C ALA I 129 -84.65 22.05 30.98
N PRO I 130 -85.78 22.41 31.60
CA PRO I 130 -85.92 22.18 33.04
C PRO I 130 -86.30 20.76 33.43
N ASP I 131 -86.31 19.82 32.48
CA ASP I 131 -86.58 18.41 32.78
C ASP I 131 -85.49 17.46 32.31
N THR I 132 -84.63 17.87 31.38
CA THR I 132 -83.56 17.01 30.88
C THR I 132 -82.38 17.01 31.85
N MET I 133 -81.44 16.11 31.61
CA MET I 133 -80.14 16.20 32.24
C MET I 133 -79.34 17.33 31.59
N THR I 134 -78.16 17.60 32.13
CA THR I 134 -77.36 18.75 31.69
C THR I 134 -75.89 18.40 31.70
N SER I 135 -75.25 18.52 30.53
CA SER I 135 -73.81 18.36 30.47
C SER I 135 -73.13 19.45 31.29
N VAL I 136 -72.00 19.10 31.92
CA VAL I 136 -71.28 20.01 32.80
C VAL I 136 -69.80 19.94 32.46
N VAL I 137 -69.11 21.08 32.54
CA VAL I 137 -67.68 21.15 32.21
C VAL I 137 -66.87 20.49 33.32
N VAL I 138 -65.69 20.01 32.95
CA VAL I 138 -64.85 19.22 33.85
C VAL I 138 -63.42 19.73 33.81
N ASN I 139 -62.83 19.88 35.00
CA ASN I 139 -61.40 20.08 35.15
C ASN I 139 -60.68 18.76 34.90
N PRO I 140 -59.94 18.61 33.79
CA PRO I 140 -59.31 17.29 33.53
C PRO I 140 -58.24 16.94 34.55
N TYR I 141 -57.58 17.95 35.10
CA TYR I 141 -56.48 17.74 36.02
C TYR I 141 -56.90 16.93 37.25
N PHE I 142 -55.99 16.10 37.74
CA PHE I 142 -56.14 15.35 38.97
C PHE I 142 -54.75 14.93 39.42
N ASP I 143 -54.42 15.14 40.69
CA ASP I 143 -53.08 14.78 41.17
C ASP I 143 -53.11 13.35 41.71
N TRP I 144 -52.84 12.39 40.84
CA TRP I 144 -52.50 11.03 41.26
C TRP I 144 -51.03 11.01 41.63
N GLY I 145 -50.71 10.89 42.90
CA GLY I 145 -49.30 10.91 43.23
C GLY I 145 -48.56 9.66 42.84
N ASP I 146 -48.73 8.59 43.61
CA ASP I 146 -48.10 7.30 43.30
C ASP I 146 -49.12 6.32 42.71
N ASP I 147 -49.78 6.72 41.63
CA ASP I 147 -50.80 5.83 41.07
C ASP I 147 -50.10 4.79 40.22
N ARG I 148 -49.74 3.69 40.86
CA ARG I 148 -49.17 2.56 40.16
C ARG I 148 -50.29 1.71 39.55
N ARG I 149 -50.04 1.21 38.36
CA ARG I 149 -51.00 0.32 37.72
C ARG I 149 -50.80 -1.11 38.23
N PRO I 150 -51.78 -1.72 38.89
CA PRO I 150 -51.63 -3.11 39.32
C PRO I 150 -51.75 -4.06 38.14
N ARG I 151 -50.65 -4.27 37.42
CA ARG I 151 -50.67 -5.13 36.24
C ARG I 151 -50.60 -6.60 36.68
N THR I 152 -51.72 -7.06 37.24
CA THR I 152 -51.89 -8.46 37.58
C THR I 152 -52.16 -9.25 36.30
N GLU I 153 -51.24 -10.14 35.93
CA GLU I 153 -51.51 -11.08 34.86
C GLU I 153 -52.65 -12.01 35.29
N TYR I 154 -53.21 -12.70 34.30
CA TYR I 154 -54.53 -13.32 34.49
C TYR I 154 -54.50 -14.44 35.52
N HIS I 155 -53.47 -15.28 35.48
CA HIS I 155 -53.44 -16.50 36.27
C HIS I 155 -53.41 -16.21 37.76
N HIS I 156 -53.47 -14.93 38.14
CA HIS I 156 -53.59 -14.53 39.53
C HIS I 156 -54.79 -13.62 39.78
N THR I 157 -55.66 -13.47 38.79
CA THR I 157 -56.81 -12.59 38.89
C THR I 157 -57.95 -13.32 39.57
N VAL I 158 -58.60 -12.65 40.53
CA VAL I 158 -59.79 -13.16 41.20
C VAL I 158 -60.81 -12.04 41.15
N ILE I 159 -61.67 -12.05 40.12
CA ILE I 159 -62.58 -10.95 39.87
C ILE I 159 -63.79 -11.03 40.79
N TYR I 160 -64.44 -9.90 40.98
CA TYR I 160 -65.48 -9.79 42.02
C TYR I 160 -66.51 -8.77 41.55
N GLU I 161 -67.63 -9.25 41.01
CA GLU I 161 -68.65 -8.35 40.47
C GLU I 161 -69.48 -7.75 41.60
N ALA I 162 -69.71 -6.45 41.53
CA ALA I 162 -70.36 -5.73 42.61
C ALA I 162 -71.05 -4.50 42.03
N HIS I 163 -71.86 -3.85 42.87
CA HIS I 163 -72.56 -2.63 42.50
C HIS I 163 -72.19 -1.50 43.47
N VAL I 164 -72.00 -0.31 42.90
CA VAL I 164 -71.57 0.86 43.68
C VAL I 164 -72.53 1.12 44.84
N LYS I 165 -73.80 1.33 44.52
CA LYS I 165 -74.81 1.49 45.56
C LYS I 165 -75.17 0.15 46.20
N GLY I 166 -75.15 -0.93 45.43
CA GLY I 166 -75.49 -2.23 45.99
C GLY I 166 -74.58 -2.66 47.11
N LEU I 167 -73.30 -2.30 47.03
CA LEU I 167 -72.33 -2.81 47.99
C LEU I 167 -72.43 -2.08 49.34
N THR I 168 -72.28 -0.76 49.32
CA THR I 168 -72.02 -0.01 50.55
C THR I 168 -73.20 0.82 51.04
N MET I 169 -74.40 0.66 50.45
CA MET I 169 -75.56 1.41 50.93
C MET I 169 -75.97 1.00 52.35
N LEU I 170 -75.46 -0.12 52.86
CA LEU I 170 -75.95 -0.65 54.12
C LEU I 170 -74.83 -1.12 55.03
N HIS I 171 -73.68 -0.46 54.98
CA HIS I 171 -72.55 -0.91 55.76
C HIS I 171 -72.50 -0.14 57.06
N PRO I 172 -72.82 -0.74 58.21
CA PRO I 172 -72.88 0.04 59.45
C PRO I 172 -71.51 0.35 60.01
N ASP I 173 -70.62 0.74 59.10
CA ASP I 173 -69.32 1.33 59.43
C ASP I 173 -69.24 2.78 58.98
N LEU I 174 -69.64 3.04 57.74
CA LEU I 174 -69.45 4.34 57.13
C LEU I 174 -70.38 5.36 57.78
N PRO I 175 -70.13 6.65 57.54
CA PRO I 175 -71.17 7.65 57.79
C PRO I 175 -72.25 7.56 56.72
N GLU I 176 -73.45 8.02 57.07
CA GLU I 176 -74.57 7.90 56.14
C GLU I 176 -74.29 8.61 54.83
N GLU I 177 -73.50 9.69 54.87
CA GLU I 177 -73.13 10.40 53.65
C GLU I 177 -72.38 9.49 52.70
N LEU I 178 -71.52 8.62 53.22
CA LEU I 178 -70.67 7.77 52.40
C LEU I 178 -71.31 6.42 52.05
N ARG I 179 -72.44 6.08 52.66
CA ARG I 179 -73.08 4.79 52.43
C ARG I 179 -73.69 4.74 51.04
N GLY I 180 -73.13 3.88 50.17
CA GLY I 180 -73.70 3.61 48.86
C GLY I 180 -73.11 4.37 47.70
N THR I 181 -71.89 4.91 47.83
CA THR I 181 -71.37 5.88 46.88
C THR I 181 -70.02 5.46 46.30
N TYR I 182 -69.37 6.37 45.58
CA TYR I 182 -68.03 6.13 45.05
C TYR I 182 -66.98 6.33 46.13
N ALA I 183 -67.09 7.42 46.89
CA ALA I 183 -66.12 7.67 47.96
C ALA I 183 -66.27 6.63 49.07
N GLY I 184 -67.50 6.23 49.38
CA GLY I 184 -67.69 5.15 50.34
C GLY I 184 -67.14 3.82 49.85
N LEU I 185 -67.04 3.67 48.52
CA LEU I 185 -66.43 2.49 47.92
C LEU I 185 -64.95 2.36 48.26
N ALA I 186 -64.31 3.46 48.66
CA ALA I 186 -62.89 3.48 49.01
C ALA I 186 -62.66 3.53 50.50
N HIS I 187 -63.71 3.33 51.31
CA HIS I 187 -63.55 3.33 52.77
C HIS I 187 -62.70 2.15 53.19
N PRO I 188 -61.67 2.35 54.02
CA PRO I 188 -60.76 1.25 54.36
C PRO I 188 -61.39 0.13 55.17
N SER I 189 -62.68 0.23 55.52
CA SER I 189 -63.42 -0.92 55.97
C SER I 189 -63.84 -1.82 54.81
N VAL I 190 -63.94 -1.26 53.61
CA VAL I 190 -64.31 -2.01 52.41
C VAL I 190 -63.09 -2.58 51.72
N ILE I 191 -62.10 -1.72 51.44
CA ILE I 191 -60.84 -2.14 50.86
C ILE I 191 -60.24 -3.30 51.65
N GLY I 192 -60.31 -3.20 52.99
CA GLY I 192 -59.82 -4.29 53.82
C GLY I 192 -60.56 -5.58 53.58
N HIS I 193 -61.88 -5.50 53.35
CA HIS I 193 -62.64 -6.73 53.16
C HIS I 193 -62.30 -7.36 51.82
N LEU I 194 -62.22 -6.57 50.74
CA LEU I 194 -61.73 -7.11 49.49
C LEU I 194 -60.28 -7.56 49.60
N ARG I 195 -59.50 -6.89 50.44
CA ARG I 195 -58.12 -7.31 50.66
C ARG I 195 -58.08 -8.65 51.39
N GLU I 196 -58.85 -8.78 52.47
CA GLU I 196 -58.90 -10.06 53.20
C GLU I 196 -59.65 -11.12 52.41
N LEU I 197 -60.68 -10.73 51.65
CA LEU I 197 -61.36 -11.71 50.80
C LEU I 197 -60.48 -12.14 49.65
N GLY I 198 -59.56 -11.27 49.20
CA GLY I 198 -58.59 -11.66 48.21
C GLY I 198 -59.04 -11.46 46.77
N VAL I 199 -59.74 -10.36 46.50
CA VAL I 199 -60.05 -10.00 45.13
C VAL I 199 -58.88 -9.18 44.59
N THR I 200 -58.55 -9.40 43.32
CA THR I 200 -57.54 -8.61 42.63
C THR I 200 -58.17 -7.73 41.56
N ALA I 201 -59.48 -7.85 41.35
CA ALA I 201 -60.16 -7.12 40.29
C ALA I 201 -61.58 -6.86 40.75
N LEU I 202 -61.89 -5.61 41.10
CA LEU I 202 -63.23 -5.24 41.53
C LEU I 202 -64.00 -4.82 40.27
N GLU I 203 -64.84 -5.71 39.75
CA GLU I 203 -65.65 -5.37 38.59
C GLU I 203 -66.81 -4.50 39.05
N LEU I 204 -66.84 -3.24 38.62
CA LEU I 204 -67.94 -2.32 38.95
C LEU I 204 -69.04 -2.42 37.90
N MET I 205 -70.27 -2.41 38.37
CA MET I 205 -71.44 -2.53 37.52
C MET I 205 -71.82 -1.15 36.98
N PRO I 206 -72.62 -1.09 35.86
CA PRO I 206 -72.62 0.10 34.99
C PRO I 206 -72.48 1.44 35.69
N VAL I 207 -71.42 2.16 35.34
CA VAL I 207 -71.18 3.52 35.81
C VAL I 207 -71.28 4.53 34.68
N HIS I 208 -71.48 4.07 33.44
CA HIS I 208 -71.85 4.95 32.34
C HIS I 208 -73.19 5.59 32.66
N GLN I 209 -73.21 6.91 32.89
CA GLN I 209 -74.39 7.53 33.49
C GLN I 209 -75.64 7.26 32.67
N PHE I 210 -76.70 6.88 33.37
CA PHE I 210 -77.89 6.30 32.76
C PHE I 210 -79.16 7.01 33.24
N VAL I 211 -80.33 6.45 32.92
CA VAL I 211 -81.60 7.11 33.20
C VAL I 211 -82.54 6.15 33.93
N ASN I 212 -83.32 6.67 34.88
CA ASN I 212 -84.42 5.93 35.49
C ASN I 212 -85.57 5.94 34.49
N ASP I 213 -85.75 4.81 33.79
CA ASP I 213 -86.69 4.72 32.68
C ASP I 213 -88.06 5.27 33.05
N HIS I 214 -88.73 5.87 32.06
CA HIS I 214 -90.03 6.50 32.30
C HIS I 214 -91.02 5.51 32.89
N ARG I 215 -91.14 4.32 32.28
CA ARG I 215 -92.11 3.36 32.78
C ARG I 215 -91.75 2.89 34.19
N LEU I 216 -90.46 2.83 34.53
CA LEU I 216 -90.06 2.33 35.83
C LEU I 216 -90.34 3.36 36.92
N VAL I 217 -90.11 4.64 36.65
CA VAL I 217 -90.46 5.67 37.62
C VAL I 217 -91.97 5.74 37.79
N ASP I 218 -92.71 5.63 36.68
CA ASP I 218 -94.17 5.54 36.78
C ASP I 218 -94.60 4.13 37.14
N ALA I 219 -93.86 3.49 38.05
CA ALA I 219 -94.23 2.20 38.62
C ALA I 219 -93.73 2.07 40.05
N GLY I 220 -93.32 3.16 40.69
CA GLY I 220 -92.61 3.09 41.95
C GLY I 220 -91.21 2.52 41.86
N LEU I 221 -90.77 2.07 40.68
CA LEU I 221 -89.49 1.40 40.50
C LEU I 221 -88.43 2.39 40.03
N SER I 222 -87.27 1.86 39.66
CA SER I 222 -86.15 2.63 39.13
C SER I 222 -85.17 1.64 38.50
N ASN I 223 -84.38 2.14 37.54
CA ASN I 223 -83.34 1.32 36.93
C ASN I 223 -82.16 1.24 37.89
N TYR I 224 -81.97 0.07 38.49
CA TYR I 224 -80.99 -0.11 39.56
C TYR I 224 -79.64 -0.59 39.03
N TRP I 225 -79.65 -1.58 38.15
CA TRP I 225 -78.40 -2.06 37.56
C TRP I 225 -77.71 -0.95 36.78
N GLY I 226 -78.40 -0.42 35.77
CA GLY I 226 -77.89 0.69 35.00
C GLY I 226 -77.58 0.37 33.56
N TYR I 227 -78.03 -0.77 33.04
CA TYR I 227 -77.71 -1.18 31.68
C TYR I 227 -78.58 -0.41 30.68
N ASN I 228 -78.58 0.92 30.82
CA ASN I 228 -79.38 1.79 29.96
C ASN I 228 -78.75 3.19 29.99
N THR I 229 -77.78 3.43 29.10
CA THR I 229 -76.85 4.56 29.26
C THR I 229 -77.08 5.61 28.18
N ILE I 230 -77.07 6.89 28.59
CA ILE I 230 -77.27 8.01 27.67
C ILE I 230 -75.96 8.76 27.45
N GLY I 231 -75.08 8.77 28.44
CA GLY I 231 -73.76 9.37 28.29
C GLY I 231 -72.64 8.52 28.90
N PHE I 232 -71.67 8.12 28.08
CA PHE I 232 -70.67 7.13 28.50
C PHE I 232 -69.41 7.72 29.11
N PHE I 233 -69.25 9.04 29.10
CA PHE I 233 -68.02 9.67 29.55
C PHE I 233 -68.10 10.19 30.98
N ALA I 234 -69.18 9.90 31.68
CA ALA I 234 -69.41 10.48 32.99
C ALA I 234 -69.78 9.40 33.99
N PRO I 235 -69.25 9.47 35.21
CA PRO I 235 -69.73 8.58 36.28
C PRO I 235 -71.17 8.89 36.65
N HIS I 236 -71.89 7.87 37.08
CA HIS I 236 -73.29 8.06 37.41
C HIS I 236 -73.45 8.98 38.61
N ASN I 237 -74.26 10.02 38.45
CA ASN I 237 -74.34 11.05 39.46
C ASN I 237 -75.10 10.59 40.70
N ALA I 238 -76.00 9.63 40.56
CA ALA I 238 -76.68 9.09 41.74
C ALA I 238 -75.78 8.20 42.57
N TYR I 239 -74.51 8.15 42.20
CA TYR I 239 -73.49 7.38 42.90
C TYR I 239 -72.44 8.27 43.54
N ALA I 240 -72.69 9.58 43.61
CA ALA I 240 -71.70 10.55 44.09
C ALA I 240 -72.28 11.34 45.26
N SER I 241 -71.77 11.07 46.47
CA SER I 241 -72.10 11.85 47.64
C SER I 241 -71.39 13.19 47.66
N TRP I 242 -70.59 13.49 46.63
CA TRP I 242 -69.87 14.74 46.56
C TRP I 242 -70.46 15.72 45.56
N GLY I 243 -71.62 15.43 44.98
CA GLY I 243 -72.31 16.38 44.13
C GLY I 243 -72.37 15.94 42.67
N ASP I 244 -72.84 16.87 41.82
CA ASP I 244 -73.06 16.53 40.41
C ASP I 244 -72.64 17.61 39.42
N ARG I 245 -71.86 18.61 39.82
CA ARG I 245 -71.33 19.61 38.90
C ARG I 245 -69.81 19.43 38.81
N GLY I 246 -69.39 18.50 37.94
CA GLY I 246 -67.97 18.22 37.79
C GLY I 246 -67.33 17.64 39.04
N GLN I 247 -68.16 17.34 40.04
CA GLN I 247 -67.66 16.81 41.31
C GLN I 247 -67.25 15.35 41.17
N GLN I 248 -68.15 14.52 40.64
CA GLN I 248 -68.00 13.07 40.68
C GLN I 248 -66.80 12.57 39.90
N VAL I 249 -66.32 13.32 38.89
CA VAL I 249 -65.10 12.92 38.22
C VAL I 249 -63.93 12.93 39.21
N LEU I 250 -64.10 13.59 40.35
CA LEU I 250 -63.12 13.50 41.43
C LEU I 250 -63.45 12.41 42.43
N GLU I 251 -64.74 12.15 42.69
CA GLU I 251 -65.12 11.02 43.54
C GLU I 251 -64.59 9.71 42.98
N PHE I 252 -64.89 9.44 41.71
CA PHE I 252 -64.43 8.21 41.08
C PHE I 252 -62.91 8.14 41.06
N LYS I 253 -62.26 9.20 40.55
CA LYS I 253 -60.81 9.22 40.45
C LYS I 253 -60.14 8.96 41.80
N SER I 254 -60.75 9.44 42.89
CA SER I 254 -60.19 9.21 44.21
C SER I 254 -60.37 7.78 44.69
N ALA I 255 -61.46 7.12 44.30
CA ALA I 255 -61.66 5.72 44.68
C ALA I 255 -60.70 4.81 43.94
N VAL I 256 -60.38 5.14 42.69
CA VAL I 256 -59.50 4.29 41.89
C VAL I 256 -58.10 4.25 42.51
N ARG I 257 -57.51 5.44 42.73
CA ARG I 257 -56.19 5.46 43.36
C ARG I 257 -56.20 4.80 44.73
N ALA I 258 -57.33 4.87 45.44
CA ALA I 258 -57.45 4.15 46.71
C ALA I 258 -57.37 2.65 46.50
N LEU I 259 -58.04 2.14 45.45
CA LEU I 259 -57.93 0.72 45.13
C LEU I 259 -56.54 0.37 44.65
N HIS I 260 -55.99 1.16 43.72
CA HIS I 260 -54.62 0.95 43.24
C HIS I 260 -53.60 1.15 44.35
N GLN I 261 -53.99 1.82 45.44
CA GLN I 261 -53.16 1.84 46.63
C GLN I 261 -53.15 0.47 47.30
N ALA I 262 -54.31 -0.19 47.33
CA ALA I 262 -54.41 -1.55 47.87
C ALA I 262 -53.87 -2.59 46.90
N GLY I 263 -53.93 -2.33 45.61
CA GLY I 263 -53.47 -3.30 44.62
C GLY I 263 -54.63 -4.05 43.99
N ILE I 264 -55.73 -3.35 43.74
CA ILE I 264 -56.98 -3.94 43.27
C ILE I 264 -57.34 -3.34 41.93
N GLU I 265 -57.39 -4.17 40.89
CA GLU I 265 -57.76 -3.69 39.57
C GLU I 265 -59.25 -3.35 39.53
N VAL I 266 -59.62 -2.51 38.57
CA VAL I 266 -61.00 -2.09 38.39
C VAL I 266 -61.42 -2.50 36.98
N ILE I 267 -62.41 -3.37 36.88
CA ILE I 267 -62.94 -3.83 35.60
C ILE I 267 -64.38 -3.33 35.52
N LEU I 268 -64.62 -2.24 34.83
CA LEU I 268 -65.96 -1.66 34.87
C LEU I 268 -66.79 -2.03 33.62
N ASP I 269 -68.10 -2.10 33.83
CA ASP I 269 -69.05 -2.61 32.85
C ASP I 269 -69.48 -1.51 31.90
N VAL I 270 -69.62 -1.85 30.62
CA VAL I 270 -69.83 -0.89 29.55
C VAL I 270 -71.02 -1.34 28.69
N VAL I 271 -72.12 -0.60 28.78
CA VAL I 271 -73.36 -0.95 28.07
C VAL I 271 -73.33 -0.16 26.77
N TYR I 272 -72.74 -0.75 25.73
CA TYR I 272 -72.61 -0.09 24.44
C TYR I 272 -73.67 -0.51 23.43
N ASN I 273 -74.33 -1.66 23.62
CA ASN I 273 -75.23 -2.18 22.60
C ASN I 273 -76.43 -1.28 22.31
N HIS I 274 -76.66 -0.26 23.12
CA HIS I 274 -77.84 0.58 22.93
C HIS I 274 -77.65 1.92 23.61
N THR I 275 -78.39 2.92 23.13
CA THR I 275 -78.46 4.23 23.73
C THR I 275 -79.82 4.40 24.41
N ALA I 276 -79.83 5.03 25.58
CA ALA I 276 -81.03 5.10 26.42
C ALA I 276 -82.22 5.73 25.71
N GLU I 277 -82.00 6.45 24.61
CA GLU I 277 -83.10 7.04 23.85
C GLU I 277 -84.00 5.97 23.22
N GLY I 278 -83.60 4.70 23.28
CA GLY I 278 -84.47 3.60 22.90
C GLY I 278 -84.83 3.61 21.43
N ASN I 279 -86.04 3.17 21.14
CA ASN I 279 -86.62 3.34 19.82
C ASN I 279 -87.31 4.70 19.77
N HIS I 280 -88.04 4.95 18.68
CA HIS I 280 -88.87 6.14 18.63
C HIS I 280 -89.93 6.03 19.73
N LEU I 281 -90.68 7.12 19.92
CA LEU I 281 -91.60 7.30 21.04
C LEU I 281 -90.86 7.52 22.35
N GLY I 282 -89.53 7.62 22.32
CA GLY I 282 -88.75 7.91 23.49
C GLY I 282 -88.20 9.32 23.46
N PRO I 283 -87.47 9.69 24.51
CA PRO I 283 -87.05 11.09 24.65
C PRO I 283 -86.11 11.53 23.53
N THR I 284 -85.84 12.83 23.53
CA THR I 284 -84.83 13.46 22.69
C THR I 284 -83.83 14.07 23.66
N LEU I 285 -82.83 13.27 24.04
CA LEU I 285 -81.88 13.66 25.08
C LEU I 285 -80.52 14.02 24.52
N SER I 286 -79.86 13.10 23.81
CA SER I 286 -78.51 13.35 23.32
C SER I 286 -78.40 13.31 21.80
N MET I 287 -78.75 12.18 21.18
CA MET I 287 -78.36 11.88 19.81
C MET I 287 -79.48 12.09 18.80
N ARG I 288 -80.69 11.65 19.12
CA ARG I 288 -81.84 11.85 18.26
C ARG I 288 -81.94 13.30 17.81
N GLY I 289 -81.82 14.24 18.75
CA GLY I 289 -81.91 15.64 18.42
C GLY I 289 -80.67 16.26 17.84
N LEU I 290 -79.53 15.58 17.93
CA LEU I 290 -78.31 16.08 17.29
C LEU I 290 -78.26 15.67 15.83
N ASP I 291 -78.13 14.37 15.56
CA ASP I 291 -78.00 13.87 14.20
C ASP I 291 -78.49 12.42 14.24
N ASN I 292 -79.76 12.22 13.89
CA ASN I 292 -80.33 10.87 14.01
C ASN I 292 -79.68 9.90 13.04
N PRO I 293 -79.78 10.08 11.72
CA PRO I 293 -79.53 8.95 10.80
C PRO I 293 -78.11 8.43 10.76
N SER I 294 -77.13 9.06 11.42
CA SER I 294 -75.78 8.53 11.46
C SER I 294 -75.36 8.03 12.83
N TYR I 295 -76.22 8.11 13.83
CA TYR I 295 -75.95 7.49 15.13
C TYR I 295 -76.66 6.15 15.34
N TYR I 296 -77.85 5.97 14.77
CA TYR I 296 -78.69 4.80 15.05
C TYR I 296 -78.91 4.01 13.76
N ARG I 297 -78.97 2.68 13.87
CA ARG I 297 -79.30 1.87 12.71
C ARG I 297 -80.79 2.04 12.40
N LEU I 298 -81.09 2.71 11.29
CA LEU I 298 -82.45 2.95 10.86
C LEU I 298 -82.89 1.84 9.91
N ALA I 299 -84.11 1.33 10.13
CA ALA I 299 -84.61 0.19 9.37
C ALA I 299 -84.74 0.50 7.89
N ASP I 300 -85.14 -0.48 7.07
CA ASP I 300 -85.38 -0.20 5.66
C ASP I 300 -86.72 0.48 5.45
N ASP I 301 -87.02 1.43 6.33
CA ASP I 301 -88.03 2.47 6.38
C ASP I 301 -87.47 3.41 7.44
N PRO I 302 -86.74 4.46 7.05
CA PRO I 302 -85.90 5.19 8.02
C PRO I 302 -86.62 5.71 9.25
N ARG I 303 -87.94 5.59 9.26
CA ARG I 303 -88.74 6.12 10.36
C ARG I 303 -88.38 5.45 11.70
N TYR I 304 -88.13 4.15 11.68
CA TYR I 304 -88.10 3.33 12.89
C TYR I 304 -86.69 2.77 13.14
N TYR I 305 -86.55 2.11 14.30
CA TYR I 305 -85.28 1.59 14.78
C TYR I 305 -85.31 0.07 14.91
N MET I 306 -84.17 -0.56 14.68
CA MET I 306 -84.07 -2.02 14.63
C MET I 306 -83.71 -2.59 16.00
N ASP I 307 -84.22 -3.79 16.27
CA ASP I 307 -84.02 -4.46 17.56
C ASP I 307 -83.42 -5.84 17.37
N THR I 308 -82.13 -5.98 17.70
CA THR I 308 -81.55 -7.25 18.10
C THR I 308 -81.18 -7.25 19.58
N THR I 309 -81.27 -6.09 20.23
CA THR I 309 -80.86 -5.90 21.62
C THR I 309 -81.98 -6.17 22.62
N GLY I 310 -83.22 -6.31 22.16
CA GLY I 310 -84.36 -6.37 23.06
C GLY I 310 -84.60 -5.09 23.82
N THR I 311 -83.68 -4.12 23.73
CA THR I 311 -83.77 -2.84 24.40
C THR I 311 -83.90 -1.71 23.39
N GLY I 312 -84.73 -1.93 22.37
CA GLY I 312 -85.14 -0.90 21.43
C GLY I 312 -84.28 -0.72 20.20
N ASN I 313 -83.12 -0.08 20.35
CA ASN I 313 -82.34 0.37 19.21
C ASN I 313 -80.96 -0.28 19.20
N SER I 314 -80.15 0.18 18.25
CA SER I 314 -78.71 -0.05 18.27
C SER I 314 -78.04 1.07 17.49
N LEU I 315 -76.76 1.28 17.81
CA LEU I 315 -75.99 2.31 17.16
C LEU I 315 -75.47 1.83 15.80
N LEU I 316 -74.97 2.78 15.01
CA LEU I 316 -74.45 2.51 13.68
C LEU I 316 -72.95 2.25 13.79
N MET I 317 -72.55 1.00 13.62
CA MET I 317 -71.17 0.59 13.82
C MET I 317 -70.30 0.83 12.59
N ARG I 318 -70.83 1.54 11.58
CA ARG I 318 -70.07 1.88 10.39
C ARG I 318 -69.86 3.38 10.20
N SER I 319 -70.63 4.23 10.88
CA SER I 319 -70.40 5.67 10.84
C SER I 319 -69.23 6.03 11.74
N PRO I 320 -68.13 6.54 11.20
CA PRO I 320 -66.89 6.67 11.99
C PRO I 320 -67.05 7.53 13.24
N HIS I 321 -67.94 8.52 13.23
CA HIS I 321 -68.08 9.39 14.39
C HIS I 321 -68.75 8.69 15.55
N VAL I 322 -69.38 7.54 15.29
CA VAL I 322 -69.80 6.64 16.37
C VAL I 322 -68.60 5.87 16.90
N LEU I 323 -67.82 5.26 16.00
CA LEU I 323 -66.62 4.52 16.42
C LEU I 323 -65.65 5.43 17.16
N GLN I 324 -65.51 6.69 16.71
CA GLN I 324 -64.73 7.64 17.49
C GLN I 324 -65.29 7.75 18.90
N LEU I 325 -66.60 7.97 19.04
CA LEU I 325 -67.25 7.96 20.34
C LEU I 325 -66.86 6.72 21.14
N ILE I 326 -66.91 5.55 20.50
CA ILE I 326 -66.62 4.31 21.21
C ILE I 326 -65.17 4.30 21.68
N MET I 327 -64.22 4.45 20.76
CA MET I 327 -62.81 4.39 21.14
C MET I 327 -62.37 5.63 21.90
N ASP I 328 -62.98 6.78 21.64
CA ASP I 328 -62.68 7.95 22.46
C ASP I 328 -63.34 7.90 23.83
N SER I 329 -64.12 6.87 24.12
CA SER I 329 -64.71 6.67 25.44
C SER I 329 -63.94 5.67 26.29
N LEU I 330 -63.51 4.55 25.70
CA LEU I 330 -62.58 3.66 26.39
C LEU I 330 -61.32 4.41 26.80
N ARG I 331 -60.73 5.16 25.86
CA ARG I 331 -59.48 5.86 26.14
C ARG I 331 -59.66 6.93 27.21
N TYR I 332 -60.86 7.50 27.35
CA TYR I 332 -61.09 8.40 28.48
C TYR I 332 -61.10 7.63 29.79
N TRP I 333 -61.69 6.43 29.81
CA TRP I 333 -61.75 5.68 31.05
C TRP I 333 -60.40 5.08 31.41
N VAL I 334 -59.67 4.57 30.42
CA VAL I 334 -58.40 3.90 30.71
C VAL I 334 -57.34 4.91 31.14
N THR I 335 -57.01 5.86 30.27
CA THR I 335 -55.87 6.72 30.53
C THR I 335 -56.20 7.93 31.40
N GLU I 336 -57.46 8.34 31.46
CA GLU I 336 -57.81 9.51 32.25
C GLU I 336 -58.50 9.17 33.57
N MET I 337 -59.14 8.01 33.67
CA MET I 337 -59.71 7.50 34.91
C MET I 337 -58.93 6.30 35.45
N HIS I 338 -57.79 5.99 34.82
CA HIS I 338 -56.86 4.96 35.30
C HIS I 338 -57.56 3.63 35.58
N VAL I 339 -58.51 3.27 34.70
CA VAL I 339 -59.15 1.97 34.77
C VAL I 339 -58.20 0.90 34.23
N ASP I 340 -58.48 -0.35 34.59
CA ASP I 340 -57.64 -1.48 34.16
C ASP I 340 -58.33 -2.45 33.22
N GLY I 341 -59.66 -2.38 33.09
CA GLY I 341 -60.35 -3.33 32.24
C GLY I 341 -61.83 -3.08 32.01
N PHE I 342 -62.33 -3.54 30.86
CA PHE I 342 -63.72 -3.35 30.46
C PHE I 342 -64.43 -4.68 30.28
N ARG I 343 -65.65 -4.78 30.79
CA ARG I 343 -66.51 -5.94 30.59
C ARG I 343 -67.68 -5.52 29.71
N PHE I 344 -67.86 -6.20 28.58
CA PHE I 344 -68.85 -5.81 27.57
C PHE I 344 -70.18 -6.51 27.82
N ASP I 345 -71.15 -5.74 28.31
CA ASP I 345 -72.51 -6.26 28.43
C ASP I 345 -73.08 -6.66 27.09
N LEU I 346 -73.85 -7.74 27.09
CA LEU I 346 -74.46 -8.31 25.89
C LEU I 346 -73.49 -8.27 24.72
N ALA I 347 -72.22 -8.63 24.97
CA ALA I 347 -71.23 -8.65 23.91
C ALA I 347 -71.68 -9.49 22.73
N ALA I 348 -72.55 -10.47 22.97
CA ALA I 348 -73.10 -11.28 21.89
C ALA I 348 -74.01 -10.45 20.99
N THR I 349 -75.06 -9.87 21.58
CA THR I 349 -75.92 -8.95 20.85
C THR I 349 -75.11 -7.80 20.26
N LEU I 350 -74.10 -7.33 21.00
CA LEU I 350 -73.25 -6.24 20.54
C LEU I 350 -72.55 -6.60 19.23
N ALA I 351 -72.10 -7.84 19.09
CA ALA I 351 -71.48 -8.29 17.85
C ALA I 351 -72.49 -8.48 16.72
N ARG I 352 -73.78 -8.55 17.05
CA ARG I 352 -74.79 -8.90 16.05
C ARG I 352 -75.07 -7.75 15.08
N GLN I 353 -75.07 -6.50 15.54
CA GLN I 353 -75.15 -5.39 14.61
C GLN I 353 -73.78 -4.90 14.19
N PHE I 354 -72.76 -5.17 14.98
CA PHE I 354 -71.39 -4.96 14.52
C PHE I 354 -71.13 -5.78 13.27
N HIS I 355 -71.90 -6.84 13.06
CA HIS I 355 -71.79 -7.70 11.90
C HIS I 355 -72.67 -7.24 10.74
N GLU I 356 -73.95 -6.92 10.99
CA GLU I 356 -74.77 -6.55 9.84
C GLU I 356 -74.49 -5.09 9.50
N VAL I 357 -73.19 -4.75 9.44
CA VAL I 357 -72.70 -3.57 8.76
C VAL I 357 -71.43 -3.96 8.02
N ASP I 358 -71.05 -5.24 8.13
CA ASP I 358 -69.81 -5.76 7.54
C ASP I 358 -68.57 -5.15 8.21
N ARG I 359 -68.63 -4.95 9.52
CA ARG I 359 -67.60 -4.20 10.22
C ARG I 359 -67.01 -4.95 11.42
N LEU I 360 -67.39 -6.22 11.63
CA LEU I 360 -66.99 -6.96 12.81
C LEU I 360 -65.48 -7.18 12.89
N SER I 361 -64.93 -7.99 11.99
CA SER I 361 -63.51 -8.35 12.11
C SER I 361 -62.62 -7.14 11.93
N SER I 362 -63.03 -6.20 11.07
CA SER I 362 -62.30 -4.94 10.93
C SER I 362 -62.25 -4.18 12.24
N PHE I 363 -63.34 -4.20 13.00
CA PHE I 363 -63.35 -3.56 14.31
C PHE I 363 -62.36 -4.23 15.26
N PHE I 364 -62.25 -5.55 15.21
CA PHE I 364 -61.28 -6.22 16.06
C PHE I 364 -59.85 -5.81 15.69
N ASP I 365 -59.59 -5.60 14.40
CA ASP I 365 -58.35 -4.97 13.99
C ASP I 365 -58.23 -3.58 14.62
N LEU I 366 -59.31 -2.80 14.59
CA LEU I 366 -59.28 -1.45 15.14
C LEU I 366 -58.94 -1.46 16.63
N VAL I 367 -59.23 -2.55 17.33
CA VAL I 367 -58.91 -2.65 18.75
C VAL I 367 -57.53 -3.28 18.97
N GLN I 368 -57.17 -4.29 18.19
CA GLN I 368 -55.89 -4.95 18.40
C GLN I 368 -54.71 -4.04 18.09
N GLN I 369 -54.89 -3.04 17.24
CA GLN I 369 -53.84 -2.08 16.91
C GLN I 369 -53.71 -0.96 17.93
N ASP I 370 -54.82 -0.57 18.56
CA ASP I 370 -54.82 0.58 19.46
C ASP I 370 -54.02 0.27 20.72
N PRO I 371 -52.94 1.02 21.01
CA PRO I 371 -52.13 0.65 22.18
C PRO I 371 -52.83 0.92 23.50
N VAL I 372 -53.80 1.84 23.53
CA VAL I 372 -54.50 2.16 24.76
C VAL I 372 -55.45 1.03 25.15
N VAL I 373 -56.12 0.43 24.17
CA VAL I 373 -57.22 -0.49 24.43
C VAL I 373 -56.76 -1.95 24.48
N SER I 374 -55.88 -2.35 23.55
CA SER I 374 -55.48 -3.75 23.46
C SER I 374 -54.76 -4.24 24.70
N GLN I 375 -54.20 -3.33 25.50
CA GLN I 375 -53.33 -3.68 26.62
C GLN I 375 -54.05 -3.68 27.96
N VAL I 376 -55.36 -3.48 27.97
CA VAL I 376 -56.14 -3.60 29.19
C VAL I 376 -56.99 -4.87 29.08
N LYS I 377 -57.54 -5.29 30.22
CA LYS I 377 -58.39 -6.48 30.24
C LYS I 377 -59.69 -6.21 29.51
N LEU I 378 -60.03 -7.07 28.56
CA LEU I 378 -61.28 -7.02 27.81
C LEU I 378 -62.05 -8.31 28.07
N ILE I 379 -63.12 -8.21 28.86
CA ILE I 379 -63.85 -9.38 29.35
C ILE I 379 -65.21 -9.39 28.67
N ALA I 380 -65.49 -10.46 27.92
CA ALA I 380 -66.64 -10.49 27.04
C ALA I 380 -67.54 -11.69 27.29
N GLU I 381 -68.47 -11.92 26.37
CA GLU I 381 -69.36 -13.07 26.35
C GLU I 381 -69.31 -13.74 24.99
N PRO I 382 -69.60 -15.03 24.91
CA PRO I 382 -69.62 -15.73 23.62
C PRO I 382 -70.73 -15.22 22.71
N TRP I 383 -70.65 -15.64 21.44
CA TRP I 383 -71.68 -15.30 20.47
C TRP I 383 -71.56 -16.20 19.25
N ASP I 384 -72.64 -16.22 18.47
CA ASP I 384 -72.74 -16.98 17.23
C ASP I 384 -73.40 -16.06 16.19
N VAL I 385 -72.65 -15.67 15.17
CA VAL I 385 -72.99 -14.55 14.31
C VAL I 385 -73.07 -15.03 12.86
N GLY I 386 -74.09 -14.57 12.15
CA GLY I 386 -74.14 -14.78 10.71
C GLY I 386 -74.10 -16.25 10.36
N GLU I 387 -72.93 -16.70 9.89
CA GLU I 387 -72.69 -18.12 9.68
C GLU I 387 -71.33 -18.48 10.24
N GLY I 388 -71.29 -19.40 11.18
CA GLY I 388 -70.04 -20.03 11.60
C GLY I 388 -69.60 -19.79 13.03
N GLY I 389 -70.32 -19.05 13.85
CA GLY I 389 -69.91 -18.89 15.23
C GLY I 389 -69.24 -17.56 15.54
N TYR I 390 -67.93 -17.60 15.77
CA TYR I 390 -67.20 -16.39 16.14
C TYR I 390 -67.09 -15.42 14.97
N GLN I 391 -66.56 -15.90 13.85
CA GLN I 391 -66.44 -15.13 12.61
C GLN I 391 -65.57 -13.89 12.79
N VAL I 392 -64.46 -14.05 13.51
CA VAL I 392 -63.48 -12.99 13.67
C VAL I 392 -62.10 -13.52 13.30
N GLY I 393 -61.29 -12.67 12.68
CA GLY I 393 -59.95 -13.08 12.31
C GLY I 393 -59.09 -13.38 13.52
N ASN I 394 -59.09 -12.47 14.49
CA ASN I 394 -58.29 -12.66 15.70
C ASN I 394 -58.95 -11.95 16.87
N PHE I 395 -58.69 -12.47 18.05
CA PHE I 395 -59.10 -11.85 19.29
C PHE I 395 -57.95 -11.06 19.87
N PRO I 396 -58.16 -9.81 20.26
CA PRO I 396 -57.18 -9.11 21.08
C PRO I 396 -56.70 -10.03 22.18
N PRO I 397 -55.39 -10.21 22.34
CA PRO I 397 -54.93 -11.32 23.20
C PRO I 397 -55.09 -10.99 24.68
N LEU I 398 -56.23 -10.38 25.01
CA LEU I 398 -56.75 -10.21 26.37
C LEU I 398 -58.27 -10.33 26.36
N TRP I 399 -58.83 -11.13 25.47
CA TRP I 399 -60.28 -11.30 25.38
C TRP I 399 -60.74 -12.54 26.14
N THR I 400 -61.60 -12.32 27.13
CA THR I 400 -62.03 -13.35 28.05
C THR I 400 -63.55 -13.41 28.04
N GLU I 401 -64.10 -14.61 27.84
CA GLU I 401 -65.54 -14.80 27.74
C GLU I 401 -66.10 -15.20 29.09
N TRP I 402 -67.27 -14.66 29.44
CA TRP I 402 -68.04 -15.18 30.55
C TRP I 402 -68.48 -16.60 30.22
N ASN I 403 -67.92 -17.57 30.93
CA ASN I 403 -67.98 -18.97 30.52
C ASN I 403 -69.39 -19.51 30.78
N GLY I 404 -70.31 -19.18 29.87
CA GLY I 404 -71.67 -19.67 29.99
C GLY I 404 -71.76 -21.18 30.05
N LYS I 405 -70.90 -21.87 29.29
CA LYS I 405 -70.91 -23.33 29.26
C LYS I 405 -70.25 -23.96 30.47
N TYR I 406 -69.67 -23.16 31.36
CA TYR I 406 -69.13 -23.65 32.62
C TYR I 406 -70.15 -23.52 33.74
N ARG I 407 -70.70 -22.32 33.91
CA ARG I 407 -71.80 -22.11 34.85
C ARG I 407 -72.92 -23.10 34.59
N ASP I 408 -73.28 -23.29 33.32
CA ASP I 408 -74.35 -24.22 32.96
C ASP I 408 -74.07 -25.63 33.45
N CYS I 409 -72.79 -26.01 33.58
CA CYS I 409 -72.44 -27.38 33.91
C CYS I 409 -72.16 -27.61 35.39
N VAL I 410 -71.49 -26.67 36.06
CA VAL I 410 -71.27 -26.83 37.50
C VAL I 410 -72.58 -26.70 38.26
N ARG I 411 -73.45 -25.77 37.83
CA ARG I 411 -74.78 -25.68 38.40
C ARG I 411 -75.56 -26.96 38.20
N ASP I 412 -75.20 -27.76 37.19
CA ASP I 412 -75.82 -29.06 36.96
C ASP I 412 -75.20 -30.18 37.77
N LEU I 413 -73.93 -30.07 38.15
CA LEU I 413 -73.26 -31.19 38.80
C LEU I 413 -73.90 -31.53 40.13
N TRP I 414 -73.90 -30.57 41.05
CA TRP I 414 -74.48 -30.80 42.37
C TRP I 414 -76.00 -30.79 42.31
N ARG I 415 -76.58 -30.18 41.28
CA ARG I 415 -78.00 -30.35 40.95
C ARG I 415 -78.33 -31.81 40.64
N GLY I 416 -77.34 -32.67 40.50
CA GLY I 416 -77.56 -34.08 40.25
C GLY I 416 -77.63 -34.45 38.79
N GLU I 417 -78.41 -33.69 38.02
CA GLU I 417 -78.50 -33.86 36.58
C GLU I 417 -77.11 -33.72 35.99
N PRO I 418 -76.49 -34.82 35.57
CA PRO I 418 -75.05 -34.78 35.27
C PRO I 418 -74.74 -34.49 33.81
N ARG I 419 -73.54 -33.97 33.58
CA ARG I 419 -73.01 -33.66 32.27
C ARG I 419 -71.91 -34.64 31.90
N THR I 420 -71.58 -34.70 30.61
CA THR I 420 -70.53 -35.58 30.11
C THR I 420 -69.32 -35.56 31.02
N LEU I 421 -68.80 -36.74 31.35
CA LEU I 421 -67.53 -36.79 32.07
C LEU I 421 -66.45 -36.04 31.31
N ALA I 422 -66.50 -36.06 29.99
CA ALA I 422 -65.68 -35.14 29.20
C ALA I 422 -66.04 -33.69 29.51
N GLU I 423 -67.32 -33.34 29.35
CA GLU I 423 -67.75 -31.95 29.45
C GLU I 423 -67.37 -31.32 30.78
N PHE I 424 -67.34 -32.11 31.85
CA PHE I 424 -66.98 -31.59 33.17
C PHE I 424 -65.50 -31.74 33.49
N ALA I 425 -64.80 -32.69 32.88
CA ALA I 425 -63.35 -32.69 32.98
C ALA I 425 -62.78 -31.44 32.32
N SER I 426 -63.35 -31.03 31.19
CA SER I 426 -62.83 -29.89 30.44
C SER I 426 -62.95 -28.59 31.23
N ARG I 427 -64.07 -28.39 31.92
CA ARG I 427 -64.30 -27.11 32.59
C ARG I 427 -63.53 -26.98 33.91
N LEU I 428 -63.09 -28.09 34.49
CA LEU I 428 -62.11 -28.03 35.56
C LEU I 428 -60.72 -27.68 35.04
N THR I 429 -60.50 -27.80 33.74
CA THR I 429 -59.20 -27.75 33.11
C THR I 429 -58.89 -26.40 32.46
N GLY I 430 -59.86 -25.49 32.45
CA GLY I 430 -59.66 -24.19 31.85
C GLY I 430 -60.42 -24.08 30.55
N SER I 431 -61.52 -24.85 30.46
CA SER I 431 -62.37 -24.92 29.27
C SER I 431 -61.51 -24.94 27.99
N SER I 432 -60.54 -25.86 27.99
CA SER I 432 -59.52 -25.91 26.94
C SER I 432 -60.12 -25.86 25.54
N ASP I 433 -61.27 -26.50 25.35
CA ASP I 433 -61.86 -26.62 24.02
C ASP I 433 -62.33 -25.27 23.49
N LEU I 434 -63.25 -24.62 24.20
CA LEU I 434 -63.89 -23.41 23.69
C LEU I 434 -62.91 -22.29 23.46
N TYR I 435 -61.82 -22.25 24.24
CA TYR I 435 -60.91 -21.12 24.27
C TYR I 435 -59.46 -21.61 24.16
N GLN I 436 -58.84 -21.38 23.01
CA GLN I 436 -57.42 -21.64 22.82
C GLN I 436 -56.64 -20.33 22.98
N ASP I 437 -55.34 -20.35 22.65
CA ASP I 437 -54.46 -19.24 23.03
C ASP I 437 -53.94 -18.41 21.86
N ASP I 438 -53.81 -18.99 20.66
CA ASP I 438 -53.02 -18.34 19.62
C ASP I 438 -53.77 -17.23 18.89
N GLY I 439 -54.41 -16.34 19.63
CA GLY I 439 -55.21 -15.29 19.05
C GLY I 439 -56.18 -15.72 17.95
N ARG I 440 -56.57 -17.00 17.97
CA ARG I 440 -57.62 -17.48 17.08
C ARG I 440 -58.87 -17.88 17.86
N ARG I 441 -58.87 -17.63 19.16
CA ARG I 441 -60.05 -17.75 20.01
C ARG I 441 -59.78 -16.91 21.25
N PRO I 442 -60.77 -16.72 22.13
CA PRO I 442 -60.46 -16.09 23.42
C PRO I 442 -59.47 -16.96 24.19
N LEU I 443 -58.51 -16.32 24.86
CA LEU I 443 -57.37 -17.04 25.42
C LEU I 443 -57.52 -17.37 26.90
N ALA I 444 -58.70 -17.16 27.48
CA ALA I 444 -58.96 -17.59 28.84
C ALA I 444 -60.43 -18.02 28.92
N SER I 445 -60.93 -18.16 30.15
CA SER I 445 -62.35 -18.46 30.34
C SER I 445 -62.73 -17.92 31.71
N VAL I 446 -63.43 -16.79 31.75
CA VAL I 446 -63.90 -16.25 33.02
C VAL I 446 -64.93 -17.20 33.59
N ASN I 447 -64.54 -17.93 34.63
CA ASN I 447 -65.41 -18.91 35.26
C ASN I 447 -66.26 -18.23 36.31
N PHE I 448 -67.49 -18.74 36.47
CA PHE I 448 -68.41 -18.18 37.45
C PHE I 448 -69.56 -19.16 37.66
N VAL I 449 -70.00 -19.30 38.90
CA VAL I 449 -71.17 -20.09 39.23
C VAL I 449 -72.42 -19.22 39.37
N THR I 450 -72.26 -17.92 39.61
CA THR I 450 -73.36 -17.00 39.77
C THR I 450 -72.88 -15.58 39.49
N CYS I 451 -73.79 -14.75 38.97
CA CYS I 451 -73.46 -13.37 38.64
C CYS I 451 -74.65 -12.48 39.00
N HIS I 452 -74.62 -11.24 38.51
CA HIS I 452 -75.76 -10.36 38.70
C HIS I 452 -77.00 -10.89 37.98
N ASP I 453 -76.80 -11.54 36.84
CA ASP I 453 -77.91 -12.18 36.13
C ASP I 453 -78.21 -13.53 36.77
N GLY I 454 -79.49 -13.76 37.06
CA GLY I 454 -79.91 -15.00 37.67
C GLY I 454 -79.91 -14.95 39.18
N PHE I 455 -80.00 -16.16 39.75
CA PHE I 455 -80.03 -16.30 41.20
C PHE I 455 -78.70 -15.85 41.80
N THR I 456 -78.68 -15.78 43.12
CA THR I 456 -77.43 -15.72 43.87
C THR I 456 -77.28 -17.05 44.62
N LEU I 457 -76.15 -17.21 45.30
CA LEU I 457 -75.77 -18.54 45.79
C LEU I 457 -76.82 -19.11 46.74
N ARG I 458 -77.25 -18.32 47.73
CA ARG I 458 -78.28 -18.78 48.67
C ARG I 458 -79.55 -19.19 47.92
N ASP I 459 -80.09 -18.27 47.12
CA ASP I 459 -81.31 -18.58 46.37
C ASP I 459 -81.10 -19.72 45.38
N LEU I 460 -79.86 -20.00 44.99
CA LEU I 460 -79.57 -21.06 44.03
C LEU I 460 -79.83 -22.46 44.59
N VAL I 461 -79.80 -22.62 45.90
CA VAL I 461 -80.05 -23.92 46.53
C VAL I 461 -81.33 -23.89 47.35
N SER I 462 -82.22 -22.93 47.08
CA SER I 462 -83.46 -22.78 47.82
C SER I 462 -84.69 -22.67 46.92
N TYR I 463 -84.52 -22.65 45.61
CA TYR I 463 -85.63 -22.42 44.69
C TYR I 463 -85.39 -23.21 43.41
N ASN I 464 -86.45 -23.84 42.90
CA ASN I 464 -86.40 -24.43 41.57
C ASN I 464 -86.95 -23.50 40.49
N GLU I 465 -87.71 -22.48 40.87
CA GLU I 465 -88.29 -21.55 39.91
C GLU I 465 -88.38 -20.16 40.51
N LYS I 466 -88.23 -19.16 39.66
CA LYS I 466 -88.00 -17.78 40.03
C LYS I 466 -89.22 -17.16 40.74
N ARG I 467 -88.99 -16.01 41.38
CA ARG I 467 -90.01 -15.30 42.13
C ARG I 467 -89.93 -13.79 41.84
N ASN I 468 -89.98 -13.44 40.55
CA ASN I 468 -89.83 -12.07 40.08
C ASN I 468 -91.14 -11.31 40.01
N GLU I 469 -92.09 -11.62 40.89
CA GLU I 469 -93.39 -10.94 40.86
C GLU I 469 -93.24 -9.43 41.01
N ALA I 470 -92.37 -8.98 41.92
CA ALA I 470 -92.24 -7.54 42.20
C ALA I 470 -91.83 -6.72 40.99
N ASN I 471 -91.34 -7.35 39.92
CA ASN I 471 -90.92 -6.61 38.73
C ASN I 471 -92.08 -6.05 37.91
N GLY I 472 -93.31 -6.44 38.21
CA GLY I 472 -94.44 -6.02 37.40
C GLY I 472 -94.49 -6.65 36.03
N GLU I 473 -93.49 -7.45 35.66
CA GLU I 473 -93.50 -8.16 34.39
C GLU I 473 -94.16 -9.53 34.51
N GLY I 474 -95.05 -9.70 35.49
CA GLY I 474 -95.95 -10.84 35.55
C GLY I 474 -95.28 -12.20 35.66
N ASN I 475 -94.13 -12.26 36.34
CA ASN I 475 -93.32 -13.47 36.44
C ASN I 475 -93.17 -14.13 35.07
N ARG I 476 -92.70 -13.33 34.12
CA ARG I 476 -92.41 -13.72 32.75
C ARG I 476 -90.93 -13.55 32.41
N ASP I 477 -90.30 -12.51 32.92
CA ASP I 477 -88.94 -12.09 32.57
C ASP I 477 -87.90 -12.85 33.38
N GLY I 478 -86.67 -12.82 32.89
CA GLY I 478 -85.56 -13.46 33.55
C GLY I 478 -85.29 -14.87 33.04
N GLU I 479 -84.33 -15.53 33.69
CA GLU I 479 -84.06 -16.93 33.39
C GLU I 479 -85.27 -17.79 33.72
N ASN I 480 -85.51 -18.81 32.88
CA ASN I 480 -86.71 -19.63 33.04
C ASN I 480 -86.44 -21.05 33.53
N TYR I 481 -85.22 -21.57 33.39
CA TYR I 481 -84.71 -22.57 34.31
C TYR I 481 -83.25 -22.25 34.60
N ASN I 482 -82.91 -22.22 35.89
CA ASN I 482 -81.62 -21.78 36.38
C ASN I 482 -80.69 -22.94 36.69
N ARG I 483 -81.09 -24.18 36.37
CA ARG I 483 -80.34 -25.39 36.70
C ARG I 483 -80.16 -25.56 38.22
N SER I 484 -81.17 -25.15 38.99
CA SER I 484 -81.07 -25.10 40.45
C SER I 484 -82.01 -26.10 41.11
N TRP I 485 -81.66 -26.48 42.33
CA TRP I 485 -82.44 -27.43 43.12
C TRP I 485 -82.65 -26.87 44.52
N ASN I 486 -83.86 -27.07 45.05
CA ASN I 486 -84.32 -26.39 46.27
C ASN I 486 -83.86 -27.06 47.55
N CYS I 487 -83.35 -28.28 47.49
CA CYS I 487 -82.87 -29.06 48.63
C CYS I 487 -83.98 -29.52 49.56
N GLY I 488 -85.21 -29.67 49.06
CA GLY I 488 -86.25 -30.31 49.86
C GLY I 488 -87.55 -29.53 49.96
N GLU I 489 -87.46 -28.21 50.08
CA GLU I 489 -88.63 -27.36 50.16
C GLU I 489 -88.24 -26.00 49.62
N GLU I 490 -88.95 -25.52 48.61
CA GLU I 490 -88.60 -24.26 47.95
C GLU I 490 -89.08 -23.11 48.82
N GLY I 491 -88.13 -22.45 49.47
CA GLY I 491 -88.41 -21.37 50.40
C GLY I 491 -87.51 -21.46 51.61
N GLU I 492 -87.56 -20.46 52.48
CA GLU I 492 -86.84 -20.52 53.74
C GLU I 492 -87.55 -21.49 54.68
N THR I 493 -86.99 -22.68 54.85
CA THR I 493 -87.53 -23.67 55.77
C THR I 493 -86.69 -23.67 57.05
N GLU I 494 -87.26 -24.24 58.12
CA GLU I 494 -86.51 -24.43 59.35
C GLU I 494 -85.97 -25.85 59.54
N ASP I 495 -86.35 -26.80 58.68
CA ASP I 495 -85.78 -28.15 58.78
C ASP I 495 -84.26 -28.05 58.73
N VAL I 496 -83.61 -28.44 59.82
CA VAL I 496 -82.16 -28.22 59.94
C VAL I 496 -81.41 -29.01 58.87
N GLY I 497 -81.76 -30.29 58.71
CA GLY I 497 -81.02 -31.14 57.78
C GLY I 497 -80.98 -30.61 56.35
N ILE I 498 -82.03 -29.90 55.93
CA ILE I 498 -82.00 -29.19 54.67
C ILE I 498 -81.45 -27.77 54.81
N THR I 499 -81.51 -27.18 56.00
CA THR I 499 -80.79 -25.94 56.23
C THR I 499 -79.29 -26.16 56.09
N GLU I 500 -78.79 -27.27 56.62
CA GLU I 500 -77.38 -27.63 56.43
C GLU I 500 -77.08 -27.95 54.97
N LEU I 501 -77.82 -28.90 54.38
CA LEU I 501 -77.53 -29.33 53.02
C LEU I 501 -77.47 -28.15 52.06
N ARG I 502 -78.26 -27.12 52.31
CA ARG I 502 -78.15 -25.91 51.50
C ARG I 502 -76.82 -25.20 51.75
N ALA I 503 -76.51 -24.91 53.01
CA ALA I 503 -75.31 -24.14 53.34
C ALA I 503 -74.03 -24.87 52.98
N ARG I 504 -74.10 -26.19 52.81
CA ARG I 504 -72.95 -26.96 52.37
C ARG I 504 -72.96 -27.24 50.88
N GLN I 505 -74.12 -27.22 50.22
CA GLN I 505 -74.14 -27.05 48.77
C GLN I 505 -73.49 -25.73 48.37
N MET I 506 -73.82 -24.65 49.10
CA MET I 506 -73.14 -23.38 48.89
C MET I 506 -71.63 -23.55 49.00
N ARG I 507 -71.17 -24.27 50.03
CA ARG I 507 -69.76 -24.56 50.18
C ARG I 507 -69.22 -25.34 48.99
N ASN I 508 -70.06 -26.17 48.36
CA ASN I 508 -69.60 -26.98 47.23
C ASN I 508 -69.37 -26.12 45.99
N PHE I 509 -70.26 -25.16 45.75
CA PHE I 509 -70.13 -24.32 44.56
C PHE I 509 -68.85 -23.48 44.62
N LEU I 510 -68.55 -22.93 45.79
CA LEU I 510 -67.39 -22.07 45.96
C LEU I 510 -66.08 -22.84 45.92
N ALA I 511 -66.10 -24.13 46.23
CA ALA I 511 -64.89 -24.94 46.15
C ALA I 511 -64.64 -25.41 44.72
N THR I 512 -65.70 -25.75 43.99
CA THR I 512 -65.55 -26.15 42.59
C THR I 512 -65.00 -24.99 41.76
N LEU I 513 -65.38 -23.76 42.09
CA LEU I 513 -64.96 -22.59 41.33
C LEU I 513 -63.53 -22.17 41.64
N MET I 514 -63.13 -22.27 42.91
CA MET I 514 -61.84 -21.71 43.33
C MET I 514 -60.67 -22.63 43.05
N LEU I 515 -60.92 -23.90 42.70
CA LEU I 515 -59.88 -24.81 42.28
C LEU I 515 -59.89 -25.11 40.78
N SER I 516 -60.93 -24.69 40.07
CA SER I 516 -60.92 -24.84 38.62
C SER I 516 -59.86 -23.93 38.01
N GLN I 517 -59.55 -24.18 36.75
CA GLN I 517 -58.51 -23.44 36.06
C GLN I 517 -59.07 -22.20 35.38
N GLY I 518 -58.24 -21.16 35.31
CA GLY I 518 -58.62 -19.92 34.65
C GLY I 518 -58.96 -18.82 35.62
N VAL I 519 -59.59 -17.79 35.05
CA VAL I 519 -60.03 -16.62 35.82
C VAL I 519 -61.34 -16.93 36.53
N PRO I 520 -61.37 -16.93 37.87
CA PRO I 520 -62.65 -17.09 38.57
C PRO I 520 -63.29 -15.76 38.90
N MET I 521 -64.61 -15.73 39.10
CA MET I 521 -65.30 -14.49 39.45
C MET I 521 -66.35 -14.76 40.52
N LEU I 522 -66.53 -13.77 41.40
CA LEU I 522 -67.50 -13.82 42.49
C LEU I 522 -68.47 -12.67 42.36
N SER I 523 -69.73 -12.91 42.71
CA SER I 523 -70.74 -11.87 42.74
C SER I 523 -70.89 -11.35 44.17
N HIS I 524 -71.01 -10.02 44.31
CA HIS I 524 -71.04 -9.41 45.62
C HIS I 524 -72.20 -9.94 46.45
N GLY I 525 -71.88 -10.38 47.67
CA GLY I 525 -72.86 -10.92 48.59
C GLY I 525 -72.74 -12.41 48.82
N ASP I 526 -72.05 -13.14 47.93
CA ASP I 526 -72.01 -14.59 48.04
C ASP I 526 -71.20 -15.08 49.23
N GLU I 527 -70.33 -14.24 49.79
CA GLU I 527 -69.68 -14.61 51.04
C GLU I 527 -70.67 -14.57 52.19
N PHE I 528 -71.52 -13.54 52.21
CA PHE I 528 -72.52 -13.33 53.25
C PHE I 528 -73.79 -14.13 53.03
N GLY I 529 -73.84 -14.96 51.98
CA GLY I 529 -75.06 -15.66 51.64
C GLY I 529 -76.19 -14.68 51.38
N ARG I 530 -76.07 -13.88 50.33
CA ARG I 530 -77.01 -12.79 50.09
C ARG I 530 -78.20 -13.29 49.31
N THR I 531 -79.39 -12.80 49.67
CA THR I 531 -80.65 -13.27 49.12
C THR I 531 -81.37 -12.14 48.41
N GLN I 532 -81.80 -12.38 47.17
CA GLN I 532 -82.74 -11.52 46.47
C GLN I 532 -84.17 -12.02 46.60
N GLY I 533 -84.42 -12.94 47.54
CA GLY I 533 -85.75 -13.46 47.80
C GLY I 533 -86.27 -14.46 46.79
N GLY I 534 -85.51 -14.76 45.74
CA GLY I 534 -85.99 -15.53 44.61
C GLY I 534 -86.06 -14.73 43.33
N ASN I 535 -85.95 -13.41 43.41
CA ASN I 535 -85.92 -12.56 42.21
C ASN I 535 -84.55 -12.72 41.56
N ASN I 536 -84.49 -13.46 40.46
CA ASN I 536 -83.21 -13.64 39.79
C ASN I 536 -82.81 -12.42 38.98
N ASN I 537 -83.79 -11.73 38.39
CA ASN I 537 -83.53 -10.58 37.52
C ASN I 537 -83.81 -9.31 38.32
N ALA I 538 -82.80 -8.84 39.04
CA ALA I 538 -82.95 -7.82 40.06
C ALA I 538 -82.73 -6.40 39.54
N TYR I 539 -83.04 -6.14 38.26
CA TYR I 539 -82.63 -4.87 37.66
C TYR I 539 -83.45 -3.69 38.17
N CYS I 540 -84.73 -3.89 38.52
CA CYS I 540 -85.59 -2.79 38.90
C CYS I 540 -85.88 -2.76 40.40
N GLN I 541 -85.01 -3.33 41.22
CA GLN I 541 -85.19 -3.35 42.67
C GLN I 541 -84.03 -2.60 43.33
N ASP I 542 -84.21 -1.29 43.47
CA ASP I 542 -83.26 -0.43 44.18
C ASP I 542 -83.71 -0.31 45.64
N ASN I 543 -83.75 -1.46 46.31
CA ASN I 543 -84.34 -1.57 47.65
C ASN I 543 -83.65 -2.71 48.39
N GLU I 544 -84.24 -3.13 49.51
CA GLU I 544 -83.63 -4.15 50.37
C GLU I 544 -83.41 -5.46 49.65
N VAL I 545 -83.97 -5.65 48.45
CA VAL I 545 -83.81 -6.91 47.73
C VAL I 545 -82.34 -7.16 47.41
N SER I 546 -81.72 -6.26 46.63
CA SER I 546 -80.37 -6.46 46.15
C SER I 546 -79.33 -5.67 46.93
N TRP I 547 -79.71 -5.00 48.02
CA TRP I 547 -78.69 -4.43 48.90
C TRP I 547 -77.88 -5.55 49.55
N VAL I 548 -76.78 -5.18 50.18
CA VAL I 548 -75.83 -6.13 50.75
C VAL I 548 -75.95 -6.09 52.27
N ARG I 549 -76.21 -7.25 52.87
CA ARG I 549 -76.35 -7.38 54.31
C ARG I 549 -74.99 -7.71 54.93
N TRP I 550 -74.55 -6.87 55.88
CA TRP I 550 -73.26 -7.07 56.54
C TRP I 550 -73.44 -7.79 57.87
N PRO I 551 -72.58 -8.75 58.17
CA PRO I 551 -72.89 -9.73 59.22
C PRO I 551 -72.77 -9.17 60.62
N LYS I 552 -73.54 -9.77 61.53
CA LYS I 552 -73.34 -9.67 62.98
C LYS I 552 -73.61 -11.01 63.64
N GLU I 556 -73.11 -15.74 63.47
CA GLU I 556 -72.13 -16.80 63.60
C GLU I 556 -71.96 -17.60 62.31
N ALA I 557 -73.03 -18.22 61.81
CA ALA I 557 -72.92 -19.06 60.62
C ALA I 557 -72.69 -18.22 59.37
N GLU I 558 -73.06 -16.95 59.41
CA GLU I 558 -72.76 -16.01 58.33
C GLU I 558 -71.34 -15.47 58.43
N ALA I 559 -70.68 -15.66 59.58
CA ALA I 559 -69.25 -15.46 59.72
C ALA I 559 -68.47 -16.77 59.64
N THR I 560 -69.15 -17.86 59.28
CA THR I 560 -68.49 -19.11 58.90
C THR I 560 -68.26 -19.17 57.38
N LEU I 561 -69.33 -18.98 56.60
CA LEU I 561 -69.22 -18.91 55.16
C LEU I 561 -68.28 -17.79 54.70
N LEU I 562 -68.02 -16.80 55.56
CA LEU I 562 -67.16 -15.69 55.21
C LEU I 562 -65.69 -16.08 55.21
N ARG I 563 -65.23 -16.76 56.25
CA ARG I 563 -63.84 -17.17 56.32
C ARG I 563 -63.58 -18.49 55.60
N PHE I 564 -64.64 -19.28 55.33
CA PHE I 564 -64.52 -20.35 54.34
C PHE I 564 -64.04 -19.75 53.02
N THR I 565 -64.88 -18.90 52.43
CA THR I 565 -64.54 -18.24 51.18
C THR I 565 -63.22 -17.50 51.29
N ARG I 566 -62.97 -16.83 52.42
CA ARG I 566 -61.73 -16.10 52.60
C ARG I 566 -60.54 -17.05 52.65
N SER I 567 -60.65 -18.14 53.42
CA SER I 567 -59.57 -19.13 53.47
C SER I 567 -59.56 -20.05 52.27
N MET I 568 -60.47 -19.86 51.30
CA MET I 568 -60.39 -20.60 50.05
C MET I 568 -59.65 -19.84 48.96
N VAL I 569 -59.86 -18.53 48.84
CA VAL I 569 -59.03 -17.75 47.93
C VAL I 569 -57.59 -17.73 48.41
N ARG I 570 -57.36 -17.90 49.71
CA ARG I 570 -56.01 -18.09 50.22
C ARG I 570 -55.39 -19.37 49.66
N LEU I 571 -56.20 -20.42 49.49
CA LEU I 571 -55.69 -21.69 48.99
C LEU I 571 -55.30 -21.59 47.52
N ARG I 572 -56.09 -20.87 46.73
CA ARG I 572 -55.72 -20.61 45.35
C ARG I 572 -54.54 -19.66 45.25
N ARG I 573 -54.45 -18.69 46.16
CA ARG I 573 -53.28 -17.83 46.21
C ARG I 573 -52.02 -18.63 46.53
N GLU I 574 -52.13 -19.60 47.43
CA GLU I 574 -50.97 -20.26 48.01
C GLU I 574 -50.61 -21.58 47.34
N HIS I 575 -51.27 -21.94 46.25
CA HIS I 575 -50.93 -23.21 45.63
C HIS I 575 -50.96 -23.10 44.12
N PRO I 576 -49.82 -23.28 43.45
CA PRO I 576 -49.78 -23.13 41.99
C PRO I 576 -50.81 -23.96 41.23
N VAL I 577 -50.78 -25.28 41.38
CA VAL I 577 -51.39 -26.16 40.38
C VAL I 577 -52.86 -25.87 40.17
N PHE I 578 -53.48 -25.04 41.01
CA PHE I 578 -54.85 -24.58 40.83
C PHE I 578 -54.96 -23.37 39.90
N ARG I 579 -53.83 -22.89 39.34
CA ARG I 579 -53.82 -21.76 38.41
C ARG I 579 -52.55 -21.76 37.56
N ARG I 580 -52.65 -22.21 36.32
CA ARG I 580 -51.48 -22.40 35.45
C ARG I 580 -51.41 -21.30 34.40
N ARG I 581 -50.23 -20.65 34.30
CA ARG I 581 -50.01 -19.49 33.44
C ARG I 581 -50.64 -19.67 32.07
N ARG I 582 -50.10 -20.61 31.30
CA ARG I 582 -50.82 -21.18 30.17
C ARG I 582 -51.59 -22.37 30.73
N PHE I 583 -52.91 -22.22 30.83
CA PHE I 583 -53.74 -23.27 31.41
C PHE I 583 -53.64 -24.50 30.53
N PHE I 584 -54.38 -25.54 30.86
CA PHE I 584 -54.26 -26.75 30.06
C PHE I 584 -54.86 -26.48 28.69
N HIS I 585 -54.03 -25.93 27.81
CA HIS I 585 -54.38 -25.65 26.41
C HIS I 585 -53.62 -26.57 25.48
N GLY I 586 -52.28 -26.57 25.55
CA GLY I 586 -51.51 -27.42 24.66
C GLY I 586 -51.62 -28.89 25.01
N ARG I 587 -51.63 -29.21 26.29
CA ARG I 587 -51.48 -30.58 26.77
C ARG I 587 -52.85 -31.19 27.08
N PRO I 588 -52.90 -32.51 27.26
CA PRO I 588 -54.20 -33.19 27.36
C PRO I 588 -54.84 -33.10 28.74
N VAL I 589 -56.18 -33.20 28.72
CA VAL I 589 -56.97 -33.23 29.95
C VAL I 589 -56.80 -34.56 30.67
N GLU I 590 -56.74 -35.65 29.91
CA GLU I 590 -56.42 -36.94 30.51
C GLU I 590 -55.03 -36.97 31.11
N GLY I 591 -54.14 -36.09 30.65
CA GLY I 591 -52.74 -36.21 30.96
C GLY I 591 -52.09 -37.23 30.05
N THR I 592 -50.81 -37.48 30.28
CA THR I 592 -50.09 -38.48 29.50
C THR I 592 -49.89 -39.79 30.27
N HIS I 593 -50.62 -39.96 31.38
CA HIS I 593 -50.86 -41.28 31.98
C HIS I 593 -49.57 -42.01 32.36
N ASP I 594 -48.60 -41.27 32.90
CA ASP I 594 -47.32 -41.88 33.24
C ASP I 594 -46.83 -41.27 34.55
N GLU I 595 -45.53 -41.48 34.84
CA GLU I 595 -44.96 -41.11 36.12
C GLU I 595 -44.97 -39.60 36.33
N LEU I 596 -44.72 -38.84 35.26
CA LEU I 596 -44.61 -37.37 35.33
C LEU I 596 -45.71 -36.77 34.45
N THR I 597 -46.92 -36.66 35.00
CA THR I 597 -48.00 -35.93 34.37
C THR I 597 -48.52 -34.92 35.37
N ASP I 598 -49.08 -33.82 34.85
CA ASP I 598 -49.69 -32.82 35.71
C ASP I 598 -51.05 -33.27 36.22
N ILE I 599 -51.71 -34.22 35.57
CA ILE I 599 -53.03 -34.66 36.00
C ILE I 599 -53.24 -36.12 35.64
N ALA I 600 -54.10 -36.76 36.43
CA ALA I 600 -54.66 -38.07 36.16
C ALA I 600 -55.95 -38.16 36.94
N TRP I 601 -56.99 -38.71 36.31
CA TRP I 601 -58.30 -38.82 36.92
C TRP I 601 -58.54 -40.25 37.38
N PHE I 602 -59.10 -40.39 38.59
CA PHE I 602 -59.38 -41.69 39.17
C PHE I 602 -60.85 -41.78 39.57
N THR I 603 -61.39 -42.99 39.48
CA THR I 603 -62.69 -43.37 39.99
C THR I 603 -62.60 -43.54 41.49
N PRO I 604 -63.67 -43.27 42.25
CA PRO I 604 -63.63 -43.56 43.69
C PRO I 604 -63.29 -45.01 43.97
N GLU I 605 -63.39 -45.88 42.96
CA GLU I 605 -62.92 -47.25 43.11
C GLU I 605 -61.42 -47.34 43.33
N GLY I 606 -60.66 -46.42 42.74
CA GLY I 606 -59.22 -46.32 43.01
C GLY I 606 -58.29 -46.44 41.82
N GLU I 607 -58.77 -46.79 40.63
CA GLU I 607 -57.92 -46.93 39.46
C GLU I 607 -58.15 -45.80 38.48
N GLU I 608 -57.28 -45.73 37.48
CA GLU I 608 -57.48 -44.80 36.38
C GLU I 608 -58.74 -45.17 35.61
N MET I 609 -59.33 -44.17 34.96
CA MET I 609 -60.47 -44.40 34.09
C MET I 609 -60.03 -44.44 32.64
N THR I 610 -60.77 -45.17 31.83
CA THR I 610 -60.37 -45.41 30.44
C THR I 610 -61.39 -44.79 29.49
N SER I 611 -61.19 -45.05 28.19
CA SER I 611 -61.99 -44.38 27.17
C SER I 611 -63.45 -44.79 27.23
N ARG I 612 -63.74 -46.05 27.53
CA ARG I 612 -65.13 -46.44 27.74
C ARG I 612 -65.58 -46.26 29.18
N ASP I 613 -64.71 -45.74 30.04
CA ASP I 613 -65.13 -45.00 31.23
C ASP I 613 -65.12 -43.50 30.97
N TRP I 614 -64.48 -43.06 29.87
CA TRP I 614 -64.52 -41.69 29.38
C TRP I 614 -65.77 -41.41 28.55
N GLN I 615 -66.82 -42.20 28.74
CA GLN I 615 -68.13 -41.97 28.14
C GLN I 615 -69.22 -41.96 29.21
N ALA I 616 -68.85 -41.63 30.45
CA ALA I 616 -69.76 -41.71 31.59
C ALA I 616 -70.64 -40.45 31.63
N ALA I 617 -71.87 -40.57 31.12
CA ALA I 617 -72.78 -39.43 31.10
C ALA I 617 -73.29 -39.10 32.50
N HIS I 618 -73.54 -40.13 33.31
CA HIS I 618 -73.76 -39.96 34.74
C HIS I 618 -72.43 -39.91 35.49
N ALA I 619 -71.63 -38.89 35.16
CA ALA I 619 -70.31 -38.70 35.75
C ALA I 619 -70.49 -38.14 37.16
N GLN I 620 -70.76 -39.04 38.09
CA GLN I 620 -71.14 -38.62 39.45
C GLN I 620 -69.90 -38.36 40.31
N ALA I 621 -69.07 -39.37 40.50
CA ALA I 621 -67.94 -39.28 41.43
C ALA I 621 -66.62 -39.47 40.71
N LEU I 622 -65.62 -38.69 41.14
CA LEU I 622 -64.33 -38.62 40.47
C LEU I 622 -63.23 -38.48 41.53
N THR I 623 -61.99 -38.48 41.07
CA THR I 623 -60.89 -38.09 41.93
C THR I 623 -59.81 -37.46 41.06
N VAL I 624 -59.70 -36.13 41.13
CA VAL I 624 -58.76 -35.37 40.31
C VAL I 624 -57.45 -35.28 41.07
N PHE I 625 -56.39 -35.84 40.49
CA PHE I 625 -55.06 -35.78 41.07
C PHE I 625 -54.26 -34.67 40.40
N LEU I 626 -53.82 -33.70 41.20
CA LEU I 626 -52.93 -32.65 40.71
C LEU I 626 -51.51 -32.94 41.19
N ASN I 627 -50.56 -32.83 40.27
CA ASN I 627 -49.15 -33.07 40.54
C ASN I 627 -48.41 -31.74 40.65
N GLY I 628 -47.35 -31.75 41.44
CA GLY I 628 -46.53 -30.56 41.59
C GLY I 628 -45.36 -30.53 40.62
N ASN I 629 -44.72 -31.68 40.41
CA ASN I 629 -43.47 -31.72 39.65
C ASN I 629 -43.66 -31.62 38.14
N ALA I 630 -44.90 -31.69 37.64
CA ALA I 630 -45.16 -31.58 36.22
C ALA I 630 -45.64 -30.19 35.81
N ILE I 631 -45.27 -29.17 36.59
CA ILE I 631 -45.59 -27.78 36.27
C ILE I 631 -44.47 -27.29 35.35
N SER I 632 -44.66 -27.47 34.05
CA SER I 632 -43.65 -27.03 33.08
C SER I 632 -43.96 -25.66 32.51
N GLU I 633 -44.24 -24.69 33.38
CA GLU I 633 -44.29 -23.30 32.95
C GLU I 633 -43.31 -22.46 33.75
N PRO I 634 -42.63 -21.51 33.11
CA PRO I 634 -41.67 -20.68 33.85
C PRO I 634 -42.37 -19.53 34.56
N GLY I 635 -41.83 -19.19 35.73
CA GLY I 635 -42.34 -18.05 36.47
C GLY I 635 -41.93 -16.73 35.85
N THR I 636 -42.07 -15.64 36.60
CA THR I 636 -41.73 -14.33 36.05
C THR I 636 -40.23 -14.18 35.81
N GLN I 637 -39.41 -14.68 36.73
CA GLN I 637 -37.96 -14.57 36.60
C GLN I 637 -37.32 -15.91 36.19
N GLY I 638 -37.97 -16.64 35.29
CA GLY I 638 -37.41 -17.89 34.81
C GLY I 638 -37.31 -18.98 35.85
N GLU I 639 -37.99 -18.82 36.98
CA GLU I 639 -37.95 -19.80 38.06
C GLU I 639 -38.81 -21.00 37.70
N ARG I 640 -38.35 -22.19 38.08
CA ARG I 640 -39.12 -23.39 37.86
C ARG I 640 -40.08 -23.56 39.03
N ILE I 641 -41.38 -23.57 38.74
CA ILE I 641 -42.39 -23.57 39.78
C ILE I 641 -42.65 -25.01 40.26
N ALA I 642 -43.18 -25.10 41.48
CA ALA I 642 -43.54 -26.39 42.08
C ALA I 642 -44.64 -26.18 43.12
N ASP I 643 -45.17 -27.30 43.60
CA ASP I 643 -46.17 -27.30 44.66
C ASP I 643 -46.33 -28.74 45.15
N ASP I 644 -47.04 -28.89 46.27
CA ASP I 644 -47.44 -30.20 46.74
C ASP I 644 -48.39 -30.86 45.76
N SER I 645 -48.37 -32.19 45.75
CA SER I 645 -49.43 -32.92 45.07
C SER I 645 -50.77 -32.61 45.74
N PHE I 646 -51.82 -32.59 44.93
CA PHE I 646 -53.16 -32.37 45.45
C PHE I 646 -54.06 -33.50 45.00
N LEU I 647 -55.07 -33.81 45.82
CA LEU I 647 -56.04 -34.86 45.55
C LEU I 647 -57.44 -34.31 45.75
N LEU I 648 -58.14 -34.07 44.65
CA LEU I 648 -59.52 -33.58 44.68
C LEU I 648 -60.47 -34.77 44.61
N MET I 649 -61.53 -34.74 45.41
CA MET I 649 -62.44 -35.87 45.54
C MET I 649 -63.86 -35.36 45.41
N PHE I 650 -64.52 -35.70 44.30
CA PHE I 650 -65.84 -35.17 43.98
C PHE I 650 -66.90 -36.23 44.21
N ASN I 651 -67.93 -35.88 44.98
CA ASN I 651 -69.07 -36.76 45.26
C ASN I 651 -70.36 -36.00 44.97
N ALA I 652 -70.82 -36.08 43.72
CA ALA I 652 -72.10 -35.54 43.29
C ALA I 652 -73.21 -36.57 43.37
N SER I 653 -73.10 -37.53 44.28
CA SER I 653 -74.02 -38.66 44.40
C SER I 653 -75.12 -38.35 45.41
N ALA I 654 -76.29 -38.92 45.16
CA ALA I 654 -77.43 -38.75 46.06
C ALA I 654 -77.21 -39.39 47.42
N LYS I 655 -76.19 -40.23 47.56
CA LYS I 655 -75.92 -40.92 48.82
C LYS I 655 -74.42 -40.98 49.03
N GLU I 656 -74.02 -41.55 50.18
CA GLU I 656 -72.61 -41.69 50.51
C GLU I 656 -71.87 -42.49 49.44
N LEU I 657 -70.55 -42.33 49.42
CA LEU I 657 -69.70 -43.15 48.55
C LEU I 657 -68.36 -43.37 49.26
N GLU I 658 -67.74 -44.50 48.94
CA GLU I 658 -66.45 -44.89 49.51
C GLU I 658 -65.35 -44.54 48.52
N PHE I 659 -64.37 -43.75 48.95
CA PHE I 659 -63.28 -43.28 48.10
C PHE I 659 -61.95 -43.84 48.60
N VAL I 660 -61.16 -44.39 47.69
CA VAL I 660 -59.78 -44.79 47.95
C VAL I 660 -58.88 -43.57 47.78
N VAL I 661 -57.62 -43.67 48.21
CA VAL I 661 -56.66 -42.58 48.06
C VAL I 661 -55.57 -43.02 47.08
N PRO I 662 -55.66 -42.63 45.78
CA PRO I 662 -54.80 -43.25 44.76
C PRO I 662 -53.31 -42.97 44.95
N ASP I 663 -52.70 -43.70 45.88
CA ASP I 663 -51.28 -43.57 46.18
C ASP I 663 -50.67 -44.88 46.66
N SER I 664 -49.59 -44.80 47.43
CA SER I 664 -48.84 -45.97 47.91
C SER I 664 -49.04 -46.21 49.41
N HIS I 665 -48.56 -47.39 49.84
CA HIS I 665 -48.76 -47.86 51.21
C HIS I 665 -48.23 -46.90 52.26
N GLY I 666 -47.22 -46.11 51.92
CA GLY I 666 -46.59 -45.26 52.91
C GLY I 666 -46.61 -43.78 52.60
N ARG I 667 -46.95 -43.43 51.35
CA ARG I 667 -46.98 -42.02 50.98
C ARG I 667 -48.08 -41.33 51.77
N TYR I 668 -47.68 -40.54 52.77
CA TYR I 668 -48.60 -39.96 53.73
C TYR I 668 -49.19 -38.67 53.18
N TRP I 669 -50.51 -38.62 53.09
CA TRP I 669 -51.24 -37.44 52.65
C TRP I 669 -51.80 -36.72 53.87
N ARG I 670 -52.41 -35.56 53.65
CA ARG I 670 -53.03 -34.84 54.75
C ARG I 670 -54.21 -34.06 54.22
N MET I 671 -55.31 -34.06 54.98
CA MET I 671 -56.54 -33.42 54.55
C MET I 671 -56.49 -31.92 54.78
N VAL I 672 -56.96 -31.17 53.79
CA VAL I 672 -56.95 -29.71 53.83
C VAL I 672 -58.36 -29.13 53.78
N VAL I 673 -59.25 -29.73 52.98
CA VAL I 673 -60.59 -29.18 52.71
C VAL I 673 -61.63 -30.27 52.85
N ASP I 674 -62.65 -30.01 53.69
CA ASP I 674 -63.82 -30.90 53.80
C ASP I 674 -65.11 -30.08 53.75
N THR I 675 -65.89 -30.30 52.69
CA THR I 675 -67.21 -29.67 52.58
C THR I 675 -68.15 -30.15 53.67
N SER I 676 -68.15 -31.45 53.95
CA SER I 676 -69.25 -32.08 54.68
C SER I 676 -69.33 -31.58 56.12
N ASP I 677 -68.20 -31.48 56.81
CA ASP I 677 -68.25 -31.05 58.20
C ASP I 677 -68.70 -29.58 58.28
N PRO I 678 -69.59 -29.24 59.22
CA PRO I 678 -70.20 -27.90 59.21
C PRO I 678 -69.23 -26.80 59.57
N GLU I 679 -68.15 -27.10 60.27
CA GLU I 679 -67.23 -26.07 60.72
C GLU I 679 -66.60 -25.31 59.57
N GLY I 680 -66.50 -25.93 58.40
CA GLY I 680 -65.89 -25.30 57.27
C GLY I 680 -64.41 -25.60 57.30
N MET I 681 -63.92 -26.41 56.39
CA MET I 681 -62.54 -26.81 56.60
C MET I 681 -61.63 -26.34 55.48
N PRO I 682 -61.73 -25.12 55.01
CA PRO I 682 -60.52 -24.38 54.61
C PRO I 682 -59.83 -23.74 55.80
N PRO I 683 -60.57 -23.24 56.85
CA PRO I 683 -59.86 -22.70 58.03
C PRO I 683 -59.04 -23.72 58.80
N GLN I 684 -59.66 -24.79 59.27
CA GLN I 684 -59.04 -25.62 60.28
C GLN I 684 -58.24 -26.76 59.65
N GLN I 685 -57.54 -27.51 60.52
CA GLN I 685 -56.74 -28.65 60.10
C GLN I 685 -57.62 -29.88 59.94
N GLY I 686 -57.09 -30.87 59.22
CA GLY I 686 -57.72 -32.16 59.12
C GLY I 686 -56.82 -33.24 59.68
N PRO I 687 -57.28 -34.49 59.65
CA PRO I 687 -56.42 -35.61 60.00
C PRO I 687 -55.71 -36.18 58.78
N GLU I 688 -54.60 -36.85 59.03
CA GLU I 688 -53.82 -37.39 57.92
C GLU I 688 -54.55 -38.58 57.28
N LEU I 689 -54.19 -38.87 56.04
CA LEU I 689 -54.74 -39.99 55.30
C LEU I 689 -53.61 -40.88 54.79
N ALA I 690 -53.86 -42.19 54.79
CA ALA I 690 -52.80 -43.16 54.49
C ALA I 690 -52.30 -43.03 53.07
N GLY I 691 -53.20 -42.83 52.12
CA GLY I 691 -52.82 -42.92 50.72
C GLY I 691 -53.12 -44.29 50.18
N GLY I 692 -54.38 -44.71 50.34
CA GLY I 692 -54.80 -46.05 50.01
C GLY I 692 -55.84 -46.61 50.95
N GLU I 693 -56.01 -45.99 52.12
CA GLU I 693 -57.08 -46.40 53.02
C GLU I 693 -58.39 -45.76 52.57
N ARG I 694 -59.49 -46.50 52.71
CA ARG I 694 -60.77 -46.06 52.17
C ARG I 694 -61.37 -44.97 53.05
N VAL I 695 -61.79 -43.88 52.42
CA VAL I 695 -62.55 -42.82 53.08
C VAL I 695 -63.96 -42.79 52.52
N THR I 696 -64.92 -42.48 53.38
CA THR I 696 -66.31 -42.29 52.99
C THR I 696 -66.65 -40.81 53.12
N LEU I 697 -67.51 -40.33 52.23
CA LEU I 697 -67.83 -38.92 52.13
C LEU I 697 -69.33 -38.73 52.21
N ALA I 698 -69.76 -37.75 53.00
CA ALA I 698 -71.17 -37.40 53.08
C ALA I 698 -71.68 -37.00 51.70
N PRO I 699 -72.96 -37.22 51.41
CA PRO I 699 -73.45 -37.04 50.04
C PRO I 699 -73.52 -35.58 49.64
N LEU I 700 -73.07 -35.30 48.40
CA LEU I 700 -72.93 -33.94 47.87
C LEU I 700 -71.93 -33.13 48.69
N SER I 701 -70.70 -33.63 48.71
CA SER I 701 -69.60 -33.05 49.48
C SER I 701 -68.29 -33.22 48.71
N LEU I 702 -67.32 -32.37 49.03
CA LEU I 702 -66.01 -32.38 48.39
C LEU I 702 -64.92 -32.48 49.44
N THR I 703 -63.83 -33.16 49.07
CA THR I 703 -62.65 -33.27 49.93
C THR I 703 -61.39 -33.15 49.08
N VAL I 704 -60.46 -32.30 49.52
CA VAL I 704 -59.18 -32.11 48.85
C VAL I 704 -58.08 -32.54 49.79
N LEU I 705 -57.04 -33.16 49.25
CA LEU I 705 -55.93 -33.67 50.04
C LEU I 705 -54.65 -32.92 49.69
N ARG I 706 -53.64 -33.08 50.56
CA ARG I 706 -52.42 -32.29 50.44
C ARG I 706 -51.24 -33.12 50.93
N ARG I 707 -50.37 -33.51 50.01
CA ARG I 707 -49.17 -34.27 50.28
C ARG I 707 -47.95 -33.54 49.73
N PRO I 708 -46.91 -33.32 50.54
CA PRO I 708 -45.65 -32.89 49.96
C PRO I 708 -45.08 -33.95 49.02
N MET J 4 -26.79 0.17 36.03
CA MET J 4 -26.86 -1.20 35.53
C MET J 4 -26.97 -2.20 36.67
N GLN J 5 -27.12 -3.47 36.31
CA GLN J 5 -27.49 -4.51 37.27
C GLN J 5 -26.31 -5.40 37.61
N VAL J 6 -26.32 -5.89 38.86
CA VAL J 6 -25.23 -6.71 39.39
C VAL J 6 -25.83 -7.86 40.21
N TRP J 7 -25.38 -9.08 39.92
CA TRP J 7 -25.68 -10.31 40.63
C TRP J 7 -24.41 -10.85 41.29
N PRO J 8 -24.51 -11.71 42.32
CA PRO J 8 -23.32 -12.05 43.09
C PRO J 8 -22.37 -13.10 42.51
N GLY J 9 -22.86 -14.04 41.71
CA GLY J 9 -21.96 -15.01 41.08
C GLY J 9 -21.13 -15.88 42.04
N GLN J 10 -20.26 -16.69 41.44
CA GLN J 10 -19.38 -17.58 42.19
C GLN J 10 -17.97 -17.01 42.23
N ALA J 11 -17.09 -17.72 42.94
CA ALA J 11 -15.69 -17.31 43.10
C ALA J 11 -14.73 -18.01 42.13
N TYR J 12 -15.21 -19.01 41.41
CA TYR J 12 -14.45 -19.75 40.41
C TYR J 12 -15.10 -19.58 39.05
N PRO J 13 -14.30 -19.48 37.97
CA PRO J 13 -12.84 -19.43 38.07
C PRO J 13 -12.36 -17.98 38.11
N LEU J 14 -11.16 -17.73 38.63
CA LEU J 14 -10.62 -16.38 38.58
C LEU J 14 -10.68 -15.87 37.16
N GLY J 15 -11.17 -14.64 37.00
CA GLY J 15 -11.17 -14.00 35.72
C GLY J 15 -12.55 -13.92 35.09
N ALA J 16 -12.56 -13.63 33.79
CA ALA J 16 -13.78 -13.31 33.05
C ALA J 16 -14.24 -14.52 32.25
N THR J 17 -15.38 -15.09 32.65
CA THR J 17 -15.96 -16.25 31.98
C THR J 17 -17.37 -15.90 31.52
N TYR J 18 -17.62 -16.05 30.23
CA TYR J 18 -18.89 -15.67 29.63
C TYR J 18 -19.87 -16.81 29.83
N ASP J 19 -20.92 -16.57 30.61
CA ASP J 19 -21.84 -17.62 31.06
C ASP J 19 -23.05 -17.78 30.15
N GLY J 20 -22.86 -17.86 28.84
CA GLY J 20 -24.02 -17.95 27.97
C GLY J 20 -24.82 -16.66 27.89
N ALA J 21 -25.24 -16.13 29.05
CA ALA J 21 -26.06 -14.93 29.13
C ALA J 21 -25.42 -13.77 29.88
N GLY J 22 -24.40 -14.01 30.72
CA GLY J 22 -23.73 -12.94 31.43
C GLY J 22 -22.23 -13.12 31.44
N THR J 23 -21.54 -12.60 32.45
CA THR J 23 -20.11 -12.86 32.58
C THR J 23 -19.75 -12.79 34.06
N ASN J 24 -19.02 -13.81 34.53
CA ASN J 24 -18.54 -13.84 35.89
C ASN J 24 -17.10 -13.33 35.93
N PHE J 25 -16.76 -12.61 37.00
CA PHE J 25 -15.41 -12.09 37.21
C PHE J 25 -14.96 -12.47 38.62
N ALA J 26 -13.68 -12.77 38.78
CA ALA J 26 -13.13 -13.02 40.11
C ALA J 26 -11.66 -12.64 40.12
N VAL J 27 -11.26 -11.81 41.07
CA VAL J 27 -9.88 -11.35 41.23
C VAL J 27 -9.47 -11.49 42.68
N PHE J 28 -8.25 -12.00 42.90
CA PHE J 28 -7.73 -12.22 44.24
C PHE J 28 -6.81 -11.07 44.64
N SER J 29 -7.00 -10.56 45.87
CA SER J 29 -5.97 -9.72 46.50
C SER J 29 -6.23 -9.71 48.01
N GLU J 30 -5.44 -10.49 48.75
CA GLU J 30 -5.67 -10.56 50.18
C GLU J 30 -5.27 -9.29 50.92
N ALA J 31 -4.50 -8.41 50.30
CA ALA J 31 -4.08 -7.15 50.91
C ALA J 31 -4.70 -5.94 50.21
N ALA J 32 -5.95 -6.08 49.77
CA ALA J 32 -6.69 -5.01 49.11
C ALA J 32 -7.82 -4.54 50.01
N HIS J 33 -8.15 -3.26 49.92
CA HIS J 33 -9.22 -2.70 50.73
C HIS J 33 -10.58 -2.80 50.04
N ARG J 34 -10.68 -2.26 48.81
CA ARG J 34 -11.88 -2.41 47.99
C ARG J 34 -11.44 -2.63 46.55
N ILE J 35 -12.34 -3.23 45.76
CA ILE J 35 -12.06 -3.59 44.37
C ILE J 35 -13.25 -3.16 43.51
N GLU J 36 -13.00 -2.29 42.54
CA GLU J 36 -14.01 -1.84 41.61
C GLU J 36 -13.77 -2.48 40.25
N LEU J 37 -14.77 -3.20 39.74
CA LEU J 37 -14.73 -3.78 38.40
C LEU J 37 -15.03 -2.69 37.39
N CYS J 38 -14.00 -2.20 36.71
CA CYS J 38 -14.15 -1.14 35.74
C CYS J 38 -14.54 -1.72 34.38
N LEU J 39 -15.71 -1.32 33.89
CA LEU J 39 -16.17 -1.72 32.56
C LEU J 39 -15.91 -0.58 31.60
N LEU J 40 -15.19 -0.88 30.52
CA LEU J 40 -14.79 0.13 29.55
C LEU J 40 -15.65 0.03 28.31
N HIS J 41 -16.18 1.16 27.88
CA HIS J 41 -16.95 1.25 26.65
C HIS J 41 -15.99 1.64 25.52
N ASP J 42 -16.51 2.02 24.36
CA ASP J 42 -15.64 2.44 23.26
C ASP J 42 -15.38 3.95 23.26
N ASP J 43 -16.08 4.72 24.09
CA ASP J 43 -15.81 6.14 24.25
C ASP J 43 -14.94 6.43 25.47
N GLY J 44 -14.07 5.49 25.84
CA GLY J 44 -13.21 5.63 27.01
C GLY J 44 -13.93 5.99 28.28
N SER J 45 -14.98 5.24 28.61
CA SER J 45 -15.83 5.54 29.75
C SER J 45 -15.92 4.32 30.66
N GLU J 46 -15.74 4.55 31.95
CA GLU J 46 -15.75 3.48 32.95
C GLU J 46 -17.18 3.21 33.45
N THR J 47 -17.33 2.03 34.04
CA THR J 47 -18.55 1.65 34.75
C THR J 47 -18.12 1.01 36.06
N ALA J 48 -17.93 1.82 37.09
CA ALA J 48 -17.46 1.30 38.37
C ALA J 48 -18.54 0.45 39.01
N VAL J 49 -18.22 -0.80 39.30
CA VAL J 49 -19.13 -1.73 39.96
C VAL J 49 -18.33 -2.43 41.06
N GLU J 50 -18.72 -2.20 42.32
CA GLU J 50 -17.89 -2.63 43.43
C GLU J 50 -18.16 -4.09 43.75
N LEU J 51 -17.21 -4.96 43.40
CA LEU J 51 -17.30 -6.36 43.81
C LEU J 51 -17.41 -6.45 45.33
N ARG J 52 -18.47 -7.10 45.80
CA ARG J 52 -18.81 -7.09 47.21
C ARG J 52 -18.77 -8.45 47.88
N GLU J 53 -18.95 -9.52 47.13
CA GLU J 53 -18.84 -10.84 47.70
C GLU J 53 -17.37 -11.26 47.77
N THR J 54 -16.98 -11.88 48.88
CA THR J 54 -15.58 -12.16 49.20
C THR J 54 -15.43 -13.55 49.79
N ASP J 55 -14.57 -14.37 49.19
CA ASP J 55 -14.35 -15.74 49.65
C ASP J 55 -12.88 -16.09 49.50
N ALA J 56 -12.20 -16.38 50.61
CA ALA J 56 -10.76 -16.58 50.62
C ALA J 56 -10.06 -15.46 49.84
N PHE J 57 -10.48 -14.24 50.15
CA PHE J 57 -9.97 -12.98 49.62
C PHE J 57 -10.26 -12.79 48.14
N VAL J 58 -11.01 -13.69 47.52
CA VAL J 58 -11.33 -13.61 46.10
C VAL J 58 -12.71 -12.98 45.96
N ARG J 59 -12.75 -11.70 45.59
CA ARG J 59 -14.03 -11.04 45.34
C ARG J 59 -14.46 -11.23 43.89
N HIS J 60 -15.77 -11.09 43.68
CA HIS J 60 -16.36 -11.59 42.45
C HIS J 60 -17.79 -11.12 42.34
N ALA J 61 -18.24 -10.95 41.09
CA ALA J 61 -19.62 -10.62 40.82
C ALA J 61 -20.01 -11.20 39.47
N TYR J 62 -21.31 -11.39 39.30
CA TYR J 62 -21.90 -11.72 38.01
C TYR J 62 -22.50 -10.46 37.42
N LEU J 63 -22.26 -10.21 36.15
CA LEU J 63 -22.87 -9.07 35.46
C LEU J 63 -23.75 -9.58 34.34
N PRO J 64 -25.06 -9.68 34.57
CA PRO J 64 -25.98 -10.16 33.53
C PRO J 64 -25.91 -9.25 32.29
N GLY J 65 -25.61 -9.87 31.15
CA GLY J 65 -25.60 -9.15 29.89
C GLY J 65 -24.25 -8.60 29.46
N VAL J 66 -23.16 -9.04 30.07
CA VAL J 66 -21.82 -8.64 29.66
C VAL J 66 -21.25 -9.71 28.75
N MET J 67 -21.21 -9.42 27.46
CA MET J 67 -20.87 -10.32 26.37
C MET J 67 -19.42 -10.13 25.94
N PRO J 68 -18.86 -11.09 25.19
CA PRO J 68 -17.47 -10.97 24.74
C PRO J 68 -17.23 -9.76 23.84
N GLY J 69 -15.95 -9.44 23.66
CA GLY J 69 -15.55 -8.20 23.05
C GLY J 69 -15.55 -7.02 23.99
N GLN J 70 -16.09 -7.17 25.19
CA GLN J 70 -16.13 -6.10 26.18
C GLN J 70 -14.77 -5.91 26.84
N ARG J 71 -14.27 -4.68 26.84
CA ARG J 71 -13.09 -4.36 27.64
C ARG J 71 -13.48 -4.17 29.09
N TYR J 72 -12.60 -4.60 30.01
CA TYR J 72 -12.83 -4.38 31.43
C TYR J 72 -11.48 -4.26 32.13
N GLY J 73 -11.53 -3.87 33.39
CA GLY J 73 -10.35 -3.75 34.22
C GLY J 73 -10.75 -3.61 35.67
N PHE J 74 -9.75 -3.72 36.54
CA PHE J 74 -9.98 -3.64 37.99
C PHE J 74 -9.21 -2.47 38.58
N ARG J 75 -9.89 -1.72 39.45
CA ARG J 75 -9.26 -0.69 40.27
C ARG J 75 -9.27 -1.15 41.71
N VAL J 76 -8.10 -1.07 42.36
CA VAL J 76 -7.89 -1.71 43.65
C VAL J 76 -7.55 -0.64 44.68
N HIS J 77 -8.47 -0.41 45.62
CA HIS J 77 -8.22 0.47 46.74
C HIS J 77 -7.50 -0.32 47.82
N GLY J 78 -6.44 0.26 48.37
CA GLY J 78 -5.60 -0.43 49.31
C GLY J 78 -4.38 0.40 49.67
N PRO J 79 -3.78 0.12 50.82
CA PRO J 79 -2.79 1.06 51.37
C PRO J 79 -1.55 1.16 50.49
N TYR J 80 -1.01 2.36 50.40
CA TYR J 80 0.30 2.59 49.80
C TYR J 80 1.32 2.77 50.92
N ALA J 81 2.30 1.87 50.96
CA ALA J 81 3.44 1.95 51.87
C ALA J 81 4.56 1.05 51.34
N PRO J 82 5.45 1.55 50.48
CA PRO J 82 6.50 0.68 49.93
C PRO J 82 7.46 0.15 50.99
N GLU J 83 7.39 0.64 52.22
CA GLU J 83 8.13 0.02 53.31
C GLU J 83 7.55 -1.36 53.64
N ARG J 84 6.22 -1.45 53.72
CA ARG J 84 5.52 -2.69 53.97
C ARG J 84 5.17 -3.45 52.68
N GLY J 85 5.79 -3.08 51.56
CA GLY J 85 5.55 -3.77 50.31
C GLY J 85 4.16 -3.61 49.74
N LEU J 86 3.52 -2.47 50.00
CA LEU J 86 2.15 -2.18 49.56
C LEU J 86 2.19 -1.11 48.47
N ARG J 87 2.17 -1.53 47.22
CA ARG J 87 2.15 -0.60 46.09
C ARG J 87 0.76 -0.47 45.47
N CYS J 88 -0.27 -0.62 46.30
CA CYS J 88 -1.67 -0.54 45.87
C CYS J 88 -2.01 0.86 45.39
N ASN J 89 -2.22 1.03 44.08
CA ASN J 89 -2.67 2.30 43.54
C ASN J 89 -4.04 2.12 42.92
N ALA J 90 -4.95 3.05 43.23
CA ALA J 90 -6.31 3.00 42.69
C ALA J 90 -6.44 3.74 41.37
N ALA J 91 -5.61 4.74 41.13
CA ALA J 91 -5.65 5.43 39.85
C ALA J 91 -5.27 4.53 38.69
N LYS J 92 -4.61 3.41 38.96
CA LYS J 92 -4.11 2.53 37.91
C LYS J 92 -5.17 1.53 37.52
N LEU J 93 -5.37 1.36 36.21
CA LEU J 93 -6.36 0.44 35.66
C LEU J 93 -5.69 -0.91 35.46
N LEU J 94 -5.71 -1.72 36.51
CA LEU J 94 -5.01 -2.99 36.49
C LEU J 94 -5.65 -3.94 35.47
N LEU J 95 -4.99 -5.07 35.24
CA LEU J 95 -5.47 -6.09 34.34
C LEU J 95 -5.78 -7.38 35.10
N ASP J 96 -6.73 -8.15 34.58
CA ASP J 96 -7.13 -9.42 35.17
C ASP J 96 -6.10 -10.49 34.83
N PRO J 97 -5.27 -10.91 35.79
CA PRO J 97 -4.20 -11.88 35.47
C PRO J 97 -4.71 -13.18 34.88
N TYR J 98 -6.01 -13.45 34.98
CA TYR J 98 -6.65 -14.53 34.22
C TYR J 98 -7.40 -13.99 33.01
N ALA J 99 -6.86 -12.97 32.34
CA ALA J 99 -7.49 -12.42 31.15
C ALA J 99 -7.20 -13.31 29.96
N ARG J 100 -8.26 -13.70 29.25
CA ARG J 100 -8.17 -14.67 28.18
C ARG J 100 -7.95 -14.02 26.82
N ALA J 101 -7.89 -12.68 26.77
CA ALA J 101 -7.51 -11.91 25.59
C ALA J 101 -7.29 -10.46 26.01
N VAL J 102 -6.26 -9.83 25.47
CA VAL J 102 -5.91 -8.45 25.84
C VAL J 102 -5.72 -7.61 24.58
N SER J 103 -6.23 -6.39 24.62
CA SER J 103 -6.16 -5.44 23.51
C SER J 103 -5.18 -4.33 23.82
N GLY J 104 -4.71 -3.69 22.74
CA GLY J 104 -3.90 -2.50 22.88
C GLY J 104 -2.50 -2.75 23.39
N ARG J 105 -1.56 -1.90 22.99
CA ARG J 105 -0.20 -1.98 23.48
C ARG J 105 0.02 -0.91 24.54
N VAL J 106 1.05 -1.11 25.36
CA VAL J 106 1.42 -0.10 26.34
C VAL J 106 1.94 1.13 25.61
N ARG J 107 1.40 2.28 25.95
CA ARG J 107 1.77 3.56 25.38
C ARG J 107 2.48 4.35 26.48
N TRP J 108 3.81 4.25 26.49
CA TRP J 108 4.59 4.68 27.63
C TRP J 108 4.45 6.17 27.92
N GLY J 109 4.05 6.48 29.15
CA GLY J 109 3.99 7.85 29.59
C GLY J 109 4.38 7.98 31.04
N GLU J 110 4.17 9.17 31.60
CA GLU J 110 4.25 9.35 33.05
C GLU J 110 3.21 8.51 33.77
N ALA J 111 2.12 8.15 33.09
CA ALA J 111 0.91 7.66 33.74
C ALA J 111 0.94 6.17 34.07
N VAL J 112 1.57 5.34 33.22
CA VAL J 112 1.46 3.89 33.40
C VAL J 112 2.30 3.35 34.55
N TYR J 113 3.05 4.21 35.24
CA TYR J 113 4.12 3.75 36.11
C TYR J 113 3.66 3.48 37.55
N GLY J 114 3.09 4.48 38.22
CA GLY J 114 2.56 4.26 39.56
C GLY J 114 3.29 4.96 40.67
N TYR J 115 4.42 5.58 40.38
CA TYR J 115 5.10 6.53 41.24
C TYR J 115 5.39 7.77 40.41
N PRO J 116 5.58 8.92 41.03
CA PRO J 116 6.03 10.09 40.27
C PRO J 116 7.48 9.90 39.86
N PHE J 117 7.78 10.26 38.60
CA PHE J 117 9.04 9.85 37.98
C PHE J 117 10.28 10.22 38.79
N GLY J 118 10.19 11.22 39.66
CA GLY J 118 11.37 11.58 40.44
C GLY J 118 11.52 10.89 41.78
N ARG J 119 10.42 10.38 42.34
CA ARG J 119 10.35 9.98 43.74
C ARG J 119 9.66 8.64 43.91
N PRO J 120 10.41 7.54 44.04
CA PRO J 120 9.81 6.21 43.98
C PRO J 120 9.01 5.84 45.22
N ASP J 121 9.28 6.45 46.37
CA ASP J 121 8.51 6.17 47.57
C ASP J 121 7.15 6.84 47.54
N ALA J 122 6.97 7.85 46.72
CA ALA J 122 5.73 8.62 46.66
C ALA J 122 4.67 7.80 45.90
N ARG J 123 3.56 8.45 45.58
CA ARG J 123 2.43 7.74 45.00
C ARG J 123 1.89 8.53 43.82
N ASN J 124 1.71 7.84 42.69
CA ASN J 124 1.25 8.45 41.46
C ASN J 124 -0.27 8.42 41.39
N ASP J 125 -0.84 9.47 40.81
CA ASP J 125 -2.29 9.61 40.74
C ASP J 125 -2.80 9.82 39.32
N LEU J 126 -1.98 9.52 38.32
CA LEU J 126 -2.40 9.61 36.92
C LEU J 126 -3.23 8.40 36.52
N ASP J 127 -4.21 8.63 35.64
CA ASP J 127 -5.10 7.56 35.22
C ASP J 127 -4.39 6.64 34.24
N SER J 128 -4.29 5.36 34.61
CA SER J 128 -3.63 4.38 33.78
C SER J 128 -4.48 3.94 32.59
N ALA J 129 -5.72 4.44 32.45
CA ALA J 129 -6.63 3.87 31.46
C ALA J 129 -6.19 4.16 30.03
N PRO J 130 -6.06 5.41 29.59
CA PRO J 130 -5.88 5.67 28.15
C PRO J 130 -4.59 5.13 27.57
N ASP J 131 -3.63 4.73 28.41
CA ASP J 131 -2.32 4.31 27.94
C ASP J 131 -2.07 2.82 28.08
N THR J 132 -2.82 2.13 28.95
CA THR J 132 -2.57 0.74 29.30
C THR J 132 -3.26 -0.20 28.31
N MET J 133 -2.78 -1.44 28.30
CA MET J 133 -3.52 -2.56 27.76
C MET J 133 -4.88 -2.65 28.46
N THR J 134 -5.79 -3.38 27.84
CA THR J 134 -7.11 -3.58 28.44
C THR J 134 -7.52 -5.03 28.30
N SER J 135 -7.86 -5.66 29.43
CA SER J 135 -8.33 -7.04 29.43
C SER J 135 -9.73 -7.14 28.84
N VAL J 136 -9.95 -8.16 28.00
CA VAL J 136 -11.17 -8.30 27.24
C VAL J 136 -11.79 -9.68 27.48
N VAL J 137 -13.13 -9.72 27.51
CA VAL J 137 -13.89 -10.93 27.79
C VAL J 137 -13.91 -11.81 26.55
N VAL J 138 -13.76 -13.12 26.76
CA VAL J 138 -13.61 -14.07 25.67
C VAL J 138 -14.80 -15.02 25.62
N ASN J 139 -15.18 -15.37 24.38
CA ASN J 139 -16.11 -16.44 24.11
C ASN J 139 -15.34 -17.75 24.04
N PRO J 140 -15.52 -18.68 24.98
CA PRO J 140 -14.70 -19.90 25.00
C PRO J 140 -15.14 -20.95 24.00
N TYR J 141 -16.10 -20.62 23.14
CA TYR J 141 -16.60 -21.56 22.14
C TYR J 141 -15.64 -21.71 20.97
N PHE J 142 -15.53 -22.95 20.48
CA PHE J 142 -14.77 -23.28 19.29
C PHE J 142 -15.16 -24.68 18.86
N ASP J 143 -15.16 -24.92 17.55
CA ASP J 143 -15.63 -26.19 16.99
C ASP J 143 -14.42 -27.01 16.50
N TRP J 144 -13.89 -27.84 17.40
CA TRP J 144 -12.78 -28.75 17.12
C TRP J 144 -13.37 -30.04 16.55
N GLY J 145 -13.53 -30.09 15.23
CA GLY J 145 -14.23 -31.25 14.71
C GLY J 145 -13.47 -32.56 14.85
N ASP J 146 -12.45 -32.79 14.02
CA ASP J 146 -11.59 -33.96 14.17
C ASP J 146 -10.26 -33.58 14.81
N ASP J 147 -10.32 -32.96 15.99
CA ASP J 147 -9.10 -32.51 16.65
C ASP J 147 -8.54 -33.68 17.44
N ARG J 148 -7.77 -34.51 16.77
CA ARG J 148 -7.12 -35.67 17.37
C ARG J 148 -5.65 -35.33 17.56
N ARG J 149 -5.23 -35.22 18.81
CA ARG J 149 -3.85 -34.91 19.13
C ARG J 149 -2.93 -35.97 18.55
N PRO J 150 -2.01 -35.62 17.67
CA PRO J 150 -0.98 -36.57 17.26
C PRO J 150 0.06 -36.72 18.36
N ARG J 151 -0.27 -37.53 19.37
CA ARG J 151 0.62 -37.62 20.54
C ARG J 151 1.89 -38.34 20.15
N THR J 152 2.74 -37.63 19.40
CA THR J 152 3.99 -38.18 18.89
C THR J 152 4.91 -38.56 20.05
N GLU J 153 5.23 -39.84 20.14
CA GLU J 153 6.19 -40.27 21.15
C GLU J 153 7.54 -39.57 20.95
N TYR J 154 8.34 -39.56 22.02
CA TYR J 154 9.57 -38.76 22.02
C TYR J 154 10.56 -39.26 20.98
N HIS J 155 10.77 -40.58 20.91
CA HIS J 155 11.72 -41.13 19.94
C HIS J 155 11.26 -40.94 18.51
N HIS J 156 10.12 -40.25 18.33
CA HIS J 156 9.56 -39.96 17.02
C HIS J 156 9.30 -38.48 16.82
N THR J 157 9.72 -37.63 17.76
CA THR J 157 9.47 -36.21 17.70
C THR J 157 10.62 -35.49 16.99
N VAL J 158 10.29 -34.52 16.15
CA VAL J 158 11.23 -33.58 15.57
C VAL J 158 10.70 -32.18 15.83
N ILE J 159 11.42 -31.41 16.65
CA ILE J 159 11.01 -30.06 16.99
C ILE J 159 11.58 -29.09 15.96
N TYR J 160 10.72 -28.23 15.45
CA TYR J 160 11.10 -27.05 14.67
C TYR J 160 10.77 -25.83 15.52
N GLU J 161 11.79 -25.23 16.13
CA GLU J 161 11.57 -24.06 16.96
C GLU J 161 11.52 -22.84 16.07
N ALA J 162 10.46 -22.06 16.20
CA ALA J 162 10.20 -20.96 15.29
C ALA J 162 9.50 -19.84 16.03
N HIS J 163 9.39 -18.70 15.35
CA HIS J 163 8.67 -17.53 15.84
C HIS J 163 7.48 -17.24 14.91
N VAL J 164 6.42 -16.71 15.50
CA VAL J 164 5.15 -16.51 14.79
C VAL J 164 5.30 -15.45 13.69
N LYS J 165 5.59 -14.21 14.09
CA LYS J 165 5.76 -13.14 13.10
C LYS J 165 7.03 -13.31 12.28
N GLY J 166 8.01 -14.06 12.80
CA GLY J 166 9.27 -14.23 12.10
C GLY J 166 9.25 -15.26 10.99
N LEU J 167 8.27 -16.16 10.98
CA LEU J 167 8.15 -17.18 9.93
C LEU J 167 7.42 -16.65 8.70
N THR J 168 6.15 -16.32 8.87
CA THR J 168 5.24 -16.11 7.74
C THR J 168 5.14 -14.65 7.31
N MET J 169 5.93 -13.75 7.91
CA MET J 169 5.88 -12.36 7.49
C MET J 169 6.45 -12.17 6.10
N LEU J 170 7.46 -12.97 5.73
CA LEU J 170 8.09 -12.82 4.42
C LEU J 170 7.76 -13.98 3.48
N HIS J 171 6.65 -14.67 3.70
CA HIS J 171 6.22 -15.68 2.74
C HIS J 171 5.53 -15.00 1.57
N PRO J 172 6.06 -15.11 0.34
CA PRO J 172 5.36 -14.56 -0.81
C PRO J 172 4.32 -15.53 -1.36
N ASP J 173 3.58 -16.16 -0.46
CA ASP J 173 2.49 -17.04 -0.81
C ASP J 173 1.17 -16.63 -0.19
N LEU J 174 1.20 -16.02 1.05
CA LEU J 174 0.11 -15.55 1.88
C LEU J 174 -0.29 -14.14 1.46
N PRO J 175 -1.56 -13.78 1.58
CA PRO J 175 -1.94 -12.38 1.35
C PRO J 175 -1.24 -11.46 2.34
N GLU J 176 -1.25 -10.16 2.01
CA GLU J 176 -0.66 -9.17 2.90
C GLU J 176 -1.32 -9.20 4.27
N GLU J 177 -2.59 -9.62 4.33
CA GLU J 177 -3.27 -9.72 5.62
C GLU J 177 -2.57 -10.70 6.55
N LEU J 178 -2.25 -11.88 6.03
CA LEU J 178 -1.89 -13.04 6.86
C LEU J 178 -0.39 -13.20 7.07
N ARG J 179 0.44 -12.23 6.72
CA ARG J 179 1.87 -12.37 6.85
C ARG J 179 2.28 -12.03 8.29
N GLY J 180 2.85 -13.02 8.98
CA GLY J 180 3.32 -12.83 10.34
C GLY J 180 2.28 -13.04 11.41
N THR J 181 1.31 -13.91 11.18
CA THR J 181 0.16 -14.05 12.07
C THR J 181 -0.05 -15.49 12.51
N TYR J 182 -0.88 -15.67 13.54
CA TYR J 182 -1.36 -17.00 13.88
C TYR J 182 -2.10 -17.61 12.70
N ALA J 183 -3.00 -16.84 12.09
CA ALA J 183 -3.71 -17.32 10.91
C ALA J 183 -2.73 -17.71 9.80
N GLY J 184 -1.82 -16.80 9.46
CA GLY J 184 -0.84 -17.09 8.43
C GLY J 184 -0.03 -18.33 8.70
N LEU J 185 0.12 -18.70 9.98
CA LEU J 185 0.75 -19.96 10.34
C LEU J 185 -0.02 -21.15 9.77
N ALA J 186 -1.32 -20.97 9.50
CA ALA J 186 -2.21 -22.07 9.13
C ALA J 186 -2.53 -22.11 7.63
N HIS J 187 -1.58 -21.68 6.79
CA HIS J 187 -1.76 -21.71 5.35
C HIS J 187 -1.41 -23.09 4.79
N PRO J 188 -2.09 -23.52 3.72
CA PRO J 188 -1.70 -24.77 3.04
C PRO J 188 -0.24 -24.77 2.64
N SER J 189 0.34 -23.60 2.37
CA SER J 189 1.73 -23.52 1.95
C SER J 189 2.68 -23.85 3.10
N VAL J 190 2.47 -23.22 4.26
CA VAL J 190 3.44 -23.33 5.35
C VAL J 190 3.39 -24.73 5.97
N ILE J 191 2.20 -25.25 6.22
CA ILE J 191 2.06 -26.60 6.74
C ILE J 191 2.71 -27.60 5.79
N GLY J 192 2.79 -27.25 4.50
CA GLY J 192 3.59 -28.04 3.59
C GLY J 192 5.07 -28.00 3.94
N HIS J 193 5.61 -26.79 4.12
CA HIS J 193 7.02 -26.62 4.45
C HIS J 193 7.39 -27.28 5.78
N LEU J 194 6.39 -27.70 6.56
CA LEU J 194 6.64 -28.49 7.76
C LEU J 194 6.41 -29.98 7.51
N ARG J 195 5.30 -30.33 6.85
CA ARG J 195 5.07 -31.70 6.42
C ARG J 195 6.20 -32.19 5.53
N GLU J 196 6.46 -31.45 4.44
CA GLU J 196 7.54 -31.79 3.52
C GLU J 196 8.88 -31.85 4.23
N LEU J 197 8.98 -31.29 5.42
CA LEU J 197 10.21 -31.36 6.21
C LEU J 197 10.23 -32.49 7.22
N GLY J 198 9.07 -33.05 7.54
CA GLY J 198 8.99 -34.15 8.49
C GLY J 198 8.93 -33.74 9.94
N VAL J 199 8.61 -32.48 10.24
CA VAL J 199 8.48 -32.09 11.64
C VAL J 199 7.28 -32.78 12.26
N THR J 200 7.32 -32.91 13.59
CA THR J 200 6.20 -33.45 14.34
C THR J 200 5.83 -32.61 15.55
N ALA J 201 6.60 -31.57 15.86
CA ALA J 201 6.28 -30.65 16.96
C ALA J 201 6.80 -29.28 16.60
N LEU J 202 5.89 -28.30 16.54
CA LEU J 202 6.24 -26.93 16.22
C LEU J 202 6.46 -26.17 17.53
N GLU J 203 7.69 -25.73 17.80
CA GLU J 203 7.98 -24.99 19.03
C GLU J 203 7.88 -23.50 18.75
N LEU J 204 6.83 -22.86 19.28
CA LEU J 204 6.61 -21.44 19.11
C LEU J 204 7.23 -20.67 20.27
N MET J 205 8.14 -19.75 19.95
CA MET J 205 8.65 -18.77 20.90
C MET J 205 7.50 -17.98 21.51
N PRO J 206 7.70 -17.31 22.65
CA PRO J 206 6.57 -16.91 23.50
C PRO J 206 5.40 -16.27 22.74
N VAL J 207 4.21 -16.83 22.98
CA VAL J 207 2.97 -16.25 22.48
C VAL J 207 2.14 -15.65 23.61
N HIS J 208 2.44 -15.96 24.87
CA HIS J 208 1.91 -15.24 26.02
C HIS J 208 2.09 -13.74 25.83
N GLN J 209 1.02 -12.97 26.04
CA GLN J 209 1.07 -11.57 25.67
C GLN J 209 2.04 -10.79 26.55
N PHE J 210 2.89 -9.99 25.90
CA PHE J 210 4.04 -9.35 26.50
C PHE J 210 4.04 -7.86 26.18
N VAL J 211 5.00 -7.15 26.77
CA VAL J 211 5.13 -5.71 26.62
C VAL J 211 6.44 -5.40 25.92
N ASN J 212 6.43 -4.36 25.09
CA ASN J 212 7.65 -3.79 24.55
C ASN J 212 8.29 -2.92 25.62
N ASP J 213 9.48 -3.29 26.07
CA ASP J 213 10.14 -2.59 27.18
C ASP J 213 10.27 -1.11 26.86
N HIS J 214 9.82 -0.27 27.80
CA HIS J 214 9.93 1.18 27.64
C HIS J 214 11.30 1.59 27.13
N ARG J 215 12.33 1.27 27.93
CA ARG J 215 13.71 1.55 27.57
C ARG J 215 14.04 1.10 26.14
N LEU J 216 13.30 0.11 25.62
CA LEU J 216 13.56 -0.38 24.28
C LEU J 216 12.81 0.44 23.22
N VAL J 217 11.57 0.85 23.49
CA VAL J 217 10.81 1.58 22.48
C VAL J 217 11.40 2.97 22.26
N ASP J 218 11.86 3.62 23.33
CA ASP J 218 12.58 4.88 23.21
C ASP J 218 13.90 4.71 22.45
N ALA J 219 14.23 3.47 22.09
CA ALA J 219 15.44 3.16 21.35
C ALA J 219 15.16 2.75 19.91
N GLY J 220 14.01 3.16 19.36
CA GLY J 220 13.64 2.76 18.01
C GLY J 220 13.61 1.25 17.83
N LEU J 221 13.06 0.53 18.80
CA LEU J 221 13.13 -0.92 18.82
C LEU J 221 11.81 -1.47 19.36
N SER J 222 11.83 -2.75 19.69
CA SER J 222 10.74 -3.42 20.39
C SER J 222 11.31 -4.69 21.01
N ASN J 223 10.44 -5.47 21.64
CA ASN J 223 10.82 -6.76 22.22
C ASN J 223 10.31 -7.86 21.29
N TYR J 224 11.03 -8.06 20.17
CA TYR J 224 10.57 -8.96 19.13
C TYR J 224 10.38 -10.38 19.64
N TRP J 225 11.32 -10.87 20.45
CA TRP J 225 11.25 -12.25 20.90
C TRP J 225 10.07 -12.49 21.82
N GLY J 226 9.78 -11.54 22.69
CA GLY J 226 8.61 -11.63 23.54
C GLY J 226 8.83 -12.27 24.89
N TYR J 227 10.05 -12.22 25.41
CA TYR J 227 10.33 -12.84 26.71
C TYR J 227 10.07 -11.86 27.86
N ASN J 228 8.93 -11.19 27.85
CA ASN J 228 8.58 -10.32 28.96
C ASN J 228 7.05 -10.23 29.02
N THR J 229 6.42 -11.18 29.70
CA THR J 229 4.99 -11.42 29.55
C THR J 229 4.21 -10.99 30.80
N ILE J 230 3.07 -10.33 30.56
CA ILE J 230 2.09 -10.08 31.61
C ILE J 230 0.82 -10.90 31.44
N GLY J 231 0.51 -11.39 30.23
CA GLY J 231 -0.66 -12.21 30.04
C GLY J 231 -0.35 -13.68 29.90
N PHE J 232 -0.48 -14.43 30.99
CA PHE J 232 -0.23 -15.86 30.95
C PHE J 232 -1.38 -16.66 30.34
N PHE J 233 -2.44 -15.99 29.91
CA PHE J 233 -3.63 -16.67 29.44
C PHE J 233 -4.07 -16.24 28.05
N ALA J 234 -3.47 -15.19 27.48
CA ALA J 234 -3.91 -14.60 26.24
C ALA J 234 -2.84 -14.73 25.16
N PRO J 235 -3.22 -15.12 23.95
CA PRO J 235 -2.29 -15.00 22.82
C PRO J 235 -1.91 -13.55 22.61
N HIS J 236 -0.62 -13.33 22.35
CA HIS J 236 -0.12 -11.97 22.16
C HIS J 236 -0.81 -11.32 20.97
N ASN J 237 -1.45 -10.17 21.20
CA ASN J 237 -2.34 -9.59 20.20
C ASN J 237 -1.62 -9.22 18.91
N ALA J 238 -0.31 -8.98 18.96
CA ALA J 238 0.43 -8.48 17.80
C ALA J 238 0.80 -9.58 16.81
N TYR J 239 0.24 -10.79 16.96
CA TYR J 239 0.38 -11.85 15.97
C TYR J 239 -0.98 -12.27 15.41
N ALA J 240 -2.02 -11.48 15.63
CA ALA J 240 -3.40 -11.86 15.29
C ALA J 240 -3.94 -10.91 14.25
N SER J 241 -4.16 -11.42 13.03
CA SER J 241 -4.68 -10.62 11.94
C SER J 241 -6.20 -10.62 11.85
N TRP J 242 -6.90 -10.87 12.96
CA TRP J 242 -8.35 -10.82 12.97
C TRP J 242 -8.95 -9.83 13.96
N GLY J 243 -8.16 -9.25 14.87
CA GLY J 243 -8.69 -8.28 15.81
C GLY J 243 -8.09 -8.43 17.20
N ASP J 244 -8.54 -7.64 18.17
CA ASP J 244 -8.02 -7.75 19.52
C ASP J 244 -9.06 -7.87 20.64
N ARG J 245 -10.34 -7.62 20.38
CA ARG J 245 -11.35 -7.83 21.42
C ARG J 245 -11.77 -9.30 21.40
N GLY J 246 -10.81 -10.15 21.79
CA GLY J 246 -11.03 -11.56 21.96
C GLY J 246 -10.83 -12.38 20.71
N GLN J 247 -11.00 -11.78 19.54
CA GLN J 247 -10.94 -12.51 18.28
C GLN J 247 -9.66 -13.31 18.12
N GLN J 248 -8.61 -12.94 18.85
CA GLN J 248 -7.34 -13.66 18.77
C GLN J 248 -7.41 -15.02 19.45
N VAL J 249 -8.38 -15.23 20.33
CA VAL J 249 -8.65 -16.57 20.84
C VAL J 249 -9.14 -17.46 19.71
N LEU J 250 -9.93 -16.91 18.78
CA LEU J 250 -10.41 -17.69 17.65
C LEU J 250 -9.30 -17.88 16.62
N GLU J 251 -8.42 -16.89 16.46
CA GLU J 251 -7.31 -17.04 15.51
C GLU J 251 -6.36 -18.16 15.93
N PHE J 252 -6.17 -18.33 17.24
CA PHE J 252 -5.15 -19.26 17.68
C PHE J 252 -5.67 -20.69 17.70
N LYS J 253 -6.90 -20.89 18.16
CA LYS J 253 -7.47 -22.23 18.17
C LYS J 253 -7.53 -22.82 16.76
N SER J 254 -8.07 -22.04 15.81
CA SER J 254 -8.07 -22.51 14.43
C SER J 254 -6.66 -22.69 13.87
N ALA J 255 -5.68 -22.01 14.46
CA ALA J 255 -4.29 -22.30 14.12
C ALA J 255 -3.87 -23.65 14.70
N VAL J 256 -4.35 -23.98 15.89
CA VAL J 256 -4.10 -25.31 16.45
C VAL J 256 -4.81 -26.37 15.62
N ARG J 257 -6.11 -26.18 15.37
CA ARG J 257 -6.90 -27.13 14.61
C ARG J 257 -6.33 -27.40 13.22
N ALA J 258 -5.40 -26.57 12.74
CA ALA J 258 -4.75 -26.83 11.46
C ALA J 258 -3.61 -27.84 11.60
N LEU J 259 -2.74 -27.63 12.59
CA LEU J 259 -1.56 -28.47 12.76
C LEU J 259 -1.93 -29.88 13.21
N HIS J 260 -3.01 -30.03 14.00
CA HIS J 260 -3.42 -31.36 14.43
C HIS J 260 -4.07 -32.14 13.29
N GLN J 261 -4.75 -31.45 12.37
CA GLN J 261 -5.25 -32.09 11.16
C GLN J 261 -4.12 -32.62 10.29
N ALA J 262 -2.89 -32.17 10.52
CA ALA J 262 -1.75 -32.55 9.70
C ALA J 262 -0.64 -33.24 10.49
N GLY J 263 -0.94 -33.71 11.70
CA GLY J 263 0.00 -34.52 12.47
C GLY J 263 1.05 -33.75 13.25
N ILE J 264 0.98 -32.42 13.28
CA ILE J 264 2.00 -31.58 13.90
C ILE J 264 1.55 -31.23 15.32
N GLU J 265 2.46 -31.35 16.27
CA GLU J 265 2.22 -30.88 17.63
C GLU J 265 2.60 -29.40 17.74
N VAL J 266 2.07 -28.75 18.77
CA VAL J 266 2.41 -27.36 19.08
C VAL J 266 3.01 -27.33 20.48
N ILE J 267 4.22 -26.80 20.60
CA ILE J 267 4.90 -26.68 21.89
C ILE J 267 5.27 -25.20 22.01
N LEU J 268 4.40 -24.42 22.63
CA LEU J 268 4.73 -23.02 22.80
C LEU J 268 5.79 -22.87 23.90
N ASP J 269 6.37 -21.69 23.96
CA ASP J 269 7.33 -21.36 25.00
C ASP J 269 6.64 -20.48 26.04
N VAL J 270 7.02 -20.65 27.30
CA VAL J 270 6.40 -19.93 28.41
C VAL J 270 7.48 -19.28 29.25
N VAL J 271 7.32 -17.98 29.49
CA VAL J 271 8.19 -17.23 30.40
C VAL J 271 7.44 -17.12 31.72
N TYR J 272 7.80 -17.98 32.67
CA TYR J 272 7.23 -17.92 34.02
C TYR J 272 8.18 -17.32 35.03
N ASN J 273 9.45 -17.14 34.67
CA ASN J 273 10.43 -16.63 35.62
C ASN J 273 10.22 -15.16 35.98
N HIS J 274 9.44 -14.42 35.22
CA HIS J 274 9.29 -13.00 35.52
C HIS J 274 8.06 -12.39 34.87
N THR J 275 7.47 -11.43 35.58
CA THR J 275 6.39 -10.60 35.08
C THR J 275 6.98 -9.38 34.39
N ALA J 276 6.26 -8.89 33.37
CA ALA J 276 6.75 -7.71 32.66
C ALA J 276 6.68 -6.45 33.51
N GLU J 277 5.89 -6.45 34.58
CA GLU J 277 5.81 -5.27 35.44
C GLU J 277 7.15 -4.85 36.00
N GLY J 278 8.17 -5.71 35.94
CA GLY J 278 9.50 -5.41 36.41
C GLY J 278 9.56 -5.09 37.89
N ASN J 279 10.75 -4.79 38.39
CA ASN J 279 10.87 -4.37 39.78
C ASN J 279 10.30 -2.95 39.92
N HIS J 280 10.41 -2.41 41.13
CA HIS J 280 10.02 -1.03 41.39
C HIS J 280 10.75 -0.12 40.39
N LEU J 281 10.17 1.04 40.12
CA LEU J 281 10.56 1.98 39.06
C LEU J 281 10.08 1.51 37.68
N GLY J 282 9.36 0.40 37.59
CA GLY J 282 8.75 -0.03 36.36
C GLY J 282 7.26 0.15 36.41
N PRO J 283 6.57 -0.20 35.32
CA PRO J 283 5.13 0.07 35.24
C PRO J 283 4.31 -0.77 36.22
N THR J 284 3.16 -0.22 36.61
CA THR J 284 2.19 -0.90 37.48
C THR J 284 0.95 -1.19 36.61
N LEU J 285 0.89 -2.41 36.09
CA LEU J 285 -0.09 -2.77 35.07
C LEU J 285 -1.08 -3.85 35.51
N SER J 286 -0.60 -5.01 35.97
CA SER J 286 -1.53 -6.06 36.40
C SER J 286 -1.39 -6.44 37.87
N MET J 287 -0.25 -7.00 38.27
CA MET J 287 -0.22 -7.70 39.55
C MET J 287 0.13 -6.81 40.71
N ARG J 288 1.05 -5.87 40.50
CA ARG J 288 1.51 -4.98 41.57
C ARG J 288 0.34 -4.24 42.20
N GLY J 289 -0.44 -3.52 41.38
CA GLY J 289 -1.61 -2.83 41.88
C GLY J 289 -2.60 -3.74 42.56
N LEU J 290 -2.56 -5.04 42.26
CA LEU J 290 -3.51 -5.97 42.87
C LEU J 290 -3.05 -6.38 44.28
N ASP J 291 -1.93 -7.09 44.37
CA ASP J 291 -1.42 -7.56 45.66
C ASP J 291 0.07 -7.81 45.51
N ASN J 292 0.87 -6.81 45.87
CA ASN J 292 2.31 -6.91 45.77
C ASN J 292 2.94 -7.88 46.77
N PRO J 293 2.50 -7.92 48.04
CA PRO J 293 3.15 -8.81 49.01
C PRO J 293 2.97 -10.30 48.75
N SER J 294 2.13 -10.72 47.80
CA SER J 294 1.94 -12.15 47.57
C SER J 294 2.29 -12.62 46.17
N TYR J 295 2.19 -11.76 45.15
CA TYR J 295 2.62 -12.16 43.81
C TYR J 295 4.13 -12.21 43.69
N TYR J 296 4.79 -11.09 43.98
CA TYR J 296 6.22 -10.95 43.73
C TYR J 296 6.99 -11.18 45.01
N ARG J 297 8.01 -12.03 44.94
CA ARG J 297 8.92 -12.17 46.07
C ARG J 297 9.65 -10.86 46.33
N LEU J 298 9.74 -10.51 47.62
CA LEU J 298 10.44 -9.32 48.06
C LEU J 298 11.73 -9.71 48.74
N ALA J 299 12.65 -8.76 48.80
CA ALA J 299 13.92 -8.97 49.48
C ALA J 299 13.68 -8.91 50.98
N ASP J 300 14.76 -8.93 51.76
CA ASP J 300 14.65 -8.70 53.20
C ASP J 300 14.29 -7.25 53.52
N ASP J 301 14.48 -6.34 52.56
CA ASP J 301 13.77 -5.07 52.61
C ASP J 301 12.56 -5.19 51.70
N PRO J 302 11.34 -4.98 52.22
CA PRO J 302 10.13 -5.22 51.39
C PRO J 302 9.93 -4.20 50.29
N ARG J 303 10.76 -3.15 50.21
CA ARG J 303 10.58 -2.14 49.17
C ARG J 303 10.96 -2.68 47.81
N TYR J 304 12.02 -3.48 47.76
CA TYR J 304 12.67 -3.91 46.52
C TYR J 304 12.41 -5.39 46.27
N TYR J 305 12.64 -5.81 45.02
CA TYR J 305 12.20 -7.11 44.54
C TYR J 305 13.39 -8.04 44.36
N MET J 306 13.33 -9.21 44.98
CA MET J 306 14.39 -10.20 44.85
C MET J 306 14.56 -10.56 43.39
N ASP J 307 15.82 -10.56 42.92
CA ASP J 307 16.11 -10.69 41.50
C ASP J 307 17.46 -11.35 41.32
N THR J 308 17.49 -12.47 40.60
CA THR J 308 18.72 -13.21 40.31
C THR J 308 18.86 -13.48 38.82
N THR J 309 18.27 -12.62 37.98
CA THR J 309 18.32 -12.72 36.52
C THR J 309 18.78 -11.47 35.82
N GLY J 310 18.32 -10.30 36.26
CA GLY J 310 18.24 -9.17 35.37
C GLY J 310 16.92 -9.05 34.63
N THR J 311 15.90 -9.81 35.04
CA THR J 311 14.55 -9.68 34.49
C THR J 311 13.63 -8.87 35.40
N GLY J 312 14.16 -8.26 36.45
CA GLY J 312 13.41 -7.35 37.30
C GLY J 312 12.79 -7.93 38.55
N ASN J 313 11.85 -8.86 38.40
CA ASN J 313 11.17 -9.46 39.53
C ASN J 313 11.18 -10.98 39.40
N SER J 314 10.68 -11.66 40.43
CA SER J 314 10.42 -13.08 40.33
C SER J 314 9.27 -13.42 41.28
N LEU J 315 8.34 -14.25 40.80
CA LEU J 315 7.11 -14.52 41.54
C LEU J 315 7.42 -15.20 42.88
N LEU J 316 6.37 -15.33 43.68
CA LEU J 316 6.43 -16.06 44.96
C LEU J 316 6.01 -17.49 44.68
N MET J 317 6.99 -18.39 44.60
CA MET J 317 6.74 -19.78 44.27
C MET J 317 6.31 -20.60 45.49
N ARG J 318 5.94 -19.95 46.60
CA ARG J 318 5.37 -20.66 47.73
C ARG J 318 3.97 -20.20 48.11
N SER J 319 3.53 -19.03 47.63
CA SER J 319 2.19 -18.56 47.93
C SER J 319 1.16 -19.33 47.12
N PRO J 320 -0.03 -19.57 47.69
CA PRO J 320 -0.98 -20.46 47.01
C PRO J 320 -1.54 -19.92 45.71
N HIS J 321 -1.93 -18.64 45.66
CA HIS J 321 -2.66 -18.17 44.49
C HIS J 321 -1.74 -17.85 43.31
N VAL J 322 -0.43 -18.05 43.48
CA VAL J 322 0.50 -18.01 42.35
C VAL J 322 0.72 -19.39 41.78
N LEU J 323 0.92 -20.40 42.64
CA LEU J 323 0.99 -21.77 42.13
C LEU J 323 -0.33 -22.20 41.52
N GLN J 324 -1.44 -21.59 41.95
CA GLN J 324 -2.68 -21.73 41.22
C GLN J 324 -2.56 -21.08 39.84
N LEU J 325 -2.14 -19.82 39.80
CA LEU J 325 -1.89 -19.12 38.54
C LEU J 325 -1.10 -20.00 37.60
N ILE J 326 0.08 -20.44 38.02
CA ILE J 326 0.96 -21.27 37.19
C ILE J 326 0.22 -22.53 36.73
N MET J 327 -0.42 -23.24 37.66
CA MET J 327 -1.15 -24.46 37.28
C MET J 327 -2.43 -24.15 36.53
N ASP J 328 -3.22 -23.17 37.01
CA ASP J 328 -4.41 -22.78 36.27
C ASP J 328 -4.06 -22.27 34.87
N SER J 329 -2.79 -21.96 34.62
CA SER J 329 -2.32 -21.48 33.31
C SER J 329 -1.84 -22.61 32.41
N LEU J 330 -0.86 -23.39 32.86
CA LEU J 330 -0.42 -24.55 32.10
C LEU J 330 -1.61 -25.41 31.70
N ARG J 331 -2.52 -25.66 32.65
CA ARG J 331 -3.73 -26.40 32.34
C ARG J 331 -4.54 -25.71 31.25
N TYR J 332 -4.75 -24.40 31.41
CA TYR J 332 -5.64 -23.66 30.52
C TYR J 332 -5.27 -23.82 29.05
N TRP J 333 -3.97 -23.93 28.75
CA TRP J 333 -3.53 -24.00 27.35
C TRP J 333 -3.71 -25.40 26.75
N VAL J 334 -3.73 -26.44 27.57
CA VAL J 334 -3.91 -27.79 27.04
C VAL J 334 -5.39 -28.13 26.88
N THR J 335 -6.21 -27.74 27.85
CA THR J 335 -7.63 -28.11 27.84
C THR J 335 -8.47 -27.24 26.91
N GLU J 336 -8.01 -26.04 26.59
CA GLU J 336 -8.81 -25.08 25.85
C GLU J 336 -8.25 -24.73 24.48
N MET J 337 -6.93 -24.68 24.33
CA MET J 337 -6.29 -24.40 23.05
C MET J 337 -5.64 -25.63 22.44
N HIS J 338 -5.74 -26.79 23.11
CA HIS J 338 -5.25 -28.07 22.61
C HIS J 338 -3.79 -28.00 22.16
N VAL J 339 -2.98 -27.35 22.99
CA VAL J 339 -1.53 -27.34 22.79
C VAL J 339 -0.95 -28.68 23.23
N ASP J 340 0.15 -29.10 22.58
CA ASP J 340 0.74 -30.40 22.85
C ASP J 340 1.96 -30.36 23.78
N GLY J 341 2.43 -29.19 24.21
CA GLY J 341 3.59 -29.17 25.09
C GLY J 341 4.10 -27.77 25.34
N PHE J 342 5.08 -27.69 26.26
CA PHE J 342 5.65 -26.43 26.72
C PHE J 342 7.15 -26.52 26.86
N ARG J 343 7.82 -25.43 26.50
CA ARG J 343 9.24 -25.22 26.74
C ARG J 343 9.39 -24.20 27.86
N PHE J 344 10.37 -24.42 28.73
CA PHE J 344 10.55 -23.57 29.91
C PHE J 344 11.77 -22.68 29.70
N ASP J 345 11.52 -21.39 29.53
CA ASP J 345 12.59 -20.42 29.32
C ASP J 345 13.19 -20.01 30.66
N LEU J 346 14.52 -19.96 30.72
CA LEU J 346 15.24 -19.76 31.98
C LEU J 346 14.83 -20.83 32.98
N ALA J 347 14.53 -22.03 32.48
CA ALA J 347 14.07 -23.13 33.32
C ALA J 347 14.96 -23.36 34.52
N ALA J 348 16.25 -23.07 34.39
CA ALA J 348 17.17 -23.12 35.51
C ALA J 348 16.80 -22.11 36.59
N THR J 349 16.84 -20.82 36.26
CA THR J 349 16.57 -19.79 37.25
C THR J 349 15.20 -19.97 37.87
N LEU J 350 14.24 -20.46 37.09
CA LEU J 350 12.91 -20.76 37.60
C LEU J 350 12.99 -21.75 38.77
N ALA J 351 13.77 -22.83 38.61
CA ALA J 351 13.95 -23.77 39.72
C ALA J 351 14.74 -23.15 40.85
N ARG J 352 15.66 -22.24 40.53
CA ARG J 352 16.37 -21.51 41.58
C ARG J 352 15.39 -20.68 42.40
N GLN J 353 14.50 -19.95 41.72
CA GLN J 353 13.41 -19.27 42.39
C GLN J 353 12.55 -20.25 43.18
N PHE J 354 12.42 -21.47 42.66
CA PHE J 354 11.55 -22.43 43.32
C PHE J 354 12.14 -22.94 44.64
N HIS J 355 13.48 -22.99 44.71
CA HIS J 355 14.15 -23.58 45.86
C HIS J 355 14.44 -22.57 46.97
N GLU J 356 14.63 -21.30 46.62
CA GLU J 356 14.89 -20.29 47.64
C GLU J 356 13.63 -19.95 48.46
N VAL J 357 12.56 -20.72 48.25
CA VAL J 357 11.47 -20.84 49.20
C VAL J 357 11.19 -22.30 49.56
N ASP J 358 11.97 -23.24 49.01
CA ASP J 358 11.84 -24.68 49.26
C ASP J 358 10.47 -25.20 48.82
N ARG J 359 10.08 -24.82 47.61
CA ARG J 359 8.93 -25.42 46.95
C ARG J 359 9.35 -26.17 45.68
N LEU J 360 10.65 -26.38 45.49
CA LEU J 360 11.14 -27.04 44.28
C LEU J 360 10.66 -28.49 44.21
N SER J 361 11.08 -29.34 45.14
CA SER J 361 10.70 -30.75 45.05
C SER J 361 9.21 -30.97 45.27
N SER J 362 8.54 -30.08 46.01
CA SER J 362 7.10 -30.19 46.15
C SER J 362 6.37 -29.79 44.87
N PHE J 363 7.05 -29.10 43.95
CA PHE J 363 6.47 -28.74 42.67
C PHE J 363 6.56 -29.85 41.65
N PHE J 364 7.59 -30.69 41.72
CA PHE J 364 7.68 -31.88 40.89
C PHE J 364 6.79 -33.00 41.43
N ASP J 365 6.13 -32.76 42.55
CA ASP J 365 5.04 -33.62 42.99
C ASP J 365 3.74 -33.15 42.36
N LEU J 366 3.38 -31.88 42.58
CA LEU J 366 2.22 -31.27 41.94
C LEU J 366 2.19 -31.57 40.44
N VAL J 367 3.32 -31.36 39.78
CA VAL J 367 3.43 -31.66 38.36
C VAL J 367 3.24 -33.15 38.12
N GLN J 368 3.93 -33.97 38.92
CA GLN J 368 3.81 -35.43 38.80
C GLN J 368 2.37 -35.90 38.93
N GLN J 369 1.56 -35.20 39.73
CA GLN J 369 0.24 -35.69 40.12
C GLN J 369 -0.90 -35.19 39.23
N ASP J 370 -0.80 -33.98 38.67
CA ASP J 370 -1.93 -33.43 37.92
C ASP J 370 -2.14 -34.22 36.64
N PRO J 371 -3.35 -34.72 36.37
CA PRO J 371 -3.55 -35.55 35.18
C PRO J 371 -3.52 -34.78 33.87
N VAL J 372 -3.43 -33.45 33.91
CA VAL J 372 -3.31 -32.66 32.68
C VAL J 372 -1.85 -32.37 32.35
N VAL J 373 -1.11 -31.86 33.33
CA VAL J 373 0.22 -31.33 33.05
C VAL J 373 1.27 -32.44 32.98
N SER J 374 1.04 -33.58 33.63
CA SER J 374 2.04 -34.64 33.66
C SER J 374 2.03 -35.51 32.41
N GLN J 375 1.10 -35.30 31.48
CA GLN J 375 1.03 -36.10 30.27
C GLN J 375 1.45 -35.36 29.01
N VAL J 376 1.69 -34.05 29.07
CA VAL J 376 2.20 -33.33 27.92
C VAL J 376 3.72 -33.36 27.94
N LYS J 377 4.35 -32.98 26.82
CA LYS J 377 5.79 -32.88 26.76
C LYS J 377 6.28 -31.64 27.48
N LEU J 378 7.39 -31.79 28.21
CA LEU J 378 7.95 -30.75 29.06
C LEU J 378 9.43 -30.61 28.73
N ILE J 379 9.78 -29.59 27.96
CA ILE J 379 11.14 -29.38 27.47
C ILE J 379 11.75 -28.22 28.23
N ALA J 380 12.86 -28.47 28.90
CA ALA J 380 13.37 -27.54 29.91
C ALA J 380 14.89 -27.45 29.79
N GLU J 381 15.52 -26.92 30.83
CA GLU J 381 16.97 -26.79 30.94
C GLU J 381 17.46 -27.44 32.22
N PRO J 382 18.71 -27.88 32.27
CA PRO J 382 19.30 -28.34 33.53
C PRO J 382 19.69 -27.17 34.42
N TRP J 383 19.93 -27.47 35.70
CA TRP J 383 20.26 -26.46 36.68
C TRP J 383 21.10 -27.05 37.80
N ASP J 384 21.62 -26.15 38.65
CA ASP J 384 22.40 -26.51 39.83
C ASP J 384 22.02 -25.53 40.95
N VAL J 385 21.26 -26.03 41.93
CA VAL J 385 20.52 -25.19 42.86
C VAL J 385 21.17 -25.22 44.24
N GLY J 386 21.20 -24.06 44.89
CA GLY J 386 21.61 -23.94 46.29
C GLY J 386 22.92 -24.62 46.58
N GLU J 387 22.86 -25.72 47.32
CA GLU J 387 23.97 -26.67 47.41
C GLU J 387 23.55 -27.94 46.68
N GLY J 388 24.32 -28.32 45.66
CA GLY J 388 24.31 -29.68 45.14
C GLY J 388 23.66 -29.88 43.78
N GLY J 389 22.74 -29.02 43.37
CA GLY J 389 22.18 -29.19 42.04
C GLY J 389 20.69 -29.46 41.98
N TYR J 390 20.32 -30.46 41.16
CA TYR J 390 18.92 -30.75 40.85
C TYR J 390 18.03 -30.69 42.09
N GLN J 391 18.46 -31.34 43.17
CA GLN J 391 17.77 -31.32 44.46
C GLN J 391 16.31 -31.75 44.32
N VAL J 392 16.10 -32.86 43.61
CA VAL J 392 14.79 -33.46 43.46
C VAL J 392 14.94 -34.98 43.53
N GLY J 393 13.87 -35.65 43.95
CA GLY J 393 13.89 -37.09 44.08
C GLY J 393 13.42 -37.77 42.83
N ASN J 394 12.51 -37.13 42.09
CA ASN J 394 12.03 -37.70 40.85
C ASN J 394 11.57 -36.58 39.92
N PHE J 395 11.77 -36.79 38.68
CA PHE J 395 11.29 -35.90 37.65
C PHE J 395 9.97 -36.40 37.07
N PRO J 396 9.12 -35.48 36.62
CA PRO J 396 8.00 -35.87 35.78
C PRO J 396 8.48 -36.72 34.62
N PRO J 397 7.87 -37.89 34.40
CA PRO J 397 8.40 -38.78 33.37
C PRO J 397 7.97 -38.37 31.96
N LEU J 398 7.98 -37.05 31.71
CA LEU J 398 8.04 -36.53 30.35
C LEU J 398 8.92 -35.28 30.31
N TRP J 399 9.80 -35.11 31.30
CA TRP J 399 10.59 -33.90 31.48
C TRP J 399 11.95 -34.06 30.79
N THR J 400 12.24 -33.17 29.83
CA THR J 400 13.45 -33.25 29.03
C THR J 400 14.20 -31.92 29.07
N GLU J 401 15.47 -31.98 28.68
CA GLU J 401 16.37 -30.85 28.83
C GLU J 401 17.03 -30.45 27.51
N TRP J 402 17.11 -29.15 27.28
CA TRP J 402 17.97 -28.61 26.22
C TRP J 402 19.41 -28.92 26.57
N ASN J 403 20.02 -29.83 25.81
CA ASN J 403 21.36 -30.31 26.12
C ASN J 403 22.34 -29.20 25.77
N GLY J 404 22.57 -28.30 26.73
CA GLY J 404 23.54 -27.24 26.52
C GLY J 404 24.93 -27.77 26.21
N LYS J 405 25.27 -28.94 26.75
CA LYS J 405 26.61 -29.49 26.58
C LYS J 405 26.81 -30.11 25.20
N TYR J 406 25.79 -30.79 24.67
CA TYR J 406 25.93 -31.40 23.35
C TYR J 406 26.17 -30.35 22.27
N ARG J 407 25.40 -29.27 22.31
CA ARG J 407 25.64 -28.15 21.39
C ARG J 407 27.08 -27.68 21.45
N ASP J 408 27.60 -27.51 22.67
CA ASP J 408 29.01 -27.17 22.84
C ASP J 408 29.94 -28.33 22.54
N CYS J 409 29.43 -29.54 22.36
CA CYS J 409 30.26 -30.71 22.08
C CYS J 409 30.38 -31.04 20.60
N VAL J 410 29.52 -30.49 19.76
CA VAL J 410 29.62 -30.64 18.31
C VAL J 410 30.25 -29.40 17.67
N ARG J 411 29.81 -28.21 18.08
CA ARG J 411 30.43 -26.97 17.60
C ARG J 411 31.94 -26.99 17.83
N ASP J 412 32.38 -27.60 18.93
CA ASP J 412 33.80 -27.74 19.22
C ASP J 412 34.47 -28.82 18.38
N LEU J 413 33.69 -29.65 17.66
CA LEU J 413 34.30 -30.67 16.82
C LEU J 413 34.75 -30.10 15.48
N TRP J 414 33.81 -29.64 14.66
CA TRP J 414 34.13 -29.14 13.33
C TRP J 414 34.78 -27.77 13.35
N ARG J 415 34.95 -27.17 14.53
CA ARG J 415 35.78 -25.98 14.69
C ARG J 415 37.26 -26.28 14.42
N GLY J 416 37.62 -27.55 14.30
CA GLY J 416 39.01 -27.94 14.25
C GLY J 416 39.63 -28.08 15.62
N GLU J 417 38.86 -27.87 16.68
CA GLU J 417 39.31 -28.06 18.04
C GLU J 417 39.10 -29.51 18.47
N PRO J 418 40.05 -30.11 19.17
CA PRO J 418 39.84 -31.47 19.67
C PRO J 418 39.09 -31.52 20.99
N ARG J 419 37.90 -32.10 20.98
CA ARG J 419 37.19 -32.46 22.20
C ARG J 419 37.49 -33.92 22.55
N THR J 420 37.18 -34.30 23.78
CA THR J 420 37.47 -35.66 24.23
C THR J 420 36.73 -36.68 23.38
N LEU J 421 37.39 -37.80 23.10
CA LEU J 421 36.73 -38.91 22.43
C LEU J 421 35.55 -39.43 23.24
N ALA J 422 35.77 -39.73 24.52
CA ALA J 422 34.69 -40.24 25.36
C ALA J 422 33.60 -39.19 25.56
N GLU J 423 33.96 -37.91 25.60
CA GLU J 423 32.97 -36.85 25.67
C GLU J 423 32.07 -36.86 24.45
N PHE J 424 32.64 -37.01 23.26
CA PHE J 424 31.85 -37.08 22.04
C PHE J 424 31.12 -38.41 21.90
N ALA J 425 31.69 -39.49 22.44
CA ALA J 425 31.08 -40.80 22.27
C ALA J 425 29.66 -40.83 22.82
N SER J 426 29.51 -40.45 24.10
CA SER J 426 28.19 -40.53 24.74
C SER J 426 27.18 -39.57 24.14
N ARG J 427 27.65 -38.48 23.52
CA ARG J 427 26.74 -37.47 22.99
C ARG J 427 25.89 -38.04 21.85
N LEU J 428 26.54 -38.54 20.79
CA LEU J 428 25.80 -39.23 19.74
C LEU J 428 24.92 -40.33 20.30
N THR J 429 25.39 -41.00 21.34
CA THR J 429 24.71 -42.17 21.87
C THR J 429 23.41 -41.82 22.59
N GLY J 430 23.09 -40.54 22.72
CA GLY J 430 21.90 -40.10 23.40
C GLY J 430 22.10 -39.58 24.81
N SER J 431 23.29 -39.07 25.13
CA SER J 431 23.61 -38.47 26.42
C SER J 431 23.04 -39.27 27.59
N SER J 432 23.24 -40.58 27.54
CA SER J 432 22.83 -41.42 28.65
C SER J 432 23.63 -41.16 29.92
N ASP J 433 24.70 -40.37 29.85
CA ASP J 433 25.50 -40.06 31.03
C ASP J 433 24.99 -38.84 31.78
N LEU J 434 24.01 -38.11 31.24
CA LEU J 434 23.40 -36.99 31.92
C LEU J 434 21.91 -37.15 32.19
N TYR J 435 21.23 -38.06 31.48
CA TYR J 435 19.77 -38.17 31.54
C TYR J 435 19.36 -39.64 31.54
N GLN J 436 19.23 -40.24 32.73
CA GLN J 436 18.78 -41.62 32.80
C GLN J 436 17.25 -41.68 32.84
N ASP J 437 16.70 -42.87 32.59
CA ASP J 437 15.27 -43.05 32.47
C ASP J 437 14.63 -43.60 33.74
N ASP J 438 15.41 -43.76 34.82
CA ASP J 438 14.86 -44.31 36.06
C ASP J 438 13.65 -43.54 36.55
N GLY J 439 13.51 -42.29 36.12
CA GLY J 439 12.75 -41.31 36.85
C GLY J 439 13.60 -40.50 37.81
N ARG J 440 14.88 -40.85 37.95
CA ARG J 440 15.78 -40.16 38.86
C ARG J 440 16.30 -38.86 38.26
N ARG J 441 16.45 -38.83 36.96
CA ARG J 441 16.96 -37.65 36.20
C ARG J 441 16.01 -37.45 35.03
N PRO J 442 16.17 -36.33 34.28
CA PRO J 442 15.35 -36.15 33.08
C PRO J 442 15.62 -37.26 32.08
N LEU J 443 14.62 -37.55 31.25
CA LEU J 443 14.62 -38.80 30.49
C LEU J 443 15.26 -38.71 29.12
N ALA J 444 15.33 -37.52 28.51
CA ALA J 444 15.81 -37.40 27.15
C ALA J 444 16.71 -36.19 27.03
N SER J 445 17.14 -35.92 25.80
CA SER J 445 17.94 -34.74 25.49
C SER J 445 17.49 -34.24 24.13
N VAL J 446 17.04 -32.99 24.08
CA VAL J 446 16.70 -32.34 22.81
C VAL J 446 18.00 -31.76 22.26
N ASN J 447 18.70 -32.58 21.47
CA ASN J 447 19.95 -32.15 20.86
C ASN J 447 19.68 -31.04 19.85
N PHE J 448 20.51 -30.01 19.90
CA PHE J 448 20.39 -28.88 18.99
C PHE J 448 21.77 -28.31 18.77
N VAL J 449 22.13 -28.05 17.51
CA VAL J 449 23.36 -27.36 17.20
C VAL J 449 23.15 -25.87 16.96
N THR J 450 21.91 -25.41 17.07
CA THR J 450 21.57 -24.01 16.94
C THR J 450 20.11 -23.81 17.34
N CYS J 451 19.81 -22.69 17.97
CA CYS J 451 18.46 -22.32 18.39
C CYS J 451 18.36 -20.80 18.33
N HIS J 452 17.35 -20.24 19.00
CA HIS J 452 17.17 -18.80 18.92
C HIS J 452 18.32 -18.03 19.58
N ASP J 453 18.92 -18.58 20.64
CA ASP J 453 20.08 -17.94 21.24
C ASP J 453 21.36 -18.31 20.49
N GLY J 454 22.29 -17.36 20.44
CA GLY J 454 23.52 -17.55 19.69
C GLY J 454 23.33 -17.17 18.22
N PHE J 455 24.19 -17.72 17.37
CA PHE J 455 24.11 -17.50 15.93
C PHE J 455 23.06 -18.43 15.31
N THR J 456 22.88 -18.33 14.01
CA THR J 456 22.15 -19.34 13.26
C THR J 456 23.14 -20.23 12.55
N LEU J 457 22.62 -21.22 11.82
CA LEU J 457 23.50 -22.18 11.16
C LEU J 457 24.28 -21.56 10.01
N ARG J 458 23.72 -20.56 9.34
CA ARG J 458 24.52 -19.81 8.37
C ARG J 458 25.67 -19.10 9.08
N ASP J 459 25.36 -18.41 10.19
CA ASP J 459 26.36 -17.62 10.89
C ASP J 459 27.30 -18.46 11.74
N LEU J 460 26.91 -19.68 12.10
CA LEU J 460 27.77 -20.54 12.91
C LEU J 460 29.05 -20.95 12.18
N VAL J 461 29.12 -20.73 10.86
CA VAL J 461 30.31 -21.05 10.09
C VAL J 461 30.86 -19.81 9.38
N SER J 462 30.49 -18.62 9.85
CA SER J 462 30.89 -17.38 9.18
C SER J 462 31.41 -16.30 10.12
N TYR J 463 31.39 -16.51 11.43
CA TYR J 463 31.82 -15.47 12.36
C TYR J 463 32.45 -16.08 13.59
N ASN J 464 33.60 -15.54 14.01
CA ASN J 464 34.22 -15.98 15.26
C ASN J 464 33.66 -15.22 16.46
N GLU J 465 33.39 -13.93 16.30
CA GLU J 465 32.83 -13.13 17.38
C GLU J 465 31.61 -12.38 16.89
N LYS J 466 30.77 -11.99 17.85
CA LYS J 466 29.43 -11.47 17.59
C LYS J 466 29.47 -10.04 17.05
N ARG J 467 28.33 -9.61 16.51
CA ARG J 467 28.11 -8.26 16.01
C ARG J 467 26.80 -7.70 16.54
N ASN J 468 26.59 -7.81 17.85
CA ASN J 468 25.34 -7.41 18.48
C ASN J 468 25.31 -5.92 18.80
N GLU J 469 26.09 -5.11 18.08
CA GLU J 469 26.20 -3.69 18.43
C GLU J 469 24.89 -2.96 18.16
N ALA J 470 24.23 -3.26 17.05
CA ALA J 470 22.96 -2.63 16.71
C ALA J 470 21.94 -2.74 17.83
N ASN J 471 22.14 -3.70 18.75
CA ASN J 471 21.30 -3.80 19.93
C ASN J 471 21.41 -2.60 20.85
N GLY J 472 22.47 -1.81 20.70
CA GLY J 472 22.67 -0.65 21.54
C GLY J 472 23.35 -0.94 22.86
N GLU J 473 23.76 -2.19 23.12
CA GLU J 473 24.46 -2.55 24.33
C GLU J 473 25.96 -2.60 24.13
N GLY J 474 26.49 -1.74 23.25
CA GLY J 474 27.92 -1.62 23.01
C GLY J 474 28.61 -2.93 22.72
N ASN J 475 27.86 -3.89 22.14
CA ASN J 475 28.34 -5.25 21.90
C ASN J 475 28.79 -5.91 23.20
N ARG J 476 28.11 -5.59 24.31
CA ARG J 476 28.39 -6.21 25.58
C ARG J 476 27.50 -7.41 25.87
N ASP J 477 26.33 -7.50 25.22
CA ASP J 477 25.33 -8.52 25.51
C ASP J 477 25.67 -9.81 24.77
N GLY J 478 24.72 -10.74 24.75
CA GLY J 478 24.89 -12.02 24.09
C GLY J 478 25.94 -12.88 24.78
N GLU J 479 26.26 -13.99 24.12
CA GLU J 479 27.39 -14.82 24.51
C GLU J 479 28.65 -14.31 23.83
N ASN J 480 29.76 -14.34 24.57
CA ASN J 480 30.99 -13.72 24.07
C ASN J 480 31.76 -14.65 23.12
N TYR J 481 31.84 -15.94 23.46
CA TYR J 481 32.27 -16.95 22.51
C TYR J 481 31.19 -18.01 22.36
N ASN J 482 30.92 -18.40 21.12
CA ASN J 482 29.87 -19.34 20.77
C ASN J 482 30.43 -20.54 20.02
N ARG J 483 31.71 -20.85 20.22
CA ARG J 483 32.37 -22.03 19.67
C ARG J 483 32.08 -22.19 18.17
N SER J 484 32.58 -21.22 17.40
CA SER J 484 32.48 -21.27 15.95
C SER J 484 33.77 -20.76 15.32
N TRP J 485 33.93 -21.06 14.04
CA TRP J 485 35.08 -20.66 13.23
C TRP J 485 34.59 -20.12 11.90
N ASN J 486 35.37 -19.19 11.33
CA ASN J 486 34.92 -18.35 10.23
C ASN J 486 35.22 -18.92 8.85
N CYS J 487 36.04 -19.97 8.76
CA CYS J 487 36.42 -20.69 7.54
C CYS J 487 37.48 -19.98 6.69
N GLY J 488 38.13 -18.93 7.21
CA GLY J 488 39.16 -18.25 6.43
C GLY J 488 38.95 -16.76 6.34
N GLU J 489 37.71 -16.32 6.45
CA GLU J 489 37.39 -14.91 6.60
C GLU J 489 36.04 -14.79 7.30
N GLU J 490 35.82 -13.65 7.95
CA GLU J 490 34.64 -13.40 8.76
C GLU J 490 33.71 -12.45 8.01
N GLY J 491 32.43 -12.79 7.96
CA GLY J 491 31.49 -12.12 7.10
C GLY J 491 31.41 -12.78 5.73
N GLU J 492 30.35 -12.45 5.00
CA GLU J 492 30.18 -12.99 3.65
C GLU J 492 31.35 -12.59 2.77
N THR J 493 31.93 -13.57 2.09
CA THR J 493 33.15 -13.39 1.31
C THR J 493 32.95 -14.03 -0.06
N GLU J 494 33.67 -13.52 -1.06
CA GLU J 494 33.58 -14.09 -2.40
C GLU J 494 34.31 -15.44 -2.52
N ASP J 495 35.35 -15.66 -1.71
CA ASP J 495 36.23 -16.82 -1.89
C ASP J 495 35.44 -18.12 -1.92
N VAL J 496 35.54 -18.84 -3.03
CA VAL J 496 34.71 -20.01 -3.26
C VAL J 496 35.17 -21.18 -2.40
N GLY J 497 36.49 -21.32 -2.21
CA GLY J 497 36.98 -22.35 -1.31
C GLY J 497 36.43 -22.21 0.08
N ILE J 498 36.03 -21.00 0.45
CA ILE J 498 35.41 -20.74 1.75
C ILE J 498 33.88 -20.83 1.66
N THR J 499 33.29 -20.21 0.63
CA THR J 499 31.85 -20.34 0.42
C THR J 499 31.43 -21.81 0.44
N GLU J 500 32.15 -22.64 -0.31
CA GLU J 500 31.93 -24.07 -0.23
C GLU J 500 32.23 -24.60 1.18
N LEU J 501 33.36 -24.18 1.76
CA LEU J 501 33.73 -24.68 3.08
C LEU J 501 32.66 -24.35 4.11
N ARG J 502 31.97 -23.22 3.96
CA ARG J 502 30.89 -22.90 4.89
C ARG J 502 29.66 -23.77 4.64
N ALA J 503 29.08 -23.67 3.45
CA ALA J 503 27.83 -24.39 3.20
C ALA J 503 28.01 -25.90 3.28
N ARG J 504 29.21 -26.39 2.98
CA ARG J 504 29.49 -27.80 3.21
C ARG J 504 29.63 -28.09 4.70
N GLN J 505 30.16 -27.12 5.47
CA GLN J 505 30.22 -27.29 6.92
C GLN J 505 28.82 -27.40 7.51
N MET J 506 27.91 -26.52 7.09
CA MET J 506 26.54 -26.57 7.59
C MET J 506 25.91 -27.94 7.35
N ARG J 507 26.36 -28.67 6.33
CA ARG J 507 25.91 -30.04 6.16
C ARG J 507 26.39 -30.92 7.29
N ASN J 508 27.59 -30.65 7.81
CA ASN J 508 28.18 -31.50 8.84
C ASN J 508 27.55 -31.28 10.20
N PHE J 509 26.81 -30.18 10.38
CA PHE J 509 25.99 -30.04 11.58
C PHE J 509 24.63 -30.70 11.40
N LEU J 510 24.01 -30.53 10.23
CA LEU J 510 22.69 -31.08 9.98
C LEU J 510 22.70 -32.60 9.94
N ALA J 511 23.74 -33.19 9.35
CA ALA J 511 23.84 -34.65 9.34
C ALA J 511 24.24 -35.19 10.70
N THR J 512 25.15 -34.50 11.39
CA THR J 512 25.51 -34.89 12.76
C THR J 512 24.33 -34.71 13.72
N LEU J 513 23.46 -33.75 13.46
CA LEU J 513 22.24 -33.62 14.27
C LEU J 513 21.26 -34.74 13.96
N MET J 514 20.77 -34.80 12.71
CA MET J 514 19.69 -35.71 12.34
C MET J 514 20.02 -37.17 12.63
N LEU J 515 21.29 -37.53 12.79
CA LEU J 515 21.68 -38.91 13.05
C LEU J 515 22.28 -39.08 14.44
N SER J 516 21.73 -38.37 15.42
CA SER J 516 22.07 -38.55 16.82
C SER J 516 20.87 -39.13 17.58
N GLN J 517 21.16 -39.85 18.65
CA GLN J 517 20.12 -40.48 19.44
C GLN J 517 19.41 -39.44 20.29
N GLY J 518 18.07 -39.43 20.24
CA GLY J 518 17.30 -38.53 21.09
C GLY J 518 16.21 -37.77 20.36
N VAL J 519 16.10 -36.47 20.66
CA VAL J 519 15.12 -35.60 20.03
C VAL J 519 15.87 -34.48 19.33
N PRO J 520 15.73 -34.32 18.02
CA PRO J 520 16.38 -33.20 17.34
C PRO J 520 15.55 -31.92 17.39
N MET J 521 16.22 -30.80 17.13
CA MET J 521 15.52 -29.51 17.07
C MET J 521 16.28 -28.56 16.18
N LEU J 522 15.56 -27.89 15.29
CA LEU J 522 16.12 -26.86 14.42
C LEU J 522 15.47 -25.53 14.71
N SER J 523 16.29 -24.48 14.78
CA SER J 523 15.79 -23.13 14.75
C SER J 523 15.39 -22.78 13.33
N HIS J 524 14.35 -21.95 13.21
CA HIS J 524 13.72 -21.71 11.92
C HIS J 524 14.70 -21.13 10.91
N GLY J 525 14.53 -21.52 9.65
CA GLY J 525 15.27 -20.93 8.55
C GLY J 525 16.61 -21.57 8.26
N ASP J 526 17.10 -22.46 9.12
CA ASP J 526 18.37 -23.10 8.83
C ASP J 526 18.30 -24.01 7.62
N GLU J 527 17.10 -24.45 7.25
CA GLU J 527 16.92 -25.11 5.97
C GLU J 527 17.07 -24.15 4.80
N PHE J 528 16.95 -22.85 5.06
CA PHE J 528 17.22 -21.83 4.06
C PHE J 528 18.51 -21.09 4.35
N GLY J 529 19.26 -21.53 5.36
CA GLY J 529 20.46 -20.83 5.78
C GLY J 529 20.19 -19.36 6.01
N ARG J 530 19.42 -19.05 7.04
CA ARG J 530 19.11 -17.65 7.33
C ARG J 530 20.26 -17.02 8.11
N THR J 531 20.46 -15.73 7.89
CA THR J 531 21.57 -14.99 8.46
C THR J 531 21.03 -13.87 9.33
N GLN J 532 21.51 -13.80 10.58
CA GLN J 532 21.24 -12.67 11.45
C GLN J 532 22.38 -11.67 11.46
N GLY J 533 23.33 -11.80 10.53
CA GLY J 533 24.31 -10.75 10.27
C GLY J 533 25.45 -10.64 11.24
N GLY J 534 25.81 -11.72 11.94
CA GLY J 534 26.74 -11.65 13.04
C GLY J 534 26.11 -11.25 14.37
N ASN J 535 24.87 -10.78 14.35
CA ASN J 535 24.10 -10.63 15.57
C ASN J 535 23.78 -12.01 16.11
N ASN J 536 24.08 -12.24 17.39
CA ASN J 536 23.74 -13.50 18.03
C ASN J 536 22.65 -13.36 19.09
N ASN J 537 22.20 -12.13 19.37
CA ASN J 537 21.06 -11.88 20.24
C ASN J 537 20.12 -10.97 19.46
N ALA J 538 19.21 -11.58 18.70
CA ALA J 538 18.27 -10.86 17.85
C ALA J 538 17.02 -10.44 18.62
N TYR J 539 17.16 -10.21 19.93
CA TYR J 539 15.98 -10.10 20.80
C TYR J 539 15.17 -8.84 20.50
N CYS J 540 15.83 -7.72 20.17
CA CYS J 540 15.12 -6.47 19.98
C CYS J 540 14.87 -6.12 18.52
N GLN J 541 15.19 -7.03 17.59
CA GLN J 541 15.15 -6.73 16.17
C GLN J 541 13.93 -7.39 15.54
N ASP J 542 12.82 -6.65 15.46
CA ASP J 542 11.67 -7.06 14.66
C ASP J 542 11.81 -6.60 13.21
N ASN J 543 13.01 -6.22 12.79
CA ASN J 543 13.27 -5.76 11.44
C ASN J 543 13.70 -6.95 10.57
N GLU J 544 14.26 -6.66 9.39
CA GLU J 544 14.75 -7.67 8.46
C GLU J 544 15.98 -8.43 8.99
N VAL J 545 16.39 -8.21 10.24
CA VAL J 545 17.52 -8.96 10.79
C VAL J 545 17.10 -10.37 11.16
N SER J 546 15.90 -10.53 11.71
CA SER J 546 15.46 -11.80 12.28
C SER J 546 14.28 -12.42 11.55
N TRP J 547 13.84 -11.81 10.44
CA TRP J 547 12.86 -12.42 9.56
C TRP J 547 13.44 -13.69 8.93
N VAL J 548 12.65 -14.40 8.12
CA VAL J 548 13.15 -15.57 7.39
C VAL J 548 13.03 -15.29 5.90
N ARG J 549 14.15 -15.38 5.19
CA ARG J 549 14.19 -15.09 3.76
C ARG J 549 13.76 -16.32 2.98
N TRP J 550 12.68 -16.19 2.21
CA TRP J 550 12.12 -17.33 1.52
C TRP J 550 12.74 -17.44 0.13
N PRO J 551 13.43 -18.56 -0.19
CA PRO J 551 14.37 -18.73 -1.31
C PRO J 551 13.74 -18.64 -2.71
N SER J 555 16.52 -19.01 -4.95
CA SER J 555 17.88 -19.30 -5.39
C SER J 555 18.09 -20.81 -5.54
N GLU J 556 19.36 -21.23 -5.59
CA GLU J 556 19.72 -22.63 -5.53
C GLU J 556 20.40 -23.01 -4.23
N ALA J 557 21.44 -22.26 -3.84
CA ALA J 557 22.20 -22.59 -2.64
C ALA J 557 21.30 -22.78 -1.43
N GLU J 558 20.18 -22.08 -1.38
CA GLU J 558 19.27 -22.20 -0.26
C GLU J 558 18.29 -23.36 -0.42
N ALA J 559 17.97 -23.73 -1.67
CA ALA J 559 17.13 -24.90 -1.91
C ALA J 559 17.94 -26.16 -2.13
N THR J 560 19.21 -26.04 -2.54
CA THR J 560 20.14 -27.12 -2.33
C THR J 560 20.28 -27.40 -0.83
N LEU J 561 20.41 -26.33 -0.05
CA LEU J 561 20.45 -26.46 1.40
C LEU J 561 19.17 -27.11 1.94
N LEU J 562 18.02 -26.69 1.41
CA LEU J 562 16.76 -27.22 1.89
C LEU J 562 16.52 -28.65 1.44
N ARG J 563 17.03 -29.04 0.27
CA ARG J 563 16.76 -30.41 -0.17
C ARG J 563 17.70 -31.41 0.49
N PHE J 564 18.70 -30.94 1.24
CA PHE J 564 19.50 -31.76 2.14
C PHE J 564 18.90 -31.82 3.55
N THR J 565 18.48 -30.66 4.08
CA THR J 565 17.76 -30.67 5.35
C THR J 565 16.60 -31.64 5.30
N ARG J 566 15.74 -31.48 4.28
CA ARG J 566 14.50 -32.22 4.21
C ARG J 566 14.73 -33.70 3.96
N SER J 567 15.78 -34.05 3.20
CA SER J 567 16.06 -35.45 2.92
C SER J 567 16.82 -36.15 4.05
N MET J 568 17.39 -35.40 4.99
CA MET J 568 17.97 -36.04 6.16
C MET J 568 16.90 -36.56 7.11
N VAL J 569 15.75 -35.90 7.17
CA VAL J 569 14.68 -36.38 8.05
C VAL J 569 14.14 -37.71 7.54
N ARG J 570 13.96 -37.83 6.21
CA ARG J 570 13.54 -39.09 5.63
C ARG J 570 14.49 -40.22 6.01
N LEU J 571 15.80 -39.93 6.03
CA LEU J 571 16.76 -40.95 6.45
C LEU J 571 16.68 -41.22 7.94
N ARG J 572 16.14 -40.29 8.73
CA ARG J 572 15.87 -40.60 10.12
C ARG J 572 14.54 -41.34 10.29
N ARG J 573 13.49 -40.88 9.59
CA ARG J 573 12.18 -41.48 9.77
C ARG J 573 12.13 -42.91 9.25
N GLU J 574 12.91 -43.24 8.23
CA GLU J 574 12.83 -44.58 7.65
C GLU J 574 13.71 -45.60 8.35
N HIS J 575 14.68 -45.17 9.17
CA HIS J 575 15.63 -46.08 9.81
C HIS J 575 15.60 -45.93 11.32
N PRO J 576 14.79 -46.74 12.02
CA PRO J 576 14.64 -46.59 13.47
C PRO J 576 15.92 -46.78 14.28
N VAL J 577 17.05 -47.13 13.65
CA VAL J 577 18.27 -47.38 14.41
C VAL J 577 18.72 -46.13 15.13
N PHE J 578 18.74 -45.00 14.42
CA PHE J 578 19.18 -43.74 15.02
C PHE J 578 18.22 -43.23 16.07
N ARG J 579 17.04 -43.83 16.19
CA ARG J 579 16.06 -43.45 17.21
C ARG J 579 15.73 -44.70 18.02
N ARG J 580 16.57 -44.99 19.01
CA ARG J 580 16.28 -46.09 19.91
C ARG J 580 15.11 -45.69 20.79
N ARG J 581 14.05 -46.50 20.78
CA ARG J 581 12.84 -46.22 21.54
C ARG J 581 13.16 -45.74 22.95
N ARG J 582 13.80 -46.61 23.72
CA ARG J 582 14.56 -46.20 24.89
C ARG J 582 16.01 -46.09 24.43
N PHE J 583 16.64 -44.97 24.74
CA PHE J 583 17.97 -44.70 24.20
C PHE J 583 19.01 -45.60 24.87
N PHE J 584 20.28 -45.36 24.56
CA PHE J 584 21.37 -46.18 25.07
C PHE J 584 21.64 -45.93 26.55
N HIS J 585 20.68 -46.24 27.41
CA HIS J 585 20.75 -45.88 28.82
C HIS J 585 21.18 -47.04 29.71
N GLY J 586 20.53 -48.20 29.58
CA GLY J 586 20.96 -49.35 30.34
C GLY J 586 22.30 -49.86 29.85
N ARG J 587 22.38 -50.14 28.56
CA ARG J 587 23.54 -50.79 27.96
C ARG J 587 24.56 -49.76 27.52
N PRO J 588 25.78 -50.17 27.21
CA PRO J 588 26.90 -49.23 27.20
C PRO J 588 27.13 -48.50 25.87
N VAL J 589 27.81 -47.36 25.99
CA VAL J 589 28.27 -46.61 24.82
C VAL J 589 29.17 -47.49 23.96
N GLU J 590 30.01 -48.31 24.59
CA GLU J 590 30.83 -49.26 23.84
C GLU J 590 29.97 -50.27 23.09
N GLY J 591 29.02 -50.87 23.79
CA GLY J 591 28.25 -51.96 23.22
C GLY J 591 29.01 -53.24 23.49
N THR J 592 28.40 -54.16 24.23
CA THR J 592 29.15 -55.27 24.81
C THR J 592 29.84 -56.11 23.72
N HIS J 593 31.17 -56.09 23.70
CA HIS J 593 31.91 -56.43 22.48
C HIS J 593 31.73 -57.90 22.12
N ASP J 594 30.72 -58.18 21.31
CA ASP J 594 30.50 -59.52 20.74
C ASP J 594 30.03 -59.29 19.31
N GLU J 595 29.47 -60.32 18.69
CA GLU J 595 29.03 -60.20 17.31
C GLU J 595 27.61 -59.65 17.17
N LEU J 596 26.90 -59.43 18.28
CA LEU J 596 25.55 -58.86 18.25
C LEU J 596 25.52 -57.50 18.95
N THR J 597 26.57 -56.68 18.74
CA THR J 597 26.55 -55.32 19.28
C THR J 597 25.69 -54.45 18.39
N ASP J 598 24.77 -53.70 19.00
CA ASP J 598 24.07 -52.67 18.27
C ASP J 598 24.99 -51.50 17.91
N ILE J 599 26.12 -51.37 18.60
CA ILE J 599 27.08 -50.31 18.33
C ILE J 599 28.49 -50.85 18.55
N ALA J 600 29.44 -50.30 17.79
CA ALA J 600 30.85 -50.67 17.89
C ALA J 600 31.67 -49.55 17.28
N TRP J 601 32.56 -48.95 18.06
CA TRP J 601 33.31 -47.77 17.63
C TRP J 601 34.66 -48.19 17.05
N PHE J 602 35.00 -47.58 15.91
CA PHE J 602 36.22 -47.92 15.16
C PHE J 602 37.12 -46.69 15.00
N THR J 603 38.28 -46.90 14.35
CA THR J 603 39.38 -46.00 13.99
C THR J 603 39.47 -45.84 12.47
N PRO J 604 39.82 -44.65 11.95
CA PRO J 604 39.96 -44.51 10.49
C PRO J 604 40.79 -45.60 9.84
N GLU J 605 41.87 -46.03 10.50
CA GLU J 605 42.63 -47.19 10.03
C GLU J 605 41.78 -48.45 10.04
N GLY J 606 40.85 -48.57 10.99
CA GLY J 606 39.91 -49.67 10.93
C GLY J 606 39.64 -50.44 12.21
N GLU J 607 40.46 -50.25 13.24
CA GLU J 607 40.39 -51.11 14.42
C GLU J 607 39.48 -50.52 15.50
N GLU J 608 38.78 -51.41 16.20
CA GLU J 608 37.89 -51.01 17.29
C GLU J 608 38.68 -50.29 18.37
N MET J 609 38.31 -49.04 18.64
CA MET J 609 39.03 -48.26 19.64
C MET J 609 38.90 -48.92 21.01
N THR J 610 40.02 -49.02 21.71
CA THR J 610 40.10 -49.73 22.98
C THR J 610 40.47 -48.75 24.08
N SER J 611 40.79 -49.29 25.25
CA SER J 611 41.12 -48.51 26.43
C SER J 611 41.99 -47.30 26.13
N ARG J 612 43.18 -47.53 25.57
CA ARG J 612 44.12 -46.44 25.36
C ARG J 612 43.62 -45.39 24.38
N ASP J 613 42.67 -45.75 23.50
CA ASP J 613 42.07 -44.75 22.63
C ASP J 613 40.84 -44.11 23.24
N TRP J 614 40.19 -44.80 24.19
CA TRP J 614 38.95 -44.29 24.78
C TRP J 614 39.18 -43.03 25.60
N GLN J 615 40.37 -42.86 26.17
CA GLN J 615 40.74 -41.62 26.82
C GLN J 615 41.93 -40.96 26.12
N ALA J 616 41.86 -40.89 24.80
CA ALA J 616 42.79 -40.10 24.00
C ALA J 616 42.05 -38.86 23.51
N ALA J 617 42.54 -37.68 23.91
CA ALA J 617 41.90 -36.42 23.54
C ALA J 617 42.60 -35.79 22.34
N HIS J 618 42.55 -36.53 21.22
CA HIS J 618 42.90 -35.98 19.91
C HIS J 618 41.91 -36.49 18.87
N ALA J 619 40.71 -36.88 19.30
CA ALA J 619 39.77 -37.68 18.53
C ALA J 619 39.14 -36.85 17.42
N GLN J 620 39.88 -36.72 16.33
CA GLN J 620 39.44 -35.99 15.15
C GLN J 620 38.87 -36.90 14.06
N ALA J 621 38.91 -38.21 14.24
CA ALA J 621 38.49 -39.13 13.18
C ALA J 621 37.84 -40.36 13.79
N LEU J 622 36.66 -40.72 13.27
CA LEU J 622 35.86 -41.80 13.86
C LEU J 622 35.08 -42.53 12.78
N THR J 623 34.70 -43.77 13.11
CA THR J 623 33.91 -44.63 12.22
C THR J 623 32.93 -45.43 13.07
N VAL J 624 31.68 -44.98 13.11
CA VAL J 624 30.66 -45.56 13.98
C VAL J 624 29.87 -46.60 13.19
N PHE J 625 29.69 -47.78 13.78
CA PHE J 625 28.89 -48.83 13.18
C PHE J 625 27.69 -49.11 14.08
N LEU J 626 26.52 -49.26 13.46
CA LEU J 626 25.29 -49.59 14.14
C LEU J 626 24.73 -50.87 13.51
N ASN J 627 24.29 -51.81 14.35
CA ASN J 627 23.70 -53.04 13.82
C ASN J 627 22.22 -52.82 13.57
N GLY J 628 21.78 -53.20 12.36
CA GLY J 628 20.36 -53.10 12.06
C GLY J 628 19.54 -54.21 12.66
N ASN J 629 20.16 -55.33 12.99
CA ASN J 629 19.48 -56.49 13.54
C ASN J 629 19.84 -56.73 15.00
N ALA J 630 20.16 -55.65 15.73
CA ALA J 630 20.42 -55.70 17.16
C ALA J 630 19.54 -54.71 17.90
N ILE J 631 18.36 -54.41 17.34
CA ILE J 631 17.43 -53.47 17.95
C ILE J 631 16.59 -54.25 18.95
N SER J 632 17.02 -54.24 20.21
CA SER J 632 16.30 -54.92 21.30
C SER J 632 15.37 -53.90 21.95
N GLU J 633 14.20 -53.74 21.33
CA GLU J 633 13.11 -52.86 21.77
C GLU J 633 11.84 -53.34 21.08
N PRO J 634 10.70 -53.30 21.75
CA PRO J 634 9.45 -53.74 21.11
C PRO J 634 8.68 -52.59 20.47
N GLY J 635 7.86 -52.91 19.45
CA GLY J 635 7.01 -51.94 18.82
C GLY J 635 5.62 -51.87 19.44
N THR J 636 4.78 -51.04 18.83
CA THR J 636 3.47 -50.75 19.41
C THR J 636 2.68 -52.01 19.71
N GLN J 637 2.66 -52.96 18.78
CA GLN J 637 1.97 -54.23 18.97
C GLN J 637 2.94 -55.38 19.26
N GLY J 638 3.98 -55.14 20.06
CA GLY J 638 4.94 -56.16 20.42
C GLY J 638 5.89 -56.56 19.31
N GLU J 639 5.72 -56.00 18.12
CA GLU J 639 6.57 -56.27 16.97
C GLU J 639 8.04 -56.02 17.31
N ARG J 640 8.93 -56.73 16.62
CA ARG J 640 10.37 -56.58 16.81
C ARG J 640 10.90 -55.55 15.83
N ILE J 641 11.44 -54.44 16.35
CA ILE J 641 12.09 -53.46 15.50
C ILE J 641 13.41 -54.03 14.99
N ALA J 642 13.62 -53.93 13.68
CA ALA J 642 14.89 -54.31 13.06
C ALA J 642 15.10 -53.40 11.85
N ASP J 643 16.26 -53.53 11.21
CA ASP J 643 16.63 -52.57 10.18
C ASP J 643 17.83 -53.07 9.40
N ASP J 644 18.24 -52.25 8.42
CA ASP J 644 19.53 -52.36 7.77
C ASP J 644 20.65 -51.96 8.74
N SER J 645 21.83 -52.50 8.51
CA SER J 645 23.01 -52.01 9.20
C SER J 645 23.43 -50.67 8.62
N PHE J 646 24.23 -49.93 9.40
CA PHE J 646 24.70 -48.62 8.98
C PHE J 646 26.15 -48.41 9.41
N LEU J 647 26.86 -47.58 8.65
CA LEU J 647 28.25 -47.24 8.92
C LEU J 647 28.41 -45.73 8.80
N LEU J 648 28.97 -45.11 9.85
CA LEU J 648 29.28 -43.69 9.86
C LEU J 648 30.80 -43.49 9.76
N MET J 649 31.20 -42.39 9.12
CA MET J 649 32.61 -42.01 9.04
C MET J 649 32.73 -40.51 9.26
N PHE J 650 33.39 -40.13 10.36
CA PHE J 650 33.62 -38.74 10.74
C PHE J 650 35.08 -38.36 10.53
N ASN J 651 35.30 -37.14 10.02
CA ASN J 651 36.64 -36.58 9.82
C ASN J 651 36.62 -35.12 10.24
N ALA J 652 37.03 -34.86 11.48
CA ALA J 652 37.17 -33.50 11.99
C ALA J 652 38.62 -33.03 12.00
N SER J 653 39.50 -33.74 11.29
CA SER J 653 40.87 -33.30 11.07
C SER J 653 40.90 -32.45 9.81
N ALA J 654 41.62 -31.33 9.86
CA ALA J 654 41.59 -30.32 8.81
C ALA J 654 42.18 -30.79 7.49
N LYS J 655 42.60 -32.04 7.41
CA LYS J 655 43.21 -32.58 6.21
C LYS J 655 42.44 -33.80 5.72
N GLU J 656 42.82 -34.27 4.53
CA GLU J 656 42.22 -35.45 3.96
C GLU J 656 42.73 -36.70 4.69
N LEU J 657 41.95 -37.79 4.61
CA LEU J 657 42.35 -39.05 5.22
C LEU J 657 41.85 -40.23 4.41
N GLU J 658 42.45 -41.39 4.68
CA GLU J 658 42.04 -42.67 4.10
C GLU J 658 41.31 -43.46 5.18
N PHE J 659 40.07 -43.86 4.90
CA PHE J 659 39.22 -44.56 5.85
C PHE J 659 38.96 -45.97 5.36
N VAL J 660 39.22 -46.95 6.23
CA VAL J 660 39.08 -48.36 5.90
C VAL J 660 37.75 -48.87 6.42
N VAL J 661 36.99 -49.48 5.53
CA VAL J 661 35.67 -50.03 5.86
C VAL J 661 35.86 -51.35 6.59
N PRO J 662 35.21 -51.56 7.74
CA PRO J 662 35.42 -52.80 8.51
C PRO J 662 34.82 -54.04 7.86
N ASP J 663 34.91 -55.15 8.59
CA ASP J 663 34.52 -56.53 8.23
C ASP J 663 35.21 -57.06 6.97
N GLY J 666 34.89 -58.28 2.55
CA GLY J 666 33.84 -59.23 2.92
C GLY J 666 32.51 -58.95 2.25
N ARG J 667 31.51 -58.65 3.07
CA ARG J 667 30.16 -58.40 2.59
C ARG J 667 30.10 -57.09 1.80
N TYR J 668 28.94 -56.82 1.19
CA TYR J 668 28.81 -55.70 0.28
C TYR J 668 27.95 -54.58 0.87
N TRP J 669 28.56 -53.40 1.02
CA TRP J 669 27.99 -52.18 1.59
C TRP J 669 27.67 -51.19 0.49
N ARG J 670 26.78 -50.23 0.78
CA ARG J 670 26.44 -49.16 -0.14
C ARG J 670 26.37 -47.83 0.61
N MET J 671 26.97 -46.78 0.05
CA MET J 671 26.95 -45.47 0.67
C MET J 671 25.63 -44.74 0.38
N VAL J 672 25.12 -44.04 1.39
CA VAL J 672 23.84 -43.35 1.26
C VAL J 672 23.93 -41.86 1.60
N VAL J 673 24.91 -41.42 2.40
CA VAL J 673 25.08 -40.01 2.73
C VAL J 673 26.55 -39.64 2.61
N ASP J 674 26.83 -38.48 2.00
CA ASP J 674 28.18 -37.94 1.93
C ASP J 674 28.08 -36.42 1.97
N THR J 675 28.88 -35.80 2.84
CA THR J 675 28.80 -34.35 3.01
C THR J 675 29.49 -33.62 1.87
N SER J 676 30.65 -34.11 1.44
CA SER J 676 31.58 -33.34 0.62
C SER J 676 31.12 -33.13 -0.82
N ASP J 677 29.97 -33.67 -1.24
CA ASP J 677 29.80 -33.13 -2.59
C ASP J 677 28.75 -32.02 -2.60
N PRO J 678 29.01 -30.95 -3.35
CA PRO J 678 28.20 -29.72 -3.24
C PRO J 678 26.81 -29.84 -3.83
N GLU J 679 26.50 -30.90 -4.59
CA GLU J 679 25.10 -31.18 -4.89
C GLU J 679 24.33 -31.54 -3.62
N GLY J 680 25.01 -32.01 -2.58
CA GLY J 680 24.39 -32.53 -1.37
C GLY J 680 24.03 -33.98 -1.56
N MET J 681 24.49 -34.85 -0.67
CA MET J 681 24.34 -36.25 -1.04
C MET J 681 23.59 -37.12 -0.05
N PRO J 682 22.48 -36.68 0.55
CA PRO J 682 21.35 -37.59 0.71
C PRO J 682 20.38 -37.57 -0.46
N PRO J 683 20.15 -36.42 -1.21
CA PRO J 683 19.22 -36.54 -2.33
C PRO J 683 19.80 -37.34 -3.48
N GLN J 684 21.05 -37.08 -3.87
CA GLN J 684 21.71 -37.93 -4.84
C GLN J 684 22.41 -39.06 -4.08
N GLN J 685 22.48 -40.21 -4.72
CA GLN J 685 23.05 -41.41 -4.11
C GLN J 685 24.44 -41.68 -4.68
N GLY J 686 25.18 -42.56 -3.98
CA GLY J 686 26.56 -42.82 -4.33
C GLY J 686 26.87 -44.28 -4.52
N PRO J 687 28.16 -44.62 -4.45
CA PRO J 687 28.60 -45.97 -4.82
C PRO J 687 28.57 -46.97 -3.68
N GLU J 688 28.94 -48.21 -4.01
CA GLU J 688 29.15 -49.25 -3.02
C GLU J 688 30.64 -49.54 -2.90
N LEU J 689 31.11 -49.70 -1.66
CA LEU J 689 32.52 -49.95 -1.39
C LEU J 689 32.73 -51.42 -1.04
N ALA J 690 34.00 -51.82 -1.01
CA ALA J 690 34.33 -53.24 -0.94
C ALA J 690 34.05 -53.83 0.45
N GLY J 691 34.07 -53.02 1.49
CA GLY J 691 34.08 -53.56 2.83
C GLY J 691 35.46 -54.13 3.12
N GLY J 692 36.46 -53.25 3.14
CA GLY J 692 37.85 -53.65 3.15
C GLY J 692 38.65 -52.89 2.11
N GLU J 693 38.05 -51.83 1.55
CA GLU J 693 38.75 -50.90 0.67
C GLU J 693 38.87 -49.54 1.35
N ARG J 694 40.05 -48.95 1.24
CA ARG J 694 40.24 -47.58 1.73
C ARG J 694 39.34 -46.64 0.94
N VAL J 695 38.76 -45.66 1.62
CA VAL J 695 37.85 -44.68 0.99
C VAL J 695 38.31 -43.29 1.39
N THR J 696 38.95 -42.58 0.47
CA THR J 696 39.39 -41.22 0.72
C THR J 696 38.22 -40.31 1.07
N LEU J 697 38.37 -39.55 2.13
CA LEU J 697 37.31 -38.70 2.66
C LEU J 697 37.84 -37.28 2.76
N ALA J 698 36.96 -36.31 2.48
CA ALA J 698 37.37 -34.92 2.47
C ALA J 698 37.76 -34.46 3.88
N PRO J 699 38.45 -33.32 3.99
CA PRO J 699 38.67 -32.75 5.32
C PRO J 699 37.44 -32.02 5.81
N LEU J 700 37.08 -32.27 7.07
CA LEU J 700 35.86 -31.76 7.67
C LEU J 700 34.63 -32.19 6.84
N SER J 701 34.43 -33.50 6.82
CA SER J 701 33.38 -34.11 6.01
C SER J 701 32.96 -35.46 6.60
N LEU J 702 31.75 -35.88 6.26
CA LEU J 702 31.11 -37.07 6.81
C LEU J 702 30.71 -38.04 5.70
N THR J 703 30.72 -39.33 6.02
CA THR J 703 30.33 -40.38 5.09
C THR J 703 29.46 -41.41 5.80
N VAL J 704 28.41 -41.87 5.13
CA VAL J 704 27.43 -42.79 5.72
C VAL J 704 27.17 -43.94 4.76
N LEU J 705 27.14 -45.16 5.28
CA LEU J 705 26.98 -46.37 4.48
C LEU J 705 25.80 -47.20 4.99
N ARG J 706 25.37 -48.15 4.18
CA ARG J 706 24.18 -48.95 4.48
C ARG J 706 24.23 -50.31 3.79
N ARG J 707 23.97 -51.38 4.57
CA ARG J 707 23.83 -52.73 4.03
C ARG J 707 22.90 -53.54 4.91
N PRO J 708 21.83 -54.12 4.36
CA PRO J 708 20.91 -54.97 5.13
C PRO J 708 21.56 -56.24 5.68
N GLN K 5 -0.09 -63.12 24.60
CA GLN K 5 0.89 -62.19 24.07
C GLN K 5 0.91 -60.86 24.83
N VAL K 6 2.05 -60.17 24.76
CA VAL K 6 2.32 -58.99 25.59
C VAL K 6 2.91 -57.89 24.71
N TRP K 7 2.48 -56.65 24.96
CA TRP K 7 2.98 -55.44 24.31
C TRP K 7 3.48 -54.45 25.36
N PRO K 8 4.14 -53.34 24.98
CA PRO K 8 4.52 -52.35 26.00
C PRO K 8 3.36 -51.51 26.51
N GLY K 9 2.51 -51.05 25.60
CA GLY K 9 1.40 -50.20 25.98
C GLY K 9 1.86 -48.84 26.47
N GLN K 10 1.39 -48.44 27.65
CA GLN K 10 1.73 -47.15 28.24
C GLN K 10 1.88 -47.29 29.74
N ALA K 11 2.31 -46.21 30.39
CA ALA K 11 2.40 -46.14 31.84
C ALA K 11 1.16 -45.53 32.47
N TYR K 12 0.78 -44.32 32.05
CA TYR K 12 -0.43 -43.71 32.56
C TYR K 12 -1.64 -44.42 31.95
N PRO K 13 -2.59 -44.90 32.76
CA PRO K 13 -2.48 -44.87 34.23
C PRO K 13 -2.15 -46.22 34.87
N LEU K 14 -1.69 -46.15 36.12
CA LEU K 14 -1.42 -47.35 36.90
C LEU K 14 -2.73 -48.08 37.21
N GLY K 15 -2.67 -49.40 37.24
CA GLY K 15 -3.83 -50.21 37.51
C GLY K 15 -4.47 -50.79 36.26
N ALA K 16 -5.64 -51.39 36.45
CA ALA K 16 -6.32 -52.09 35.37
C ALA K 16 -7.03 -51.09 34.45
N THR K 17 -6.79 -51.22 33.15
CA THR K 17 -7.36 -50.33 32.15
C THR K 17 -7.63 -51.11 30.85
N TYR K 18 -8.91 -51.24 30.49
CA TYR K 18 -9.30 -52.06 29.36
C TYR K 18 -9.38 -51.19 28.10
N ASP K 19 -8.51 -51.46 27.14
CA ASP K 19 -8.36 -50.64 25.93
C ASP K 19 -9.25 -51.12 24.78
N GLY K 20 -10.52 -51.40 25.03
CA GLY K 20 -11.34 -51.89 23.95
C GLY K 20 -10.94 -53.29 23.49
N ALA K 21 -9.68 -53.45 23.11
CA ALA K 21 -9.12 -54.79 22.82
C ALA K 21 -8.61 -55.45 24.10
N GLY K 22 -7.61 -54.85 24.73
CA GLY K 22 -6.93 -55.50 25.85
C GLY K 22 -6.86 -54.68 27.11
N THR K 23 -5.79 -54.86 27.89
CA THR K 23 -5.68 -54.24 29.21
C THR K 23 -4.24 -53.93 29.53
N ASN K 24 -3.91 -52.65 29.64
CA ASN K 24 -2.57 -52.25 30.04
C ASN K 24 -2.47 -52.29 31.56
N PHE K 25 -1.56 -53.10 32.07
CA PHE K 25 -1.31 -53.18 33.49
C PHE K 25 -0.09 -52.34 33.83
N ALA K 26 -0.08 -51.79 35.03
CA ALA K 26 1.02 -50.95 35.49
C ALA K 26 1.05 -50.97 37.01
N VAL K 27 2.25 -50.95 37.59
CA VAL K 27 2.40 -50.82 39.02
C VAL K 27 3.77 -50.25 39.33
N PHE K 28 3.83 -49.47 40.41
CA PHE K 28 5.02 -48.75 40.81
C PHE K 28 5.69 -49.48 41.97
N SER K 29 7.01 -49.59 41.92
CA SER K 29 7.77 -50.01 43.09
C SER K 29 9.22 -49.57 42.90
N GLU K 30 9.61 -48.49 43.59
CA GLU K 30 10.96 -47.96 43.42
C GLU K 30 12.03 -48.89 43.93
N ALA K 31 11.65 -49.98 44.61
CA ALA K 31 12.62 -50.92 45.17
C ALA K 31 12.20 -52.37 44.97
N ALA K 32 11.55 -52.68 43.85
CA ALA K 32 11.28 -54.07 43.47
C ALA K 32 12.27 -54.51 42.40
N HIS K 33 12.82 -55.71 42.57
CA HIS K 33 13.80 -56.21 41.62
C HIS K 33 13.14 -56.68 40.33
N ARG K 34 12.22 -57.64 40.43
CA ARG K 34 11.50 -58.20 39.30
C ARG K 34 10.02 -58.22 39.64
N ILE K 35 9.17 -57.94 38.66
CA ILE K 35 7.72 -57.93 38.86
C ILE K 35 7.07 -58.90 37.87
N GLU K 36 6.20 -59.76 38.40
CA GLU K 36 5.45 -60.72 37.60
C GLU K 36 3.97 -60.41 37.78
N LEU K 37 3.29 -60.10 36.69
CA LEU K 37 1.85 -59.90 36.69
C LEU K 37 1.18 -61.26 36.53
N CYS K 38 0.50 -61.72 37.58
CA CYS K 38 -0.20 -62.99 37.57
C CYS K 38 -1.67 -62.79 37.20
N LEU K 39 -2.12 -63.48 36.17
CA LEU K 39 -3.53 -63.51 35.78
C LEU K 39 -4.15 -64.76 36.39
N LEU K 40 -4.95 -64.58 37.42
CA LEU K 40 -5.65 -65.71 38.01
C LEU K 40 -6.72 -66.24 37.05
N HIS K 41 -6.95 -67.54 37.11
CA HIS K 41 -7.92 -68.22 36.25
C HIS K 41 -8.99 -68.90 37.11
N ASP K 42 -9.98 -69.51 36.44
CA ASP K 42 -11.12 -70.10 37.14
C ASP K 42 -10.72 -71.23 38.08
N ASP K 43 -9.50 -71.76 37.97
CA ASP K 43 -8.99 -72.77 38.87
C ASP K 43 -7.71 -72.30 39.56
N GLY K 44 -7.57 -70.99 39.71
CA GLY K 44 -6.43 -70.42 40.41
C GLY K 44 -5.09 -70.83 39.86
N SER K 45 -4.97 -70.93 38.53
CA SER K 45 -3.69 -71.17 37.88
C SER K 45 -3.20 -69.85 37.30
N GLU K 46 -2.23 -69.23 37.96
CA GLU K 46 -1.74 -67.95 37.51
C GLU K 46 -1.04 -68.08 36.16
N THR K 47 -1.11 -67.01 35.38
CA THR K 47 -0.39 -66.92 34.11
C THR K 47 0.49 -65.68 34.19
N ALA K 48 1.68 -65.85 34.75
CA ALA K 48 2.53 -64.71 35.05
C ALA K 48 3.11 -64.11 33.77
N VAL K 49 3.13 -62.78 33.73
CA VAL K 49 3.78 -62.02 32.66
C VAL K 49 4.82 -61.14 33.33
N GLU K 50 6.10 -61.39 33.04
CA GLU K 50 7.14 -60.49 33.54
C GLU K 50 6.96 -59.12 32.89
N LEU K 51 6.47 -58.17 33.65
CA LEU K 51 6.48 -56.78 33.20
C LEU K 51 7.93 -56.32 33.13
N ARG K 52 8.33 -55.77 31.98
CA ARG K 52 9.69 -55.33 31.76
C ARG K 52 9.83 -53.84 31.44
N GLU K 53 8.83 -53.23 30.82
CA GLU K 53 8.88 -51.82 30.45
C GLU K 53 8.86 -50.97 31.72
N THR K 54 10.02 -50.47 32.12
CA THR K 54 10.14 -49.69 33.36
C THR K 54 10.47 -48.24 33.01
N ASP K 55 9.46 -47.38 33.07
CA ASP K 55 9.65 -45.94 33.12
C ASP K 55 9.25 -45.47 34.51
N ALA K 56 10.10 -44.66 35.12
CA ALA K 56 9.84 -44.07 36.44
C ALA K 56 9.59 -45.15 37.50
N PHE K 57 10.48 -46.14 37.54
CA PHE K 57 10.41 -47.26 38.47
C PHE K 57 9.12 -48.07 38.34
N VAL K 58 8.32 -47.81 37.31
CA VAL K 58 7.00 -48.42 37.15
C VAL K 58 7.05 -49.46 36.05
N ARG K 59 6.56 -50.66 36.33
CA ARG K 59 6.49 -51.74 35.35
C ARG K 59 5.10 -51.75 34.72
N HIS K 60 5.06 -51.83 33.39
CA HIS K 60 3.81 -51.78 32.65
C HIS K 60 3.94 -52.59 31.38
N ALA K 61 2.86 -53.26 31.00
CA ALA K 61 2.84 -54.05 29.77
C ALA K 61 1.42 -54.33 29.29
N TYR K 62 1.04 -53.82 28.13
CA TYR K 62 -0.31 -54.02 27.61
C TYR K 62 -0.49 -55.43 27.06
N LEU K 63 -1.54 -56.11 27.54
CA LEU K 63 -1.92 -57.43 27.04
C LEU K 63 -3.21 -57.27 26.24
N PRO K 64 -3.18 -57.39 24.91
CA PRO K 64 -4.43 -57.36 24.17
C PRO K 64 -5.24 -58.61 24.43
N GLY K 65 -6.56 -58.44 24.48
CA GLY K 65 -7.46 -59.57 24.66
C GLY K 65 -8.13 -59.67 26.01
N VAL K 66 -7.39 -59.36 27.09
CA VAL K 66 -7.94 -59.47 28.44
C VAL K 66 -9.21 -58.65 28.55
N MET K 67 -10.27 -59.26 29.11
CA MET K 67 -11.58 -58.67 29.20
C MET K 67 -11.87 -58.23 30.63
N PRO K 68 -12.85 -57.35 30.82
CA PRO K 68 -13.35 -57.11 32.18
C PRO K 68 -13.89 -58.39 32.79
N GLY K 69 -13.75 -58.50 34.12
CA GLY K 69 -14.07 -59.70 34.83
C GLY K 69 -12.90 -60.62 35.05
N GLN K 70 -11.72 -60.28 34.52
CA GLN K 70 -10.53 -61.10 34.69
C GLN K 70 -9.78 -60.71 35.96
N ARG K 71 -9.56 -61.69 36.83
CA ARG K 71 -8.77 -61.48 38.02
C ARG K 71 -7.30 -61.30 37.66
N TYR K 72 -6.61 -60.49 38.47
CA TYR K 72 -5.18 -60.34 38.34
C TYR K 72 -4.60 -60.06 39.73
N GLY K 73 -3.28 -60.07 39.79
CA GLY K 73 -2.57 -59.80 41.02
C GLY K 73 -1.17 -59.40 40.68
N PHE K 74 -0.28 -59.47 41.68
CA PHE K 74 1.09 -59.10 41.43
C PHE K 74 2.01 -59.89 42.37
N ARG K 75 3.19 -60.20 41.87
CA ARG K 75 4.22 -60.89 42.64
C ARG K 75 5.52 -60.11 42.52
N VAL K 76 5.93 -59.48 43.60
CA VAL K 76 7.17 -58.71 43.62
C VAL K 76 8.22 -59.55 44.34
N HIS K 77 9.30 -59.86 43.62
CA HIS K 77 10.45 -60.56 44.18
C HIS K 77 11.50 -59.49 44.52
N GLY K 78 11.38 -58.92 45.71
CA GLY K 78 12.35 -57.96 46.19
C GLY K 78 13.03 -58.47 47.44
N PRO K 79 13.97 -57.68 47.98
CA PRO K 79 14.68 -58.10 49.19
C PRO K 79 13.72 -58.23 50.36
N TYR K 80 13.85 -59.32 51.12
CA TYR K 80 13.19 -59.41 52.41
C TYR K 80 14.26 -59.16 53.47
N ALA K 81 14.48 -57.89 53.76
CA ALA K 81 15.43 -57.47 54.80
C ALA K 81 14.72 -56.44 55.66
N PRO K 82 13.92 -56.89 56.63
CA PRO K 82 13.08 -55.95 57.39
C PRO K 82 13.87 -54.92 58.19
N GLU K 83 15.18 -55.05 58.32
CA GLU K 83 15.99 -54.03 58.94
C GLU K 83 16.35 -52.89 57.98
N ARG K 84 15.92 -52.98 56.72
CA ARG K 84 16.05 -51.89 55.76
C ARG K 84 14.72 -51.56 55.10
N GLY K 85 13.61 -51.83 55.79
CA GLY K 85 12.30 -51.44 55.29
C GLY K 85 11.83 -52.22 54.08
N LEU K 86 12.32 -53.45 53.89
CA LEU K 86 11.95 -54.27 52.74
C LEU K 86 11.35 -55.58 53.24
N ARG K 87 10.02 -55.64 53.31
CA ARG K 87 9.30 -56.89 53.51
C ARG K 87 8.69 -57.41 52.22
N CYS K 88 9.36 -57.19 51.09
CA CYS K 88 8.84 -57.50 49.76
C CYS K 88 9.06 -58.97 49.49
N ASN K 89 7.99 -59.76 49.59
CA ASN K 89 8.04 -61.18 49.28
C ASN K 89 7.21 -61.46 48.03
N ALA K 90 7.54 -62.56 47.37
CA ALA K 90 6.88 -62.95 46.13
C ALA K 90 5.94 -64.12 46.29
N ALA K 91 5.91 -64.75 47.47
CA ALA K 91 4.98 -65.85 47.69
C ALA K 91 3.55 -65.35 47.81
N LYS K 92 3.37 -64.11 48.27
CA LYS K 92 2.04 -63.57 48.51
C LYS K 92 1.52 -62.87 47.27
N LEU K 93 0.20 -62.81 47.15
CA LEU K 93 -0.46 -62.33 45.93
C LEU K 93 -0.78 -60.84 46.09
N LEU K 94 0.17 -59.99 45.69
CA LEU K 94 0.04 -58.55 45.90
C LEU K 94 -1.14 -57.98 45.11
N LEU K 95 -1.90 -57.10 45.76
CA LEU K 95 -3.11 -56.50 45.19
C LEU K 95 -2.81 -55.12 44.62
N ASP K 96 -3.10 -54.94 43.33
CA ASP K 96 -2.90 -53.70 42.61
C ASP K 96 -3.60 -52.55 43.32
N PRO K 97 -2.87 -51.59 43.91
CA PRO K 97 -3.50 -50.54 44.70
C PRO K 97 -4.28 -49.53 43.87
N TYR K 98 -4.49 -49.82 42.58
CA TYR K 98 -5.36 -49.04 41.71
C TYR K 98 -6.47 -49.90 41.12
N ALA K 99 -6.97 -50.85 41.90
CA ALA K 99 -7.96 -51.81 41.41
C ALA K 99 -9.35 -51.23 41.54
N ARG K 100 -9.96 -50.88 40.41
CA ARG K 100 -11.28 -50.25 40.40
C ARG K 100 -12.38 -51.18 40.89
N ALA K 101 -12.05 -52.44 41.19
CA ALA K 101 -13.01 -53.40 41.74
C ALA K 101 -12.23 -54.60 42.26
N VAL K 102 -12.67 -55.15 43.40
CA VAL K 102 -12.01 -56.29 44.01
C VAL K 102 -13.07 -57.33 44.38
N SER K 103 -12.65 -58.58 44.48
CA SER K 103 -13.53 -59.71 44.70
C SER K 103 -12.99 -60.60 45.80
N GLY K 104 -13.85 -60.98 46.74
CA GLY K 104 -13.53 -62.00 47.72
C GLY K 104 -13.41 -61.44 49.13
N ARG K 105 -13.04 -62.35 50.04
CA ARG K 105 -12.84 -62.03 51.44
C ARG K 105 -11.56 -62.70 51.91
N VAL K 106 -10.92 -62.11 52.91
CA VAL K 106 -9.68 -62.66 53.45
C VAL K 106 -10.03 -63.83 54.37
N ARG K 107 -9.58 -65.03 53.98
CA ARG K 107 -9.80 -66.25 54.75
C ARG K 107 -8.53 -66.50 55.55
N TRP K 108 -8.59 -66.24 56.85
CA TRP K 108 -7.40 -66.00 57.67
C TRP K 108 -6.58 -67.26 57.87
N GLY K 109 -5.42 -67.32 57.22
CA GLY K 109 -4.50 -68.42 57.40
C GLY K 109 -3.07 -67.96 57.66
N GLU K 110 -2.14 -68.92 57.67
CA GLU K 110 -0.72 -68.58 57.84
C GLU K 110 -0.17 -67.82 56.64
N ALA K 111 -0.68 -68.09 55.44
CA ALA K 111 -0.05 -67.59 54.24
C ALA K 111 -0.11 -66.07 54.17
N VAL K 112 -1.27 -65.50 54.48
CA VAL K 112 -1.59 -64.12 54.11
C VAL K 112 -0.74 -63.09 54.83
N TYR K 113 0.18 -63.54 55.69
CA TYR K 113 0.90 -62.59 56.54
C TYR K 113 2.29 -62.22 56.04
N GLY K 114 3.04 -63.16 55.45
CA GLY K 114 4.30 -62.83 54.81
C GLY K 114 5.53 -63.07 55.66
N TYR K 115 5.37 -63.24 56.97
CA TYR K 115 6.39 -63.61 57.94
C TYR K 115 5.95 -64.86 58.69
N PRO K 116 6.89 -65.68 59.17
CA PRO K 116 6.50 -66.94 59.82
C PRO K 116 5.75 -66.67 61.11
N PHE K 117 5.01 -67.70 61.55
CA PHE K 117 4.22 -67.61 62.77
C PHE K 117 4.98 -68.04 64.01
N GLY K 118 6.31 -68.03 63.95
CA GLY K 118 7.11 -68.28 65.14
C GLY K 118 8.08 -67.14 65.43
N ARG K 119 8.53 -66.44 64.38
CA ARG K 119 9.51 -65.37 64.52
C ARG K 119 9.03 -64.17 63.71
N PRO K 120 8.86 -63.00 64.33
CA PRO K 120 8.38 -61.82 63.59
C PRO K 120 9.33 -61.26 62.53
N ASP K 121 10.57 -61.76 62.41
CA ASP K 121 11.54 -61.09 61.54
C ASP K 121 12.17 -62.02 60.51
N ALA K 122 11.52 -63.13 60.16
CA ALA K 122 11.99 -64.06 59.15
C ALA K 122 11.14 -63.96 57.88
N ARG K 123 11.38 -64.86 56.93
CA ARG K 123 10.71 -64.85 55.64
C ARG K 123 9.75 -66.03 55.52
N ASN K 124 8.46 -65.72 55.34
CA ASN K 124 7.44 -66.72 55.09
C ASN K 124 7.26 -66.91 53.59
N ASP K 125 7.26 -68.17 53.17
CA ASP K 125 7.23 -68.50 51.75
C ASP K 125 6.02 -69.36 51.39
N LEU K 126 4.85 -68.95 51.83
CA LEU K 126 3.59 -69.62 51.51
C LEU K 126 2.90 -68.88 50.36
N ASP K 127 2.45 -69.64 49.35
CA ASP K 127 1.80 -69.07 48.18
C ASP K 127 0.39 -68.67 48.59
N SER K 128 0.24 -67.43 49.07
CA SER K 128 -0.99 -66.94 49.68
C SER K 128 -2.14 -66.83 48.68
N ALA K 129 -1.89 -67.17 47.41
CA ALA K 129 -2.84 -66.98 46.31
C ALA K 129 -4.30 -67.31 46.62
N PRO K 130 -4.64 -68.47 47.21
CA PRO K 130 -6.06 -68.79 47.39
C PRO K 130 -6.73 -68.12 48.56
N ASP K 131 -6.00 -67.30 49.34
CA ASP K 131 -6.55 -66.73 50.56
C ASP K 131 -6.41 -65.21 50.67
N THR K 132 -5.57 -64.57 49.86
CA THR K 132 -5.60 -63.12 49.77
C THR K 132 -6.75 -62.68 48.87
N MET K 133 -6.99 -61.37 48.80
CA MET K 133 -7.97 -60.86 47.87
C MET K 133 -7.37 -60.81 46.47
N THR K 134 -8.25 -60.61 45.48
CA THR K 134 -7.83 -60.59 44.07
C THR K 134 -8.37 -59.35 43.38
N SER K 135 -7.48 -58.45 42.99
CA SER K 135 -7.85 -57.31 42.15
C SER K 135 -8.44 -57.80 40.83
N VAL K 136 -9.41 -57.02 40.31
CA VAL K 136 -10.26 -57.44 39.20
C VAL K 136 -10.16 -56.39 38.09
N VAL K 137 -10.54 -56.81 36.88
CA VAL K 137 -10.50 -55.94 35.70
C VAL K 137 -11.89 -55.35 35.49
N VAL K 138 -11.95 -54.02 35.40
CA VAL K 138 -13.17 -53.26 35.64
C VAL K 138 -13.54 -52.51 34.37
N ASN K 139 -14.71 -52.78 33.83
CA ASN K 139 -15.18 -51.95 32.72
C ASN K 139 -15.61 -50.59 33.25
N PRO K 140 -15.23 -49.50 32.59
CA PRO K 140 -15.59 -48.18 33.09
C PRO K 140 -16.90 -47.62 32.56
N TYR K 141 -17.38 -48.15 31.43
CA TYR K 141 -18.50 -47.53 30.73
C TYR K 141 -19.78 -47.60 31.56
N PHE K 142 -20.64 -46.61 31.36
CA PHE K 142 -21.94 -46.55 32.03
C PHE K 142 -22.77 -45.45 31.38
N ASP K 143 -24.10 -45.64 31.40
CA ASP K 143 -25.03 -44.75 30.71
C ASP K 143 -25.57 -43.72 31.71
N TRP K 144 -24.74 -42.72 32.00
CA TRP K 144 -25.13 -41.61 32.90
C TRP K 144 -26.01 -40.65 32.10
N GLY K 145 -27.28 -41.01 31.93
CA GLY K 145 -28.10 -40.28 30.99
C GLY K 145 -28.50 -38.87 31.38
N ASP K 146 -29.44 -38.71 32.30
CA ASP K 146 -29.79 -37.38 32.82
C ASP K 146 -29.07 -37.09 34.14
N ASP K 147 -27.76 -37.32 34.20
CA ASP K 147 -27.07 -37.22 35.48
C ASP K 147 -26.60 -35.79 35.71
N ARG K 148 -27.57 -34.93 35.98
CA ARG K 148 -27.27 -33.60 36.48
C ARG K 148 -26.80 -33.72 37.91
N ARG K 149 -25.54 -33.37 38.16
CA ARG K 149 -24.98 -33.45 39.50
C ARG K 149 -25.56 -32.32 40.34
N PRO K 150 -26.47 -32.64 41.27
CA PRO K 150 -27.23 -31.58 41.96
C PRO K 150 -26.39 -30.84 43.00
N ARG K 151 -25.63 -29.86 42.53
CA ARG K 151 -24.71 -29.17 43.43
C ARG K 151 -25.48 -28.26 44.38
N THR K 152 -26.26 -28.88 45.27
CA THR K 152 -26.95 -28.14 46.32
C THR K 152 -25.94 -27.40 47.18
N GLU K 153 -26.13 -26.09 47.29
CA GLU K 153 -25.19 -25.28 48.06
C GLU K 153 -25.28 -25.61 49.54
N TYR K 154 -24.35 -25.06 50.31
CA TYR K 154 -24.23 -25.40 51.72
C TYR K 154 -25.47 -25.02 52.51
N HIS K 155 -25.95 -23.80 52.34
CA HIS K 155 -27.06 -23.33 53.19
C HIS K 155 -28.40 -24.00 52.86
N HIS K 156 -28.46 -24.90 51.88
CA HIS K 156 -29.67 -25.67 51.59
C HIS K 156 -29.44 -27.16 51.79
N THR K 157 -28.50 -27.51 52.65
CA THR K 157 -28.09 -28.90 52.85
C THR K 157 -28.49 -29.39 54.23
N VAL K 158 -29.01 -30.62 54.28
CA VAL K 158 -29.13 -31.39 55.52
C VAL K 158 -28.45 -32.74 55.28
N ILE K 159 -27.28 -32.94 55.88
CA ILE K 159 -26.53 -34.17 55.66
C ILE K 159 -27.25 -35.33 56.36
N TYR K 160 -26.98 -36.53 55.86
CA TYR K 160 -27.55 -37.75 56.44
C TYR K 160 -26.49 -38.84 56.32
N GLU K 161 -25.77 -39.08 57.42
CA GLU K 161 -24.72 -40.11 57.45
C GLU K 161 -25.38 -41.45 57.76
N ALA K 162 -25.27 -42.37 56.81
CA ALA K 162 -25.90 -43.68 56.93
C ALA K 162 -24.94 -44.74 56.42
N HIS K 163 -25.00 -45.92 57.03
CA HIS K 163 -24.21 -47.04 56.58
C HIS K 163 -25.05 -47.98 55.72
N VAL K 164 -24.45 -48.46 54.64
CA VAL K 164 -25.21 -49.02 53.52
C VAL K 164 -25.94 -50.28 53.95
N LYS K 165 -25.26 -51.19 54.63
CA LYS K 165 -25.94 -52.39 55.10
C LYS K 165 -27.02 -52.05 56.12
N GLY K 166 -26.71 -51.12 57.03
CA GLY K 166 -27.67 -50.77 58.06
C GLY K 166 -28.97 -50.23 57.50
N LEU K 167 -28.90 -49.44 56.44
CA LEU K 167 -30.10 -48.87 55.84
C LEU K 167 -31.09 -49.94 55.40
N THR K 168 -30.72 -50.75 54.43
CA THR K 168 -31.66 -51.60 53.72
C THR K 168 -31.45 -53.08 53.96
N MET K 169 -30.83 -53.46 55.08
CA MET K 169 -30.83 -54.87 55.45
C MET K 169 -32.17 -55.31 56.03
N LEU K 170 -33.00 -54.36 56.48
CA LEU K 170 -34.19 -54.69 57.24
C LEU K 170 -35.43 -54.02 56.67
N HIS K 171 -35.48 -53.82 55.37
CA HIS K 171 -36.65 -53.11 54.85
C HIS K 171 -37.77 -54.09 54.50
N PRO K 172 -39.02 -53.85 54.93
CA PRO K 172 -40.12 -54.69 54.48
C PRO K 172 -40.70 -54.23 53.14
N ASP K 173 -39.84 -53.86 52.21
CA ASP K 173 -40.30 -53.42 50.89
C ASP K 173 -39.45 -53.94 49.74
N LEU K 174 -38.19 -54.30 49.96
CA LEU K 174 -37.32 -54.66 48.86
C LEU K 174 -37.36 -56.16 48.64
N PRO K 175 -36.95 -56.62 47.47
CA PRO K 175 -36.60 -58.04 47.35
C PRO K 175 -35.42 -58.35 48.26
N GLU K 176 -35.49 -59.50 48.95
CA GLU K 176 -34.37 -59.95 49.75
C GLU K 176 -33.08 -59.99 48.93
N GLU K 177 -33.20 -60.09 47.62
CA GLU K 177 -32.05 -59.95 46.73
C GLU K 177 -31.37 -58.60 46.91
N LEU K 178 -32.14 -57.52 46.82
CA LEU K 178 -31.62 -56.17 46.87
C LEU K 178 -31.61 -55.58 48.28
N ARG K 179 -31.60 -56.42 49.31
CA ARG K 179 -31.68 -55.94 50.67
C ARG K 179 -30.28 -55.86 51.28
N GLY K 180 -29.88 -54.65 51.68
CA GLY K 180 -28.58 -54.44 52.26
C GLY K 180 -27.44 -54.35 51.26
N THR K 181 -27.65 -53.66 50.13
CA THR K 181 -26.63 -53.52 49.10
C THR K 181 -26.74 -52.14 48.47
N TYR K 182 -25.80 -51.86 47.55
CA TYR K 182 -25.91 -50.67 46.71
C TYR K 182 -27.23 -50.66 45.95
N ALA K 183 -27.62 -51.82 45.41
CA ALA K 183 -28.79 -51.87 44.53
C ALA K 183 -30.05 -51.46 45.28
N GLY K 184 -30.25 -52.02 46.47
CA GLY K 184 -31.41 -51.65 47.27
C GLY K 184 -31.34 -50.26 47.85
N LEU K 185 -30.20 -49.59 47.73
CA LEU K 185 -30.15 -48.17 48.10
C LEU K 185 -30.99 -47.34 47.15
N ALA K 186 -31.17 -47.79 45.91
CA ALA K 186 -31.83 -47.03 44.86
C ALA K 186 -33.30 -47.42 44.70
N HIS K 187 -33.89 -48.08 45.68
CA HIS K 187 -35.27 -48.50 45.59
C HIS K 187 -36.21 -47.29 45.62
N PRO K 188 -37.35 -47.35 44.92
CA PRO K 188 -38.30 -46.23 44.93
C PRO K 188 -38.78 -45.81 46.32
N SER K 189 -38.63 -46.66 47.33
CA SER K 189 -39.11 -46.30 48.66
C SER K 189 -38.03 -45.64 49.52
N VAL K 190 -36.78 -46.09 49.40
CA VAL K 190 -35.72 -45.52 50.23
C VAL K 190 -35.43 -44.08 49.80
N ILE K 191 -35.20 -43.86 48.51
CA ILE K 191 -34.96 -42.50 48.00
C ILE K 191 -36.11 -41.58 48.41
N GLY K 192 -37.35 -42.08 48.31
CA GLY K 192 -38.50 -41.28 48.73
C GLY K 192 -38.39 -40.81 50.15
N HIS K 193 -38.02 -41.73 51.06
CA HIS K 193 -37.75 -41.37 52.45
C HIS K 193 -36.83 -40.16 52.54
N LEU K 194 -35.63 -40.29 51.96
CA LEU K 194 -34.68 -39.19 51.94
C LEU K 194 -35.30 -37.93 51.34
N ARG K 195 -36.16 -38.10 50.33
CA ARG K 195 -36.79 -36.97 49.65
C ARG K 195 -37.98 -36.43 50.43
N GLU K 196 -38.75 -37.32 51.08
CA GLU K 196 -39.79 -36.87 52.00
C GLU K 196 -39.18 -36.22 53.23
N LEU K 197 -38.10 -36.80 53.76
CA LEU K 197 -37.48 -36.25 54.95
C LEU K 197 -36.78 -34.93 54.65
N GLY K 198 -36.26 -34.78 53.44
CA GLY K 198 -35.69 -33.52 53.03
C GLY K 198 -34.18 -33.45 53.15
N VAL K 199 -33.49 -34.57 52.92
CA VAL K 199 -32.04 -34.59 52.96
C VAL K 199 -31.52 -34.38 51.54
N THR K 200 -30.42 -33.65 51.44
CA THR K 200 -29.77 -33.38 50.17
C THR K 200 -28.41 -34.04 50.08
N ALA K 201 -27.97 -34.71 51.14
CA ALA K 201 -26.57 -35.16 51.24
C ALA K 201 -26.54 -36.48 52.00
N LEU K 202 -26.52 -37.59 51.25
CA LEU K 202 -26.44 -38.92 51.86
C LEU K 202 -24.97 -39.20 52.12
N GLU K 203 -24.51 -38.91 53.34
CA GLU K 203 -23.14 -39.28 53.66
C GLU K 203 -23.05 -40.79 53.82
N LEU K 204 -22.58 -41.47 52.78
CA LEU K 204 -22.34 -42.90 52.89
C LEU K 204 -21.14 -43.15 53.79
N MET K 205 -21.29 -44.06 54.72
CA MET K 205 -20.20 -44.46 55.60
C MET K 205 -19.19 -45.25 54.76
N PRO K 206 -18.05 -45.72 55.33
CA PRO K 206 -17.01 -46.36 54.50
C PRO K 206 -17.49 -47.26 53.37
N VAL K 207 -17.04 -46.96 52.15
CA VAL K 207 -17.34 -47.76 50.97
C VAL K 207 -16.09 -48.12 50.19
N HIS K 208 -14.95 -47.54 50.56
CA HIS K 208 -13.68 -48.08 50.10
C HIS K 208 -13.59 -49.52 50.57
N GLN K 209 -13.08 -50.40 49.73
CA GLN K 209 -13.18 -51.81 50.06
C GLN K 209 -12.21 -52.17 51.17
N PHE K 210 -12.76 -52.62 52.29
CA PHE K 210 -12.04 -52.84 53.54
C PHE K 210 -11.98 -54.32 53.90
N VAL K 211 -11.12 -54.62 54.87
CA VAL K 211 -10.82 -55.99 55.29
C VAL K 211 -11.42 -56.23 56.67
N ASN K 212 -11.95 -57.44 56.86
CA ASN K 212 -12.47 -57.89 58.14
C ASN K 212 -11.31 -58.31 59.04
N ASP K 213 -11.16 -57.62 60.18
CA ASP K 213 -9.98 -57.81 61.03
C ASP K 213 -9.91 -59.21 61.62
N HIS K 214 -8.69 -59.74 61.74
CA HIS K 214 -8.48 -61.04 62.38
C HIS K 214 -8.84 -60.96 63.87
N ARG K 215 -8.45 -59.86 64.52
CA ARG K 215 -8.87 -59.55 65.88
C ARG K 215 -10.38 -59.71 66.08
N LEU K 216 -11.17 -59.62 65.01
CA LEU K 216 -12.62 -59.66 65.09
C LEU K 216 -13.22 -60.92 64.49
N VAL K 217 -12.71 -61.40 63.35
CA VAL K 217 -13.33 -62.54 62.67
C VAL K 217 -13.10 -63.82 63.45
N ASP K 218 -11.87 -64.03 63.94
CA ASP K 218 -11.51 -65.19 64.74
C ASP K 218 -12.03 -65.13 66.16
N ALA K 219 -12.96 -64.20 66.45
CA ALA K 219 -13.54 -64.09 67.78
C ALA K 219 -15.05 -63.88 67.72
N GLY K 220 -15.69 -64.24 66.61
CA GLY K 220 -17.14 -64.17 66.48
C GLY K 220 -17.66 -62.86 65.93
N LEU K 221 -16.95 -61.76 66.16
CA LEU K 221 -17.39 -60.46 65.68
C LEU K 221 -16.96 -60.25 64.23
N SER K 222 -17.14 -59.02 63.75
CA SER K 222 -16.78 -58.65 62.39
C SER K 222 -16.62 -57.14 62.36
N ASN K 223 -16.03 -56.65 61.26
CA ASN K 223 -15.83 -55.21 61.08
C ASN K 223 -17.05 -54.66 60.36
N TYR K 224 -17.84 -53.84 61.06
CA TYR K 224 -19.06 -53.32 60.45
C TYR K 224 -18.86 -51.92 59.90
N TRP K 225 -18.48 -50.97 60.77
CA TRP K 225 -18.26 -49.59 60.32
C TRP K 225 -17.36 -49.55 59.10
N GLY K 226 -16.16 -50.13 59.22
CA GLY K 226 -15.31 -50.29 58.06
C GLY K 226 -14.24 -49.24 57.93
N TYR K 227 -13.64 -48.84 59.05
CA TYR K 227 -12.55 -47.86 59.02
C TYR K 227 -11.20 -48.56 58.99
N ASN K 228 -11.05 -49.45 58.00
CA ASN K 228 -9.79 -50.15 57.80
C ASN K 228 -9.72 -50.59 56.34
N THR K 229 -9.18 -49.72 55.48
CA THR K 229 -9.35 -49.84 54.02
C THR K 229 -8.05 -50.20 53.31
N ILE K 230 -8.16 -51.05 52.28
CA ILE K 230 -7.09 -51.26 51.32
C ILE K 230 -7.49 -50.83 49.92
N GLY K 231 -8.73 -51.05 49.53
CA GLY K 231 -9.13 -50.74 48.17
C GLY K 231 -9.75 -49.36 48.05
N PHE K 232 -8.93 -48.39 47.64
CA PHE K 232 -9.35 -46.99 47.61
C PHE K 232 -10.08 -46.61 46.33
N PHE K 233 -9.82 -47.33 45.24
CA PHE K 233 -10.49 -47.08 43.96
C PHE K 233 -11.66 -48.01 43.71
N ALA K 234 -12.08 -48.78 44.72
CA ALA K 234 -13.08 -49.80 44.51
C ALA K 234 -14.29 -49.60 45.41
N PRO K 235 -15.49 -49.87 44.92
CA PRO K 235 -16.62 -50.03 45.83
C PRO K 235 -16.44 -51.31 46.62
N HIS K 236 -16.79 -51.24 47.91
CA HIS K 236 -16.63 -52.38 48.81
C HIS K 236 -17.47 -53.55 48.31
N ASN K 237 -16.87 -54.74 48.29
CA ASN K 237 -17.44 -55.86 47.56
C ASN K 237 -18.74 -56.36 48.21
N ALA K 238 -18.77 -56.44 49.54
CA ALA K 238 -19.89 -57.06 50.25
C ALA K 238 -21.18 -56.27 50.19
N TYR K 239 -21.18 -55.07 49.59
CA TYR K 239 -22.38 -54.25 49.50
C TYR K 239 -23.04 -54.33 48.13
N ALA K 240 -22.81 -55.40 47.37
CA ALA K 240 -23.27 -55.49 45.98
C ALA K 240 -23.95 -56.82 45.74
N SER K 241 -25.24 -56.79 45.41
CA SER K 241 -25.96 -58.02 45.10
C SER K 241 -25.71 -58.50 43.67
N TRP K 242 -24.99 -57.73 42.86
CA TRP K 242 -24.77 -58.05 41.46
C TRP K 242 -23.51 -58.87 41.21
N GLY K 243 -22.60 -58.98 42.18
CA GLY K 243 -21.43 -59.80 42.07
C GLY K 243 -20.16 -59.06 42.41
N ASP K 244 -19.05 -59.79 42.38
CA ASP K 244 -17.73 -59.25 42.70
C ASP K 244 -16.78 -59.19 41.51
N ARG K 245 -17.21 -59.64 40.34
CA ARG K 245 -16.37 -59.63 39.14
C ARG K 245 -16.62 -58.37 38.33
N GLY K 246 -16.34 -57.22 38.95
CA GLY K 246 -16.58 -55.95 38.31
C GLY K 246 -18.03 -55.53 38.22
N GLN K 247 -18.95 -56.33 38.76
CA GLN K 247 -20.35 -55.96 38.77
C GLN K 247 -20.64 -54.78 39.70
N GLN K 248 -19.89 -54.69 40.80
CA GLN K 248 -20.25 -53.76 41.86
C GLN K 248 -20.08 -52.31 41.43
N VAL K 249 -19.04 -52.02 40.64
CA VAL K 249 -18.87 -50.66 40.17
C VAL K 249 -20.04 -50.24 39.29
N LEU K 250 -20.66 -51.18 38.58
CA LEU K 250 -21.93 -50.91 37.92
C LEU K 250 -23.00 -50.54 38.93
N GLU K 251 -23.10 -51.34 40.00
CA GLU K 251 -24.17 -51.16 40.99
C GLU K 251 -24.05 -49.82 41.69
N PHE K 252 -22.83 -49.43 42.07
CA PHE K 252 -22.61 -48.13 42.68
C PHE K 252 -22.93 -47.01 41.69
N LYS K 253 -22.49 -47.17 40.44
CA LYS K 253 -22.74 -46.14 39.43
C LYS K 253 -24.25 -45.93 39.22
N SER K 254 -25.00 -47.01 39.06
CA SER K 254 -26.45 -46.88 38.90
C SER K 254 -27.14 -46.55 40.21
N ALA K 255 -26.45 -46.63 41.34
CA ALA K 255 -27.02 -46.16 42.61
C ALA K 255 -26.83 -44.65 42.78
N VAL K 256 -25.74 -44.10 42.25
CA VAL K 256 -25.53 -42.65 42.32
C VAL K 256 -26.48 -41.94 41.37
N ARG K 257 -26.42 -42.30 40.07
CA ARG K 257 -27.30 -41.70 39.08
C ARG K 257 -28.76 -41.84 39.44
N ALA K 258 -29.12 -42.83 40.26
CA ALA K 258 -30.49 -42.94 40.75
C ALA K 258 -30.80 -41.84 41.77
N LEU K 259 -29.87 -41.59 42.70
CA LEU K 259 -30.05 -40.52 43.66
C LEU K 259 -30.08 -39.15 42.96
N HIS K 260 -29.19 -38.94 41.99
CA HIS K 260 -29.15 -37.68 41.25
C HIS K 260 -30.40 -37.47 40.41
N GLN K 261 -31.21 -38.50 40.21
CA GLN K 261 -32.47 -38.37 39.50
C GLN K 261 -33.61 -37.94 40.41
N ALA K 262 -33.35 -37.82 41.72
CA ALA K 262 -34.31 -37.26 42.66
C ALA K 262 -33.75 -36.08 43.43
N GLY K 263 -32.45 -35.81 43.35
CA GLY K 263 -31.89 -34.60 43.90
C GLY K 263 -31.09 -34.74 45.18
N ILE K 264 -30.44 -35.87 45.40
CA ILE K 264 -29.68 -36.10 46.62
C ILE K 264 -28.22 -36.28 46.25
N GLU K 265 -27.33 -35.64 47.01
CA GLU K 265 -25.89 -35.77 46.77
C GLU K 265 -25.35 -36.99 47.52
N VAL K 266 -24.23 -37.52 47.02
CA VAL K 266 -23.52 -38.61 47.67
C VAL K 266 -22.25 -38.04 48.28
N ILE K 267 -22.07 -38.25 49.58
CA ILE K 267 -20.89 -37.75 50.31
C ILE K 267 -20.29 -38.95 51.02
N LEU K 268 -19.37 -39.66 50.37
CA LEU K 268 -18.88 -40.87 51.00
C LEU K 268 -17.69 -40.59 51.92
N ASP K 269 -17.56 -41.45 52.93
CA ASP K 269 -16.59 -41.30 54.00
C ASP K 269 -15.30 -42.01 53.60
N VAL K 270 -14.16 -41.34 53.80
CA VAL K 270 -12.88 -41.82 53.26
C VAL K 270 -11.85 -41.83 54.39
N VAL K 271 -11.30 -42.99 54.67
CA VAL K 271 -10.40 -43.19 55.79
C VAL K 271 -8.98 -43.35 55.23
N TYR K 272 -8.24 -42.24 55.19
CA TYR K 272 -6.91 -42.20 54.60
C TYR K 272 -5.79 -42.17 55.64
N ASN K 273 -6.11 -42.43 56.90
CA ASN K 273 -5.11 -42.33 57.94
C ASN K 273 -4.31 -43.62 58.15
N HIS K 274 -4.71 -44.72 57.53
CA HIS K 274 -4.06 -46.01 57.80
C HIS K 274 -4.58 -47.04 56.82
N THR K 275 -3.80 -48.10 56.64
CA THR K 275 -4.11 -49.21 55.75
C THR K 275 -4.56 -50.42 56.56
N ALA K 276 -5.18 -51.38 55.85
CA ALA K 276 -5.63 -52.60 56.50
C ALA K 276 -4.50 -53.59 56.75
N GLU K 277 -3.36 -53.44 56.09
CA GLU K 277 -2.23 -54.32 56.39
C GLU K 277 -1.74 -54.14 57.83
N GLY K 278 -2.23 -53.13 58.53
CA GLY K 278 -1.91 -52.87 59.91
C GLY K 278 -0.42 -52.67 60.11
N ASN K 279 -0.04 -52.73 61.38
CA ASN K 279 1.36 -52.67 61.76
C ASN K 279 2.10 -53.88 61.21
N HIS K 280 3.41 -53.94 61.48
CA HIS K 280 4.15 -55.17 61.20
C HIS K 280 3.51 -56.25 62.05
N LEU K 281 3.84 -57.51 61.78
CA LEU K 281 3.00 -58.65 62.15
C LEU K 281 1.66 -58.60 61.42
N GLY K 282 1.63 -57.92 60.27
CA GLY K 282 0.40 -57.67 59.56
C GLY K 282 0.37 -58.33 58.20
N PRO K 283 -0.84 -58.58 57.70
CA PRO K 283 -0.98 -59.32 56.45
C PRO K 283 -0.37 -58.57 55.28
N THR K 284 0.60 -59.20 54.62
CA THR K 284 1.12 -58.65 53.37
C THR K 284 0.05 -58.84 52.32
N LEU K 285 -0.70 -57.78 52.03
CA LEU K 285 -1.81 -57.82 51.10
C LEU K 285 -1.59 -56.94 49.87
N SER K 286 -1.34 -55.65 50.06
CA SER K 286 -1.24 -54.75 48.91
C SER K 286 0.15 -54.12 48.76
N MET K 287 0.61 -53.34 49.73
CA MET K 287 1.72 -52.41 49.52
C MET K 287 3.03 -52.90 50.10
N ARG K 288 2.96 -53.59 51.24
CA ARG K 288 4.15 -54.10 51.93
C ARG K 288 5.06 -54.83 50.95
N GLY K 289 4.52 -55.84 50.27
CA GLY K 289 5.26 -56.60 49.28
C GLY K 289 5.45 -55.93 47.94
N LEU K 290 4.81 -54.78 47.70
CA LEU K 290 5.16 -53.99 46.52
C LEU K 290 6.36 -53.09 46.81
N ASP K 291 6.19 -52.15 47.75
CA ASP K 291 7.28 -51.28 48.14
C ASP K 291 6.96 -50.77 49.54
N ASN K 292 7.53 -51.40 50.55
CA ASN K 292 7.37 -50.91 51.92
C ASN K 292 7.97 -49.52 52.14
N PRO K 293 9.16 -49.18 51.63
CA PRO K 293 9.78 -47.90 52.02
C PRO K 293 9.00 -46.65 51.64
N SER K 294 8.33 -46.63 50.48
CA SER K 294 7.68 -45.40 50.01
C SER K 294 6.16 -45.43 50.08
N TYR K 295 5.55 -46.50 50.62
CA TYR K 295 4.11 -46.54 50.80
C TYR K 295 3.68 -46.25 52.23
N TYR K 296 4.33 -46.85 53.21
CA TYR K 296 4.05 -46.58 54.61
C TYR K 296 5.10 -45.65 55.20
N ARG K 297 4.65 -44.76 56.09
CA ARG K 297 5.54 -43.91 56.86
C ARG K 297 6.18 -44.76 57.96
N LEU K 298 7.47 -45.03 57.82
CA LEU K 298 8.18 -45.82 58.82
C LEU K 298 8.45 -44.97 60.06
N ALA K 299 9.18 -45.55 61.01
CA ALA K 299 9.53 -44.92 62.27
C ALA K 299 11.06 -44.81 62.36
N ASP K 300 11.55 -44.40 63.53
CA ASP K 300 13.00 -44.39 63.72
C ASP K 300 13.46 -45.78 64.13
N ASP K 301 12.96 -46.80 63.41
CA ASP K 301 13.42 -48.18 63.40
C ASP K 301 12.90 -48.82 62.11
N PRO K 302 13.74 -48.97 61.07
CA PRO K 302 13.26 -49.44 59.75
C PRO K 302 12.21 -50.56 59.78
N ARG K 303 12.30 -51.46 60.77
CA ARG K 303 11.37 -52.59 60.83
C ARG K 303 9.93 -52.12 61.01
N TYR K 304 9.69 -51.33 62.05
CA TYR K 304 8.36 -51.03 62.55
C TYR K 304 7.85 -49.69 62.00
N TYR K 305 6.57 -49.43 62.24
CA TYR K 305 5.87 -48.27 61.70
C TYR K 305 5.35 -47.39 62.82
N MET K 306 5.28 -46.08 62.55
CA MET K 306 4.81 -45.12 63.55
C MET K 306 3.29 -45.05 63.57
N ASP K 307 2.76 -44.63 64.72
CA ASP K 307 1.31 -44.59 64.94
C ASP K 307 0.94 -43.39 65.81
N THR K 308 0.07 -42.53 65.27
CA THR K 308 -0.80 -41.67 66.08
C THR K 308 -2.27 -42.01 65.87
N THR K 309 -2.57 -43.03 65.06
CA THR K 309 -3.93 -43.45 64.71
C THR K 309 -4.55 -44.39 65.73
N GLY K 310 -3.87 -45.50 66.03
CA GLY K 310 -4.45 -46.57 66.79
C GLY K 310 -4.85 -47.78 65.98
N THR K 311 -4.76 -47.69 64.64
CA THR K 311 -5.06 -48.80 63.75
C THR K 311 -3.84 -49.15 62.89
N GLY K 312 -2.67 -49.19 63.51
CA GLY K 312 -1.47 -49.77 62.93
C GLY K 312 -0.47 -48.85 62.24
N ASN K 313 -0.85 -48.24 61.11
CA ASN K 313 0.13 -47.62 60.23
C ASN K 313 -0.37 -46.27 59.74
N SER K 314 0.49 -45.60 58.96
CA SER K 314 0.08 -44.44 58.18
C SER K 314 0.83 -44.44 56.86
N LEU K 315 0.47 -43.50 56.00
CA LEU K 315 1.09 -43.36 54.70
C LEU K 315 2.20 -42.31 54.74
N LEU K 316 3.09 -42.38 53.73
CA LEU K 316 4.23 -41.47 53.63
C LEU K 316 3.81 -40.24 52.84
N MET K 317 3.26 -39.24 53.55
CA MET K 317 2.62 -38.11 52.90
C MET K 317 3.59 -37.24 52.10
N ARG K 318 4.89 -37.57 52.09
CA ARG K 318 5.88 -36.81 51.35
C ARG K 318 6.41 -37.54 50.12
N SER K 319 6.45 -38.87 50.15
CA SER K 319 6.71 -39.61 48.92
C SER K 319 5.56 -39.39 47.94
N PRO K 320 5.85 -39.23 46.65
CA PRO K 320 4.86 -38.63 45.73
C PRO K 320 3.77 -39.58 45.26
N HIS K 321 4.10 -40.87 45.15
CA HIS K 321 3.16 -41.87 44.67
C HIS K 321 2.09 -42.18 45.70
N VAL K 322 2.34 -41.85 46.96
CA VAL K 322 1.28 -41.83 47.97
C VAL K 322 0.31 -40.69 47.67
N LEU K 323 0.83 -39.44 47.66
CA LEU K 323 0.07 -38.28 47.20
C LEU K 323 -0.73 -38.59 45.95
N GLN K 324 -0.07 -39.26 44.99
CA GLN K 324 -0.75 -39.68 43.76
C GLN K 324 -1.91 -40.60 44.07
N LEU K 325 -1.66 -41.67 44.83
CA LEU K 325 -2.73 -42.60 45.16
C LEU K 325 -3.91 -41.88 45.82
N ILE K 326 -3.64 -40.83 46.59
CA ILE K 326 -4.72 -40.11 47.25
C ILE K 326 -5.41 -39.15 46.29
N MET K 327 -4.63 -38.29 45.60
CA MET K 327 -5.24 -37.39 44.63
C MET K 327 -5.88 -38.15 43.48
N ASP K 328 -5.21 -39.20 42.98
CA ASP K 328 -5.83 -39.98 41.92
C ASP K 328 -7.02 -40.76 42.44
N SER K 329 -7.03 -41.10 43.74
CA SER K 329 -8.24 -41.66 44.36
C SER K 329 -9.38 -40.66 44.30
N LEU K 330 -9.20 -39.50 44.95
CA LEU K 330 -10.25 -38.49 45.02
C LEU K 330 -10.81 -38.18 43.64
N ARG K 331 -9.92 -37.93 42.68
CA ARG K 331 -10.34 -37.58 41.33
C ARG K 331 -11.20 -38.67 40.70
N TYR K 332 -10.90 -39.93 41.00
CA TYR K 332 -11.63 -41.03 40.37
C TYR K 332 -13.07 -41.16 40.89
N TRP K 333 -13.32 -40.83 42.16
CA TRP K 333 -14.69 -40.92 42.65
C TRP K 333 -15.56 -39.74 42.23
N VAL K 334 -14.97 -38.61 41.87
CA VAL K 334 -15.76 -37.47 41.40
C VAL K 334 -15.91 -37.48 39.88
N THR K 335 -14.87 -37.92 39.17
CA THR K 335 -14.96 -38.02 37.73
C THR K 335 -15.75 -39.25 37.30
N GLU K 336 -15.39 -40.42 37.85
CA GLU K 336 -15.87 -41.69 37.31
C GLU K 336 -16.98 -42.34 38.13
N MET K 337 -17.30 -41.81 39.32
CA MET K 337 -18.46 -42.27 40.08
C MET K 337 -19.41 -41.15 40.47
N HIS K 338 -19.07 -39.90 40.17
CA HIS K 338 -19.97 -38.75 40.32
C HIS K 338 -20.35 -38.52 41.78
N VAL K 339 -19.46 -38.92 42.69
CA VAL K 339 -19.55 -38.60 44.12
C VAL K 339 -19.64 -37.08 44.23
N ASP K 340 -20.29 -36.57 45.27
CA ASP K 340 -20.46 -35.13 45.41
C ASP K 340 -19.58 -34.53 46.50
N GLY K 341 -18.71 -35.32 47.11
CA GLY K 341 -17.85 -34.79 48.16
C GLY K 341 -17.50 -35.83 49.20
N PHE K 342 -16.51 -35.54 50.04
CA PHE K 342 -15.98 -36.54 50.96
C PHE K 342 -16.00 -35.99 52.37
N ARG K 343 -16.09 -36.90 53.33
CA ARG K 343 -15.83 -36.60 54.73
C ARG K 343 -14.64 -37.44 55.16
N PHE K 344 -13.58 -36.78 55.60
CA PHE K 344 -12.37 -37.47 55.99
C PHE K 344 -12.51 -37.90 57.44
N ASP K 345 -12.64 -39.21 57.65
CA ASP K 345 -12.51 -39.71 59.01
C ASP K 345 -11.15 -39.35 59.56
N LEU K 346 -11.12 -39.01 60.84
CA LEU K 346 -9.88 -38.80 61.57
C LEU K 346 -8.97 -37.82 60.86
N ALA K 347 -9.58 -36.78 60.27
CA ALA K 347 -8.79 -35.72 59.70
C ALA K 347 -7.83 -35.13 60.73
N ALA K 348 -8.21 -35.17 62.00
CA ALA K 348 -7.34 -34.69 63.08
C ALA K 348 -5.99 -35.39 63.06
N THR K 349 -5.99 -36.72 63.01
CA THR K 349 -4.73 -37.47 63.00
C THR K 349 -4.08 -37.38 61.62
N LEU K 350 -4.87 -37.59 60.56
CA LEU K 350 -4.43 -37.41 59.18
C LEU K 350 -3.62 -36.12 59.03
N ALA K 351 -4.20 -35.00 59.43
CA ALA K 351 -3.51 -33.71 59.29
C ALA K 351 -2.23 -33.69 60.12
N ARG K 352 -2.22 -34.37 61.27
CA ARG K 352 -1.00 -34.46 62.06
C ARG K 352 0.05 -35.29 61.34
N GLN K 353 -0.37 -36.32 60.62
CA GLN K 353 0.59 -37.11 59.86
C GLN K 353 1.15 -36.32 58.69
N PHE K 354 0.34 -35.45 58.09
CA PHE K 354 0.82 -34.58 57.03
C PHE K 354 1.80 -33.55 57.58
N HIS K 355 1.78 -33.30 58.89
CA HIS K 355 2.59 -32.24 59.47
C HIS K 355 4.03 -32.69 59.68
N GLU K 356 4.24 -33.86 60.28
CA GLU K 356 5.60 -34.32 60.57
C GLU K 356 6.27 -34.95 59.36
N VAL K 357 6.11 -34.34 58.19
CA VAL K 357 6.91 -34.62 57.01
C VAL K 357 7.21 -33.27 56.34
N ASP K 358 6.54 -32.23 56.82
CA ASP K 358 6.45 -30.93 56.15
C ASP K 358 5.78 -31.06 54.79
N ARG K 359 4.55 -31.60 54.81
CA ARG K 359 3.72 -31.66 53.62
C ARG K 359 2.26 -31.37 53.91
N LEU K 360 1.93 -30.80 55.07
CA LEU K 360 0.55 -30.44 55.37
C LEU K 360 0.14 -29.17 54.63
N SER K 361 0.94 -28.11 54.74
CA SER K 361 0.58 -26.83 54.12
C SER K 361 0.79 -26.83 52.61
N SER K 362 1.73 -27.63 52.11
CA SER K 362 1.82 -27.83 50.67
C SER K 362 0.71 -28.72 50.16
N PHE K 363 0.02 -29.45 51.05
CA PHE K 363 -1.09 -30.29 50.64
C PHE K 363 -2.37 -29.48 50.44
N PHE K 364 -2.70 -28.61 51.40
CA PHE K 364 -3.84 -27.72 51.20
C PHE K 364 -3.62 -26.77 50.04
N ASP K 365 -2.38 -26.66 49.55
CA ASP K 365 -2.12 -26.03 48.25
C ASP K 365 -2.48 -26.99 47.11
N LEU K 366 -1.91 -28.20 47.17
CA LEU K 366 -2.22 -29.23 46.17
C LEU K 366 -3.71 -29.43 46.00
N VAL K 367 -4.46 -29.35 47.10
CA VAL K 367 -5.92 -29.43 47.02
C VAL K 367 -6.50 -28.12 46.50
N GLN K 368 -6.04 -26.98 47.05
CA GLN K 368 -6.64 -25.70 46.70
C GLN K 368 -6.61 -25.46 45.19
N GLN K 369 -5.52 -25.87 44.53
CA GLN K 369 -5.37 -25.58 43.11
C GLN K 369 -6.13 -26.56 42.23
N ASP K 370 -6.20 -27.82 42.63
CA ASP K 370 -6.69 -28.91 41.78
C ASP K 370 -8.18 -28.75 41.49
N PRO K 371 -8.58 -28.44 40.25
CA PRO K 371 -9.99 -28.07 40.02
C PRO K 371 -10.99 -29.19 40.29
N VAL K 372 -10.58 -30.45 40.20
CA VAL K 372 -11.50 -31.56 40.50
C VAL K 372 -11.85 -31.58 41.98
N VAL K 373 -10.82 -31.61 42.83
CA VAL K 373 -11.02 -31.78 44.27
C VAL K 373 -11.38 -30.46 44.94
N SER K 374 -10.78 -29.35 44.49
CA SER K 374 -10.99 -28.06 45.14
C SER K 374 -12.43 -27.56 45.08
N GLN K 375 -13.31 -28.20 44.31
CA GLN K 375 -14.64 -27.64 44.10
C GLN K 375 -15.77 -28.48 44.66
N VAL K 376 -15.48 -29.64 45.25
CA VAL K 376 -16.50 -30.40 45.94
C VAL K 376 -16.39 -30.13 47.44
N LYS K 377 -17.45 -30.48 48.17
CA LYS K 377 -17.46 -30.33 49.62
C LYS K 377 -16.46 -31.28 50.26
N LEU K 378 -15.61 -30.73 51.14
CA LEU K 378 -14.63 -31.53 51.89
C LEU K 378 -14.93 -31.37 53.37
N ILE K 379 -15.50 -32.42 53.98
CA ILE K 379 -15.84 -32.41 55.40
C ILE K 379 -14.71 -33.07 56.18
N ALA K 380 -14.33 -32.47 57.30
CA ALA K 380 -13.21 -32.96 58.06
C ALA K 380 -13.55 -32.85 59.55
N GLU K 381 -12.53 -33.04 60.36
CA GLU K 381 -12.55 -32.91 61.79
C GLU K 381 -11.64 -31.76 62.20
N PRO K 382 -11.94 -31.06 63.29
CA PRO K 382 -10.98 -30.09 63.82
C PRO K 382 -9.69 -30.78 64.24
N TRP K 383 -8.62 -30.01 64.26
CA TRP K 383 -7.36 -30.57 64.75
C TRP K 383 -6.49 -29.46 65.32
N ASP K 384 -5.55 -29.89 66.15
CA ASP K 384 -4.51 -29.03 66.69
C ASP K 384 -3.20 -29.78 66.52
N VAL K 385 -2.19 -29.10 65.97
CA VAL K 385 -1.00 -29.77 65.47
C VAL K 385 0.25 -29.04 65.94
N GLY K 386 1.17 -29.78 66.56
CA GLY K 386 2.44 -29.24 66.95
C GLY K 386 2.32 -28.02 67.85
N GLU K 387 2.62 -26.86 67.27
CA GLU K 387 2.59 -25.59 68.00
C GLU K 387 1.97 -24.56 67.07
N GLY K 388 0.74 -24.15 67.34
CA GLY K 388 0.10 -23.18 66.47
C GLY K 388 -1.37 -23.39 66.18
N GLY K 389 -1.97 -24.43 66.75
CA GLY K 389 -3.38 -24.65 66.51
C GLY K 389 -3.60 -25.37 65.20
N TYR K 390 -3.95 -24.61 64.15
CA TYR K 390 -4.32 -25.18 62.87
C TYR K 390 -3.11 -25.51 62.00
N GLN K 391 -2.24 -24.52 61.79
CA GLN K 391 -0.98 -24.68 61.06
C GLN K 391 -1.16 -24.83 59.54
N VAL K 392 -2.24 -24.29 58.99
CA VAL K 392 -2.31 -24.03 57.56
C VAL K 392 -2.74 -22.59 57.36
N GLY K 393 -2.39 -22.04 56.20
CA GLY K 393 -2.65 -20.64 55.92
C GLY K 393 -3.95 -20.42 55.21
N ASN K 394 -4.43 -21.44 54.49
CA ASN K 394 -5.66 -21.29 53.72
C ASN K 394 -6.31 -22.65 53.56
N PHE K 395 -7.48 -22.82 54.13
CA PHE K 395 -8.21 -24.04 53.81
C PHE K 395 -8.81 -23.91 52.42
N PRO K 396 -8.88 -25.00 51.67
CA PRO K 396 -9.61 -24.98 50.42
C PRO K 396 -11.04 -24.54 50.67
N PRO K 397 -11.47 -23.43 50.08
CA PRO K 397 -12.71 -22.79 50.54
C PRO K 397 -13.99 -23.58 50.24
N LEU K 398 -14.01 -24.85 50.63
CA LEU K 398 -15.23 -25.62 50.83
C LEU K 398 -15.05 -26.60 52.00
N TRP K 399 -14.24 -26.20 52.98
CA TRP K 399 -13.74 -27.08 54.04
C TRP K 399 -14.45 -26.78 55.35
N THR K 400 -15.03 -27.83 55.95
CA THR K 400 -15.91 -27.71 57.11
C THR K 400 -15.68 -28.86 58.07
N GLU K 401 -15.73 -28.54 59.36
CA GLU K 401 -15.52 -29.52 60.42
C GLU K 401 -16.86 -29.95 61.02
N TRP K 402 -16.88 -31.20 61.47
CA TRP K 402 -17.90 -31.60 62.43
C TRP K 402 -17.71 -30.80 63.72
N ASN K 403 -18.66 -29.93 64.03
CA ASN K 403 -18.54 -29.08 65.20
C ASN K 403 -18.77 -29.89 66.47
N GLY K 404 -17.70 -30.48 67.01
CA GLY K 404 -17.83 -31.28 68.20
C GLY K 404 -18.11 -30.46 69.45
N LYS K 405 -17.61 -29.23 69.50
CA LYS K 405 -17.91 -28.35 70.62
C LYS K 405 -19.41 -28.06 70.69
N TYR K 406 -20.08 -28.10 69.54
CA TYR K 406 -21.53 -27.98 69.50
C TYR K 406 -22.20 -29.20 70.12
N ARG K 407 -21.85 -30.39 69.63
CA ARG K 407 -22.27 -31.65 70.23
C ARG K 407 -22.15 -31.58 71.74
N ASP K 408 -20.95 -31.25 72.22
CA ASP K 408 -20.74 -30.99 73.64
C ASP K 408 -21.75 -29.98 74.17
N CYS K 409 -21.87 -28.84 73.49
CA CYS K 409 -22.71 -27.75 73.98
C CYS K 409 -24.18 -28.15 74.14
N VAL K 410 -24.84 -28.51 73.03
CA VAL K 410 -26.28 -28.75 73.09
C VAL K 410 -26.59 -29.96 73.96
N ARG K 411 -25.82 -31.05 73.81
CA ARG K 411 -26.01 -32.18 74.72
C ARG K 411 -25.81 -31.77 76.17
N ASP K 412 -24.96 -30.76 76.41
CA ASP K 412 -24.78 -30.17 77.73
C ASP K 412 -25.88 -29.20 78.11
N LEU K 413 -26.85 -28.94 77.22
CA LEU K 413 -27.93 -28.01 77.58
C LEU K 413 -29.12 -28.74 78.17
N TRP K 414 -29.71 -29.67 77.42
CA TRP K 414 -30.90 -30.36 77.90
C TRP K 414 -30.55 -31.36 78.99
N ARG K 415 -29.32 -31.88 78.96
CA ARG K 415 -28.76 -32.62 80.09
C ARG K 415 -28.98 -31.87 81.39
N GLY K 416 -28.63 -30.59 81.41
CA GLY K 416 -28.88 -29.74 82.56
C GLY K 416 -27.65 -28.96 82.97
N GLU K 417 -26.48 -29.44 82.59
CA GLU K 417 -25.23 -28.89 83.10
C GLU K 417 -25.04 -27.45 82.61
N PRO K 418 -24.27 -26.66 83.37
CA PRO K 418 -24.15 -25.21 83.12
C PRO K 418 -23.24 -24.81 81.97
N ARG K 419 -23.76 -24.72 80.75
CA ARG K 419 -22.96 -24.23 79.63
C ARG K 419 -23.24 -22.75 79.35
N THR K 420 -22.16 -22.00 79.09
CA THR K 420 -22.20 -20.54 79.04
C THR K 420 -23.14 -20.04 77.95
N LEU K 421 -23.85 -18.94 78.24
CA LEU K 421 -24.68 -18.29 77.23
C LEU K 421 -23.88 -17.91 75.99
N ALA K 422 -22.78 -17.16 76.19
CA ALA K 422 -21.94 -16.77 75.06
C ALA K 422 -21.41 -18.00 74.33
N GLU K 423 -21.09 -19.07 75.06
CA GLU K 423 -20.78 -20.34 74.44
C GLU K 423 -21.97 -20.86 73.65
N PHE K 424 -23.13 -20.96 74.30
CA PHE K 424 -24.36 -21.35 73.60
C PHE K 424 -24.68 -20.40 72.46
N ALA K 425 -24.55 -19.10 72.70
CA ALA K 425 -25.03 -18.09 71.76
C ALA K 425 -24.46 -18.31 70.36
N SER K 426 -23.13 -18.29 70.24
CA SER K 426 -22.51 -18.38 68.92
C SER K 426 -22.80 -19.70 68.22
N ARG K 427 -23.18 -20.73 68.97
CA ARG K 427 -23.31 -22.06 68.36
C ARG K 427 -24.63 -22.24 67.64
N LEU K 428 -25.74 -21.85 68.28
CA LEU K 428 -26.98 -21.60 67.54
C LEU K 428 -26.72 -20.71 66.34
N THR K 429 -25.96 -19.65 66.57
CA THR K 429 -25.56 -18.66 65.58
C THR K 429 -24.73 -19.23 64.45
N GLY K 430 -24.27 -20.48 64.57
CA GLY K 430 -23.43 -21.09 63.58
C GLY K 430 -21.95 -21.07 63.88
N SER K 431 -21.56 -20.99 65.15
CA SER K 431 -20.18 -21.08 65.60
C SER K 431 -19.27 -20.13 64.80
N SER K 432 -19.56 -18.84 64.95
CA SER K 432 -18.78 -17.83 64.25
C SER K 432 -17.36 -17.74 64.79
N ASP K 433 -17.18 -17.95 66.09
CA ASP K 433 -15.86 -17.79 66.70
C ASP K 433 -14.87 -18.80 66.15
N LEU K 434 -15.33 -20.04 65.95
CA LEU K 434 -14.45 -21.14 65.62
C LEU K 434 -14.08 -21.14 64.14
N TYR K 435 -15.05 -20.87 63.27
CA TYR K 435 -14.86 -20.93 61.83
C TYR K 435 -15.35 -19.63 61.20
N GLN K 436 -14.45 -18.91 60.53
CA GLN K 436 -14.82 -17.75 59.72
C GLN K 436 -14.70 -18.12 58.23
N ASP K 437 -14.89 -17.13 57.36
CA ASP K 437 -15.10 -17.42 55.94
C ASP K 437 -13.93 -17.11 55.02
N ASP K 438 -12.98 -16.25 55.42
CA ASP K 438 -11.99 -15.79 54.45
C ASP K 438 -10.86 -16.80 54.26
N GLY K 439 -11.20 -18.06 54.00
CA GLY K 439 -10.25 -19.11 53.71
C GLY K 439 -9.00 -19.15 54.55
N ARG K 440 -9.10 -18.79 55.82
CA ARG K 440 -8.00 -18.95 56.76
C ARG K 440 -8.37 -19.87 57.93
N ARG K 441 -9.64 -20.24 58.04
CA ARG K 441 -10.16 -21.14 59.05
C ARG K 441 -11.33 -21.85 58.38
N PRO K 442 -11.67 -23.08 58.80
CA PRO K 442 -12.74 -23.82 58.10
C PRO K 442 -14.00 -22.99 57.88
N LEU K 443 -14.79 -23.34 56.87
CA LEU K 443 -15.79 -22.41 56.35
C LEU K 443 -17.05 -22.37 57.19
N ALA K 444 -17.51 -23.51 57.71
CA ALA K 444 -18.79 -23.54 58.39
C ALA K 444 -18.79 -24.68 59.40
N SER K 445 -19.96 -24.93 59.98
CA SER K 445 -20.10 -25.84 61.11
C SER K 445 -21.11 -26.92 60.77
N VAL K 446 -20.64 -28.14 60.52
CA VAL K 446 -21.55 -29.27 60.55
C VAL K 446 -22.01 -29.40 61.99
N ASN K 447 -23.26 -29.04 62.24
CA ASN K 447 -23.85 -29.21 63.55
C ASN K 447 -24.48 -30.59 63.61
N PHE K 448 -24.27 -31.28 64.72
CA PHE K 448 -24.82 -32.61 64.89
C PHE K 448 -25.06 -32.83 66.37
N VAL K 449 -26.31 -33.14 66.72
CA VAL K 449 -26.58 -33.59 68.08
C VAL K 449 -26.06 -34.99 68.28
N THR K 450 -25.80 -35.71 67.18
CA THR K 450 -25.38 -37.10 67.23
C THR K 450 -24.80 -37.48 65.89
N CYS K 451 -24.02 -38.55 65.90
CA CYS K 451 -23.34 -39.11 64.74
C CYS K 451 -23.25 -40.61 64.96
N HIS K 452 -22.39 -41.29 64.19
CA HIS K 452 -22.24 -42.72 64.45
C HIS K 452 -21.43 -42.99 65.71
N ASP K 453 -20.41 -42.16 65.98
CA ASP K 453 -19.74 -42.23 67.27
C ASP K 453 -20.71 -41.86 68.38
N GLY K 454 -20.41 -42.35 69.59
CA GLY K 454 -21.32 -42.11 70.69
C GLY K 454 -22.63 -42.85 70.52
N PHE K 455 -23.70 -42.26 71.03
CA PHE K 455 -25.02 -42.87 71.04
C PHE K 455 -25.77 -42.60 69.74
N THR K 456 -27.00 -43.10 69.70
CA THR K 456 -28.02 -42.63 68.76
C THR K 456 -28.82 -41.53 69.45
N LEU K 457 -29.99 -41.18 68.93
CA LEU K 457 -30.80 -40.19 69.63
C LEU K 457 -31.57 -40.81 70.79
N ARG K 458 -32.12 -42.01 70.62
CA ARG K 458 -32.95 -42.60 71.67
C ARG K 458 -32.11 -42.95 72.91
N ASP K 459 -30.96 -43.58 72.70
CA ASP K 459 -30.10 -43.93 73.83
C ASP K 459 -29.54 -42.69 74.52
N LEU K 460 -29.27 -41.63 73.75
CA LEU K 460 -28.67 -40.41 74.31
C LEU K 460 -29.50 -39.83 75.44
N VAL K 461 -30.82 -39.99 75.38
CA VAL K 461 -31.70 -39.58 76.46
C VAL K 461 -32.14 -40.78 77.31
N SER K 462 -31.40 -41.89 77.26
CA SER K 462 -31.82 -43.07 77.99
C SER K 462 -30.67 -43.81 78.67
N TYR K 463 -29.45 -43.30 78.59
CA TYR K 463 -28.32 -43.90 79.29
C TYR K 463 -27.36 -42.82 79.74
N ASN K 464 -26.66 -43.10 80.85
CA ASN K 464 -25.63 -42.20 81.36
C ASN K 464 -24.24 -42.68 80.95
N GLU K 465 -23.91 -43.91 81.29
CA GLU K 465 -22.67 -44.54 80.91
C GLU K 465 -22.90 -45.50 79.75
N LYS K 466 -21.81 -46.04 79.22
CA LYS K 466 -21.87 -46.85 78.02
C LYS K 466 -22.37 -48.26 78.35
N ARG K 467 -22.71 -49.00 77.28
CA ARG K 467 -23.08 -50.41 77.37
C ARG K 467 -22.40 -51.19 76.25
N ASN K 468 -21.08 -51.00 76.14
CA ASN K 468 -20.28 -51.56 75.04
C ASN K 468 -19.67 -52.91 75.39
N GLU K 469 -20.37 -53.74 76.17
CA GLU K 469 -19.84 -55.04 76.55
C GLU K 469 -20.04 -56.10 75.47
N ALA K 470 -20.92 -55.86 74.49
CA ALA K 470 -21.11 -56.83 73.43
C ALA K 470 -19.89 -56.95 72.55
N ASN K 471 -19.08 -55.89 72.48
CA ASN K 471 -17.87 -55.90 71.66
C ASN K 471 -16.77 -56.76 72.24
N GLY K 472 -16.84 -57.08 73.53
CA GLY K 472 -15.79 -57.85 74.16
C GLY K 472 -14.51 -57.09 74.42
N GLU K 473 -14.58 -55.77 74.47
CA GLU K 473 -13.44 -54.98 74.90
C GLU K 473 -13.49 -54.69 76.39
N GLY K 474 -14.29 -55.45 77.14
CA GLY K 474 -14.42 -55.25 78.57
C GLY K 474 -15.14 -53.99 78.96
N ASN K 475 -15.86 -53.36 78.04
CA ASN K 475 -16.45 -52.04 78.22
C ASN K 475 -15.36 -50.98 78.41
N ARG K 476 -14.24 -51.16 77.72
CA ARG K 476 -13.16 -50.18 77.69
C ARG K 476 -13.23 -49.25 76.48
N ASP K 477 -13.90 -49.67 75.40
CA ASP K 477 -13.91 -48.89 74.17
C ASP K 477 -14.99 -47.81 74.22
N GLY K 478 -14.95 -46.93 73.24
CA GLY K 478 -15.97 -45.92 73.06
C GLY K 478 -15.84 -44.76 74.02
N GLU K 479 -16.63 -43.71 73.75
CA GLU K 479 -16.65 -42.53 74.60
C GLU K 479 -17.02 -42.91 76.03
N ASN K 480 -16.64 -42.06 76.98
CA ASN K 480 -16.79 -42.41 78.39
C ASN K 480 -17.76 -41.52 79.15
N TYR K 481 -17.82 -40.23 78.86
CA TYR K 481 -18.99 -39.44 79.24
C TYR K 481 -19.49 -38.71 78.01
N ASN K 482 -20.75 -38.97 77.66
CA ASN K 482 -21.36 -38.49 76.43
C ASN K 482 -22.17 -37.22 76.65
N ARG K 483 -22.01 -36.56 77.79
CA ARG K 483 -22.79 -35.39 78.16
C ARG K 483 -24.29 -35.72 78.04
N SER K 484 -24.65 -36.91 78.50
CA SER K 484 -25.99 -37.47 78.35
C SER K 484 -26.70 -37.56 79.70
N TRP K 485 -28.02 -37.47 79.65
CA TRP K 485 -28.84 -37.72 80.82
C TRP K 485 -29.93 -38.73 80.46
N ASN K 486 -30.15 -39.69 81.37
CA ASN K 486 -30.94 -40.87 81.12
C ASN K 486 -32.42 -40.71 81.44
N CYS K 487 -32.84 -39.51 81.84
CA CYS K 487 -34.23 -39.06 81.91
C CYS K 487 -35.03 -39.71 83.04
N GLY K 488 -34.42 -40.58 83.84
CA GLY K 488 -35.12 -41.16 84.99
C GLY K 488 -34.82 -42.61 85.28
N GLU K 489 -34.57 -43.42 84.24
CA GLU K 489 -34.14 -44.81 84.42
C GLU K 489 -33.36 -45.23 83.19
N GLU K 490 -32.18 -45.81 83.41
CA GLU K 490 -31.29 -46.23 82.33
C GLU K 490 -31.88 -47.47 81.68
N GLY K 491 -32.51 -47.30 80.52
CA GLY K 491 -33.14 -48.39 79.81
C GLY K 491 -34.65 -48.21 79.76
N GLU K 492 -35.29 -49.13 79.03
CA GLU K 492 -36.73 -49.04 78.77
C GLU K 492 -37.51 -49.41 80.03
N THR K 493 -38.07 -48.39 80.68
CA THR K 493 -39.03 -48.57 81.76
C THR K 493 -40.37 -48.93 81.11
N GLU K 494 -41.42 -48.89 81.91
CA GLU K 494 -42.76 -48.75 81.38
C GLU K 494 -43.39 -47.40 81.74
N ASP K 495 -42.86 -46.73 82.76
CA ASP K 495 -43.37 -45.44 83.23
C ASP K 495 -43.71 -44.52 82.07
N VAL K 496 -44.97 -44.09 82.02
CA VAL K 496 -45.40 -43.20 80.96
C VAL K 496 -44.76 -41.83 81.11
N GLY K 497 -44.50 -41.42 82.36
CA GLY K 497 -43.92 -40.11 82.61
C GLY K 497 -42.58 -39.94 81.91
N ILE K 498 -41.65 -40.88 82.12
CA ILE K 498 -40.35 -40.74 81.47
C ILE K 498 -40.38 -41.23 80.03
N THR K 499 -41.39 -42.00 79.65
CA THR K 499 -41.49 -42.36 78.23
C THR K 499 -41.79 -41.13 77.39
N GLU K 500 -42.78 -40.32 77.81
CA GLU K 500 -43.03 -39.05 77.14
C GLU K 500 -41.87 -38.08 77.32
N LEU K 501 -41.31 -38.01 78.52
CA LEU K 501 -40.11 -37.20 78.73
C LEU K 501 -39.06 -37.53 77.70
N ARG K 502 -38.82 -38.83 77.47
CA ARG K 502 -37.82 -39.25 76.50
C ARG K 502 -38.22 -38.81 75.09
N ALA K 503 -39.44 -39.12 74.68
CA ALA K 503 -39.89 -38.76 73.34
C ALA K 503 -39.80 -37.25 73.09
N ARG K 504 -40.04 -36.46 74.12
CA ARG K 504 -40.06 -35.00 73.98
C ARG K 504 -38.68 -34.39 74.10
N GLN K 505 -37.75 -35.07 74.79
CA GLN K 505 -36.35 -34.64 74.77
C GLN K 505 -35.73 -34.86 73.40
N MET K 506 -36.02 -36.00 72.78
CA MET K 506 -35.61 -36.22 71.40
C MET K 506 -36.14 -35.13 70.49
N ARG K 507 -37.33 -34.60 70.79
CA ARG K 507 -37.81 -33.41 70.11
C ARG K 507 -36.97 -32.19 70.42
N ASN K 508 -36.19 -32.21 71.51
CA ASN K 508 -35.37 -31.05 71.85
C ASN K 508 -34.07 -31.01 71.07
N PHE K 509 -33.29 -32.11 71.09
CA PHE K 509 -32.05 -32.14 70.31
C PHE K 509 -32.32 -31.90 68.83
N LEU K 510 -33.39 -32.49 68.30
CA LEU K 510 -33.72 -32.28 66.89
C LEU K 510 -34.05 -30.83 66.60
N ALA K 511 -34.79 -30.17 67.51
CA ALA K 511 -35.23 -28.80 67.25
C ALA K 511 -34.09 -27.80 67.42
N THR K 512 -33.10 -28.13 68.23
CA THR K 512 -31.91 -27.30 68.32
C THR K 512 -30.98 -27.49 67.12
N LEU K 513 -31.21 -28.54 66.32
CA LEU K 513 -30.37 -28.83 65.17
C LEU K 513 -30.84 -28.11 63.92
N MET K 514 -32.15 -27.89 63.78
CA MET K 514 -32.72 -27.34 62.57
C MET K 514 -32.93 -25.83 62.61
N LEU K 515 -32.75 -25.21 63.78
CA LEU K 515 -32.79 -23.76 63.89
C LEU K 515 -31.45 -23.18 64.34
N SER K 516 -30.40 -24.00 64.35
CA SER K 516 -29.04 -23.49 64.46
C SER K 516 -28.53 -23.13 63.07
N GLN K 517 -27.82 -22.01 62.97
CA GLN K 517 -27.05 -21.77 61.76
C GLN K 517 -25.95 -22.82 61.63
N GLY K 518 -25.64 -23.16 60.39
CA GLY K 518 -24.68 -24.20 60.13
C GLY K 518 -25.33 -25.38 59.40
N VAL K 519 -24.47 -26.34 59.10
CA VAL K 519 -24.92 -27.54 58.31
C VAL K 519 -25.42 -28.56 59.30
N PRO K 520 -26.71 -28.95 59.22
CA PRO K 520 -27.24 -29.94 60.15
C PRO K 520 -27.03 -31.36 59.64
N MET K 521 -26.59 -32.23 60.54
CA MET K 521 -26.33 -33.63 60.19
C MET K 521 -27.16 -34.56 61.06
N LEU K 522 -27.73 -35.58 60.42
CA LEU K 522 -28.61 -36.54 61.04
C LEU K 522 -27.97 -37.92 60.99
N SER K 523 -27.88 -38.58 62.14
CA SER K 523 -27.45 -39.97 62.17
C SER K 523 -28.65 -40.87 61.89
N HIS K 524 -28.45 -41.89 61.07
CA HIS K 524 -29.58 -42.64 60.55
C HIS K 524 -30.24 -43.47 61.64
N GLY K 525 -31.56 -43.64 61.51
CA GLY K 525 -32.41 -44.18 62.53
C GLY K 525 -33.01 -43.16 63.45
N ASP K 526 -32.45 -41.95 63.52
CA ASP K 526 -32.90 -40.95 64.49
C ASP K 526 -34.34 -40.53 64.25
N GLU K 527 -34.82 -40.61 63.01
CA GLU K 527 -36.24 -40.33 62.77
C GLU K 527 -37.12 -41.35 63.45
N PHE K 528 -36.59 -42.53 63.72
CA PHE K 528 -37.29 -43.63 64.39
C PHE K 528 -36.69 -43.97 65.74
N GLY K 529 -35.84 -43.07 66.28
CA GLY K 529 -35.18 -43.28 67.56
C GLY K 529 -34.53 -44.63 67.69
N ARG K 530 -33.59 -44.94 66.80
CA ARG K 530 -32.94 -46.24 66.80
C ARG K 530 -32.10 -46.41 68.06
N THR K 531 -31.96 -47.66 68.49
CA THR K 531 -31.29 -48.00 69.74
C THR K 531 -30.25 -49.08 69.49
N GLN K 532 -29.03 -48.85 69.99
CA GLN K 532 -27.94 -49.80 69.90
C GLN K 532 -27.74 -50.56 71.22
N GLY K 533 -28.82 -50.77 71.95
CA GLY K 533 -28.77 -51.37 73.27
C GLY K 533 -28.24 -50.47 74.36
N GLY K 534 -27.74 -49.29 74.04
CA GLY K 534 -26.92 -48.50 74.93
C GLY K 534 -25.46 -48.56 74.57
N ASN K 535 -25.08 -49.43 73.64
CA ASN K 535 -23.74 -49.45 73.09
C ASN K 535 -23.45 -48.13 72.36
N ASN K 536 -22.21 -47.64 72.48
CA ASN K 536 -21.86 -46.35 71.91
C ASN K 536 -20.66 -46.38 70.97
N ASN K 537 -19.98 -47.52 70.82
CA ASN K 537 -19.02 -47.73 69.73
C ASN K 537 -19.36 -49.09 69.15
N ALA K 538 -20.35 -49.10 68.25
CA ALA K 538 -20.91 -50.34 67.74
C ALA K 538 -20.13 -50.89 66.55
N TYR K 539 -18.85 -50.53 66.43
CA TYR K 539 -18.10 -50.72 65.18
C TYR K 539 -18.13 -52.15 64.70
N CYS K 540 -18.35 -53.10 65.61
CA CYS K 540 -18.21 -54.51 65.30
C CYS K 540 -19.54 -55.26 65.25
N GLN K 541 -20.64 -54.59 65.56
CA GLN K 541 -21.94 -55.24 65.56
C GLN K 541 -22.52 -55.16 64.15
N ASP K 542 -22.42 -56.28 63.43
CA ASP K 542 -23.11 -56.48 62.16
C ASP K 542 -24.37 -57.32 62.41
N ASN K 543 -25.29 -56.71 63.17
CA ASN K 543 -26.42 -57.45 63.72
C ASN K 543 -27.52 -56.49 64.15
N GLU K 544 -28.51 -57.02 64.87
CA GLU K 544 -29.70 -56.27 65.27
C GLU K 544 -29.38 -54.99 66.00
N VAL K 545 -28.15 -54.85 66.50
CA VAL K 545 -27.77 -53.66 67.27
C VAL K 545 -27.83 -52.42 66.37
N SER K 546 -27.06 -52.43 65.29
CA SER K 546 -26.94 -51.26 64.44
C SER K 546 -27.75 -51.35 63.15
N TRP K 547 -28.46 -52.46 62.90
CA TRP K 547 -29.43 -52.42 61.82
C TRP K 547 -30.47 -51.33 62.10
N VAL K 548 -31.31 -51.07 61.10
CA VAL K 548 -32.37 -50.08 61.21
C VAL K 548 -33.71 -50.80 61.14
N ARG K 549 -34.51 -50.67 62.20
CA ARG K 549 -35.88 -51.14 62.18
C ARG K 549 -36.77 -50.14 61.46
N TRP K 550 -37.82 -50.64 60.82
CA TRP K 550 -38.72 -49.81 60.00
C TRP K 550 -40.14 -49.81 60.55
N PRO K 551 -40.63 -48.65 60.99
CA PRO K 551 -41.69 -48.63 62.01
C PRO K 551 -43.02 -49.14 61.49
N LYS K 552 -43.88 -49.49 62.43
CA LYS K 552 -45.29 -49.76 62.13
C LYS K 552 -46.18 -49.26 63.24
N GLU K 556 -47.54 -45.92 66.14
CA GLU K 556 -48.01 -44.54 66.24
C GLU K 556 -46.94 -43.64 66.84
N ALA K 557 -46.39 -44.04 67.99
CA ALA K 557 -45.28 -43.30 68.58
C ALA K 557 -44.10 -43.24 67.64
N GLU K 558 -43.73 -44.39 67.06
CA GLU K 558 -42.61 -44.42 66.12
C GLU K 558 -42.89 -43.55 64.89
N ALA K 559 -44.16 -43.45 64.48
CA ALA K 559 -44.51 -42.60 63.35
C ALA K 559 -44.62 -41.13 63.72
N THR K 560 -44.77 -40.82 65.02
CA THR K 560 -45.01 -39.45 65.44
C THR K 560 -43.72 -38.64 65.54
N LEU K 561 -42.59 -39.30 65.86
CA LEU K 561 -41.32 -38.62 65.73
C LEU K 561 -40.90 -38.47 64.28
N LEU K 562 -41.35 -39.39 63.41
CA LEU K 562 -41.06 -39.27 61.99
C LEU K 562 -41.79 -38.08 61.38
N ARG K 563 -43.13 -38.07 61.47
CA ARG K 563 -43.88 -36.92 60.96
C ARG K 563 -43.52 -35.64 61.69
N PHE K 564 -42.91 -35.75 62.87
CA PHE K 564 -42.24 -34.60 63.48
C PHE K 564 -41.05 -34.16 62.63
N THR K 565 -40.06 -35.05 62.48
CA THR K 565 -38.82 -34.68 61.80
C THR K 565 -39.08 -34.24 60.36
N ARG K 566 -39.99 -34.96 59.68
CA ARG K 566 -40.36 -34.60 58.31
C ARG K 566 -40.71 -33.12 58.21
N SER K 567 -41.68 -32.68 59.00
CA SER K 567 -42.16 -31.30 58.97
C SER K 567 -41.29 -30.34 59.77
N MET K 568 -40.23 -30.82 60.40
CA MET K 568 -39.25 -29.92 61.01
C MET K 568 -38.16 -29.48 60.02
N VAL K 569 -37.72 -30.38 59.14
CA VAL K 569 -36.85 -29.96 58.05
C VAL K 569 -37.64 -29.13 57.06
N ARG K 570 -38.93 -29.43 56.88
CA ARG K 570 -39.77 -28.57 56.06
C ARG K 570 -39.76 -27.13 56.57
N LEU K 571 -39.72 -26.94 57.89
CA LEU K 571 -39.59 -25.58 58.41
C LEU K 571 -38.24 -24.96 58.02
N ARG K 572 -37.19 -25.79 57.87
CA ARG K 572 -35.89 -25.27 57.48
C ARG K 572 -35.92 -24.73 56.06
N ARG K 573 -36.21 -25.60 55.08
CA ARG K 573 -36.26 -25.18 53.69
C ARG K 573 -37.24 -24.02 53.47
N GLU K 574 -38.35 -24.02 54.20
CA GLU K 574 -39.40 -23.02 54.00
C GLU K 574 -39.07 -21.66 54.60
N HIS K 575 -37.90 -21.49 55.23
CA HIS K 575 -37.64 -20.25 55.97
C HIS K 575 -36.16 -19.86 55.99
N PRO K 576 -35.77 -18.81 55.26
CA PRO K 576 -34.35 -18.43 55.21
C PRO K 576 -33.81 -17.81 56.48
N VAL K 577 -34.61 -17.66 57.53
CA VAL K 577 -34.08 -17.18 58.80
C VAL K 577 -33.10 -18.18 59.41
N PHE K 578 -33.31 -19.46 59.17
CA PHE K 578 -32.46 -20.50 59.74
C PHE K 578 -31.36 -20.97 58.81
N ARG K 579 -31.20 -20.36 57.63
CA ARG K 579 -30.12 -20.72 56.71
C ARG K 579 -29.59 -19.44 56.07
N ARG K 580 -28.65 -18.78 56.72
CA ARG K 580 -28.07 -17.57 56.14
C ARG K 580 -26.85 -17.97 55.31
N ARG K 581 -26.84 -17.57 54.03
CA ARG K 581 -25.78 -18.01 53.12
C ARG K 581 -24.40 -17.60 53.65
N ARG K 582 -24.25 -16.35 54.04
CA ARG K 582 -23.17 -15.94 54.95
C ARG K 582 -23.79 -15.93 56.33
N PHE K 583 -23.35 -16.85 57.18
CA PHE K 583 -23.91 -16.97 58.51
C PHE K 583 -23.51 -15.74 59.31
N PHE K 584 -23.84 -15.73 60.60
CA PHE K 584 -23.53 -14.60 61.45
C PHE K 584 -22.02 -14.50 61.68
N HIS K 585 -21.27 -14.26 60.61
CA HIS K 585 -19.80 -14.27 60.62
C HIS K 585 -19.19 -12.88 60.67
N GLY K 586 -19.67 -11.94 59.85
CA GLY K 586 -19.12 -10.60 59.90
C GLY K 586 -19.79 -9.70 60.91
N ARG K 587 -21.02 -10.00 61.26
CA ARG K 587 -21.89 -9.20 62.10
C ARG K 587 -21.81 -9.71 63.53
N PRO K 588 -22.37 -8.97 64.49
CA PRO K 588 -22.35 -9.45 65.87
C PRO K 588 -23.55 -10.32 66.21
N VAL K 589 -23.37 -11.16 67.22
CA VAL K 589 -24.36 -12.15 67.67
C VAL K 589 -25.55 -11.45 68.33
N GLU K 590 -25.53 -10.13 68.38
CA GLU K 590 -26.71 -9.40 68.84
C GLU K 590 -27.18 -8.37 67.83
N GLY K 591 -26.24 -7.72 67.15
CA GLY K 591 -26.56 -6.57 66.33
C GLY K 591 -26.79 -5.39 67.24
N THR K 592 -26.31 -4.20 66.88
CA THR K 592 -26.49 -3.07 67.78
C THR K 592 -27.98 -2.87 68.02
N HIS K 593 -28.41 -3.07 69.26
CA HIS K 593 -29.77 -3.49 69.59
C HIS K 593 -30.75 -2.35 69.32
N ASP K 594 -31.08 -2.18 68.03
CA ASP K 594 -31.96 -1.12 67.57
C ASP K 594 -33.12 -1.70 66.76
N GLU K 595 -33.84 -0.84 66.03
CA GLU K 595 -35.00 -1.29 65.27
C GLU K 595 -34.64 -2.38 64.28
N LEU K 596 -33.57 -2.19 63.51
CA LEU K 596 -33.25 -3.09 62.41
C LEU K 596 -32.00 -3.89 62.76
N THR K 597 -32.22 -5.05 63.40
CA THR K 597 -31.17 -6.05 63.56
C THR K 597 -31.77 -7.42 63.31
N ASP K 598 -30.97 -8.28 62.69
CA ASP K 598 -31.39 -9.64 62.38
C ASP K 598 -31.80 -10.38 63.64
N ILE K 599 -31.03 -10.24 64.71
CA ILE K 599 -31.19 -11.05 65.91
C ILE K 599 -31.37 -10.14 67.12
N ALA K 600 -31.94 -10.73 68.17
CA ALA K 600 -32.19 -10.08 69.45
C ALA K 600 -32.52 -11.15 70.47
N TRP K 601 -32.04 -10.97 71.71
CA TRP K 601 -32.18 -11.98 72.74
C TRP K 601 -32.97 -11.41 73.92
N PHE K 602 -33.63 -12.28 74.67
CA PHE K 602 -34.52 -11.83 75.73
C PHE K 602 -34.53 -12.83 76.89
N THR K 603 -34.92 -12.31 78.06
CA THR K 603 -35.17 -13.04 79.30
C THR K 603 -36.52 -13.76 79.19
N PRO K 604 -36.67 -14.90 79.90
CA PRO K 604 -38.03 -15.43 80.13
C PRO K 604 -39.01 -14.34 80.49
N GLU K 605 -38.63 -13.53 81.48
CA GLU K 605 -39.45 -12.39 81.90
C GLU K 605 -39.73 -11.44 80.75
N GLY K 606 -38.80 -11.32 79.80
CA GLY K 606 -39.09 -10.61 78.58
C GLY K 606 -38.38 -9.27 78.39
N GLU K 607 -37.15 -9.14 78.89
CA GLU K 607 -36.34 -7.95 78.66
C GLU K 607 -35.03 -8.35 78.00
N GLU K 608 -34.50 -7.46 77.17
CA GLU K 608 -33.30 -7.75 76.39
C GLU K 608 -32.12 -8.08 77.30
N MET K 609 -31.17 -8.81 76.75
CA MET K 609 -30.05 -9.33 77.53
C MET K 609 -29.08 -8.18 77.82
N THR K 610 -28.93 -7.84 79.09
CA THR K 610 -27.97 -6.83 79.52
C THR K 610 -26.54 -7.33 79.29
N SER K 611 -25.60 -6.39 79.33
CA SER K 611 -24.20 -6.73 79.11
C SER K 611 -23.69 -7.73 80.16
N ARG K 612 -24.03 -7.51 81.43
CA ARG K 612 -23.63 -8.48 82.46
C ARG K 612 -24.44 -9.77 82.32
N ASP K 613 -25.71 -9.67 81.92
CA ASP K 613 -26.49 -10.88 81.62
C ASP K 613 -25.81 -11.72 80.56
N TRP K 614 -24.90 -11.15 79.78
CA TRP K 614 -24.13 -11.89 78.79
C TRP K 614 -23.04 -12.75 79.39
N GLN K 615 -22.93 -12.83 80.73
CA GLN K 615 -22.00 -13.75 81.39
C GLN K 615 -22.83 -14.54 82.38
N ALA K 616 -23.46 -15.61 81.90
CA ALA K 616 -24.37 -16.42 82.72
C ALA K 616 -24.10 -17.89 82.41
N ALA K 617 -23.55 -18.61 83.40
CA ALA K 617 -23.25 -20.03 83.24
C ALA K 617 -24.48 -20.92 83.40
N HIS K 618 -25.60 -20.38 83.92
CA HIS K 618 -26.86 -21.09 84.03
C HIS K 618 -27.84 -20.69 82.92
N ALA K 619 -27.32 -20.52 81.70
CA ALA K 619 -28.09 -20.00 80.57
C ALA K 619 -28.94 -21.10 79.95
N GLN K 620 -30.10 -21.33 80.57
CA GLN K 620 -31.01 -22.36 80.11
C GLN K 620 -32.41 -21.85 79.81
N ALA K 621 -32.67 -20.56 80.00
CA ALA K 621 -33.97 -19.97 79.71
C ALA K 621 -33.76 -18.72 78.84
N LEU K 622 -34.18 -18.80 77.58
CA LEU K 622 -33.98 -17.72 76.61
C LEU K 622 -35.22 -17.51 75.78
N THR K 623 -35.21 -16.40 75.06
CA THR K 623 -36.14 -16.14 73.96
C THR K 623 -35.32 -15.45 72.87
N VAL K 624 -34.94 -16.21 71.84
CA VAL K 624 -34.12 -15.69 70.76
C VAL K 624 -35.05 -15.16 69.68
N PHE K 625 -34.81 -13.93 69.25
CA PHE K 625 -35.58 -13.33 68.17
C PHE K 625 -34.72 -13.25 66.92
N LEU K 626 -35.07 -14.05 65.92
CA LEU K 626 -34.48 -13.93 64.60
C LEU K 626 -35.46 -13.16 63.71
N ASN K 627 -35.00 -12.04 63.14
CA ASN K 627 -35.85 -11.14 62.38
C ASN K 627 -35.96 -11.59 60.93
N GLY K 628 -37.11 -11.32 60.33
CA GLY K 628 -37.41 -11.75 58.97
C GLY K 628 -37.11 -10.76 57.87
N ASN K 629 -36.83 -9.50 58.19
CA ASN K 629 -36.50 -8.48 57.20
C ASN K 629 -35.02 -8.14 57.14
N ALA K 630 -34.29 -8.25 58.25
CA ALA K 630 -32.93 -7.74 58.32
C ALA K 630 -31.93 -8.62 57.57
N ILE K 631 -32.42 -9.45 56.65
CA ILE K 631 -31.58 -10.36 55.89
C ILE K 631 -30.57 -9.57 55.06
N SER K 632 -29.30 -9.69 55.45
CA SER K 632 -28.17 -8.95 54.88
C SER K 632 -27.47 -9.73 53.78
N GLU K 633 -28.24 -10.26 52.81
CA GLU K 633 -27.67 -11.12 51.78
C GLU K 633 -28.51 -11.04 50.52
N PRO K 634 -27.89 -11.02 49.34
CA PRO K 634 -28.64 -11.11 48.09
C PRO K 634 -28.79 -12.55 47.60
N GLY K 635 -29.70 -12.72 46.64
CA GLY K 635 -30.04 -14.03 46.12
C GLY K 635 -29.23 -14.38 44.88
N THR K 636 -29.67 -15.47 44.22
CA THR K 636 -28.99 -15.94 43.02
C THR K 636 -28.81 -14.83 42.00
N GLN K 637 -29.87 -14.07 41.75
CA GLN K 637 -29.85 -12.97 40.79
C GLN K 637 -29.91 -11.62 41.50
N GLY K 638 -29.23 -11.52 42.64
CA GLY K 638 -29.15 -10.27 43.36
C GLY K 638 -30.41 -9.86 44.08
N GLU K 639 -31.43 -10.71 44.10
CA GLU K 639 -32.67 -10.41 44.79
C GLU K 639 -32.45 -10.36 46.29
N ARG K 640 -33.34 -9.66 46.99
CA ARG K 640 -33.31 -9.63 48.45
C ARG K 640 -34.24 -10.72 48.98
N ILE K 641 -33.69 -11.60 49.81
CA ILE K 641 -34.48 -12.68 50.40
C ILE K 641 -35.24 -12.15 51.59
N ALA K 642 -36.48 -12.61 51.78
CA ALA K 642 -37.34 -12.09 52.85
C ALA K 642 -38.18 -13.22 53.45
N ASP K 643 -38.38 -13.14 54.76
CA ASP K 643 -39.01 -14.19 55.55
C ASP K 643 -39.84 -13.56 56.65
N ASP K 644 -40.74 -14.36 57.23
CA ASP K 644 -41.41 -13.94 58.45
C ASP K 644 -40.44 -14.00 59.62
N SER K 645 -40.56 -13.06 60.56
CA SER K 645 -39.70 -13.07 61.73
C SER K 645 -40.10 -14.20 62.68
N PHE K 646 -39.15 -14.59 63.52
CA PHE K 646 -39.33 -15.75 64.38
C PHE K 646 -38.97 -15.42 65.83
N LEU K 647 -39.48 -16.25 66.74
CA LEU K 647 -39.25 -16.09 68.18
C LEU K 647 -39.09 -17.46 68.82
N LEU K 648 -37.84 -17.90 68.94
CA LEU K 648 -37.53 -19.09 69.72
C LEU K 648 -37.70 -18.79 71.19
N MET K 649 -38.26 -19.74 71.93
CA MET K 649 -38.45 -19.60 73.38
C MET K 649 -37.88 -20.86 74.03
N PHE K 650 -36.64 -20.74 74.50
CA PHE K 650 -35.91 -21.87 75.07
C PHE K 650 -36.11 -21.93 76.58
N ASN K 651 -36.43 -23.13 77.09
CA ASN K 651 -36.42 -23.40 78.53
C ASN K 651 -35.77 -24.76 78.76
N ALA K 652 -34.44 -24.74 78.96
CA ALA K 652 -33.73 -25.92 79.41
C ALA K 652 -33.75 -26.07 80.93
N SER K 653 -34.69 -25.40 81.60
CA SER K 653 -34.84 -25.50 83.04
C SER K 653 -35.61 -26.77 83.40
N ALA K 654 -35.46 -27.19 84.66
CA ALA K 654 -36.14 -28.37 85.18
C ALA K 654 -37.51 -28.08 85.75
N LYS K 655 -37.81 -26.82 86.05
CA LYS K 655 -39.14 -26.40 86.45
C LYS K 655 -39.87 -25.77 85.27
N GLU K 656 -41.16 -25.52 85.44
CA GLU K 656 -41.91 -24.81 84.41
C GLU K 656 -41.80 -23.31 84.61
N LEU K 657 -42.01 -22.57 83.53
CA LEU K 657 -41.68 -21.16 83.49
C LEU K 657 -42.75 -20.38 82.74
N GLU K 658 -42.85 -19.11 83.09
CA GLU K 658 -43.74 -18.16 82.45
C GLU K 658 -42.90 -17.23 81.58
N PHE K 659 -43.14 -17.25 80.27
CA PHE K 659 -42.39 -16.46 79.30
C PHE K 659 -43.23 -15.29 78.80
N VAL K 660 -42.55 -14.22 78.39
CA VAL K 660 -43.21 -13.02 77.87
C VAL K 660 -42.76 -12.76 76.44
N VAL K 661 -43.71 -12.54 75.55
CA VAL K 661 -43.41 -12.25 74.16
C VAL K 661 -43.15 -10.76 74.02
N PRO K 662 -42.02 -10.36 73.46
CA PRO K 662 -41.68 -8.92 73.35
C PRO K 662 -42.24 -8.20 72.12
N ASP K 663 -41.64 -7.02 71.90
CA ASP K 663 -41.46 -6.35 70.62
C ASP K 663 -42.60 -5.44 70.18
N SER K 664 -43.82 -5.71 70.68
CA SER K 664 -44.94 -4.78 70.57
C SER K 664 -46.15 -5.34 71.30
N HIS K 665 -47.35 -4.79 71.00
CA HIS K 665 -48.61 -5.30 71.49
C HIS K 665 -49.58 -5.67 70.37
N GLY K 666 -49.70 -4.84 69.35
CA GLY K 666 -50.71 -5.05 68.33
C GLY K 666 -50.21 -5.87 67.15
N ARG K 667 -49.46 -6.93 67.46
CA ARG K 667 -48.78 -7.75 66.46
C ARG K 667 -49.01 -9.21 66.86
N TYR K 668 -50.02 -9.84 66.26
CA TYR K 668 -50.32 -11.22 66.61
C TYR K 668 -49.30 -12.16 65.99
N TRP K 669 -48.79 -13.09 66.80
CA TRP K 669 -47.86 -14.10 66.33
C TRP K 669 -48.70 -15.33 65.95
N ARG K 670 -48.03 -16.44 65.67
CA ARG K 670 -48.73 -17.71 65.46
C ARG K 670 -47.80 -18.82 65.92
N MET K 671 -48.09 -19.41 67.08
CA MET K 671 -47.29 -20.51 67.59
C MET K 671 -47.21 -21.62 66.56
N VAL K 672 -46.01 -21.84 66.03
CA VAL K 672 -45.82 -22.80 64.97
C VAL K 672 -45.08 -24.05 65.47
N VAL K 673 -44.25 -23.94 66.49
CA VAL K 673 -43.62 -25.09 67.13
C VAL K 673 -43.82 -25.01 68.64
N ASP K 674 -44.52 -25.99 69.20
CA ASP K 674 -44.55 -26.26 70.63
C ASP K 674 -44.07 -27.69 70.84
N THR K 675 -42.91 -27.84 71.47
CA THR K 675 -42.42 -29.18 71.74
C THR K 675 -43.34 -29.93 72.69
N SER K 676 -43.95 -29.22 73.64
CA SER K 676 -44.51 -29.85 74.84
C SER K 676 -45.58 -30.89 74.52
N ASP K 677 -46.34 -30.71 73.44
CA ASP K 677 -47.47 -31.63 73.25
C ASP K 677 -46.96 -32.98 72.76
N PRO K 678 -47.48 -34.08 73.32
CA PRO K 678 -47.09 -35.42 72.85
C PRO K 678 -47.70 -35.81 71.51
N GLU K 679 -48.65 -35.04 71.01
CA GLU K 679 -49.18 -35.31 69.67
C GLU K 679 -48.18 -34.91 68.60
N GLY K 680 -47.33 -33.94 68.90
CA GLY K 680 -46.40 -33.42 67.93
C GLY K 680 -47.02 -32.19 67.30
N MET K 681 -46.61 -31.01 67.74
CA MET K 681 -47.16 -29.75 67.24
C MET K 681 -46.70 -29.41 65.83
N PRO K 682 -45.44 -29.65 65.46
CA PRO K 682 -44.93 -29.21 64.14
C PRO K 682 -45.84 -29.59 62.97
N PRO K 683 -46.45 -30.80 62.93
CA PRO K 683 -47.32 -31.11 61.80
C PRO K 683 -48.75 -30.59 61.90
N GLN K 684 -49.17 -30.10 63.06
CA GLN K 684 -50.50 -29.52 63.23
C GLN K 684 -50.36 -28.03 63.57
N GLN K 685 -51.50 -27.38 63.82
CA GLN K 685 -51.52 -25.95 64.08
C GLN K 685 -51.69 -25.71 65.57
N GLY K 686 -51.47 -24.46 65.97
CA GLY K 686 -51.54 -24.10 67.37
C GLY K 686 -52.18 -22.76 67.62
N PRO K 687 -52.46 -22.48 68.90
CA PRO K 687 -52.94 -21.14 69.28
C PRO K 687 -51.95 -20.07 68.88
N GLU K 688 -52.42 -18.82 68.88
CA GLU K 688 -51.62 -17.66 68.56
C GLU K 688 -51.33 -16.90 69.86
N LEU K 689 -50.52 -15.85 69.74
CA LEU K 689 -50.07 -15.14 70.93
C LEU K 689 -50.35 -13.64 70.84
N ALA K 690 -49.80 -12.86 71.80
CA ALA K 690 -50.19 -11.46 71.91
C ALA K 690 -49.05 -10.47 72.12
N GLY K 691 -47.80 -10.92 72.21
CA GLY K 691 -46.71 -9.97 72.42
C GLY K 691 -46.90 -9.10 73.64
N GLY K 692 -46.79 -9.68 74.82
CA GLY K 692 -47.10 -8.97 76.04
C GLY K 692 -48.03 -9.82 76.88
N GLU K 693 -48.32 -11.02 76.37
CA GLU K 693 -49.04 -12.04 77.10
C GLU K 693 -48.03 -13.09 77.58
N ARG K 694 -48.17 -13.48 78.84
CA ARG K 694 -47.30 -14.51 79.39
C ARG K 694 -47.73 -15.87 78.86
N VAL K 695 -46.77 -16.78 78.74
CA VAL K 695 -47.06 -18.18 78.45
C VAL K 695 -46.37 -19.05 79.48
N THR K 696 -47.16 -19.87 80.19
CA THR K 696 -46.58 -20.96 80.95
C THR K 696 -45.94 -21.94 79.98
N LEU K 697 -44.71 -22.32 80.28
CA LEU K 697 -44.00 -23.31 79.48
C LEU K 697 -43.56 -24.43 80.41
N ALA K 698 -43.85 -25.67 80.03
CA ALA K 698 -43.47 -26.82 80.82
C ALA K 698 -41.94 -26.92 80.88
N PRO K 699 -41.40 -27.65 81.86
CA PRO K 699 -39.95 -27.78 81.93
C PRO K 699 -39.37 -28.55 80.76
N LEU K 700 -38.17 -28.15 80.35
CA LEU K 700 -37.42 -28.79 79.27
C LEU K 700 -38.22 -28.81 77.96
N SER K 701 -38.49 -27.61 77.43
CA SER K 701 -39.24 -27.54 76.18
C SER K 701 -38.97 -26.23 75.45
N LEU K 702 -39.19 -26.27 74.15
CA LEU K 702 -39.04 -25.13 73.24
C LEU K 702 -40.39 -24.50 72.94
N THR K 703 -40.35 -23.41 72.17
CA THR K 703 -41.54 -22.76 71.63
C THR K 703 -41.15 -21.77 70.56
N VAL K 704 -41.71 -21.87 69.35
CA VAL K 704 -41.39 -20.97 68.25
C VAL K 704 -42.67 -20.36 67.71
N LEU K 705 -42.67 -19.03 67.61
CA LEU K 705 -43.81 -18.24 67.17
C LEU K 705 -43.45 -17.51 65.86
N ARG K 706 -44.46 -17.36 64.99
CA ARG K 706 -44.24 -17.02 63.58
C ARG K 706 -45.13 -15.84 63.17
N ARG K 707 -44.56 -14.65 63.10
CA ARG K 707 -45.29 -13.46 62.69
C ARG K 707 -44.68 -12.86 61.44
N PRO K 708 -45.49 -12.36 60.48
CA PRO K 708 -45.00 -11.70 59.27
C PRO K 708 -44.11 -10.50 59.56
N GLN L 5 49.19 -56.69 -24.55
CA GLN L 5 47.84 -56.86 -24.00
C GLN L 5 46.80 -57.06 -25.10
N VAL L 6 45.93 -58.05 -24.92
CA VAL L 6 45.09 -58.58 -25.98
C VAL L 6 43.70 -58.81 -25.42
N TRP L 7 42.74 -57.97 -25.80
CA TRP L 7 41.36 -58.11 -25.39
C TRP L 7 40.48 -58.55 -26.56
N PRO L 8 39.32 -59.16 -26.28
CA PRO L 8 38.53 -59.75 -27.38
C PRO L 8 37.86 -58.72 -28.30
N GLY L 9 37.29 -57.64 -27.76
CA GLY L 9 36.76 -56.58 -28.61
C GLY L 9 35.39 -56.87 -29.20
N GLN L 10 35.22 -56.58 -30.50
CA GLN L 10 33.95 -56.77 -31.18
C GLN L 10 34.17 -57.21 -32.63
N ALA L 11 33.24 -58.04 -33.12
CA ALA L 11 33.29 -58.47 -34.51
C ALA L 11 32.89 -57.36 -35.48
N TYR L 12 32.00 -56.45 -35.04
CA TYR L 12 31.67 -55.24 -35.77
C TYR L 12 32.20 -54.03 -35.00
N PRO L 13 32.75 -53.02 -35.69
CA PRO L 13 32.86 -52.93 -37.16
C PRO L 13 34.08 -53.68 -37.68
N LEU L 14 33.97 -54.26 -38.88
CA LEU L 14 35.16 -54.83 -39.51
C LEU L 14 36.18 -53.74 -39.75
N GLY L 15 37.43 -54.02 -39.41
CA GLY L 15 38.51 -53.08 -39.60
C GLY L 15 39.05 -52.57 -38.27
N ALA L 16 39.99 -51.62 -38.38
CA ALA L 16 40.68 -51.04 -37.23
C ALA L 16 40.02 -49.71 -36.86
N THR L 17 39.43 -49.67 -35.67
CA THR L 17 38.69 -48.49 -35.21
C THR L 17 39.16 -48.13 -33.81
N TYR L 18 39.42 -46.84 -33.58
CA TYR L 18 40.10 -46.38 -32.37
C TYR L 18 39.07 -46.14 -31.27
N ASP L 19 39.19 -46.89 -30.17
CA ASP L 19 38.19 -46.94 -29.10
C ASP L 19 38.58 -46.09 -27.90
N GLY L 20 39.22 -44.95 -28.12
CA GLY L 20 39.64 -44.09 -27.02
C GLY L 20 40.91 -44.50 -26.32
N ALA L 21 41.00 -45.75 -25.85
CA ALA L 21 42.19 -46.25 -25.19
C ALA L 21 43.05 -47.07 -26.15
N GLY L 22 42.46 -48.09 -26.76
CA GLY L 22 43.15 -48.87 -27.77
C GLY L 22 42.49 -48.83 -29.12
N THR L 23 42.57 -49.94 -29.86
CA THR L 23 42.05 -50.01 -31.20
C THR L 23 41.48 -51.40 -31.42
N ASN L 24 40.24 -51.48 -31.89
CA ASN L 24 39.61 -52.77 -32.15
C ASN L 24 39.86 -53.18 -33.58
N PHE L 25 40.18 -54.46 -33.76
CA PHE L 25 40.51 -55.02 -35.06
C PHE L 25 39.42 -56.03 -35.43
N ALA L 26 39.26 -56.28 -36.73
CA ALA L 26 38.31 -57.27 -37.21
C ALA L 26 38.52 -57.49 -38.71
N VAL L 27 38.52 -58.76 -39.12
CA VAL L 27 38.56 -59.09 -40.54
C VAL L 27 38.04 -60.52 -40.69
N PHE L 28 37.53 -60.83 -41.88
CA PHE L 28 36.74 -62.03 -42.15
C PHE L 28 37.52 -62.99 -43.04
N SER L 29 37.39 -64.28 -42.75
CA SER L 29 37.78 -65.32 -43.70
C SER L 29 37.02 -66.58 -43.32
N GLU L 30 35.98 -66.92 -44.10
CA GLU L 30 35.34 -68.20 -43.85
C GLU L 30 36.20 -69.37 -44.30
N ALA L 31 37.43 -69.10 -44.75
CA ALA L 31 38.37 -70.14 -45.18
C ALA L 31 39.79 -69.84 -44.69
N ALA L 32 39.95 -69.51 -43.41
CA ALA L 32 41.26 -69.47 -42.79
C ALA L 32 41.35 -70.49 -41.67
N HIS L 33 42.55 -71.00 -41.41
CA HIS L 33 42.76 -71.90 -40.29
C HIS L 33 43.27 -71.21 -39.04
N ARG L 34 43.87 -70.02 -39.19
CA ARG L 34 44.27 -69.15 -38.08
C ARG L 34 44.70 -67.83 -38.68
N ILE L 35 44.36 -66.74 -38.00
CA ILE L 35 44.64 -65.39 -38.47
C ILE L 35 45.44 -64.66 -37.39
N GLU L 36 46.60 -64.15 -37.77
CA GLU L 36 47.44 -63.41 -36.85
C GLU L 36 47.44 -61.93 -37.22
N LEU L 37 47.64 -61.09 -36.21
CA LEU L 37 47.74 -59.64 -36.39
C LEU L 37 49.17 -59.21 -36.11
N CYS L 38 49.73 -58.40 -37.00
CA CYS L 38 51.14 -58.03 -36.97
C CYS L 38 51.26 -56.53 -36.70
N LEU L 39 52.04 -56.18 -35.69
CA LEU L 39 52.33 -54.77 -35.36
C LEU L 39 53.68 -54.42 -35.96
N LEU L 40 53.65 -53.67 -37.06
CA LEU L 40 54.86 -53.28 -37.79
C LEU L 40 55.43 -52.01 -37.18
N HIS L 41 56.50 -52.16 -36.40
CA HIS L 41 57.19 -51.00 -35.83
C HIS L 41 58.12 -50.39 -36.87
N ASP L 42 58.52 -49.14 -36.61
CA ASP L 42 59.25 -48.36 -37.60
C ASP L 42 60.51 -49.05 -38.11
N ASP L 43 61.09 -49.96 -37.33
CA ASP L 43 62.27 -50.70 -37.75
C ASP L 43 61.92 -51.97 -38.51
N GLY L 44 60.67 -52.14 -38.91
CA GLY L 44 60.29 -53.28 -39.72
C GLY L 44 60.24 -54.60 -38.99
N SER L 45 59.98 -54.58 -37.69
CA SER L 45 59.77 -55.81 -36.94
C SER L 45 58.28 -56.04 -36.72
N GLU L 46 57.93 -57.28 -36.37
CA GLU L 46 56.55 -57.69 -36.21
C GLU L 46 56.28 -58.11 -34.76
N THR L 47 55.05 -57.85 -34.31
CA THR L 47 54.61 -58.23 -32.97
C THR L 47 53.26 -58.92 -33.14
N ALA L 48 53.30 -60.23 -33.37
CA ALA L 48 52.08 -60.97 -33.70
C ALA L 48 51.16 -61.10 -32.49
N VAL L 49 49.86 -61.01 -32.74
CA VAL L 49 48.81 -61.13 -31.74
C VAL L 49 47.74 -62.06 -32.30
N GLU L 50 47.69 -63.29 -31.79
CA GLU L 50 46.73 -64.27 -32.30
C GLU L 50 45.31 -63.83 -32.03
N LEU L 51 44.58 -63.46 -33.08
CA LEU L 51 43.19 -63.06 -33.00
C LEU L 51 42.33 -64.31 -32.93
N ARG L 52 42.04 -64.77 -31.71
CA ARG L 52 41.41 -66.07 -31.52
C ARG L 52 39.88 -66.00 -31.41
N GLU L 53 39.30 -64.81 -31.36
CA GLU L 53 37.86 -64.67 -31.22
C GLU L 53 37.20 -64.57 -32.59
N THR L 54 36.20 -65.42 -32.82
CA THR L 54 35.52 -65.50 -34.12
C THR L 54 34.01 -65.43 -33.95
N ASP L 55 33.40 -64.52 -34.70
CA ASP L 55 31.94 -64.48 -34.87
C ASP L 55 31.65 -64.21 -36.34
N ALA L 56 30.82 -65.07 -36.95
CA ALA L 56 30.50 -64.98 -38.37
C ALA L 56 31.76 -65.04 -39.23
N PHE L 57 32.67 -65.94 -38.85
CA PHE L 57 33.98 -66.12 -39.48
C PHE L 57 34.87 -64.88 -39.40
N VAL L 58 34.50 -63.89 -38.60
CA VAL L 58 35.33 -62.70 -38.40
C VAL L 58 36.20 -62.91 -37.16
N ARG L 59 37.51 -62.99 -37.37
CA ARG L 59 38.47 -63.05 -36.28
C ARG L 59 38.85 -61.62 -35.88
N HIS L 60 39.07 -61.42 -34.58
CA HIS L 60 39.24 -60.06 -34.08
C HIS L 60 39.81 -60.09 -32.67
N ALA L 61 40.40 -58.96 -32.28
CA ALA L 61 40.84 -58.71 -30.91
C ALA L 61 41.06 -57.22 -30.74
N TYR L 62 41.16 -56.79 -29.48
CA TYR L 62 41.28 -55.37 -29.14
C TYR L 62 42.60 -55.17 -28.39
N LEU L 63 43.52 -54.40 -28.99
CA LEU L 63 44.78 -54.06 -28.36
C LEU L 63 44.63 -52.73 -27.66
N PRO L 64 44.50 -52.69 -26.33
CA PRO L 64 44.31 -51.41 -25.64
C PRO L 64 45.62 -50.65 -25.48
N GLY L 65 45.72 -49.52 -26.18
CA GLY L 65 46.92 -48.69 -26.18
C GLY L 65 47.47 -48.39 -27.56
N VAL L 66 46.98 -49.05 -28.61
CA VAL L 66 47.47 -48.80 -29.96
C VAL L 66 46.85 -47.51 -30.48
N MET L 67 47.70 -46.52 -30.77
CA MET L 67 47.38 -45.14 -31.11
C MET L 67 47.44 -44.94 -32.62
N PRO L 68 46.81 -43.87 -33.17
CA PRO L 68 46.85 -43.63 -34.62
C PRO L 68 48.25 -43.63 -35.20
N GLY L 69 48.36 -43.95 -36.49
CA GLY L 69 49.66 -44.11 -37.10
C GLY L 69 50.28 -45.47 -36.93
N GLN L 70 49.71 -46.31 -36.07
CA GLN L 70 50.19 -47.68 -35.93
C GLN L 70 49.90 -48.47 -37.20
N ARG L 71 50.96 -48.93 -37.87
CA ARG L 71 50.81 -49.82 -39.01
C ARG L 71 50.48 -51.23 -38.54
N TYR L 72 49.69 -51.95 -39.33
CA TYR L 72 49.39 -53.33 -39.02
C TYR L 72 49.33 -54.14 -40.30
N GLY L 73 49.12 -55.44 -40.14
CA GLY L 73 48.99 -56.35 -41.27
C GLY L 73 48.38 -57.65 -40.79
N PHE L 74 47.83 -58.39 -41.76
CA PHE L 74 47.21 -59.69 -41.48
C PHE L 74 47.99 -60.79 -42.19
N ARG L 75 48.33 -61.85 -41.45
CA ARG L 75 48.88 -63.06 -42.01
C ARG L 75 47.89 -64.19 -41.79
N VAL L 76 47.46 -64.83 -42.88
CA VAL L 76 46.43 -65.86 -42.83
C VAL L 76 47.10 -67.22 -42.97
N HIS L 77 46.95 -68.07 -41.95
CA HIS L 77 47.55 -69.40 -41.94
C HIS L 77 46.53 -70.38 -42.50
N GLY L 78 46.50 -70.52 -43.82
CA GLY L 78 45.53 -71.37 -44.47
C GLY L 78 46.11 -72.20 -45.60
N PRO L 79 45.28 -73.03 -46.22
CA PRO L 79 45.80 -73.98 -47.22
C PRO L 79 45.99 -73.32 -48.57
N TYR L 80 47.20 -73.47 -49.13
CA TYR L 80 47.41 -73.19 -50.55
C TYR L 80 47.04 -74.44 -51.33
N ALA L 81 45.95 -74.37 -52.07
CA ALA L 81 45.51 -75.44 -52.95
C ALA L 81 44.55 -74.86 -53.98
N PRO L 82 45.06 -74.39 -55.12
CA PRO L 82 44.17 -73.73 -56.10
C PRO L 82 43.05 -74.62 -56.60
N GLU L 83 43.12 -75.94 -56.41
CA GLU L 83 42.12 -76.84 -56.97
C GLU L 83 40.73 -76.56 -56.42
N ARG L 84 40.64 -76.03 -55.21
CA ARG L 84 39.39 -75.45 -54.71
C ARG L 84 39.44 -73.93 -54.68
N GLY L 85 40.53 -73.34 -55.18
CA GLY L 85 40.68 -71.90 -55.23
C GLY L 85 41.43 -71.29 -54.07
N LEU L 86 42.01 -72.11 -53.19
CA LEU L 86 42.55 -71.63 -51.92
C LEU L 86 44.01 -71.22 -52.11
N ARG L 87 44.23 -69.93 -52.36
CA ARG L 87 45.58 -69.41 -52.50
C ARG L 87 46.09 -68.76 -51.22
N CYS L 88 45.60 -69.22 -50.07
CA CYS L 88 46.03 -68.68 -48.79
C CYS L 88 47.53 -68.91 -48.58
N ASN L 89 48.27 -67.83 -48.43
CA ASN L 89 49.68 -67.88 -48.07
C ASN L 89 49.90 -67.00 -46.87
N ALA L 90 50.68 -67.51 -45.91
CA ALA L 90 50.87 -66.82 -44.64
C ALA L 90 52.10 -65.93 -44.62
N ALA L 91 53.08 -66.18 -45.50
CA ALA L 91 54.24 -65.30 -45.55
C ALA L 91 53.85 -63.92 -46.05
N LYS L 92 52.81 -63.83 -46.87
CA LYS L 92 52.44 -62.57 -47.49
C LYS L 92 51.74 -61.69 -46.47
N LEU L 93 52.16 -60.43 -46.39
CA LEU L 93 51.48 -59.46 -45.53
C LEU L 93 50.28 -58.88 -46.27
N LEU L 94 49.08 -59.09 -45.73
CA LEU L 94 47.84 -58.71 -46.39
C LEU L 94 47.34 -57.36 -45.90
N LEU L 95 46.49 -56.75 -46.71
CA LEU L 95 45.91 -55.44 -46.44
C LEU L 95 44.48 -55.59 -45.94
N ASP L 96 44.13 -54.80 -44.94
CA ASP L 96 42.78 -54.79 -44.39
C ASP L 96 41.83 -54.19 -45.42
N PRO L 97 40.90 -54.96 -46.00
CA PRO L 97 40.02 -54.41 -47.04
C PRO L 97 39.12 -53.30 -46.53
N TYR L 98 39.31 -52.91 -45.26
CA TYR L 98 38.55 -51.82 -44.67
C TYR L 98 39.45 -50.67 -44.21
N ALA L 99 40.77 -50.80 -44.35
CA ALA L 99 41.72 -49.89 -43.69
C ALA L 99 41.51 -48.46 -44.15
N ARG L 100 41.21 -47.59 -43.19
CA ARG L 100 40.80 -46.22 -43.49
C ARG L 100 41.94 -45.33 -43.98
N ALA L 101 43.18 -45.84 -44.02
CA ALA L 101 44.34 -45.14 -44.58
C ALA L 101 45.49 -46.12 -44.70
N VAL L 102 46.21 -46.07 -45.83
CA VAL L 102 47.25 -47.04 -46.14
C VAL L 102 48.48 -46.30 -46.65
N SER L 103 49.67 -46.85 -46.35
CA SER L 103 50.93 -46.15 -46.54
C SER L 103 51.75 -46.73 -47.68
N GLY L 104 52.58 -45.88 -48.28
CA GLY L 104 53.60 -46.29 -49.24
C GLY L 104 53.11 -46.86 -50.55
N ARG L 105 53.99 -46.92 -51.54
CA ARG L 105 53.71 -47.49 -52.84
C ARG L 105 54.11 -48.96 -52.83
N VAL L 106 53.85 -49.64 -53.94
CA VAL L 106 54.27 -51.02 -54.10
C VAL L 106 55.68 -51.03 -54.67
N ARG L 107 56.50 -51.92 -54.13
CA ARG L 107 57.91 -52.05 -54.49
C ARG L 107 58.09 -53.46 -55.04
N TRP L 108 57.79 -53.62 -56.32
CA TRP L 108 57.58 -54.95 -56.88
C TRP L 108 58.83 -55.81 -56.81
N GLY L 109 58.63 -57.10 -56.62
CA GLY L 109 59.70 -58.07 -56.56
C GLY L 109 59.20 -59.46 -56.90
N GLU L 110 59.69 -60.47 -56.20
CA GLU L 110 59.20 -61.83 -56.39
C GLU L 110 58.58 -62.40 -55.12
N ALA L 111 58.57 -61.65 -54.03
CA ALA L 111 57.88 -62.08 -52.82
C ALA L 111 56.41 -61.67 -52.80
N VAL L 112 56.06 -60.55 -53.44
CA VAL L 112 54.73 -59.97 -53.35
C VAL L 112 53.71 -60.75 -54.16
N TYR L 113 54.15 -61.81 -54.83
CA TYR L 113 53.25 -62.50 -55.74
C TYR L 113 52.51 -63.66 -55.06
N GLY L 114 53.23 -64.54 -54.38
CA GLY L 114 52.61 -65.68 -53.75
C GLY L 114 52.72 -66.97 -54.54
N TYR L 115 53.45 -66.96 -55.66
CA TYR L 115 53.74 -68.12 -56.47
C TYR L 115 55.13 -67.88 -57.02
N PRO L 116 55.97 -68.92 -57.13
CA PRO L 116 57.35 -68.70 -57.57
C PRO L 116 57.41 -68.38 -59.05
N PHE L 117 58.38 -67.53 -59.41
CA PHE L 117 58.57 -67.10 -60.80
C PHE L 117 59.05 -68.20 -61.73
N GLY L 118 59.10 -69.46 -61.28
CA GLY L 118 59.33 -70.57 -62.17
C GLY L 118 58.03 -71.24 -62.58
N ARG L 119 57.19 -71.60 -61.60
CA ARG L 119 55.93 -72.29 -61.85
C ARG L 119 54.76 -71.49 -61.28
N PRO L 120 53.70 -71.28 -62.07
CA PRO L 120 52.52 -70.58 -61.52
C PRO L 120 51.84 -71.30 -60.37
N ASP L 121 51.50 -72.60 -60.54
CA ASP L 121 50.68 -73.33 -59.57
C ASP L 121 51.38 -73.61 -58.21
N ALA L 122 52.56 -73.07 -57.90
CA ALA L 122 53.29 -73.45 -56.70
C ALA L 122 53.19 -72.38 -55.62
N ARG L 123 53.82 -72.66 -54.46
CA ARG L 123 53.67 -71.88 -53.24
C ARG L 123 54.99 -71.16 -52.94
N ASN L 124 55.00 -69.85 -53.20
CA ASN L 124 56.17 -69.01 -52.91
C ASN L 124 56.09 -68.55 -51.47
N ASP L 125 57.08 -68.92 -50.67
CA ASP L 125 57.04 -68.76 -49.21
C ASP L 125 58.05 -67.73 -48.72
N LEU L 126 58.18 -66.61 -49.43
CA LEU L 126 59.00 -65.49 -49.00
C LEU L 126 58.14 -64.48 -48.25
N ASP L 127 58.68 -63.94 -47.16
CA ASP L 127 58.01 -62.84 -46.49
C ASP L 127 58.00 -61.62 -47.39
N SER L 128 56.80 -61.12 -47.68
CA SER L 128 56.60 -59.92 -48.46
C SER L 128 56.30 -58.70 -47.60
N ALA L 129 56.72 -58.73 -46.33
CA ALA L 129 56.55 -57.57 -45.46
C ALA L 129 57.23 -56.30 -45.98
N PRO L 130 58.44 -56.32 -46.52
CA PRO L 130 59.08 -55.07 -46.93
C PRO L 130 58.69 -54.53 -48.30
N ASP L 131 57.83 -55.23 -49.04
CA ASP L 131 57.50 -54.83 -50.40
C ASP L 131 56.01 -54.60 -50.62
N THR L 132 55.18 -54.82 -49.60
CA THR L 132 53.75 -54.59 -49.67
C THR L 132 53.40 -53.23 -49.07
N MET L 133 52.24 -52.70 -49.48
CA MET L 133 51.66 -51.58 -48.76
C MET L 133 51.37 -51.98 -47.32
N THR L 134 51.01 -50.99 -46.51
CA THR L 134 50.86 -51.20 -45.08
C THR L 134 49.62 -50.49 -44.57
N SER L 135 48.72 -51.24 -43.93
CA SER L 135 47.49 -50.68 -43.41
C SER L 135 47.73 -49.99 -42.06
N VAL L 136 47.00 -48.88 -41.84
CA VAL L 136 47.29 -47.94 -40.76
C VAL L 136 46.05 -47.74 -39.90
N VAL L 137 46.26 -47.60 -38.59
CA VAL L 137 45.21 -47.22 -37.66
C VAL L 137 45.00 -45.71 -37.75
N VAL L 138 43.75 -45.31 -37.95
CA VAL L 138 43.41 -43.93 -38.31
C VAL L 138 42.62 -43.30 -37.17
N ASN L 139 42.85 -42.01 -36.93
CA ASN L 139 42.00 -41.24 -36.04
C ASN L 139 40.74 -40.84 -36.79
N PRO L 140 39.56 -41.30 -36.37
CA PRO L 140 38.35 -41.00 -37.14
C PRO L 140 37.76 -39.63 -36.88
N TYR L 141 38.12 -39.00 -35.76
CA TYR L 141 37.50 -37.74 -35.39
C TYR L 141 37.85 -36.66 -36.40
N PHE L 142 36.88 -35.78 -36.67
CA PHE L 142 37.11 -34.58 -37.45
C PHE L 142 36.03 -33.56 -37.13
N ASP L 143 36.39 -32.28 -37.24
CA ASP L 143 35.54 -31.17 -36.85
C ASP L 143 35.06 -30.46 -38.10
N TRP L 144 33.95 -30.94 -38.66
CA TRP L 144 33.21 -30.19 -39.67
C TRP L 144 32.40 -29.13 -38.95
N GLY L 145 32.84 -27.88 -39.01
CA GLY L 145 32.17 -26.88 -38.20
C GLY L 145 30.80 -26.50 -38.69
N ASP L 146 30.70 -25.68 -39.72
CA ASP L 146 29.41 -25.26 -40.26
C ASP L 146 29.04 -26.04 -41.51
N ASP L 147 29.19 -27.37 -41.52
CA ASP L 147 29.24 -28.05 -42.81
C ASP L 147 27.83 -28.22 -43.34
N ARG L 148 27.46 -27.34 -44.27
CA ARG L 148 26.21 -27.45 -45.00
C ARG L 148 26.47 -28.33 -46.22
N ARG L 149 25.96 -29.57 -46.18
CA ARG L 149 25.99 -30.42 -47.36
C ARG L 149 25.27 -29.69 -48.47
N PRO L 150 25.98 -29.15 -49.45
CA PRO L 150 25.31 -28.33 -50.46
C PRO L 150 24.52 -29.22 -51.42
N ARG L 151 23.36 -29.69 -50.95
CA ARG L 151 22.60 -30.64 -51.73
C ARG L 151 22.03 -29.90 -52.93
N THR L 152 22.76 -29.95 -54.03
CA THR L 152 22.40 -29.25 -55.25
C THR L 152 21.29 -30.01 -55.96
N GLU L 153 20.19 -29.33 -56.25
CA GLU L 153 19.13 -29.93 -57.06
C GLU L 153 19.71 -30.41 -58.37
N TYR L 154 19.07 -31.42 -58.94
CA TYR L 154 19.70 -32.11 -60.07
C TYR L 154 19.71 -31.26 -61.33
N HIS L 155 18.64 -30.49 -61.56
CA HIS L 155 18.55 -29.71 -62.80
C HIS L 155 19.53 -28.53 -62.80
N HIS L 156 20.09 -28.18 -61.65
CA HIS L 156 21.04 -27.08 -61.51
C HIS L 156 22.48 -27.50 -61.69
N THR L 157 22.75 -28.70 -62.17
CA THR L 157 24.09 -29.28 -62.07
C THR L 157 24.97 -28.88 -63.25
N VAL L 158 26.24 -28.61 -62.95
CA VAL L 158 27.31 -28.51 -63.93
C VAL L 158 28.44 -29.40 -63.41
N ILE L 159 28.47 -30.65 -63.88
CA ILE L 159 29.51 -31.59 -63.42
C ILE L 159 30.86 -31.13 -63.96
N TYR L 160 31.90 -31.29 -63.14
CA TYR L 160 33.27 -31.02 -63.56
C TYR L 160 34.12 -32.25 -63.27
N GLU L 161 34.57 -32.94 -64.31
CA GLU L 161 35.39 -34.14 -64.17
C GLU L 161 36.86 -33.73 -64.16
N ALA L 162 37.53 -33.96 -63.04
CA ALA L 162 38.88 -33.44 -62.85
C ALA L 162 39.69 -34.44 -62.04
N HIS L 163 41.02 -34.35 -62.18
CA HIS L 163 41.95 -35.24 -61.51
C HIS L 163 42.71 -34.51 -60.42
N VAL L 164 42.91 -35.20 -59.29
CA VAL L 164 43.55 -34.58 -58.13
C VAL L 164 44.91 -34.03 -58.49
N LYS L 165 45.73 -34.84 -59.16
CA LYS L 165 47.04 -34.38 -59.59
C LYS L 165 46.92 -33.53 -60.85
N GLY L 166 46.24 -34.04 -61.87
CA GLY L 166 46.18 -33.33 -63.15
C GLY L 166 45.74 -31.89 -63.02
N LEU L 167 44.78 -31.62 -62.11
CA LEU L 167 44.26 -30.27 -61.99
C LEU L 167 45.31 -29.28 -61.51
N THR L 168 46.10 -29.64 -60.51
CA THR L 168 46.89 -28.65 -59.79
C THR L 168 48.40 -28.94 -59.74
N MET L 169 48.88 -30.00 -60.40
CA MET L 169 50.31 -30.27 -60.40
C MET L 169 51.13 -29.13 -61.00
N LEU L 170 50.48 -28.26 -61.78
CA LEU L 170 51.17 -27.24 -62.56
C LEU L 170 50.67 -25.82 -62.31
N HIS L 171 49.83 -25.61 -61.30
CA HIS L 171 49.20 -24.31 -61.13
C HIS L 171 50.24 -23.26 -60.73
N PRO L 172 50.49 -22.23 -61.54
CA PRO L 172 51.47 -21.20 -61.16
C PRO L 172 50.86 -20.22 -60.17
N ASP L 173 50.10 -20.75 -59.22
CA ASP L 173 49.52 -19.94 -58.16
C ASP L 173 49.62 -20.56 -56.78
N LEU L 174 49.94 -21.86 -56.65
CA LEU L 174 50.02 -22.53 -55.37
C LEU L 174 51.48 -22.70 -54.95
N PRO L 175 51.74 -22.96 -53.67
CA PRO L 175 53.05 -23.48 -53.29
C PRO L 175 53.31 -24.81 -53.98
N GLU L 176 54.54 -25.30 -53.81
CA GLU L 176 54.88 -26.63 -54.28
C GLU L 176 54.34 -27.72 -53.37
N GLU L 177 54.04 -27.38 -52.11
CA GLU L 177 53.40 -28.31 -51.18
C GLU L 177 52.19 -28.96 -51.80
N LEU L 178 51.36 -28.17 -52.48
CA LEU L 178 50.00 -28.53 -52.82
C LEU L 178 49.84 -28.87 -54.30
N ARG L 179 50.89 -28.74 -55.08
CA ARG L 179 50.82 -29.02 -56.51
C ARG L 179 50.56 -30.49 -56.75
N GLY L 180 49.41 -30.79 -57.34
CA GLY L 180 49.04 -32.16 -57.60
C GLY L 180 48.70 -32.97 -56.37
N THR L 181 48.14 -32.32 -55.34
CA THR L 181 47.72 -33.04 -54.15
C THR L 181 46.27 -32.71 -53.80
N TYR L 182 45.83 -33.17 -52.62
CA TYR L 182 44.49 -32.85 -52.13
C TYR L 182 44.38 -31.39 -51.71
N ALA L 183 45.22 -30.96 -50.76
CA ALA L 183 45.08 -29.61 -50.20
C ALA L 183 45.13 -28.54 -51.27
N GLY L 184 45.90 -28.77 -52.33
CA GLY L 184 45.94 -27.83 -53.44
C GLY L 184 44.64 -27.81 -54.23
N LEU L 185 43.87 -28.89 -54.17
CA LEU L 185 42.54 -28.89 -54.76
C LEU L 185 41.59 -27.95 -54.02
N ALA L 186 42.04 -27.35 -52.91
CA ALA L 186 41.22 -26.46 -52.08
C ALA L 186 41.88 -25.11 -51.84
N HIS L 187 42.91 -24.76 -52.64
CA HIS L 187 43.50 -23.42 -52.64
C HIS L 187 42.44 -22.39 -53.03
N PRO L 188 42.59 -21.13 -52.60
CA PRO L 188 41.61 -20.10 -53.00
C PRO L 188 41.54 -19.83 -54.49
N SER L 189 42.56 -20.17 -55.27
CA SER L 189 42.49 -19.91 -56.71
C SER L 189 41.85 -21.05 -57.48
N VAL L 190 42.14 -22.30 -57.13
CA VAL L 190 41.53 -23.43 -57.81
C VAL L 190 40.04 -23.48 -57.51
N ILE L 191 39.67 -23.20 -56.26
CA ILE L 191 38.26 -23.19 -55.87
C ILE L 191 37.52 -22.07 -56.60
N GLY L 192 38.18 -20.93 -56.81
CA GLY L 192 37.53 -19.79 -57.43
C GLY L 192 37.48 -19.85 -58.94
N HIS L 193 38.43 -20.55 -59.56
CA HIS L 193 38.36 -20.77 -61.00
C HIS L 193 37.19 -21.68 -61.34
N LEU L 194 36.86 -22.61 -60.45
CA LEU L 194 35.61 -23.37 -60.56
C LEU L 194 34.40 -22.48 -60.31
N ARG L 195 34.51 -21.55 -59.36
CA ARG L 195 33.37 -20.69 -59.05
C ARG L 195 33.11 -19.67 -60.16
N GLU L 196 34.17 -19.08 -60.72
CA GLU L 196 33.97 -18.23 -61.89
C GLU L 196 33.25 -19.00 -63.00
N LEU L 197 33.59 -20.28 -63.17
CA LEU L 197 32.92 -21.13 -64.16
C LEU L 197 31.44 -21.30 -63.85
N GLY L 198 31.13 -21.90 -62.71
CA GLY L 198 29.76 -22.22 -62.39
C GLY L 198 29.54 -23.71 -62.14
N VAL L 199 30.60 -24.42 -61.72
CA VAL L 199 30.47 -25.83 -61.44
C VAL L 199 29.63 -26.02 -60.17
N THR L 200 28.89 -27.14 -60.15
CA THR L 200 28.13 -27.54 -58.99
C THR L 200 28.57 -28.89 -58.45
N ALA L 201 29.50 -29.56 -59.12
CA ALA L 201 29.96 -30.88 -58.73
C ALA L 201 31.34 -31.10 -59.34
N LEU L 202 32.30 -31.45 -58.48
CA LEU L 202 33.68 -31.72 -58.90
C LEU L 202 33.81 -33.23 -58.98
N GLU L 203 33.82 -33.79 -60.18
CA GLU L 203 34.04 -35.22 -60.33
C GLU L 203 35.53 -35.51 -60.23
N LEU L 204 35.95 -36.07 -59.10
CA LEU L 204 37.34 -36.48 -58.95
C LEU L 204 37.52 -37.86 -59.56
N MET L 205 38.58 -38.00 -60.36
CA MET L 205 39.01 -39.28 -60.90
C MET L 205 39.29 -40.22 -59.73
N PRO L 206 39.47 -41.54 -59.95
CA PRO L 206 39.65 -42.45 -58.81
C PRO L 206 40.56 -41.92 -57.72
N VAL L 207 39.96 -41.68 -56.55
CA VAL L 207 40.69 -41.33 -55.34
C VAL L 207 40.83 -42.52 -54.39
N HIS L 208 40.11 -43.60 -54.63
CA HIS L 208 40.37 -44.88 -54.00
C HIS L 208 41.85 -45.20 -54.09
N GLN L 209 42.39 -45.84 -53.06
CA GLN L 209 43.83 -46.06 -52.99
C GLN L 209 44.20 -47.17 -53.97
N PHE L 210 44.89 -46.81 -55.04
CA PHE L 210 45.22 -47.71 -56.13
C PHE L 210 46.69 -48.08 -56.10
N VAL L 211 47.07 -48.97 -57.01
CA VAL L 211 48.42 -49.50 -57.12
C VAL L 211 49.02 -49.03 -58.43
N ASN L 212 50.35 -49.05 -58.51
CA ASN L 212 51.07 -48.85 -59.75
C ASN L 212 51.40 -50.23 -60.32
N ASP L 213 50.72 -50.59 -61.42
CA ASP L 213 50.84 -51.91 -62.02
C ASP L 213 52.30 -52.23 -62.35
N HIS L 214 52.61 -53.53 -62.35
CA HIS L 214 53.99 -53.94 -62.59
C HIS L 214 54.35 -53.86 -64.07
N ARG L 215 53.45 -54.33 -64.95
CA ARG L 215 53.70 -54.25 -66.39
C ARG L 215 54.04 -52.83 -66.81
N LEU L 216 53.43 -51.83 -66.17
CA LEU L 216 53.70 -50.44 -66.49
C LEU L 216 54.99 -49.94 -65.85
N VAL L 217 55.33 -50.43 -64.64
CA VAL L 217 56.47 -49.86 -63.95
C VAL L 217 57.77 -50.38 -64.53
N ASP L 218 57.84 -51.65 -64.91
CA ASP L 218 59.02 -52.12 -65.63
C ASP L 218 58.94 -51.80 -67.12
N ALA L 219 58.48 -50.59 -67.45
CA ALA L 219 58.60 -50.07 -68.80
C ALA L 219 58.78 -48.55 -68.82
N GLY L 220 58.98 -47.90 -67.68
CA GLY L 220 59.06 -46.45 -67.65
C GLY L 220 57.71 -45.75 -67.60
N LEU L 221 56.68 -46.41 -67.09
CA LEU L 221 55.32 -45.86 -67.09
C LEU L 221 54.71 -46.08 -65.71
N SER L 222 53.43 -45.72 -65.57
CA SER L 222 52.67 -45.96 -64.34
C SER L 222 51.19 -45.61 -64.52
N ASN L 223 50.34 -46.24 -63.70
CA ASN L 223 48.90 -45.97 -63.73
C ASN L 223 48.63 -44.54 -63.27
N TYR L 224 48.26 -43.67 -64.20
CA TYR L 224 47.96 -42.29 -63.86
C TYR L 224 46.50 -42.05 -63.46
N TRP L 225 45.57 -42.88 -63.93
CA TRP L 225 44.16 -42.61 -63.68
C TRP L 225 43.70 -43.14 -62.33
N GLY L 226 44.02 -44.39 -62.02
CA GLY L 226 43.68 -44.97 -60.74
C GLY L 226 42.54 -45.95 -60.75
N TYR L 227 42.09 -46.41 -61.92
CA TYR L 227 41.08 -47.46 -62.00
C TYR L 227 41.73 -48.82 -61.80
N ASN L 228 42.43 -48.95 -60.66
CA ASN L 228 42.97 -50.25 -60.25
C ASN L 228 43.19 -50.20 -58.73
N THR L 229 42.19 -50.68 -57.98
CA THR L 229 42.11 -50.38 -56.55
C THR L 229 42.16 -51.64 -55.69
N ILE L 230 42.93 -51.57 -54.59
CA ILE L 230 42.83 -52.54 -53.52
C ILE L 230 42.18 -51.96 -52.27
N GLY L 231 42.40 -50.68 -51.98
CA GLY L 231 41.80 -50.05 -50.83
C GLY L 231 40.60 -49.23 -51.25
N PHE L 232 39.40 -49.74 -50.93
CA PHE L 232 38.18 -49.04 -51.28
C PHE L 232 37.80 -47.98 -50.27
N PHE L 233 38.42 -48.02 -49.09
CA PHE L 233 38.06 -47.13 -47.99
C PHE L 233 38.95 -45.90 -47.87
N ALA L 234 40.13 -45.88 -48.50
CA ALA L 234 41.10 -44.86 -48.13
C ALA L 234 41.51 -43.98 -49.31
N PRO L 235 41.92 -42.73 -49.03
CA PRO L 235 42.49 -41.88 -50.09
C PRO L 235 43.87 -42.34 -50.51
N HIS L 236 44.21 -42.07 -51.78
CA HIS L 236 45.44 -42.57 -52.39
C HIS L 236 46.65 -41.80 -51.86
N ASN L 237 47.56 -42.52 -51.21
CA ASN L 237 48.66 -41.92 -50.45
C ASN L 237 49.47 -40.95 -51.29
N ALA L 238 49.75 -41.30 -52.55
CA ALA L 238 50.61 -40.47 -53.40
C ALA L 238 49.93 -39.18 -53.82
N TYR L 239 48.69 -38.96 -53.39
CA TYR L 239 48.01 -37.69 -53.60
C TYR L 239 48.09 -36.81 -52.36
N ALA L 240 48.77 -37.27 -51.31
CA ALA L 240 48.79 -36.58 -50.02
C ALA L 240 50.14 -35.88 -49.85
N SER L 241 50.10 -34.54 -49.80
CA SER L 241 51.30 -33.79 -49.45
C SER L 241 51.66 -33.98 -47.98
N TRP L 242 50.65 -34.08 -47.11
CA TRP L 242 50.82 -34.21 -45.67
C TRP L 242 51.31 -35.60 -45.24
N GLY L 243 51.73 -36.48 -46.14
CA GLY L 243 52.19 -37.80 -45.75
C GLY L 243 51.07 -38.82 -45.77
N ASP L 244 51.43 -40.06 -45.48
CA ASP L 244 50.50 -41.17 -45.57
C ASP L 244 50.59 -42.10 -44.35
N ARG L 245 50.53 -41.51 -43.16
CA ARG L 245 50.45 -42.28 -41.92
C ARG L 245 49.12 -42.02 -41.21
N GLY L 246 48.05 -41.89 -41.99
CA GLY L 246 46.79 -41.37 -41.51
C GLY L 246 46.56 -39.91 -41.86
N GLN L 247 47.63 -39.19 -42.24
CA GLN L 247 47.55 -37.77 -42.56
C GLN L 247 46.79 -37.50 -43.85
N GLN L 248 46.56 -38.52 -44.68
CA GLN L 248 45.84 -38.29 -45.92
C GLN L 248 44.34 -38.18 -45.71
N VAL L 249 43.81 -38.86 -44.69
CA VAL L 249 42.38 -38.74 -44.43
C VAL L 249 42.05 -37.35 -43.89
N LEU L 250 43.00 -36.70 -43.20
CA LEU L 250 42.78 -35.35 -42.74
C LEU L 250 42.80 -34.35 -43.90
N GLU L 251 43.65 -34.59 -44.91
CA GLU L 251 43.59 -33.77 -46.12
C GLU L 251 42.22 -33.85 -46.78
N PHE L 252 41.81 -35.06 -47.16
CA PHE L 252 40.53 -35.26 -47.83
C PHE L 252 39.39 -34.59 -47.07
N LYS L 253 39.29 -34.84 -45.76
CA LYS L 253 38.13 -34.37 -45.01
C LYS L 253 38.13 -32.86 -44.84
N SER L 254 39.30 -32.23 -44.72
CA SER L 254 39.33 -30.76 -44.67
C SER L 254 39.28 -30.14 -46.06
N ALA L 255 39.59 -30.92 -47.10
CA ALA L 255 39.46 -30.41 -48.47
C ALA L 255 38.00 -30.43 -48.91
N VAL L 256 37.30 -31.54 -48.70
CA VAL L 256 35.91 -31.64 -49.12
C VAL L 256 35.05 -30.58 -48.43
N ARG L 257 35.33 -30.30 -47.16
CA ARG L 257 34.57 -29.26 -46.47
C ARG L 257 34.80 -27.91 -47.13
N ALA L 258 36.02 -27.67 -47.64
CA ALA L 258 36.35 -26.39 -48.23
C ALA L 258 35.57 -26.15 -49.52
N LEU L 259 35.39 -27.19 -50.33
CA LEU L 259 34.54 -27.08 -51.51
C LEU L 259 33.05 -27.12 -51.18
N HIS L 260 32.67 -27.63 -49.99
CA HIS L 260 31.32 -27.45 -49.49
C HIS L 260 31.12 -26.08 -48.88
N GLN L 261 32.19 -25.47 -48.38
CA GLN L 261 32.15 -24.06 -48.02
C GLN L 261 31.83 -23.19 -49.22
N ALA L 262 32.16 -23.67 -50.42
CA ALA L 262 31.94 -22.93 -51.67
C ALA L 262 30.69 -23.37 -52.41
N GLY L 263 29.86 -24.22 -51.82
CA GLY L 263 28.63 -24.66 -52.48
C GLY L 263 28.83 -25.62 -53.63
N ILE L 264 29.91 -26.40 -53.61
CA ILE L 264 30.22 -27.37 -54.65
C ILE L 264 30.16 -28.76 -54.05
N GLU L 265 29.81 -29.74 -54.88
CA GLU L 265 29.70 -31.13 -54.48
C GLU L 265 30.93 -31.92 -54.91
N VAL L 266 31.16 -33.05 -54.23
CA VAL L 266 32.24 -33.97 -54.54
C VAL L 266 31.63 -35.28 -55.03
N ILE L 267 31.90 -35.65 -56.28
CA ILE L 267 31.39 -36.87 -56.88
C ILE L 267 32.61 -37.67 -57.36
N LEU L 268 33.06 -38.64 -56.57
CA LEU L 268 34.29 -39.33 -56.93
C LEU L 268 34.00 -40.58 -57.75
N ASP L 269 35.03 -41.04 -58.46
CA ASP L 269 34.95 -42.22 -59.31
C ASP L 269 35.35 -43.45 -58.51
N VAL L 270 34.61 -44.54 -58.71
CA VAL L 270 34.79 -45.77 -57.95
C VAL L 270 34.97 -46.93 -58.90
N VAL L 271 35.79 -47.90 -58.50
CA VAL L 271 36.21 -49.00 -59.38
C VAL L 271 35.85 -50.29 -58.66
N TYR L 272 34.63 -50.78 -58.88
CA TYR L 272 34.14 -51.98 -58.22
C TYR L 272 34.13 -53.18 -59.15
N ASN L 273 34.48 -52.99 -60.41
CA ASN L 273 34.46 -54.06 -61.40
C ASN L 273 35.61 -55.05 -61.20
N HIS L 274 36.65 -54.69 -60.46
CA HIS L 274 37.84 -55.52 -60.39
C HIS L 274 38.75 -55.07 -59.26
N THR L 275 39.61 -55.98 -58.81
CA THR L 275 40.57 -55.74 -57.74
C THR L 275 41.97 -55.57 -58.31
N ALA L 276 42.76 -54.73 -57.65
CA ALA L 276 44.14 -54.51 -58.05
C ALA L 276 45.04 -55.72 -57.81
N GLU L 277 44.50 -56.83 -57.32
CA GLU L 277 45.27 -58.07 -57.26
C GLU L 277 45.32 -58.79 -58.59
N GLY L 278 44.41 -58.47 -59.52
CA GLY L 278 44.43 -59.06 -60.84
C GLY L 278 44.01 -60.52 -60.82
N ASN L 279 44.23 -61.17 -61.96
CA ASN L 279 43.89 -62.57 -62.11
C ASN L 279 44.92 -63.43 -61.38
N HIS L 280 44.85 -64.74 -61.60
CA HIS L 280 45.96 -65.58 -61.20
C HIS L 280 47.19 -65.17 -61.98
N LEU L 281 48.37 -65.52 -61.44
CA LEU L 281 49.64 -64.87 -61.78
C LEU L 281 49.62 -63.41 -61.31
N GLY L 282 49.06 -63.17 -60.14
CA GLY L 282 48.88 -61.83 -59.63
C GLY L 282 49.28 -61.69 -58.18
N PRO L 283 49.64 -60.48 -57.78
CA PRO L 283 50.15 -60.27 -56.42
C PRO L 283 49.11 -60.62 -55.36
N THR L 284 49.58 -61.26 -54.29
CA THR L 284 48.79 -61.43 -53.08
C THR L 284 48.93 -60.16 -52.25
N LEU L 285 47.91 -59.30 -52.28
CA LEU L 285 47.97 -58.04 -51.55
C LEU L 285 46.87 -57.92 -50.51
N SER L 286 45.60 -58.04 -50.89
CA SER L 286 44.52 -57.72 -49.96
C SER L 286 43.61 -58.90 -49.67
N MET L 287 42.96 -59.48 -50.67
CA MET L 287 41.91 -60.46 -50.43
C MET L 287 42.33 -61.88 -50.76
N ARG L 288 43.22 -62.06 -51.74
CA ARG L 288 43.63 -63.39 -52.16
C ARG L 288 44.28 -64.17 -51.02
N GLY L 289 44.98 -63.48 -50.13
CA GLY L 289 45.59 -64.13 -48.99
C GLY L 289 44.57 -64.44 -47.92
N LEU L 290 43.66 -63.50 -47.67
CA LEU L 290 42.65 -63.69 -46.64
C LEU L 290 41.74 -64.86 -46.96
N ASP L 291 40.93 -64.71 -48.01
CA ASP L 291 39.91 -65.69 -48.37
C ASP L 291 39.68 -65.58 -49.87
N ASN L 292 40.32 -66.46 -50.63
CA ASN L 292 40.21 -66.31 -52.08
C ASN L 292 38.79 -66.60 -52.59
N PRO L 293 38.29 -67.83 -52.50
CA PRO L 293 37.15 -68.21 -53.35
C PRO L 293 35.83 -67.53 -53.03
N SER L 294 35.72 -66.82 -51.90
CA SER L 294 34.47 -66.12 -51.58
C SER L 294 34.58 -64.60 -51.73
N TYR L 295 35.67 -64.12 -52.34
CA TYR L 295 35.80 -62.72 -52.75
C TYR L 295 35.69 -62.54 -54.25
N TYR L 296 36.26 -63.49 -55.02
CA TYR L 296 36.38 -63.39 -56.46
C TYR L 296 35.61 -64.53 -57.12
N ARG L 297 34.81 -64.20 -58.13
CA ARG L 297 34.06 -65.22 -58.86
C ARG L 297 34.98 -65.88 -59.86
N LEU L 298 35.18 -67.18 -59.71
CA LEU L 298 36.07 -67.95 -60.55
C LEU L 298 35.30 -68.64 -61.67
N ALA L 299 36.03 -69.14 -62.65
CA ALA L 299 35.42 -69.93 -63.70
C ALA L 299 34.94 -71.27 -63.13
N ASP L 300 34.36 -72.10 -64.00
CA ASP L 300 34.05 -73.47 -63.59
C ASP L 300 35.30 -74.26 -63.21
N ASP L 301 36.49 -73.77 -63.56
CA ASP L 301 37.74 -74.31 -63.05
C ASP L 301 38.15 -73.44 -61.87
N PRO L 302 38.17 -73.97 -60.64
CA PRO L 302 38.47 -73.13 -59.46
C PRO L 302 39.88 -72.55 -59.43
N ARG L 303 40.73 -72.86 -60.41
CA ARG L 303 42.08 -72.33 -60.43
C ARG L 303 42.15 -70.92 -61.00
N TYR L 304 41.18 -70.51 -61.83
CA TYR L 304 41.24 -69.27 -62.60
C TYR L 304 39.95 -68.48 -62.42
N TYR L 305 40.00 -67.20 -62.87
CA TYR L 305 39.00 -66.18 -62.53
C TYR L 305 38.14 -65.81 -63.74
N MET L 306 36.94 -65.31 -63.44
CA MET L 306 36.00 -64.89 -64.48
C MET L 306 36.42 -63.54 -65.06
N ASP L 307 36.71 -63.51 -66.35
CA ASP L 307 37.13 -62.29 -67.04
C ASP L 307 36.04 -61.86 -68.02
N THR L 308 35.03 -61.16 -67.50
CA THR L 308 34.09 -60.41 -68.34
C THR L 308 34.50 -58.96 -68.48
N THR L 309 35.49 -58.51 -67.71
CA THR L 309 35.94 -57.12 -67.76
C THR L 309 36.92 -56.89 -68.90
N GLY L 310 37.92 -57.74 -69.02
CA GLY L 310 39.14 -57.40 -69.71
C GLY L 310 40.21 -56.84 -68.81
N THR L 311 39.85 -56.41 -67.59
CA THR L 311 40.78 -56.08 -66.53
C THR L 311 40.93 -57.23 -65.53
N GLY L 312 40.84 -58.46 -66.01
CA GLY L 312 41.29 -59.64 -65.29
C GLY L 312 40.30 -60.37 -64.39
N ASN L 313 39.99 -59.80 -63.23
CA ASN L 313 39.16 -60.48 -62.25
C ASN L 313 37.87 -59.70 -62.04
N SER L 314 36.98 -60.27 -61.24
CA SER L 314 35.84 -59.50 -60.78
C SER L 314 35.32 -60.06 -59.46
N LEU L 315 34.87 -59.15 -58.60
CA LEU L 315 34.42 -59.48 -57.27
C LEU L 315 33.25 -60.45 -57.33
N LEU L 316 33.08 -61.22 -56.26
CA LEU L 316 32.04 -62.23 -56.19
C LEU L 316 30.78 -61.51 -55.68
N MET L 317 29.82 -61.28 -56.57
CA MET L 317 28.72 -60.36 -56.27
C MET L 317 27.48 -61.07 -55.68
N ARG L 318 27.66 -62.30 -55.23
CA ARG L 318 26.66 -62.99 -54.46
C ARG L 318 27.06 -63.22 -53.02
N SER L 319 28.37 -63.38 -52.74
CA SER L 319 28.82 -63.68 -51.39
C SER L 319 28.57 -62.48 -50.47
N PRO L 320 27.97 -62.70 -49.29
CA PRO L 320 27.38 -61.57 -48.54
C PRO L 320 28.40 -60.61 -47.95
N HIS L 321 29.70 -60.87 -48.07
CA HIS L 321 30.69 -59.96 -47.50
C HIS L 321 31.38 -59.13 -48.56
N VAL L 322 31.20 -59.46 -49.84
CA VAL L 322 31.55 -58.53 -50.90
C VAL L 322 30.51 -57.42 -51.00
N LEU L 323 29.22 -57.78 -50.88
CA LEU L 323 28.19 -56.76 -50.71
C LEU L 323 28.44 -55.93 -49.46
N GLN L 324 28.76 -56.58 -48.35
CA GLN L 324 29.12 -55.84 -47.14
C GLN L 324 30.43 -55.07 -47.33
N LEU L 325 31.29 -55.50 -48.25
CA LEU L 325 32.46 -54.67 -48.58
C LEU L 325 32.05 -53.48 -49.43
N ILE L 326 31.09 -53.67 -50.34
CA ILE L 326 30.71 -52.60 -51.26
C ILE L 326 29.79 -51.59 -50.57
N MET L 327 28.90 -52.06 -49.68
CA MET L 327 27.91 -51.17 -49.10
C MET L 327 28.46 -50.41 -47.89
N ASP L 328 29.25 -51.08 -47.04
CA ASP L 328 29.99 -50.37 -46.01
C ASP L 328 30.90 -49.32 -46.63
N SER L 329 31.48 -49.62 -47.79
CA SER L 329 32.32 -48.68 -48.51
C SER L 329 31.55 -47.43 -48.93
N LEU L 330 30.54 -47.62 -49.79
CA LEU L 330 29.71 -46.52 -50.27
C LEU L 330 29.26 -45.63 -49.12
N ARG L 331 28.67 -46.25 -48.10
CA ARG L 331 28.28 -45.53 -46.89
C ARG L 331 29.44 -44.73 -46.31
N TYR L 332 30.63 -45.31 -46.29
CA TYR L 332 31.75 -44.68 -45.59
C TYR L 332 32.14 -43.35 -46.21
N TRP L 333 32.07 -43.21 -47.53
CA TRP L 333 32.40 -41.95 -48.16
C TRP L 333 31.30 -40.89 -48.03
N VAL L 334 30.05 -41.30 -47.84
CA VAL L 334 28.97 -40.33 -47.75
C VAL L 334 28.85 -39.79 -46.33
N THR L 335 28.79 -40.68 -45.34
CA THR L 335 28.49 -40.28 -43.97
C THR L 335 29.72 -39.93 -43.15
N GLU L 336 30.90 -40.42 -43.53
CA GLU L 336 32.13 -40.08 -42.85
C GLU L 336 33.00 -39.10 -43.63
N MET L 337 32.97 -39.16 -44.96
CA MET L 337 33.74 -38.25 -45.81
C MET L 337 32.87 -37.16 -46.42
N HIS L 338 31.57 -37.14 -46.15
CA HIS L 338 30.65 -36.10 -46.58
C HIS L 338 30.57 -35.94 -48.10
N VAL L 339 31.04 -36.94 -48.85
CA VAL L 339 31.02 -36.90 -50.31
C VAL L 339 29.59 -36.77 -50.82
N ASP L 340 29.45 -36.25 -52.04
CA ASP L 340 28.14 -35.93 -52.60
C ASP L 340 27.66 -36.89 -53.68
N GLY L 341 28.51 -37.75 -54.23
CA GLY L 341 28.05 -38.58 -55.32
C GLY L 341 29.11 -39.58 -55.74
N PHE L 342 28.65 -40.55 -56.52
CA PHE L 342 29.47 -41.66 -57.00
C PHE L 342 29.27 -41.85 -58.49
N ARG L 343 30.36 -41.87 -59.23
CA ARG L 343 30.34 -42.24 -60.63
C ARG L 343 31.00 -43.61 -60.75
N PHE L 344 30.23 -44.60 -61.20
CA PHE L 344 30.69 -45.98 -61.28
C PHE L 344 31.42 -46.21 -62.59
N ASP L 345 32.72 -46.44 -62.52
CA ASP L 345 33.44 -46.87 -63.72
C ASP L 345 32.87 -48.18 -64.23
N LEU L 346 32.69 -48.27 -65.54
CA LEU L 346 32.28 -49.49 -66.20
C LEU L 346 31.05 -50.09 -65.53
N ALA L 347 30.03 -49.25 -65.35
CA ALA L 347 28.76 -49.77 -64.83
C ALA L 347 28.20 -50.87 -65.71
N ALA L 348 28.51 -50.84 -67.00
CA ALA L 348 28.05 -51.89 -67.91
C ALA L 348 28.73 -53.22 -67.60
N THR L 349 30.06 -53.22 -67.49
CA THR L 349 30.75 -54.43 -67.09
C THR L 349 30.40 -54.83 -65.66
N LEU L 350 30.11 -53.85 -64.82
CA LEU L 350 29.72 -54.16 -63.44
C LEU L 350 28.36 -54.85 -63.40
N ALA L 351 27.44 -54.44 -64.28
CA ALA L 351 26.13 -55.08 -64.33
C ALA L 351 26.19 -56.50 -64.89
N ARG L 352 27.26 -56.84 -65.61
CA ARG L 352 27.42 -58.19 -66.12
C ARG L 352 27.77 -59.15 -65.00
N GLN L 353 28.57 -58.71 -64.03
CA GLN L 353 28.95 -59.56 -62.91
C GLN L 353 27.79 -59.76 -61.95
N PHE L 354 27.02 -58.71 -61.67
CA PHE L 354 25.89 -58.87 -60.77
C PHE L 354 24.88 -59.87 -61.31
N HIS L 355 24.81 -60.01 -62.64
CA HIS L 355 23.82 -60.90 -63.22
C HIS L 355 24.22 -62.35 -63.09
N GLU L 356 25.39 -62.74 -63.62
CA GLU L 356 25.65 -64.18 -63.62
C GLU L 356 26.11 -64.62 -62.22
N VAL L 357 25.39 -64.13 -61.20
CA VAL L 357 25.22 -64.79 -59.91
C VAL L 357 23.76 -64.60 -59.52
N ASP L 358 22.98 -64.01 -60.44
CA ASP L 358 21.57 -63.68 -60.21
C ASP L 358 21.39 -62.80 -58.97
N ARG L 359 22.27 -61.80 -58.83
CA ARG L 359 22.17 -60.84 -57.75
C ARG L 359 22.07 -59.41 -58.28
N LEU L 360 21.67 -59.24 -59.54
CA LEU L 360 21.68 -57.93 -60.18
C LEU L 360 20.46 -57.10 -59.78
N SER L 361 19.26 -57.61 -60.05
CA SER L 361 18.05 -56.88 -59.68
C SER L 361 17.94 -56.73 -58.16
N SER L 362 18.45 -57.72 -57.41
CA SER L 362 18.40 -57.65 -55.96
C SER L 362 19.33 -56.56 -55.42
N PHE L 363 20.45 -56.32 -56.09
CA PHE L 363 21.33 -55.22 -55.72
C PHE L 363 20.58 -53.90 -55.74
N PHE L 364 20.03 -53.55 -56.90
CA PHE L 364 19.31 -52.28 -57.05
C PHE L 364 18.14 -52.18 -56.08
N ASP L 365 17.61 -53.32 -55.62
CA ASP L 365 16.70 -53.31 -54.49
C ASP L 365 17.41 -52.81 -53.23
N LEU L 366 18.62 -53.29 -52.98
CA LEU L 366 19.34 -52.95 -51.76
C LEU L 366 19.72 -51.47 -51.75
N VAL L 367 20.08 -50.91 -52.90
CA VAL L 367 20.50 -49.51 -52.93
C VAL L 367 19.29 -48.59 -52.89
N GLN L 368 18.18 -49.00 -53.51
CA GLN L 368 16.95 -48.24 -53.44
C GLN L 368 16.48 -48.05 -51.99
N GLN L 369 16.82 -48.98 -51.11
CA GLN L 369 16.35 -48.94 -49.73
C GLN L 369 17.32 -48.29 -48.76
N ASP L 370 18.62 -48.51 -48.90
CA ASP L 370 19.57 -48.11 -47.86
C ASP L 370 19.54 -46.60 -47.69
N PRO L 371 19.16 -46.08 -46.52
CA PRO L 371 18.88 -44.64 -46.39
C PRO L 371 20.09 -43.74 -46.67
N VAL L 372 21.31 -44.26 -46.50
CA VAL L 372 22.49 -43.53 -46.96
C VAL L 372 22.51 -43.47 -48.49
N VAL L 373 22.59 -44.65 -49.13
CA VAL L 373 22.97 -44.74 -50.53
C VAL L 373 21.90 -44.17 -51.45
N SER L 374 20.64 -44.21 -51.05
CA SER L 374 19.57 -43.87 -51.97
C SER L 374 19.53 -42.37 -52.29
N GLN L 375 19.97 -41.53 -51.36
CA GLN L 375 19.76 -40.09 -51.44
C GLN L 375 20.95 -39.32 -51.98
N VAL L 376 22.02 -40.00 -52.37
CA VAL L 376 23.19 -39.36 -52.93
C VAL L 376 23.17 -39.56 -54.43
N LYS L 377 23.72 -38.59 -55.17
CA LYS L 377 23.75 -38.70 -56.63
C LYS L 377 24.55 -39.93 -57.05
N LEU L 378 24.06 -40.61 -58.08
CA LEU L 378 24.68 -41.84 -58.57
C LEU L 378 24.70 -41.80 -60.08
N ILE L 379 25.88 -41.92 -60.67
CA ILE L 379 26.08 -41.74 -62.10
C ILE L 379 26.80 -42.97 -62.66
N ALA L 380 26.23 -43.56 -63.69
CA ALA L 380 26.67 -44.87 -64.19
C ALA L 380 26.59 -44.86 -65.71
N GLU L 381 26.62 -46.05 -66.30
CA GLU L 381 26.51 -46.24 -67.74
C GLU L 381 25.27 -47.05 -68.10
N PRO L 382 24.84 -47.01 -69.35
CA PRO L 382 23.86 -47.99 -69.84
C PRO L 382 24.54 -49.30 -70.21
N TRP L 383 23.73 -50.34 -70.29
CA TRP L 383 24.22 -51.67 -70.61
C TRP L 383 23.11 -52.48 -71.27
N ASP L 384 23.47 -53.69 -71.69
CA ASP L 384 22.52 -54.72 -72.12
C ASP L 384 23.09 -56.03 -71.59
N VAL L 385 22.60 -56.45 -70.43
CA VAL L 385 23.12 -57.65 -69.77
C VAL L 385 22.51 -58.87 -70.44
N GLY L 386 23.36 -59.66 -71.10
CA GLY L 386 22.90 -60.90 -71.70
C GLY L 386 21.72 -60.70 -72.62
N GLU L 387 20.56 -61.14 -72.16
CA GLU L 387 19.29 -60.94 -72.85
C GLU L 387 18.41 -60.00 -72.04
N GLY L 388 17.97 -58.91 -72.68
CA GLY L 388 16.96 -58.06 -72.07
C GLY L 388 17.44 -56.71 -71.59
N GLY L 389 18.47 -56.16 -72.22
CA GLY L 389 18.96 -54.83 -71.89
C GLY L 389 19.28 -54.61 -70.43
N TYR L 390 18.49 -53.76 -69.78
CA TYR L 390 18.75 -53.42 -68.38
C TYR L 390 18.45 -54.60 -67.46
N GLN L 391 17.39 -55.36 -67.76
CA GLN L 391 16.98 -56.53 -66.97
C GLN L 391 16.74 -56.18 -65.51
N VAL L 392 16.34 -54.94 -65.25
CA VAL L 392 16.05 -54.48 -63.90
C VAL L 392 14.77 -53.66 -63.97
N GLY L 393 13.94 -53.80 -62.92
CA GLY L 393 12.61 -53.23 -62.94
C GLY L 393 12.54 -51.78 -62.52
N ASN L 394 12.99 -51.47 -61.31
CA ASN L 394 13.04 -50.10 -60.83
C ASN L 394 14.48 -49.69 -60.61
N PHE L 395 14.94 -48.70 -61.37
CA PHE L 395 16.20 -48.06 -61.06
C PHE L 395 16.03 -47.16 -59.84
N PRO L 396 17.02 -47.12 -58.95
CA PRO L 396 17.04 -46.08 -57.91
C PRO L 396 16.91 -44.70 -58.54
N PRO L 397 15.99 -43.87 -58.02
CA PRO L 397 15.66 -42.63 -58.73
C PRO L 397 16.61 -41.47 -58.47
N LEU L 398 17.90 -41.78 -58.45
CA LEU L 398 18.96 -40.80 -58.62
C LEU L 398 19.97 -41.33 -59.62
N TRP L 399 19.72 -42.53 -60.15
CA TRP L 399 20.53 -43.14 -61.19
C TRP L 399 20.58 -42.25 -62.42
N THR L 400 21.79 -42.04 -62.95
CA THR L 400 21.96 -41.24 -64.15
C THR L 400 23.10 -41.80 -64.98
N GLU L 401 22.87 -41.90 -66.28
CA GLU L 401 23.82 -42.54 -67.18
C GLU L 401 24.71 -41.51 -67.87
N TRP L 402 25.97 -41.87 -68.04
CA TRP L 402 26.83 -41.12 -68.95
C TRP L 402 26.30 -41.33 -70.35
N ASN L 403 25.66 -40.30 -70.92
CA ASN L 403 24.91 -40.48 -72.15
C ASN L 403 25.86 -40.65 -73.32
N GLY L 404 26.18 -41.91 -73.63
CA GLY L 404 27.08 -42.17 -74.75
C GLY L 404 26.44 -41.88 -76.08
N LYS L 405 25.16 -42.21 -76.24
CA LYS L 405 24.52 -41.93 -77.53
C LYS L 405 24.22 -40.43 -77.76
N TYR L 406 24.70 -39.52 -76.91
CA TYR L 406 24.66 -38.08 -77.19
C TYR L 406 25.96 -37.61 -77.81
N ARG L 407 27.08 -37.80 -77.11
CA ARG L 407 28.39 -37.47 -77.65
C ARG L 407 28.66 -38.13 -79.00
N ASP L 408 27.92 -39.19 -79.33
CA ASP L 408 28.02 -39.83 -80.65
C ASP L 408 27.06 -39.25 -81.67
N CYS L 409 26.05 -38.48 -81.25
CA CYS L 409 25.22 -37.73 -82.18
C CYS L 409 25.69 -36.29 -82.34
N VAL L 410 26.44 -35.77 -81.38
CA VAL L 410 26.96 -34.41 -81.45
C VAL L 410 28.28 -34.37 -82.20
N ARG L 411 29.23 -35.21 -81.78
CA ARG L 411 30.48 -35.34 -82.54
C ARG L 411 30.23 -35.67 -84.00
N ASP L 412 29.10 -36.33 -84.29
CA ASP L 412 28.75 -36.68 -85.65
C ASP L 412 27.90 -35.63 -86.36
N LEU L 413 27.44 -34.60 -85.66
CA LEU L 413 26.74 -33.51 -86.33
C LEU L 413 27.74 -32.57 -87.02
N TRP L 414 28.63 -31.97 -86.25
CA TRP L 414 29.59 -31.01 -86.79
C TRP L 414 30.71 -31.67 -87.57
N ARG L 415 30.78 -33.00 -87.56
CA ARG L 415 31.83 -33.72 -88.27
C ARG L 415 31.53 -33.86 -89.75
N GLY L 416 30.27 -33.77 -90.15
CA GLY L 416 29.89 -34.02 -91.51
C GLY L 416 29.23 -35.37 -91.76
N GLU L 417 28.82 -36.06 -90.71
CA GLU L 417 28.00 -37.23 -90.99
C GLU L 417 26.53 -36.91 -90.74
N PRO L 418 25.63 -37.42 -91.58
CA PRO L 418 24.20 -37.14 -91.37
C PRO L 418 23.66 -37.87 -90.15
N ARG L 419 22.92 -37.15 -89.32
CA ARG L 419 22.14 -37.76 -88.26
C ARG L 419 20.68 -37.42 -88.47
N THR L 420 19.81 -38.33 -88.02
CA THR L 420 18.38 -38.12 -88.12
C THR L 420 18.00 -36.81 -87.44
N LEU L 421 17.06 -36.09 -88.06
CA LEU L 421 16.40 -35.02 -87.34
C LEU L 421 15.75 -35.57 -86.08
N ALA L 422 15.09 -36.72 -86.19
CA ALA L 422 14.44 -37.34 -85.05
C ALA L 422 15.45 -37.82 -84.01
N GLU L 423 16.61 -38.31 -84.45
CA GLU L 423 17.63 -38.75 -83.51
C GLU L 423 18.29 -37.57 -82.82
N PHE L 424 18.59 -36.51 -83.56
CA PHE L 424 19.17 -35.32 -82.96
C PHE L 424 18.13 -34.46 -82.26
N ALA L 425 16.85 -34.62 -82.58
CA ALA L 425 15.80 -33.89 -81.86
C ALA L 425 15.79 -34.28 -80.39
N SER L 426 15.59 -35.57 -80.10
CA SER L 426 15.44 -36.03 -78.72
C SER L 426 16.70 -35.84 -77.87
N ARG L 427 17.81 -35.39 -78.44
CA ARG L 427 19.05 -35.24 -77.67
C ARG L 427 19.21 -33.86 -77.07
N LEU L 428 18.82 -32.81 -77.80
CA LEU L 428 18.67 -31.48 -77.21
C LEU L 428 17.49 -31.41 -76.24
N THR L 429 16.80 -32.54 -76.06
CA THR L 429 15.58 -32.68 -75.28
C THR L 429 15.81 -33.12 -73.84
N GLY L 430 16.98 -33.67 -73.54
CA GLY L 430 17.16 -34.42 -72.32
C GLY L 430 17.06 -35.90 -72.52
N SER L 431 17.13 -36.37 -73.76
CA SER L 431 17.15 -37.79 -74.12
C SER L 431 15.99 -38.54 -73.44
N SER L 432 14.78 -38.16 -73.87
CA SER L 432 13.58 -38.77 -73.31
C SER L 432 13.51 -40.26 -73.62
N ASP L 433 13.93 -40.65 -74.82
CA ASP L 433 13.66 -41.98 -75.35
C ASP L 433 14.43 -43.09 -74.66
N LEU L 434 15.45 -42.78 -73.85
CA LEU L 434 16.11 -43.80 -73.03
C LEU L 434 15.91 -43.62 -71.54
N TYR L 435 15.38 -42.48 -71.09
CA TYR L 435 15.56 -42.03 -69.72
C TYR L 435 14.28 -41.52 -69.08
N GLN L 436 13.20 -42.30 -69.17
CA GLN L 436 11.93 -41.89 -68.58
C GLN L 436 12.06 -41.66 -67.08
N ASP L 437 11.07 -40.97 -66.52
CA ASP L 437 11.10 -40.55 -65.13
C ASP L 437 10.18 -41.36 -64.22
N ASP L 438 9.58 -42.46 -64.69
CA ASP L 438 8.86 -43.34 -63.78
C ASP L 438 9.79 -43.82 -62.69
N GLY L 439 10.86 -44.50 -63.09
CA GLY L 439 11.66 -45.30 -62.19
C GLY L 439 11.95 -46.60 -62.87
N ARG L 440 11.24 -46.85 -63.97
CA ARG L 440 11.52 -47.98 -64.84
C ARG L 440 12.83 -47.84 -65.59
N ARG L 441 13.57 -46.74 -65.36
CA ARG L 441 14.78 -46.41 -66.09
C ARG L 441 15.53 -45.28 -65.36
N PRO L 442 16.78 -45.00 -65.71
CA PRO L 442 17.45 -43.82 -65.16
C PRO L 442 16.79 -42.54 -65.66
N LEU L 443 16.40 -41.66 -64.72
CA LEU L 443 15.50 -40.56 -65.01
C LEU L 443 16.18 -39.39 -65.72
N ALA L 444 17.50 -39.31 -65.68
CA ALA L 444 18.23 -38.25 -66.37
C ALA L 444 19.40 -38.89 -67.13
N SER L 445 20.06 -38.07 -67.94
CA SER L 445 21.22 -38.54 -68.68
C SER L 445 22.32 -37.51 -68.57
N VAL L 446 23.49 -37.93 -68.11
CA VAL L 446 24.65 -37.05 -68.04
C VAL L 446 25.13 -36.83 -69.47
N ASN L 447 24.95 -35.61 -69.98
CA ASN L 447 25.42 -35.22 -71.30
C ASN L 447 26.86 -34.74 -71.21
N PHE L 448 27.59 -34.91 -72.31
CA PHE L 448 29.00 -34.58 -72.33
C PHE L 448 29.49 -34.60 -73.77
N VAL L 449 30.34 -33.64 -74.12
CA VAL L 449 31.02 -33.69 -75.41
C VAL L 449 32.26 -34.57 -75.32
N THR L 450 33.07 -34.37 -74.28
CA THR L 450 34.34 -35.07 -74.16
C THR L 450 34.69 -35.25 -72.69
N CYS L 451 35.05 -36.46 -72.32
CA CYS L 451 35.39 -36.87 -70.97
C CYS L 451 36.82 -37.39 -70.96
N HIS L 452 37.25 -37.94 -69.82
CA HIS L 452 38.61 -38.47 -69.72
C HIS L 452 38.85 -39.60 -70.72
N ASP L 453 37.82 -40.37 -71.04
CA ASP L 453 37.91 -41.37 -72.10
C ASP L 453 37.68 -40.71 -73.45
N GLY L 454 38.68 -40.80 -74.33
CA GLY L 454 38.66 -40.17 -75.63
C GLY L 454 39.54 -38.94 -75.68
N PHE L 455 39.51 -38.27 -76.82
CA PHE L 455 40.18 -36.98 -76.95
C PHE L 455 39.62 -35.98 -75.93
N THR L 456 40.42 -34.97 -75.62
CA THR L 456 39.89 -33.79 -74.96
C THR L 456 39.36 -32.84 -76.04
N LEU L 457 38.79 -31.71 -75.64
CA LEU L 457 38.04 -30.88 -76.58
C LEU L 457 38.91 -30.39 -77.73
N ARG L 458 40.09 -29.84 -77.42
CA ARG L 458 40.99 -29.34 -78.47
C ARG L 458 41.29 -30.43 -79.49
N ASP L 459 41.76 -31.58 -79.03
CA ASP L 459 42.14 -32.67 -79.93
C ASP L 459 40.95 -33.23 -80.70
N LEU L 460 39.71 -32.97 -80.26
CA LEU L 460 38.55 -33.51 -80.95
C LEU L 460 38.43 -32.98 -82.36
N VAL L 461 38.87 -31.75 -82.60
CA VAL L 461 38.77 -31.13 -83.92
C VAL L 461 40.16 -30.96 -84.52
N SER L 462 41.07 -31.87 -84.15
CA SER L 462 42.46 -31.77 -84.56
C SER L 462 43.08 -33.09 -85.01
N TYR L 463 42.38 -34.21 -84.87
CA TYR L 463 42.91 -35.49 -85.31
C TYR L 463 41.77 -36.37 -85.81
N ASN L 464 42.04 -37.14 -86.86
CA ASN L 464 41.09 -38.12 -87.36
C ASN L 464 41.35 -39.52 -86.80
N GLU L 465 42.50 -39.74 -86.18
CA GLU L 465 42.87 -41.03 -85.63
C GLU L 465 43.72 -40.82 -84.39
N LYS L 466 43.76 -41.84 -83.55
CA LYS L 466 44.38 -41.75 -82.23
C LYS L 466 45.91 -41.76 -82.33
N ARG L 467 46.54 -41.21 -81.29
CA ARG L 467 48.00 -41.06 -81.22
C ARG L 467 48.50 -41.53 -79.85
N ASN L 468 48.14 -42.75 -79.49
CA ASN L 468 48.40 -43.33 -78.17
C ASN L 468 49.67 -44.20 -78.18
N GLU L 469 50.71 -43.80 -78.91
CA GLU L 469 51.90 -44.65 -79.01
C GLU L 469 52.79 -44.51 -77.79
N ALA L 470 52.89 -43.33 -77.19
CA ALA L 470 53.68 -43.15 -75.98
C ALA L 470 53.22 -44.06 -74.85
N ASN L 471 52.09 -44.73 -75.01
CA ASN L 471 51.63 -45.76 -74.10
C ASN L 471 52.36 -47.08 -74.28
N GLY L 472 53.18 -47.21 -75.33
CA GLY L 472 53.90 -48.42 -75.61
C GLY L 472 53.02 -49.61 -75.94
N GLU L 473 51.71 -49.38 -76.02
CA GLU L 473 50.80 -50.45 -76.43
C GLU L 473 50.77 -50.61 -77.93
N GLY L 474 51.72 -50.02 -78.65
CA GLY L 474 51.67 -50.05 -80.11
C GLY L 474 50.39 -49.49 -80.67
N ASN L 475 49.79 -48.52 -79.99
CA ASN L 475 48.57 -47.85 -80.44
C ASN L 475 47.44 -48.84 -80.71
N ARG L 476 47.41 -49.94 -79.97
CA ARG L 476 46.32 -50.91 -80.03
C ARG L 476 45.26 -50.68 -78.98
N ASP L 477 45.38 -49.60 -78.19
CA ASP L 477 44.37 -49.22 -77.22
C ASP L 477 43.62 -47.98 -77.72
N GLY L 478 42.75 -47.43 -76.89
CA GLY L 478 41.98 -46.26 -77.26
C GLY L 478 40.88 -46.54 -78.26
N GLU L 479 39.88 -45.66 -78.32
CA GLU L 479 38.79 -45.80 -79.26
C GLU L 479 39.30 -45.64 -80.68
N ASN L 480 38.72 -46.40 -81.61
CA ASN L 480 39.29 -46.46 -82.95
C ASN L 480 38.83 -45.30 -83.84
N TYR L 481 37.53 -45.08 -83.96
CA TYR L 481 37.05 -43.83 -84.55
C TYR L 481 36.23 -43.08 -83.52
N ASN L 482 36.78 -41.98 -83.03
CA ASN L 482 36.18 -41.07 -82.06
C ASN L 482 35.23 -40.09 -82.69
N ARG L 483 34.74 -40.39 -83.90
CA ARG L 483 33.81 -39.54 -84.64
C ARG L 483 34.34 -38.11 -84.73
N SER L 484 35.60 -37.99 -85.11
CA SER L 484 36.29 -36.71 -85.17
C SER L 484 36.53 -36.28 -86.61
N TRP L 485 36.65 -34.96 -86.78
CA TRP L 485 37.16 -34.35 -88.01
C TRP L 485 38.27 -33.39 -87.62
N ASN L 486 39.36 -33.41 -88.39
CA ASN L 486 40.55 -32.64 -88.09
C ASN L 486 40.48 -31.20 -88.58
N CYS L 487 39.49 -30.87 -89.43
CA CYS L 487 39.34 -29.57 -90.08
C CYS L 487 40.40 -29.36 -91.19
N GLY L 488 40.74 -30.43 -91.92
CA GLY L 488 41.59 -30.31 -93.08
C GLY L 488 43.08 -30.28 -92.81
N GLU L 489 43.50 -30.49 -91.56
CA GLU L 489 44.93 -30.61 -91.24
C GLU L 489 45.06 -31.28 -89.89
N GLU L 490 45.54 -32.53 -89.88
CA GLU L 490 45.74 -33.27 -88.64
C GLU L 490 46.92 -32.67 -87.89
N GLY L 491 46.69 -32.31 -86.63
CA GLY L 491 47.74 -31.73 -85.82
C GLY L 491 47.82 -30.23 -85.96
N GLU L 492 48.96 -29.67 -85.53
CA GLU L 492 49.16 -28.23 -85.54
C GLU L 492 49.65 -27.76 -86.91
N THR L 493 48.86 -26.95 -87.58
CA THR L 493 49.30 -26.21 -88.75
C THR L 493 49.36 -24.74 -88.38
N GLU L 494 50.35 -24.03 -88.94
CA GLU L 494 50.43 -22.59 -88.74
C GLU L 494 49.27 -21.86 -89.40
N ASP L 495 48.53 -22.55 -90.28
CA ASP L 495 47.40 -21.99 -91.02
C ASP L 495 46.45 -21.24 -90.11
N VAL L 496 46.35 -19.92 -90.31
CA VAL L 496 45.40 -19.13 -89.54
C VAL L 496 43.97 -19.43 -89.97
N GLY L 497 43.79 -19.91 -91.21
CA GLY L 497 42.46 -20.31 -91.65
C GLY L 497 41.94 -21.53 -90.92
N ILE L 498 42.83 -22.47 -90.60
CA ILE L 498 42.44 -23.66 -89.85
C ILE L 498 42.58 -23.45 -88.34
N THR L 499 43.52 -22.62 -87.91
CA THR L 499 43.51 -22.17 -86.53
C THR L 499 42.14 -21.60 -86.17
N GLU L 500 41.49 -20.94 -87.13
CA GLU L 500 40.22 -20.30 -86.83
C GLU L 500 39.06 -21.30 -86.81
N LEU L 501 38.89 -22.06 -87.90
CA LEU L 501 37.82 -23.06 -87.94
C LEU L 501 37.86 -23.96 -86.72
N ARG L 502 39.07 -24.26 -86.22
CA ARG L 502 39.21 -25.11 -85.05
C ARG L 502 38.66 -24.41 -83.80
N ALA L 503 39.20 -23.23 -83.48
CA ALA L 503 38.87 -22.57 -82.24
C ALA L 503 37.38 -22.28 -82.10
N ARG L 504 36.64 -22.24 -83.21
CA ARG L 504 35.22 -22.00 -83.14
C ARG L 504 34.40 -23.27 -83.25
N GLN L 505 34.96 -24.34 -83.82
CA GLN L 505 34.34 -25.66 -83.66
C GLN L 505 34.25 -26.03 -82.17
N MET L 506 35.28 -25.72 -81.41
CA MET L 506 35.24 -25.94 -79.96
C MET L 506 34.07 -25.16 -79.35
N ARG L 507 33.90 -23.90 -79.75
CA ARG L 507 32.71 -23.15 -79.32
C ARG L 507 31.44 -23.86 -79.75
N ASN L 508 31.47 -24.47 -80.94
CA ASN L 508 30.27 -25.11 -81.46
C ASN L 508 29.85 -26.31 -80.63
N PHE L 509 30.80 -26.93 -79.92
CA PHE L 509 30.43 -28.03 -79.04
C PHE L 509 29.99 -27.53 -77.67
N LEU L 510 30.82 -26.71 -77.02
CA LEU L 510 30.53 -26.30 -75.65
C LEU L 510 29.20 -25.59 -75.54
N ALA L 511 28.92 -24.69 -76.48
CA ALA L 511 27.61 -24.02 -76.49
C ALA L 511 26.49 -25.02 -76.75
N THR L 512 26.69 -25.96 -77.68
CA THR L 512 25.71 -27.02 -77.91
C THR L 512 25.35 -27.72 -76.61
N LEU L 513 26.35 -27.96 -75.76
CA LEU L 513 26.16 -28.78 -74.57
C LEU L 513 25.29 -28.07 -73.53
N MET L 514 25.63 -26.83 -73.19
CA MET L 514 24.91 -26.13 -72.13
C MET L 514 23.45 -25.88 -72.51
N LEU L 515 23.16 -25.72 -73.80
CA LEU L 515 21.80 -25.48 -74.26
C LEU L 515 20.96 -26.74 -74.32
N SER L 516 21.53 -27.90 -74.01
CA SER L 516 20.77 -29.13 -73.99
C SER L 516 20.09 -29.31 -72.64
N GLN L 517 19.07 -30.19 -72.63
CA GLN L 517 18.44 -30.62 -71.40
C GLN L 517 19.16 -31.85 -70.88
N GLY L 518 19.23 -31.97 -69.55
CA GLY L 518 19.95 -33.06 -68.92
C GLY L 518 21.04 -32.53 -67.99
N VAL L 519 22.14 -33.28 -67.93
CA VAL L 519 23.26 -32.95 -67.05
C VAL L 519 24.51 -32.65 -67.88
N PRO L 520 25.00 -31.42 -67.88
CA PRO L 520 26.26 -31.12 -68.57
C PRO L 520 27.45 -31.68 -67.82
N MET L 521 28.55 -31.86 -68.55
CA MET L 521 29.80 -32.30 -67.94
C MET L 521 30.98 -31.65 -68.66
N LEU L 522 31.96 -31.19 -67.87
CA LEU L 522 33.17 -30.54 -68.37
C LEU L 522 34.38 -31.32 -67.89
N SER L 523 35.09 -31.94 -68.82
CA SER L 523 36.30 -32.68 -68.48
C SER L 523 37.46 -31.72 -68.30
N HIS L 524 38.19 -31.88 -67.20
CA HIS L 524 39.16 -30.87 -66.75
C HIS L 524 40.13 -30.48 -67.86
N GLY L 525 40.46 -29.20 -67.92
CA GLY L 525 41.32 -28.66 -68.94
C GLY L 525 40.58 -28.11 -70.15
N ASP L 526 39.30 -28.43 -70.31
CA ASP L 526 38.56 -28.01 -71.48
C ASP L 526 38.26 -26.52 -71.51
N GLU L 527 38.56 -25.79 -70.43
CA GLU L 527 38.38 -24.34 -70.43
C GLU L 527 39.55 -23.61 -71.08
N PHE L 528 40.72 -24.26 -71.16
CA PHE L 528 41.93 -23.63 -71.67
C PHE L 528 42.36 -24.17 -73.02
N GLY L 529 41.65 -25.14 -73.58
CA GLY L 529 42.10 -25.77 -74.81
C GLY L 529 43.21 -26.76 -74.53
N ARG L 530 42.92 -27.79 -73.75
CA ARG L 530 43.92 -28.77 -73.36
C ARG L 530 44.17 -29.75 -74.50
N THR L 531 45.42 -29.83 -74.93
CA THR L 531 45.85 -30.76 -75.97
C THR L 531 46.61 -31.90 -75.32
N GLN L 532 46.18 -33.13 -75.57
CA GLN L 532 46.96 -34.31 -75.18
C GLN L 532 47.74 -34.87 -76.35
N GLY L 533 48.07 -34.03 -77.33
CA GLY L 533 48.86 -34.41 -78.49
C GLY L 533 48.17 -35.30 -79.48
N GLY L 534 46.96 -35.77 -79.20
CA GLY L 534 46.30 -36.78 -80.00
C GLY L 534 46.08 -38.07 -79.26
N ASN L 535 46.52 -38.17 -78.02
CA ASN L 535 46.30 -39.35 -77.19
C ASN L 535 44.89 -39.30 -76.63
N ASN L 536 44.06 -40.27 -77.00
CA ASN L 536 42.69 -40.35 -76.47
C ASN L 536 42.59 -41.25 -75.25
N ASN L 537 43.71 -41.85 -74.83
CA ASN L 537 43.77 -42.74 -73.69
C ASN L 537 45.07 -42.43 -72.96
N ALA L 538 45.00 -41.57 -71.95
CA ALA L 538 46.17 -41.10 -71.22
C ALA L 538 46.31 -41.79 -69.87
N TYR L 539 45.97 -43.09 -69.83
CA TYR L 539 45.97 -43.80 -68.56
C TYR L 539 47.37 -43.97 -67.96
N CYS L 540 48.40 -44.07 -68.79
CA CYS L 540 49.75 -44.34 -68.32
C CYS L 540 50.68 -43.12 -68.47
N GLN L 541 50.13 -41.91 -68.40
CA GLN L 541 50.91 -40.69 -68.59
C GLN L 541 50.71 -39.78 -67.37
N ASP L 542 51.52 -40.03 -66.34
CA ASP L 542 51.59 -39.20 -65.13
C ASP L 542 52.59 -38.08 -65.39
N ASN L 543 52.37 -37.32 -66.47
CA ASN L 543 53.41 -36.46 -67.02
C ASN L 543 52.74 -35.28 -67.72
N GLU L 544 53.49 -34.60 -68.59
CA GLU L 544 53.03 -33.37 -69.24
C GLU L 544 51.71 -33.55 -69.99
N VAL L 545 51.38 -34.77 -70.42
CA VAL L 545 50.25 -34.97 -71.32
C VAL L 545 48.93 -34.69 -70.61
N SER L 546 48.71 -35.31 -69.45
CA SER L 546 47.47 -35.15 -68.70
C SER L 546 47.59 -34.18 -67.52
N TRP L 547 48.70 -33.45 -67.42
CA TRP L 547 48.67 -32.26 -66.58
C TRP L 547 47.81 -31.20 -67.26
N VAL L 548 47.46 -30.17 -66.50
CA VAL L 548 46.63 -29.08 -67.00
C VAL L 548 47.47 -27.81 -67.05
N ARG L 549 47.53 -27.20 -68.22
CA ARG L 549 48.18 -25.91 -68.41
C ARG L 549 47.26 -24.78 -67.93
N TRP L 550 47.88 -23.66 -67.55
CA TRP L 550 47.12 -22.49 -67.10
C TRP L 550 47.68 -21.24 -67.76
N PRO L 551 46.82 -20.31 -68.18
CA PRO L 551 47.28 -19.17 -68.99
C PRO L 551 48.06 -18.16 -68.17
N LYS L 552 48.84 -17.33 -68.89
CA LYS L 552 49.64 -16.31 -68.22
C LYS L 552 49.72 -15.02 -69.05
N GLU L 553 48.74 -14.77 -69.92
CA GLU L 553 48.74 -13.60 -70.83
C GLU L 553 50.12 -13.28 -71.43
N SER L 555 47.97 -16.55 -72.19
CA SER L 555 47.95 -15.84 -73.46
C SER L 555 46.54 -15.35 -73.80
N GLU L 556 46.39 -14.81 -75.00
CA GLU L 556 45.08 -14.35 -75.47
C GLU L 556 44.24 -15.50 -76.00
N ALA L 557 44.81 -16.28 -76.92
CA ALA L 557 44.08 -17.27 -77.71
C ALA L 557 43.13 -18.10 -76.85
N GLU L 558 43.61 -18.62 -75.73
CA GLU L 558 42.83 -19.53 -74.89
C GLU L 558 42.04 -18.80 -73.79
N ALA L 559 42.22 -17.48 -73.63
CA ALA L 559 41.53 -16.72 -72.60
C ALA L 559 40.23 -16.11 -73.08
N THR L 560 40.00 -16.08 -74.38
CA THR L 560 38.68 -15.77 -74.91
C THR L 560 37.83 -17.04 -74.97
N LEU L 561 38.46 -18.20 -74.91
CA LEU L 561 37.77 -19.46 -74.73
C LEU L 561 37.33 -19.66 -73.29
N LEU L 562 38.09 -19.15 -72.33
CA LEU L 562 37.71 -19.24 -70.92
C LEU L 562 36.50 -18.37 -70.61
N ARG L 563 36.60 -17.07 -70.87
CA ARG L 563 35.43 -16.24 -70.60
C ARG L 563 34.32 -16.43 -71.63
N PHE L 564 34.51 -17.30 -72.63
CA PHE L 564 33.39 -17.78 -73.41
C PHE L 564 32.58 -18.74 -72.55
N THR L 565 33.18 -19.86 -72.19
CA THR L 565 32.47 -20.88 -71.40
C THR L 565 31.95 -20.30 -70.10
N ARG L 566 32.81 -19.57 -69.38
CA ARG L 566 32.44 -19.06 -68.06
C ARG L 566 31.15 -18.25 -68.12
N SER L 567 30.88 -17.60 -69.25
CA SER L 567 29.61 -16.91 -69.45
C SER L 567 28.59 -17.76 -70.19
N MET L 568 28.97 -18.94 -70.68
CA MET L 568 27.99 -19.91 -71.15
C MET L 568 27.25 -20.57 -70.01
N VAL L 569 27.99 -21.01 -68.98
CA VAL L 569 27.32 -21.49 -67.78
C VAL L 569 26.58 -20.35 -67.10
N ARG L 570 27.07 -19.12 -67.25
CA ARG L 570 26.34 -17.98 -66.71
C ARG L 570 25.07 -17.70 -67.50
N LEU L 571 24.91 -18.30 -68.68
CA LEU L 571 23.65 -18.18 -69.40
C LEU L 571 22.69 -19.34 -69.12
N ARG L 572 23.19 -20.56 -68.95
CA ARG L 572 22.36 -21.60 -68.37
C ARG L 572 21.92 -21.19 -66.96
N ARG L 573 22.84 -20.63 -66.19
CA ARG L 573 22.54 -20.18 -64.83
C ARG L 573 21.48 -19.09 -64.79
N GLU L 574 21.19 -18.44 -65.91
CA GLU L 574 20.31 -17.27 -65.94
C GLU L 574 19.07 -17.44 -66.79
N HIS L 575 18.81 -18.63 -67.34
CA HIS L 575 17.68 -18.84 -68.24
C HIS L 575 17.11 -20.24 -68.05
N PRO L 576 15.99 -20.36 -67.35
CA PRO L 576 15.41 -21.70 -67.07
C PRO L 576 15.25 -22.60 -68.28
N VAL L 577 14.71 -22.09 -69.40
CA VAL L 577 14.18 -22.92 -70.47
C VAL L 577 15.18 -23.99 -70.91
N PHE L 578 16.47 -23.77 -70.62
CA PHE L 578 17.49 -24.76 -70.94
C PHE L 578 17.71 -25.78 -69.82
N ARG L 579 16.88 -25.77 -68.76
CA ARG L 579 16.99 -26.80 -67.71
C ARG L 579 15.62 -27.00 -67.03
N ARG L 580 14.88 -27.99 -67.51
CA ARG L 580 13.54 -28.23 -67.01
C ARG L 580 13.57 -29.27 -65.90
N ARG L 581 12.86 -29.00 -64.79
CA ARG L 581 12.82 -29.90 -63.62
C ARG L 581 12.60 -31.34 -64.05
N ARG L 582 11.41 -31.62 -64.58
CA ARG L 582 11.16 -32.78 -65.41
C ARG L 582 11.59 -32.37 -66.81
N PHE L 583 12.63 -32.98 -67.35
CA PHE L 583 12.99 -32.68 -68.72
C PHE L 583 11.85 -33.15 -69.63
N PHE L 584 12.00 -32.98 -70.93
CA PHE L 584 10.92 -33.37 -71.82
C PHE L 584 10.83 -34.88 -71.77
N HIS L 585 9.94 -35.38 -70.90
CA HIS L 585 9.85 -36.81 -70.65
C HIS L 585 8.42 -37.33 -70.78
N GLY L 586 7.45 -36.57 -70.30
CA GLY L 586 6.07 -36.95 -70.54
C GLY L 586 5.60 -36.50 -71.91
N ARG L 587 6.06 -35.34 -72.34
CA ARG L 587 5.49 -34.62 -73.48
C ARG L 587 6.31 -34.91 -74.74
N PRO L 588 5.91 -34.38 -75.92
CA PRO L 588 6.64 -34.72 -77.14
C PRO L 588 7.90 -33.89 -77.33
N VAL L 589 8.64 -34.24 -78.38
CA VAL L 589 9.79 -33.47 -78.81
C VAL L 589 9.41 -32.50 -79.93
N GLU L 590 8.12 -32.29 -80.14
CA GLU L 590 7.62 -31.26 -81.04
C GLU L 590 6.69 -30.28 -80.34
N GLY L 591 6.25 -30.58 -79.13
CA GLY L 591 5.39 -29.71 -78.37
C GLY L 591 4.15 -29.26 -79.11
N THR L 592 3.29 -30.21 -79.51
CA THR L 592 1.87 -30.01 -79.80
C THR L 592 1.60 -28.62 -80.36
N HIS L 593 2.25 -28.29 -81.49
CA HIS L 593 2.33 -26.93 -81.98
C HIS L 593 0.99 -26.21 -81.95
N ASP L 594 0.88 -25.23 -81.07
CA ASP L 594 -0.28 -24.36 -80.93
C ASP L 594 0.22 -23.05 -80.33
N GLU L 595 -0.68 -22.29 -79.71
CA GLU L 595 -0.31 -21.01 -79.12
C GLU L 595 0.86 -21.17 -78.15
N LEU L 596 0.67 -21.90 -77.06
CA LEU L 596 1.64 -21.98 -75.97
C LEU L 596 2.17 -23.40 -75.79
N THR L 597 3.22 -23.73 -76.54
CA THR L 597 3.97 -24.96 -76.30
C THR L 597 5.45 -24.64 -76.16
N ASP L 598 6.15 -25.49 -75.42
CA ASP L 598 7.49 -25.19 -74.94
C ASP L 598 8.54 -25.27 -76.03
N ILE L 599 8.33 -26.07 -77.06
CA ILE L 599 9.32 -26.21 -78.13
C ILE L 599 8.59 -26.42 -79.46
N ALA L 600 9.18 -25.89 -80.52
CA ALA L 600 8.72 -26.13 -81.89
C ALA L 600 9.90 -26.00 -82.82
N TRP L 601 10.07 -26.98 -83.71
CA TRP L 601 11.22 -27.07 -84.60
C TRP L 601 10.88 -26.49 -85.95
N PHE L 602 11.61 -25.45 -86.35
CA PHE L 602 11.43 -24.80 -87.65
C PHE L 602 12.68 -25.04 -88.51
N THR L 603 12.50 -24.86 -89.83
CA THR L 603 13.52 -25.08 -90.85
C THR L 603 14.39 -23.85 -91.01
N PRO L 604 15.59 -23.98 -91.58
CA PRO L 604 16.30 -22.78 -92.06
C PRO L 604 15.44 -21.86 -92.89
N GLU L 605 14.67 -22.41 -93.84
CA GLU L 605 13.83 -21.57 -94.69
C GLU L 605 12.68 -20.94 -93.94
N GLY L 606 12.29 -21.50 -92.78
CA GLY L 606 11.39 -20.79 -91.89
C GLY L 606 10.15 -21.50 -91.38
N GLU L 607 9.80 -22.66 -91.92
CA GLU L 607 8.52 -23.28 -91.62
C GLU L 607 8.68 -24.52 -90.75
N GLU L 608 7.72 -24.71 -89.84
CA GLU L 608 7.76 -25.80 -88.87
C GLU L 608 7.80 -27.15 -89.59
N MET L 609 8.63 -28.06 -89.08
CA MET L 609 8.89 -29.32 -89.74
C MET L 609 7.60 -30.10 -89.94
N THR L 610 7.55 -30.88 -91.02
CA THR L 610 6.43 -31.78 -91.29
C THR L 610 6.85 -33.23 -91.07
N SER L 611 5.84 -34.08 -90.85
CA SER L 611 6.10 -35.44 -90.36
C SER L 611 6.93 -36.25 -91.34
N ARG L 612 6.77 -36.02 -92.64
CA ARG L 612 7.64 -36.69 -93.60
C ARG L 612 9.04 -36.07 -93.60
N ASP L 613 9.14 -34.76 -93.37
CA ASP L 613 10.43 -34.12 -93.16
C ASP L 613 10.98 -34.37 -91.76
N TRP L 614 10.36 -35.27 -91.01
CA TRP L 614 10.99 -35.78 -89.80
C TRP L 614 12.10 -36.78 -90.12
N GLN L 615 11.87 -37.61 -91.13
CA GLN L 615 12.92 -38.49 -91.67
C GLN L 615 13.88 -37.63 -92.47
N ALA L 616 15.01 -37.26 -91.87
CA ALA L 616 15.91 -36.26 -92.42
C ALA L 616 17.35 -36.78 -92.44
N ALA L 617 17.73 -37.42 -93.54
CA ALA L 617 19.12 -37.73 -93.85
C ALA L 617 19.91 -36.51 -94.35
N HIS L 618 19.32 -35.32 -94.23
CA HIS L 618 19.98 -34.05 -94.51
C HIS L 618 19.60 -33.03 -93.45
N ALA L 619 19.58 -33.44 -92.18
CA ALA L 619 19.22 -32.53 -91.08
C ALA L 619 20.44 -31.78 -90.56
N GLN L 620 21.08 -31.04 -91.46
CA GLN L 620 22.27 -30.27 -91.08
C GLN L 620 21.91 -29.04 -90.27
N ALA L 621 21.00 -28.21 -90.78
CA ALA L 621 20.72 -26.90 -90.20
C ALA L 621 19.28 -26.84 -89.70
N LEU L 622 19.09 -26.22 -88.53
CA LEU L 622 17.81 -26.23 -87.83
C LEU L 622 17.49 -24.86 -87.26
N THR L 623 16.28 -24.77 -86.68
CA THR L 623 15.84 -23.59 -85.93
C THR L 623 14.93 -24.10 -84.82
N VAL L 624 15.40 -24.04 -83.57
CA VAL L 624 14.68 -24.58 -82.42
C VAL L 624 14.17 -23.43 -81.58
N PHE L 625 12.89 -23.51 -81.19
CA PHE L 625 12.18 -22.41 -80.54
C PHE L 625 11.72 -22.89 -79.16
N LEU L 626 12.15 -22.17 -78.12
CA LEU L 626 11.92 -22.56 -76.72
C LEU L 626 11.06 -21.52 -76.01
N ASN L 627 9.77 -21.81 -75.88
CA ASN L 627 8.85 -20.84 -75.30
C ASN L 627 9.19 -20.61 -73.83
N GLY L 628 9.11 -19.35 -73.43
CA GLY L 628 9.35 -19.01 -72.04
C GLY L 628 8.10 -19.18 -71.19
N ASN L 629 6.97 -18.67 -71.69
CA ASN L 629 5.73 -18.67 -70.95
C ASN L 629 4.98 -19.99 -71.11
N ALA L 630 5.70 -21.08 -71.37
CA ALA L 630 5.09 -22.40 -71.44
C ALA L 630 5.82 -23.42 -70.57
N ILE L 631 6.60 -22.97 -69.59
CA ILE L 631 7.27 -23.91 -68.70
C ILE L 631 6.22 -24.54 -67.78
N SER L 632 5.96 -25.82 -67.97
CA SER L 632 4.90 -26.53 -67.26
C SER L 632 5.45 -27.33 -66.07
N GLU L 633 6.17 -26.65 -65.16
CA GLU L 633 6.63 -27.29 -63.92
C GLU L 633 6.71 -26.23 -62.84
N PRO L 634 6.32 -26.54 -61.60
CA PRO L 634 6.36 -25.55 -60.52
C PRO L 634 7.76 -25.23 -60.03
N GLY L 635 7.85 -24.36 -59.02
CA GLY L 635 9.11 -23.99 -58.43
C GLY L 635 9.32 -24.62 -57.06
N THR L 636 10.32 -24.08 -56.35
CA THR L 636 10.67 -24.60 -55.03
C THR L 636 9.49 -24.53 -54.06
N GLN L 637 8.66 -23.50 -54.18
CA GLN L 637 7.55 -23.26 -53.25
C GLN L 637 6.27 -22.91 -54.01
N GLY L 638 5.95 -23.72 -55.03
CA GLY L 638 4.79 -23.48 -55.84
C GLY L 638 4.95 -22.33 -56.82
N GLU L 639 6.07 -21.64 -56.80
CA GLU L 639 6.30 -20.48 -57.65
C GLU L 639 6.30 -20.87 -59.13
N ARG L 640 5.48 -20.17 -59.92
CA ARG L 640 5.38 -20.41 -61.36
C ARG L 640 6.60 -19.82 -62.06
N ILE L 641 7.51 -20.68 -62.54
CA ILE L 641 8.78 -20.25 -63.11
C ILE L 641 8.58 -19.82 -64.56
N ALA L 642 9.27 -18.77 -64.97
CA ALA L 642 9.14 -18.23 -66.34
C ALA L 642 10.45 -17.57 -66.76
N ASP L 643 10.54 -17.24 -68.05
CA ASP L 643 11.78 -16.75 -68.65
C ASP L 643 11.47 -16.18 -70.04
N ASP L 644 12.34 -15.27 -70.50
CA ASP L 644 12.32 -14.83 -71.89
C ASP L 644 12.37 -16.04 -72.82
N SER L 645 11.73 -15.91 -73.98
CA SER L 645 11.77 -16.97 -74.97
C SER L 645 13.02 -16.85 -75.84
N PHE L 646 13.37 -17.94 -76.52
CA PHE L 646 14.65 -18.02 -77.20
C PHE L 646 14.49 -18.64 -78.58
N LEU L 647 15.62 -18.77 -79.29
CA LEU L 647 15.63 -19.30 -80.67
C LEU L 647 17.03 -19.79 -81.02
N LEU L 648 17.15 -21.09 -81.29
CA LEU L 648 18.40 -21.72 -81.70
C LEU L 648 18.46 -21.85 -83.22
N MET L 649 19.67 -21.68 -83.77
CA MET L 649 19.90 -21.75 -85.20
C MET L 649 21.22 -22.47 -85.44
N PHE L 650 21.15 -23.78 -85.65
CA PHE L 650 22.34 -24.57 -85.96
C PHE L 650 22.57 -24.58 -87.46
N ASN L 651 23.75 -24.11 -87.89
CA ASN L 651 24.24 -24.36 -89.24
C ASN L 651 25.36 -25.40 -89.13
N ALA L 652 25.00 -26.67 -89.33
CA ALA L 652 26.03 -27.68 -89.50
C ALA L 652 26.51 -27.79 -90.93
N SER L 653 25.90 -27.04 -91.86
CA SER L 653 26.27 -27.15 -93.26
C SER L 653 27.71 -26.70 -93.47
N ALA L 654 28.26 -27.05 -94.62
CA ALA L 654 29.65 -26.76 -94.93
C ALA L 654 29.87 -25.35 -95.49
N LYS L 655 28.80 -24.63 -95.84
CA LYS L 655 28.93 -23.29 -96.40
C LYS L 655 28.06 -22.29 -95.65
N GLU L 656 28.00 -21.05 -96.13
CA GLU L 656 27.08 -20.07 -95.55
C GLU L 656 25.65 -20.41 -95.95
N LEU L 657 24.72 -20.08 -95.06
CA LEU L 657 23.30 -20.20 -95.35
C LEU L 657 22.53 -19.10 -94.65
N GLU L 658 21.35 -18.80 -95.19
CA GLU L 658 20.44 -17.86 -94.58
C GLU L 658 19.49 -18.60 -93.64
N PHE L 659 19.07 -17.91 -92.58
CA PHE L 659 18.14 -18.45 -91.59
C PHE L 659 17.00 -17.46 -91.40
N VAL L 660 15.77 -17.97 -91.42
CA VAL L 660 14.57 -17.15 -91.30
C VAL L 660 14.03 -17.25 -89.86
N VAL L 661 13.63 -16.13 -89.32
CA VAL L 661 13.20 -16.02 -87.89
C VAL L 661 11.75 -16.18 -87.84
N PRO L 662 11.18 -17.31 -87.31
CA PRO L 662 9.76 -17.62 -87.40
C PRO L 662 8.95 -16.85 -86.37
N ASP L 663 7.65 -17.14 -86.22
CA ASP L 663 6.90 -16.59 -85.10
C ASP L 663 6.89 -15.06 -85.06
N GLY L 666 6.21 -8.95 -85.55
CA GLY L 666 5.84 -7.90 -84.61
C GLY L 666 6.57 -7.92 -83.28
N ARG L 667 7.32 -9.00 -83.02
CA ARG L 667 8.06 -9.20 -81.78
C ARG L 667 9.55 -9.14 -82.07
N TYR L 668 10.29 -8.38 -81.27
CA TYR L 668 11.68 -8.09 -81.57
C TYR L 668 12.64 -9.04 -80.89
N TRP L 669 13.64 -9.48 -81.67
CA TRP L 669 14.67 -10.40 -81.23
C TRP L 669 16.01 -9.69 -81.13
N ARG L 670 16.75 -9.98 -80.09
CA ARG L 670 18.17 -9.64 -80.00
C ARG L 670 18.98 -10.91 -80.28
N MET L 671 20.28 -10.75 -80.41
CA MET L 671 21.20 -11.88 -80.43
C MET L 671 22.01 -11.82 -79.14
N VAL L 672 22.03 -12.92 -78.40
CA VAL L 672 22.76 -12.94 -77.14
C VAL L 672 24.00 -13.80 -77.27
N VAL L 673 23.96 -14.79 -78.17
CA VAL L 673 25.08 -15.72 -78.33
C VAL L 673 25.35 -15.95 -79.81
N ASP L 674 26.63 -15.97 -80.16
CA ASP L 674 27.10 -16.40 -81.46
C ASP L 674 28.38 -17.18 -81.30
N THR L 675 28.67 -18.05 -82.28
CA THR L 675 29.86 -18.88 -82.29
C THR L 675 30.87 -18.48 -83.35
N SER L 676 30.40 -17.95 -84.49
CA SER L 676 31.31 -17.63 -85.59
C SER L 676 32.19 -16.43 -85.27
N ASP L 677 31.72 -15.49 -84.45
CA ASP L 677 32.77 -14.47 -84.31
C ASP L 677 33.70 -14.82 -83.14
N PRO L 678 35.02 -14.65 -83.35
CA PRO L 678 36.01 -15.11 -82.35
C PRO L 678 36.22 -14.16 -81.19
N GLU L 679 35.56 -13.01 -81.15
CA GLU L 679 35.70 -12.13 -80.01
C GLU L 679 35.12 -12.76 -78.74
N GLY L 680 34.30 -13.80 -78.89
CA GLY L 680 33.71 -14.49 -77.76
C GLY L 680 32.36 -13.87 -77.48
N MET L 681 31.27 -14.52 -77.87
CA MET L 681 30.04 -13.76 -77.73
C MET L 681 29.00 -14.44 -76.85
N PRO L 682 29.40 -15.10 -75.77
CA PRO L 682 28.55 -15.13 -74.57
C PRO L 682 28.65 -13.83 -73.78
N PRO L 683 29.85 -13.27 -73.55
CA PRO L 683 29.92 -12.05 -72.73
C PRO L 683 29.79 -10.77 -73.53
N GLN L 684 29.83 -10.85 -74.86
CA GLN L 684 29.66 -9.69 -75.73
C GLN L 684 28.27 -9.72 -76.36
N GLN L 685 27.67 -8.55 -76.49
CA GLN L 685 26.29 -8.44 -76.93
C GLN L 685 26.18 -8.58 -78.44
N GLY L 686 24.96 -8.84 -78.90
CA GLY L 686 24.69 -8.96 -80.31
C GLY L 686 23.68 -7.94 -80.78
N PRO L 687 23.65 -7.68 -82.09
CA PRO L 687 22.66 -6.75 -82.65
C PRO L 687 21.24 -7.28 -82.56
N GLU L 688 20.28 -6.43 -82.92
CA GLU L 688 18.88 -6.80 -82.97
C GLU L 688 18.48 -7.12 -84.41
N LEU L 689 17.65 -8.14 -84.57
CA LEU L 689 17.15 -8.53 -85.88
C LEU L 689 15.67 -8.19 -85.97
N ALA L 690 15.25 -7.73 -87.15
CA ALA L 690 13.95 -7.08 -87.29
C ALA L 690 12.82 -8.12 -87.32
N GLY L 691 12.76 -8.94 -86.26
CA GLY L 691 11.65 -9.84 -86.06
C GLY L 691 11.63 -10.97 -87.06
N GLY L 692 11.55 -10.61 -88.34
CA GLY L 692 11.57 -11.55 -89.43
C GLY L 692 12.68 -11.23 -90.42
N GLU L 693 13.73 -10.61 -89.92
CA GLU L 693 14.85 -10.18 -90.76
C GLU L 693 15.66 -11.38 -91.25
N ARG L 694 16.04 -11.36 -92.52
CA ARG L 694 16.91 -12.39 -93.06
C ARG L 694 18.33 -12.17 -92.57
N VAL L 695 18.92 -13.20 -91.98
CA VAL L 695 20.30 -13.14 -91.48
C VAL L 695 21.12 -14.20 -92.20
N THR L 696 22.42 -13.93 -92.31
CA THR L 696 23.37 -14.86 -92.92
C THR L 696 24.22 -15.53 -91.85
N LEU L 697 24.53 -16.81 -92.04
CA LEU L 697 25.25 -17.58 -91.03
C LEU L 697 26.43 -18.31 -91.66
N ALA L 698 27.58 -18.25 -90.98
CA ALA L 698 28.79 -18.89 -91.44
C ALA L 698 28.70 -20.42 -91.29
N PRO L 699 29.51 -21.16 -92.03
CA PRO L 699 29.44 -22.63 -91.96
C PRO L 699 30.11 -23.20 -90.73
N LEU L 700 29.47 -24.22 -90.14
CA LEU L 700 29.88 -24.79 -88.86
C LEU L 700 29.82 -23.72 -87.77
N SER L 701 28.62 -23.15 -87.60
CA SER L 701 28.43 -22.04 -86.69
C SER L 701 27.02 -22.07 -86.12
N LEU L 702 26.92 -21.83 -84.82
CA LEU L 702 25.66 -21.76 -84.09
C LEU L 702 25.35 -20.30 -83.80
N THR L 703 24.07 -19.98 -83.64
CA THR L 703 23.65 -18.62 -83.31
C THR L 703 22.35 -18.68 -82.51
N VAL L 704 22.28 -17.91 -81.42
CA VAL L 704 21.14 -17.89 -80.53
C VAL L 704 20.56 -16.49 -80.46
N LEU L 705 19.23 -16.40 -80.48
CA LEU L 705 18.49 -15.15 -80.32
C LEU L 705 17.74 -15.15 -79.00
N ARG L 706 17.35 -13.96 -78.54
CA ARG L 706 16.61 -13.81 -77.31
C ARG L 706 15.58 -12.71 -77.47
N ARG L 707 14.42 -12.89 -76.83
CA ARG L 707 13.33 -11.93 -76.90
C ARG L 707 12.41 -12.12 -75.69
N PRO L 708 12.04 -11.04 -74.98
CA PRO L 708 11.02 -11.17 -73.93
C PRO L 708 9.65 -11.56 -74.47
#